data_7JJJ
#
_entry.id   7JJJ
#
_cell.length_a   1.00
_cell.length_b   1.00
_cell.length_c   1.00
_cell.angle_alpha   90.00
_cell.angle_beta   90.00
_cell.angle_gamma   90.00
#
_symmetry.space_group_name_H-M   'P 1'
#
loop_
_entity.id
_entity.type
_entity.pdbx_description
1 polymer 'Spike glycoprotein'
2 branched 2-acetamido-2-deoxy-beta-D-glucopyranose-(1-4)-2-acetamido-2-deoxy-beta-D-glucopyranose
3 branched 2-acetamido-2-deoxy-beta-D-glucopyranose-(1-4)-[alpha-L-fucopyranose-(1-6)]2-acetamido-2-deoxy-beta-D-glucopyranose
4 branched beta-D-mannopyranose-(1-4)-2-acetamido-2-deoxy-beta-D-glucopyranose-(1-4)-[alpha-L-fucopyranose-(1-6)]2-acetamido-2-deoxy-beta-D-glucopyranose
5 non-polymer 2-acetamido-2-deoxy-beta-D-glucopyranose
#
_entity_poly.entity_id   1
_entity_poly.type   'polypeptide(L)'
_entity_poly.pdbx_seq_one_letter_code
;MFVFLVLLPLVSSQCVNLTTRTQLPPAYTNSFTRGVYYPDKVFRSSVLHSTQDLFLPFFSNVTWFHAIHVSGTNGTKRFD
NPVLPFNDGVYFASTEKSNIIRGWIFGTTLDSKTQSLLIVNNATNVVIKVCEFQFCNDPFLGVYYHKNNKSWMESEFRVY
SSANNCTFEYVSQPFLMDLEGKQGNFKNLREFVFKNIDGYFKIYSKHTPINLVRDLPQGFSALEPLVDLPIGINITRFQT
LLALHRSYLTPGDSSSGWTAGAAAYYVGYLQPRTFLLKYNENGTITDAVDCALDPLSETKCTLKSFTVEKGIYQTSNFRV
QPTESIVRFPNITNLCPFGEVFNATRFASVYAWNRKRISNCVADYSVLYNSASFSTFKCYGVSPTKLNDLCFTNVYADSF
VIRGDEVRQIAPGQTGKIADYNYKLPDDFTGCVIAWNSNNLDSKVGGNYNYLYRLFRKSNLKPFERDISTEIYQAGSTPC
NGVEGFNCYFPLQSYGFQPTNGVGYQPYRVVVLSFELLHAPATVCGPKKSTNLVKNKCVNFNFNGLTGTGVLTESNKKFL
PFQQFGRDIADTTDAVRDPQTLEILDITPCSFGGVSVITPGTNTSNQVAVLYQDVNCTEVPVAIHADQLTPTWRVYSTGS
NVFQTRAGCLIGAEHVNNSYECDIPIGAGICASYQTQTNSPQQAQSVASQSIIAYTMSLGAENSVAYSNNSIAIPTNFTI
SVTTEILPVSMTKTSVDCTMYICGDSTECSNLLLQYGSFCTQLNRALTGIAVEQDKNTQEVFAQVKQIYKTPPIKDFGGF
NFSQILPDPSKPSKRSFIEDLLFNKVTLADAGFIKQYGDCLGDIAARDLICAQKFNGLTVLPPLLTDEMIAQYTSALLAG
TITSGWTFGAGAALQIPFAMQMAYRFNGIGVTQNVLYENQKLIANQFNSAIGKIQDSLSSTASALGKLQDVVNQNAQALN
TLVKQLSSNFGAISSVLNDILSRLDPPEAEVQIDRLITGRLQSLQTYVTQQLIRAAEIRASANLAATKMSECVLGQSKRV
DFCGKGYHLMSFPQSAPHGVVFLHVTYVPAQEKNFTTAPAICHDGKAHFPREGVFVSNGTHWFVTQRNFYEPQIITTDNT
FVSGNCDVVIGIVNNTVYDPLQPELDSFKEELDKYFKNHTSPDVDLGDISGINASVVNIQKEIDRLNEVAKNLNESLIDL
QELGKYEQYIKWPWYIWLGFIAGLIAIVMVTIMLCCMTSCCSCLKGCCSCGSCCKFDEDDSEPVLKGVKLHYT
;
_entity_poly.pdbx_strand_id   A,B,C,D,E,F
#
# COMPACT_ATOMS: atom_id res chain seq x y z
N GLN A 14 -61.98 9.94 -67.79
CA GLN A 14 -63.15 10.31 -67.00
C GLN A 14 -62.82 11.16 -65.74
N CYS A 15 -61.56 11.09 -65.25
CA CYS A 15 -61.04 11.75 -64.05
C CYS A 15 -61.10 13.28 -64.16
N VAL A 16 -61.54 13.90 -63.08
CA VAL A 16 -61.66 15.35 -63.01
C VAL A 16 -60.76 15.99 -61.94
N ASN A 17 -59.90 16.95 -62.35
CA ASN A 17 -59.02 17.74 -61.49
C ASN A 17 -59.72 19.08 -61.17
N LEU A 18 -60.28 19.20 -59.95
CA LEU A 18 -61.09 20.35 -59.49
C LEU A 18 -60.31 21.65 -59.36
N THR A 19 -60.92 22.75 -59.81
CA THR A 19 -60.29 24.07 -59.78
C THR A 19 -61.05 25.13 -58.97
N THR A 20 -62.10 24.74 -58.25
CA THR A 20 -62.93 25.69 -57.52
C THR A 20 -62.51 25.91 -56.08
N ARG A 21 -61.48 25.19 -55.64
CA ARG A 21 -61.01 25.25 -54.27
C ARG A 21 -60.18 26.46 -53.88
N THR A 22 -60.54 27.08 -52.76
CA THR A 22 -59.80 28.17 -52.15
C THR A 22 -58.74 27.56 -51.24
N GLN A 23 -57.52 28.07 -51.29
CA GLN A 23 -56.47 27.52 -50.46
C GLN A 23 -56.38 28.21 -49.09
N LEU A 24 -56.78 27.47 -48.07
CA LEU A 24 -56.85 27.95 -46.70
C LEU A 24 -56.10 26.94 -45.80
N PRO A 25 -55.54 27.34 -44.65
CA PRO A 25 -54.87 26.48 -43.67
C PRO A 25 -55.84 25.58 -42.89
N PRO A 26 -55.37 24.43 -42.35
CA PRO A 26 -56.09 23.51 -41.48
C PRO A 26 -56.26 24.10 -40.09
N ALA A 27 -57.24 23.61 -39.33
CA ALA A 27 -57.37 24.07 -37.95
C ALA A 27 -57.15 22.92 -37.02
N TYR A 28 -56.79 23.21 -35.79
CA TYR A 28 -56.60 22.14 -34.85
C TYR A 28 -57.49 22.32 -33.65
N THR A 29 -57.96 21.22 -33.09
CA THR A 29 -58.83 21.30 -31.94
C THR A 29 -58.66 20.22 -30.88
N ASN A 30 -59.49 20.35 -29.85
CA ASN A 30 -59.63 19.53 -28.66
C ASN A 30 -60.56 18.34 -28.88
N SER A 31 -60.02 17.13 -28.81
CA SER A 31 -60.78 15.89 -29.05
C SER A 31 -61.63 15.45 -27.86
N PHE A 32 -61.44 16.12 -26.75
CA PHE A 32 -62.09 15.86 -25.49
C PHE A 32 -61.97 14.41 -25.06
N THR A 33 -63.11 13.74 -24.91
CA THR A 33 -63.15 12.38 -24.42
C THR A 33 -63.75 11.44 -25.46
N ARG A 34 -63.65 11.82 -26.71
CA ARG A 34 -64.16 11.02 -27.82
C ARG A 34 -63.17 9.90 -28.16
N GLY A 35 -63.57 8.90 -28.93
CA GLY A 35 -62.61 7.86 -29.30
C GLY A 35 -62.53 6.60 -28.41
N VAL A 36 -63.61 6.30 -27.69
CA VAL A 36 -63.73 5.10 -26.86
C VAL A 36 -64.50 4.02 -27.63
N TYR A 37 -64.01 2.79 -27.62
CA TYR A 37 -64.63 1.71 -28.39
C TYR A 37 -65.03 0.62 -27.44
N TYR A 38 -66.08 -0.13 -27.71
CA TYR A 38 -66.30 -1.25 -26.79
C TYR A 38 -65.16 -2.25 -27.03
N PRO A 39 -64.32 -2.56 -26.03
CA PRO A 39 -63.17 -3.43 -26.16
C PRO A 39 -63.46 -4.77 -26.79
N ASP A 40 -64.62 -5.34 -26.44
CA ASP A 40 -65.00 -6.62 -26.98
C ASP A 40 -66.49 -6.83 -26.84
N LYS A 41 -66.96 -7.96 -27.34
CA LYS A 41 -68.36 -8.31 -27.28
C LYS A 41 -68.72 -9.05 -25.99
N VAL A 42 -68.53 -8.36 -24.87
CA VAL A 42 -68.77 -8.91 -23.54
C VAL A 42 -69.74 -8.07 -22.72
N PHE A 43 -70.75 -8.71 -22.14
CA PHE A 43 -71.67 -7.93 -21.34
C PHE A 43 -71.15 -7.72 -19.93
N ARG A 44 -71.13 -6.47 -19.50
CA ARG A 44 -70.68 -6.12 -18.16
C ARG A 44 -71.72 -5.24 -17.53
N SER A 45 -71.82 -5.24 -16.21
CA SER A 45 -72.79 -4.36 -15.56
C SER A 45 -72.32 -3.73 -14.27
N SER A 46 -72.36 -2.41 -14.23
CA SER A 46 -71.94 -1.63 -13.07
C SER A 46 -70.56 -1.95 -12.51
N VAL A 47 -69.59 -2.06 -13.39
CA VAL A 47 -68.22 -2.31 -13.00
C VAL A 47 -67.29 -1.32 -13.64
N LEU A 48 -66.12 -1.19 -13.05
CA LEU A 48 -65.08 -0.39 -13.66
C LEU A 48 -64.03 -1.37 -14.14
N HIS A 49 -63.86 -1.41 -15.45
CA HIS A 49 -62.99 -2.39 -16.07
C HIS A 49 -61.74 -1.83 -16.69
N SER A 50 -60.59 -2.40 -16.34
CA SER A 50 -59.36 -1.91 -16.94
C SER A 50 -59.11 -2.60 -18.26
N THR A 51 -58.51 -1.89 -19.20
CA THR A 51 -58.19 -2.48 -20.48
C THR A 51 -57.07 -1.76 -21.22
N GLN A 52 -56.38 -2.48 -22.09
CA GLN A 52 -55.35 -1.90 -22.95
C GLN A 52 -55.75 -2.04 -24.40
N ASP A 53 -55.69 -0.94 -25.13
CA ASP A 53 -56.08 -0.88 -26.54
C ASP A 53 -55.48 0.33 -27.23
N LEU A 54 -55.76 0.47 -28.50
CA LEU A 54 -55.40 1.65 -29.24
C LEU A 54 -56.60 2.56 -29.17
N PHE A 55 -56.42 3.68 -28.52
CA PHE A 55 -57.47 4.65 -28.23
C PHE A 55 -57.13 6.00 -28.72
N LEU A 56 -58.12 6.84 -28.96
CA LEU A 56 -57.74 8.21 -29.21
C LEU A 56 -57.35 8.70 -27.82
N PRO A 57 -56.20 9.31 -27.59
CA PRO A 57 -55.82 9.82 -26.28
C PRO A 57 -56.80 10.88 -25.90
N PHE A 58 -57.05 11.05 -24.61
CA PHE A 58 -57.96 12.12 -24.22
C PHE A 58 -57.31 13.47 -24.34
N PHE A 59 -58.13 14.43 -24.77
CA PHE A 59 -57.77 15.81 -24.98
C PHE A 59 -56.63 15.90 -25.95
N SER A 60 -56.64 15.02 -26.93
CA SER A 60 -55.63 15.00 -27.92
C SER A 60 -55.86 16.14 -28.89
N ASN A 61 -54.79 16.46 -29.63
CA ASN A 61 -54.71 17.44 -30.69
C ASN A 61 -55.10 16.77 -32.03
N VAL A 62 -56.28 17.13 -32.57
CA VAL A 62 -56.83 16.54 -33.81
C VAL A 62 -57.03 17.62 -34.84
N THR A 63 -57.09 17.22 -36.11
CA THR A 63 -57.18 18.22 -37.16
C THR A 63 -58.56 18.34 -37.77
N TRP A 64 -59.01 19.57 -37.92
CA TRP A 64 -60.27 19.92 -38.54
C TRP A 64 -60.10 20.24 -40.02
N PHE A 65 -60.96 19.61 -40.79
CA PHE A 65 -61.04 19.71 -42.24
C PHE A 65 -62.48 20.02 -42.59
N HIS A 66 -62.74 20.64 -43.74
CA HIS A 66 -64.16 20.89 -44.03
C HIS A 66 -64.56 21.10 -45.49
N ALA A 67 -65.87 21.05 -45.70
CA ALA A 67 -66.54 21.32 -46.95
C ALA A 67 -67.46 22.51 -46.75
N ILE A 68 -67.23 23.57 -47.51
CA ILE A 68 -68.08 24.73 -47.37
C ILE A 68 -68.15 25.59 -48.61
N HIS A 69 -69.31 26.14 -48.87
CA HIS A 69 -69.38 27.11 -49.94
C HIS A 69 -69.57 28.47 -49.31
N VAL A 70 -68.54 29.28 -49.39
CA VAL A 70 -68.60 30.59 -48.81
C VAL A 70 -68.79 31.55 -49.96
N SER A 71 -69.96 32.14 -50.01
CA SER A 71 -70.35 33.03 -51.08
C SER A 71 -69.77 34.43 -50.91
N GLY A 72 -69.87 35.21 -51.97
CA GLY A 72 -69.40 36.58 -51.98
C GLY A 72 -68.44 36.74 -53.13
N THR A 73 -68.10 37.98 -53.48
CA THR A 73 -67.17 38.16 -54.57
C THR A 73 -65.84 37.63 -54.09
N ASN A 74 -65.56 37.92 -52.82
CA ASN A 74 -64.38 37.40 -52.17
C ASN A 74 -64.81 36.09 -51.55
N GLY A 75 -65.11 35.13 -52.40
CA GLY A 75 -65.59 33.83 -51.95
C GLY A 75 -64.41 33.04 -51.42
N THR A 76 -64.68 32.13 -50.50
CA THR A 76 -63.63 31.28 -49.92
C THR A 76 -64.04 29.81 -49.87
N LYS A 77 -64.84 29.39 -50.82
CA LYS A 77 -65.31 28.01 -50.85
C LYS A 77 -64.15 27.04 -50.81
N ARG A 78 -64.27 26.02 -49.96
CA ARG A 78 -63.23 25.02 -49.73
C ARG A 78 -63.74 23.59 -49.65
N PHE A 79 -62.94 22.67 -50.15
CA PHE A 79 -63.33 21.28 -50.12
C PHE A 79 -62.12 20.39 -49.83
N ASP A 80 -61.98 19.96 -48.58
CA ASP A 80 -60.81 19.18 -48.18
C ASP A 80 -60.82 17.68 -48.39
N ASN A 81 -59.92 17.20 -49.28
CA ASN A 81 -59.74 15.76 -49.51
C ASN A 81 -58.24 15.40 -49.50
N PRO A 82 -57.49 15.66 -48.41
CA PRO A 82 -56.09 15.37 -48.31
C PRO A 82 -55.86 13.89 -48.12
N VAL A 83 -54.68 13.42 -48.48
CA VAL A 83 -54.33 12.05 -48.15
C VAL A 83 -53.61 12.13 -46.83
N LEU A 84 -54.09 11.39 -45.87
CA LEU A 84 -53.56 11.43 -44.55
C LEU A 84 -52.92 10.10 -44.17
N PRO A 85 -51.94 10.07 -43.28
CA PRO A 85 -51.36 8.87 -42.73
C PRO A 85 -52.42 8.07 -42.01
N PHE A 86 -52.27 6.76 -41.98
CA PHE A 86 -53.16 5.88 -41.24
C PHE A 86 -52.59 5.61 -39.85
N ASN A 87 -51.27 5.59 -39.79
CA ASN A 87 -50.51 5.30 -38.58
C ASN A 87 -50.94 4.01 -37.90
N ASP A 88 -51.37 4.09 -36.65
CA ASP A 88 -51.75 2.92 -35.87
C ASP A 88 -53.25 2.73 -35.84
N GLY A 89 -53.93 3.45 -36.69
CA GLY A 89 -55.37 3.40 -36.72
C GLY A 89 -55.86 4.82 -36.71
N VAL A 90 -57.04 4.99 -37.28
CA VAL A 90 -57.58 6.31 -37.45
C VAL A 90 -58.86 6.61 -36.76
N TYR A 91 -58.82 7.70 -36.02
CA TYR A 91 -60.01 8.18 -35.40
C TYR A 91 -60.63 9.12 -36.39
N PHE A 92 -61.85 8.86 -36.76
CA PHE A 92 -62.50 9.71 -37.71
C PHE A 92 -63.82 10.15 -37.19
N ALA A 93 -64.13 11.40 -37.37
CA ALA A 93 -65.45 11.79 -36.98
C ALA A 93 -65.95 12.86 -37.88
N SER A 94 -67.24 12.89 -38.07
CA SER A 94 -67.78 13.94 -38.88
C SER A 94 -69.11 14.47 -38.42
N THR A 95 -69.33 15.72 -38.76
CA THR A 95 -70.56 16.41 -38.51
C THR A 95 -71.06 16.94 -39.82
N GLU A 96 -72.32 16.71 -40.12
CA GLU A 96 -72.84 17.21 -41.37
C GLU A 96 -74.31 17.52 -41.33
N LYS A 97 -74.75 18.35 -42.27
CA LYS A 97 -76.19 18.57 -42.40
C LYS A 97 -76.79 17.87 -43.63
N SER A 98 -75.95 17.56 -44.64
CA SER A 98 -76.46 17.05 -45.92
C SER A 98 -75.87 15.75 -46.45
N ASN A 99 -75.47 14.79 -45.63
CA ASN A 99 -74.97 13.53 -46.19
C ASN A 99 -73.86 13.70 -47.25
N ILE A 100 -72.84 14.46 -46.91
CA ILE A 100 -71.72 14.79 -47.77
C ILE A 100 -70.57 13.82 -47.64
N ILE A 101 -70.31 13.39 -46.43
CA ILE A 101 -69.18 12.51 -46.19
C ILE A 101 -69.64 11.09 -46.44
N ARG A 102 -69.13 10.48 -47.51
CA ARG A 102 -69.66 9.18 -47.95
C ARG A 102 -68.70 8.01 -48.08
N GLY A 103 -67.47 8.12 -47.62
CA GLY A 103 -66.61 6.96 -47.80
C GLY A 103 -65.15 7.25 -47.57
N TRP A 104 -64.37 6.19 -47.57
CA TRP A 104 -62.96 6.29 -47.35
C TRP A 104 -62.19 5.33 -48.23
N ILE A 105 -60.97 5.70 -48.56
CA ILE A 105 -60.08 4.80 -49.26
C ILE A 105 -58.82 4.51 -48.48
N PHE A 106 -58.59 3.24 -48.18
CA PHE A 106 -57.43 2.85 -47.39
C PHE A 106 -56.43 2.00 -48.17
N GLY A 107 -55.14 2.29 -48.02
CA GLY A 107 -54.11 1.47 -48.67
C GLY A 107 -52.71 2.04 -48.51
N THR A 108 -51.75 1.50 -49.28
CA THR A 108 -50.39 2.00 -49.20
C THR A 108 -49.97 2.77 -50.43
N THR A 109 -50.63 2.48 -51.53
CA THR A 109 -50.26 3.13 -52.78
C THR A 109 -51.40 4.00 -53.24
N LEU A 110 -52.62 3.56 -52.95
CA LEU A 110 -53.81 4.26 -53.37
C LEU A 110 -53.80 4.46 -54.88
N ASP A 111 -53.33 3.45 -55.61
CA ASP A 111 -53.25 3.44 -57.07
C ASP A 111 -53.32 1.98 -57.54
N SER A 112 -53.29 1.76 -58.84
CA SER A 112 -53.44 0.46 -59.47
C SER A 112 -52.29 -0.50 -59.26
N LYS A 113 -51.18 -0.01 -58.74
CA LYS A 113 -50.05 -0.90 -58.51
C LYS A 113 -50.34 -1.94 -57.44
N THR A 114 -51.15 -1.60 -56.41
CA THR A 114 -51.40 -2.55 -55.34
C THR A 114 -52.88 -2.59 -55.00
N GLN A 115 -53.30 -3.58 -54.23
CA GLN A 115 -54.69 -3.59 -53.83
C GLN A 115 -54.92 -2.57 -52.74
N SER A 116 -56.12 -2.04 -52.71
CA SER A 116 -56.54 -1.12 -51.66
C SER A 116 -58.01 -1.33 -51.36
N LEU A 117 -58.43 -0.86 -50.19
CA LEU A 117 -59.80 -1.00 -49.72
C LEU A 117 -60.66 0.23 -49.86
N LEU A 118 -61.62 0.13 -50.76
CA LEU A 118 -62.47 1.25 -51.05
C LEU A 118 -63.86 1.05 -50.47
N ILE A 119 -64.25 1.91 -49.54
CA ILE A 119 -65.55 1.81 -48.91
C ILE A 119 -66.41 3.01 -49.24
N VAL A 120 -67.42 2.80 -50.09
CA VAL A 120 -68.25 3.94 -50.49
C VAL A 120 -69.74 3.73 -50.34
N ASN A 121 -70.36 4.69 -49.69
CA ASN A 121 -71.79 4.72 -49.48
C ASN A 121 -72.45 5.54 -50.60
N ASN A 122 -73.00 4.88 -51.66
CA ASN A 122 -73.61 5.59 -52.78
C ASN A 122 -75.11 5.74 -52.48
N ALA A 123 -75.88 6.44 -53.34
CA ALA A 123 -77.31 6.71 -53.08
C ALA A 123 -78.20 5.49 -52.85
N THR A 124 -77.88 4.36 -53.46
CA THR A 124 -78.74 3.19 -53.27
C THR A 124 -78.08 1.98 -52.65
N ASN A 125 -76.77 1.85 -52.73
CA ASN A 125 -76.07 0.67 -52.23
C ASN A 125 -74.72 1.05 -51.63
N VAL A 126 -74.32 0.35 -50.57
CA VAL A 126 -73.00 0.56 -50.02
C VAL A 126 -72.11 -0.52 -50.59
N VAL A 127 -71.02 -0.11 -51.20
CA VAL A 127 -70.16 -1.07 -51.85
C VAL A 127 -68.75 -1.04 -51.30
N ILE A 128 -68.28 -2.23 -50.95
CA ILE A 128 -66.93 -2.38 -50.45
C ILE A 128 -66.13 -3.31 -51.34
N LYS A 129 -65.01 -2.83 -51.84
CA LYS A 129 -64.17 -3.70 -52.67
C LYS A 129 -62.71 -3.57 -52.34
N VAL A 130 -62.00 -4.68 -52.45
CA VAL A 130 -60.57 -4.66 -52.28
C VAL A 130 -59.98 -4.95 -53.65
N CYS A 131 -59.33 -3.97 -54.30
CA CYS A 131 -58.93 -4.15 -55.70
C CYS A 131 -57.78 -3.22 -56.06
N GLU A 132 -57.25 -3.37 -57.27
CA GLU A 132 -56.14 -2.54 -57.74
C GLU A 132 -56.68 -1.44 -58.63
N PHE A 133 -56.88 -0.24 -58.05
CA PHE A 133 -57.61 0.83 -58.72
C PHE A 133 -56.86 2.03 -59.27
N GLN A 134 -57.32 2.49 -60.44
CA GLN A 134 -56.84 3.72 -61.07
C GLN A 134 -57.62 4.95 -60.58
N PHE A 135 -57.26 5.37 -59.40
CA PHE A 135 -57.89 6.50 -58.71
C PHE A 135 -57.34 7.88 -59.12
N CYS A 136 -58.22 8.94 -59.06
CA CYS A 136 -57.81 10.35 -59.20
C CYS A 136 -57.06 10.78 -57.94
N ASN A 137 -56.23 11.81 -58.09
CA ASN A 137 -55.52 12.37 -56.94
C ASN A 137 -56.47 13.06 -55.97
N ASP A 138 -57.56 13.59 -56.50
CA ASP A 138 -58.54 14.31 -55.72
C ASP A 138 -59.94 13.85 -56.11
N PRO A 139 -60.35 12.64 -55.69
CA PRO A 139 -61.60 12.04 -56.04
C PRO A 139 -62.73 12.69 -55.29
N PHE A 140 -63.91 12.64 -55.86
CA PHE A 140 -65.12 13.15 -55.25
C PHE A 140 -66.35 12.46 -55.80
N LEU A 141 -67.43 12.58 -55.07
CA LEU A 141 -68.73 12.13 -55.51
C LEU A 141 -69.57 13.36 -55.72
N GLY A 142 -70.78 13.23 -56.22
CA GLY A 142 -71.61 14.42 -56.27
C GLY A 142 -73.06 14.19 -56.65
N VAL A 143 -73.84 15.22 -56.38
CA VAL A 143 -75.28 15.33 -56.55
C VAL A 143 -75.65 16.61 -57.25
N TYR A 144 -76.70 16.59 -58.05
CA TYR A 144 -77.10 17.81 -58.67
C TYR A 144 -78.56 18.10 -58.47
N TYR A 145 -78.87 19.38 -58.51
CA TYR A 145 -80.23 19.85 -58.37
C TYR A 145 -80.92 20.06 -59.69
N HIS A 146 -82.12 19.54 -59.79
CA HIS A 146 -82.92 19.69 -60.96
C HIS A 146 -83.57 21.05 -61.10
N LYS A 147 -83.77 21.48 -62.34
CA LYS A 147 -84.44 22.75 -62.59
C LYS A 147 -85.94 22.60 -62.80
N ASN A 148 -86.35 21.46 -63.34
CA ASN A 148 -87.76 21.22 -63.73
C ASN A 148 -88.69 20.60 -62.66
N ASN A 149 -88.16 20.37 -61.45
CA ASN A 149 -88.78 19.81 -60.26
C ASN A 149 -87.88 20.26 -59.10
N LYS A 150 -88.11 19.73 -57.87
CA LYS A 150 -87.35 20.10 -56.67
C LYS A 150 -86.47 18.98 -56.18
N SER A 151 -86.28 17.93 -57.00
CA SER A 151 -85.47 16.82 -56.54
C SER A 151 -83.99 16.98 -56.80
N TRP A 152 -83.22 16.20 -56.05
CA TRP A 152 -81.78 16.12 -56.17
C TRP A 152 -81.44 14.70 -56.58
N MET A 153 -80.44 14.54 -57.43
CA MET A 153 -80.02 13.21 -57.87
C MET A 153 -78.53 13.00 -57.85
N GLU A 154 -78.10 11.77 -57.59
CA GLU A 154 -76.68 11.48 -57.62
C GLU A 154 -76.24 11.48 -59.06
N SER A 155 -75.07 12.03 -59.33
CA SER A 155 -74.56 12.06 -60.69
C SER A 155 -73.56 10.96 -60.98
N GLU A 156 -72.29 11.23 -60.73
CA GLU A 156 -71.23 10.32 -61.08
C GLU A 156 -70.08 10.20 -60.10
N PHE A 157 -69.40 9.06 -60.23
CA PHE A 157 -68.22 8.69 -59.47
C PHE A 157 -67.05 8.38 -60.41
N ARG A 158 -66.87 9.23 -61.44
CA ARG A 158 -65.84 9.03 -62.48
C ARG A 158 -64.42 9.01 -61.97
N VAL A 159 -64.27 9.49 -60.77
CA VAL A 159 -63.00 9.59 -60.11
C VAL A 159 -62.37 8.24 -59.75
N TYR A 160 -63.19 7.20 -59.74
CA TYR A 160 -62.68 5.89 -59.47
C TYR A 160 -62.77 5.11 -60.77
N SER A 161 -61.63 4.91 -61.42
CA SER A 161 -61.63 4.30 -62.72
C SER A 161 -61.39 2.80 -62.63
N SER A 162 -60.94 2.24 -63.73
CA SER A 162 -60.76 0.81 -63.88
C SER A 162 -59.88 0.20 -62.82
N ALA A 163 -60.26 -1.00 -62.41
CA ALA A 163 -59.54 -1.73 -61.40
C ALA A 163 -59.58 -3.20 -61.72
N ASN A 164 -58.60 -3.94 -61.25
CA ASN A 164 -58.65 -5.37 -61.50
C ASN A 164 -58.09 -6.16 -60.30
N ASN A 165 -58.11 -7.52 -60.39
CA ASN A 165 -57.66 -8.45 -59.33
C ASN A 165 -58.38 -8.15 -58.00
N CYS A 166 -59.71 -7.94 -58.10
CA CYS A 166 -60.62 -7.59 -57.01
C CYS A 166 -61.00 -8.82 -56.20
N THR A 167 -61.10 -8.61 -54.90
CA THR A 167 -61.59 -9.60 -53.97
C THR A 167 -62.52 -8.97 -52.97
N PHE A 168 -63.11 -9.83 -52.15
CA PHE A 168 -63.98 -9.38 -51.09
C PHE A 168 -65.00 -8.39 -51.62
N GLU A 169 -65.66 -8.71 -52.71
CA GLU A 169 -66.59 -7.72 -53.22
C GLU A 169 -67.93 -7.85 -52.52
N TYR A 170 -68.25 -6.82 -51.74
CA TYR A 170 -69.47 -6.80 -50.96
C TYR A 170 -70.41 -5.68 -51.32
N VAL A 171 -71.67 -6.03 -51.52
CA VAL A 171 -72.68 -5.03 -51.83
C VAL A 171 -73.84 -5.14 -50.85
N SER A 172 -74.19 -4.02 -50.21
CA SER A 172 -75.30 -4.01 -49.27
C SER A 172 -76.61 -3.97 -50.04
N GLN A 173 -77.72 -4.16 -49.32
CA GLN A 173 -79.00 -4.17 -49.98
C GLN A 173 -79.46 -2.77 -50.32
N PRO A 174 -80.29 -2.59 -51.37
CA PRO A 174 -80.85 -1.33 -51.81
C PRO A 174 -81.59 -0.55 -50.74
N PHE A 175 -81.39 0.76 -50.77
CA PHE A 175 -81.99 1.73 -49.88
C PHE A 175 -82.08 3.05 -50.63
N LEU A 176 -82.81 4.02 -50.10
CA LEU A 176 -82.80 5.31 -50.77
C LEU A 176 -82.06 6.29 -49.90
N MET A 177 -81.29 7.18 -50.53
CA MET A 177 -80.55 8.19 -49.80
C MET A 177 -81.19 9.56 -49.91
N ASP A 178 -81.10 10.32 -48.83
CA ASP A 178 -81.56 11.70 -48.83
C ASP A 178 -80.47 12.57 -49.41
N LEU A 179 -80.66 12.99 -50.66
CA LEU A 179 -79.66 13.74 -51.38
C LEU A 179 -79.95 15.23 -51.40
N GLU A 180 -80.97 15.65 -50.65
CA GLU A 180 -81.36 17.06 -50.65
C GLU A 180 -80.41 17.91 -49.84
N GLY A 181 -80.02 19.05 -50.39
CA GLY A 181 -79.16 19.95 -49.65
C GLY A 181 -79.96 20.61 -48.54
N LYS A 182 -79.32 20.87 -47.41
CA LYS A 182 -79.98 21.50 -46.28
C LYS A 182 -79.25 22.72 -45.71
N GLN A 183 -80.01 23.51 -44.96
CA GLN A 183 -79.55 24.66 -44.22
C GLN A 183 -79.64 24.38 -42.73
N GLY A 184 -79.21 25.32 -41.89
CA GLY A 184 -79.29 25.11 -40.44
C GLY A 184 -78.00 24.57 -39.87
N ASN A 185 -78.07 23.95 -38.71
CA ASN A 185 -76.87 23.49 -38.02
C ASN A 185 -76.51 22.12 -38.56
N PHE A 186 -75.41 21.55 -38.08
CA PHE A 186 -75.11 20.20 -38.49
C PHE A 186 -76.07 19.37 -37.70
N LYS A 187 -76.57 18.28 -38.29
CA LYS A 187 -77.53 17.45 -37.58
C LYS A 187 -77.07 16.06 -37.22
N ASN A 188 -76.05 15.56 -37.92
CA ASN A 188 -75.63 14.20 -37.71
C ASN A 188 -74.17 14.01 -37.38
N LEU A 189 -73.90 13.45 -36.20
CA LEU A 189 -72.56 13.15 -35.78
C LEU A 189 -72.28 11.68 -36.00
N ARG A 190 -71.33 11.41 -36.86
CA ARG A 190 -71.00 10.06 -37.22
C ARG A 190 -69.56 9.79 -36.79
N GLU A 191 -69.41 9.06 -35.70
CA GLU A 191 -68.08 8.82 -35.15
C GLU A 191 -67.63 7.41 -35.53
N PHE A 192 -66.42 7.31 -36.12
CA PHE A 192 -65.85 6.05 -36.58
C PHE A 192 -64.43 5.77 -36.17
N VAL A 193 -64.08 4.50 -36.09
CA VAL A 193 -62.66 4.19 -35.95
C VAL A 193 -62.27 3.10 -36.93
N PHE A 194 -61.12 3.29 -37.56
CA PHE A 194 -60.60 2.33 -38.50
C PHE A 194 -59.28 1.71 -38.01
N LYS A 195 -59.24 0.39 -37.85
CA LYS A 195 -58.01 -0.27 -37.36
C LYS A 195 -57.59 -1.42 -38.26
N ASN A 196 -56.29 -1.65 -38.40
CA ASN A 196 -55.83 -2.78 -39.23
C ASN A 196 -54.96 -3.71 -38.42
N ILE A 197 -55.54 -4.81 -37.98
CA ILE A 197 -54.84 -5.77 -37.14
C ILE A 197 -54.88 -7.19 -37.67
N ASP A 198 -53.71 -7.77 -37.91
CA ASP A 198 -53.56 -9.15 -38.35
C ASP A 198 -54.42 -9.56 -39.54
N GLY A 199 -54.51 -8.69 -40.54
CA GLY A 199 -55.30 -9.02 -41.71
C GLY A 199 -56.77 -8.65 -41.58
N TYR A 200 -57.15 -7.99 -40.50
CA TYR A 200 -58.54 -7.61 -40.36
C TYR A 200 -58.72 -6.12 -40.27
N PHE A 201 -59.74 -5.63 -40.94
CA PHE A 201 -60.00 -4.21 -40.88
C PHE A 201 -61.23 -4.01 -40.04
N LYS A 202 -60.97 -3.54 -38.84
CA LYS A 202 -62.00 -3.43 -37.84
C LYS A 202 -62.61 -2.06 -37.92
N ILE A 203 -63.93 -2.00 -37.96
CA ILE A 203 -64.56 -0.70 -38.01
C ILE A 203 -65.59 -0.60 -36.91
N TYR A 204 -65.53 0.45 -36.12
CA TYR A 204 -66.56 0.66 -35.10
C TYR A 204 -67.30 1.95 -35.42
N SER A 205 -68.55 2.08 -34.96
CA SER A 205 -69.32 3.32 -35.17
C SER A 205 -70.36 3.71 -34.12
N LYS A 206 -70.57 5.01 -34.01
CA LYS A 206 -71.62 5.61 -33.18
C LYS A 206 -72.33 6.74 -33.91
N HIS A 207 -73.66 6.72 -33.89
CA HIS A 207 -74.44 7.80 -34.52
C HIS A 207 -75.24 8.58 -33.48
N THR A 208 -74.91 9.85 -33.36
CA THR A 208 -75.49 10.78 -32.40
C THR A 208 -76.10 12.02 -33.06
N PRO A 209 -77.31 12.47 -32.69
CA PRO A 209 -77.90 13.69 -33.20
C PRO A 209 -77.16 14.90 -32.65
N ILE A 210 -76.99 15.90 -33.48
CA ILE A 210 -76.34 17.16 -33.12
C ILE A 210 -77.10 18.41 -33.56
N ASN A 211 -76.67 19.54 -33.02
CA ASN A 211 -77.18 20.86 -33.37
C ASN A 211 -76.09 21.92 -33.34
N LEU A 212 -74.86 21.52 -33.67
CA LEU A 212 -73.72 22.42 -33.59
C LEU A 212 -73.41 23.16 -34.87
N VAL A 213 -72.69 24.27 -34.71
CA VAL A 213 -72.29 25.04 -35.87
C VAL A 213 -70.80 25.15 -36.16
N ARG A 214 -69.92 24.72 -35.24
CA ARG A 214 -68.51 24.90 -35.53
C ARG A 214 -67.54 23.77 -35.17
N ASP A 215 -67.68 23.10 -34.04
CA ASP A 215 -66.61 22.20 -33.66
C ASP A 215 -67.11 20.95 -32.96
N LEU A 216 -66.19 20.06 -32.58
CA LEU A 216 -66.58 18.83 -31.93
C LEU A 216 -67.36 19.11 -30.67
N PRO A 217 -68.49 18.44 -30.46
CA PRO A 217 -69.25 18.55 -29.27
C PRO A 217 -68.49 17.82 -28.19
N GLN A 218 -68.61 18.27 -26.96
CA GLN A 218 -68.02 17.55 -25.85
C GLN A 218 -69.05 16.58 -25.30
N GLY A 219 -68.61 15.37 -24.97
CA GLY A 219 -69.50 14.38 -24.41
C GLY A 219 -68.85 13.02 -24.41
N PHE A 220 -69.53 12.03 -23.83
CA PHE A 220 -68.96 10.71 -23.77
C PHE A 220 -69.77 9.74 -24.59
N SER A 221 -69.10 8.88 -25.32
CA SER A 221 -69.76 7.86 -26.10
C SER A 221 -68.81 6.71 -26.32
N ALA A 222 -69.33 5.59 -26.78
CA ALA A 222 -68.48 4.47 -27.18
C ALA A 222 -69.04 3.94 -28.46
N LEU A 223 -68.16 3.46 -29.32
CA LEU A 223 -68.59 3.00 -30.62
C LEU A 223 -68.87 1.53 -30.67
N GLU A 224 -69.88 1.17 -31.44
CA GLU A 224 -70.35 -0.18 -31.57
C GLU A 224 -69.45 -1.00 -32.49
N PRO A 225 -69.25 -2.29 -32.21
CA PRO A 225 -68.44 -3.20 -32.98
C PRO A 225 -68.73 -3.26 -34.47
N LEU A 226 -69.96 -3.03 -34.90
CA LEU A 226 -70.22 -3.11 -36.33
C LEU A 226 -69.65 -4.32 -37.04
N VAL A 227 -68.51 -4.11 -37.73
CA VAL A 227 -67.98 -5.09 -38.64
C VAL A 227 -66.50 -5.34 -38.46
N ASP A 228 -66.06 -6.48 -38.95
CA ASP A 228 -64.66 -6.80 -38.91
C ASP A 228 -64.37 -7.47 -40.25
N LEU A 229 -63.73 -6.76 -41.15
CA LEU A 229 -63.59 -7.26 -42.49
C LEU A 229 -62.32 -8.11 -42.66
N PRO A 230 -62.43 -9.33 -43.18
CA PRO A 230 -61.36 -10.29 -43.39
C PRO A 230 -60.53 -9.96 -44.61
N ILE A 231 -59.87 -8.83 -44.55
CA ILE A 231 -59.12 -8.34 -45.68
C ILE A 231 -57.62 -8.28 -45.44
N GLY A 232 -56.90 -9.16 -46.10
CA GLY A 232 -55.46 -9.30 -45.91
C GLY A 232 -54.58 -8.27 -46.64
N ILE A 233 -54.80 -6.98 -46.40
CA ILE A 233 -53.96 -5.99 -47.09
C ILE A 233 -53.31 -5.06 -46.08
N ASN A 234 -52.22 -4.42 -46.49
CA ASN A 234 -51.42 -3.41 -45.78
C ASN A 234 -52.04 -2.02 -46.02
N ILE A 235 -52.26 -1.24 -44.94
CA ILE A 235 -52.79 0.14 -44.99
C ILE A 235 -51.88 1.11 -44.29
N THR A 236 -51.41 2.14 -44.99
CA THR A 236 -50.54 3.12 -44.37
C THR A 236 -51.04 4.55 -44.53
N ARG A 237 -51.92 4.79 -45.51
CA ARG A 237 -52.47 6.09 -45.85
C ARG A 237 -53.95 5.96 -46.19
N PHE A 238 -54.70 7.05 -46.05
CA PHE A 238 -56.08 7.00 -46.46
C PHE A 238 -56.58 8.35 -46.91
N GLN A 239 -57.70 8.36 -47.62
CA GLN A 239 -58.29 9.62 -48.04
C GLN A 239 -59.79 9.61 -47.78
N THR A 240 -60.31 10.74 -47.29
CA THR A 240 -61.74 10.92 -47.00
C THR A 240 -62.44 11.34 -48.27
N LEU A 241 -63.55 10.67 -48.59
CA LEU A 241 -64.33 10.98 -49.78
C LEU A 241 -65.57 11.81 -49.53
N LEU A 242 -65.59 12.99 -50.11
CA LEU A 242 -66.68 13.92 -49.97
C LEU A 242 -67.47 14.09 -51.26
N ALA A 243 -68.77 14.37 -51.13
CA ALA A 243 -69.60 14.71 -52.25
C ALA A 243 -69.64 16.23 -52.51
N LEU A 244 -69.79 16.60 -53.78
CA LEU A 244 -69.96 17.95 -54.34
C LEU A 244 -71.32 18.22 -54.97
N HIS A 245 -71.65 19.49 -55.15
CA HIS A 245 -72.88 19.84 -55.82
C HIS A 245 -72.79 20.64 -57.12
N ARG A 246 -73.76 20.35 -57.99
CA ARG A 246 -74.00 21.11 -59.23
C ARG A 246 -75.47 21.48 -59.31
N SER A 247 -75.73 22.54 -60.02
CA SER A 247 -77.07 22.99 -60.31
C SER A 247 -76.96 23.90 -61.51
N TYR A 248 -78.08 24.34 -62.00
CA TYR A 248 -78.14 25.27 -63.13
C TYR A 248 -77.60 26.65 -62.75
N LEU A 249 -77.42 26.87 -61.45
CA LEU A 249 -76.92 28.10 -60.90
C LEU A 249 -75.40 28.06 -60.70
N THR A 250 -74.75 26.95 -61.06
CA THR A 250 -73.32 26.81 -60.89
C THR A 250 -72.69 26.43 -62.24
N PRO A 251 -72.52 27.39 -63.17
CA PRO A 251 -72.08 27.19 -64.53
C PRO A 251 -70.62 26.84 -64.56
N GLY A 252 -70.19 26.19 -65.63
CA GLY A 252 -68.79 25.84 -65.83
C GLY A 252 -68.67 24.40 -66.29
N ASP A 253 -67.44 23.96 -66.50
CA ASP A 253 -67.18 22.61 -66.93
C ASP A 253 -67.15 21.81 -65.65
N SER A 254 -66.77 20.55 -65.67
CA SER A 254 -66.86 19.86 -64.39
C SER A 254 -65.86 20.39 -63.38
N SER A 255 -64.62 20.60 -63.78
CA SER A 255 -63.59 20.99 -62.82
C SER A 255 -63.86 22.32 -62.16
N SER A 256 -64.34 23.27 -62.94
CA SER A 256 -64.60 24.62 -62.46
C SER A 256 -66.05 24.85 -62.04
N GLY A 257 -66.90 23.83 -62.14
CA GLY A 257 -68.31 24.05 -61.87
C GLY A 257 -68.86 23.51 -60.55
N TRP A 258 -68.05 22.79 -59.79
CA TRP A 258 -68.54 22.20 -58.55
C TRP A 258 -68.41 23.08 -57.34
N THR A 259 -69.43 23.07 -56.50
CA THR A 259 -69.33 23.77 -55.25
C THR A 259 -69.48 22.78 -54.12
N ALA A 260 -68.99 23.15 -52.96
CA ALA A 260 -69.08 22.33 -51.78
C ALA A 260 -70.42 22.49 -51.09
N GLY A 261 -70.82 21.47 -50.35
CA GLY A 261 -71.99 21.55 -49.49
C GLY A 261 -71.44 21.87 -48.11
N ALA A 262 -72.25 21.74 -47.07
CA ALA A 262 -71.76 22.04 -45.71
C ALA A 262 -71.61 20.81 -44.82
N ALA A 263 -70.35 20.52 -44.47
CA ALA A 263 -69.94 19.39 -43.63
C ALA A 263 -68.55 19.63 -43.05
N ALA A 264 -68.21 18.92 -42.00
CA ALA A 264 -66.86 19.00 -41.46
C ALA A 264 -66.42 17.68 -40.86
N TYR A 265 -65.12 17.47 -40.79
CA TYR A 265 -64.63 16.25 -40.21
C TYR A 265 -63.32 16.42 -39.51
N TYR A 266 -63.02 15.45 -38.69
CA TYR A 266 -61.83 15.44 -37.91
C TYR A 266 -61.04 14.19 -38.09
N VAL A 267 -59.73 14.33 -38.03
CA VAL A 267 -58.88 13.17 -38.03
C VAL A 267 -57.89 13.20 -36.89
N GLY A 268 -57.87 12.11 -36.15
CA GLY A 268 -56.95 11.95 -35.04
C GLY A 268 -56.30 10.59 -35.18
N TYR A 269 -55.42 10.26 -34.25
CA TYR A 269 -54.76 8.96 -34.33
C TYR A 269 -54.81 8.22 -33.05
N LEU A 270 -54.83 6.91 -33.16
CA LEU A 270 -54.87 6.10 -31.98
C LEU A 270 -53.49 5.84 -31.47
N GLN A 271 -53.37 5.68 -30.17
CA GLN A 271 -52.11 5.32 -29.56
C GLN A 271 -52.37 4.24 -28.52
N PRO A 272 -51.42 3.36 -28.23
CA PRO A 272 -51.54 2.42 -27.16
C PRO A 272 -51.73 3.17 -25.87
N ARG A 273 -52.75 2.77 -25.14
CA ARG A 273 -53.10 3.36 -23.86
C ARG A 273 -53.79 2.39 -22.97
N THR A 274 -53.75 2.69 -21.68
CA THR A 274 -54.54 1.93 -20.76
C THR A 274 -55.58 2.87 -20.24
N PHE A 275 -56.77 2.32 -20.11
CA PHE A 275 -57.95 2.99 -19.60
C PHE A 275 -58.78 2.23 -18.62
N LEU A 276 -59.46 2.99 -17.79
CA LEU A 276 -60.51 2.39 -17.01
C LEU A 276 -61.81 2.80 -17.61
N LEU A 277 -62.58 1.83 -18.06
CA LEU A 277 -63.85 2.11 -18.71
C LEU A 277 -64.97 1.81 -17.75
N LYS A 278 -65.78 2.83 -17.48
CA LYS A 278 -66.86 2.68 -16.54
C LYS A 278 -68.13 2.29 -17.23
N TYR A 279 -68.67 1.16 -16.83
CA TYR A 279 -69.91 0.64 -17.37
C TYR A 279 -71.06 0.94 -16.45
N ASN A 280 -72.21 1.22 -17.01
CA ASN A 280 -73.40 1.43 -16.22
C ASN A 280 -74.15 0.13 -16.05
N GLU A 281 -75.31 0.20 -15.42
CA GLU A 281 -76.14 -0.97 -15.16
C GLU A 281 -76.57 -1.75 -16.42
N ASN A 282 -76.79 -1.05 -17.55
CA ASN A 282 -77.24 -1.61 -18.82
C ASN A 282 -76.07 -2.02 -19.75
N GLY A 283 -74.79 -1.95 -19.29
CA GLY A 283 -73.61 -2.33 -20.06
C GLY A 283 -73.07 -1.28 -21.02
N THR A 284 -73.51 -0.05 -20.89
CA THR A 284 -73.04 1.02 -21.75
C THR A 284 -71.86 1.66 -21.09
N ILE A 285 -70.85 2.01 -21.87
CA ILE A 285 -69.73 2.67 -21.24
C ILE A 285 -70.16 4.11 -21.12
N THR A 286 -70.11 4.65 -19.92
CA THR A 286 -70.56 6.01 -19.73
C THR A 286 -69.44 6.97 -19.38
N ASP A 287 -68.30 6.44 -18.97
CA ASP A 287 -67.18 7.34 -18.67
C ASP A 287 -65.87 6.60 -18.84
N ALA A 288 -64.75 7.31 -18.68
CA ALA A 288 -63.45 6.65 -18.78
C ALA A 288 -62.30 7.46 -18.19
N VAL A 289 -61.24 6.77 -17.76
CA VAL A 289 -60.04 7.46 -17.33
C VAL A 289 -58.86 7.10 -18.22
N ASP A 290 -58.24 8.13 -18.81
CA ASP A 290 -57.03 7.95 -19.64
C ASP A 290 -55.84 8.02 -18.71
N CYS A 291 -55.19 6.88 -18.43
CA CYS A 291 -54.14 6.73 -17.41
C CYS A 291 -52.87 7.49 -17.82
N ALA A 292 -52.77 7.88 -19.09
CA ALA A 292 -51.60 8.58 -19.59
C ALA A 292 -51.82 10.07 -19.77
N LEU A 293 -52.99 10.57 -19.40
CA LEU A 293 -53.28 11.98 -19.61
C LEU A 293 -52.46 12.91 -18.73
N ASP A 294 -52.27 12.52 -17.49
CA ASP A 294 -51.60 13.32 -16.48
C ASP A 294 -51.46 12.50 -15.19
N PRO A 295 -50.62 12.93 -14.23
CA PRO A 295 -50.46 12.35 -12.91
C PRO A 295 -51.76 12.18 -12.11
N LEU A 296 -52.75 13.06 -12.29
CA LEU A 296 -53.96 12.86 -11.53
C LEU A 296 -54.71 11.66 -12.07
N SER A 297 -54.75 11.50 -13.39
CA SER A 297 -55.44 10.38 -13.99
C SER A 297 -54.72 9.11 -13.60
N GLU A 298 -53.39 9.16 -13.54
CA GLU A 298 -52.67 7.97 -13.13
C GLU A 298 -53.13 7.55 -11.73
N THR A 299 -53.31 8.54 -10.84
CA THR A 299 -53.79 8.25 -9.50
C THR A 299 -55.17 7.64 -9.57
N LYS A 300 -56.05 8.22 -10.39
CA LYS A 300 -57.40 7.67 -10.54
C LYS A 300 -57.40 6.22 -11.03
N CYS A 301 -56.49 5.85 -11.98
CA CYS A 301 -56.37 4.50 -12.51
C CYS A 301 -55.91 3.55 -11.41
N THR A 302 -54.95 3.98 -10.63
CA THR A 302 -54.40 3.17 -9.56
C THR A 302 -55.46 2.82 -8.55
N LEU A 303 -56.26 3.81 -8.19
CA LEU A 303 -57.27 3.67 -7.17
C LEU A 303 -58.60 3.17 -7.68
N LYS A 304 -58.72 2.92 -8.98
CA LYS A 304 -59.97 2.47 -9.57
C LYS A 304 -61.12 3.38 -9.20
N SER A 305 -60.92 4.69 -9.35
CA SER A 305 -61.94 5.64 -8.99
C SER A 305 -61.93 6.89 -9.84
N PHE A 306 -63.09 7.49 -10.01
CA PHE A 306 -63.14 8.76 -10.72
C PHE A 306 -63.03 9.92 -9.75
N THR A 307 -63.00 9.60 -8.47
CA THR A 307 -62.88 10.56 -7.39
C THR A 307 -61.70 10.24 -6.50
N VAL A 308 -60.91 11.25 -6.25
CA VAL A 308 -59.74 11.13 -5.39
C VAL A 308 -59.88 12.11 -4.24
N GLU A 309 -59.70 11.59 -3.04
CA GLU A 309 -59.83 12.40 -1.86
C GLU A 309 -58.61 13.25 -1.66
N LYS A 310 -58.75 14.32 -0.92
CA LYS A 310 -57.59 15.15 -0.70
C LYS A 310 -56.49 14.32 -0.06
N GLY A 311 -55.27 14.47 -0.58
CA GLY A 311 -54.14 13.72 -0.05
C GLY A 311 -52.93 13.72 -0.96
N ILE A 312 -51.94 12.90 -0.62
CA ILE A 312 -50.73 12.79 -1.39
C ILE A 312 -50.68 11.43 -2.01
N TYR A 313 -50.45 11.38 -3.30
CA TYR A 313 -50.39 10.10 -3.96
C TYR A 313 -49.06 9.90 -4.65
N GLN A 314 -48.59 8.65 -4.69
CA GLN A 314 -47.34 8.38 -5.42
C GLN A 314 -47.71 7.96 -6.81
N THR A 315 -46.85 8.28 -7.77
CA THR A 315 -47.04 7.90 -9.16
C THR A 315 -45.80 7.20 -9.66
N SER A 316 -45.85 6.73 -10.90
CA SER A 316 -44.71 6.07 -11.52
C SER A 316 -43.53 7.02 -11.64
N ASN A 317 -42.34 6.46 -11.72
CA ASN A 317 -41.16 7.29 -11.84
C ASN A 317 -41.23 8.10 -13.10
N PHE A 318 -40.56 9.23 -13.10
CA PHE A 318 -40.57 10.01 -14.30
C PHE A 318 -39.87 9.21 -15.38
N ARG A 319 -40.47 9.16 -16.55
CA ARG A 319 -39.89 8.41 -17.65
C ARG A 319 -39.91 9.23 -18.91
N VAL A 320 -39.01 8.90 -19.81
CA VAL A 320 -38.97 9.51 -21.11
C VAL A 320 -38.93 8.38 -22.09
N GLN A 321 -39.27 8.65 -23.33
CA GLN A 321 -39.21 7.61 -24.32
C GLN A 321 -37.99 7.80 -25.18
N PRO A 322 -37.47 6.73 -25.80
CA PRO A 322 -36.41 6.76 -26.75
C PRO A 322 -36.91 7.40 -28.00
N THR A 323 -36.04 8.08 -28.73
CA THR A 323 -36.46 8.76 -29.96
C THR A 323 -35.95 8.18 -31.28
N GLU A 324 -34.92 7.38 -31.23
CA GLU A 324 -34.29 6.81 -32.42
C GLU A 324 -33.65 5.50 -32.08
N SER A 325 -33.35 4.68 -33.08
CA SER A 325 -32.69 3.41 -32.83
C SER A 325 -31.29 3.35 -33.40
N ILE A 326 -30.37 2.80 -32.61
CA ILE A 326 -28.99 2.61 -33.00
C ILE A 326 -28.65 1.17 -33.26
N VAL A 327 -28.20 0.90 -34.47
CA VAL A 327 -27.87 -0.46 -34.84
C VAL A 327 -26.40 -0.63 -35.18
N ARG A 328 -25.70 -1.46 -34.44
CA ARG A 328 -24.28 -1.58 -34.71
C ARG A 328 -23.82 -3.02 -34.84
N PHE A 329 -23.13 -3.26 -35.93
CA PHE A 329 -22.57 -4.55 -36.26
C PHE A 329 -21.12 -4.42 -36.66
N PRO A 330 -20.31 -5.47 -36.55
CA PRO A 330 -18.92 -5.47 -36.91
C PRO A 330 -18.80 -5.32 -38.42
N ASN A 331 -17.60 -4.88 -38.86
CA ASN A 331 -17.30 -4.61 -40.26
C ASN A 331 -17.07 -5.92 -41.04
N ILE A 332 -18.19 -6.60 -41.34
CA ILE A 332 -18.23 -7.85 -42.11
C ILE A 332 -18.75 -7.56 -43.49
N THR A 333 -17.93 -7.88 -44.47
CA THR A 333 -18.24 -7.62 -45.85
C THR A 333 -18.58 -8.84 -46.68
N ASN A 334 -18.28 -10.01 -46.15
CA ASN A 334 -18.40 -11.23 -46.92
C ASN A 334 -19.69 -11.97 -46.65
N LEU A 335 -20.11 -12.79 -47.60
CA LEU A 335 -21.26 -13.67 -47.41
C LEU A 335 -20.70 -15.02 -46.94
N CYS A 336 -21.43 -15.73 -46.03
CA CYS A 336 -21.03 -17.04 -45.54
C CYS A 336 -21.04 -18.09 -46.64
N PRO A 337 -20.21 -19.13 -46.52
CA PRO A 337 -20.04 -20.18 -47.50
C PRO A 337 -21.18 -21.16 -47.53
N PHE A 338 -22.33 -20.66 -47.91
CA PHE A 338 -23.53 -21.47 -47.97
C PHE A 338 -23.37 -22.47 -49.07
N GLY A 339 -22.70 -22.09 -50.15
CA GLY A 339 -22.49 -23.01 -51.25
C GLY A 339 -21.62 -24.16 -50.77
N GLU A 340 -20.51 -23.88 -50.14
CA GLU A 340 -19.66 -24.98 -49.71
C GLU A 340 -20.38 -25.94 -48.77
N VAL A 341 -21.17 -25.38 -47.86
CA VAL A 341 -21.85 -26.20 -46.88
C VAL A 341 -23.00 -27.03 -47.47
N PHE A 342 -23.82 -26.43 -48.33
CA PHE A 342 -24.98 -27.14 -48.85
C PHE A 342 -24.85 -27.77 -50.28
N ASN A 343 -23.86 -27.33 -51.09
CA ASN A 343 -23.57 -27.79 -52.45
C ASN A 343 -22.26 -28.61 -52.50
N ALA A 344 -21.82 -29.21 -51.37
CA ALA A 344 -20.58 -29.98 -51.27
C ALA A 344 -20.59 -31.17 -52.20
N THR A 345 -19.43 -31.43 -52.80
CA THR A 345 -19.29 -32.57 -53.66
C THR A 345 -19.48 -33.82 -52.84
N ARG A 346 -18.90 -33.80 -51.66
CA ARG A 346 -19.01 -34.92 -50.74
C ARG A 346 -19.25 -34.49 -49.31
N PHE A 347 -20.00 -35.32 -48.64
CA PHE A 347 -20.24 -35.27 -47.22
C PHE A 347 -19.51 -36.42 -46.59
N ALA A 348 -19.10 -36.23 -45.37
CA ALA A 348 -18.47 -37.29 -44.64
C ALA A 348 -19.48 -38.31 -44.27
N SER A 349 -19.01 -39.51 -44.04
CA SER A 349 -19.89 -40.50 -43.52
C SER A 349 -20.17 -40.12 -42.09
N VAL A 350 -21.28 -40.61 -41.53
CA VAL A 350 -21.58 -40.30 -40.14
C VAL A 350 -20.54 -40.90 -39.23
N TYR A 351 -19.96 -41.99 -39.67
CA TYR A 351 -18.90 -42.63 -38.97
C TYR A 351 -17.79 -41.67 -38.56
N ALA A 352 -17.41 -40.80 -39.46
CA ALA A 352 -16.31 -39.89 -39.24
C ALA A 352 -16.66 -38.53 -39.80
N TRP A 353 -17.53 -37.85 -39.10
CA TRP A 353 -18.13 -36.60 -39.57
C TRP A 353 -17.15 -35.43 -39.59
N ASN A 354 -17.38 -34.44 -40.48
CA ASN A 354 -16.52 -33.25 -40.57
C ASN A 354 -17.02 -32.09 -39.76
N ARG A 355 -16.10 -31.20 -39.38
CA ARG A 355 -16.47 -29.98 -38.65
C ARG A 355 -15.82 -28.73 -39.23
N LYS A 356 -16.60 -27.91 -39.94
CA LYS A 356 -16.08 -26.70 -40.59
C LYS A 356 -16.22 -25.44 -39.74
N ARG A 357 -15.16 -24.67 -39.61
CA ARG A 357 -15.27 -23.43 -38.83
C ARG A 357 -15.72 -22.29 -39.74
N ILE A 358 -16.65 -21.48 -39.24
CA ILE A 358 -17.20 -20.37 -40.00
C ILE A 358 -16.83 -19.02 -39.39
N SER A 359 -16.32 -18.10 -40.19
CA SER A 359 -15.97 -16.78 -39.67
C SER A 359 -15.96 -15.67 -40.72
N ASN A 360 -16.03 -14.43 -40.23
CA ASN A 360 -15.90 -13.21 -41.02
C ASN A 360 -16.85 -13.15 -42.19
N CYS A 361 -18.15 -13.43 -41.93
CA CYS A 361 -19.19 -13.47 -42.96
C CYS A 361 -20.60 -13.16 -42.45
N VAL A 362 -21.48 -12.91 -43.41
CA VAL A 362 -22.87 -12.65 -43.17
C VAL A 362 -23.75 -13.88 -43.32
N ALA A 363 -24.52 -14.15 -42.28
CA ALA A 363 -25.39 -15.31 -42.22
C ALA A 363 -26.71 -15.01 -42.89
N ASP A 364 -26.67 -14.72 -44.16
CA ASP A 364 -27.90 -14.40 -44.80
C ASP A 364 -28.51 -15.67 -45.30
N TYR A 365 -29.38 -16.23 -44.50
CA TYR A 365 -29.99 -17.52 -44.75
C TYR A 365 -30.89 -17.52 -45.97
N SER A 366 -31.34 -16.34 -46.39
CA SER A 366 -32.29 -16.26 -47.48
C SER A 366 -31.66 -16.61 -48.81
N VAL A 367 -30.34 -16.69 -48.86
CA VAL A 367 -29.70 -16.99 -50.13
C VAL A 367 -30.01 -18.41 -50.57
N LEU A 368 -30.47 -19.23 -49.63
CA LEU A 368 -30.81 -20.59 -49.92
C LEU A 368 -32.25 -20.71 -50.43
N TYR A 369 -33.01 -19.61 -50.38
CA TYR A 369 -34.41 -19.72 -50.75
C TYR A 369 -34.64 -19.99 -52.22
N ASN A 370 -33.71 -19.62 -53.09
CA ASN A 370 -33.97 -19.85 -54.50
C ASN A 370 -33.89 -21.29 -54.93
N SER A 371 -32.99 -22.09 -54.36
CA SER A 371 -32.90 -23.45 -54.86
C SER A 371 -32.70 -24.57 -53.85
N ALA A 372 -32.53 -24.27 -52.58
CA ALA A 372 -32.34 -25.34 -51.62
C ALA A 372 -33.69 -25.71 -51.07
N SER A 373 -33.88 -26.94 -50.65
CA SER A 373 -35.15 -27.28 -50.04
C SER A 373 -34.90 -28.24 -48.91
N PHE A 374 -35.38 -27.87 -47.74
CA PHE A 374 -35.10 -28.70 -46.59
C PHE A 374 -36.37 -29.22 -45.96
N SER A 375 -36.51 -30.54 -45.94
CA SER A 375 -37.68 -31.17 -45.37
C SER A 375 -37.60 -31.17 -43.87
N THR A 376 -36.39 -31.16 -43.33
CA THR A 376 -36.21 -31.23 -41.92
C THR A 376 -35.57 -30.00 -41.38
N PHE A 377 -36.19 -29.44 -40.37
CA PHE A 377 -35.65 -28.26 -39.77
C PHE A 377 -36.11 -28.04 -38.36
N LYS A 378 -35.17 -27.85 -37.47
CA LYS A 378 -35.50 -27.52 -36.09
C LYS A 378 -34.38 -26.76 -35.42
N CYS A 379 -34.71 -25.61 -34.78
CA CYS A 379 -33.78 -24.81 -34.00
C CYS A 379 -34.04 -25.05 -32.53
N TYR A 380 -32.99 -25.04 -31.74
CA TYR A 380 -33.12 -25.32 -30.32
C TYR A 380 -32.81 -24.14 -29.43
N GLY A 381 -31.73 -23.41 -29.73
CA GLY A 381 -31.33 -22.34 -28.83
C GLY A 381 -31.87 -20.95 -29.15
N VAL A 382 -32.61 -20.82 -30.23
CA VAL A 382 -33.11 -19.53 -30.64
C VAL A 382 -34.37 -19.66 -31.45
N SER A 383 -35.28 -18.70 -31.33
CA SER A 383 -36.43 -18.74 -32.20
C SER A 383 -35.90 -18.33 -33.57
N PRO A 384 -36.20 -19.05 -34.66
CA PRO A 384 -35.67 -18.81 -35.98
C PRO A 384 -36.05 -17.45 -36.55
N THR A 385 -37.10 -16.85 -36.03
CA THR A 385 -37.55 -15.56 -36.53
C THR A 385 -36.62 -14.44 -36.14
N LYS A 386 -35.72 -14.72 -35.18
CA LYS A 386 -34.75 -13.78 -34.69
C LYS A 386 -33.42 -13.85 -35.39
N LEU A 387 -33.23 -14.77 -36.31
CA LEU A 387 -31.89 -14.94 -36.86
C LEU A 387 -31.35 -13.70 -37.53
N ASN A 388 -32.19 -12.93 -38.18
CA ASN A 388 -31.64 -11.81 -38.91
C ASN A 388 -31.24 -10.62 -38.07
N ASP A 389 -31.58 -10.62 -36.77
CA ASP A 389 -31.23 -9.51 -35.88
C ASP A 389 -30.06 -9.85 -34.97
N LEU A 390 -29.52 -11.04 -35.14
CA LEU A 390 -28.47 -11.54 -34.26
C LEU A 390 -27.11 -11.72 -34.92
N CYS A 391 -26.06 -11.70 -34.07
CA CYS A 391 -24.70 -12.10 -34.43
C CYS A 391 -24.42 -13.44 -33.79
N PHE A 392 -23.58 -14.21 -34.42
CA PHE A 392 -23.32 -15.55 -33.98
C PHE A 392 -21.86 -15.74 -33.68
N THR A 393 -21.54 -16.49 -32.66
CA THR A 393 -20.12 -16.67 -32.44
C THR A 393 -19.71 -18.07 -32.14
N ASN A 394 -18.42 -18.32 -32.29
CA ASN A 394 -17.84 -19.65 -32.08
C ASN A 394 -18.65 -20.63 -32.95
N VAL A 395 -18.84 -20.25 -34.21
CA VAL A 395 -19.67 -21.00 -35.13
C VAL A 395 -18.99 -22.13 -35.90
N TYR A 396 -19.57 -23.32 -35.81
CA TYR A 396 -19.11 -24.51 -36.52
C TYR A 396 -20.24 -25.25 -37.21
N ALA A 397 -19.96 -25.81 -38.38
CA ALA A 397 -20.96 -26.61 -39.08
C ALA A 397 -20.55 -28.07 -39.20
N ASP A 398 -21.29 -28.96 -38.55
CA ASP A 398 -20.95 -30.37 -38.64
C ASP A 398 -21.61 -30.90 -39.89
N SER A 399 -20.92 -31.78 -40.61
CA SER A 399 -21.44 -32.32 -41.86
C SER A 399 -21.28 -33.82 -42.11
N PHE A 400 -22.43 -34.47 -42.34
CA PHE A 400 -22.45 -35.92 -42.60
C PHE A 400 -23.72 -36.48 -43.29
N VAL A 401 -23.59 -37.73 -43.78
CA VAL A 401 -24.74 -38.48 -44.34
C VAL A 401 -25.18 -39.69 -43.53
N ILE A 402 -26.49 -39.75 -43.32
CA ILE A 402 -27.21 -40.80 -42.61
C ILE A 402 -28.39 -41.33 -43.40
N ARG A 403 -28.99 -42.42 -42.93
CA ARG A 403 -30.19 -42.95 -43.57
C ARG A 403 -31.42 -42.13 -43.18
N GLY A 404 -32.41 -42.01 -44.05
CA GLY A 404 -33.62 -41.23 -43.71
C GLY A 404 -34.34 -41.59 -42.42
N ASP A 405 -34.43 -42.86 -42.07
CA ASP A 405 -35.11 -43.20 -40.82
C ASP A 405 -34.30 -42.81 -39.59
N GLU A 406 -33.05 -42.43 -39.78
CA GLU A 406 -32.15 -42.07 -38.71
C GLU A 406 -32.13 -40.57 -38.48
N VAL A 407 -32.88 -39.81 -39.29
CA VAL A 407 -32.85 -38.36 -39.15
C VAL A 407 -33.35 -37.93 -37.79
N ARG A 408 -34.34 -38.62 -37.30
CA ARG A 408 -34.92 -38.33 -36.02
C ARG A 408 -33.96 -38.55 -34.86
N GLN A 409 -32.85 -39.26 -35.07
CA GLN A 409 -31.93 -39.54 -33.97
C GLN A 409 -30.92 -38.45 -33.75
N ILE A 410 -30.93 -37.43 -34.60
CA ILE A 410 -29.96 -36.36 -34.46
C ILE A 410 -30.27 -35.50 -33.25
N ALA A 411 -31.53 -35.26 -32.97
CA ALA A 411 -31.96 -34.40 -31.90
C ALA A 411 -31.36 -34.85 -30.56
N PRO A 412 -31.07 -33.91 -29.66
CA PRO A 412 -30.52 -34.20 -28.37
C PRO A 412 -31.55 -35.00 -27.62
N GLY A 413 -31.09 -35.93 -26.81
CA GLY A 413 -31.98 -36.74 -26.00
C GLY A 413 -32.43 -38.02 -26.72
N GLN A 414 -31.99 -38.22 -27.96
CA GLN A 414 -32.39 -39.41 -28.68
C GLN A 414 -31.41 -40.54 -28.50
N THR A 415 -31.88 -41.76 -28.76
CA THR A 415 -31.08 -42.97 -28.69
C THR A 415 -31.14 -43.73 -30.01
N GLY A 416 -30.29 -44.73 -30.19
CA GLY A 416 -30.30 -45.52 -31.41
C GLY A 416 -28.88 -45.67 -31.91
N LYS A 417 -28.63 -46.47 -32.93
CA LYS A 417 -27.23 -46.62 -33.29
C LYS A 417 -26.53 -45.33 -33.72
N ILE A 418 -27.24 -44.34 -34.26
CA ILE A 418 -26.50 -43.17 -34.64
C ILE A 418 -26.33 -42.32 -33.40
N ALA A 419 -27.41 -42.14 -32.68
CA ALA A 419 -27.32 -41.32 -31.49
C ALA A 419 -26.31 -41.86 -30.47
N ASP A 420 -26.17 -43.16 -30.38
CA ASP A 420 -25.27 -43.73 -29.41
C ASP A 420 -23.85 -43.99 -29.91
N TYR A 421 -23.67 -44.33 -31.20
CA TYR A 421 -22.33 -44.66 -31.64
C TYR A 421 -21.70 -43.79 -32.71
N ASN A 422 -22.46 -42.92 -33.38
CA ASN A 422 -21.87 -42.16 -34.48
C ASN A 422 -21.85 -40.65 -34.30
N TYR A 423 -22.92 -40.09 -33.77
CA TYR A 423 -22.98 -38.64 -33.64
C TYR A 423 -23.95 -38.20 -32.58
N LYS A 424 -23.48 -37.39 -31.65
CA LYS A 424 -24.38 -36.97 -30.60
C LYS A 424 -24.29 -35.50 -30.25
N LEU A 425 -25.45 -34.91 -29.98
CA LEU A 425 -25.56 -33.54 -29.52
C LEU A 425 -25.73 -33.54 -28.01
N PRO A 426 -25.27 -32.50 -27.32
CA PRO A 426 -25.41 -32.31 -25.90
C PRO A 426 -26.82 -32.00 -25.50
N ASP A 427 -27.12 -32.25 -24.24
CA ASP A 427 -28.42 -32.01 -23.62
C ASP A 427 -28.86 -30.56 -23.71
N ASP A 428 -27.90 -29.66 -23.63
CA ASP A 428 -28.11 -28.25 -23.68
C ASP A 428 -27.69 -27.61 -25.00
N PHE A 429 -27.74 -28.38 -26.10
CA PHE A 429 -27.38 -27.85 -27.41
C PHE A 429 -28.10 -26.54 -27.69
N THR A 430 -27.34 -25.56 -28.14
CA THR A 430 -27.84 -24.21 -28.41
C THR A 430 -27.95 -23.84 -29.87
N GLY A 431 -27.75 -24.78 -30.74
CA GLY A 431 -27.74 -24.48 -32.16
C GLY A 431 -29.07 -24.78 -32.88
N CYS A 432 -28.94 -25.19 -34.17
CA CYS A 432 -30.05 -25.49 -35.10
C CYS A 432 -29.63 -26.59 -36.11
N VAL A 433 -30.56 -27.48 -36.42
CA VAL A 433 -30.31 -28.59 -37.35
C VAL A 433 -31.13 -28.55 -38.65
N ILE A 434 -30.40 -28.72 -39.75
CA ILE A 434 -30.93 -28.72 -41.11
C ILE A 434 -30.70 -30.06 -41.84
N ALA A 435 -31.74 -30.64 -42.47
CA ALA A 435 -31.46 -31.87 -43.23
C ALA A 435 -32.35 -32.00 -44.47
N TRP A 436 -31.83 -32.73 -45.49
CA TRP A 436 -32.59 -32.92 -46.73
C TRP A 436 -32.32 -34.22 -47.49
N ASN A 437 -33.27 -34.55 -48.36
CA ASN A 437 -33.24 -35.83 -49.07
C ASN A 437 -32.45 -35.85 -50.37
N SER A 438 -31.14 -36.04 -50.27
CA SER A 438 -30.19 -36.05 -51.39
C SER A 438 -30.22 -37.38 -52.16
N ASN A 439 -31.39 -37.74 -52.67
CA ASN A 439 -31.57 -39.07 -53.25
C ASN A 439 -31.08 -39.21 -54.67
N ASN A 440 -30.56 -38.14 -55.23
CA ASN A 440 -30.00 -38.19 -56.56
C ASN A 440 -28.54 -37.80 -56.51
N LEU A 441 -27.99 -37.68 -55.31
CA LEU A 441 -26.59 -37.29 -55.21
C LEU A 441 -25.77 -38.36 -54.54
N ASP A 442 -26.33 -38.89 -53.47
CA ASP A 442 -25.63 -39.84 -52.64
C ASP A 442 -26.06 -41.26 -52.90
N SER A 443 -26.80 -41.46 -53.96
CA SER A 443 -27.30 -42.77 -54.30
C SER A 443 -26.62 -43.33 -55.52
N LYS A 444 -26.54 -44.64 -55.59
CA LYS A 444 -25.91 -45.32 -56.72
C LYS A 444 -26.72 -46.55 -57.09
N VAL A 445 -26.73 -46.92 -58.36
CA VAL A 445 -27.57 -48.04 -58.76
C VAL A 445 -27.26 -49.35 -58.04
N GLY A 446 -25.98 -49.65 -57.89
CA GLY A 446 -25.60 -50.90 -57.23
C GLY A 446 -25.40 -50.73 -55.73
N GLY A 447 -25.67 -49.53 -55.22
CA GLY A 447 -25.48 -49.13 -53.85
C GLY A 447 -24.24 -48.26 -53.73
N ASN A 448 -24.30 -47.33 -52.80
CA ASN A 448 -23.22 -46.40 -52.57
C ASN A 448 -22.52 -46.84 -51.33
N TYR A 449 -21.35 -47.41 -51.48
CA TYR A 449 -20.73 -48.00 -50.31
C TYR A 449 -19.67 -47.12 -49.73
N ASN A 450 -19.70 -45.85 -50.10
CA ASN A 450 -18.77 -44.89 -49.55
C ASN A 450 -19.33 -44.30 -48.27
N TYR A 451 -20.55 -44.66 -47.91
CA TYR A 451 -21.14 -44.16 -46.69
C TYR A 451 -21.17 -45.25 -45.64
N LEU A 452 -20.51 -44.95 -44.54
CA LEU A 452 -20.32 -45.88 -43.44
C LEU A 452 -20.83 -45.37 -42.11
N TYR A 453 -21.17 -46.32 -41.26
CA TYR A 453 -21.57 -46.04 -39.89
C TYR A 453 -21.04 -47.09 -38.94
N ARG A 454 -20.90 -46.70 -37.69
CA ARG A 454 -20.50 -47.62 -36.66
C ARG A 454 -21.68 -48.34 -36.10
N LEU A 455 -21.55 -49.65 -36.00
CA LEU A 455 -22.58 -50.46 -35.38
C LEU A 455 -22.13 -50.87 -34.00
N PHE A 456 -20.85 -51.11 -33.83
CA PHE A 456 -20.43 -51.55 -32.52
C PHE A 456 -19.45 -50.67 -31.81
N ARG A 457 -19.68 -50.59 -30.52
CA ARG A 457 -18.82 -49.90 -29.60
C ARG A 457 -19.05 -50.55 -28.25
N LYS A 458 -18.14 -50.40 -27.32
CA LYS A 458 -18.32 -50.97 -25.98
C LYS A 458 -19.01 -50.00 -25.01
N SER A 459 -19.17 -48.78 -25.45
CA SER A 459 -19.73 -47.70 -24.66
C SER A 459 -20.33 -46.66 -25.57
N ASN A 460 -21.07 -45.72 -25.02
CA ASN A 460 -21.67 -44.68 -25.84
C ASN A 460 -20.75 -43.48 -25.99
N LEU A 461 -20.99 -42.70 -27.05
CA LEU A 461 -20.24 -41.46 -27.30
C LEU A 461 -20.67 -40.32 -26.42
N LYS A 462 -19.76 -39.37 -26.24
CA LYS A 462 -20.11 -38.15 -25.53
C LYS A 462 -20.39 -37.13 -26.65
N PRO A 463 -21.03 -36.00 -26.37
CA PRO A 463 -21.35 -35.01 -27.36
C PRO A 463 -20.14 -34.56 -28.13
N PHE A 464 -20.34 -34.44 -29.43
CA PHE A 464 -19.35 -34.03 -30.39
C PHE A 464 -18.10 -34.87 -30.49
N GLU A 465 -18.15 -36.11 -30.07
CA GLU A 465 -17.00 -36.98 -30.27
C GLU A 465 -16.99 -37.67 -31.62
N ARG A 466 -15.77 -38.00 -32.03
CA ARG A 466 -15.53 -38.79 -33.22
C ARG A 466 -14.65 -39.94 -32.80
N ASP A 467 -14.78 -41.05 -33.47
CA ASP A 467 -13.88 -42.17 -33.22
C ASP A 467 -13.74 -42.93 -34.49
N ILE A 468 -12.55 -42.97 -35.02
CA ILE A 468 -12.34 -43.62 -36.30
C ILE A 468 -11.68 -44.96 -36.15
N SER A 469 -11.55 -45.43 -34.93
CA SER A 469 -10.94 -46.72 -34.67
C SER A 469 -11.67 -47.85 -35.32
N THR A 470 -10.88 -48.78 -35.86
CA THR A 470 -11.38 -49.97 -36.52
C THR A 470 -11.03 -51.20 -35.72
N GLU A 471 -10.66 -50.99 -34.45
CA GLU A 471 -10.32 -52.11 -33.60
C GLU A 471 -11.49 -53.05 -33.63
N ILE A 472 -11.24 -54.32 -33.84
CA ILE A 472 -12.35 -55.22 -34.04
C ILE A 472 -13.13 -55.34 -32.75
N TYR A 473 -14.45 -55.36 -32.87
CA TYR A 473 -15.28 -55.46 -31.71
C TYR A 473 -15.36 -56.86 -31.19
N GLN A 474 -15.11 -57.00 -29.91
CA GLN A 474 -15.16 -58.30 -29.28
C GLN A 474 -16.45 -58.44 -28.52
N ALA A 475 -17.09 -59.59 -28.67
CA ALA A 475 -18.35 -59.86 -28.01
C ALA A 475 -18.34 -61.18 -27.25
N GLY A 476 -19.21 -61.30 -26.25
CA GLY A 476 -19.43 -62.61 -25.64
C GLY A 476 -18.26 -63.17 -24.85
N SER A 477 -17.41 -62.31 -24.33
CA SER A 477 -16.24 -62.75 -23.58
C SER A 477 -15.45 -63.81 -24.34
N THR A 478 -15.34 -63.64 -25.66
CA THR A 478 -14.66 -64.54 -26.53
C THR A 478 -13.45 -63.83 -27.13
N PRO A 479 -12.23 -64.02 -26.59
CA PRO A 479 -11.05 -63.27 -26.96
C PRO A 479 -10.87 -63.35 -28.45
N CYS A 480 -10.54 -62.20 -29.09
CA CYS A 480 -10.35 -62.12 -30.54
C CYS A 480 -9.15 -61.23 -30.89
N ASN A 481 -8.24 -61.81 -31.65
CA ASN A 481 -7.02 -61.15 -32.09
C ASN A 481 -7.16 -60.42 -33.41
N GLY A 482 -8.19 -59.60 -33.50
CA GLY A 482 -8.40 -58.82 -34.71
C GLY A 482 -9.02 -59.59 -35.88
N VAL A 483 -9.64 -60.74 -35.65
CA VAL A 483 -10.17 -61.51 -36.76
C VAL A 483 -11.66 -61.72 -36.74
N GLU A 484 -12.33 -61.31 -37.80
CA GLU A 484 -13.77 -61.43 -37.86
C GLU A 484 -14.14 -62.89 -37.75
N GLY A 485 -15.20 -63.16 -37.00
CA GLY A 485 -15.61 -64.54 -36.78
C GLY A 485 -16.65 -64.64 -35.70
N PHE A 486 -16.77 -65.82 -35.10
CA PHE A 486 -17.78 -65.95 -34.07
C PHE A 486 -17.49 -64.96 -32.97
N ASN A 487 -18.50 -64.19 -32.62
CA ASN A 487 -18.41 -63.16 -31.59
C ASN A 487 -17.24 -62.17 -31.80
N CYS A 488 -16.94 -61.77 -33.06
CA CYS A 488 -15.88 -60.81 -33.35
C CYS A 488 -16.31 -60.10 -34.65
N TYR A 489 -16.51 -58.78 -34.56
CA TYR A 489 -17.09 -58.08 -35.68
C TYR A 489 -16.33 -56.87 -36.12
N PHE A 490 -16.30 -56.62 -37.41
CA PHE A 490 -15.71 -55.38 -37.82
C PHE A 490 -16.74 -54.39 -37.33
N PRO A 491 -16.38 -53.31 -36.65
CA PRO A 491 -17.29 -52.35 -36.06
C PRO A 491 -18.10 -51.52 -37.04
N LEU A 492 -17.68 -51.48 -38.29
CA LEU A 492 -18.36 -50.67 -39.29
C LEU A 492 -19.15 -51.47 -40.27
N GLN A 493 -20.22 -50.84 -40.74
CA GLN A 493 -21.07 -51.36 -41.78
C GLN A 493 -21.39 -50.27 -42.80
N SER A 494 -21.69 -50.68 -44.02
CA SER A 494 -22.05 -49.73 -45.06
C SER A 494 -23.55 -49.58 -45.25
N TYR A 495 -23.91 -48.50 -45.90
CA TYR A 495 -25.28 -48.22 -46.29
C TYR A 495 -25.49 -48.62 -47.72
N GLY A 496 -26.73 -48.89 -48.09
CA GLY A 496 -27.10 -49.20 -49.46
C GLY A 496 -27.33 -47.92 -50.25
N PHE A 497 -28.42 -47.26 -49.98
CA PHE A 497 -28.76 -46.03 -50.70
C PHE A 497 -28.86 -46.20 -52.20
N GLN A 498 -29.54 -47.24 -52.61
CA GLN A 498 -29.84 -47.41 -54.01
C GLN A 498 -30.97 -46.42 -54.33
N PRO A 499 -31.07 -45.92 -55.55
CA PRO A 499 -32.10 -45.01 -56.03
C PRO A 499 -33.47 -45.65 -56.09
N THR A 500 -33.52 -46.96 -55.93
CA THR A 500 -34.72 -47.74 -56.00
C THR A 500 -35.28 -48.11 -54.63
N ASN A 501 -34.65 -47.62 -53.56
CA ASN A 501 -35.12 -47.95 -52.23
C ASN A 501 -36.24 -47.01 -51.80
N GLY A 502 -37.04 -47.44 -50.83
CA GLY A 502 -38.10 -46.59 -50.32
C GLY A 502 -37.52 -45.48 -49.48
N VAL A 503 -38.36 -44.57 -49.04
CA VAL A 503 -37.91 -43.34 -48.39
C VAL A 503 -37.06 -43.50 -47.15
N GLY A 504 -37.39 -44.43 -46.30
CA GLY A 504 -36.64 -44.59 -45.06
C GLY A 504 -35.20 -45.03 -45.32
N TYR A 505 -34.93 -45.51 -46.52
CA TYR A 505 -33.63 -45.99 -46.91
C TYR A 505 -32.90 -45.06 -47.85
N GLN A 506 -33.43 -43.88 -48.10
CA GLN A 506 -32.78 -42.94 -48.97
C GLN A 506 -31.75 -42.22 -48.11
N PRO A 507 -30.63 -41.74 -48.66
CA PRO A 507 -29.63 -40.96 -47.96
C PRO A 507 -30.11 -39.58 -47.64
N TYR A 508 -29.70 -39.07 -46.49
CA TYR A 508 -29.94 -37.70 -46.10
C TYR A 508 -28.71 -36.96 -45.66
N ARG A 509 -28.65 -35.72 -46.07
CA ARG A 509 -27.57 -34.84 -45.70
C ARG A 509 -27.96 -34.02 -44.50
N VAL A 510 -27.08 -34.03 -43.52
CA VAL A 510 -27.33 -33.33 -42.29
C VAL A 510 -26.26 -32.30 -42.01
N VAL A 511 -26.73 -31.10 -41.73
CA VAL A 511 -25.89 -30.01 -41.36
C VAL A 511 -26.27 -29.51 -39.98
N VAL A 512 -25.31 -29.48 -39.09
CA VAL A 512 -25.62 -29.00 -37.76
C VAL A 512 -24.90 -27.74 -37.48
N LEU A 513 -25.64 -26.71 -37.15
CA LEU A 513 -25.02 -25.45 -36.89
C LEU A 513 -24.95 -25.23 -35.42
N SER A 514 -23.74 -25.24 -34.91
CA SER A 514 -23.47 -25.08 -33.50
C SER A 514 -22.85 -23.73 -33.27
N PHE A 515 -23.50 -22.95 -32.43
CA PHE A 515 -23.07 -21.60 -32.15
C PHE A 515 -23.56 -21.08 -30.83
N GLU A 516 -22.96 -19.97 -30.40
CA GLU A 516 -23.31 -19.27 -29.18
C GLU A 516 -23.83 -17.88 -29.50
N LEU A 517 -24.70 -17.34 -28.63
CA LEU A 517 -25.22 -16.00 -28.82
C LEU A 517 -25.00 -15.10 -27.61
N LEU A 518 -24.72 -13.81 -27.87
CA LEU A 518 -24.63 -12.68 -26.91
C LEU A 518 -23.57 -12.69 -25.82
N HIS A 519 -22.61 -13.62 -25.86
CA HIS A 519 -21.60 -13.62 -24.78
C HIS A 519 -20.14 -13.56 -25.21
N ALA A 520 -19.88 -13.17 -26.43
CA ALA A 520 -18.51 -13.09 -26.88
C ALA A 520 -18.52 -12.25 -28.15
N PRO A 521 -17.38 -11.74 -28.60
CA PRO A 521 -17.23 -11.07 -29.86
C PRO A 521 -17.65 -12.05 -30.92
N ALA A 522 -18.27 -11.57 -31.98
CA ALA A 522 -18.71 -12.42 -33.08
C ALA A 522 -18.01 -12.07 -34.37
N THR A 523 -17.76 -13.10 -35.15
CA THR A 523 -17.16 -12.95 -36.46
C THR A 523 -18.15 -13.29 -37.57
N VAL A 524 -19.33 -13.72 -37.18
CA VAL A 524 -20.38 -14.09 -38.11
C VAL A 524 -21.60 -13.32 -37.68
N CYS A 525 -22.34 -12.64 -38.60
CA CYS A 525 -23.54 -11.91 -38.17
C CYS A 525 -24.58 -11.83 -39.25
N GLY A 526 -25.81 -11.54 -38.88
CA GLY A 526 -26.89 -11.45 -39.85
C GLY A 526 -26.75 -10.24 -40.76
N PRO A 527 -27.70 -10.07 -41.71
CA PRO A 527 -27.74 -9.07 -42.76
C PRO A 527 -28.31 -7.72 -42.38
N LYS A 528 -28.58 -7.47 -41.13
CA LYS A 528 -29.17 -6.21 -40.76
C LYS A 528 -28.12 -5.11 -40.95
N LYS A 529 -28.53 -3.96 -41.49
CA LYS A 529 -27.60 -2.86 -41.70
C LYS A 529 -27.44 -2.01 -40.46
N SER A 530 -26.24 -1.45 -40.30
CA SER A 530 -25.94 -0.55 -39.20
C SER A 530 -26.31 0.89 -39.48
N THR A 531 -26.27 1.67 -38.41
CA THR A 531 -26.52 3.09 -38.38
C THR A 531 -25.37 3.76 -37.65
N ASN A 532 -25.43 5.08 -37.58
CA ASN A 532 -24.46 5.84 -36.83
C ASN A 532 -24.86 5.76 -35.37
N LEU A 533 -23.92 6.03 -34.47
CA LEU A 533 -24.23 5.97 -33.05
C LEU A 533 -24.40 7.36 -32.46
N VAL A 534 -25.42 7.52 -31.65
CA VAL A 534 -25.73 8.77 -30.99
C VAL A 534 -25.53 8.70 -29.50
N LYS A 535 -24.73 9.61 -28.98
CA LYS A 535 -24.39 9.64 -27.56
C LYS A 535 -25.21 10.66 -26.78
N ASN A 536 -25.37 10.38 -25.47
CA ASN A 536 -26.07 11.20 -24.48
C ASN A 536 -27.54 11.50 -24.79
N LYS A 537 -28.22 10.52 -25.36
CA LYS A 537 -29.64 10.59 -25.68
C LYS A 537 -30.30 9.30 -25.24
N CYS A 538 -31.65 9.31 -25.03
CA CYS A 538 -32.42 8.11 -24.75
C CYS A 538 -32.76 7.47 -26.10
N VAL A 539 -32.19 6.30 -26.30
CA VAL A 539 -32.27 5.58 -27.54
C VAL A 539 -32.61 4.12 -27.41
N ASN A 540 -33.03 3.54 -28.53
CA ASN A 540 -33.20 2.10 -28.62
C ASN A 540 -31.91 1.60 -29.22
N PHE A 541 -31.57 0.36 -29.00
CA PHE A 541 -30.36 -0.16 -29.63
C PHE A 541 -30.32 -1.66 -29.85
N ASN A 542 -29.39 -2.01 -30.73
CA ASN A 542 -28.99 -3.37 -31.05
C ASN A 542 -27.47 -3.46 -31.24
N PHE A 543 -26.76 -3.99 -30.23
CA PHE A 543 -25.31 -4.14 -30.35
C PHE A 543 -24.98 -5.60 -30.50
N ASN A 544 -24.66 -5.98 -31.71
CA ASN A 544 -24.38 -7.37 -32.06
C ASN A 544 -25.46 -8.36 -31.63
N GLY A 545 -26.70 -7.97 -31.74
CA GLY A 545 -27.79 -8.82 -31.35
C GLY A 545 -28.28 -8.52 -29.94
N LEU A 546 -27.54 -7.76 -29.16
CA LEU A 546 -28.04 -7.50 -27.83
C LEU A 546 -28.81 -6.21 -27.83
N THR A 547 -30.09 -6.34 -27.57
CA THR A 547 -30.95 -5.20 -27.64
C THR A 547 -31.29 -4.65 -26.30
N GLY A 548 -31.83 -3.45 -26.32
CA GLY A 548 -32.29 -2.78 -25.12
C GLY A 548 -32.46 -1.31 -25.40
N THR A 549 -32.76 -0.54 -24.37
CA THR A 549 -32.90 0.88 -24.52
C THR A 549 -32.12 1.53 -23.41
N GLY A 550 -31.86 2.81 -23.52
CA GLY A 550 -31.14 3.52 -22.48
C GLY A 550 -30.33 4.68 -23.03
N VAL A 551 -29.47 5.22 -22.21
CA VAL A 551 -28.64 6.34 -22.57
C VAL A 551 -27.21 5.87 -22.64
N LEU A 552 -26.57 6.11 -23.76
CA LEU A 552 -25.21 5.67 -23.97
C LEU A 552 -24.23 6.78 -23.62
N THR A 553 -23.32 6.52 -22.70
CA THR A 553 -22.33 7.54 -22.32
C THR A 553 -20.95 6.95 -22.47
N GLU A 554 -19.93 7.78 -22.62
CA GLU A 554 -18.60 7.21 -22.73
C GLU A 554 -18.14 6.69 -21.40
N SER A 555 -17.43 5.56 -21.42
CA SER A 555 -16.96 4.93 -20.21
C SER A 555 -15.46 4.95 -20.03
N ASN A 556 -15.06 4.53 -18.85
CA ASN A 556 -13.66 4.40 -18.47
C ASN A 556 -13.33 2.98 -18.07
N LYS A 557 -14.24 2.05 -18.36
CA LYS A 557 -14.03 0.65 -18.06
C LYS A 557 -13.07 0.11 -19.09
N LYS A 558 -12.21 -0.81 -18.68
CA LYS A 558 -11.27 -1.37 -19.63
C LYS A 558 -11.52 -2.84 -19.85
N PHE A 559 -12.14 -3.15 -20.97
CA PHE A 559 -12.48 -4.51 -21.30
C PHE A 559 -11.25 -5.21 -21.81
N LEU A 560 -11.15 -6.49 -21.53
CA LEU A 560 -10.05 -7.28 -22.04
C LEU A 560 -10.33 -7.51 -23.51
N PRO A 561 -9.34 -7.83 -24.34
CA PRO A 561 -9.47 -8.04 -25.76
C PRO A 561 -10.55 -9.03 -26.17
N PHE A 562 -10.91 -9.95 -25.29
CA PHE A 562 -11.90 -10.95 -25.59
C PHE A 562 -13.28 -10.71 -24.97
N GLN A 563 -13.46 -9.59 -24.29
CA GLN A 563 -14.72 -9.30 -23.62
C GLN A 563 -15.55 -8.32 -24.43
N GLN A 564 -16.70 -8.77 -24.91
CA GLN A 564 -17.51 -7.90 -25.75
C GLN A 564 -18.54 -7.11 -24.96
N PHE A 565 -19.01 -7.71 -23.88
CA PHE A 565 -20.07 -7.13 -23.07
C PHE A 565 -19.69 -7.25 -21.60
N GLY A 566 -20.16 -6.33 -20.77
CA GLY A 566 -19.97 -6.50 -19.34
C GLY A 566 -21.29 -6.74 -18.64
N ARG A 567 -21.22 -6.83 -17.32
CA ARG A 567 -22.38 -7.03 -16.45
C ARG A 567 -22.23 -6.25 -15.15
N ASP A 568 -23.35 -5.75 -14.62
CA ASP A 568 -23.34 -5.07 -13.33
C ASP A 568 -23.48 -6.08 -12.19
N ILE A 569 -23.65 -5.58 -10.97
CA ILE A 569 -23.69 -6.38 -9.75
C ILE A 569 -24.87 -7.34 -9.66
N ALA A 570 -25.88 -7.16 -10.50
CA ALA A 570 -27.04 -8.01 -10.49
C ALA A 570 -27.22 -8.64 -11.87
N ASP A 571 -26.10 -8.86 -12.55
CA ASP A 571 -25.99 -9.50 -13.86
C ASP A 571 -26.77 -8.87 -14.99
N THR A 572 -26.85 -7.56 -15.03
CA THR A 572 -27.52 -6.88 -16.11
C THR A 572 -26.48 -6.16 -16.94
N THR A 573 -26.53 -6.26 -18.26
CA THR A 573 -25.51 -5.60 -19.06
C THR A 573 -25.55 -4.13 -18.78
N ASP A 574 -24.39 -3.55 -18.46
CA ASP A 574 -24.35 -2.13 -18.17
C ASP A 574 -23.27 -1.43 -18.97
N ALA A 575 -22.65 -2.14 -19.87
CA ALA A 575 -21.63 -1.59 -20.73
C ALA A 575 -21.39 -2.51 -21.88
N VAL A 576 -21.07 -1.93 -23.03
CA VAL A 576 -20.72 -2.70 -24.20
C VAL A 576 -19.50 -2.16 -24.90
N ARG A 577 -18.84 -3.02 -25.68
CA ARG A 577 -17.77 -2.57 -26.53
C ARG A 577 -18.33 -2.42 -27.94
N ASP A 578 -18.24 -1.24 -28.50
CA ASP A 578 -18.78 -1.05 -29.83
C ASP A 578 -18.07 -1.92 -30.85
N PRO A 579 -18.79 -2.63 -31.74
CA PRO A 579 -18.26 -3.49 -32.77
C PRO A 579 -17.50 -2.84 -33.92
N GLN A 580 -17.62 -1.53 -34.17
CA GLN A 580 -16.87 -1.00 -35.30
C GLN A 580 -15.63 -0.28 -34.82
N THR A 581 -15.76 0.41 -33.70
CA THR A 581 -14.65 1.11 -33.08
C THR A 581 -14.67 0.60 -31.67
N LEU A 582 -13.55 0.24 -31.10
CA LEU A 582 -13.68 -0.40 -29.80
C LEU A 582 -13.72 0.54 -28.63
N GLU A 583 -14.77 1.32 -28.59
CA GLU A 583 -15.01 2.27 -27.53
C GLU A 583 -15.86 1.59 -26.50
N ILE A 584 -15.71 1.98 -25.26
CA ILE A 584 -16.58 1.38 -24.27
C ILE A 584 -17.63 2.38 -23.87
N LEU A 585 -18.86 1.94 -23.94
CA LEU A 585 -19.98 2.79 -23.58
C LEU A 585 -20.74 2.20 -22.42
N ASP A 586 -21.09 3.04 -21.46
CA ASP A 586 -21.89 2.62 -20.32
C ASP A 586 -23.33 2.79 -20.70
N ILE A 587 -24.20 1.91 -20.23
CA ILE A 587 -25.60 2.06 -20.55
C ILE A 587 -26.39 2.37 -19.30
N THR A 588 -27.03 3.52 -19.29
CA THR A 588 -27.80 3.94 -18.14
C THR A 588 -29.28 3.96 -18.51
N PRO A 589 -30.21 3.44 -17.69
CA PRO A 589 -31.64 3.45 -17.97
C PRO A 589 -32.15 4.88 -18.17
N CYS A 590 -33.24 5.03 -18.96
CA CYS A 590 -33.86 6.33 -19.29
C CYS A 590 -34.76 6.81 -18.15
N SER A 591 -35.37 5.85 -17.47
CA SER A 591 -36.29 6.12 -16.37
C SER A 591 -35.53 6.36 -15.10
N PHE A 592 -36.05 7.23 -14.23
CA PHE A 592 -35.35 7.51 -12.96
C PHE A 592 -36.13 8.49 -12.11
N GLY A 593 -35.76 8.58 -10.85
CA GLY A 593 -36.35 9.59 -10.00
C GLY A 593 -37.65 9.11 -9.44
N GLY A 594 -38.61 9.99 -9.34
CA GLY A 594 -39.88 9.66 -8.75
C GLY A 594 -40.76 10.88 -8.76
N VAL A 595 -42.06 10.65 -8.67
CA VAL A 595 -43.02 11.72 -8.72
C VAL A 595 -44.14 11.47 -7.72
N SER A 596 -44.63 12.54 -7.11
CA SER A 596 -45.81 12.42 -6.27
C SER A 596 -46.72 13.61 -6.50
N VAL A 597 -47.99 13.40 -6.25
CA VAL A 597 -48.99 14.42 -6.54
C VAL A 597 -49.78 14.86 -5.34
N ILE A 598 -49.87 16.16 -5.22
CA ILE A 598 -50.57 16.87 -4.18
C ILE A 598 -51.96 17.18 -4.67
N THR A 599 -52.95 16.53 -4.09
CA THR A 599 -54.30 16.62 -4.61
C THR A 599 -55.36 17.12 -3.61
N PRO A 600 -56.13 18.17 -3.93
CA PRO A 600 -57.24 18.68 -3.15
C PRO A 600 -58.33 17.71 -3.46
N GLY A 601 -59.43 17.69 -2.77
CA GLY A 601 -60.41 16.73 -3.23
C GLY A 601 -60.82 17.07 -4.67
N THR A 602 -61.06 16.03 -5.48
CA THR A 602 -61.43 16.19 -6.90
C THR A 602 -62.86 16.63 -7.04
N ASN A 603 -63.58 16.61 -5.93
CA ASN A 603 -64.95 17.04 -5.89
C ASN A 603 -65.02 18.54 -5.59
N THR A 604 -63.84 19.16 -5.49
CA THR A 604 -63.69 20.57 -5.24
C THR A 604 -62.95 21.22 -6.40
N SER A 605 -61.82 20.64 -6.78
CA SER A 605 -60.99 21.19 -7.84
C SER A 605 -60.22 20.12 -8.58
N ASN A 606 -59.94 20.36 -9.85
CA ASN A 606 -59.18 19.42 -10.63
C ASN A 606 -57.73 19.84 -10.76
N GLN A 607 -57.32 20.80 -9.95
CA GLN A 607 -55.96 21.28 -10.00
C GLN A 607 -55.12 20.50 -9.04
N VAL A 608 -53.92 20.16 -9.45
CA VAL A 608 -52.99 19.47 -8.56
C VAL A 608 -51.63 20.10 -8.62
N ALA A 609 -50.82 19.84 -7.62
CA ALA A 609 -49.43 20.29 -7.66
C ALA A 609 -48.53 19.05 -7.74
N VAL A 610 -47.41 19.14 -8.47
CA VAL A 610 -46.58 17.94 -8.60
C VAL A 610 -45.15 18.11 -8.09
N LEU A 611 -44.75 17.16 -7.25
CA LEU A 611 -43.42 17.15 -6.67
C LEU A 611 -42.50 16.19 -7.40
N TYR A 612 -41.34 16.69 -7.78
CA TYR A 612 -40.38 15.85 -8.46
C TYR A 612 -39.26 15.49 -7.49
N GLN A 613 -39.02 14.19 -7.32
CA GLN A 613 -38.06 13.71 -6.34
C GLN A 613 -36.59 13.89 -6.69
N ASP A 614 -36.25 13.95 -7.98
CA ASP A 614 -34.87 14.07 -8.42
C ASP A 614 -34.59 15.33 -9.20
N VAL A 615 -35.42 16.34 -9.03
CA VAL A 615 -35.19 17.58 -9.76
C VAL A 615 -35.13 18.74 -8.75
N ASN A 616 -34.09 19.58 -8.88
CA ASN A 616 -33.87 20.72 -7.96
C ASN A 616 -34.65 21.96 -8.42
N CYS A 617 -34.70 22.20 -9.73
CA CYS A 617 -35.32 23.37 -10.38
C CYS A 617 -34.69 24.73 -9.97
N THR A 618 -33.36 24.86 -9.91
CA THR A 618 -32.79 26.15 -9.46
C THR A 618 -32.17 27.10 -10.49
N GLU A 619 -32.32 26.82 -11.77
CA GLU A 619 -31.82 27.69 -12.85
C GLU A 619 -30.36 28.11 -12.72
N VAL A 620 -29.50 27.16 -12.43
CA VAL A 620 -28.09 27.40 -12.30
C VAL A 620 -27.52 27.60 -13.70
N PRO A 621 -26.73 28.65 -13.97
CA PRO A 621 -26.12 28.89 -15.26
C PRO A 621 -25.31 27.71 -15.73
N VAL A 622 -25.49 27.35 -17.00
CA VAL A 622 -24.77 26.24 -17.60
C VAL A 622 -24.16 26.63 -18.92
N ALA A 623 -23.22 25.79 -19.36
CA ALA A 623 -22.51 25.92 -20.63
C ALA A 623 -23.38 25.63 -21.82
N ILE A 624 -23.01 26.20 -22.94
CA ILE A 624 -23.73 25.99 -24.17
C ILE A 624 -23.00 24.97 -24.99
N HIS A 625 -23.64 23.84 -25.22
CA HIS A 625 -23.02 22.85 -26.05
C HIS A 625 -23.12 23.38 -27.45
N ALA A 626 -22.10 23.21 -28.27
CA ALA A 626 -22.19 23.73 -29.63
C ALA A 626 -23.31 23.10 -30.45
N ASP A 627 -23.59 21.82 -30.26
CA ASP A 627 -24.58 21.17 -31.08
C ASP A 627 -25.92 21.10 -30.39
N GLN A 628 -25.88 20.83 -29.09
CA GLN A 628 -27.11 20.66 -28.37
C GLN A 628 -27.58 21.88 -27.62
N LEU A 629 -28.89 22.01 -27.54
CA LEU A 629 -29.50 23.08 -26.79
C LEU A 629 -29.62 22.65 -25.36
N THR A 630 -29.48 23.59 -24.43
CA THR A 630 -29.58 23.29 -23.04
C THR A 630 -30.87 22.53 -22.75
N PRO A 631 -30.81 21.35 -22.11
CA PRO A 631 -31.93 20.49 -21.78
C PRO A 631 -32.79 21.05 -20.67
N THR A 632 -34.03 20.61 -20.64
CA THR A 632 -35.01 20.98 -19.63
C THR A 632 -34.97 20.06 -18.45
N TRP A 633 -35.70 20.47 -17.43
CA TRP A 633 -35.87 19.71 -16.22
C TRP A 633 -36.68 18.47 -16.54
N ARG A 634 -36.41 17.36 -15.85
CA ARG A 634 -37.19 16.14 -16.08
C ARG A 634 -38.51 16.21 -15.35
N VAL A 635 -39.37 17.06 -15.86
CA VAL A 635 -40.67 17.30 -15.27
C VAL A 635 -41.67 17.14 -16.36
N TYR A 636 -42.94 16.97 -16.03
CA TYR A 636 -43.91 16.84 -17.09
C TYR A 636 -44.21 18.18 -17.73
N SER A 637 -44.17 19.21 -16.92
CA SER A 637 -44.45 20.56 -17.36
C SER A 637 -43.89 21.55 -16.37
N THR A 638 -43.40 22.68 -16.85
CA THR A 638 -42.98 23.71 -15.93
C THR A 638 -44.05 24.78 -15.96
N GLY A 639 -44.60 25.08 -14.80
CA GLY A 639 -45.69 26.03 -14.68
C GLY A 639 -45.25 27.39 -14.21
N SER A 640 -46.23 28.17 -13.76
CA SER A 640 -46.06 29.54 -13.29
C SER A 640 -45.52 29.66 -11.87
N ASN A 641 -45.54 28.56 -11.14
CA ASN A 641 -45.11 28.57 -9.76
C ASN A 641 -44.13 27.47 -9.49
N VAL A 642 -42.87 27.82 -9.32
CA VAL A 642 -41.89 26.79 -9.07
C VAL A 642 -41.23 27.09 -7.74
N PHE A 643 -41.33 26.14 -6.83
CA PHE A 643 -40.78 26.24 -5.50
C PHE A 643 -39.82 25.13 -5.18
N GLN A 644 -38.65 25.47 -4.69
CA GLN A 644 -37.64 24.47 -4.43
C GLN A 644 -37.46 24.15 -2.96
N THR A 645 -37.55 22.88 -2.60
CA THR A 645 -37.30 22.46 -1.25
C THR A 645 -36.44 21.22 -1.15
N ARG A 646 -36.15 20.81 0.08
CA ARG A 646 -35.33 19.63 0.37
C ARG A 646 -36.01 18.34 -0.04
N ALA A 647 -37.32 18.40 -0.19
CA ALA A 647 -38.11 17.26 -0.60
C ALA A 647 -38.15 17.14 -2.14
N GLY A 648 -37.56 18.12 -2.84
CA GLY A 648 -37.57 18.17 -4.30
C GLY A 648 -38.28 19.43 -4.70
N CYS A 649 -38.22 19.81 -6.00
CA CYS A 649 -38.95 20.99 -6.46
C CYS A 649 -40.40 20.63 -6.74
N LEU A 650 -41.21 21.59 -6.43
CA LEU A 650 -42.62 21.54 -6.56
C LEU A 650 -43.14 22.51 -7.58
N ILE A 651 -43.88 21.97 -8.52
CA ILE A 651 -44.42 22.80 -9.57
C ILE A 651 -45.93 22.87 -9.59
N GLY A 652 -46.44 24.09 -9.58
CA GLY A 652 -47.87 24.39 -9.63
C GLY A 652 -48.46 24.96 -8.33
N ALA A 653 -47.78 24.79 -7.21
CA ALA A 653 -48.27 25.35 -5.96
C ALA A 653 -47.66 26.71 -5.78
N GLU A 654 -48.43 27.65 -5.29
CA GLU A 654 -47.91 28.97 -5.02
C GLU A 654 -47.10 28.87 -3.79
N HIS A 655 -46.03 29.62 -3.68
CA HIS A 655 -45.30 29.59 -2.43
C HIS A 655 -45.49 30.84 -1.64
N VAL A 656 -45.68 30.68 -0.34
CA VAL A 656 -45.76 31.85 0.52
C VAL A 656 -44.73 31.76 1.63
N ASN A 657 -44.47 32.90 2.24
CA ASN A 657 -43.52 33.00 3.32
C ASN A 657 -44.16 32.86 4.69
N ASN A 658 -45.41 32.49 4.70
CA ASN A 658 -46.15 32.32 5.91
C ASN A 658 -45.96 30.91 6.43
N SER A 659 -46.55 30.62 7.57
CA SER A 659 -46.46 29.28 8.11
C SER A 659 -47.77 28.94 8.74
N TYR A 660 -48.10 27.66 8.71
CA TYR A 660 -49.41 27.24 9.21
C TYR A 660 -49.44 25.82 9.70
N GLU A 661 -50.60 25.43 10.19
CA GLU A 661 -50.84 24.07 10.62
C GLU A 661 -50.75 23.22 9.36
N CYS A 662 -50.16 22.02 9.46
CA CYS A 662 -49.97 21.12 8.33
C CYS A 662 -51.26 20.43 7.89
N ASP A 663 -51.36 20.32 6.58
CA ASP A 663 -52.37 19.60 5.85
C ASP A 663 -51.68 19.16 4.60
N ILE A 664 -52.17 18.10 4.00
CA ILE A 664 -51.60 17.62 2.75
C ILE A 664 -50.08 17.75 2.83
N PRO A 665 -49.40 17.02 3.72
CA PRO A 665 -47.98 17.12 3.96
C PRO A 665 -47.18 16.78 2.75
N ILE A 666 -46.15 17.57 2.46
CA ILE A 666 -45.31 17.31 1.32
C ILE A 666 -44.02 16.62 1.72
N GLY A 667 -43.38 17.13 2.76
CA GLY A 667 -42.14 16.56 3.26
C GLY A 667 -41.08 17.61 3.54
N ALA A 668 -40.11 17.27 4.38
CA ALA A 668 -38.99 18.10 4.75
C ALA A 668 -39.38 19.49 5.22
N GLY A 669 -40.37 19.59 6.09
CA GLY A 669 -40.77 20.87 6.61
C GLY A 669 -41.88 21.58 5.83
N ILE A 670 -42.26 21.03 4.67
CA ILE A 670 -43.25 21.63 3.80
C ILE A 670 -44.62 20.90 3.75
N CYS A 671 -45.72 21.69 3.81
CA CYS A 671 -47.13 21.27 3.72
C CYS A 671 -47.88 22.20 2.77
N ALA A 672 -49.14 21.88 2.45
CA ALA A 672 -49.90 22.73 1.54
C ALA A 672 -51.40 22.66 1.79
N SER A 673 -52.11 23.67 1.33
CA SER A 673 -53.56 23.65 1.45
C SER A 673 -54.23 24.37 0.31
N TYR A 674 -55.53 24.11 0.15
CA TYR A 674 -56.28 24.75 -0.91
C TYR A 674 -56.97 25.98 -0.37
N GLN A 675 -56.71 27.12 -1.01
CA GLN A 675 -57.22 28.41 -0.58
C GLN A 675 -57.71 29.21 -1.78
N THR A 676 -58.64 30.18 -1.57
CA THR A 676 -59.11 31.09 -2.63
C THR A 676 -57.95 31.99 -3.13
N GLN A 690 -59.00 30.22 -7.50
CA GLN A 690 -58.55 29.53 -6.31
C GLN A 690 -57.23 28.81 -6.67
N SER A 691 -56.41 28.44 -5.65
CA SER A 691 -55.08 27.81 -5.83
C SER A 691 -54.58 26.95 -4.67
N ILE A 692 -53.50 26.23 -4.95
CA ILE A 692 -52.85 25.39 -3.97
C ILE A 692 -51.64 26.14 -3.45
N ILE A 693 -51.57 26.30 -2.13
CA ILE A 693 -50.46 27.02 -1.53
C ILE A 693 -49.56 26.17 -0.66
N ALA A 694 -48.28 26.25 -0.97
CA ALA A 694 -47.24 25.60 -0.21
C ALA A 694 -46.74 26.56 0.85
N TYR A 695 -46.44 26.01 2.01
CA TYR A 695 -45.95 26.78 3.14
C TYR A 695 -45.11 25.94 4.07
N THR A 696 -44.32 26.59 4.92
CA THR A 696 -43.58 25.79 5.87
C THR A 696 -44.49 25.51 7.04
N MET A 697 -44.15 24.49 7.79
CA MET A 697 -44.95 24.21 8.95
C MET A 697 -44.67 25.08 10.12
N SER A 698 -45.72 25.40 10.84
CA SER A 698 -45.59 26.03 12.12
C SER A 698 -45.39 24.91 13.11
N LEU A 699 -44.92 25.23 14.29
CA LEU A 699 -44.82 24.23 15.33
C LEU A 699 -45.66 24.74 16.45
N GLY A 700 -46.96 24.55 16.37
CA GLY A 700 -47.78 25.16 17.40
C GLY A 700 -47.58 26.68 17.35
N ALA A 701 -47.24 27.26 18.50
CA ALA A 701 -47.01 28.68 18.63
C ALA A 701 -45.92 28.94 19.64
N GLU A 702 -45.21 30.05 19.49
CA GLU A 702 -44.14 30.40 20.42
C GLU A 702 -44.68 30.92 21.72
N ASN A 703 -43.94 30.64 22.78
CA ASN A 703 -44.27 31.11 24.11
C ASN A 703 -43.00 31.34 24.92
N SER A 704 -43.15 31.80 26.15
CA SER A 704 -42.01 32.06 27.01
C SER A 704 -42.41 32.06 28.46
N VAL A 705 -41.40 32.06 29.30
CA VAL A 705 -41.59 32.14 30.73
C VAL A 705 -40.69 33.21 31.30
N ALA A 706 -41.03 33.74 32.47
CA ALA A 706 -40.17 34.73 33.11
C ALA A 706 -39.02 34.14 33.92
N TYR A 707 -39.26 33.00 34.53
CA TYR A 707 -38.32 32.35 35.44
C TYR A 707 -37.60 33.31 36.40
N SER A 708 -38.30 34.20 37.05
CA SER A 708 -37.57 34.93 38.07
C SER A 708 -37.25 33.88 39.13
N ASN A 709 -36.04 33.95 39.74
CA ASN A 709 -35.54 33.00 40.75
C ASN A 709 -36.32 33.03 42.08
N ASN A 710 -37.05 34.14 42.36
CA ASN A 710 -37.83 34.37 43.57
C ASN A 710 -39.31 34.51 43.26
N SER A 711 -39.80 33.92 42.18
CA SER A 711 -41.23 34.08 41.90
C SER A 711 -41.88 32.78 41.49
N ILE A 712 -43.06 32.53 42.06
CA ILE A 712 -43.80 31.32 41.72
C ILE A 712 -45.22 31.63 41.27
N ALA A 713 -45.65 30.99 40.18
CA ALA A 713 -47.03 31.19 39.75
C ALA A 713 -47.89 30.09 40.40
N ILE A 714 -49.03 30.49 40.95
CA ILE A 714 -49.95 29.55 41.58
C ILE A 714 -51.37 29.75 41.06
N PRO A 715 -52.06 28.73 40.53
CA PRO A 715 -53.44 28.73 40.02
C PRO A 715 -54.36 29.21 41.11
N THR A 716 -55.37 30.00 40.78
CA THR A 716 -56.32 30.49 41.80
C THR A 716 -57.80 30.00 41.60
N ASN A 717 -58.04 29.29 40.49
CA ASN A 717 -59.29 28.72 40.01
C ASN A 717 -58.88 27.40 39.34
N PHE A 718 -59.83 26.62 38.82
CA PHE A 718 -59.61 25.35 38.12
C PHE A 718 -60.77 25.06 37.21
N THR A 719 -60.53 24.19 36.26
CA THR A 719 -61.58 23.66 35.44
C THR A 719 -61.53 22.16 35.36
N ILE A 720 -62.67 21.55 35.55
CA ILE A 720 -62.82 20.13 35.34
C ILE A 720 -63.44 19.94 34.00
N SER A 721 -62.78 19.14 33.19
CA SER A 721 -63.17 18.93 31.81
C SER A 721 -63.08 17.48 31.46
N VAL A 722 -63.72 17.13 30.36
CA VAL A 722 -63.70 15.74 29.98
C VAL A 722 -63.28 15.64 28.53
N THR A 723 -62.35 14.75 28.26
CA THR A 723 -61.86 14.51 26.92
C THR A 723 -62.09 13.05 26.63
N THR A 724 -61.93 12.64 25.39
CA THR A 724 -62.17 11.24 25.13
C THR A 724 -61.03 10.57 24.43
N GLU A 725 -61.00 9.25 24.56
CA GLU A 725 -60.02 8.43 23.86
C GLU A 725 -60.67 7.22 23.23
N ILE A 726 -60.24 6.91 22.03
CA ILE A 726 -60.78 5.79 21.27
C ILE A 726 -59.72 4.73 21.09
N LEU A 727 -60.04 3.52 21.53
CA LEU A 727 -59.13 2.40 21.46
C LEU A 727 -59.77 1.16 20.87
N PRO A 728 -59.61 0.88 19.57
CA PRO A 728 -60.19 -0.26 18.89
C PRO A 728 -59.75 -1.51 19.60
N VAL A 729 -60.64 -2.48 19.69
CA VAL A 729 -60.37 -3.72 20.37
C VAL A 729 -60.33 -4.94 19.47
N SER A 730 -61.19 -4.99 18.45
CA SER A 730 -61.23 -6.22 17.65
C SER A 730 -61.46 -6.05 16.16
N MET A 731 -60.97 -7.04 15.44
CA MET A 731 -61.10 -7.22 14.01
C MET A 731 -62.26 -8.10 13.67
N THR A 732 -62.73 -7.98 12.44
CA THR A 732 -63.72 -8.89 11.95
C THR A 732 -63.10 -10.27 11.87
N LYS A 733 -63.80 -11.26 12.39
CA LYS A 733 -63.31 -12.63 12.34
C LYS A 733 -63.73 -13.21 11.02
N THR A 734 -62.85 -13.93 10.36
CA THR A 734 -63.19 -14.52 9.07
C THR A 734 -62.82 -15.98 8.98
N SER A 735 -63.29 -16.61 7.93
CA SER A 735 -62.99 -18.01 7.62
C SER A 735 -63.00 -18.25 6.13
N VAL A 736 -62.08 -19.07 5.65
CA VAL A 736 -62.06 -19.33 4.22
C VAL A 736 -62.17 -20.77 3.77
N ASP A 737 -63.15 -21.00 2.91
CA ASP A 737 -63.29 -22.31 2.33
C ASP A 737 -62.35 -22.28 1.14
N CYS A 738 -61.13 -22.81 1.37
CA CYS A 738 -59.99 -22.83 0.46
C CYS A 738 -60.40 -23.47 -0.87
N THR A 739 -61.08 -24.60 -0.79
CA THR A 739 -61.50 -25.25 -2.01
C THR A 739 -62.46 -24.35 -2.77
N MET A 740 -63.44 -23.73 -2.10
CA MET A 740 -64.32 -22.88 -2.90
C MET A 740 -63.61 -21.71 -3.56
N TYR A 741 -62.65 -21.10 -2.86
CA TYR A 741 -61.91 -19.98 -3.41
C TYR A 741 -61.13 -20.37 -4.66
N ILE A 742 -60.49 -21.51 -4.58
CA ILE A 742 -59.63 -21.96 -5.65
C ILE A 742 -60.37 -22.72 -6.78
N CYS A 743 -61.20 -23.72 -6.41
CA CYS A 743 -61.89 -24.68 -7.27
C CYS A 743 -63.40 -24.65 -6.99
N GLY A 744 -63.99 -23.48 -6.91
CA GLY A 744 -65.41 -23.47 -6.60
C GLY A 744 -66.18 -24.18 -7.70
N ASP A 745 -66.97 -25.16 -7.28
CA ASP A 745 -67.79 -25.99 -8.15
C ASP A 745 -67.05 -26.56 -9.38
N SER A 746 -65.80 -26.99 -9.21
CA SER A 746 -65.07 -27.59 -10.34
C SER A 746 -64.35 -28.86 -9.93
N THR A 747 -64.81 -29.99 -10.47
CA THR A 747 -64.32 -31.31 -10.11
C THR A 747 -62.87 -31.57 -10.44
N GLU A 748 -62.46 -31.22 -11.63
CA GLU A 748 -61.09 -31.52 -12.04
C GLU A 748 -60.06 -30.76 -11.21
N CYS A 749 -60.34 -29.46 -10.91
CA CYS A 749 -59.53 -28.57 -10.11
C CYS A 749 -59.48 -29.13 -8.69
N SER A 750 -60.65 -29.52 -8.17
CA SER A 750 -60.72 -30.03 -6.83
C SER A 750 -59.83 -31.24 -6.67
N ASN A 751 -59.85 -32.14 -7.65
CA ASN A 751 -59.00 -33.30 -7.50
C ASN A 751 -57.52 -32.92 -7.55
N LEU A 752 -57.15 -31.99 -8.42
CA LEU A 752 -55.73 -31.62 -8.50
C LEU A 752 -55.27 -30.94 -7.22
N LEU A 753 -56.15 -30.18 -6.61
CA LEU A 753 -55.90 -29.45 -5.38
C LEU A 753 -55.61 -30.36 -4.21
N LEU A 754 -55.97 -31.64 -4.31
CA LEU A 754 -55.73 -32.52 -3.21
C LEU A 754 -54.25 -32.63 -2.95
N GLN A 755 -53.43 -32.53 -4.00
CA GLN A 755 -52.00 -32.70 -3.84
C GLN A 755 -51.36 -31.62 -2.98
N TYR A 756 -51.94 -30.42 -2.99
CA TYR A 756 -51.40 -29.29 -2.27
C TYR A 756 -52.29 -28.97 -1.06
N GLY A 757 -53.19 -29.88 -0.73
CA GLY A 757 -54.21 -29.66 0.30
C GLY A 757 -53.70 -29.31 1.70
N SER A 758 -52.52 -29.79 2.09
CA SER A 758 -52.01 -29.51 3.43
C SER A 758 -51.79 -28.03 3.66
N PHE A 759 -51.67 -27.27 2.58
CA PHE A 759 -51.49 -25.85 2.67
C PHE A 759 -52.77 -25.10 3.03
N CYS A 760 -53.97 -25.63 2.61
CA CYS A 760 -55.28 -25.06 2.90
C CYS A 760 -55.49 -25.21 4.38
N THR A 761 -55.07 -26.37 4.89
CA THR A 761 -55.24 -26.63 6.29
C THR A 761 -54.43 -25.63 7.09
N GLN A 762 -53.18 -25.38 6.69
CA GLN A 762 -52.38 -24.44 7.45
C GLN A 762 -52.95 -23.03 7.41
N LEU A 763 -53.52 -22.61 6.27
CA LEU A 763 -54.11 -21.28 6.20
C LEU A 763 -55.31 -21.19 7.11
N ASN A 764 -56.09 -22.26 7.20
CA ASN A 764 -57.26 -22.23 8.05
C ASN A 764 -56.84 -22.13 9.49
N ARG A 765 -55.73 -22.77 9.83
CA ARG A 765 -55.30 -22.73 11.21
C ARG A 765 -54.93 -21.32 11.60
N ALA A 766 -54.23 -20.62 10.71
CA ALA A 766 -53.83 -19.27 11.04
C ALA A 766 -55.03 -18.36 11.22
N LEU A 767 -56.03 -18.51 10.35
CA LEU A 767 -57.18 -17.65 10.46
C LEU A 767 -57.97 -17.95 11.69
N THR A 768 -58.06 -19.22 12.05
CA THR A 768 -58.81 -19.57 13.23
C THR A 768 -58.14 -18.95 14.43
N GLY A 769 -56.82 -19.03 14.52
CA GLY A 769 -56.15 -18.47 15.67
C GLY A 769 -56.47 -17.00 15.81
N ILE A 770 -56.49 -16.26 14.70
CA ILE A 770 -56.81 -14.86 14.82
C ILE A 770 -58.22 -14.69 15.32
N ALA A 771 -59.14 -15.44 14.73
CA ALA A 771 -60.53 -15.31 15.07
C ALA A 771 -60.78 -15.56 16.56
N VAL A 772 -60.11 -16.54 17.13
CA VAL A 772 -60.30 -16.83 18.53
C VAL A 772 -59.79 -15.69 19.38
N GLU A 773 -58.64 -15.17 19.01
CA GLU A 773 -58.04 -14.08 19.73
C GLU A 773 -58.92 -12.86 19.73
N GLN A 774 -59.70 -12.64 18.69
CA GLN A 774 -60.53 -11.46 18.69
C GLN A 774 -61.57 -11.50 19.81
N ASP A 775 -62.01 -12.70 20.22
CA ASP A 775 -62.97 -12.71 21.31
C ASP A 775 -62.22 -12.57 22.59
N LYS A 776 -61.00 -13.11 22.64
CA LYS A 776 -60.22 -12.97 23.85
C LYS A 776 -59.93 -11.51 24.10
N ASN A 777 -59.68 -10.74 23.04
CA ASN A 777 -59.35 -9.34 23.18
C ASN A 777 -60.54 -8.60 23.77
N THR A 778 -61.73 -8.93 23.30
CA THR A 778 -62.92 -8.28 23.78
C THR A 778 -63.13 -8.62 25.24
N GLN A 779 -62.93 -9.87 25.59
CA GLN A 779 -63.13 -10.28 26.96
C GLN A 779 -62.14 -9.57 27.86
N GLU A 780 -60.90 -9.43 27.45
CA GLU A 780 -59.96 -8.77 28.34
C GLU A 780 -60.31 -7.32 28.57
N VAL A 781 -60.78 -6.64 27.54
CA VAL A 781 -61.10 -5.25 27.75
C VAL A 781 -62.35 -5.05 28.60
N PHE A 782 -63.41 -5.79 28.34
CA PHE A 782 -64.64 -5.51 29.08
C PHE A 782 -64.99 -6.44 30.24
N ALA A 783 -64.62 -7.71 30.18
CA ALA A 783 -65.08 -8.65 31.20
C ALA A 783 -64.15 -8.69 32.41
N GLN A 784 -63.98 -7.54 33.04
CA GLN A 784 -63.15 -7.39 34.23
C GLN A 784 -63.97 -7.44 35.49
N VAL A 785 -65.26 -7.54 35.30
CA VAL A 785 -66.21 -7.58 36.37
C VAL A 785 -67.06 -8.82 36.22
N LYS A 786 -67.11 -9.63 37.27
CA LYS A 786 -67.90 -10.86 37.24
C LYS A 786 -69.20 -10.67 38.01
N GLN A 787 -69.34 -9.49 38.57
CA GLN A 787 -70.51 -9.10 39.34
C GLN A 787 -71.19 -8.03 38.54
N ILE A 788 -72.29 -8.34 37.93
CA ILE A 788 -72.88 -7.36 37.07
C ILE A 788 -73.80 -6.54 37.88
N TYR A 789 -73.37 -5.34 38.13
CA TYR A 789 -74.07 -4.45 39.01
C TYR A 789 -75.13 -3.72 38.25
N LYS A 790 -76.30 -3.64 38.83
CA LYS A 790 -77.40 -2.91 38.22
C LYS A 790 -77.24 -1.43 38.37
N THR A 791 -77.78 -0.70 37.40
CA THR A 791 -77.78 0.73 37.45
C THR A 791 -78.48 1.09 38.74
N PRO A 792 -77.89 1.91 39.62
CA PRO A 792 -78.46 2.27 40.88
C PRO A 792 -79.81 2.96 40.70
N PRO A 793 -80.79 2.72 41.61
CA PRO A 793 -82.10 3.34 41.67
C PRO A 793 -82.01 4.77 42.19
N ILE A 794 -80.87 5.09 42.78
CA ILE A 794 -80.63 6.37 43.39
C ILE A 794 -79.70 7.14 42.48
N LYS A 795 -80.15 8.30 42.06
CA LYS A 795 -79.36 9.10 41.13
C LYS A 795 -78.71 10.27 41.85
N ASP A 796 -78.78 10.27 43.17
CA ASP A 796 -78.31 11.37 43.97
C ASP A 796 -76.81 11.33 44.20
N PHE A 797 -76.08 11.49 43.11
CA PHE A 797 -74.65 11.49 43.11
C PHE A 797 -74.18 12.91 43.34
N GLY A 798 -74.48 13.42 44.52
CA GLY A 798 -74.20 14.80 44.83
C GLY A 798 -75.01 15.66 43.86
N GLY A 799 -74.36 16.60 43.19
CA GLY A 799 -75.02 17.49 42.22
C GLY A 799 -74.78 17.05 40.77
N PHE A 800 -74.23 15.87 40.60
CA PHE A 800 -73.83 15.39 39.30
C PHE A 800 -74.99 14.66 38.61
N ASN A 801 -75.02 14.74 37.26
CA ASN A 801 -76.07 14.18 36.39
C ASN A 801 -75.80 12.71 35.96
N PHE A 802 -74.85 12.46 35.01
CA PHE A 802 -74.45 11.14 34.44
C PHE A 802 -75.53 10.37 33.68
N SER A 803 -76.67 10.99 33.40
CA SER A 803 -77.74 10.25 32.73
C SER A 803 -77.45 9.88 31.28
N GLN A 804 -76.47 10.53 30.68
CA GLN A 804 -76.13 10.27 29.29
C GLN A 804 -75.00 9.24 29.21
N ILE A 805 -74.49 8.87 30.39
CA ILE A 805 -73.41 7.92 30.58
C ILE A 805 -73.98 6.56 30.95
N LEU A 806 -74.97 6.58 31.84
CA LEU A 806 -75.64 5.39 32.33
C LEU A 806 -76.59 4.81 31.27
N PRO A 807 -76.89 3.50 31.29
CA PRO A 807 -77.79 2.84 30.37
C PRO A 807 -79.15 3.48 30.37
N ASP A 808 -79.77 3.59 29.20
CA ASP A 808 -81.11 4.16 29.10
C ASP A 808 -82.18 3.14 29.51
N PRO A 809 -82.91 3.30 30.65
CA PRO A 809 -83.90 2.36 31.16
C PRO A 809 -85.07 2.12 30.20
N SER A 810 -85.29 3.05 29.27
CA SER A 810 -86.40 2.94 28.35
C SER A 810 -86.03 2.27 27.03
N LYS A 811 -84.75 1.99 26.84
CA LYS A 811 -84.31 1.44 25.60
C LYS A 811 -84.17 -0.08 25.75
N PRO A 812 -84.63 -0.91 24.80
CA PRO A 812 -84.41 -2.36 24.78
C PRO A 812 -82.93 -2.72 24.94
N SER A 813 -82.10 -1.90 24.31
CA SER A 813 -80.66 -1.98 24.34
C SER A 813 -80.17 -1.49 25.68
N LYS A 814 -79.04 -1.99 26.11
CA LYS A 814 -78.51 -1.58 27.41
C LYS A 814 -77.56 -0.41 27.28
N ARG A 815 -77.48 0.14 26.09
CA ARG A 815 -76.65 1.29 25.82
C ARG A 815 -77.17 2.59 26.45
N SER A 816 -76.22 3.42 26.84
CA SER A 816 -76.44 4.77 27.33
C SER A 816 -76.71 5.64 26.14
N PHE A 817 -77.13 6.88 26.34
CA PHE A 817 -77.36 7.75 25.20
C PHE A 817 -76.10 7.93 24.37
N ILE A 818 -74.97 8.21 25.04
CA ILE A 818 -73.72 8.38 24.34
C ILE A 818 -73.35 7.11 23.59
N GLU A 819 -73.50 5.95 24.23
CA GLU A 819 -73.18 4.72 23.54
C GLU A 819 -74.07 4.52 22.34
N ASP A 820 -75.33 4.88 22.46
CA ASP A 820 -76.20 4.67 21.33
C ASP A 820 -75.71 5.56 20.19
N LEU A 821 -75.21 6.77 20.49
CA LEU A 821 -74.67 7.58 19.42
C LEU A 821 -73.42 6.94 18.83
N LEU A 822 -72.56 6.35 19.66
CA LEU A 822 -71.32 5.76 19.13
C LEU A 822 -71.64 4.64 18.14
N PHE A 823 -72.66 3.85 18.46
CA PHE A 823 -73.10 2.77 17.62
C PHE A 823 -73.74 3.27 16.35
N ASN A 824 -74.46 4.36 16.43
CA ASN A 824 -75.06 4.92 15.27
C ASN A 824 -74.04 5.60 14.35
N LYS A 825 -72.94 6.10 14.91
CA LYS A 825 -71.95 6.77 14.07
C LYS A 825 -70.99 5.83 13.35
N VAL A 826 -70.63 4.70 13.96
CA VAL A 826 -69.71 3.81 13.26
C VAL A 826 -70.53 2.98 12.28
N THR A 827 -70.12 2.93 11.02
CA THR A 827 -70.88 2.21 10.04
C THR A 827 -70.34 0.86 9.73
N LEU A 828 -71.19 -0.15 9.84
CA LEU A 828 -70.75 -1.49 9.53
C LEU A 828 -71.25 -1.83 8.15
N ALA A 829 -70.49 -2.65 7.43
CA ALA A 829 -70.88 -3.02 6.07
C ALA A 829 -72.22 -3.76 6.01
N ASP A 830 -72.51 -4.58 7.01
CA ASP A 830 -73.75 -5.34 7.04
C ASP A 830 -74.04 -5.77 8.48
N ALA A 831 -75.16 -6.45 8.69
CA ALA A 831 -75.48 -6.94 10.03
C ALA A 831 -76.36 -8.19 10.03
N GLY A 832 -76.22 -9.00 11.07
CA GLY A 832 -77.04 -10.19 11.34
C GLY A 832 -76.37 -11.50 10.94
N PHE A 833 -75.36 -11.44 10.07
CA PHE A 833 -74.58 -12.60 9.63
C PHE A 833 -75.35 -13.73 8.93
N ILE A 834 -76.60 -13.52 8.54
CA ILE A 834 -77.33 -14.58 7.85
C ILE A 834 -77.88 -14.14 6.50
N LYS A 835 -77.54 -14.86 5.45
CA LYS A 835 -78.09 -14.60 4.13
C LYS A 835 -78.50 -15.92 3.59
N GLN A 836 -79.69 -16.06 3.09
CA GLN A 836 -80.02 -17.39 2.62
C GLN A 836 -79.65 -17.49 1.17
N TYR A 837 -79.42 -18.69 0.69
CA TYR A 837 -79.05 -18.86 -0.71
C TYR A 837 -80.02 -18.19 -1.65
N GLY A 838 -81.31 -18.39 -1.42
CA GLY A 838 -82.34 -17.83 -2.28
C GLY A 838 -82.27 -16.31 -2.34
N ASP A 839 -81.78 -15.65 -1.30
CA ASP A 839 -81.71 -14.20 -1.24
C ASP A 839 -80.79 -13.58 -2.30
N CYS A 840 -79.76 -14.32 -2.78
CA CYS A 840 -78.78 -13.88 -3.76
C CYS A 840 -78.99 -14.64 -5.07
N LEU A 841 -80.10 -15.34 -5.20
CA LEU A 841 -80.24 -16.17 -6.37
C LEU A 841 -80.77 -15.44 -7.58
N GLY A 842 -79.85 -14.70 -8.18
CA GLY A 842 -80.12 -13.85 -9.34
C GLY A 842 -78.99 -12.86 -9.61
N ASP A 843 -79.27 -11.87 -10.44
CA ASP A 843 -78.30 -10.85 -10.87
C ASP A 843 -77.75 -10.09 -9.69
N ILE A 844 -78.57 -9.99 -8.67
CA ILE A 844 -78.32 -9.33 -7.42
C ILE A 844 -77.03 -9.77 -6.73
N ALA A 845 -76.59 -11.00 -6.99
CA ALA A 845 -75.39 -11.52 -6.37
C ALA A 845 -74.18 -10.67 -6.75
N ALA A 846 -74.23 -10.02 -7.91
CA ALA A 846 -73.13 -9.20 -8.38
C ALA A 846 -73.15 -7.80 -7.78
N ARG A 847 -74.26 -7.42 -7.14
CA ARG A 847 -74.38 -6.09 -6.57
C ARG A 847 -74.06 -6.13 -5.09
N ASP A 848 -74.35 -7.26 -4.46
CA ASP A 848 -74.09 -7.45 -3.05
C ASP A 848 -72.68 -7.98 -2.88
N LEU A 849 -71.74 -7.10 -2.53
CA LEU A 849 -70.35 -7.53 -2.48
C LEU A 849 -70.09 -8.57 -1.42
N ILE A 850 -70.78 -8.46 -0.30
CA ILE A 850 -70.56 -9.46 0.74
C ILE A 850 -71.02 -10.84 0.26
N CYS A 851 -72.19 -10.93 -0.41
CA CYS A 851 -72.70 -12.19 -0.94
C CYS A 851 -71.70 -12.69 -2.00
N ALA A 852 -71.16 -11.78 -2.81
CA ALA A 852 -70.18 -12.19 -3.80
C ALA A 852 -68.98 -12.82 -3.10
N GLN A 853 -68.59 -12.29 -1.94
CA GLN A 853 -67.49 -12.87 -1.21
C GLN A 853 -67.88 -14.28 -0.72
N LYS A 854 -69.11 -14.45 -0.26
CA LYS A 854 -69.56 -15.75 0.24
C LYS A 854 -69.53 -16.81 -0.84
N PHE A 855 -69.87 -16.43 -2.06
CA PHE A 855 -69.88 -17.36 -3.17
C PHE A 855 -68.51 -17.82 -3.60
N ASN A 856 -67.47 -17.17 -3.11
CA ASN A 856 -66.12 -17.52 -3.43
C ASN A 856 -65.43 -18.13 -2.21
N GLY A 857 -66.24 -18.54 -1.24
CA GLY A 857 -65.70 -19.20 -0.05
C GLY A 857 -65.21 -18.27 1.04
N LEU A 858 -65.51 -16.99 0.96
CA LEU A 858 -65.01 -16.10 1.98
C LEU A 858 -66.12 -15.75 2.91
N THR A 859 -66.01 -16.07 4.18
CA THR A 859 -67.10 -15.71 5.06
C THR A 859 -66.66 -14.89 6.24
N VAL A 860 -67.66 -14.45 6.96
CA VAL A 860 -67.51 -13.64 8.15
C VAL A 860 -68.18 -14.32 9.31
N LEU A 861 -67.45 -14.41 10.41
CA LEU A 861 -67.96 -15.08 11.58
C LEU A 861 -68.52 -14.08 12.59
N PRO A 862 -69.56 -14.42 13.35
CA PRO A 862 -70.11 -13.59 14.40
C PRO A 862 -69.16 -13.56 15.59
N PRO A 863 -69.18 -12.50 16.40
CA PRO A 863 -68.47 -12.32 17.66
C PRO A 863 -69.14 -13.21 18.65
N LEU A 864 -68.44 -13.65 19.67
CA LEU A 864 -69.08 -14.40 20.72
C LEU A 864 -69.91 -13.54 21.62
N LEU A 865 -69.41 -12.37 21.97
CA LEU A 865 -70.17 -11.50 22.83
C LEU A 865 -70.97 -10.59 21.96
N THR A 866 -72.19 -10.29 22.37
CA THR A 866 -73.06 -9.41 21.63
C THR A 866 -72.95 -8.00 22.12
N ASP A 867 -73.55 -7.08 21.38
CA ASP A 867 -73.53 -5.68 21.76
C ASP A 867 -74.23 -5.49 23.08
N GLU A 868 -75.28 -6.27 23.31
CA GLU A 868 -76.02 -6.16 24.54
C GLU A 868 -75.16 -6.63 25.70
N MET A 869 -74.41 -7.71 25.50
CA MET A 869 -73.57 -8.21 26.58
C MET A 869 -72.49 -7.20 26.92
N ILE A 870 -71.96 -6.53 25.91
CA ILE A 870 -70.93 -5.56 26.20
C ILE A 870 -71.54 -4.43 26.96
N ALA A 871 -72.73 -3.99 26.56
CA ALA A 871 -73.39 -2.92 27.27
C ALA A 871 -73.63 -3.34 28.72
N GLN A 872 -73.92 -4.62 28.96
CA GLN A 872 -74.11 -5.08 30.32
C GLN A 872 -72.80 -4.97 31.11
N TYR A 873 -71.66 -5.22 30.48
CA TYR A 873 -70.41 -5.10 31.20
C TYR A 873 -70.10 -3.64 31.46
N THR A 874 -70.39 -2.75 30.50
CA THR A 874 -70.09 -1.36 30.76
C THR A 874 -71.04 -0.85 31.82
N SER A 875 -72.26 -1.38 31.84
CA SER A 875 -73.23 -0.97 32.84
C SER A 875 -72.73 -1.32 34.20
N ALA A 876 -72.21 -2.54 34.36
CA ALA A 876 -71.68 -2.97 35.64
C ALA A 876 -70.52 -2.11 36.07
N LEU A 877 -69.68 -1.73 35.12
CA LEU A 877 -68.55 -0.90 35.45
C LEU A 877 -69.01 0.45 35.90
N LEU A 878 -70.02 1.00 35.24
CA LEU A 878 -70.49 2.30 35.63
C LEU A 878 -71.20 2.25 36.96
N ALA A 879 -71.99 1.22 37.20
CA ALA A 879 -72.69 1.12 38.46
C ALA A 879 -71.70 0.98 39.59
N GLY A 880 -70.65 0.19 39.34
CA GLY A 880 -69.62 -0.07 40.31
C GLY A 880 -68.86 1.19 40.67
N THR A 881 -68.38 1.90 39.66
CA THR A 881 -67.57 3.06 39.94
C THR A 881 -68.38 4.26 40.33
N ILE A 882 -69.66 4.30 39.97
CA ILE A 882 -70.42 5.45 40.38
C ILE A 882 -70.81 5.31 41.85
N THR A 883 -71.11 4.09 42.33
CA THR A 883 -71.53 3.94 43.72
C THR A 883 -70.48 3.49 44.75
N SER A 884 -69.42 2.78 44.33
CA SER A 884 -68.39 2.31 45.26
C SER A 884 -67.03 2.93 44.91
N GLY A 885 -66.90 3.36 43.67
CA GLY A 885 -65.67 3.96 43.20
C GLY A 885 -64.54 2.94 43.25
N TRP A 886 -63.46 3.29 43.93
CA TRP A 886 -62.31 2.40 44.02
C TRP A 886 -62.64 1.08 44.61
N THR A 887 -63.57 1.09 45.55
CA THR A 887 -63.84 -0.09 46.29
C THR A 887 -64.89 -0.93 45.68
N PHE A 888 -65.30 -0.61 44.44
CA PHE A 888 -66.24 -1.53 43.85
C PHE A 888 -65.47 -2.80 43.49
N GLY A 889 -64.15 -2.67 43.26
CA GLY A 889 -63.36 -3.81 42.85
C GLY A 889 -62.36 -4.21 43.91
N ALA A 890 -61.44 -5.12 43.53
CA ALA A 890 -60.42 -5.65 44.44
C ALA A 890 -61.06 -6.24 45.69
N GLY A 891 -62.20 -6.92 45.54
CA GLY A 891 -62.92 -7.49 46.65
C GLY A 891 -64.40 -7.22 46.46
N ALA A 892 -65.18 -7.26 47.55
CA ALA A 892 -66.61 -7.01 47.50
C ALA A 892 -66.81 -5.55 47.19
N ALA A 893 -67.93 -5.17 46.58
CA ALA A 893 -68.13 -3.76 46.34
C ALA A 893 -68.63 -3.05 47.58
N LEU A 894 -67.85 -2.08 48.02
CA LEU A 894 -68.14 -1.30 49.21
C LEU A 894 -68.66 0.08 48.86
N GLN A 895 -69.88 0.39 49.27
CA GLN A 895 -70.49 1.69 48.93
C GLN A 895 -69.80 2.88 49.58
N ILE A 896 -69.89 4.02 48.90
CA ILE A 896 -69.40 5.33 49.38
C ILE A 896 -70.12 6.50 48.66
N PRO A 897 -70.50 7.61 49.33
CA PRO A 897 -71.12 8.76 48.70
C PRO A 897 -70.23 9.28 47.60
N PHE A 898 -70.85 9.75 46.53
CA PHE A 898 -70.10 10.21 45.38
C PHE A 898 -69.17 11.35 45.67
N ALA A 899 -69.63 12.30 46.46
CA ALA A 899 -68.79 13.44 46.76
C ALA A 899 -67.53 12.98 47.47
N MET A 900 -67.66 11.96 48.31
CA MET A 900 -66.50 11.47 49.01
C MET A 900 -65.59 10.77 48.04
N GLN A 901 -66.17 10.06 47.09
CA GLN A 901 -65.30 9.36 46.16
C GLN A 901 -64.42 10.37 45.46
N MET A 902 -65.01 11.48 45.05
CA MET A 902 -64.19 12.47 44.40
C MET A 902 -63.24 13.12 45.37
N ALA A 903 -63.65 13.31 46.63
CA ALA A 903 -62.74 13.94 47.57
C ALA A 903 -61.47 13.14 47.69
N TYR A 904 -61.59 11.81 47.66
CA TYR A 904 -60.41 10.98 47.76
C TYR A 904 -59.60 11.05 46.49
N ARG A 905 -60.28 11.17 45.34
CA ARG A 905 -59.55 11.28 44.08
C ARG A 905 -58.76 12.59 44.07
N PHE A 906 -59.35 13.66 44.62
CA PHE A 906 -58.69 14.95 44.66
C PHE A 906 -57.49 14.90 45.56
N ASN A 907 -57.61 14.19 46.69
CA ASN A 907 -56.47 14.08 47.58
C ASN A 907 -55.34 13.38 46.84
N GLY A 908 -55.73 12.42 45.98
CA GLY A 908 -54.80 11.66 45.14
C GLY A 908 -54.05 12.54 44.13
N ILE A 909 -54.77 13.51 43.55
CA ILE A 909 -54.17 14.48 42.63
C ILE A 909 -53.20 15.37 43.37
N GLY A 910 -53.61 15.76 44.57
CA GLY A 910 -52.83 16.66 45.40
C GLY A 910 -53.58 17.95 45.63
N VAL A 911 -54.91 17.85 45.65
CA VAL A 911 -55.80 18.95 45.86
C VAL A 911 -56.54 18.70 47.16
N THR A 912 -56.48 19.63 48.10
CA THR A 912 -57.20 19.37 49.34
C THR A 912 -58.66 19.14 49.08
N GLN A 913 -59.25 18.25 49.88
CA GLN A 913 -60.64 17.86 49.78
C GLN A 913 -61.58 19.03 50.00
N ASN A 914 -61.06 20.06 50.64
CA ASN A 914 -61.84 21.22 50.92
C ASN A 914 -62.23 21.92 49.64
N VAL A 915 -61.46 21.76 48.56
CA VAL A 915 -61.79 22.46 47.34
C VAL A 915 -63.10 21.94 46.83
N LEU A 916 -63.27 20.61 46.85
CA LEU A 916 -64.50 20.02 46.38
C LEU A 916 -65.67 20.42 47.22
N TYR A 917 -65.51 20.44 48.51
CA TYR A 917 -66.70 20.76 49.24
C TYR A 917 -67.08 22.22 49.01
N GLU A 918 -66.08 23.10 48.97
CA GLU A 918 -66.34 24.53 48.80
C GLU A 918 -66.95 24.85 47.45
N ASN A 919 -66.49 24.13 46.44
CA ASN A 919 -66.91 24.33 45.08
C ASN A 919 -67.75 23.16 44.60
N GLN A 920 -68.41 22.43 45.49
CA GLN A 920 -69.14 21.26 45.02
C GLN A 920 -70.17 21.56 43.94
N LYS A 921 -70.87 22.69 44.04
CA LYS A 921 -71.87 23.03 43.04
C LYS A 921 -71.19 23.36 41.72
N LEU A 922 -70.05 24.04 41.80
CA LEU A 922 -69.31 24.44 40.61
C LEU A 922 -68.79 23.24 39.88
N ILE A 923 -68.23 22.32 40.62
CA ILE A 923 -67.64 21.15 40.06
C ILE A 923 -68.68 20.32 39.39
N ALA A 924 -69.82 20.12 40.03
CA ALA A 924 -70.85 19.35 39.41
C ALA A 924 -71.30 20.03 38.14
N ASN A 925 -71.39 21.38 38.13
CA ASN A 925 -71.82 22.01 36.92
C ASN A 925 -70.77 21.91 35.84
N GLN A 926 -69.48 21.99 36.19
CA GLN A 926 -68.45 21.91 35.16
C GLN A 926 -68.47 20.54 34.52
N PHE A 927 -68.68 19.52 35.33
CA PHE A 927 -68.77 18.17 34.81
C PHE A 927 -69.96 18.00 33.93
N ASN A 928 -71.12 18.43 34.42
CA ASN A 928 -72.34 18.22 33.68
C ASN A 928 -72.27 18.94 32.33
N SER A 929 -71.63 20.11 32.31
CA SER A 929 -71.47 20.84 31.08
C SER A 929 -70.49 20.14 30.17
N ALA A 930 -69.40 19.60 30.73
CA ALA A 930 -68.41 18.92 29.91
C ALA A 930 -69.03 17.73 29.20
N ILE A 931 -69.91 17.02 29.89
CA ILE A 931 -70.52 15.87 29.27
C ILE A 931 -71.45 16.32 28.17
N GLY A 932 -72.23 17.37 28.41
CA GLY A 932 -73.10 17.85 27.34
C GLY A 932 -72.28 18.24 26.11
N LYS A 933 -71.10 18.84 26.33
CA LYS A 933 -70.26 19.23 25.22
C LYS A 933 -69.80 18.01 24.43
N ILE A 934 -69.47 16.93 25.13
CA ILE A 934 -69.08 15.71 24.45
C ILE A 934 -70.23 15.17 23.65
N GLN A 935 -71.42 15.17 24.24
CA GLN A 935 -72.58 14.68 23.56
C GLN A 935 -72.81 15.44 22.27
N ASP A 936 -72.65 16.76 22.31
CA ASP A 936 -72.86 17.57 21.12
C ASP A 936 -71.74 17.36 20.12
N SER A 937 -70.52 17.20 20.61
CA SER A 937 -69.38 16.99 19.75
C SER A 937 -69.55 15.70 18.99
N LEU A 938 -69.97 14.65 19.70
CA LEU A 938 -70.21 13.35 19.13
C LEU A 938 -71.36 13.37 18.14
N SER A 939 -72.42 14.09 18.47
CA SER A 939 -73.55 14.18 17.56
C SER A 939 -73.13 14.83 16.24
N SER A 940 -72.33 15.90 16.32
CA SER A 940 -71.88 16.63 15.14
C SER A 940 -70.78 15.97 14.28
N THR A 941 -69.66 15.58 14.89
CA THR A 941 -68.55 15.03 14.11
C THR A 941 -68.18 13.60 14.45
N ALA A 942 -68.31 12.72 13.47
CA ALA A 942 -67.99 11.30 13.66
C ALA A 942 -66.56 10.94 13.29
N SER A 943 -65.76 11.91 12.84
CA SER A 943 -64.41 11.61 12.37
C SER A 943 -63.51 11.06 13.46
N ALA A 944 -63.80 11.37 14.72
CA ALA A 944 -63.03 10.85 15.84
C ALA A 944 -63.07 9.33 15.89
N LEU A 945 -64.16 8.76 15.39
CA LEU A 945 -64.41 7.34 15.44
C LEU A 945 -63.82 6.64 14.26
N GLY A 946 -63.12 7.41 13.42
CA GLY A 946 -62.50 6.89 12.22
C GLY A 946 -61.59 5.73 12.55
N LYS A 947 -60.95 5.72 13.71
CA LYS A 947 -60.10 4.59 14.01
C LYS A 947 -60.87 3.27 14.01
N LEU A 948 -62.12 3.30 14.46
CA LEU A 948 -62.90 2.08 14.52
C LEU A 948 -63.39 1.77 13.12
N GLN A 949 -63.69 2.85 12.40
CA GLN A 949 -64.21 2.70 11.06
C GLN A 949 -63.15 2.10 10.16
N ASP A 950 -61.89 2.45 10.41
CA ASP A 950 -60.75 1.99 9.66
C ASP A 950 -60.52 0.53 9.90
N VAL A 951 -60.70 0.05 11.13
CA VAL A 951 -60.51 -1.37 11.33
C VAL A 951 -61.53 -2.13 10.49
N VAL A 952 -62.76 -1.64 10.50
CA VAL A 952 -63.79 -2.30 9.75
C VAL A 952 -63.54 -2.21 8.25
N ASN A 953 -63.16 -1.05 7.77
CA ASN A 953 -62.96 -0.87 6.35
C ASN A 953 -61.81 -1.69 5.83
N GLN A 954 -60.76 -1.83 6.63
CA GLN A 954 -59.61 -2.59 6.19
C GLN A 954 -59.92 -4.06 6.04
N ASN A 955 -60.76 -4.60 6.93
CA ASN A 955 -61.08 -6.00 6.77
C ASN A 955 -61.99 -6.19 5.56
N ALA A 956 -62.87 -5.21 5.33
CA ALA A 956 -63.76 -5.29 4.18
C ALA A 956 -62.96 -5.26 2.89
N GLN A 957 -61.93 -4.42 2.85
CA GLN A 957 -61.12 -4.29 1.68
C GLN A 957 -60.35 -5.55 1.42
N ALA A 958 -59.86 -6.18 2.48
CA ALA A 958 -59.09 -7.37 2.28
C ALA A 958 -59.90 -8.48 1.62
N LEU A 959 -61.18 -8.61 1.98
CA LEU A 959 -61.93 -9.66 1.31
C LEU A 959 -62.33 -9.22 -0.09
N ASN A 960 -62.55 -7.93 -0.32
CA ASN A 960 -62.88 -7.51 -1.67
C ASN A 960 -61.68 -7.71 -2.56
N THR A 961 -60.50 -7.55 -1.98
CA THR A 961 -59.26 -7.74 -2.70
C THR A 961 -59.17 -9.20 -3.11
N LEU A 962 -59.47 -10.12 -2.20
CA LEU A 962 -59.41 -11.52 -2.59
C LEU A 962 -60.35 -11.84 -3.71
N VAL A 963 -61.54 -11.24 -3.73
CA VAL A 963 -62.42 -11.53 -4.85
C VAL A 963 -61.86 -10.97 -6.14
N LYS A 964 -61.41 -9.73 -6.12
CA LYS A 964 -60.91 -9.13 -7.33
C LYS A 964 -59.72 -9.88 -7.92
N GLN A 965 -58.86 -10.41 -7.06
CA GLN A 965 -57.66 -11.10 -7.50
C GLN A 965 -57.95 -12.42 -8.18
N LEU A 966 -59.17 -12.90 -8.10
CA LEU A 966 -59.56 -14.14 -8.73
C LEU A 966 -59.44 -14.02 -10.24
N SER A 967 -59.57 -12.80 -10.76
CA SER A 967 -59.55 -12.60 -12.19
C SER A 967 -58.16 -12.70 -12.79
N SER A 968 -57.12 -12.69 -11.97
CA SER A 968 -55.76 -12.75 -12.49
C SER A 968 -55.44 -14.09 -13.13
N ASN A 969 -54.68 -14.07 -14.21
CA ASN A 969 -54.29 -15.30 -14.90
C ASN A 969 -53.08 -15.96 -14.30
N PHE A 970 -52.17 -15.21 -13.72
CA PHE A 970 -50.97 -15.79 -13.14
C PHE A 970 -50.17 -16.67 -14.13
N GLY A 971 -50.13 -16.29 -15.41
CA GLY A 971 -49.40 -17.07 -16.40
C GLY A 971 -50.31 -18.00 -17.19
N ALA A 972 -51.54 -18.15 -16.73
CA ALA A 972 -52.52 -18.98 -17.40
C ALA A 972 -53.06 -18.28 -18.64
N ILE A 973 -53.62 -19.07 -19.52
CA ILE A 973 -54.30 -18.56 -20.70
C ILE A 973 -55.51 -17.74 -20.29
N SER A 974 -56.24 -18.25 -19.32
CA SER A 974 -57.44 -17.64 -18.79
C SER A 974 -57.57 -17.93 -17.33
N SER A 975 -58.12 -16.97 -16.60
CA SER A 975 -58.36 -17.06 -15.17
C SER A 975 -59.61 -17.85 -14.81
N VAL A 976 -60.39 -18.18 -15.81
CA VAL A 976 -61.60 -18.91 -15.58
C VAL A 976 -61.39 -20.41 -15.79
N LEU A 977 -61.67 -21.19 -14.75
CA LEU A 977 -61.48 -22.63 -14.82
C LEU A 977 -62.35 -23.26 -15.88
N ASN A 978 -63.52 -22.70 -16.08
CA ASN A 978 -64.41 -23.23 -17.07
C ASN A 978 -63.87 -23.05 -18.49
N ASP A 979 -63.09 -22.00 -18.74
CA ASP A 979 -62.58 -21.81 -20.08
C ASP A 979 -61.51 -22.84 -20.33
N ILE A 980 -60.75 -23.09 -19.28
CA ILE A 980 -59.66 -24.02 -19.37
C ILE A 980 -60.18 -25.41 -19.62
N LEU A 981 -61.18 -25.80 -18.86
CA LEU A 981 -61.72 -27.12 -18.99
C LEU A 981 -62.48 -27.31 -20.27
N SER A 982 -63.14 -26.28 -20.77
CA SER A 982 -63.81 -26.47 -22.02
C SER A 982 -62.86 -26.67 -23.18
N ARG A 983 -61.79 -25.89 -23.24
CA ARG A 983 -60.88 -25.98 -24.38
C ARG A 983 -59.76 -27.01 -24.30
N LEU A 984 -59.32 -27.37 -23.11
CA LEU A 984 -58.21 -28.27 -23.03
C LEU A 984 -58.55 -29.66 -22.54
N ASP A 985 -57.79 -30.62 -23.01
CA ASP A 985 -57.95 -31.98 -22.54
C ASP A 985 -57.30 -32.02 -21.17
N PRO A 986 -57.44 -33.08 -20.37
CA PRO A 986 -56.84 -33.17 -19.08
C PRO A 986 -55.35 -32.79 -19.01
N PRO A 987 -54.41 -33.42 -19.72
CA PRO A 987 -53.01 -33.10 -19.52
C PRO A 987 -52.65 -31.66 -19.85
N GLU A 988 -53.41 -31.00 -20.74
CA GLU A 988 -53.10 -29.60 -20.97
C GLU A 988 -53.79 -28.73 -19.94
N ALA A 989 -55.00 -29.12 -19.55
CA ALA A 989 -55.78 -28.37 -18.58
C ALA A 989 -55.04 -28.32 -17.28
N GLU A 990 -54.35 -29.39 -16.96
CA GLU A 990 -53.62 -29.49 -15.72
C GLU A 990 -52.57 -28.42 -15.62
N VAL A 991 -51.97 -28.03 -16.73
CA VAL A 991 -50.94 -27.03 -16.63
C VAL A 991 -51.57 -25.71 -16.28
N GLN A 992 -52.65 -25.39 -16.96
CA GLN A 992 -53.27 -24.11 -16.75
C GLN A 992 -53.88 -24.03 -15.36
N ILE A 993 -54.39 -25.17 -14.90
CA ILE A 993 -55.00 -25.21 -13.60
C ILE A 993 -53.94 -25.06 -12.55
N ASP A 994 -52.81 -25.76 -12.69
CA ASP A 994 -51.79 -25.64 -11.68
C ASP A 994 -51.29 -24.20 -11.60
N ARG A 995 -51.22 -23.49 -12.74
CA ARG A 995 -50.78 -22.12 -12.64
C ARG A 995 -51.79 -21.32 -11.84
N LEU A 996 -53.07 -21.56 -12.05
CA LEU A 996 -54.04 -20.80 -11.29
C LEU A 996 -54.05 -21.21 -9.85
N ILE A 997 -53.82 -22.47 -9.54
CA ILE A 997 -53.85 -22.86 -8.14
C ILE A 997 -52.71 -22.17 -7.44
N THR A 998 -51.54 -22.14 -8.03
CA THR A 998 -50.45 -21.49 -7.36
C THR A 998 -50.80 -20.05 -7.09
N GLY A 999 -51.35 -19.38 -8.10
CA GLY A 999 -51.70 -17.99 -7.94
C GLY A 999 -52.76 -17.73 -6.88
N ARG A 1000 -53.75 -18.59 -6.80
CA ARG A 1000 -54.79 -18.43 -5.83
C ARG A 1000 -54.22 -18.61 -4.45
N LEU A 1001 -53.26 -19.52 -4.30
CA LEU A 1001 -52.66 -19.70 -3.01
C LEU A 1001 -51.80 -18.53 -2.66
N GLN A 1002 -51.15 -17.91 -3.64
CA GLN A 1002 -50.35 -16.75 -3.28
C GLN A 1002 -51.27 -15.68 -2.71
N SER A 1003 -52.46 -15.53 -3.28
CA SER A 1003 -53.39 -14.54 -2.76
C SER A 1003 -53.86 -14.88 -1.38
N LEU A 1004 -54.16 -16.14 -1.12
CA LEU A 1004 -54.63 -16.50 0.20
C LEU A 1004 -53.54 -16.37 1.24
N GLN A 1005 -52.32 -16.70 0.88
CA GLN A 1005 -51.22 -16.61 1.80
C GLN A 1005 -50.93 -15.17 2.11
N THR A 1006 -51.03 -14.30 1.11
CA THR A 1006 -50.80 -12.90 1.34
C THR A 1006 -51.84 -12.38 2.28
N TYR A 1007 -53.09 -12.77 2.04
CA TYR A 1007 -54.20 -12.36 2.87
C TYR A 1007 -53.99 -12.75 4.29
N VAL A 1008 -53.62 -14.00 4.53
CA VAL A 1008 -53.44 -14.44 5.88
C VAL A 1008 -52.32 -13.68 6.53
N THR A 1009 -51.22 -13.46 5.81
CA THR A 1009 -50.10 -12.76 6.39
C THR A 1009 -50.51 -11.36 6.79
N GLN A 1010 -51.27 -10.68 5.93
CA GLN A 1010 -51.70 -9.34 6.26
C GLN A 1010 -52.64 -9.35 7.45
N GLN A 1011 -53.50 -10.36 7.54
CA GLN A 1011 -54.39 -10.40 8.67
C GLN A 1011 -53.62 -10.65 9.95
N LEU A 1012 -52.55 -11.47 9.89
CA LEU A 1012 -51.75 -11.73 11.07
C LEU A 1012 -51.02 -10.48 11.54
N ILE A 1013 -50.51 -9.70 10.60
CA ILE A 1013 -49.82 -8.50 11.01
C ILE A 1013 -50.81 -7.52 11.62
N ARG A 1014 -51.97 -7.38 10.99
CA ARG A 1014 -52.97 -6.48 11.53
C ARG A 1014 -53.43 -6.97 12.88
N ALA A 1015 -53.51 -8.28 13.03
CA ALA A 1015 -53.93 -8.87 14.27
C ALA A 1015 -52.95 -8.51 15.36
N ALA A 1016 -51.67 -8.45 15.04
CA ALA A 1016 -50.72 -8.10 16.08
C ALA A 1016 -51.00 -6.71 16.59
N GLU A 1017 -51.36 -5.82 15.68
CA GLU A 1017 -51.62 -4.46 16.09
C GLU A 1017 -52.91 -4.34 16.85
N ILE A 1018 -53.93 -5.10 16.47
CA ILE A 1018 -55.19 -4.98 17.20
C ILE A 1018 -54.98 -5.58 18.57
N ARG A 1019 -54.17 -6.63 18.69
CA ARG A 1019 -53.91 -7.21 20.00
C ARG A 1019 -53.25 -6.18 20.89
N ALA A 1020 -52.29 -5.44 20.35
CA ALA A 1020 -51.62 -4.44 21.15
C ALA A 1020 -52.57 -3.36 21.61
N SER A 1021 -53.48 -2.94 20.72
CA SER A 1021 -54.43 -1.91 21.07
C SER A 1021 -55.37 -2.41 22.15
N ALA A 1022 -55.84 -3.65 22.00
CA ALA A 1022 -56.75 -4.22 22.97
C ALA A 1022 -56.08 -4.33 24.31
N ASN A 1023 -54.79 -4.66 24.34
CA ASN A 1023 -54.12 -4.80 25.60
C ASN A 1023 -53.99 -3.47 26.28
N LEU A 1024 -53.76 -2.42 25.50
CA LEU A 1024 -53.66 -1.11 26.08
C LEU A 1024 -55.02 -0.68 26.61
N ALA A 1025 -56.07 -0.99 25.85
CA ALA A 1025 -57.41 -0.63 26.26
C ALA A 1025 -57.80 -1.31 27.53
N ALA A 1026 -57.43 -2.58 27.67
CA ALA A 1026 -57.75 -3.31 28.88
C ALA A 1026 -56.99 -2.70 30.02
N THR A 1027 -55.76 -2.30 29.76
CA THR A 1027 -54.96 -1.71 30.80
C THR A 1027 -55.59 -0.42 31.25
N LYS A 1028 -56.00 0.43 30.32
CA LYS A 1028 -56.63 1.68 30.68
C LYS A 1028 -57.96 1.45 31.38
N MET A 1029 -58.70 0.44 30.97
CA MET A 1029 -59.95 0.21 31.64
C MET A 1029 -59.65 0.01 33.11
N SER A 1030 -58.71 -0.86 33.41
CA SER A 1030 -58.48 -1.09 34.81
C SER A 1030 -57.81 0.09 35.51
N GLU A 1031 -56.86 0.73 34.87
CA GLU A 1031 -56.13 1.80 35.52
C GLU A 1031 -56.86 3.16 35.65
N CYS A 1032 -57.80 3.49 34.73
CA CYS A 1032 -58.55 4.74 34.67
C CYS A 1032 -59.95 4.60 35.27
N VAL A 1033 -60.57 3.41 35.16
CA VAL A 1033 -61.94 3.22 35.62
C VAL A 1033 -61.99 2.51 36.97
N LEU A 1034 -61.27 1.39 37.10
CA LEU A 1034 -61.29 0.58 38.33
C LEU A 1034 -60.42 1.14 39.45
N GLY A 1035 -59.60 2.11 39.11
CA GLY A 1035 -58.69 2.73 40.05
C GLY A 1035 -58.33 4.11 39.52
N GLN A 1036 -57.42 4.80 40.21
CA GLN A 1036 -57.01 6.12 39.75
C GLN A 1036 -55.58 6.10 39.31
N SER A 1037 -55.36 6.23 38.02
CA SER A 1037 -54.02 6.19 37.47
C SER A 1037 -53.26 7.40 37.90
N LYS A 1038 -51.99 7.21 38.22
CA LYS A 1038 -51.15 8.32 38.60
C LYS A 1038 -50.11 8.63 37.54
N ARG A 1039 -50.22 7.98 36.39
CA ARG A 1039 -49.26 8.23 35.32
C ARG A 1039 -49.63 9.56 34.71
N VAL A 1040 -48.64 10.41 34.47
CA VAL A 1040 -48.95 11.80 34.10
C VAL A 1040 -49.66 11.95 32.78
N ASP A 1041 -49.43 11.07 31.84
CA ASP A 1041 -50.07 11.20 30.54
C ASP A 1041 -51.12 10.15 30.28
N PHE A 1042 -51.65 9.56 31.32
CA PHE A 1042 -52.65 8.56 31.12
C PHE A 1042 -54.01 9.08 31.50
N CYS A 1043 -55.05 8.53 30.85
CA CYS A 1043 -56.46 8.86 31.02
C CYS A 1043 -56.71 10.29 30.52
N GLY A 1044 -56.07 10.64 29.40
CA GLY A 1044 -56.25 11.95 28.80
C GLY A 1044 -55.26 12.97 29.35
N LYS A 1045 -55.61 14.25 29.25
CA LYS A 1045 -54.72 15.33 29.63
C LYS A 1045 -55.23 16.01 30.89
N GLY A 1046 -54.33 16.40 31.77
CA GLY A 1046 -54.72 17.04 33.02
C GLY A 1046 -54.52 15.97 34.07
N TYR A 1047 -54.92 16.24 35.31
CA TYR A 1047 -54.68 15.24 36.33
C TYR A 1047 -55.88 14.31 36.38
N HIS A 1048 -55.64 13.01 36.31
CA HIS A 1048 -56.78 12.11 36.29
C HIS A 1048 -57.64 12.15 37.52
N LEU A 1049 -58.94 12.33 37.33
CA LEU A 1049 -59.86 12.38 38.44
C LEU A 1049 -60.76 11.14 38.45
N MET A 1050 -61.34 10.81 37.28
CA MET A 1050 -62.25 9.66 37.14
C MET A 1050 -62.55 9.36 35.68
N SER A 1051 -63.09 8.19 35.36
CA SER A 1051 -63.46 7.94 33.98
C SER A 1051 -64.60 6.98 33.89
N PHE A 1052 -65.25 7.02 32.73
CA PHE A 1052 -66.37 6.16 32.46
C PHE A 1052 -66.21 5.56 31.07
N PRO A 1053 -66.20 4.24 30.91
CA PRO A 1053 -66.08 3.59 29.63
C PRO A 1053 -67.42 3.67 28.94
N GLN A 1054 -67.40 3.66 27.62
CA GLN A 1054 -68.57 3.52 26.77
C GLN A 1054 -68.18 2.56 25.66
N SER A 1055 -69.06 1.66 25.27
CA SER A 1055 -68.71 0.75 24.16
C SER A 1055 -68.96 1.36 22.78
N ALA A 1056 -68.35 0.75 21.78
CA ALA A 1056 -68.54 1.11 20.40
C ALA A 1056 -68.35 -0.15 19.56
N PRO A 1057 -68.85 -0.25 18.34
CA PRO A 1057 -68.59 -1.40 17.53
C PRO A 1057 -67.10 -1.57 17.42
N HIS A 1058 -66.63 -2.79 17.63
CA HIS A 1058 -65.23 -3.13 17.53
C HIS A 1058 -64.27 -2.39 18.45
N GLY A 1059 -64.76 -1.78 19.54
CA GLY A 1059 -63.84 -1.11 20.43
C GLY A 1059 -64.45 -0.41 21.62
N VAL A 1060 -63.59 0.30 22.34
CA VAL A 1060 -64.02 1.01 23.52
C VAL A 1060 -63.66 2.47 23.40
N VAL A 1061 -64.56 3.30 23.87
CA VAL A 1061 -64.36 4.72 23.88
C VAL A 1061 -64.44 5.17 25.33
N PHE A 1062 -63.46 5.91 25.77
CA PHE A 1062 -63.51 6.34 27.15
C PHE A 1062 -63.77 7.80 27.31
N LEU A 1063 -64.52 8.11 28.36
CA LEU A 1063 -64.73 9.47 28.77
C LEU A 1063 -63.80 9.69 29.96
N HIS A 1064 -62.79 10.51 29.79
CA HIS A 1064 -61.81 10.72 30.85
C HIS A 1064 -61.95 12.07 31.46
N VAL A 1065 -62.22 12.09 32.76
CA VAL A 1065 -62.48 13.32 33.47
C VAL A 1065 -61.22 13.71 34.21
N THR A 1066 -60.73 14.89 33.90
CA THR A 1066 -59.50 15.35 34.50
C THR A 1066 -59.63 16.73 35.11
N TYR A 1067 -58.68 17.03 35.97
CA TYR A 1067 -58.60 18.30 36.65
C TYR A 1067 -57.46 19.14 36.12
N VAL A 1068 -57.77 20.35 35.68
CA VAL A 1068 -56.74 21.25 35.22
C VAL A 1068 -56.81 22.57 36.01
N PRO A 1069 -55.76 22.97 36.74
CA PRO A 1069 -55.65 24.22 37.48
C PRO A 1069 -55.79 25.39 36.53
N ALA A 1070 -56.29 26.52 37.03
CA ALA A 1070 -56.52 27.70 36.19
C ALA A 1070 -56.32 29.05 36.89
N GLN A 1071 -56.13 30.09 36.07
CA GLN A 1071 -56.02 31.46 36.55
C GLN A 1071 -54.90 31.69 37.53
N GLU A 1072 -53.71 31.36 37.15
CA GLU A 1072 -52.58 31.59 38.02
C GLU A 1072 -52.24 33.04 38.18
N LYS A 1073 -51.68 33.35 39.33
CA LYS A 1073 -51.14 34.64 39.72
C LYS A 1073 -49.77 34.36 40.29
N ASN A 1074 -48.77 35.28 40.17
CA ASN A 1074 -47.46 35.05 40.80
C ASN A 1074 -47.28 35.91 42.05
N PHE A 1075 -46.57 35.27 43.00
CA PHE A 1075 -46.24 35.73 44.33
C PHE A 1075 -44.73 35.53 44.55
N THR A 1076 -44.17 36.27 45.48
CA THR A 1076 -42.74 36.17 45.79
C THR A 1076 -42.50 34.92 46.60
N THR A 1077 -41.44 34.20 46.34
CA THR A 1077 -41.24 33.03 47.16
C THR A 1077 -39.85 32.86 47.73
N ALA A 1078 -39.75 31.95 48.70
CA ALA A 1078 -38.49 31.63 49.32
C ALA A 1078 -38.51 30.17 49.74
N PRO A 1079 -37.36 29.47 49.71
CA PRO A 1079 -37.21 28.09 50.13
C PRO A 1079 -37.44 27.84 51.61
N ALA A 1080 -37.31 28.88 52.42
CA ALA A 1080 -37.49 28.75 53.85
C ALA A 1080 -37.70 30.11 54.46
N ILE A 1081 -38.22 30.08 55.66
CA ILE A 1081 -38.35 31.24 56.50
C ILE A 1081 -37.40 31.17 57.69
N CYS A 1082 -36.70 32.29 57.95
CA CYS A 1082 -35.77 32.49 59.04
C CYS A 1082 -36.54 33.06 60.23
N HIS A 1083 -36.57 32.28 61.30
CA HIS A 1083 -37.37 32.68 62.46
C HIS A 1083 -36.49 33.19 63.60
N ASP A 1084 -35.87 32.27 64.33
CA ASP A 1084 -34.99 32.58 65.44
C ASP A 1084 -33.56 32.16 65.14
N GLY A 1085 -33.27 32.02 63.86
CA GLY A 1085 -31.97 31.58 63.38
C GLY A 1085 -32.12 30.19 62.75
N LYS A 1086 -33.23 29.51 63.04
CA LYS A 1086 -33.49 28.21 62.45
C LYS A 1086 -34.25 28.42 61.15
N ALA A 1087 -34.17 27.46 60.24
CA ALA A 1087 -34.89 27.57 58.97
C ALA A 1087 -36.15 26.71 58.96
N HIS A 1088 -37.25 27.34 58.62
CA HIS A 1088 -38.56 26.73 58.55
C HIS A 1088 -38.94 26.46 57.11
N PHE A 1089 -39.28 25.22 56.81
CA PHE A 1089 -39.61 24.82 55.45
C PHE A 1089 -41.07 24.41 55.40
N PRO A 1090 -41.79 24.60 54.32
CA PRO A 1090 -43.17 24.24 54.28
C PRO A 1090 -43.35 22.79 54.61
N ARG A 1091 -44.36 22.48 55.42
CA ARG A 1091 -44.62 21.09 55.71
C ARG A 1091 -45.14 20.48 54.43
N GLU A 1092 -45.90 21.29 53.71
CA GLU A 1092 -46.48 21.00 52.42
C GLU A 1092 -46.63 22.34 51.73
N GLY A 1093 -46.64 22.33 50.41
CA GLY A 1093 -46.84 23.57 49.68
C GLY A 1093 -45.59 24.43 49.64
N VAL A 1094 -45.82 25.72 49.45
CA VAL A 1094 -44.77 26.71 49.29
C VAL A 1094 -44.93 27.91 50.20
N PHE A 1095 -43.80 28.47 50.67
CA PHE A 1095 -43.80 29.70 51.45
C PHE A 1095 -43.63 30.80 50.45
N VAL A 1096 -44.70 31.52 50.31
CA VAL A 1096 -44.89 32.51 49.30
C VAL A 1096 -45.49 33.81 49.87
N SER A 1097 -45.32 34.94 49.18
CA SER A 1097 -45.89 36.19 49.67
C SER A 1097 -46.39 37.18 48.60
N ASN A 1098 -47.32 38.04 49.05
CA ASN A 1098 -47.84 39.21 48.35
C ASN A 1098 -46.95 40.39 48.77
N GLY A 1099 -47.30 41.64 48.40
CA GLY A 1099 -46.47 42.83 48.72
C GLY A 1099 -46.20 43.09 50.23
N THR A 1100 -47.02 42.53 51.14
CA THR A 1100 -46.82 42.72 52.59
C THR A 1100 -46.74 41.45 53.46
N HIS A 1101 -47.31 40.33 53.03
CA HIS A 1101 -47.35 39.15 53.90
C HIS A 1101 -46.99 37.81 53.30
N TRP A 1102 -46.37 37.00 54.16
CA TRP A 1102 -46.03 35.62 53.87
C TRP A 1102 -47.14 34.71 54.32
N PHE A 1103 -47.35 33.68 53.55
CA PHE A 1103 -48.34 32.65 53.78
C PHE A 1103 -47.92 31.34 53.15
N VAL A 1104 -48.59 30.27 53.54
CA VAL A 1104 -48.30 28.99 52.95
C VAL A 1104 -49.48 28.47 52.21
N THR A 1105 -49.22 27.93 51.03
CA THR A 1105 -50.30 27.37 50.22
C THR A 1105 -49.90 26.13 49.44
N GLN A 1106 -50.89 25.30 49.16
CA GLN A 1106 -50.70 24.15 48.30
C GLN A 1106 -50.51 24.73 46.92
N ARG A 1107 -49.80 24.04 46.04
CA ARG A 1107 -49.56 24.58 44.71
C ARG A 1107 -50.62 24.37 43.63
N ASN A 1108 -51.57 23.47 43.82
CA ASN A 1108 -52.53 23.22 42.73
C ASN A 1108 -53.72 24.18 42.69
N PHE A 1109 -53.93 24.91 43.77
CA PHE A 1109 -55.04 25.83 43.91
C PHE A 1109 -54.79 26.74 45.08
N TYR A 1110 -54.66 28.01 44.81
CA TYR A 1110 -54.28 28.96 45.83
C TYR A 1110 -55.24 29.03 47.01
N GLU A 1111 -54.67 28.86 48.18
CA GLU A 1111 -55.36 28.90 49.44
C GLU A 1111 -54.37 29.37 50.49
N PRO A 1112 -54.19 30.66 50.68
CA PRO A 1112 -53.19 31.18 51.56
C PRO A 1112 -53.55 30.87 53.00
N GLN A 1113 -52.57 30.42 53.77
CA GLN A 1113 -52.75 30.14 55.19
C GLN A 1113 -51.62 30.70 56.04
N ILE A 1114 -51.92 30.97 57.29
CA ILE A 1114 -50.91 31.42 58.24
C ILE A 1114 -49.82 30.39 58.44
N ILE A 1115 -48.58 30.89 58.51
CA ILE A 1115 -47.45 30.05 58.77
C ILE A 1115 -47.21 30.01 60.27
N THR A 1116 -47.32 28.82 60.79
CA THR A 1116 -47.20 28.53 62.18
C THR A 1116 -46.23 27.40 62.26
N THR A 1117 -45.84 27.04 63.45
CA THR A 1117 -44.91 25.94 63.70
C THR A 1117 -45.53 24.57 63.37
N ASP A 1118 -46.82 24.55 63.08
CA ASP A 1118 -47.57 23.34 62.74
C ASP A 1118 -47.42 23.03 61.27
N ASN A 1119 -47.20 24.07 60.49
CA ASN A 1119 -47.21 23.99 59.05
C ASN A 1119 -45.81 23.97 58.49
N THR A 1120 -44.83 23.72 59.34
CA THR A 1120 -43.47 23.76 58.88
C THR A 1120 -42.50 22.78 59.55
N PHE A 1121 -41.49 22.41 58.78
CA PHE A 1121 -40.41 21.58 59.26
C PHE A 1121 -39.28 22.46 59.69
N VAL A 1122 -38.57 22.08 60.73
CA VAL A 1122 -37.44 22.91 61.10
C VAL A 1122 -36.16 22.14 60.95
N SER A 1123 -35.24 22.72 60.21
CA SER A 1123 -33.98 22.07 59.91
C SER A 1123 -32.93 23.09 59.51
N GLY A 1124 -31.68 22.65 59.42
CA GLY A 1124 -30.61 23.51 58.96
C GLY A 1124 -30.56 24.75 59.81
N ASN A 1125 -30.37 25.88 59.16
CA ASN A 1125 -30.35 27.18 59.80
C ASN A 1125 -30.43 28.25 58.69
N CYS A 1126 -30.46 29.53 59.10
CA CYS A 1126 -30.55 30.70 58.21
C CYS A 1126 -29.27 30.93 57.39
N ASP A 1127 -28.17 30.29 57.76
CA ASP A 1127 -26.93 30.45 57.03
C ASP A 1127 -26.72 29.31 56.04
N VAL A 1128 -27.69 28.40 55.97
CA VAL A 1128 -27.63 27.27 55.08
C VAL A 1128 -28.56 27.47 53.92
N VAL A 1129 -29.78 27.94 54.19
CA VAL A 1129 -30.69 28.10 53.08
C VAL A 1129 -30.41 29.38 52.32
N ILE A 1130 -30.13 29.21 51.05
CA ILE A 1130 -29.83 30.34 50.21
C ILE A 1130 -31.15 30.94 49.79
N GLY A 1131 -31.35 32.22 50.10
CA GLY A 1131 -32.61 32.83 49.78
C GLY A 1131 -33.62 32.79 50.92
N ILE A 1132 -33.19 32.42 52.11
CA ILE A 1132 -34.11 32.37 53.24
C ILE A 1132 -34.53 33.80 53.56
N VAL A 1133 -35.78 33.99 53.99
CA VAL A 1133 -36.25 35.35 54.31
C VAL A 1133 -36.66 35.46 55.78
N ASN A 1134 -36.61 36.69 56.38
CA ASN A 1134 -36.99 36.96 57.78
C ASN A 1134 -38.51 37.18 57.91
N ASN A 1135 -39.20 36.24 58.60
CA ASN A 1135 -40.66 36.25 58.78
C ASN A 1135 -41.04 35.46 60.04
N THR A 1136 -41.72 36.09 60.97
CA THR A 1136 -42.07 35.41 62.20
C THR A 1136 -43.04 34.26 61.98
N VAL A 1137 -42.72 33.11 62.58
CA VAL A 1137 -43.56 31.92 62.53
C VAL A 1137 -44.41 31.84 63.79
N TYR A 1138 -45.71 31.70 63.64
CA TYR A 1138 -46.61 31.67 64.80
C TYR A 1138 -46.57 30.44 65.70
N ASP A 1139 -46.56 30.72 67.02
CA ASP A 1139 -46.58 29.73 68.10
C ASP A 1139 -48.00 29.39 68.63
N PRO A 1140 -48.54 28.19 68.35
CA PRO A 1140 -49.87 27.71 68.71
C PRO A 1140 -50.17 27.64 70.20
N LEU A 1141 -49.17 27.69 71.07
CA LEU A 1141 -49.47 27.62 72.49
C LEU A 1141 -49.65 28.98 73.12
N GLN A 1142 -49.52 30.05 72.37
CA GLN A 1142 -49.67 31.35 73.01
C GLN A 1142 -51.03 31.53 73.72
N PRO A 1143 -52.17 31.01 73.22
CA PRO A 1143 -53.47 31.08 73.87
C PRO A 1143 -53.50 30.39 75.25
N GLU A 1144 -52.56 29.49 75.53
CA GLU A 1144 -52.50 28.80 76.81
C GLU A 1144 -51.44 29.43 77.70
N LEU A 1145 -50.38 29.92 77.06
CA LEU A 1145 -49.23 30.53 77.75
C LEU A 1145 -49.45 31.97 78.23
N ASP A 1146 -50.24 32.79 77.48
CA ASP A 1146 -50.54 34.20 77.76
C ASP A 1146 -51.44 34.32 79.00
N GLN B 14 -77.25 -76.07 -24.57
CA GLN B 14 -78.23 -76.77 -23.77
C GLN B 14 -78.30 -76.14 -22.37
N CYS B 15 -79.49 -75.67 -21.96
CA CYS B 15 -79.73 -75.09 -20.64
C CYS B 15 -81.22 -75.22 -20.34
N VAL B 16 -81.59 -74.90 -19.12
CA VAL B 16 -82.99 -74.92 -18.70
C VAL B 16 -83.37 -73.71 -17.85
N ASN B 17 -84.62 -73.22 -18.03
CA ASN B 17 -85.26 -72.22 -17.21
C ASN B 17 -85.79 -72.93 -15.96
N LEU B 18 -85.23 -72.60 -14.76
CA LEU B 18 -85.58 -73.28 -13.51
C LEU B 18 -86.91 -72.67 -13.04
N THR B 19 -87.87 -73.53 -12.67
CA THR B 19 -89.24 -73.08 -12.36
C THR B 19 -89.78 -73.21 -10.94
N THR B 20 -88.98 -73.68 -9.99
CA THR B 20 -89.51 -73.91 -8.66
C THR B 20 -89.14 -72.88 -7.62
N ARG B 21 -88.60 -71.75 -8.05
CA ARG B 21 -88.26 -70.71 -7.11
C ARG B 21 -89.52 -70.03 -6.60
N THR B 22 -89.58 -69.81 -5.31
CA THR B 22 -90.67 -69.07 -4.68
C THR B 22 -90.32 -67.62 -4.92
N GLN B 23 -91.30 -66.79 -5.18
CA GLN B 23 -90.99 -65.41 -5.43
C GLN B 23 -91.07 -64.54 -4.19
N LEU B 24 -89.90 -64.09 -3.76
CA LEU B 24 -89.74 -63.28 -2.55
C LEU B 24 -88.98 -62.00 -2.92
N PRO B 25 -89.18 -60.89 -2.18
CA PRO B 25 -88.48 -59.62 -2.35
C PRO B 25 -87.03 -59.71 -1.88
N PRO B 26 -86.13 -58.81 -2.36
CA PRO B 26 -84.75 -58.67 -1.97
C PRO B 26 -84.61 -58.11 -0.57
N ALA B 27 -83.49 -58.41 0.07
CA ALA B 27 -83.21 -57.85 1.37
C ALA B 27 -82.17 -56.76 1.19
N TYR B 28 -82.12 -55.82 2.12
CA TYR B 28 -81.10 -54.79 2.00
C TYR B 28 -80.33 -54.69 3.31
N THR B 29 -79.05 -54.43 3.22
CA THR B 29 -78.27 -54.27 4.43
C THR B 29 -77.25 -53.14 4.42
N ASN B 30 -76.63 -53.00 5.58
CA ASN B 30 -75.61 -52.02 5.94
C ASN B 30 -74.18 -52.52 5.66
N SER B 31 -73.46 -51.84 4.78
CA SER B 31 -72.08 -52.23 4.40
C SER B 31 -71.03 -51.95 5.47
N PHE B 32 -71.40 -51.14 6.44
CA PHE B 32 -70.51 -50.68 7.49
C PHE B 32 -69.23 -50.14 6.91
N THR B 33 -68.08 -50.69 7.30
CA THR B 33 -66.84 -50.14 6.82
C THR B 33 -65.98 -51.05 5.97
N ARG B 34 -66.48 -52.22 5.59
CA ARG B 34 -65.59 -53.14 4.84
C ARG B 34 -65.58 -52.86 3.35
N GLY B 35 -64.98 -51.73 3.00
CA GLY B 35 -64.94 -51.22 1.63
C GLY B 35 -63.57 -50.74 1.15
N VAL B 36 -62.52 -51.20 1.82
CA VAL B 36 -61.13 -50.80 1.60
C VAL B 36 -60.22 -51.90 1.03
N TYR B 37 -59.15 -51.46 0.39
CA TYR B 37 -58.13 -52.33 -0.13
C TYR B 37 -56.84 -51.56 -0.19
N TYR B 38 -55.73 -52.27 -0.34
CA TYR B 38 -54.44 -51.59 -0.42
C TYR B 38 -54.33 -50.84 -1.76
N PRO B 39 -54.26 -49.50 -1.77
CA PRO B 39 -54.24 -48.67 -2.95
C PRO B 39 -53.20 -49.04 -4.00
N ASP B 40 -52.05 -49.49 -3.55
CA ASP B 40 -50.97 -49.84 -4.43
C ASP B 40 -50.02 -50.86 -3.82
N LYS B 41 -49.01 -51.25 -4.57
CA LYS B 41 -48.05 -52.23 -4.06
C LYS B 41 -46.88 -51.55 -3.37
N VAL B 42 -47.18 -50.83 -2.30
CA VAL B 42 -46.22 -50.04 -1.53
C VAL B 42 -46.23 -50.34 -0.05
N PHE B 43 -45.04 -50.53 0.52
CA PHE B 43 -45.00 -50.77 1.94
C PHE B 43 -44.96 -49.48 2.71
N ARG B 44 -45.91 -49.33 3.61
CA ARG B 44 -45.99 -48.16 4.44
C ARG B 44 -46.20 -48.65 5.82
N SER B 45 -45.79 -47.91 6.83
CA SER B 45 -46.09 -48.31 8.20
C SER B 45 -46.14 -47.11 9.10
N SER B 46 -46.84 -47.26 10.21
CA SER B 46 -46.93 -46.23 11.25
C SER B 46 -47.29 -44.89 10.65
N VAL B 47 -48.29 -44.87 9.79
CA VAL B 47 -48.63 -43.65 9.10
C VAL B 47 -50.07 -43.52 8.71
N LEU B 48 -50.58 -42.30 8.71
CA LEU B 48 -51.89 -42.09 8.16
C LEU B 48 -51.71 -41.55 6.76
N HIS B 49 -52.20 -42.29 5.81
CA HIS B 49 -52.05 -41.98 4.40
C HIS B 49 -53.32 -41.39 3.83
N SER B 50 -53.17 -40.38 2.99
CA SER B 50 -54.35 -39.79 2.36
C SER B 50 -54.46 -40.17 0.91
N THR B 51 -55.60 -40.72 0.54
CA THR B 51 -55.82 -41.14 -0.83
C THR B 51 -57.17 -40.75 -1.42
N GLN B 52 -57.32 -41.02 -2.71
CA GLN B 52 -58.55 -40.83 -3.47
C GLN B 52 -58.69 -42.00 -4.43
N ASP B 53 -59.83 -42.68 -4.37
CA ASP B 53 -60.08 -43.85 -5.20
C ASP B 53 -61.57 -44.20 -5.20
N LEU B 54 -61.94 -45.25 -5.91
CA LEU B 54 -63.31 -45.74 -5.87
C LEU B 54 -63.43 -46.76 -4.74
N PHE B 55 -64.26 -46.44 -3.77
CA PHE B 55 -64.43 -47.25 -2.57
C PHE B 55 -65.86 -47.57 -2.35
N LEU B 56 -66.13 -48.62 -1.59
CA LEU B 56 -67.52 -48.82 -1.25
C LEU B 56 -67.75 -47.76 -0.18
N PRO B 57 -68.71 -46.84 -0.30
CA PRO B 57 -68.91 -45.80 0.68
C PRO B 57 -69.21 -46.43 2.00
N PHE B 58 -68.80 -45.78 3.08
CA PHE B 58 -69.14 -46.35 4.37
C PHE B 58 -70.63 -46.26 4.60
N PHE B 59 -71.15 -47.31 5.21
CA PHE B 59 -72.54 -47.47 5.57
C PHE B 59 -73.47 -47.35 4.37
N SER B 60 -73.02 -47.89 3.24
CA SER B 60 -73.78 -47.87 2.02
C SER B 60 -74.88 -48.94 2.05
N ASN B 61 -75.83 -48.81 1.10
CA ASN B 61 -76.97 -49.69 0.85
C ASN B 61 -76.55 -50.87 -0.05
N VAL B 62 -76.53 -52.09 0.51
CA VAL B 62 -76.08 -53.33 -0.12
C VAL B 62 -77.24 -54.25 -0.41
N THR B 63 -77.36 -54.72 -1.65
CA THR B 63 -78.49 -55.60 -1.94
C THR B 63 -78.10 -57.02 -1.60
N TRP B 64 -78.96 -57.66 -0.84
CA TRP B 64 -78.78 -59.01 -0.35
C TRP B 64 -79.63 -60.06 -1.09
N PHE B 65 -78.91 -60.96 -1.74
CA PHE B 65 -79.43 -62.02 -2.61
C PHE B 65 -79.31 -63.37 -1.94
N HIS B 66 -80.21 -64.31 -2.28
CA HIS B 66 -80.14 -65.62 -1.65
C HIS B 66 -80.19 -66.85 -2.52
N ALA B 67 -79.54 -67.88 -1.99
CA ALA B 67 -79.66 -69.24 -2.45
C ALA B 67 -80.11 -69.98 -1.20
N ILE B 68 -81.31 -70.53 -1.22
CA ILE B 68 -81.79 -71.16 0.00
C ILE B 68 -82.87 -72.16 -0.26
N HIS B 69 -82.93 -73.20 0.55
CA HIS B 69 -84.06 -74.09 0.46
C HIS B 69 -84.74 -74.35 1.77
N VAL B 70 -85.97 -73.91 1.83
CA VAL B 70 -86.83 -74.15 2.94
C VAL B 70 -87.94 -74.95 2.32
N SER B 71 -88.10 -76.17 2.79
CA SER B 71 -89.05 -77.12 2.26
C SER B 71 -90.48 -76.86 2.68
N GLY B 72 -91.41 -77.53 2.00
CA GLY B 72 -92.83 -77.45 2.30
C GLY B 72 -93.57 -76.88 1.12
N THR B 73 -94.91 -76.99 1.14
CA THR B 73 -95.69 -76.42 0.04
C THR B 73 -95.43 -74.94 0.06
N ASN B 74 -95.47 -74.37 1.25
CA ASN B 74 -95.20 -72.97 1.48
C ASN B 74 -93.70 -72.81 1.72
N GLY B 75 -92.93 -73.24 0.72
CA GLY B 75 -91.49 -73.19 0.81
C GLY B 75 -91.00 -71.85 0.31
N THR B 76 -89.71 -71.63 0.44
CA THR B 76 -89.08 -70.38 0.02
C THR B 76 -87.87 -70.60 -0.85
N LYS B 77 -87.88 -71.66 -1.64
CA LYS B 77 -86.70 -71.96 -2.43
C LYS B 77 -86.31 -70.76 -3.29
N ARG B 78 -85.03 -70.37 -3.19
CA ARG B 78 -84.48 -69.28 -3.99
C ARG B 78 -83.17 -69.70 -4.56
N PHE B 79 -82.84 -69.13 -5.68
CA PHE B 79 -81.58 -69.39 -6.33
C PHE B 79 -81.35 -68.18 -7.19
N ASP B 80 -80.99 -67.08 -6.54
CA ASP B 80 -80.98 -65.80 -7.20
C ASP B 80 -79.72 -65.55 -8.02
N ASN B 81 -79.89 -65.49 -9.34
CA ASN B 81 -78.78 -65.26 -10.26
C ASN B 81 -79.13 -64.20 -11.34
N PRO B 82 -79.67 -63.02 -10.97
CA PRO B 82 -80.08 -61.93 -11.83
C PRO B 82 -78.93 -61.17 -12.41
N VAL B 83 -79.23 -60.43 -13.47
CA VAL B 83 -78.26 -59.50 -14.01
C VAL B 83 -78.38 -58.21 -13.25
N LEU B 84 -77.25 -57.75 -12.76
CA LEU B 84 -77.13 -56.55 -11.99
C LEU B 84 -76.29 -55.54 -12.76
N PRO B 85 -76.44 -54.24 -12.54
CA PRO B 85 -75.62 -53.21 -13.13
C PRO B 85 -74.25 -53.29 -12.53
N PHE B 86 -73.25 -52.82 -13.24
CA PHE B 86 -71.88 -52.74 -12.74
C PHE B 86 -71.58 -51.34 -12.23
N ASN B 87 -72.23 -50.36 -12.83
CA ASN B 87 -72.04 -48.95 -12.56
C ASN B 87 -70.58 -48.56 -12.69
N ASP B 88 -69.97 -48.03 -11.63
CA ASP B 88 -68.59 -47.57 -11.70
C ASP B 88 -67.63 -48.57 -11.11
N GLY B 89 -68.13 -49.73 -10.75
CA GLY B 89 -67.32 -50.73 -10.11
C GLY B 89 -68.16 -51.44 -9.09
N VAL B 90 -67.80 -52.67 -8.80
CA VAL B 90 -68.59 -53.49 -7.92
C VAL B 90 -67.94 -54.09 -6.69
N TYR B 91 -68.61 -53.90 -5.59
CA TYR B 91 -68.19 -54.55 -4.38
C TYR B 91 -68.97 -55.81 -4.28
N PHE B 92 -68.29 -56.93 -4.16
CA PHE B 92 -69.00 -58.18 -4.07
C PHE B 92 -68.56 -58.96 -2.88
N ALA B 93 -69.49 -59.53 -2.18
CA ALA B 93 -69.09 -60.37 -1.09
C ALA B 93 -70.07 -61.48 -0.91
N SER B 94 -69.58 -62.57 -0.36
CA SER B 94 -70.49 -63.64 -0.05
C SER B 94 -70.15 -64.37 1.22
N THR B 95 -71.18 -65.00 1.75
CA THR B 95 -71.07 -65.85 2.91
C THR B 95 -71.35 -67.24 2.38
N GLU B 96 -70.45 -68.15 2.71
CA GLU B 96 -70.51 -69.48 2.15
C GLU B 96 -70.02 -70.58 3.09
N LYS B 97 -70.45 -71.81 2.83
CA LYS B 97 -69.96 -72.95 3.55
C LYS B 97 -70.02 -74.16 2.64
N SER B 98 -70.84 -74.03 1.58
CA SER B 98 -71.09 -75.15 0.64
C SER B 98 -70.61 -74.87 -0.78
N ASN B 99 -69.80 -73.85 -0.97
CA ASN B 99 -69.28 -73.52 -2.29
C ASN B 99 -70.35 -73.44 -3.41
N ILE B 100 -71.40 -72.66 -3.17
CA ILE B 100 -72.50 -72.44 -4.08
C ILE B 100 -72.23 -71.27 -4.97
N ILE B 101 -71.61 -70.22 -4.42
CA ILE B 101 -71.37 -69.03 -5.22
C ILE B 101 -70.10 -69.33 -6.04
N ARG B 102 -70.23 -69.37 -7.38
CA ARG B 102 -69.12 -69.80 -8.22
C ARG B 102 -68.87 -69.04 -9.52
N GLY B 103 -68.37 -67.84 -9.46
CA GLY B 103 -68.06 -67.13 -10.70
C GLY B 103 -69.06 -66.07 -11.11
N TRP B 104 -68.64 -65.31 -12.11
CA TRP B 104 -69.39 -64.18 -12.61
C TRP B 104 -69.26 -63.99 -14.11
N ILE B 105 -70.24 -63.34 -14.70
CA ILE B 105 -70.12 -62.94 -16.10
C ILE B 105 -70.08 -61.42 -16.13
N PHE B 106 -69.09 -60.82 -16.79
CA PHE B 106 -69.03 -59.36 -16.88
C PHE B 106 -69.03 -58.87 -18.33
N GLY B 107 -69.80 -57.82 -18.61
CA GLY B 107 -69.83 -57.25 -19.97
C GLY B 107 -70.95 -56.24 -20.15
N THR B 108 -71.27 -55.90 -21.41
CA THR B 108 -72.34 -54.92 -21.64
C THR B 108 -73.63 -55.55 -22.07
N THR B 109 -73.53 -56.72 -22.67
CA THR B 109 -74.73 -57.36 -23.19
C THR B 109 -74.96 -58.69 -22.53
N LEU B 110 -73.87 -59.34 -22.10
CA LEU B 110 -73.89 -60.67 -21.52
C LEU B 110 -74.62 -61.59 -22.49
N ASP B 111 -74.33 -61.43 -23.78
CA ASP B 111 -74.94 -62.21 -24.84
C ASP B 111 -73.95 -62.38 -25.99
N SER B 112 -74.36 -63.08 -27.01
CA SER B 112 -73.57 -63.47 -28.19
C SER B 112 -73.20 -62.36 -29.14
N LYS B 113 -73.77 -61.20 -28.94
CA LYS B 113 -73.48 -60.09 -29.82
C LYS B 113 -72.20 -59.35 -29.48
N THR B 114 -71.68 -59.47 -28.25
CA THR B 114 -70.47 -58.73 -27.92
C THR B 114 -69.48 -59.60 -27.16
N GLN B 115 -68.22 -59.19 -27.09
CA GLN B 115 -67.32 -59.99 -26.26
C GLN B 115 -67.59 -59.69 -24.81
N SER B 116 -67.46 -60.71 -23.99
CA SER B 116 -67.63 -60.54 -22.57
C SER B 116 -66.73 -61.50 -21.81
N LEU B 117 -66.56 -61.21 -20.54
CA LEU B 117 -65.71 -61.98 -19.66
C LEU B 117 -66.38 -62.97 -18.76
N LEU B 118 -66.00 -64.21 -18.92
CA LEU B 118 -66.54 -65.27 -18.11
C LEU B 118 -65.52 -65.83 -17.15
N ILE B 119 -65.79 -65.69 -15.86
CA ILE B 119 -64.88 -66.20 -14.85
C ILE B 119 -65.57 -67.28 -14.04
N VAL B 120 -65.11 -68.51 -14.15
CA VAL B 120 -65.78 -69.56 -13.40
C VAL B 120 -64.87 -70.36 -12.50
N ASN B 121 -65.26 -70.43 -11.23
CA ASN B 121 -64.54 -71.26 -10.28
C ASN B 121 -65.24 -72.61 -10.36
N ASN B 122 -64.69 -73.57 -11.13
CA ASN B 122 -65.29 -74.86 -11.43
C ASN B 122 -64.55 -75.94 -10.66
N ALA B 123 -65.16 -77.14 -10.46
CA ALA B 123 -64.45 -78.21 -9.75
C ALA B 123 -63.14 -78.54 -10.47
N THR B 124 -62.10 -78.53 -9.65
CA THR B 124 -60.70 -78.77 -9.94
C THR B 124 -59.95 -77.66 -10.67
N ASN B 125 -60.61 -76.60 -11.13
CA ASN B 125 -59.81 -75.59 -11.83
C ASN B 125 -60.48 -74.19 -11.86
N VAL B 126 -59.81 -73.23 -12.46
CA VAL B 126 -60.37 -71.90 -12.65
C VAL B 126 -60.22 -71.54 -14.10
N VAL B 127 -61.33 -71.19 -14.72
CA VAL B 127 -61.26 -70.86 -16.12
C VAL B 127 -61.73 -69.47 -16.42
N ILE B 128 -60.89 -68.74 -17.12
CA ILE B 128 -61.23 -67.40 -17.55
C ILE B 128 -61.14 -67.27 -19.05
N LYS B 129 -62.24 -66.85 -19.67
CA LYS B 129 -62.21 -66.64 -21.10
C LYS B 129 -62.99 -65.40 -21.50
N VAL B 130 -62.54 -64.72 -22.55
CA VAL B 130 -63.30 -63.59 -23.05
C VAL B 130 -63.77 -63.90 -24.48
N CYS B 131 -65.09 -64.05 -24.69
CA CYS B 131 -65.64 -64.55 -25.95
C CYS B 131 -66.98 -63.92 -26.25
N GLU B 132 -67.45 -64.12 -27.47
CA GLU B 132 -68.79 -63.69 -27.83
C GLU B 132 -69.67 -64.87 -27.49
N PHE B 133 -69.87 -65.05 -26.20
CA PHE B 133 -70.54 -66.22 -25.64
C PHE B 133 -72.03 -66.13 -25.79
N GLN B 134 -72.65 -67.24 -26.16
CA GLN B 134 -74.08 -67.30 -26.19
C GLN B 134 -74.51 -67.90 -24.91
N PHE B 135 -74.80 -67.02 -23.99
CA PHE B 135 -75.11 -67.35 -22.62
C PHE B 135 -76.53 -67.80 -22.44
N CYS B 136 -76.74 -68.64 -21.39
CA CYS B 136 -78.03 -69.06 -20.88
C CYS B 136 -78.58 -67.88 -20.06
N ASN B 137 -79.87 -67.62 -20.19
CA ASN B 137 -80.49 -66.54 -19.43
C ASN B 137 -80.71 -66.90 -17.95
N ASP B 138 -80.57 -68.18 -17.64
CA ASP B 138 -80.73 -68.70 -16.29
C ASP B 138 -79.66 -69.78 -16.11
N PRO B 139 -78.37 -69.39 -16.10
CA PRO B 139 -77.23 -70.29 -16.10
C PRO B 139 -77.09 -70.96 -14.78
N PHE B 140 -76.52 -72.16 -14.78
CA PHE B 140 -76.21 -72.81 -13.52
C PHE B 140 -75.16 -73.89 -13.64
N LEU B 141 -74.60 -74.19 -12.49
CA LEU B 141 -73.65 -75.26 -12.25
C LEU B 141 -74.33 -76.25 -11.30
N GLY B 142 -73.78 -77.45 -11.09
CA GLY B 142 -74.36 -78.33 -10.06
C GLY B 142 -73.63 -79.65 -9.82
N VAL B 143 -73.93 -80.26 -8.67
CA VAL B 143 -73.21 -81.45 -8.19
C VAL B 143 -73.92 -82.81 -8.11
N TYR B 144 -74.92 -83.01 -8.93
CA TYR B 144 -75.56 -84.30 -9.09
C TYR B 144 -76.02 -84.95 -7.76
N TYR B 145 -75.81 -86.27 -7.67
CA TYR B 145 -76.36 -87.13 -6.64
C TYR B 145 -75.70 -87.38 -5.34
N HIS B 146 -74.36 -87.46 -5.29
CA HIS B 146 -73.69 -87.79 -4.02
C HIS B 146 -74.45 -88.90 -3.28
N LYS B 147 -74.73 -90.00 -3.98
CA LYS B 147 -75.57 -91.05 -3.43
C LYS B 147 -74.81 -92.34 -3.23
N ASN B 148 -74.90 -92.86 -2.01
CA ASN B 148 -74.19 -94.06 -1.53
C ASN B 148 -72.65 -93.89 -1.43
N ASN B 149 -72.18 -92.64 -1.59
CA ASN B 149 -70.82 -92.13 -1.51
C ASN B 149 -70.93 -90.62 -1.33
N LYS B 150 -69.80 -89.89 -1.36
CA LYS B 150 -69.75 -88.44 -1.27
C LYS B 150 -68.99 -87.86 -2.45
N SER B 151 -69.30 -88.32 -3.67
CA SER B 151 -68.59 -87.77 -4.84
C SER B 151 -69.00 -86.37 -5.22
N TRP B 152 -70.26 -86.01 -4.97
CA TRP B 152 -70.80 -84.69 -5.35
C TRP B 152 -70.25 -84.28 -6.70
N MET B 153 -70.36 -85.12 -7.72
CA MET B 153 -69.67 -84.80 -8.95
C MET B 153 -70.28 -83.60 -9.61
N GLU B 154 -69.45 -82.74 -10.18
CA GLU B 154 -70.01 -81.58 -10.85
C GLU B 154 -70.40 -81.93 -12.27
N SER B 155 -71.59 -82.49 -12.39
CA SER B 155 -72.12 -82.92 -13.68
C SER B 155 -72.78 -81.79 -14.44
N GLU B 156 -73.24 -80.77 -13.71
CA GLU B 156 -73.92 -79.65 -14.33
C GLU B 156 -72.95 -78.50 -14.44
N PHE B 157 -72.71 -78.09 -15.66
CA PHE B 157 -71.79 -77.03 -15.93
C PHE B 157 -72.22 -76.32 -17.20
N ARG B 158 -73.36 -75.64 -17.16
CA ARG B 158 -73.85 -75.04 -18.38
C ARG B 158 -74.17 -73.58 -18.17
N VAL B 159 -73.22 -72.77 -18.56
CA VAL B 159 -73.29 -71.33 -18.40
C VAL B 159 -73.72 -70.73 -19.72
N TYR B 160 -73.15 -71.27 -20.78
CA TYR B 160 -73.39 -70.79 -22.11
C TYR B 160 -73.55 -71.99 -23.02
N SER B 161 -74.27 -71.78 -24.11
CA SER B 161 -74.52 -72.80 -25.11
C SER B 161 -73.36 -72.94 -26.08
N SER B 162 -72.79 -71.81 -26.46
CA SER B 162 -71.70 -71.83 -27.42
C SER B 162 -70.83 -70.60 -27.33
N ALA B 163 -69.66 -70.64 -27.94
CA ALA B 163 -68.80 -69.45 -27.96
C ALA B 163 -67.89 -69.46 -29.16
N ASN B 164 -67.48 -68.27 -29.57
CA ASN B 164 -66.51 -68.07 -30.62
C ASN B 164 -65.77 -66.76 -30.33
N ASN B 165 -64.77 -66.40 -31.20
CA ASN B 165 -63.99 -65.16 -31.13
C ASN B 165 -63.37 -64.94 -29.73
N CYS B 166 -62.78 -66.03 -29.17
CA CYS B 166 -62.20 -66.06 -27.85
C CYS B 166 -60.77 -65.53 -27.79
N THR B 167 -60.55 -64.72 -26.77
CA THR B 167 -59.26 -64.18 -26.45
C THR B 167 -58.99 -64.28 -24.96
N PHE B 168 -57.79 -63.90 -24.57
CA PHE B 168 -57.37 -63.88 -23.19
C PHE B 168 -57.74 -65.17 -22.50
N GLU B 169 -57.47 -66.30 -23.13
CA GLU B 169 -57.86 -67.50 -22.45
C GLU B 169 -56.84 -67.88 -21.40
N TYR B 170 -57.33 -68.21 -20.23
CA TYR B 170 -56.49 -68.64 -19.14
C TYR B 170 -57.08 -69.78 -18.34
N VAL B 171 -56.27 -70.76 -18.05
CA VAL B 171 -56.69 -71.85 -17.20
C VAL B 171 -55.64 -72.04 -16.13
N SER B 172 -56.09 -72.20 -14.90
CA SER B 172 -55.17 -72.40 -13.80
C SER B 172 -54.76 -73.87 -13.67
N GLN B 173 -54.15 -74.20 -12.54
CA GLN B 173 -53.65 -75.55 -12.34
C GLN B 173 -54.70 -76.39 -11.67
N PRO B 174 -54.70 -77.72 -11.86
CA PRO B 174 -55.58 -78.65 -11.20
C PRO B 174 -55.48 -78.61 -9.68
N PHE B 175 -56.62 -78.75 -9.05
CA PHE B 175 -56.79 -78.78 -7.60
C PHE B 175 -58.02 -79.58 -7.24
N LEU B 176 -58.29 -79.76 -5.96
CA LEU B 176 -59.50 -80.46 -5.59
C LEU B 176 -60.45 -79.46 -5.01
N MET B 177 -61.74 -79.60 -5.30
CA MET B 177 -62.70 -78.67 -4.73
C MET B 177 -63.54 -79.35 -3.68
N ASP B 178 -63.80 -78.65 -2.59
CA ASP B 178 -64.64 -79.27 -1.59
C ASP B 178 -66.09 -79.08 -1.98
N LEU B 179 -66.63 -80.13 -2.56
CA LEU B 179 -67.99 -80.10 -3.09
C LEU B 179 -69.02 -80.64 -2.10
N GLU B 180 -68.60 -81.02 -0.90
CA GLU B 180 -69.57 -81.58 0.04
C GLU B 180 -70.46 -80.47 0.61
N GLY B 181 -71.77 -80.72 0.68
CA GLY B 181 -72.69 -79.75 1.26
C GLY B 181 -72.55 -79.71 2.77
N LYS B 182 -72.79 -78.55 3.38
CA LYS B 182 -72.67 -78.41 4.82
C LYS B 182 -73.84 -77.72 5.50
N GLN B 183 -73.91 -77.93 6.82
CA GLN B 183 -74.88 -77.33 7.72
C GLN B 183 -74.15 -76.39 8.68
N GLY B 184 -74.87 -75.72 9.58
CA GLY B 184 -74.22 -74.82 10.53
C GLY B 184 -74.16 -73.38 10.03
N ASN B 185 -73.25 -72.60 10.60
CA ASN B 185 -73.17 -71.18 10.30
C ASN B 185 -72.36 -71.04 9.04
N PHE B 186 -72.18 -69.82 8.54
CA PHE B 186 -71.36 -69.69 7.37
C PHE B 186 -69.95 -69.79 7.85
N LYS B 187 -69.07 -70.33 7.01
CA LYS B 187 -67.69 -70.54 7.39
C LYS B 187 -66.71 -69.66 6.64
N ASN B 188 -67.12 -69.20 5.48
CA ASN B 188 -66.22 -68.48 4.62
C ASN B 188 -66.74 -67.15 4.14
N LEU B 189 -65.97 -66.11 4.40
CA LEU B 189 -66.29 -64.80 3.87
C LEU B 189 -65.39 -64.52 2.71
N ARG B 190 -65.98 -64.31 1.55
CA ARG B 190 -65.16 -64.05 0.40
C ARG B 190 -65.46 -62.64 -0.08
N GLU B 191 -64.43 -61.80 -0.13
CA GLU B 191 -64.63 -60.42 -0.55
C GLU B 191 -63.83 -60.11 -1.79
N PHE B 192 -64.50 -59.45 -2.73
CA PHE B 192 -63.87 -59.05 -3.97
C PHE B 192 -64.24 -57.64 -4.38
N VAL B 193 -63.33 -56.97 -5.04
CA VAL B 193 -63.73 -55.71 -5.65
C VAL B 193 -63.36 -55.75 -7.10
N PHE B 194 -64.30 -55.36 -7.93
CA PHE B 194 -64.10 -55.37 -9.36
C PHE B 194 -64.11 -53.98 -9.99
N LYS B 195 -63.02 -53.61 -10.65
CA LYS B 195 -62.92 -52.30 -11.28
C LYS B 195 -62.54 -52.46 -12.74
N ASN B 196 -63.02 -51.59 -13.63
CA ASN B 196 -62.66 -51.75 -15.04
C ASN B 196 -62.09 -50.47 -15.62
N ILE B 197 -60.77 -50.37 -15.61
CA ILE B 197 -60.10 -49.14 -16.01
C ILE B 197 -59.15 -49.31 -17.17
N ASP B 198 -59.42 -48.64 -18.27
CA ASP B 198 -58.54 -48.63 -19.43
C ASP B 198 -58.07 -49.99 -19.90
N GLY B 199 -58.98 -50.94 -19.97
CA GLY B 199 -58.62 -52.28 -20.43
C GLY B 199 -58.15 -53.21 -19.33
N TYR B 200 -58.09 -52.74 -18.10
CA TYR B 200 -57.66 -53.60 -17.02
C TYR B 200 -58.77 -53.88 -16.05
N PHE B 201 -59.05 -55.16 -15.86
CA PHE B 201 -60.08 -55.54 -14.92
C PHE B 201 -59.30 -55.87 -13.66
N LYS B 202 -59.34 -54.94 -12.75
CA LYS B 202 -58.52 -55.01 -11.56
C LYS B 202 -59.32 -55.66 -10.49
N ILE B 203 -58.79 -56.75 -9.94
CA ILE B 203 -59.58 -57.43 -8.94
C ILE B 203 -58.80 -57.57 -7.66
N TYR B 204 -59.36 -57.12 -6.56
CA TYR B 204 -58.70 -57.30 -5.26
C TYR B 204 -59.52 -58.27 -4.46
N SER B 205 -58.89 -59.01 -3.56
CA SER B 205 -59.69 -59.91 -2.73
C SER B 205 -59.07 -60.34 -1.42
N LYS B 206 -59.92 -60.94 -0.61
CA LYS B 206 -59.50 -61.57 0.62
C LYS B 206 -60.43 -62.73 0.95
N HIS B 207 -59.87 -63.76 1.57
CA HIS B 207 -60.66 -64.87 2.05
C HIS B 207 -60.46 -64.95 3.57
N THR B 208 -61.54 -64.67 4.29
CA THR B 208 -61.51 -64.62 5.74
C THR B 208 -62.48 -65.64 6.32
N PRO B 209 -62.10 -66.50 7.26
CA PRO B 209 -63.00 -67.43 7.89
C PRO B 209 -63.99 -66.68 8.78
N ILE B 210 -65.22 -67.13 8.80
CA ILE B 210 -66.31 -66.58 9.63
C ILE B 210 -67.10 -67.66 10.33
N ASN B 211 -67.91 -67.29 11.32
CA ASN B 211 -68.84 -68.25 11.95
C ASN B 211 -70.18 -67.58 12.23
N LEU B 212 -70.66 -66.77 11.28
CA LEU B 212 -71.89 -65.98 11.45
C LEU B 212 -73.06 -66.55 10.64
N VAL B 213 -74.30 -66.34 11.11
CA VAL B 213 -75.44 -66.90 10.38
C VAL B 213 -76.32 -65.93 9.58
N ARG B 214 -76.88 -64.91 10.21
CA ARG B 214 -77.90 -64.12 9.53
C ARG B 214 -77.47 -63.09 8.49
N ASP B 215 -76.40 -62.35 8.72
CA ASP B 215 -76.06 -61.25 7.82
C ASP B 215 -74.56 -61.01 7.78
N LEU B 216 -74.11 -60.04 7.00
CA LEU B 216 -72.70 -59.74 6.93
C LEU B 216 -72.11 -59.30 8.27
N PRO B 217 -70.85 -59.67 8.58
CA PRO B 217 -70.05 -59.29 9.73
C PRO B 217 -69.56 -57.86 9.67
N GLN B 218 -69.18 -57.34 10.82
CA GLN B 218 -68.62 -56.00 10.95
C GLN B 218 -67.18 -56.09 11.37
N GLY B 219 -66.40 -55.06 11.04
CA GLY B 219 -65.00 -55.00 11.41
C GLY B 219 -64.22 -54.29 10.33
N PHE B 220 -62.90 -54.33 10.41
CA PHE B 220 -62.11 -53.67 9.38
C PHE B 220 -61.50 -54.70 8.47
N SER B 221 -61.54 -54.46 7.18
CA SER B 221 -60.94 -55.38 6.24
C SER B 221 -60.38 -54.64 5.04
N ALA B 222 -59.24 -55.10 4.55
CA ALA B 222 -58.65 -54.53 3.35
C ALA B 222 -58.21 -55.68 2.46
N LEU B 223 -58.51 -55.56 1.17
CA LEU B 223 -58.21 -56.59 0.18
C LEU B 223 -56.82 -56.48 -0.47
N GLU B 224 -56.27 -57.62 -0.89
CA GLU B 224 -54.97 -57.64 -1.53
C GLU B 224 -55.08 -57.54 -3.04
N PRO B 225 -54.06 -57.03 -3.74
CA PRO B 225 -54.01 -56.87 -5.18
C PRO B 225 -54.41 -58.07 -6.00
N LEU B 226 -54.13 -59.28 -5.55
CA LEU B 226 -54.57 -60.43 -6.32
C LEU B 226 -54.16 -60.36 -7.80
N VAL B 227 -55.06 -59.94 -8.69
CA VAL B 227 -54.79 -59.97 -10.13
C VAL B 227 -55.17 -58.70 -10.87
N ASP B 228 -54.60 -58.56 -12.04
CA ASP B 228 -54.94 -57.46 -12.92
C ASP B 228 -55.04 -58.05 -14.31
N LEU B 229 -56.26 -58.18 -14.82
CA LEU B 229 -56.47 -58.86 -16.08
C LEU B 229 -56.62 -57.84 -17.22
N PRO B 230 -55.68 -57.76 -18.16
CA PRO B 230 -55.63 -56.78 -19.22
C PRO B 230 -56.58 -57.09 -20.35
N ILE B 231 -57.85 -57.00 -20.05
CA ILE B 231 -58.90 -57.33 -20.97
C ILE B 231 -59.60 -56.07 -21.48
N GLY B 232 -59.51 -55.83 -22.78
CA GLY B 232 -60.05 -54.64 -23.42
C GLY B 232 -61.56 -54.67 -23.66
N ILE B 233 -62.36 -54.85 -22.60
CA ILE B 233 -63.80 -54.88 -22.79
C ILE B 233 -64.52 -53.85 -21.90
N ASN B 234 -65.75 -53.52 -22.32
CA ASN B 234 -66.71 -52.63 -21.68
C ASN B 234 -67.62 -53.44 -20.75
N ILE B 235 -67.59 -53.15 -19.43
CA ILE B 235 -68.40 -53.85 -18.43
C ILE B 235 -69.38 -52.89 -17.83
N THR B 236 -70.66 -53.12 -18.07
CA THR B 236 -71.68 -52.23 -17.57
C THR B 236 -72.69 -52.97 -16.73
N ARG B 237 -72.70 -54.28 -16.85
CA ARG B 237 -73.57 -55.21 -16.16
C ARG B 237 -72.85 -56.51 -15.87
N PHE B 238 -73.34 -57.25 -14.89
CA PHE B 238 -72.73 -58.54 -14.60
C PHE B 238 -73.75 -59.51 -14.03
N GLN B 239 -73.41 -60.79 -14.03
CA GLN B 239 -74.28 -61.78 -13.47
C GLN B 239 -73.54 -62.76 -12.56
N THR B 240 -74.14 -63.10 -11.43
CA THR B 240 -73.53 -64.04 -10.48
C THR B 240 -73.92 -65.48 -10.82
N LEU B 241 -72.95 -66.38 -10.81
CA LEU B 241 -73.22 -67.78 -11.12
C LEU B 241 -73.33 -68.62 -9.84
N LEU B 242 -74.32 -69.52 -9.82
CA LEU B 242 -74.57 -70.38 -8.67
C LEU B 242 -74.60 -71.89 -9.01
N ALA B 243 -74.22 -72.74 -8.05
CA ALA B 243 -74.34 -74.20 -8.21
C ALA B 243 -75.55 -74.80 -7.47
N LEU B 244 -76.18 -75.80 -8.11
CA LEU B 244 -77.32 -76.61 -7.65
C LEU B 244 -76.94 -77.96 -7.09
N HIS B 245 -77.79 -78.51 -6.24
CA HIS B 245 -77.65 -79.89 -5.83
C HIS B 245 -78.78 -80.61 -6.58
N ARG B 246 -78.50 -81.74 -7.23
CA ARG B 246 -79.54 -82.42 -7.99
C ARG B 246 -79.53 -83.89 -7.76
N SER B 247 -79.99 -84.33 -6.60
CA SER B 247 -79.89 -85.73 -6.30
C SER B 247 -81.17 -86.49 -6.53
N TYR B 248 -81.13 -87.77 -6.19
CA TYR B 248 -82.21 -88.72 -6.32
C TYR B 248 -83.37 -88.32 -5.42
N LEU B 249 -82.99 -87.57 -4.41
CA LEU B 249 -83.82 -87.08 -3.35
C LEU B 249 -84.70 -85.92 -3.80
N THR B 250 -84.42 -85.36 -4.98
CA THR B 250 -85.18 -84.25 -5.51
C THR B 250 -85.67 -84.62 -6.92
N PRO B 251 -86.86 -85.24 -7.05
CA PRO B 251 -87.41 -85.71 -8.31
C PRO B 251 -87.88 -84.54 -9.14
N GLY B 252 -87.95 -84.75 -10.44
CA GLY B 252 -88.48 -83.76 -11.36
C GLY B 252 -87.60 -83.71 -12.61
N ASP B 253 -88.05 -83.00 -13.64
CA ASP B 253 -87.26 -82.91 -14.85
C ASP B 253 -86.25 -81.81 -14.59
N SER B 254 -85.48 -81.40 -15.57
CA SER B 254 -84.43 -80.45 -15.24
C SER B 254 -84.92 -79.10 -14.67
N SER B 255 -86.18 -78.71 -14.90
CA SER B 255 -86.67 -77.43 -14.41
C SER B 255 -87.09 -77.47 -12.93
N SER B 256 -87.33 -78.67 -12.40
CA SER B 256 -87.80 -78.78 -11.02
C SER B 256 -86.98 -79.73 -10.15
N GLY B 257 -86.21 -80.59 -10.80
CA GLY B 257 -85.42 -81.63 -10.15
C GLY B 257 -84.10 -81.09 -9.60
N TRP B 258 -84.21 -80.09 -8.74
CA TRP B 258 -83.06 -79.45 -8.12
C TRP B 258 -83.40 -78.79 -6.79
N THR B 259 -82.39 -78.66 -5.97
CA THR B 259 -82.48 -77.96 -4.71
C THR B 259 -81.36 -76.95 -4.52
N ALA B 260 -81.73 -75.78 -3.99
CA ALA B 260 -80.74 -74.78 -3.63
C ALA B 260 -80.16 -75.12 -2.26
N GLY B 261 -78.87 -74.87 -2.07
CA GLY B 261 -78.30 -75.07 -0.74
C GLY B 261 -78.36 -73.72 -0.07
N ALA B 262 -77.66 -73.52 1.03
CA ALA B 262 -77.73 -72.22 1.70
C ALA B 262 -76.48 -71.40 1.47
N ALA B 263 -76.67 -70.22 0.89
CA ALA B 263 -75.61 -69.25 0.60
C ALA B 263 -76.20 -67.87 0.44
N ALA B 264 -75.37 -66.86 0.55
CA ALA B 264 -75.90 -65.54 0.27
C ALA B 264 -74.83 -64.65 -0.31
N TYR B 265 -75.26 -63.68 -1.09
CA TYR B 265 -74.29 -62.75 -1.60
C TYR B 265 -74.82 -61.36 -1.55
N TYR B 266 -73.88 -60.44 -1.50
CA TYR B 266 -74.15 -59.07 -1.35
C TYR B 266 -73.51 -58.23 -2.42
N VAL B 267 -74.26 -57.29 -2.97
CA VAL B 267 -73.72 -56.43 -4.01
C VAL B 267 -73.86 -54.95 -3.71
N GLY B 268 -72.73 -54.27 -3.75
CA GLY B 268 -72.67 -52.84 -3.54
C GLY B 268 -71.97 -52.19 -4.72
N TYR B 269 -71.87 -50.88 -4.71
CA TYR B 269 -71.21 -50.20 -5.82
C TYR B 269 -70.19 -49.23 -5.31
N LEU B 270 -69.15 -49.04 -6.09
CA LEU B 270 -68.10 -48.14 -5.69
C LEU B 270 -68.38 -46.73 -6.13
N GLN B 271 -67.89 -45.77 -5.35
CA GLN B 271 -68.00 -44.36 -5.69
C GLN B 271 -66.69 -43.66 -5.40
N PRO B 272 -66.31 -42.61 -6.11
CA PRO B 272 -65.13 -41.85 -5.82
C PRO B 272 -65.25 -41.18 -4.47
N ARG B 273 -64.22 -41.37 -3.68
CA ARG B 273 -64.13 -40.84 -2.34
C ARG B 273 -62.71 -40.56 -1.94
N THR B 274 -62.58 -39.71 -0.94
CA THR B 274 -61.27 -39.51 -0.36
C THR B 274 -61.31 -40.16 0.99
N PHE B 275 -60.18 -40.74 1.33
CA PHE B 275 -59.95 -41.46 2.57
C PHE B 275 -58.70 -41.22 3.35
N LEU B 276 -58.87 -41.38 4.65
CA LEU B 276 -57.73 -41.39 5.55
C LEU B 276 -57.49 -42.86 5.89
N LEU B 277 -56.34 -43.40 5.55
CA LEU B 277 -56.08 -44.82 5.80
C LEU B 277 -55.01 -45.00 6.85
N LYS B 278 -55.30 -45.82 7.84
CA LYS B 278 -54.36 -46.04 8.92
C LYS B 278 -53.56 -47.32 8.81
N TYR B 279 -52.22 -47.16 8.68
CA TYR B 279 -51.29 -48.28 8.60
C TYR B 279 -50.62 -48.47 9.95
N ASN B 280 -50.63 -49.69 10.46
CA ASN B 280 -50.04 -49.96 11.76
C ASN B 280 -48.55 -50.15 11.62
N GLU B 281 -47.91 -50.51 12.72
CA GLU B 281 -46.45 -50.65 12.76
C GLU B 281 -45.85 -51.73 11.84
N ASN B 282 -46.67 -52.73 11.40
CA ASN B 282 -46.27 -53.83 10.52
C ASN B 282 -46.77 -53.59 9.08
N GLY B 283 -47.34 -52.39 8.77
CA GLY B 283 -47.84 -51.99 7.47
C GLY B 283 -49.21 -52.55 7.09
N THR B 284 -49.99 -52.95 8.06
CA THR B 284 -51.31 -53.48 7.78
C THR B 284 -52.29 -52.35 7.88
N ILE B 285 -53.22 -52.25 6.95
CA ILE B 285 -54.19 -51.19 7.11
C ILE B 285 -55.13 -51.73 8.15
N THR B 286 -55.32 -50.99 9.23
CA THR B 286 -56.18 -51.43 10.30
C THR B 286 -57.42 -50.59 10.46
N ASP B 287 -57.42 -49.40 9.87
CA ASP B 287 -58.62 -48.58 9.99
C ASP B 287 -58.75 -47.63 8.80
N ALA B 288 -59.84 -46.87 8.76
CA ALA B 288 -60.05 -45.88 7.70
C ALA B 288 -61.16 -44.87 8.01
N VAL B 289 -61.07 -43.69 7.40
CA VAL B 289 -62.16 -42.72 7.46
C VAL B 289 -62.64 -42.34 6.08
N ASP B 290 -63.95 -42.49 5.86
CA ASP B 290 -64.59 -42.07 4.61
C ASP B 290 -64.94 -40.61 4.82
N CYS B 291 -64.23 -39.70 4.12
CA CYS B 291 -64.30 -38.26 4.31
C CYS B 291 -65.66 -37.69 3.89
N ALA B 292 -66.46 -38.49 3.18
CA ALA B 292 -67.76 -38.03 2.73
C ALA B 292 -68.92 -38.55 3.58
N LEU B 293 -68.62 -39.30 4.64
CA LEU B 293 -69.69 -39.89 5.44
C LEU B 293 -70.54 -38.89 6.20
N ASP B 294 -69.91 -37.88 6.76
CA ASP B 294 -70.57 -36.88 7.58
C ASP B 294 -69.53 -35.79 7.98
N PRO B 295 -69.96 -34.63 8.51
CA PRO B 295 -69.12 -33.57 9.06
C PRO B 295 -68.11 -34.02 10.11
N LEU B 296 -68.41 -35.05 10.91
CA LEU B 296 -67.40 -35.45 11.88
C LEU B 296 -66.23 -36.10 11.16
N SER B 297 -66.53 -36.92 10.15
CA SER B 297 -65.49 -37.59 9.38
C SER B 297 -64.70 -36.55 8.63
N GLU B 298 -65.37 -35.51 8.12
CA GLU B 298 -64.66 -34.46 7.43
C GLU B 298 -63.62 -33.87 8.36
N THR B 299 -64.02 -33.63 9.61
CA THR B 299 -63.11 -33.08 10.60
C THR B 299 -61.96 -34.05 10.80
N LYS B 300 -62.25 -35.35 10.95
CA LYS B 300 -61.18 -36.34 11.13
C LYS B 300 -60.16 -36.37 9.99
N CYS B 301 -60.61 -36.26 8.71
CA CYS B 301 -59.74 -36.24 7.54
C CYS B 301 -58.89 -34.96 7.55
N THR B 302 -59.50 -33.83 7.90
CA THR B 302 -58.81 -32.56 7.93
C THR B 302 -57.67 -32.58 8.92
N LEU B 303 -57.94 -33.15 10.09
CA LEU B 303 -57.01 -33.19 11.19
C LEU B 303 -56.05 -34.37 11.14
N LYS B 304 -56.20 -35.26 10.15
CA LYS B 304 -55.38 -36.45 10.08
C LYS B 304 -55.41 -37.19 11.40
N SER B 305 -56.62 -37.43 11.91
CA SER B 305 -56.76 -38.10 13.19
C SER B 305 -57.99 -38.96 13.29
N PHE B 306 -57.93 -39.99 14.11
CA PHE B 306 -59.11 -40.82 14.33
C PHE B 306 -59.84 -40.41 15.60
N THR B 307 -59.33 -39.35 16.22
CA THR B 307 -59.89 -38.74 17.41
C THR B 307 -60.02 -37.23 17.24
N VAL B 308 -61.17 -36.70 17.64
CA VAL B 308 -61.38 -35.27 17.58
C VAL B 308 -61.64 -34.77 18.98
N GLU B 309 -60.88 -33.76 19.39
CA GLU B 309 -61.00 -33.23 20.73
C GLU B 309 -62.23 -32.35 20.88
N LYS B 310 -62.68 -32.21 22.10
CA LYS B 310 -63.83 -31.37 22.35
C LYS B 310 -63.57 -29.97 21.81
N GLY B 311 -64.53 -29.42 21.07
CA GLY B 311 -64.37 -28.08 20.52
C GLY B 311 -65.20 -27.80 19.27
N ILE B 312 -64.88 -26.67 18.63
CA ILE B 312 -65.58 -26.27 17.43
C ILE B 312 -64.68 -26.40 16.24
N TYR B 313 -65.17 -27.05 15.22
CA TYR B 313 -64.38 -27.20 14.03
C TYR B 313 -65.10 -26.58 12.85
N GLN B 314 -64.34 -26.00 11.93
CA GLN B 314 -64.96 -25.43 10.75
C GLN B 314 -64.95 -26.46 9.67
N THR B 315 -65.96 -26.44 8.81
CA THR B 315 -66.04 -27.38 7.71
C THR B 315 -66.28 -26.62 6.43
N SER B 316 -66.34 -27.33 5.31
CA SER B 316 -66.61 -26.67 4.04
C SER B 316 -68.04 -26.14 3.98
N ASN B 317 -68.27 -25.26 3.02
CA ASN B 317 -69.59 -24.70 2.85
C ASN B 317 -70.54 -25.77 2.42
N PHE B 318 -71.81 -25.58 2.72
CA PHE B 318 -72.78 -26.56 2.32
C PHE B 318 -72.81 -26.69 0.81
N ARG B 319 -72.83 -27.93 0.33
CA ARG B 319 -72.84 -28.14 -1.11
C ARG B 319 -73.95 -29.05 -1.52
N VAL B 320 -74.40 -28.87 -2.75
CA VAL B 320 -75.39 -29.74 -3.36
C VAL B 320 -74.79 -30.16 -4.67
N GLN B 321 -75.31 -31.22 -5.25
CA GLN B 321 -74.79 -31.65 -6.53
C GLN B 321 -75.76 -31.35 -7.65
N PRO B 322 -75.27 -31.18 -8.89
CA PRO B 322 -76.07 -31.06 -10.08
C PRO B 322 -76.69 -32.40 -10.36
N THR B 323 -77.90 -32.41 -10.91
CA THR B 323 -78.56 -33.68 -11.18
C THR B 323 -78.76 -34.07 -12.64
N GLU B 324 -78.65 -33.13 -13.53
CA GLU B 324 -78.91 -33.36 -14.95
C GLU B 324 -78.08 -32.40 -15.77
N SER B 325 -77.89 -32.70 -17.05
CA SER B 325 -77.12 -31.82 -17.92
C SER B 325 -77.96 -31.13 -19.00
N ILE B 326 -77.77 -29.83 -19.11
CA ILE B 326 -78.43 -29.01 -20.10
C ILE B 326 -77.51 -28.63 -21.21
N VAL B 327 -77.87 -29.03 -22.40
CA VAL B 327 -77.02 -28.74 -23.54
C VAL B 327 -77.74 -27.85 -24.53
N ARG B 328 -77.19 -26.68 -24.79
CA ARG B 328 -77.88 -25.76 -25.66
C ARG B 328 -76.99 -25.23 -26.76
N PHE B 329 -77.50 -25.38 -27.96
CA PHE B 329 -76.85 -24.93 -29.16
C PHE B 329 -77.82 -24.16 -30.00
N PRO B 330 -77.37 -23.29 -30.91
CA PRO B 330 -78.20 -22.58 -31.83
C PRO B 330 -78.82 -23.63 -32.70
N ASN B 331 -80.00 -23.34 -33.25
CA ASN B 331 -80.77 -24.26 -34.10
C ASN B 331 -80.22 -24.23 -35.54
N ILE B 332 -79.35 -25.21 -35.85
CA ILE B 332 -78.66 -25.38 -37.12
C ILE B 332 -78.94 -26.78 -37.59
N THR B 333 -79.45 -26.92 -38.81
CA THR B 333 -79.75 -28.23 -39.37
C THR B 333 -78.90 -28.58 -40.57
N ASN B 334 -78.02 -27.68 -40.96
CA ASN B 334 -77.19 -27.86 -42.13
C ASN B 334 -75.86 -28.50 -41.80
N LEU B 335 -75.28 -29.20 -42.77
CA LEU B 335 -73.93 -29.75 -42.62
C LEU B 335 -72.97 -28.77 -43.28
N CYS B 336 -71.78 -28.55 -42.67
CA CYS B 336 -70.73 -27.68 -43.23
C CYS B 336 -70.20 -28.23 -44.55
N PRO B 337 -69.72 -27.34 -45.44
CA PRO B 337 -69.25 -27.67 -46.77
C PRO B 337 -67.89 -28.32 -46.77
N PHE B 338 -67.82 -29.50 -46.20
CA PHE B 338 -66.58 -30.23 -46.11
C PHE B 338 -66.18 -30.63 -47.50
N GLY B 339 -67.17 -30.93 -48.34
CA GLY B 339 -66.87 -31.30 -49.71
C GLY B 339 -66.24 -30.11 -50.41
N GLU B 340 -66.83 -28.94 -50.33
CA GLU B 340 -66.23 -27.82 -51.04
C GLU B 340 -64.80 -27.55 -50.59
N VAL B 341 -64.56 -27.63 -49.28
CA VAL B 341 -63.24 -27.36 -48.75
C VAL B 341 -62.18 -28.41 -49.08
N PHE B 342 -62.53 -29.69 -48.96
CA PHE B 342 -61.56 -30.75 -49.18
C PHE B 342 -61.57 -31.46 -50.57
N ASN B 343 -62.69 -31.38 -51.33
CA ASN B 343 -62.90 -32.00 -52.65
C ASN B 343 -62.90 -30.97 -53.80
N ALA B 344 -62.37 -29.74 -53.59
CA ALA B 344 -62.33 -28.67 -54.62
C ALA B 344 -61.50 -29.09 -55.83
N THR B 345 -61.99 -28.70 -57.00
CA THR B 345 -61.30 -29.01 -58.26
C THR B 345 -59.97 -28.32 -58.28
N ARG B 346 -59.96 -27.07 -57.84
CA ARG B 346 -58.74 -26.29 -57.80
C ARG B 346 -58.57 -25.56 -56.50
N PHE B 347 -57.32 -25.50 -56.12
CA PHE B 347 -56.84 -24.78 -54.96
C PHE B 347 -56.01 -23.64 -55.45
N ALA B 348 -55.98 -22.58 -54.68
CA ALA B 348 -55.16 -21.44 -55.02
C ALA B 348 -53.72 -21.75 -54.79
N SER B 349 -52.88 -21.04 -55.49
CA SER B 349 -51.49 -21.13 -55.23
C SER B 349 -51.25 -20.40 -53.93
N VAL B 350 -50.16 -20.68 -53.24
CA VAL B 350 -49.92 -19.96 -52.00
C VAL B 350 -49.67 -18.49 -52.28
N TYR B 351 -49.13 -18.20 -53.46
CA TYR B 351 -48.90 -16.83 -53.90
C TYR B 351 -50.14 -15.97 -53.69
N ALA B 352 -51.31 -16.51 -53.98
CA ALA B 352 -52.55 -15.77 -53.88
C ALA B 352 -53.60 -16.68 -53.28
N TRP B 353 -53.38 -17.06 -52.04
CA TRP B 353 -54.17 -18.05 -51.32
C TRP B 353 -55.64 -17.64 -51.16
N ASN B 354 -56.55 -18.62 -51.11
CA ASN B 354 -57.99 -18.33 -50.98
C ASN B 354 -58.46 -18.24 -49.56
N ARG B 355 -59.57 -17.54 -49.36
CA ARG B 355 -60.18 -17.47 -48.05
C ARG B 355 -61.70 -17.56 -48.11
N LYS B 356 -62.28 -18.49 -47.36
CA LYS B 356 -63.72 -18.71 -47.35
C LYS B 356 -64.41 -18.54 -46.00
N ARG B 357 -65.49 -17.77 -46.01
CA ARG B 357 -66.30 -17.59 -44.80
C ARG B 357 -67.21 -18.80 -44.61
N ILE B 358 -67.26 -19.33 -43.40
CA ILE B 358 -68.12 -20.47 -43.08
C ILE B 358 -69.16 -20.10 -42.03
N SER B 359 -70.42 -20.41 -42.29
CA SER B 359 -71.49 -20.09 -41.35
C SER B 359 -72.73 -20.98 -41.45
N ASN B 360 -73.53 -20.96 -40.39
CA ASN B 360 -74.84 -21.61 -40.30
C ASN B 360 -74.83 -23.08 -40.64
N CYS B 361 -73.88 -23.83 -40.05
CA CYS B 361 -73.68 -25.25 -40.30
C CYS B 361 -73.09 -26.02 -39.11
N VAL B 362 -73.21 -27.34 -39.22
CA VAL B 362 -72.66 -28.26 -38.27
C VAL B 362 -71.35 -28.86 -38.73
N ALA B 363 -70.36 -28.72 -37.89
CA ALA B 363 -69.00 -29.16 -38.18
C ALA B 363 -68.82 -30.63 -37.86
N ASP B 364 -69.56 -31.46 -38.54
CA ASP B 364 -69.44 -32.87 -38.26
C ASP B 364 -68.35 -33.46 -39.10
N TYR B 365 -67.17 -33.45 -38.55
CA TYR B 365 -65.98 -33.86 -39.28
C TYR B 365 -65.84 -35.35 -39.42
N SER B 366 -66.79 -36.12 -38.86
CA SER B 366 -66.70 -37.56 -39.00
C SER B 366 -67.03 -37.91 -40.44
N VAL B 367 -67.59 -36.94 -41.18
CA VAL B 367 -67.94 -37.12 -42.57
C VAL B 367 -66.71 -37.41 -43.41
N LEU B 368 -65.56 -36.97 -42.94
CA LEU B 368 -64.33 -37.15 -43.65
C LEU B 368 -63.72 -38.52 -43.43
N TYR B 369 -64.24 -39.28 -42.46
CA TYR B 369 -63.63 -40.56 -42.10
C TYR B 369 -63.77 -41.60 -43.18
N ASN B 370 -64.76 -41.47 -44.05
CA ASN B 370 -64.98 -42.45 -45.09
C ASN B 370 -64.29 -42.07 -46.39
N SER B 371 -63.40 -41.09 -46.36
CA SER B 371 -62.73 -40.72 -47.57
C SER B 371 -61.38 -40.08 -47.36
N ALA B 372 -61.39 -38.93 -46.72
CA ALA B 372 -60.22 -38.11 -46.58
C ALA B 372 -59.29 -38.60 -45.50
N SER B 373 -58.04 -38.32 -45.67
CA SER B 373 -57.07 -38.60 -44.65
C SER B 373 -56.07 -37.52 -44.78
N PHE B 374 -55.36 -37.25 -43.71
CA PHE B 374 -54.41 -36.19 -43.78
C PHE B 374 -53.07 -36.70 -43.35
N SER B 375 -52.02 -36.14 -43.93
CA SER B 375 -50.68 -36.60 -43.60
C SER B 375 -50.22 -35.94 -42.33
N THR B 376 -50.74 -34.75 -42.09
CA THR B 376 -50.42 -34.02 -40.88
C THR B 376 -51.63 -33.30 -40.35
N PHE B 377 -51.64 -33.18 -39.04
CA PHE B 377 -52.70 -32.52 -38.32
C PHE B 377 -52.26 -31.93 -37.02
N LYS B 378 -52.57 -30.67 -36.80
CA LYS B 378 -52.28 -30.07 -35.52
C LYS B 378 -53.24 -28.95 -35.18
N CYS B 379 -53.81 -28.97 -33.95
CA CYS B 379 -54.64 -27.88 -33.43
C CYS B 379 -53.81 -27.08 -32.45
N TYR B 380 -53.99 -25.77 -32.48
CA TYR B 380 -53.20 -24.89 -31.65
C TYR B 380 -54.00 -24.25 -30.52
N GLY B 381 -55.20 -23.79 -30.82
CA GLY B 381 -55.95 -23.06 -29.78
C GLY B 381 -56.85 -23.92 -28.92
N VAL B 382 -56.92 -25.20 -29.23
CA VAL B 382 -57.81 -26.09 -28.52
C VAL B 382 -57.35 -27.52 -28.66
N SER B 383 -57.60 -28.35 -27.66
CA SER B 383 -57.29 -29.74 -27.82
C SER B 383 -58.29 -30.31 -28.83
N PRO B 384 -57.89 -31.12 -29.81
CA PRO B 384 -58.76 -31.65 -30.84
C PRO B 384 -59.86 -32.55 -30.31
N THR B 385 -59.68 -33.10 -29.12
CA THR B 385 -60.67 -34.00 -28.57
C THR B 385 -61.90 -33.27 -28.10
N LYS B 386 -61.81 -31.95 -27.99
CA LYS B 386 -62.90 -31.12 -27.56
C LYS B 386 -63.72 -30.58 -28.70
N LEU B 387 -63.33 -30.83 -29.94
CA LEU B 387 -64.01 -30.16 -31.03
C LEU B 387 -65.49 -30.48 -31.11
N ASN B 388 -65.90 -31.69 -30.78
CA ASN B 388 -67.30 -32.02 -30.89
C ASN B 388 -68.21 -31.39 -29.83
N ASP B 389 -67.63 -30.81 -28.78
CA ASP B 389 -68.43 -30.19 -27.73
C ASP B 389 -68.46 -28.67 -27.84
N LEU B 390 -67.83 -28.14 -28.88
CA LEU B 390 -67.67 -26.70 -29.04
C LEU B 390 -68.41 -26.08 -30.21
N CYS B 391 -68.68 -24.76 -30.10
CA CYS B 391 -69.15 -23.91 -31.17
C CYS B 391 -68.00 -23.00 -31.58
N PHE B 392 -68.01 -22.60 -32.82
CA PHE B 392 -66.93 -21.84 -33.37
C PHE B 392 -67.44 -20.57 -33.97
N THR B 393 -66.71 -19.48 -33.83
CA THR B 393 -67.23 -18.29 -34.46
C THR B 393 -66.21 -17.52 -35.24
N ASN B 394 -66.72 -16.63 -36.09
CA ASN B 394 -65.86 -15.83 -36.96
C ASN B 394 -64.95 -16.81 -37.68
N VAL B 395 -65.57 -17.85 -38.26
CA VAL B 395 -64.85 -18.94 -38.85
C VAL B 395 -64.53 -18.78 -40.32
N TYR B 396 -63.25 -18.92 -40.65
CA TYR B 396 -62.76 -18.85 -42.02
C TYR B 396 -61.83 -19.99 -42.34
N ALA B 397 -61.82 -20.43 -43.58
CA ALA B 397 -60.83 -21.42 -43.99
C ALA B 397 -59.92 -20.88 -45.08
N ASP B 398 -58.62 -20.89 -44.82
CA ASP B 398 -57.67 -20.44 -45.83
C ASP B 398 -57.25 -21.68 -46.60
N SER B 399 -57.01 -21.52 -47.90
CA SER B 399 -56.63 -22.69 -48.69
C SER B 399 -55.63 -22.46 -49.82
N PHE B 400 -54.62 -23.33 -49.86
CA PHE B 400 -53.56 -23.24 -50.86
C PHE B 400 -52.71 -24.49 -51.12
N VAL B 401 -51.97 -24.46 -52.24
CA VAL B 401 -51.00 -25.51 -52.58
C VAL B 401 -49.53 -25.08 -52.53
N ILE B 402 -48.77 -25.89 -51.83
CA ILE B 402 -47.32 -25.74 -51.59
C ILE B 402 -46.53 -27.01 -51.87
N ARG B 403 -45.21 -26.90 -51.81
CA ARG B 403 -44.34 -28.07 -51.96
C ARG B 403 -44.33 -28.86 -50.64
N GLY B 404 -44.25 -30.19 -50.69
CA GLY B 404 -44.23 -30.97 -49.45
C GLY B 404 -43.20 -30.61 -48.41
N ASP B 405 -42.00 -30.22 -48.79
CA ASP B 405 -41.01 -29.85 -47.77
C ASP B 405 -41.42 -28.60 -47.01
N GLU B 406 -42.30 -27.81 -47.58
CA GLU B 406 -42.74 -26.53 -47.03
C GLU B 406 -43.91 -26.68 -46.08
N VAL B 407 -44.41 -27.88 -45.90
CA VAL B 407 -45.56 -28.05 -45.01
C VAL B 407 -45.21 -27.60 -43.62
N ARG B 408 -44.01 -27.88 -43.20
CA ARG B 408 -43.54 -27.53 -41.88
C ARG B 408 -43.47 -26.02 -41.66
N GLN B 409 -43.50 -25.22 -42.72
CA GLN B 409 -43.39 -23.78 -42.57
C GLN B 409 -44.70 -23.10 -42.29
N ILE B 410 -45.79 -23.85 -42.32
CA ILE B 410 -47.08 -23.26 -42.09
C ILE B 410 -47.28 -22.87 -40.64
N ALA B 411 -46.80 -23.67 -39.72
CA ALA B 411 -46.99 -23.40 -38.31
C ALA B 411 -46.48 -22.01 -37.95
N PRO B 412 -47.12 -21.31 -37.02
CA PRO B 412 -46.71 -20.00 -36.62
C PRO B 412 -45.36 -20.16 -35.98
N GLY B 413 -44.50 -19.17 -36.15
CA GLY B 413 -43.18 -19.18 -35.52
C GLY B 413 -42.12 -19.71 -36.48
N GLN B 414 -42.54 -20.21 -37.62
CA GLN B 414 -41.60 -20.74 -38.59
C GLN B 414 -41.14 -19.66 -39.54
N THR B 415 -40.00 -19.91 -40.17
CA THR B 415 -39.40 -19.03 -41.17
C THR B 415 -39.18 -19.80 -42.44
N GLY B 416 -38.84 -19.10 -43.52
CA GLY B 416 -38.58 -19.75 -44.79
C GLY B 416 -39.28 -18.99 -45.88
N LYS B 417 -39.06 -19.32 -47.14
CA LYS B 417 -39.71 -18.47 -48.12
C LYS B 417 -41.23 -18.48 -48.05
N ILE B 418 -41.86 -19.55 -47.57
CA ILE B 418 -43.30 -19.49 -47.55
C ILE B 418 -43.71 -18.72 -46.33
N ALA B 419 -43.13 -19.09 -45.20
CA ALA B 419 -43.48 -18.43 -43.95
C ALA B 419 -43.23 -16.92 -44.01
N ASP B 420 -42.20 -16.49 -44.71
CA ASP B 420 -41.90 -15.08 -44.76
C ASP B 420 -42.54 -14.30 -45.91
N TYR B 421 -42.70 -14.90 -47.11
CA TYR B 421 -43.21 -14.14 -48.25
C TYR B 421 -44.57 -14.54 -48.81
N ASN B 422 -45.12 -15.68 -48.42
CA ASN B 422 -46.36 -16.12 -49.04
C ASN B 422 -47.55 -16.25 -48.11
N TYR B 423 -47.33 -16.84 -46.95
CA TYR B 423 -48.45 -17.05 -46.04
C TYR B 423 -47.97 -17.26 -44.62
N LYS B 424 -48.51 -16.47 -43.70
CA LYS B 424 -48.08 -16.59 -42.32
C LYS B 424 -49.20 -16.60 -41.31
N LEU B 425 -49.01 -17.40 -40.26
CA LEU B 425 -49.93 -17.44 -39.15
C LEU B 425 -49.36 -16.62 -38.02
N PRO B 426 -50.21 -16.01 -37.17
CA PRO B 426 -49.86 -15.20 -36.02
C PRO B 426 -49.32 -15.99 -34.86
N ASP B 427 -48.56 -15.30 -34.03
CA ASP B 427 -47.96 -15.85 -32.85
C ASP B 427 -48.97 -16.47 -31.90
N ASP B 428 -50.14 -15.87 -31.83
CA ASP B 428 -51.23 -16.31 -30.99
C ASP B 428 -52.36 -16.99 -31.75
N PHE B 429 -52.05 -17.63 -32.89
CA PHE B 429 -53.05 -18.34 -33.67
C PHE B 429 -53.85 -19.29 -32.82
N THR B 430 -55.18 -19.22 -32.96
CA THR B 430 -56.10 -20.04 -32.17
C THR B 430 -56.80 -21.12 -32.95
N GLY B 431 -56.39 -21.34 -34.17
CA GLY B 431 -57.07 -22.29 -35.03
C GLY B 431 -56.43 -23.70 -35.04
N CYS B 432 -56.57 -24.39 -36.21
CA CYS B 432 -56.11 -25.77 -36.45
C CYS B 432 -55.72 -25.96 -37.93
N VAL B 433 -54.61 -26.67 -38.17
CA VAL B 433 -54.08 -26.87 -39.52
C VAL B 433 -54.04 -28.33 -40.00
N ILE B 434 -54.57 -28.50 -41.21
CA ILE B 434 -54.68 -29.79 -41.89
C ILE B 434 -53.96 -29.86 -43.26
N ALA B 435 -53.19 -30.91 -43.52
CA ALA B 435 -52.59 -30.98 -44.88
C ALA B 435 -52.42 -32.41 -45.39
N TRP B 436 -52.45 -32.55 -46.74
CA TRP B 436 -52.31 -33.86 -47.36
C TRP B 436 -51.65 -33.89 -48.75
N ASN B 437 -51.18 -35.06 -49.11
CA ASN B 437 -50.42 -35.21 -50.35
C ASN B 437 -51.24 -35.51 -51.60
N SER B 438 -51.64 -34.46 -52.31
CA SER B 438 -52.44 -34.55 -53.53
C SER B 438 -51.59 -34.88 -54.76
N ASN B 439 -50.90 -36.03 -54.71
CA ASN B 439 -49.91 -36.37 -55.74
C ASN B 439 -50.49 -36.96 -57.00
N ASN B 440 -51.79 -37.12 -57.02
CA ASN B 440 -52.47 -37.62 -58.19
C ASN B 440 -53.44 -36.60 -58.72
N LEU B 441 -53.41 -35.39 -58.17
CA LEU B 441 -54.34 -34.37 -58.60
C LEU B 441 -53.62 -33.14 -59.07
N ASP B 442 -52.68 -32.67 -58.26
CA ASP B 442 -51.96 -31.45 -58.54
C ASP B 442 -50.64 -31.75 -59.21
N SER B 443 -50.42 -33.02 -59.49
CA SER B 443 -49.21 -33.42 -60.15
C SER B 443 -49.54 -33.68 -61.60
N LYS B 444 -48.66 -33.25 -62.49
CA LYS B 444 -48.85 -33.43 -63.92
C LYS B 444 -47.59 -33.92 -64.56
N VAL B 445 -47.69 -34.70 -65.61
CA VAL B 445 -46.49 -35.28 -66.19
C VAL B 445 -45.46 -34.26 -66.64
N GLY B 446 -45.90 -33.20 -67.29
CA GLY B 446 -44.96 -32.19 -67.75
C GLY B 446 -44.71 -31.11 -66.72
N GLY B 447 -45.34 -31.25 -65.55
CA GLY B 447 -45.34 -30.31 -64.45
C GLY B 447 -46.63 -29.49 -64.49
N ASN B 448 -47.02 -28.96 -63.35
CA ASN B 448 -48.22 -28.15 -63.22
C ASN B 448 -47.83 -26.73 -62.95
N TYR B 449 -47.89 -25.90 -63.96
CA TYR B 449 -47.32 -24.59 -63.81
C TYR B 449 -48.33 -23.57 -63.45
N ASN B 450 -49.47 -24.04 -62.97
CA ASN B 450 -50.46 -23.13 -62.51
C ASN B 450 -50.22 -22.83 -61.04
N TYR B 451 -49.22 -23.47 -60.44
CA TYR B 451 -48.97 -23.16 -59.05
C TYR B 451 -47.73 -22.28 -58.88
N LEU B 452 -47.93 -21.20 -58.12
CA LEU B 452 -46.93 -20.18 -57.83
C LEU B 452 -46.63 -19.90 -56.37
N TYR B 453 -45.41 -19.40 -56.18
CA TYR B 453 -44.96 -18.88 -54.90
C TYR B 453 -44.11 -17.64 -55.11
N ARG B 454 -44.08 -16.79 -54.08
CA ARG B 454 -43.25 -15.60 -54.06
C ARG B 454 -41.90 -15.92 -53.50
N LEU B 455 -40.87 -15.55 -54.24
CA LEU B 455 -39.50 -15.73 -53.84
C LEU B 455 -38.86 -14.42 -53.45
N PHE B 456 -39.23 -13.34 -54.12
CA PHE B 456 -38.54 -12.11 -53.82
C PHE B 456 -39.47 -11.10 -53.21
N ARG B 457 -39.01 -10.51 -52.14
CA ARG B 457 -39.75 -9.50 -51.46
C ARG B 457 -38.74 -8.67 -50.69
N LYS B 458 -39.09 -7.44 -50.32
CA LYS B 458 -38.18 -6.58 -49.56
C LYS B 458 -38.38 -6.61 -48.04
N SER B 459 -39.49 -7.18 -47.60
CA SER B 459 -39.85 -7.22 -46.19
C SER B 459 -40.75 -8.40 -45.94
N ASN B 460 -40.99 -8.75 -44.68
CA ASN B 460 -41.83 -9.91 -44.39
C ASN B 460 -43.31 -9.58 -44.30
N LEU B 461 -44.13 -10.59 -44.50
CA LEU B 461 -45.58 -10.47 -44.37
C LEU B 461 -46.04 -10.46 -42.93
N LYS B 462 -47.20 -9.88 -42.69
CA LYS B 462 -47.79 -9.92 -41.38
C LYS B 462 -48.82 -11.05 -41.45
N PRO B 463 -49.36 -11.54 -40.33
CA PRO B 463 -50.32 -12.62 -40.30
C PRO B 463 -51.50 -12.33 -41.19
N PHE B 464 -51.89 -13.37 -41.91
CA PHE B 464 -53.01 -13.39 -42.83
C PHE B 464 -52.95 -12.37 -43.96
N GLU B 465 -51.77 -11.86 -44.28
CA GLU B 465 -51.68 -10.98 -45.42
C GLU B 465 -51.48 -11.72 -46.71
N ARG B 466 -51.93 -11.10 -47.77
CA ARG B 466 -51.74 -11.62 -49.09
C ARG B 466 -51.09 -10.50 -49.89
N ASP B 467 -50.18 -10.84 -50.78
CA ASP B 467 -49.59 -9.83 -51.63
C ASP B 467 -49.48 -10.40 -53.03
N ILE B 468 -50.22 -9.80 -53.95
CA ILE B 468 -50.29 -10.30 -55.31
C ILE B 468 -49.69 -9.33 -56.28
N SER B 469 -48.88 -8.41 -55.79
CA SER B 469 -48.21 -7.50 -56.67
C SER B 469 -47.24 -8.27 -57.53
N THR B 470 -47.17 -7.89 -58.80
CA THR B 470 -46.29 -8.53 -59.75
C THR B 470 -45.19 -7.57 -60.14
N GLU B 471 -45.06 -6.47 -59.41
CA GLU B 471 -44.05 -5.49 -59.71
C GLU B 471 -42.73 -6.20 -59.69
N ILE B 472 -41.93 -5.97 -60.72
CA ILE B 472 -40.69 -6.71 -60.81
C ILE B 472 -39.77 -6.30 -59.67
N TYR B 473 -39.12 -7.28 -59.06
CA TYR B 473 -38.25 -7.05 -57.93
C TYR B 473 -36.89 -6.54 -58.32
N GLN B 474 -36.49 -5.47 -57.66
CA GLN B 474 -35.20 -4.87 -57.88
C GLN B 474 -34.22 -5.38 -56.86
N ALA B 475 -33.11 -5.90 -57.32
CA ALA B 475 -32.10 -6.47 -56.46
C ALA B 475 -30.81 -5.68 -56.50
N GLY B 476 -30.02 -5.76 -55.44
CA GLY B 476 -28.65 -5.27 -55.51
C GLY B 476 -28.51 -3.78 -55.68
N SER B 477 -29.50 -3.01 -55.23
CA SER B 477 -29.49 -1.57 -55.38
C SER B 477 -29.18 -1.18 -56.83
N THR B 478 -29.72 -1.94 -57.77
CA THR B 478 -29.53 -1.72 -59.19
C THR B 478 -30.85 -1.30 -59.81
N PRO B 479 -31.07 -0.01 -60.10
CA PRO B 479 -32.33 0.52 -60.53
C PRO B 479 -32.86 -0.30 -61.70
N CYS B 480 -34.16 -0.67 -61.65
CA CYS B 480 -34.83 -1.47 -62.68
C CYS B 480 -36.13 -0.82 -63.10
N ASN B 481 -36.20 -0.43 -64.36
CA ASN B 481 -37.37 0.25 -64.91
C ASN B 481 -38.38 -0.73 -65.48
N GLY B 482 -38.74 -1.72 -64.67
CA GLY B 482 -39.71 -2.73 -65.07
C GLY B 482 -39.18 -3.79 -66.05
N VAL B 483 -37.86 -3.96 -66.15
CA VAL B 483 -37.30 -4.90 -67.11
C VAL B 483 -36.44 -5.98 -66.47
N GLU B 484 -36.80 -7.23 -66.70
CA GLU B 484 -36.04 -8.33 -66.12
C GLU B 484 -34.63 -8.40 -66.66
N GLY B 485 -33.71 -8.91 -65.86
CA GLY B 485 -32.33 -8.98 -66.29
C GLY B 485 -31.37 -8.99 -65.11
N PHE B 486 -30.20 -8.40 -65.31
CA PHE B 486 -29.24 -8.39 -64.22
C PHE B 486 -29.85 -7.70 -63.04
N ASN B 487 -29.82 -8.40 -61.92
CA ASN B 487 -30.39 -7.91 -60.68
C ASN B 487 -31.84 -7.40 -60.79
N CYS B 488 -32.72 -8.07 -61.57
CA CYS B 488 -34.13 -7.67 -61.67
C CYS B 488 -34.91 -8.95 -62.00
N TYR B 489 -35.79 -9.31 -61.06
CA TYR B 489 -36.46 -10.60 -61.10
C TYR B 489 -37.96 -10.55 -61.00
N PHE B 490 -38.65 -11.50 -61.60
CA PHE B 490 -40.06 -11.51 -61.33
C PHE B 490 -40.14 -12.01 -59.91
N PRO B 491 -41.04 -11.48 -59.07
CA PRO B 491 -41.18 -11.83 -57.68
C PRO B 491 -41.64 -13.23 -57.45
N LEU B 492 -42.26 -13.81 -58.45
CA LEU B 492 -42.83 -15.13 -58.38
C LEU B 492 -42.17 -16.13 -59.29
N GLN B 493 -42.26 -17.38 -58.86
CA GLN B 493 -41.77 -18.54 -59.60
C GLN B 493 -42.78 -19.67 -59.53
N SER B 494 -42.76 -20.53 -60.55
CA SER B 494 -43.63 -21.68 -60.56
C SER B 494 -43.05 -22.91 -59.90
N TYR B 495 -43.94 -23.82 -59.55
CA TYR B 495 -43.57 -25.13 -59.02
C TYR B 495 -43.60 -26.15 -60.12
N GLY B 496 -42.86 -27.24 -59.96
CA GLY B 496 -42.86 -28.35 -60.91
C GLY B 496 -44.01 -29.31 -60.62
N PHE B 497 -43.88 -30.09 -59.57
CA PHE B 497 -44.90 -31.07 -59.22
C PHE B 497 -45.17 -32.14 -60.27
N GLN B 498 -44.12 -32.77 -60.75
CA GLN B 498 -44.30 -33.90 -61.62
C GLN B 498 -44.63 -35.08 -60.69
N PRO B 499 -45.40 -36.08 -61.14
CA PRO B 499 -45.78 -37.28 -60.40
C PRO B 499 -44.61 -38.21 -60.13
N THR B 500 -43.49 -37.95 -60.78
CA THR B 500 -42.30 -38.75 -60.68
C THR B 500 -41.27 -38.16 -59.72
N ASN B 501 -41.61 -37.05 -59.07
CA ASN B 501 -40.67 -36.43 -58.16
C ASN B 501 -40.75 -37.12 -56.80
N GLY B 502 -39.70 -37.00 -56.01
CA GLY B 502 -39.71 -37.60 -54.68
C GLY B 502 -40.61 -36.80 -53.77
N VAL B 503 -40.80 -37.27 -52.54
CA VAL B 503 -41.81 -36.71 -51.66
C VAL B 503 -41.69 -35.24 -51.38
N GLY B 504 -40.49 -34.75 -51.17
CA GLY B 504 -40.34 -33.35 -50.83
C GLY B 504 -40.81 -32.42 -51.93
N TYR B 505 -40.93 -32.93 -53.15
CA TYR B 505 -41.32 -32.15 -54.30
C TYR B 505 -42.73 -32.45 -54.76
N GLN B 506 -43.48 -33.24 -54.01
CA GLN B 506 -44.83 -33.53 -54.41
C GLN B 506 -45.66 -32.36 -53.89
N PRO B 507 -46.76 -31.99 -54.54
CA PRO B 507 -47.66 -30.95 -54.10
C PRO B 507 -48.45 -31.36 -52.90
N TYR B 508 -48.69 -30.40 -52.04
CA TYR B 508 -49.56 -30.58 -50.89
C TYR B 508 -50.64 -29.55 -50.76
N ARG B 509 -51.81 -30.03 -50.35
CA ARG B 509 -52.94 -29.17 -50.11
C ARG B 509 -53.02 -28.84 -48.64
N VAL B 510 -53.16 -27.56 -48.35
CA VAL B 510 -53.22 -27.11 -46.99
C VAL B 510 -54.50 -26.34 -46.70
N VAL B 511 -55.15 -26.74 -45.63
CA VAL B 511 -56.35 -26.10 -45.15
C VAL B 511 -56.12 -25.56 -43.75
N VAL B 512 -56.33 -24.27 -43.59
CA VAL B 512 -56.15 -23.68 -42.29
C VAL B 512 -57.45 -23.18 -41.77
N LEU B 513 -57.88 -23.73 -40.66
CA LEU B 513 -59.15 -23.32 -40.15
C LEU B 513 -58.92 -22.35 -39.01
N SER B 514 -59.40 -21.13 -39.18
CA SER B 514 -59.21 -20.07 -38.22
C SER B 514 -60.53 -19.67 -37.60
N PHE B 515 -60.56 -19.71 -36.27
CA PHE B 515 -61.76 -19.43 -35.50
C PHE B 515 -61.49 -18.95 -34.09
N GLU B 516 -62.53 -18.39 -33.48
CA GLU B 516 -62.51 -17.96 -32.09
C GLU B 516 -63.46 -18.80 -31.26
N LEU B 517 -63.14 -18.97 -29.97
CA LEU B 517 -64.02 -19.73 -29.07
C LEU B 517 -64.48 -18.93 -27.84
N LEU B 518 -65.71 -19.22 -27.43
CA LEU B 518 -66.38 -18.77 -26.18
C LEU B 518 -66.60 -17.27 -25.94
N HIS B 519 -66.38 -16.40 -26.92
CA HIS B 519 -66.59 -14.98 -26.65
C HIS B 519 -67.50 -14.22 -27.58
N ALA B 520 -68.30 -14.90 -28.36
CA ALA B 520 -69.18 -14.21 -29.28
C ALA B 520 -70.22 -15.22 -29.72
N PRO B 521 -71.35 -14.79 -30.29
CA PRO B 521 -72.35 -15.65 -30.87
C PRO B 521 -71.68 -16.45 -31.96
N ALA B 522 -72.09 -17.70 -32.14
CA ALA B 522 -71.51 -18.56 -33.16
C ALA B 522 -72.53 -18.98 -34.19
N THR B 523 -72.08 -19.13 -35.42
CA THR B 523 -72.90 -19.59 -36.53
C THR B 523 -72.49 -20.98 -37.00
N VAL B 524 -71.40 -21.49 -36.45
CA VAL B 524 -70.88 -22.78 -36.83
C VAL B 524 -70.74 -23.56 -35.53
N CYS B 525 -71.22 -24.82 -35.44
CA CYS B 525 -71.06 -25.56 -34.18
C CYS B 525 -70.95 -27.05 -34.42
N GLY B 526 -70.46 -27.77 -33.42
CA GLY B 526 -70.28 -29.20 -33.54
C GLY B 526 -71.61 -29.95 -33.52
N PRO B 527 -71.55 -31.29 -33.63
CA PRO B 527 -72.65 -32.22 -33.73
C PRO B 527 -73.31 -32.65 -32.43
N LYS B 528 -72.94 -32.06 -31.31
CA LYS B 528 -73.53 -32.52 -30.08
C LYS B 528 -75.00 -32.15 -30.10
N LYS B 529 -75.87 -33.06 -29.64
CA LYS B 529 -77.29 -32.78 -29.61
C LYS B 529 -77.68 -31.98 -28.38
N SER B 530 -78.67 -31.13 -28.56
CA SER B 530 -79.23 -30.32 -27.50
C SER B 530 -80.31 -31.02 -26.69
N THR B 531 -80.63 -30.41 -25.56
CA THR B 531 -81.65 -30.83 -24.63
C THR B 531 -82.56 -29.68 -24.31
N ASN B 532 -83.56 -29.95 -23.49
CA ASN B 532 -84.45 -28.92 -23.00
C ASN B 532 -83.74 -28.22 -21.87
N LEU B 533 -84.16 -27.01 -21.55
CA LEU B 533 -83.51 -26.28 -20.49
C LEU B 533 -84.33 -26.34 -19.21
N VAL B 534 -83.66 -26.58 -18.10
CA VAL B 534 -84.28 -26.66 -16.80
C VAL B 534 -83.84 -25.52 -15.91
N LYS B 535 -84.81 -24.81 -15.36
CA LYS B 535 -84.56 -23.66 -14.50
C LYS B 535 -84.78 -23.94 -13.02
N ASN B 536 -84.12 -23.13 -12.20
CA ASN B 536 -84.18 -23.14 -10.73
C ASN B 536 -83.77 -24.45 -10.07
N LYS B 537 -82.81 -25.13 -10.67
CA LYS B 537 -82.25 -26.37 -10.18
C LYS B 537 -80.75 -26.29 -10.36
N CYS B 538 -79.96 -27.07 -9.57
CA CYS B 538 -78.51 -27.20 -9.78
C CYS B 538 -78.29 -28.19 -10.91
N VAL B 539 -77.68 -27.67 -11.96
CA VAL B 539 -77.47 -28.41 -13.18
C VAL B 539 -76.07 -28.30 -13.74
N ASN B 540 -75.75 -29.23 -14.63
CA ASN B 540 -74.53 -29.13 -15.40
C ASN B 540 -74.96 -28.48 -16.69
N PHE B 541 -74.06 -27.84 -17.38
CA PHE B 541 -74.43 -27.27 -18.64
C PHE B 541 -73.32 -27.06 -19.64
N ASN B 542 -73.76 -26.86 -20.88
CA ASN B 542 -72.96 -26.50 -22.02
C ASN B 542 -73.68 -25.46 -22.89
N PHE B 543 -73.27 -24.20 -22.82
CA PHE B 543 -73.91 -23.16 -23.64
C PHE B 543 -72.96 -22.75 -24.74
N ASN B 544 -73.20 -23.26 -25.93
CA ASN B 544 -72.34 -23.02 -27.08
C ASN B 544 -70.88 -23.35 -26.84
N GLY B 545 -70.61 -24.40 -26.12
CA GLY B 545 -69.26 -24.80 -25.80
C GLY B 545 -68.84 -24.29 -24.41
N LEU B 546 -69.58 -23.39 -23.80
CA LEU B 546 -69.15 -22.94 -22.50
C LEU B 546 -69.76 -23.79 -21.42
N THR B 547 -68.92 -24.52 -20.76
CA THR B 547 -69.40 -25.45 -19.79
C THR B 547 -69.21 -24.99 -18.38
N GLY B 548 -69.91 -25.67 -17.49
CA GLY B 548 -69.82 -25.41 -16.07
C GLY B 548 -71.06 -25.93 -15.37
N THR B 549 -71.21 -25.58 -14.11
CA THR B 549 -72.36 -26.00 -13.34
C THR B 549 -72.89 -24.78 -12.63
N GLY B 550 -74.11 -24.88 -12.14
CA GLY B 550 -74.72 -23.78 -11.39
C GLY B 550 -76.24 -23.81 -11.50
N VAL B 551 -76.87 -22.73 -11.05
CA VAL B 551 -78.32 -22.64 -11.09
C VAL B 551 -78.70 -21.55 -12.06
N LEU B 552 -79.59 -21.89 -12.98
CA LEU B 552 -80.04 -20.97 -14.01
C LEU B 552 -81.35 -20.29 -13.66
N THR B 553 -81.37 -18.95 -13.71
CA THR B 553 -82.61 -18.20 -13.43
C THR B 553 -82.81 -17.09 -14.45
N GLU B 554 -84.03 -16.58 -14.60
CA GLU B 554 -84.23 -15.45 -15.50
C GLU B 554 -83.49 -14.23 -15.03
N SER B 555 -82.90 -13.50 -15.98
CA SER B 555 -82.14 -12.31 -15.65
C SER B 555 -82.73 -11.02 -16.18
N ASN B 556 -82.43 -9.94 -15.46
CA ASN B 556 -82.85 -8.59 -15.84
C ASN B 556 -81.76 -7.86 -16.60
N LYS B 557 -80.66 -8.55 -16.88
CA LYS B 557 -79.56 -7.97 -17.62
C LYS B 557 -79.98 -7.84 -19.07
N LYS B 558 -79.56 -6.77 -19.72
CA LYS B 558 -79.91 -6.60 -21.11
C LYS B 558 -78.68 -6.59 -21.99
N PHE B 559 -78.43 -7.73 -22.60
CA PHE B 559 -77.25 -7.89 -23.42
C PHE B 559 -77.45 -7.15 -24.71
N LEU B 560 -76.38 -6.66 -25.26
CA LEU B 560 -76.44 -5.97 -26.52
C LEU B 560 -76.60 -7.03 -27.59
N PRO B 561 -77.04 -6.69 -28.82
CA PRO B 561 -77.27 -7.61 -29.92
C PRO B 561 -76.12 -8.54 -30.27
N PHE B 562 -74.91 -8.12 -29.99
CA PHE B 562 -73.72 -8.89 -30.31
C PHE B 562 -73.07 -9.60 -29.13
N GLN B 563 -73.68 -9.54 -27.96
CA GLN B 563 -73.07 -10.14 -26.78
C GLN B 563 -73.71 -11.46 -26.42
N GLN B 564 -72.94 -12.53 -26.46
CA GLN B 564 -73.51 -13.84 -26.16
C GLN B 564 -73.34 -14.18 -24.69
N PHE B 565 -72.28 -13.68 -24.08
CA PHE B 565 -71.95 -14.02 -22.71
C PHE B 565 -71.62 -12.75 -21.94
N GLY B 566 -71.87 -12.74 -20.64
CA GLY B 566 -71.40 -11.64 -19.83
C GLY B 566 -70.31 -12.10 -18.89
N ARG B 567 -69.83 -11.17 -18.05
CA ARG B 567 -68.81 -11.43 -17.05
C ARG B 567 -69.07 -10.66 -15.75
N ASP B 568 -68.79 -11.29 -14.61
CA ASP B 568 -68.93 -10.65 -13.31
C ASP B 568 -67.68 -9.86 -12.91
N ILE B 569 -67.66 -9.43 -11.65
CA ILE B 569 -66.62 -8.60 -11.05
C ILE B 569 -65.22 -9.24 -11.07
N ALA B 570 -65.15 -10.56 -11.18
CA ALA B 570 -63.92 -11.29 -11.19
C ALA B 570 -63.74 -12.00 -12.51
N ASP B 571 -64.36 -11.44 -13.55
CA ASP B 571 -64.31 -11.91 -14.92
C ASP B 571 -64.74 -13.35 -15.14
N THR B 572 -65.75 -13.79 -14.43
CA THR B 572 -66.28 -15.12 -14.58
C THR B 572 -67.66 -15.02 -15.18
N THR B 573 -67.98 -15.88 -16.15
CA THR B 573 -69.30 -15.77 -16.75
C THR B 573 -70.36 -15.96 -15.69
N ASP B 574 -71.30 -15.02 -15.61
CA ASP B 574 -72.37 -15.11 -14.63
C ASP B 574 -73.73 -14.94 -15.26
N ALA B 575 -73.76 -14.90 -16.57
CA ALA B 575 -74.98 -14.78 -17.31
C ALA B 575 -74.71 -15.13 -18.74
N VAL B 576 -75.68 -15.76 -19.38
CA VAL B 576 -75.58 -16.09 -20.78
C VAL B 576 -76.84 -15.76 -21.55
N ARG B 577 -76.70 -15.60 -22.85
CA ARG B 577 -77.85 -15.51 -23.69
C ARG B 577 -78.12 -16.89 -24.26
N ASP B 578 -79.31 -17.42 -24.03
CA ASP B 578 -79.60 -18.75 -24.55
C ASP B 578 -79.59 -18.72 -26.07
N PRO B 579 -78.92 -19.66 -26.75
CA PRO B 579 -78.82 -19.74 -28.18
C PRO B 579 -80.09 -20.05 -28.96
N GLN B 580 -81.16 -20.58 -28.34
CA GLN B 580 -82.33 -20.86 -29.17
C GLN B 580 -83.41 -19.83 -28.96
N THR B 581 -83.61 -19.45 -27.71
CA THR B 581 -84.59 -18.43 -27.37
C THR B 581 -83.74 -17.39 -26.73
N LEU B 582 -83.80 -16.15 -27.17
CA LEU B 582 -82.82 -15.22 -26.65
C LEU B 582 -83.16 -14.59 -25.31
N GLU B 583 -83.17 -15.42 -24.30
CA GLU B 583 -83.43 -15.03 -22.93
C GLU B 583 -82.11 -14.85 -22.25
N ILE B 584 -82.04 -13.97 -21.28
CA ILE B 584 -80.81 -13.86 -20.55
C ILE B 584 -81.03 -14.57 -19.26
N LEU B 585 -80.12 -15.47 -18.95
CA LEU B 585 -80.20 -16.20 -17.72
C LEU B 585 -79.00 -15.90 -16.86
N ASP B 586 -79.22 -15.78 -15.57
CA ASP B 586 -78.13 -15.59 -14.63
C ASP B 586 -77.66 -16.95 -14.23
N ILE B 587 -76.40 -17.08 -13.88
CA ILE B 587 -75.92 -18.34 -13.42
C ILE B 587 -75.32 -18.15 -12.04
N THR B 588 -75.78 -18.88 -11.06
CA THR B 588 -75.16 -18.71 -9.77
C THR B 588 -74.51 -20.01 -9.38
N PRO B 589 -73.54 -20.02 -8.47
CA PRO B 589 -72.93 -21.21 -7.92
C PRO B 589 -73.98 -22.00 -7.20
N CYS B 590 -73.78 -23.34 -7.09
CA CYS B 590 -74.69 -24.25 -6.37
C CYS B 590 -74.29 -24.27 -4.90
N SER B 591 -72.98 -24.16 -4.67
CA SER B 591 -72.47 -24.19 -3.31
C SER B 591 -72.62 -22.82 -2.67
N PHE B 592 -72.85 -22.78 -1.37
CA PHE B 592 -73.01 -21.50 -0.65
C PHE B 592 -73.21 -21.72 0.83
N GLY B 593 -72.96 -20.67 1.60
CA GLY B 593 -73.23 -20.71 3.02
C GLY B 593 -71.97 -20.92 3.82
N GLY B 594 -72.04 -21.83 4.77
CA GLY B 594 -70.94 -22.11 5.69
C GLY B 594 -71.46 -22.99 6.80
N VAL B 595 -70.61 -23.88 7.26
CA VAL B 595 -70.99 -24.84 8.27
C VAL B 595 -69.89 -25.01 9.31
N SER B 596 -70.30 -25.21 10.56
CA SER B 596 -69.34 -25.55 11.60
C SER B 596 -69.93 -26.62 12.50
N VAL B 597 -69.05 -27.37 13.15
CA VAL B 597 -69.49 -28.50 13.95
C VAL B 597 -69.07 -28.47 15.40
N ILE B 598 -70.04 -28.78 16.26
CA ILE B 598 -69.86 -28.91 17.68
C ILE B 598 -69.53 -30.31 18.04
N THR B 599 -68.35 -30.51 18.58
CA THR B 599 -67.90 -31.83 18.91
C THR B 599 -67.59 -32.03 20.39
N PRO B 600 -68.26 -32.95 21.09
CA PRO B 600 -67.96 -33.34 22.45
C PRO B 600 -66.74 -34.18 22.19
N GLY B 601 -65.85 -34.42 23.12
CA GLY B 601 -64.74 -35.26 22.67
C GLY B 601 -65.24 -36.62 22.17
N THR B 602 -64.62 -37.12 21.09
CA THR B 602 -65.03 -38.38 20.44
C THR B 602 -64.68 -39.59 21.26
N ASN B 603 -63.90 -39.37 22.30
CA ASN B 603 -63.52 -40.43 23.21
C ASN B 603 -64.56 -40.58 24.31
N THR B 604 -65.61 -39.76 24.22
CA THR B 604 -66.72 -39.74 25.15
C THR B 604 -68.02 -40.00 24.41
N SER B 605 -68.25 -39.25 23.34
CA SER B 605 -69.48 -39.34 22.58
C SER B 605 -69.31 -38.97 21.13
N ASN B 606 -70.05 -39.63 20.26
CA ASN B 606 -70.00 -39.29 18.85
C ASN B 606 -71.22 -38.53 18.41
N GLN B 607 -71.96 -37.99 19.36
CA GLN B 607 -73.07 -37.15 19.01
C GLN B 607 -72.49 -35.81 18.64
N VAL B 608 -72.92 -35.24 17.54
CA VAL B 608 -72.42 -33.91 17.21
C VAL B 608 -73.58 -33.02 16.88
N ALA B 609 -73.37 -31.72 16.95
CA ALA B 609 -74.41 -30.80 16.54
C ALA B 609 -73.84 -29.96 15.41
N VAL B 610 -74.66 -29.62 14.44
CA VAL B 610 -74.14 -28.87 13.31
C VAL B 610 -74.81 -27.54 13.13
N LEU B 611 -74.01 -26.50 13.02
CA LEU B 611 -74.50 -25.15 12.83
C LEU B 611 -74.42 -24.72 11.39
N TYR B 612 -75.57 -24.29 10.88
CA TYR B 612 -75.68 -23.83 9.53
C TYR B 612 -75.80 -22.31 9.53
N GLN B 613 -74.73 -21.67 9.08
CA GLN B 613 -74.61 -20.22 9.21
C GLN B 613 -75.64 -19.45 8.44
N ASP B 614 -75.99 -19.97 7.29
CA ASP B 614 -76.89 -19.33 6.36
C ASP B 614 -78.25 -19.98 6.24
N VAL B 615 -78.68 -20.65 7.29
CA VAL B 615 -80.01 -21.23 7.28
C VAL B 615 -80.86 -20.59 8.40
N ASN B 616 -82.10 -20.11 8.05
CA ASN B 616 -83.07 -19.49 8.95
C ASN B 616 -83.96 -20.52 9.71
N CYS B 617 -84.24 -21.71 9.10
CA CYS B 617 -85.08 -22.78 9.66
C CYS B 617 -86.48 -22.31 10.10
N THR B 618 -87.07 -21.42 9.31
CA THR B 618 -88.41 -20.88 9.54
C THR B 618 -88.71 -19.84 8.46
N THR B 632 -85.67 -28.97 1.32
CA THR B 632 -86.20 -27.75 1.90
C THR B 632 -85.03 -26.80 2.26
N TRP B 633 -84.41 -27.04 3.43
CA TRP B 633 -83.31 -26.29 4.03
C TRP B 633 -81.99 -26.76 3.50
N ARG B 634 -81.03 -25.85 3.37
CA ARG B 634 -79.70 -26.24 2.95
C ARG B 634 -78.86 -26.78 4.09
N VAL B 635 -79.26 -27.96 4.53
CA VAL B 635 -78.64 -28.64 5.64
C VAL B 635 -78.29 -30.03 5.19
N TYR B 636 -77.41 -30.72 5.91
CA TYR B 636 -77.09 -32.08 5.50
C TYR B 636 -78.18 -33.04 5.93
N SER B 637 -78.81 -32.73 7.06
CA SER B 637 -79.89 -33.52 7.60
C SER B 637 -80.70 -32.65 8.54
N THR B 638 -81.93 -33.05 8.81
CA THR B 638 -82.72 -32.35 9.81
C THR B 638 -83.08 -33.34 10.89
N GLY B 639 -82.75 -32.98 12.13
CA GLY B 639 -83.03 -33.82 13.27
C GLY B 639 -84.25 -33.32 14.00
N SER B 640 -84.46 -33.83 15.20
CA SER B 640 -85.62 -33.42 15.98
C SER B 640 -85.41 -32.12 16.72
N ASN B 641 -84.16 -31.78 17.00
CA ASN B 641 -83.85 -30.57 17.72
C ASN B 641 -83.40 -29.44 16.82
N VAL B 642 -84.31 -28.54 16.50
CA VAL B 642 -83.94 -27.46 15.61
C VAL B 642 -84.11 -26.15 16.33
N PHE B 643 -83.01 -25.42 16.46
CA PHE B 643 -83.02 -24.15 17.17
C PHE B 643 -82.42 -23.02 16.36
N GLN B 644 -83.12 -21.90 16.27
CA GLN B 644 -82.59 -20.80 15.47
C GLN B 644 -82.07 -19.63 16.30
N THR B 645 -80.85 -19.24 16.02
CA THR B 645 -80.20 -18.10 16.66
C THR B 645 -79.51 -17.16 15.71
N ARG B 646 -78.92 -16.10 16.26
CA ARG B 646 -78.20 -15.11 15.46
C ARG B 646 -76.98 -15.69 14.79
N ALA B 647 -76.42 -16.73 15.38
CA ALA B 647 -75.25 -17.37 14.82
C ALA B 647 -75.59 -18.36 13.71
N GLY B 648 -76.89 -18.59 13.44
CA GLY B 648 -77.28 -19.57 12.42
C GLY B 648 -78.24 -20.61 13.02
N CYS B 649 -78.65 -21.60 12.18
CA CYS B 649 -79.58 -22.68 12.58
C CYS B 649 -78.78 -23.83 13.15
N LEU B 650 -79.07 -24.15 14.38
CA LEU B 650 -78.36 -25.21 15.04
C LEU B 650 -79.21 -26.45 15.10
N ILE B 651 -78.71 -27.52 14.49
CA ILE B 651 -79.47 -28.75 14.48
C ILE B 651 -78.78 -29.91 15.19
N GLY B 652 -79.53 -30.51 16.11
CA GLY B 652 -79.09 -31.66 16.91
C GLY B 652 -78.85 -31.37 18.39
N ALA B 653 -78.65 -30.12 18.76
CA ALA B 653 -78.48 -29.78 20.17
C ALA B 653 -79.84 -29.44 20.74
N GLU B 654 -80.07 -29.82 21.98
CA GLU B 654 -81.32 -29.46 22.64
C GLU B 654 -81.13 -28.06 23.14
N HIS B 655 -82.16 -27.26 23.19
CA HIS B 655 -81.96 -25.93 23.74
C HIS B 655 -82.70 -25.75 25.04
N VAL B 656 -82.06 -25.07 25.97
CA VAL B 656 -82.71 -24.78 27.24
C VAL B 656 -82.74 -23.29 27.46
N ASN B 657 -83.62 -22.86 28.36
CA ASN B 657 -83.77 -21.45 28.68
C ASN B 657 -82.88 -20.99 29.80
N ASN B 658 -81.98 -21.85 30.20
CA ASN B 658 -81.05 -21.54 31.24
C ASN B 658 -79.83 -20.86 30.67
N SER B 659 -78.93 -20.50 31.58
CA SER B 659 -77.69 -19.88 31.17
C SER B 659 -76.60 -20.43 32.05
N TYR B 660 -75.40 -20.45 31.50
CA TYR B 660 -74.27 -21.05 32.20
C TYR B 660 -72.97 -20.46 31.71
N GLU B 661 -71.89 -20.93 32.30
CA GLU B 661 -70.55 -20.56 31.87
C GLU B 661 -70.35 -21.16 30.47
N CYS B 662 -69.63 -20.44 29.59
CA CYS B 662 -69.40 -20.83 28.20
C CYS B 662 -68.29 -21.87 28.03
N ASP B 663 -68.57 -22.77 27.10
CA ASP B 663 -67.67 -23.72 26.49
C ASP B 663 -68.29 -23.90 25.13
N ILE B 664 -67.66 -24.67 24.26
CA ILE B 664 -68.22 -24.89 22.93
C ILE B 664 -68.89 -23.58 22.49
N PRO B 665 -68.17 -22.49 22.31
CA PRO B 665 -68.78 -21.24 21.98
C PRO B 665 -69.44 -21.38 20.65
N ILE B 666 -70.66 -20.90 20.52
CA ILE B 666 -71.34 -20.98 19.27
C ILE B 666 -71.21 -19.66 18.56
N GLY B 667 -71.49 -18.60 19.30
CA GLY B 667 -71.39 -17.25 18.77
C GLY B 667 -72.64 -16.46 19.04
N ALA B 668 -72.53 -15.15 18.96
CA ALA B 668 -73.65 -14.26 19.14
C ALA B 668 -74.46 -14.49 20.40
N GLY B 669 -73.80 -14.63 21.55
CA GLY B 669 -74.50 -14.76 22.82
C GLY B 669 -74.82 -16.18 23.30
N ILE B 670 -74.63 -17.16 22.43
CA ILE B 670 -74.94 -18.55 22.76
C ILE B 670 -73.70 -19.49 22.76
N CYS B 671 -73.73 -20.48 23.72
CA CYS B 671 -72.70 -21.50 23.97
C CYS B 671 -73.35 -22.87 24.22
N ALA B 672 -72.51 -23.90 24.44
CA ALA B 672 -73.03 -25.24 24.67
C ALA B 672 -72.10 -26.12 25.50
N SER B 673 -72.67 -27.23 26.00
CA SER B 673 -71.91 -28.23 26.73
C SER B 673 -72.55 -29.60 26.55
N TYR B 674 -71.80 -30.65 26.88
CA TYR B 674 -72.36 -31.99 26.78
C TYR B 674 -72.64 -32.51 28.17
N GLN B 675 -73.92 -32.75 28.46
CA GLN B 675 -74.35 -33.10 29.80
C GLN B 675 -75.34 -34.23 29.87
N THR B 676 -75.35 -34.92 31.00
CA THR B 676 -76.36 -35.92 31.26
C THR B 676 -77.66 -35.12 31.46
N GLN B 677 -78.78 -35.54 30.78
CA GLN B 677 -80.11 -34.89 30.84
C GLN B 677 -79.99 -33.42 30.43
N SER B 689 -79.11 -41.02 27.25
CA SER B 689 -79.27 -40.31 28.52
C SER B 689 -78.55 -38.93 28.59
N GLN B 690 -77.56 -38.70 27.69
CA GLN B 690 -76.73 -37.48 27.60
C GLN B 690 -76.93 -36.82 26.26
N SER B 691 -76.73 -35.51 26.22
CA SER B 691 -76.83 -34.78 24.98
C SER B 691 -76.12 -33.44 24.95
N ILE B 692 -75.97 -32.92 23.74
CA ILE B 692 -75.41 -31.59 23.58
C ILE B 692 -76.50 -30.58 23.88
N ILE B 693 -76.21 -29.68 24.81
CA ILE B 693 -77.14 -28.67 25.22
C ILE B 693 -76.69 -27.30 24.82
N ALA B 694 -77.57 -26.59 24.17
CA ALA B 694 -77.35 -25.21 23.80
C ALA B 694 -77.99 -24.33 24.87
N TYR B 695 -77.33 -23.27 25.24
CA TYR B 695 -77.79 -22.35 26.28
C TYR B 695 -77.21 -20.99 26.11
N THR B 696 -77.77 -19.97 26.75
CA THR B 696 -77.15 -18.67 26.57
C THR B 696 -76.09 -18.46 27.61
N MET B 697 -75.24 -17.50 27.36
CA MET B 697 -74.20 -17.24 28.33
C MET B 697 -74.64 -16.41 29.50
N SER B 698 -74.12 -16.79 30.65
CA SER B 698 -74.28 -15.97 31.82
C SER B 698 -73.15 -14.95 31.77
N LEU B 699 -73.27 -13.89 32.54
CA LEU B 699 -72.19 -12.93 32.67
C LEU B 699 -71.89 -12.89 34.13
N GLY B 700 -71.13 -13.85 34.62
CA GLY B 700 -70.92 -13.90 36.06
C GLY B 700 -72.27 -14.06 36.75
N ALA B 701 -72.54 -13.15 37.69
CA ALA B 701 -73.78 -13.15 38.47
C ALA B 701 -74.27 -11.72 38.70
N GLU B 702 -75.56 -11.58 38.92
CA GLU B 702 -76.19 -10.29 39.21
C GLU B 702 -75.83 -9.75 40.58
N ASN B 703 -75.59 -8.44 40.65
CA ASN B 703 -75.28 -7.79 41.91
C ASN B 703 -75.78 -6.33 41.92
N SER B 704 -75.57 -5.62 43.02
CA SER B 704 -75.98 -4.23 43.15
C SER B 704 -75.24 -3.55 44.30
N VAL B 705 -75.31 -2.23 44.35
CA VAL B 705 -74.73 -1.47 45.45
C VAL B 705 -75.83 -0.58 46.03
N ALA B 706 -75.98 -0.57 47.36
CA ALA B 706 -77.04 0.19 48.02
C ALA B 706 -77.01 1.70 47.74
N TYR B 707 -75.82 2.24 47.65
CA TYR B 707 -75.54 3.64 47.42
C TYR B 707 -76.36 4.60 48.27
N SER B 708 -76.29 4.44 49.56
CA SER B 708 -76.90 5.46 50.35
C SER B 708 -75.91 6.61 50.36
N ASN B 709 -76.39 7.86 50.18
CA ASN B 709 -75.54 9.06 50.18
C ASN B 709 -75.02 9.41 51.60
N ASN B 710 -75.54 8.73 52.66
CA ASN B 710 -75.20 8.86 54.06
C ASN B 710 -74.43 7.64 54.56
N SER B 711 -73.93 6.75 53.69
CA SER B 711 -73.26 5.58 54.25
C SER B 711 -72.07 5.07 53.48
N ILE B 712 -71.09 4.59 54.22
CA ILE B 712 -69.88 4.03 53.66
C ILE B 712 -69.61 2.64 54.20
N ALA B 713 -69.20 1.73 53.34
CA ALA B 713 -68.84 0.42 53.82
C ALA B 713 -67.35 0.43 54.09
N ILE B 714 -66.96 -0.06 55.27
CA ILE B 714 -65.58 -0.09 55.70
C ILE B 714 -65.17 -1.51 56.12
N PRO B 715 -64.08 -2.09 55.58
CA PRO B 715 -63.58 -3.42 55.89
C PRO B 715 -63.23 -3.47 57.35
N THR B 716 -63.44 -4.62 58.00
CA THR B 716 -63.04 -4.77 59.42
C THR B 716 -61.96 -5.89 59.64
N ASN B 717 -61.69 -6.68 58.59
CA ASN B 717 -60.76 -7.80 58.48
C ASN B 717 -60.20 -7.75 57.06
N PHE B 718 -59.27 -8.64 56.71
CA PHE B 718 -58.67 -8.77 55.38
C PHE B 718 -58.11 -10.15 55.22
N THR B 719 -57.90 -10.53 53.97
CA THR B 719 -57.19 -11.75 53.67
C THR B 719 -56.05 -11.48 52.73
N ILE B 720 -54.89 -11.98 53.09
CA ILE B 720 -53.77 -11.91 52.20
C ILE B 720 -53.72 -13.24 51.50
N SER B 721 -53.69 -13.17 50.20
CA SER B 721 -53.73 -14.35 49.37
C SER B 721 -52.66 -14.26 48.32
N VAL B 722 -52.34 -15.40 47.72
CA VAL B 722 -51.32 -15.38 46.71
C VAL B 722 -51.89 -16.05 45.49
N THR B 723 -51.76 -15.37 44.37
CA THR B 723 -52.24 -15.89 43.10
C THR B 723 -51.08 -15.98 42.18
N THR B 724 -51.25 -16.65 41.05
CA THR B 724 -50.10 -16.76 40.17
C THR B 724 -50.39 -16.31 38.76
N GLU B 725 -49.33 -15.93 38.06
CA GLU B 725 -49.41 -15.56 36.66
C GLU B 725 -48.31 -16.24 35.85
N ILE B 726 -48.69 -16.76 34.69
CA ILE B 726 -47.77 -17.47 33.82
C ILE B 726 -47.51 -16.73 32.52
N LEU B 727 -46.25 -16.37 32.30
CA LEU B 727 -45.88 -15.61 31.11
C LEU B 727 -44.74 -16.25 30.33
N PRO B 728 -44.91 -16.57 29.05
CA PRO B 728 -43.88 -17.06 28.17
C PRO B 728 -42.79 -16.02 28.02
N VAL B 729 -41.56 -16.48 27.89
CA VAL B 729 -40.42 -15.59 27.67
C VAL B 729 -39.70 -15.88 26.37
N SER B 730 -39.56 -17.16 26.02
CA SER B 730 -38.77 -17.48 24.83
C SER B 730 -39.30 -18.65 24.02
N MET B 731 -38.92 -18.63 22.76
CA MET B 731 -39.20 -19.64 21.75
C MET B 731 -38.06 -20.60 21.61
N THR B 732 -38.35 -21.77 21.09
CA THR B 732 -37.29 -22.67 20.73
C THR B 732 -36.54 -22.02 19.60
N LYS B 733 -35.22 -21.96 19.71
CA LYS B 733 -34.42 -21.37 18.66
C LYS B 733 -34.19 -22.45 17.63
N THR B 734 -34.34 -22.10 16.36
CA THR B 734 -34.15 -23.10 15.32
C THR B 734 -33.23 -22.59 14.23
N SER B 735 -32.84 -23.51 13.36
CA SER B 735 -32.03 -23.19 12.19
C SER B 735 -32.29 -24.16 11.07
N VAL B 736 -32.19 -23.71 9.84
CA VAL B 736 -32.45 -24.61 8.75
C VAL B 736 -31.34 -24.77 7.72
N ASP B 737 -30.98 -26.02 7.47
CA ASP B 737 -30.04 -26.27 6.42
C ASP B 737 -30.92 -26.32 5.20
N CYS B 738 -31.05 -25.15 4.55
CA CYS B 738 -31.93 -24.87 3.43
C CYS B 738 -31.49 -25.61 2.18
N THR B 739 -30.28 -26.17 2.19
CA THR B 739 -29.89 -26.97 1.05
C THR B 739 -30.40 -28.37 1.32
N MET B 740 -30.18 -28.85 2.54
CA MET B 740 -30.59 -30.22 2.86
C MET B 740 -32.10 -30.40 2.72
N TYR B 741 -32.87 -29.38 3.10
CA TYR B 741 -34.33 -29.42 3.02
C TYR B 741 -34.84 -29.57 1.62
N ILE B 742 -34.08 -29.13 0.67
CA ILE B 742 -34.54 -29.14 -0.68
C ILE B 742 -33.91 -30.26 -1.51
N CYS B 743 -32.57 -30.40 -1.41
CA CYS B 743 -31.72 -31.29 -2.18
C CYS B 743 -30.89 -32.15 -1.23
N GLY B 744 -31.53 -32.73 -0.22
CA GLY B 744 -30.76 -33.54 0.71
C GLY B 744 -30.11 -34.67 -0.04
N ASP B 745 -28.79 -34.76 0.08
CA ASP B 745 -27.97 -35.75 -0.59
C ASP B 745 -28.28 -35.88 -2.10
N SER B 746 -28.51 -34.77 -2.79
CA SER B 746 -28.76 -34.85 -4.23
C SER B 746 -28.00 -33.80 -5.02
N THR B 747 -26.99 -34.25 -5.75
CA THR B 747 -26.09 -33.35 -6.46
C THR B 747 -26.71 -32.56 -7.58
N GLU B 748 -27.52 -33.19 -8.40
CA GLU B 748 -28.05 -32.45 -9.55
C GLU B 748 -28.96 -31.30 -9.10
N CYS B 749 -29.81 -31.57 -8.08
CA CYS B 749 -30.73 -30.65 -7.45
C CYS B 749 -29.91 -29.52 -6.82
N SER B 750 -28.85 -29.90 -6.11
CA SER B 750 -28.04 -28.94 -5.43
C SER B 750 -27.46 -27.94 -6.39
N ASN B 751 -26.99 -28.39 -7.54
CA ASN B 751 -26.44 -27.41 -8.45
C ASN B 751 -27.51 -26.47 -8.96
N LEU B 752 -28.70 -26.99 -9.25
CA LEU B 752 -29.76 -26.12 -9.75
C LEU B 752 -30.19 -25.09 -8.72
N LEU B 753 -30.14 -25.50 -7.46
CA LEU B 753 -30.51 -24.70 -6.30
C LEU B 753 -29.58 -23.54 -6.06
N LEU B 754 -28.41 -23.53 -6.68
CA LEU B 754 -27.48 -22.46 -6.44
C LEU B 754 -27.91 -21.19 -7.12
N GLN B 755 -28.85 -21.24 -8.06
CA GLN B 755 -29.16 -20.00 -8.75
C GLN B 755 -29.83 -18.99 -7.82
N TYR B 756 -30.87 -19.38 -7.08
CA TYR B 756 -31.48 -18.43 -6.15
C TYR B 756 -30.81 -18.63 -4.80
N GLY B 757 -29.52 -18.37 -4.78
CA GLY B 757 -28.70 -18.65 -3.60
C GLY B 757 -28.80 -17.62 -2.49
N SER B 758 -29.07 -16.37 -2.86
CA SER B 758 -29.09 -15.32 -1.86
C SER B 758 -30.29 -15.48 -0.98
N PHE B 759 -31.34 -16.03 -1.55
CA PHE B 759 -32.57 -16.25 -0.84
C PHE B 759 -32.43 -17.24 0.31
N CYS B 760 -31.77 -18.39 0.05
CA CYS B 760 -31.51 -19.50 0.96
C CYS B 760 -30.76 -18.88 2.17
N THR B 761 -29.79 -18.00 1.85
CA THR B 761 -29.04 -17.31 2.88
C THR B 761 -29.93 -16.37 3.70
N GLN B 762 -30.81 -15.61 3.03
CA GLN B 762 -31.67 -14.68 3.74
C GLN B 762 -32.64 -15.36 4.68
N LEU B 763 -33.09 -16.57 4.33
CA LEU B 763 -34.00 -17.27 5.21
C LEU B 763 -33.29 -17.56 6.53
N ASN B 764 -32.03 -17.97 6.44
CA ASN B 764 -31.29 -18.22 7.67
C ASN B 764 -30.98 -16.97 8.43
N ARG B 765 -30.78 -15.86 7.73
CA ARG B 765 -30.49 -14.65 8.46
C ARG B 765 -31.68 -14.25 9.30
N ALA B 766 -32.87 -14.40 8.74
CA ALA B 766 -34.06 -14.05 9.49
C ALA B 766 -34.22 -14.93 10.71
N LEU B 767 -33.92 -16.22 10.56
CA LEU B 767 -34.06 -17.12 11.69
C LEU B 767 -33.04 -16.81 12.75
N THR B 768 -31.85 -16.40 12.32
CA THR B 768 -30.79 -16.06 13.25
C THR B 768 -31.25 -14.89 14.07
N GLY B 769 -31.83 -13.88 13.43
CA GLY B 769 -32.25 -12.72 14.19
C GLY B 769 -33.23 -13.14 15.27
N ILE B 770 -34.12 -14.09 14.97
CA ILE B 770 -35.03 -14.52 16.00
C ILE B 770 -34.27 -15.19 17.12
N ALA B 771 -33.35 -16.07 16.76
CA ALA B 771 -32.60 -16.83 17.74
C ALA B 771 -31.82 -15.94 18.70
N VAL B 772 -31.26 -14.86 18.20
CA VAL B 772 -30.51 -13.97 19.06
C VAL B 772 -31.42 -13.29 20.06
N GLU B 773 -32.57 -12.84 19.57
CA GLU B 773 -33.52 -12.15 20.41
C GLU B 773 -34.01 -13.07 21.51
N GLN B 774 -34.10 -14.37 21.26
CA GLN B 774 -34.62 -15.25 22.29
C GLN B 774 -33.71 -15.29 23.52
N ASP B 775 -32.40 -15.11 23.36
CA ASP B 775 -31.58 -15.15 24.56
C ASP B 775 -31.68 -13.80 25.24
N LYS B 776 -31.81 -12.74 24.45
CA LYS B 776 -31.93 -11.43 25.07
C LYS B 776 -33.21 -11.36 25.88
N ASN B 777 -34.28 -11.99 25.41
CA ASN B 777 -35.55 -11.95 26.14
C ASN B 777 -35.38 -12.59 27.49
N THR B 778 -34.65 -13.70 27.53
CA THR B 778 -34.43 -14.38 28.79
C THR B 778 -33.63 -13.49 29.72
N GLN B 779 -32.62 -12.83 29.18
CA GLN B 779 -31.80 -11.99 30.03
C GLN B 779 -32.59 -10.82 30.59
N GLU B 780 -33.45 -10.21 29.79
CA GLU B 780 -34.19 -9.06 30.29
C GLU B 780 -35.17 -9.43 31.37
N VAL B 781 -35.75 -10.62 31.28
CA VAL B 781 -36.69 -11.05 32.29
C VAL B 781 -36.01 -11.48 33.57
N PHE B 782 -34.94 -12.26 33.50
CA PHE B 782 -34.37 -12.76 34.74
C PHE B 782 -33.07 -12.12 35.25
N ALA B 783 -32.19 -11.69 34.36
CA ALA B 783 -30.90 -11.17 34.79
C ALA B 783 -30.99 -9.67 35.05
N GLN B 784 -31.79 -9.30 36.05
CA GLN B 784 -32.01 -7.89 36.33
C GLN B 784 -31.05 -7.32 37.35
N VAL B 785 -30.35 -8.21 38.02
CA VAL B 785 -29.42 -7.88 39.06
C VAL B 785 -28.10 -8.55 38.74
N LYS B 786 -27.02 -7.77 38.73
CA LYS B 786 -25.70 -8.31 38.40
C LYS B 786 -25.05 -9.06 39.54
N GLN B 787 -25.38 -8.69 40.76
CA GLN B 787 -24.82 -9.36 41.90
C GLN B 787 -25.71 -10.54 42.22
N ILE B 788 -25.12 -11.71 42.38
CA ILE B 788 -25.90 -12.89 42.64
C ILE B 788 -25.86 -13.19 44.10
N TYR B 789 -26.97 -12.94 44.74
CA TYR B 789 -27.03 -13.04 46.17
C TYR B 789 -27.41 -14.41 46.61
N LYS B 790 -26.67 -14.89 47.58
CA LYS B 790 -26.93 -16.19 48.16
C LYS B 790 -28.04 -16.05 49.19
N THR B 791 -28.87 -17.07 49.29
CA THR B 791 -29.94 -17.14 50.26
C THR B 791 -29.26 -17.17 51.62
N PRO B 792 -29.65 -16.35 52.60
CA PRO B 792 -29.02 -16.35 53.89
C PRO B 792 -29.40 -17.64 54.61
N PRO B 793 -28.53 -18.16 55.50
CA PRO B 793 -28.79 -19.27 56.40
C PRO B 793 -29.94 -19.05 57.38
N ILE B 794 -30.24 -17.79 57.70
CA ILE B 794 -31.29 -17.43 58.65
C ILE B 794 -32.65 -17.48 57.99
N LYS B 795 -33.57 -18.23 58.60
CA LYS B 795 -34.90 -18.36 58.03
C LYS B 795 -35.95 -17.63 58.86
N ASP B 796 -35.51 -16.84 59.83
CA ASP B 796 -36.42 -16.17 60.76
C ASP B 796 -37.02 -14.91 60.18
N PHE B 797 -37.83 -15.09 59.15
CA PHE B 797 -38.50 -14.00 58.47
C PHE B 797 -39.84 -13.77 59.17
N GLY B 798 -39.74 -13.35 60.41
CA GLY B 798 -40.91 -13.20 61.25
C GLY B 798 -41.52 -14.59 61.39
N GLY B 799 -42.82 -14.68 61.17
CA GLY B 799 -43.53 -15.96 61.27
C GLY B 799 -43.71 -16.63 59.90
N PHE B 800 -43.07 -16.10 58.87
CA PHE B 800 -43.24 -16.59 57.52
C PHE B 800 -42.33 -17.79 57.21
N ASN B 801 -42.81 -18.71 56.34
CA ASN B 801 -42.15 -19.97 55.95
C ASN B 801 -41.25 -19.84 54.69
N PHE B 802 -41.84 -19.74 53.46
CA PHE B 802 -41.17 -19.64 52.13
C PHE B 802 -40.33 -20.86 51.69
N SER B 803 -40.52 -22.00 52.34
CA SER B 803 -39.74 -23.20 52.02
C SER B 803 -39.86 -23.67 50.58
N GLN B 804 -41.07 -23.59 50.04
CA GLN B 804 -41.34 -24.06 48.70
C GLN B 804 -40.85 -23.11 47.62
N ILE B 805 -40.58 -21.87 48.02
CA ILE B 805 -40.19 -20.79 47.14
C ILE B 805 -38.68 -20.72 47.00
N LEU B 806 -38.00 -20.89 48.12
CA LEU B 806 -36.56 -20.80 48.13
C LEU B 806 -35.92 -22.04 47.49
N PRO B 807 -34.72 -21.91 46.88
CA PRO B 807 -33.98 -22.99 46.25
C PRO B 807 -33.74 -24.16 47.16
N ASP B 808 -33.85 -25.37 46.63
CA ASP B 808 -33.59 -26.57 47.39
C ASP B 808 -32.12 -27.03 47.18
N PRO B 809 -31.22 -26.86 48.15
CA PRO B 809 -29.79 -27.11 48.04
C PRO B 809 -29.43 -28.57 47.92
N SER B 810 -30.39 -29.47 48.19
CA SER B 810 -30.09 -30.89 48.15
C SER B 810 -30.18 -31.45 46.73
N LYS B 811 -30.72 -30.66 45.81
CA LYS B 811 -30.93 -31.13 44.46
C LYS B 811 -29.72 -30.76 43.60
N PRO B 812 -29.48 -31.46 42.46
CA PRO B 812 -28.44 -31.12 41.50
C PRO B 812 -28.69 -29.78 40.81
N SER B 813 -29.95 -29.34 40.82
CA SER B 813 -30.35 -28.09 40.25
C SER B 813 -30.46 -27.13 41.42
N LYS B 814 -30.68 -25.87 41.14
CA LYS B 814 -30.84 -24.90 42.22
C LYS B 814 -32.29 -24.48 42.29
N ARG B 815 -33.16 -25.27 41.70
CA ARG B 815 -34.58 -24.97 41.69
C ARG B 815 -35.22 -25.15 43.05
N SER B 816 -36.21 -24.33 43.31
CA SER B 816 -37.06 -24.43 44.48
C SER B 816 -38.00 -25.57 44.23
N PHE B 817 -38.75 -25.98 45.23
CA PHE B 817 -39.71 -27.06 45.03
C PHE B 817 -40.71 -26.70 43.94
N ILE B 818 -41.27 -25.49 44.01
CA ILE B 818 -42.24 -25.08 43.01
C ILE B 818 -41.58 -25.02 41.65
N GLU B 819 -40.37 -24.50 41.58
CA GLU B 819 -39.72 -24.43 40.28
C GLU B 819 -39.52 -25.81 39.70
N ASP B 820 -39.17 -26.79 40.53
CA ASP B 820 -38.99 -28.09 39.95
C ASP B 820 -40.32 -28.61 39.44
N LEU B 821 -41.42 -28.32 40.15
CA LEU B 821 -42.70 -28.78 39.65
C LEU B 821 -43.00 -28.14 38.29
N LEU B 822 -42.67 -26.86 38.12
CA LEU B 822 -42.98 -26.20 36.86
C LEU B 822 -42.23 -26.89 35.72
N PHE B 823 -40.99 -27.29 35.99
CA PHE B 823 -40.16 -28.01 35.02
C PHE B 823 -40.63 -29.43 34.79
N ASN B 824 -41.21 -30.05 35.80
CA ASN B 824 -41.69 -31.41 35.65
C ASN B 824 -42.99 -31.46 34.87
N LYS B 825 -43.79 -30.40 34.96
CA LYS B 825 -45.08 -30.38 34.28
C LYS B 825 -45.00 -29.99 32.80
N VAL B 826 -44.08 -29.11 32.43
CA VAL B 826 -44.02 -28.73 31.02
C VAL B 826 -43.20 -29.78 30.28
N THR B 827 -43.75 -30.29 29.19
CA THR B 827 -43.07 -31.34 28.43
C THR B 827 -42.42 -30.80 27.18
N LEU B 828 -41.15 -31.08 27.02
CA LEU B 828 -40.43 -30.58 25.87
C LEU B 828 -40.35 -31.65 24.81
N ALA B 829 -40.29 -31.24 23.55
CA ALA B 829 -40.24 -32.18 22.43
C ALA B 829 -39.03 -33.12 22.47
N ASP B 830 -37.89 -32.62 22.92
CA ASP B 830 -36.69 -33.42 23.01
C ASP B 830 -35.80 -32.80 24.08
N ALA B 831 -34.66 -33.40 24.35
CA ALA B 831 -33.75 -32.83 25.34
C ALA B 831 -32.30 -33.23 25.13
N GLY B 832 -31.40 -32.37 25.57
CA GLY B 832 -29.96 -32.64 25.59
C GLY B 832 -29.21 -32.09 24.38
N PHE B 833 -29.94 -31.78 23.31
CA PHE B 833 -29.44 -31.20 22.05
C PHE B 833 -28.39 -32.03 21.29
N ILE B 834 -28.12 -33.26 21.70
CA ILE B 834 -27.14 -34.07 21.01
C ILE B 834 -27.73 -35.42 20.65
N LYS B 835 -27.68 -35.77 19.36
CA LYS B 835 -28.20 -37.05 18.91
C LYS B 835 -27.17 -37.64 17.98
N GLN B 836 -26.74 -38.87 18.17
CA GLN B 836 -25.67 -39.32 17.28
C GLN B 836 -26.24 -39.88 16.02
N TYR B 837 -25.49 -39.80 14.94
CA TYR B 837 -25.93 -40.36 13.68
C TYR B 837 -26.33 -41.81 13.83
N GLY B 838 -25.48 -42.58 14.49
CA GLY B 838 -25.71 -44.00 14.69
C GLY B 838 -27.03 -44.29 15.41
N ASP B 839 -27.48 -43.36 16.25
CA ASP B 839 -28.70 -43.57 17.00
C ASP B 839 -29.95 -43.76 16.12
N CYS B 840 -29.97 -43.15 14.90
CA CYS B 840 -31.09 -43.19 13.97
C CYS B 840 -30.73 -44.03 12.75
N LEU B 841 -29.68 -44.82 12.84
CA LEU B 841 -29.26 -45.53 11.66
C LEU B 841 -29.99 -46.84 11.44
N GLY B 842 -31.21 -46.70 10.94
CA GLY B 842 -32.14 -47.80 10.70
C GLY B 842 -33.58 -47.32 10.56
N ASP B 843 -34.53 -48.24 10.70
CA ASP B 843 -35.96 -47.99 10.54
C ASP B 843 -36.46 -46.98 11.53
N ILE B 844 -35.77 -46.97 12.65
CA ILE B 844 -35.98 -46.10 13.80
C ILE B 844 -36.01 -44.62 13.45
N ALA B 845 -35.39 -44.22 12.35
CA ALA B 845 -35.36 -42.82 11.96
C ALA B 845 -36.77 -42.28 11.75
N ALA B 846 -37.71 -43.15 11.36
CA ALA B 846 -39.08 -42.70 11.15
C ALA B 846 -39.88 -42.61 12.44
N ARG B 847 -39.37 -43.20 13.52
CA ARG B 847 -40.09 -43.20 14.79
C ARG B 847 -39.73 -41.97 15.59
N ASP B 848 -38.47 -41.57 15.48
CA ASP B 848 -37.99 -40.40 16.18
C ASP B 848 -38.25 -39.22 15.27
N LEU B 849 -39.35 -38.52 15.53
CA LEU B 849 -39.79 -37.47 14.64
C LEU B 849 -38.81 -36.33 14.62
N ILE B 850 -38.19 -36.06 15.74
CA ILE B 850 -37.23 -34.97 15.77
C ILE B 850 -36.03 -35.33 14.89
N CYS B 851 -35.54 -36.60 14.92
CA CYS B 851 -34.43 -37.06 14.09
C CYS B 851 -34.87 -36.95 12.60
N ALA B 852 -36.12 -37.32 12.31
CA ALA B 852 -36.59 -37.21 10.94
C ALA B 852 -36.50 -35.76 10.49
N GLN B 853 -36.81 -34.82 11.39
CA GLN B 853 -36.68 -33.41 11.04
C GLN B 853 -35.20 -33.06 10.81
N LYS B 854 -34.31 -33.60 11.63
CA LYS B 854 -32.89 -33.31 11.48
C LYS B 854 -32.35 -33.80 10.14
N PHE B 855 -32.86 -34.92 9.68
CA PHE B 855 -32.43 -35.47 8.40
C PHE B 855 -32.89 -34.66 7.20
N ASN B 856 -33.79 -33.72 7.42
CA ASN B 856 -34.28 -32.86 6.37
C ASN B 856 -33.77 -31.46 6.59
N GLY B 857 -32.74 -31.32 7.43
CA GLY B 857 -32.12 -30.04 7.66
C GLY B 857 -32.78 -29.17 8.71
N LEU B 858 -33.69 -29.70 9.49
CA LEU B 858 -34.34 -28.84 10.45
C LEU B 858 -33.73 -29.08 11.81
N THR B 859 -33.12 -28.08 12.42
CA THR B 859 -32.53 -28.34 13.72
C THR B 859 -33.01 -27.41 14.82
N VAL B 860 -32.56 -27.75 16.02
CA VAL B 860 -32.85 -27.06 17.26
C VAL B 860 -31.57 -26.62 17.92
N LEU B 861 -31.50 -25.36 18.26
CA LEU B 861 -30.31 -24.83 18.85
C LEU B 861 -30.46 -24.74 20.37
N PRO B 862 -29.38 -24.91 21.14
CA PRO B 862 -29.41 -24.79 22.58
C PRO B 862 -29.54 -23.33 22.95
N PRO B 863 -30.13 -23.03 24.13
CA PRO B 863 -30.22 -21.73 24.76
C PRO B 863 -28.86 -21.41 25.23
N LEU B 864 -28.53 -20.13 25.36
CA LEU B 864 -27.24 -19.80 25.92
C LEU B 864 -27.25 -20.01 27.42
N LEU B 865 -28.34 -19.61 28.06
CA LEU B 865 -28.41 -19.76 29.50
C LEU B 865 -29.03 -21.10 29.81
N THR B 866 -28.55 -21.75 30.84
CA THR B 866 -29.06 -23.04 31.27
C THR B 866 -30.07 -22.89 32.36
N ASP B 867 -30.74 -23.97 32.69
CA ASP B 867 -31.74 -23.97 33.74
C ASP B 867 -31.13 -23.62 35.08
N GLU B 868 -29.91 -24.07 35.30
CA GLU B 868 -29.23 -23.80 36.54
C GLU B 868 -28.90 -22.33 36.63
N MET B 869 -28.46 -21.74 35.52
CA MET B 869 -28.13 -20.33 35.57
C MET B 869 -29.37 -19.50 35.83
N ILE B 870 -30.51 -19.92 35.28
CA ILE B 870 -31.72 -19.17 35.51
C ILE B 870 -32.12 -19.32 36.95
N ALA B 871 -32.02 -20.52 37.51
CA ALA B 871 -32.34 -20.70 38.91
C ALA B 871 -31.44 -19.81 39.76
N GLN B 872 -30.17 -19.64 39.37
CA GLN B 872 -29.29 -18.78 40.13
C GLN B 872 -29.75 -17.33 40.06
N TYR B 873 -30.27 -16.90 38.91
CA TYR B 873 -30.75 -15.53 38.83
C TYR B 873 -32.02 -15.39 39.68
N THR B 874 -32.92 -16.38 39.67
CA THR B 874 -34.12 -16.23 40.47
C THR B 874 -33.76 -16.32 41.93
N SER B 875 -32.75 -17.10 42.26
CA SER B 875 -32.29 -17.26 43.61
C SER B 875 -31.79 -15.95 44.14
N ALA B 876 -31.01 -15.23 43.33
CA ALA B 876 -30.51 -13.94 43.76
C ALA B 876 -31.63 -13.00 44.03
N LEU B 877 -32.64 -13.02 43.18
CA LEU B 877 -33.74 -12.12 43.38
C LEU B 877 -34.47 -12.49 44.64
N LEU B 878 -34.63 -13.77 44.92
CA LEU B 878 -35.34 -14.17 46.11
C LEU B 878 -34.56 -13.81 47.36
N ALA B 879 -33.23 -14.01 47.36
CA ALA B 879 -32.42 -13.68 48.52
C ALA B 879 -32.52 -12.19 48.78
N GLY B 880 -32.53 -11.46 47.69
CA GLY B 880 -32.60 -10.04 47.68
C GLY B 880 -33.88 -9.49 48.24
N THR B 881 -35.00 -9.96 47.74
CA THR B 881 -36.24 -9.42 48.18
C THR B 881 -36.71 -10.04 49.47
N ILE B 882 -36.19 -11.20 49.84
CA ILE B 882 -36.59 -11.72 51.11
C ILE B 882 -35.86 -10.97 52.21
N THR B 883 -34.58 -10.58 51.97
CA THR B 883 -33.79 -9.88 52.98
C THR B 883 -33.76 -8.36 52.89
N SER B 884 -33.52 -7.80 51.71
CA SER B 884 -33.46 -6.36 51.61
C SER B 884 -34.85 -5.86 51.33
N GLY B 885 -35.63 -6.66 50.63
CA GLY B 885 -36.99 -6.26 50.36
C GLY B 885 -37.08 -5.01 49.51
N TRP B 886 -37.71 -4.00 50.09
CA TRP B 886 -37.93 -2.73 49.43
C TRP B 886 -36.64 -2.23 48.78
N THR B 887 -36.78 -1.93 47.49
CA THR B 887 -35.72 -1.48 46.61
C THR B 887 -34.39 -2.18 46.86
N PHE B 888 -34.45 -3.50 46.90
CA PHE B 888 -33.29 -4.35 46.84
C PHE B 888 -32.40 -4.07 45.63
N GLY B 889 -33.03 -3.99 44.46
CA GLY B 889 -32.30 -3.72 43.23
C GLY B 889 -32.38 -2.22 42.92
N ALA B 890 -31.90 -1.82 41.73
CA ALA B 890 -31.89 -0.40 41.31
C ALA B 890 -31.22 0.47 42.36
N GLY B 891 -30.11 -0.02 42.89
CA GLY B 891 -29.36 0.67 43.92
C GLY B 891 -28.69 -0.39 44.81
N ALA B 892 -28.16 0.04 45.94
CA ALA B 892 -27.49 -0.87 46.84
C ALA B 892 -28.53 -1.77 47.54
N ALA B 893 -28.16 -3.01 47.79
CA ALA B 893 -29.04 -3.94 48.49
C ALA B 893 -28.86 -3.82 50.00
N LEU B 894 -29.79 -3.15 50.65
CA LEU B 894 -29.70 -2.89 52.09
C LEU B 894 -30.65 -3.77 52.88
N GLN B 895 -30.14 -4.49 53.86
CA GLN B 895 -30.99 -5.38 54.63
C GLN B 895 -32.05 -4.67 55.48
N ILE B 896 -33.25 -5.25 55.55
CA ILE B 896 -34.37 -4.79 56.39
C ILE B 896 -35.00 -5.99 57.14
N PRO B 897 -35.30 -5.93 58.44
CA PRO B 897 -35.97 -7.00 59.17
C PRO B 897 -37.24 -7.36 58.45
N PHE B 898 -37.61 -8.63 58.40
CA PHE B 898 -38.78 -8.95 57.60
C PHE B 898 -40.02 -8.20 58.05
N ALA B 899 -40.21 -8.08 59.36
CA ALA B 899 -41.39 -7.38 59.88
C ALA B 899 -41.38 -5.92 59.43
N MET B 900 -40.19 -5.35 59.27
CA MET B 900 -40.08 -3.96 58.90
C MET B 900 -40.32 -3.85 57.41
N GLN B 901 -39.98 -4.90 56.66
CA GLN B 901 -40.22 -4.86 55.23
C GLN B 901 -41.72 -4.84 55.04
N MET B 902 -42.41 -5.64 55.85
CA MET B 902 -43.85 -5.71 55.74
C MET B 902 -44.46 -4.40 56.19
N ALA B 903 -43.87 -3.75 57.20
CA ALA B 903 -44.40 -2.48 57.66
C ALA B 903 -44.38 -1.46 56.54
N TYR B 904 -43.34 -1.51 55.72
CA TYR B 904 -43.28 -0.56 54.65
C TYR B 904 -44.29 -0.89 53.58
N ARG B 905 -44.52 -2.18 53.35
CA ARG B 905 -45.49 -2.62 52.37
C ARG B 905 -46.90 -2.20 52.83
N PHE B 906 -47.11 -2.22 54.15
CA PHE B 906 -48.36 -1.76 54.75
C PHE B 906 -48.55 -0.25 54.57
N ASN B 907 -47.49 0.52 54.77
CA ASN B 907 -47.67 1.95 54.56
C ASN B 907 -47.91 2.22 53.07
N GLY B 908 -47.32 1.39 52.21
CA GLY B 908 -47.45 1.48 50.77
C GLY B 908 -48.91 1.29 50.34
N ILE B 909 -49.53 0.20 50.80
CA ILE B 909 -50.93 -0.08 50.52
C ILE B 909 -51.86 0.97 51.09
N GLY B 910 -51.50 1.56 52.21
CA GLY B 910 -52.38 2.57 52.78
C GLY B 910 -53.10 2.06 54.01
N VAL B 911 -52.56 1.03 54.62
CA VAL B 911 -53.09 0.46 55.84
C VAL B 911 -51.96 0.65 56.81
N THR B 912 -52.22 1.31 57.90
CA THR B 912 -51.11 1.55 58.82
C THR B 912 -50.42 0.29 59.28
N GLN B 913 -49.11 0.42 59.50
CA GLN B 913 -48.20 -0.62 59.98
C GLN B 913 -48.64 -1.15 61.34
N ASN B 914 -49.48 -0.40 62.02
CA ASN B 914 -49.97 -0.81 63.31
C ASN B 914 -50.84 -2.06 63.17
N VAL B 915 -51.53 -2.20 62.02
CA VAL B 915 -52.40 -3.34 61.80
C VAL B 915 -51.52 -4.55 61.67
N LEU B 916 -50.43 -4.38 60.93
CA LEU B 916 -49.49 -5.45 60.73
C LEU B 916 -48.97 -5.98 62.02
N TYR B 917 -48.56 -5.10 62.89
CA TYR B 917 -47.96 -5.62 64.09
C TYR B 917 -48.98 -6.33 64.97
N GLU B 918 -50.20 -5.80 65.08
CA GLU B 918 -51.16 -6.48 65.94
C GLU B 918 -51.52 -7.84 65.36
N ASN B 919 -51.52 -7.93 64.05
CA ASN B 919 -51.85 -9.13 63.35
C ASN B 919 -50.61 -9.78 62.72
N GLN B 920 -49.42 -9.53 63.25
CA GLN B 920 -48.22 -10.08 62.62
C GLN B 920 -48.28 -11.60 62.46
N LYS B 921 -48.83 -12.30 63.45
CA LYS B 921 -48.92 -13.75 63.35
C LYS B 921 -49.95 -14.17 62.32
N LEU B 922 -51.09 -13.48 62.29
CA LEU B 922 -52.15 -13.79 61.34
C LEU B 922 -51.68 -13.61 59.93
N ILE B 923 -50.96 -12.55 59.69
CA ILE B 923 -50.48 -12.22 58.38
C ILE B 923 -49.52 -13.27 57.89
N ALA B 924 -48.59 -13.67 58.73
CA ALA B 924 -47.68 -14.71 58.32
C ALA B 924 -48.42 -16.01 58.07
N ASN B 925 -49.44 -16.30 58.89
CA ASN B 925 -50.17 -17.54 58.73
C ASN B 925 -50.94 -17.57 57.44
N GLN B 926 -51.56 -16.45 57.06
CA GLN B 926 -52.32 -16.45 55.83
C GLN B 926 -51.40 -16.67 54.65
N PHE B 927 -50.20 -16.06 54.70
CA PHE B 927 -49.25 -16.26 53.64
C PHE B 927 -48.84 -17.71 53.55
N ASN B 928 -48.49 -18.29 54.70
CA ASN B 928 -47.99 -19.64 54.70
C ASN B 928 -49.05 -20.60 54.17
N SER B 929 -50.32 -20.34 54.49
CA SER B 929 -51.39 -21.18 53.99
C SER B 929 -51.53 -21.01 52.50
N ALA B 930 -51.40 -19.76 52.01
CA ALA B 930 -51.50 -19.50 50.59
C ALA B 930 -50.45 -20.22 49.80
N ILE B 931 -49.24 -20.29 50.35
CA ILE B 931 -48.20 -20.96 49.60
C ILE B 931 -48.48 -22.43 49.55
N GLY B 932 -48.94 -23.01 50.66
CA GLY B 932 -49.28 -24.42 50.63
C GLY B 932 -50.38 -24.68 49.60
N LYS B 933 -51.33 -23.75 49.47
CA LYS B 933 -52.39 -23.92 48.48
C LYS B 933 -51.81 -23.95 47.08
N ILE B 934 -50.84 -23.08 46.82
CA ILE B 934 -50.18 -23.05 45.51
C ILE B 934 -49.45 -24.34 45.25
N GLN B 935 -48.73 -24.83 46.24
CA GLN B 935 -48.01 -26.07 46.04
C GLN B 935 -48.94 -27.18 45.59
N ASP B 936 -50.10 -27.30 46.24
CA ASP B 936 -51.05 -28.34 45.87
C ASP B 936 -51.73 -28.04 44.55
N SER B 937 -52.00 -26.76 44.30
CA SER B 937 -52.67 -26.37 43.08
C SER B 937 -51.82 -26.72 41.87
N LEU B 938 -50.51 -26.44 41.95
CA LEU B 938 -49.60 -26.74 40.86
C LEU B 938 -49.39 -28.22 40.67
N SER B 939 -49.21 -28.96 41.76
CA SER B 939 -49.01 -30.39 41.62
C SER B 939 -50.24 -31.03 40.95
N SER B 940 -51.43 -30.61 41.37
CA SER B 940 -52.68 -31.12 40.83
C SER B 940 -52.98 -30.69 39.39
N THR B 941 -52.80 -29.39 39.08
CA THR B 941 -53.17 -28.89 37.76
C THR B 941 -51.98 -28.50 36.88
N ALA B 942 -51.71 -29.34 35.88
CA ALA B 942 -50.60 -29.11 34.96
C ALA B 942 -50.99 -28.17 33.84
N SER B 943 -52.29 -28.15 33.52
CA SER B 943 -52.86 -27.39 32.39
C SER B 943 -52.69 -25.89 32.55
N ALA B 944 -52.42 -25.46 33.77
CA ALA B 944 -52.22 -24.08 34.10
C ALA B 944 -51.06 -23.51 33.29
N LEU B 945 -50.10 -24.37 32.97
CA LEU B 945 -48.89 -24.03 32.29
C LEU B 945 -49.02 -24.18 30.79
N GLY B 946 -50.25 -24.39 30.33
CA GLY B 946 -50.53 -24.58 28.92
C GLY B 946 -49.93 -23.47 28.08
N LYS B 947 -49.87 -22.25 28.58
CA LYS B 947 -49.29 -21.20 27.77
C LYS B 947 -47.86 -21.51 27.33
N LEU B 948 -47.08 -22.15 28.21
CA LEU B 948 -45.70 -22.44 27.90
C LEU B 948 -45.66 -23.68 27.03
N GLN B 949 -46.61 -24.58 27.30
CA GLN B 949 -46.67 -25.82 26.56
C GLN B 949 -47.02 -25.52 25.12
N ASP B 950 -47.85 -24.51 24.92
CA ASP B 950 -48.29 -24.10 23.61
C ASP B 950 -47.12 -23.52 22.85
N VAL B 951 -46.27 -22.75 23.51
CA VAL B 951 -45.14 -22.23 22.75
C VAL B 951 -44.31 -23.38 22.23
N VAL B 952 -44.10 -24.38 23.07
CA VAL B 952 -43.32 -25.51 22.65
C VAL B 952 -44.00 -26.29 21.53
N ASN B 953 -45.30 -26.53 21.68
CA ASN B 953 -46.01 -27.32 20.72
C ASN B 953 -46.09 -26.64 19.37
N GLN B 954 -46.26 -25.33 19.37
CA GLN B 954 -46.41 -24.58 18.16
C GLN B 954 -45.15 -24.61 17.32
N ASN B 955 -44.00 -24.51 17.96
CA ASN B 955 -42.78 -24.53 17.18
C ASN B 955 -42.52 -25.96 16.67
N ALA B 956 -42.87 -26.96 17.48
CA ALA B 956 -42.67 -28.33 17.04
C ALA B 956 -43.54 -28.62 15.83
N GLN B 957 -44.77 -28.09 15.84
CA GLN B 957 -45.67 -28.31 14.74
C GLN B 957 -45.19 -27.64 13.49
N ALA B 958 -44.62 -26.45 13.63
CA ALA B 958 -44.13 -25.77 12.45
C ALA B 958 -43.07 -26.60 11.74
N LEU B 959 -42.21 -27.27 12.53
CA LEU B 959 -41.20 -28.09 11.87
C LEU B 959 -41.81 -29.38 11.36
N ASN B 960 -42.83 -29.91 12.04
CA ASN B 960 -43.44 -31.13 11.55
C ASN B 960 -44.13 -30.85 10.24
N THR B 961 -44.66 -29.64 10.12
CA THR B 961 -45.35 -29.22 8.93
C THR B 961 -44.36 -29.18 7.79
N LEU B 962 -43.17 -28.62 8.03
CA LEU B 962 -42.21 -28.60 6.95
C LEU B 962 -41.83 -29.99 6.49
N VAL B 963 -41.75 -30.94 7.39
CA VAL B 963 -41.43 -32.28 6.93
C VAL B 963 -42.59 -32.86 6.12
N LYS B 964 -43.81 -32.72 6.60
CA LYS B 964 -44.93 -33.29 5.88
C LYS B 964 -45.08 -32.72 4.49
N GLN B 965 -44.79 -31.44 4.33
CA GLN B 965 -44.92 -30.75 3.07
C GLN B 965 -43.95 -31.21 2.03
N LEU B 966 -42.94 -31.96 2.43
CA LEU B 966 -41.95 -32.44 1.51
C LEU B 966 -42.59 -33.37 0.50
N SER B 967 -43.69 -34.04 0.89
CA SER B 967 -44.33 -34.99 0.00
C SER B 967 -45.11 -34.34 -1.12
N SER B 968 -45.38 -33.04 -1.06
CA SER B 968 -46.13 -32.40 -2.12
C SER B 968 -45.32 -32.34 -3.38
N ASN B 969 -45.99 -32.54 -4.51
CA ASN B 969 -45.31 -32.47 -5.78
C ASN B 969 -45.22 -31.06 -6.31
N PHE B 970 -45.99 -30.16 -5.76
CA PHE B 970 -45.96 -28.78 -6.23
C PHE B 970 -46.13 -28.66 -7.75
N GLY B 971 -46.98 -29.49 -8.34
CA GLY B 971 -47.23 -29.49 -9.77
C GLY B 971 -46.36 -30.48 -10.55
N ALA B 972 -45.39 -31.06 -9.89
CA ALA B 972 -44.45 -32.02 -10.46
C ALA B 972 -45.06 -33.40 -10.65
N ILE B 973 -44.41 -34.20 -11.47
CA ILE B 973 -44.81 -35.57 -11.71
C ILE B 973 -44.74 -36.36 -10.42
N SER B 974 -43.68 -36.13 -9.67
CA SER B 974 -43.42 -36.79 -8.41
C SER B 974 -42.71 -35.88 -7.47
N SER B 975 -42.99 -36.03 -6.19
CA SER B 975 -42.34 -35.25 -5.15
C SER B 975 -40.96 -35.76 -4.78
N VAL B 976 -40.62 -36.92 -5.30
CA VAL B 976 -39.34 -37.52 -4.99
C VAL B 976 -38.30 -37.18 -6.06
N LEU B 977 -37.20 -36.58 -5.61
CA LEU B 977 -36.14 -36.14 -6.51
C LEU B 977 -35.55 -37.31 -7.25
N ASN B 978 -35.48 -38.43 -6.57
CA ASN B 978 -34.89 -39.60 -7.16
C ASN B 978 -35.73 -40.16 -8.29
N ASP B 979 -37.05 -39.98 -8.28
CA ASP B 979 -37.83 -40.55 -9.36
C ASP B 979 -37.62 -39.71 -10.59
N ILE B 980 -37.49 -38.41 -10.34
CA ILE B 980 -37.31 -37.48 -11.42
C ILE B 980 -35.98 -37.73 -12.09
N LEU B 981 -34.94 -37.86 -11.28
CA LEU B 981 -33.61 -38.07 -11.79
C LEU B 981 -33.43 -39.41 -12.46
N SER B 982 -34.09 -40.44 -11.95
CA SER B 982 -33.96 -41.73 -12.59
C SER B 982 -34.64 -41.81 -13.94
N ARG B 983 -35.87 -41.30 -14.04
CA ARG B 983 -36.61 -41.45 -15.28
C ARG B 983 -36.37 -40.40 -16.35
N LEU B 984 -35.93 -39.22 -15.97
CA LEU B 984 -35.79 -38.17 -16.96
C LEU B 984 -34.37 -37.78 -17.27
N ASP B 985 -34.16 -37.33 -18.49
CA ASP B 985 -32.86 -36.85 -18.86
C ASP B 985 -32.72 -35.47 -18.21
N PRO B 986 -31.55 -34.86 -18.17
CA PRO B 986 -31.34 -33.57 -17.57
C PRO B 986 -32.34 -32.48 -17.99
N PRO B 987 -32.49 -32.08 -19.27
CA PRO B 987 -33.33 -30.95 -19.58
C PRO B 987 -34.80 -31.17 -19.22
N GLU B 988 -35.26 -32.42 -19.19
CA GLU B 988 -36.63 -32.60 -18.79
C GLU B 988 -36.70 -32.57 -17.25
N ALA B 989 -35.70 -33.18 -16.62
CA ALA B 989 -35.62 -33.27 -15.18
C ALA B 989 -35.58 -31.88 -14.59
N GLU B 990 -34.93 -30.97 -15.28
CA GLU B 990 -34.81 -29.62 -14.80
C GLU B 990 -36.16 -28.97 -14.60
N VAL B 991 -37.14 -29.30 -15.44
CA VAL B 991 -38.43 -28.68 -15.26
C VAL B 991 -39.04 -29.18 -13.97
N GLN B 992 -38.95 -30.48 -13.79
CA GLN B 992 -39.54 -31.08 -12.62
C GLN B 992 -38.85 -30.65 -11.34
N ILE B 993 -37.54 -30.47 -11.41
CA ILE B 993 -36.79 -30.06 -10.25
C ILE B 993 -37.16 -28.62 -9.94
N ASP B 994 -37.26 -27.75 -10.95
CA ASP B 994 -37.62 -26.37 -10.65
C ASP B 994 -38.94 -26.28 -9.95
N ARG B 995 -39.90 -27.13 -10.32
CA ARG B 995 -41.18 -27.04 -9.63
C ARG B 995 -40.99 -27.39 -8.17
N LEU B 996 -40.20 -28.41 -7.87
CA LEU B 996 -40.04 -28.77 -6.48
C LEU B 996 -39.21 -27.78 -5.72
N ILE B 997 -38.20 -27.18 -6.34
CA ILE B 997 -37.40 -26.24 -5.60
C ILE B 997 -38.23 -25.04 -5.27
N THR B 998 -39.00 -24.54 -6.22
CA THR B 998 -39.79 -23.36 -5.94
C THR B 998 -40.73 -23.66 -4.81
N GLY B 999 -41.34 -24.84 -4.87
CA GLY B 999 -42.26 -25.28 -3.87
C GLY B 999 -41.66 -25.32 -2.48
N ARG B 1000 -40.50 -25.96 -2.38
CA ARG B 1000 -39.86 -26.09 -1.10
C ARG B 1000 -39.45 -24.72 -0.56
N LEU B 1001 -38.99 -23.83 -1.43
CA LEU B 1001 -38.60 -22.53 -0.95
C LEU B 1001 -39.80 -21.75 -0.44
N GLN B 1002 -40.94 -21.90 -1.11
CA GLN B 1002 -42.13 -21.22 -0.67
C GLN B 1002 -42.53 -21.72 0.71
N SER B 1003 -42.36 -23.02 0.92
CA SER B 1003 -42.68 -23.60 2.21
C SER B 1003 -41.77 -23.05 3.29
N LEU B 1004 -40.47 -22.92 2.97
CA LEU B 1004 -39.55 -22.37 3.94
C LEU B 1004 -39.82 -20.91 4.19
N GLN B 1005 -40.22 -20.17 3.16
CA GLN B 1005 -40.50 -18.77 3.35
C GLN B 1005 -41.69 -18.61 4.25
N THR B 1006 -42.67 -19.49 4.09
CA THR B 1006 -43.84 -19.42 4.93
C THR B 1006 -43.42 -19.65 6.36
N TYR B 1007 -42.58 -20.66 6.56
CA TYR B 1007 -42.09 -20.98 7.88
C TYR B 1007 -41.39 -19.83 8.53
N VAL B 1008 -40.47 -19.21 7.81
CA VAL B 1008 -39.72 -18.13 8.39
C VAL B 1008 -40.65 -16.99 8.75
N THR B 1009 -41.59 -16.67 7.87
CA THR B 1009 -42.49 -15.58 8.13
C THR B 1009 -43.29 -15.83 9.38
N GLN B 1010 -43.80 -17.05 9.55
CA GLN B 1010 -44.58 -17.34 10.73
C GLN B 1010 -43.72 -17.27 11.97
N GLN B 1011 -42.46 -17.69 11.87
CA GLN B 1011 -41.63 -17.63 13.05
C GLN B 1011 -41.38 -16.18 13.42
N LEU B 1012 -41.22 -15.31 12.44
CA LEU B 1012 -40.99 -13.89 12.73
C LEU B 1012 -42.19 -13.26 13.39
N ILE B 1013 -43.39 -13.64 12.97
CA ILE B 1013 -44.58 -13.10 13.58
C ILE B 1013 -44.67 -13.57 15.02
N ARG B 1014 -44.41 -14.86 15.24
CA ARG B 1014 -44.45 -15.39 16.58
C ARG B 1014 -43.38 -14.76 17.44
N ALA B 1015 -42.23 -14.47 16.85
CA ALA B 1015 -41.14 -13.86 17.56
C ALA B 1015 -41.55 -12.49 18.06
N ALA B 1016 -42.32 -11.77 17.28
CA ALA B 1016 -42.74 -10.47 17.76
C ALA B 1016 -43.61 -10.64 18.99
N GLU B 1017 -44.46 -11.65 18.98
CA GLU B 1017 -45.34 -11.86 20.11
C GLU B 1017 -44.60 -12.32 21.34
N ILE B 1018 -43.57 -13.16 21.16
CA ILE B 1018 -42.88 -13.63 22.33
C ILE B 1018 -42.09 -12.49 22.92
N ARG B 1019 -41.55 -11.58 22.08
CA ARG B 1019 -40.85 -10.45 22.63
C ARG B 1019 -41.77 -9.60 23.44
N ALA B 1020 -43.00 -9.39 22.95
CA ALA B 1020 -43.92 -8.58 23.70
C ALA B 1020 -44.22 -9.21 25.05
N SER B 1021 -44.37 -10.54 25.08
CA SER B 1021 -44.65 -11.21 26.32
C SER B 1021 -43.47 -11.07 27.25
N ALA B 1022 -42.25 -11.26 26.72
CA ALA B 1022 -41.06 -11.16 27.52
C ALA B 1022 -40.90 -9.76 28.08
N ASN B 1023 -41.26 -8.75 27.31
CA ASN B 1023 -41.11 -7.40 27.78
C ASN B 1023 -42.07 -7.13 28.91
N LEU B 1024 -43.27 -7.69 28.82
CA LEU B 1024 -44.23 -7.53 29.88
C LEU B 1024 -43.76 -8.24 31.12
N ALA B 1025 -43.24 -9.46 30.93
CA ALA B 1025 -42.74 -10.23 32.05
C ALA B 1025 -41.59 -9.53 32.72
N ALA B 1026 -40.73 -8.91 31.93
CA ALA B 1026 -39.59 -8.19 32.47
C ALA B 1026 -40.09 -7.00 33.25
N THR B 1027 -41.13 -6.34 32.75
CA THR B 1027 -41.67 -5.20 33.43
C THR B 1027 -42.21 -5.63 34.76
N LYS B 1028 -42.96 -6.73 34.79
CA LYS B 1028 -43.51 -7.22 36.04
C LYS B 1028 -42.43 -7.66 36.99
N MET B 1029 -41.36 -8.27 36.49
CA MET B 1029 -40.32 -8.66 37.40
C MET B 1029 -39.82 -7.39 38.10
N SER B 1030 -39.56 -6.36 37.32
CA SER B 1030 -39.06 -5.17 37.93
C SER B 1030 -40.04 -4.45 38.83
N GLU B 1031 -41.30 -4.38 38.44
CA GLU B 1031 -42.24 -3.60 39.24
C GLU B 1031 -43.01 -4.35 40.34
N CYS B 1032 -43.07 -5.70 40.29
CA CYS B 1032 -43.75 -6.56 41.26
C CYS B 1032 -42.76 -7.18 42.23
N VAL B 1033 -41.54 -7.52 41.75
CA VAL B 1033 -40.53 -8.19 42.58
C VAL B 1033 -39.52 -7.19 43.12
N LEU B 1034 -38.98 -6.34 42.24
CA LEU B 1034 -37.97 -5.36 42.67
C LEU B 1034 -38.53 -4.04 43.15
N GLY B 1035 -39.83 -3.97 43.27
CA GLY B 1035 -40.51 -2.79 43.74
C GLY B 1035 -41.93 -3.16 44.09
N GLN B 1036 -42.70 -2.19 44.55
CA GLN B 1036 -44.08 -2.46 44.89
C GLN B 1036 -44.95 -1.70 43.93
N SER B 1037 -45.55 -2.42 43.01
CA SER B 1037 -46.36 -1.77 42.02
C SER B 1037 -47.57 -1.19 42.69
N LYS B 1038 -47.95 -0.01 42.24
CA LYS B 1038 -49.15 0.65 42.72
C LYS B 1038 -50.19 0.69 41.62
N ARG B 1039 -49.90 0.02 40.51
CA ARG B 1039 -50.83 -0.02 39.41
C ARG B 1039 -51.94 -0.95 39.85
N VAL B 1040 -53.19 -0.55 39.65
CA VAL B 1040 -54.27 -1.33 40.26
C VAL B 1040 -54.43 -2.72 39.71
N ASP B 1041 -54.11 -2.93 38.44
CA ASP B 1041 -54.32 -4.25 37.85
C ASP B 1041 -53.04 -5.01 37.56
N PHE B 1042 -51.97 -4.60 38.20
CA PHE B 1042 -50.72 -5.29 38.01
C PHE B 1042 -50.45 -6.15 39.19
N CYS B 1043 -49.71 -7.25 38.95
CA CYS B 1043 -49.27 -8.23 39.93
C CYS B 1043 -50.50 -8.97 40.51
N GLY B 1044 -51.45 -9.29 39.63
CA GLY B 1044 -52.65 -10.02 40.01
C GLY B 1044 -53.76 -9.11 40.51
N LYS B 1045 -54.67 -9.67 41.31
CA LYS B 1045 -55.86 -8.94 41.78
C LYS B 1045 -55.75 -8.67 43.27
N GLY B 1046 -56.30 -7.55 43.70
CA GLY B 1046 -56.25 -7.15 45.11
C GLY B 1046 -55.11 -6.14 45.15
N TYR B 1047 -54.75 -5.67 46.32
CA TYR B 1047 -53.72 -4.66 46.37
C TYR B 1047 -52.37 -5.33 46.42
N HIS B 1048 -51.42 -4.88 45.62
CA HIS B 1048 -50.13 -5.55 45.65
C HIS B 1048 -49.30 -5.30 46.88
N LEU B 1049 -48.74 -6.38 47.46
CA LEU B 1049 -47.83 -6.26 48.58
C LEU B 1049 -46.42 -6.64 48.19
N MET B 1050 -46.26 -7.84 47.59
CA MET B 1050 -44.93 -8.37 47.22
C MET B 1050 -45.05 -9.54 46.26
N SER B 1051 -43.95 -9.94 45.64
CA SER B 1051 -43.99 -11.12 44.79
C SER B 1051 -42.68 -11.84 44.73
N PHE B 1052 -42.75 -13.08 44.27
CA PHE B 1052 -41.59 -13.93 44.14
C PHE B 1052 -41.62 -14.62 42.78
N PRO B 1053 -40.60 -14.50 41.93
CA PRO B 1053 -40.53 -15.14 40.65
C PRO B 1053 -40.14 -16.57 40.84
N GLN B 1054 -40.54 -17.43 39.92
CA GLN B 1054 -40.08 -18.81 39.81
C GLN B 1054 -39.84 -19.07 38.31
N SER B 1055 -38.78 -19.79 37.95
CA SER B 1055 -38.57 -20.09 36.53
C SER B 1055 -39.38 -21.29 36.03
N ALA B 1056 -39.53 -21.37 34.71
CA ALA B 1056 -40.21 -22.48 34.06
C ALA B 1056 -39.58 -22.65 32.68
N PRO B 1057 -39.69 -23.80 32.01
CA PRO B 1057 -39.16 -23.94 30.68
C PRO B 1057 -39.81 -22.90 29.82
N HIS B 1058 -39.01 -22.19 29.04
CA HIS B 1058 -39.48 -21.17 28.13
C HIS B 1058 -40.25 -20.02 28.75
N GLY B 1059 -40.13 -19.78 30.06
CA GLY B 1059 -40.88 -18.68 30.65
C GLY B 1059 -40.71 -18.50 32.15
N VAL B 1060 -41.53 -17.59 32.68
CA VAL B 1060 -41.49 -17.22 34.08
C VAL B 1060 -42.87 -17.32 34.68
N VAL B 1061 -42.93 -17.78 35.91
CA VAL B 1061 -44.18 -17.85 36.62
C VAL B 1061 -44.03 -17.02 37.88
N PHE B 1062 -44.97 -16.14 38.11
CA PHE B 1062 -44.86 -15.31 39.29
C PHE B 1062 -45.86 -15.64 40.35
N LEU B 1063 -45.41 -15.55 41.58
CA LEU B 1063 -46.26 -15.69 42.73
C LEU B 1063 -46.54 -14.28 43.26
N HIS B 1064 -47.76 -13.82 43.17
CA HIS B 1064 -48.09 -12.46 43.56
C HIS B 1064 -48.91 -12.42 44.83
N VAL B 1065 -48.38 -11.73 45.83
CA VAL B 1065 -49.00 -11.65 47.13
C VAL B 1065 -49.77 -10.36 47.20
N THR B 1066 -51.07 -10.47 47.41
CA THR B 1066 -51.93 -9.31 47.45
C THR B 1066 -52.84 -9.29 48.65
N TYR B 1067 -53.35 -8.11 48.94
CA TYR B 1067 -54.25 -7.86 50.06
C TYR B 1067 -55.68 -7.61 49.59
N VAL B 1068 -56.61 -8.38 50.11
CA VAL B 1068 -58.00 -8.15 49.80
C VAL B 1068 -58.77 -7.82 51.07
N PRO B 1069 -59.39 -6.65 51.20
CA PRO B 1069 -60.18 -6.22 52.34
C PRO B 1069 -61.33 -7.19 52.56
N ALA B 1070 -61.76 -7.37 53.81
CA ALA B 1070 -62.83 -8.30 54.11
C ALA B 1070 -63.74 -7.87 55.27
N GLN B 1071 -64.94 -8.45 55.28
CA GLN B 1071 -65.91 -8.23 56.36
C GLN B 1071 -66.25 -6.77 56.57
N GLU B 1072 -66.67 -6.12 55.51
CA GLU B 1072 -67.08 -4.75 55.59
C GLU B 1072 -68.42 -4.58 56.29
N LYS B 1073 -68.63 -3.41 56.90
CA LYS B 1073 -69.90 -3.04 57.51
C LYS B 1073 -70.27 -1.63 57.08
N ASN B 1074 -71.59 -1.25 57.01
CA ASN B 1074 -72.00 0.12 56.67
C ASN B 1074 -72.12 1.01 57.92
N PHE B 1075 -71.34 2.10 57.93
CA PHE B 1075 -71.26 3.12 58.98
C PHE B 1075 -71.82 4.40 58.36
N THR B 1076 -72.47 5.22 59.17
CA THR B 1076 -73.03 6.47 58.65
C THR B 1076 -71.87 7.38 58.38
N THR B 1077 -71.92 8.19 57.34
CA THR B 1077 -70.77 9.06 57.12
C THR B 1077 -71.09 10.51 56.82
N ALA B 1078 -70.08 11.36 57.00
CA ALA B 1078 -70.19 12.79 56.68
C ALA B 1078 -68.82 13.32 56.30
N PRO B 1079 -68.73 14.30 55.38
CA PRO B 1079 -67.49 14.94 54.93
C PRO B 1079 -66.82 15.81 55.99
N ALA B 1080 -67.58 16.22 57.01
CA ALA B 1080 -67.03 17.08 58.02
C ALA B 1080 -67.85 17.05 59.30
N ILE B 1081 -67.21 17.49 60.36
CA ILE B 1081 -67.85 17.69 61.65
C ILE B 1081 -67.98 19.18 61.94
N CYS B 1082 -69.16 19.60 62.40
CA CYS B 1082 -69.49 20.95 62.79
C CYS B 1082 -69.20 21.08 64.28
N HIS B 1083 -68.26 21.97 64.60
CA HIS B 1083 -67.86 22.08 66.00
C HIS B 1083 -68.37 23.37 66.63
N ASP B 1084 -67.70 24.48 66.35
CA ASP B 1084 -68.07 25.78 66.85
C ASP B 1084 -68.55 26.67 65.72
N GLY B 1085 -68.95 26.02 64.64
CA GLY B 1085 -69.39 26.68 63.43
C GLY B 1085 -68.37 26.46 62.32
N LYS B 1086 -67.15 26.05 62.70
CA LYS B 1086 -66.12 25.74 61.73
C LYS B 1086 -66.30 24.31 61.29
N ALA B 1087 -65.83 23.98 60.08
CA ALA B 1087 -65.93 22.61 59.62
C ALA B 1087 -64.60 21.88 59.77
N HIS B 1088 -64.67 20.70 60.36
CA HIS B 1088 -63.54 19.84 60.61
C HIS B 1088 -63.55 18.67 59.62
N PHE B 1089 -62.48 18.50 58.84
CA PHE B 1089 -62.46 17.47 57.80
C PHE B 1089 -61.45 16.39 58.17
N PRO B 1090 -61.62 15.11 57.85
CA PRO B 1090 -60.67 14.09 58.26
C PRO B 1090 -59.29 14.46 57.80
N ARG B 1091 -58.31 14.31 58.69
CA ARG B 1091 -56.95 14.57 58.28
C ARG B 1091 -56.55 13.48 57.32
N GLU B 1092 -57.05 12.28 57.64
CA GLU B 1092 -56.90 11.06 56.88
C GLU B 1092 -58.10 10.21 57.23
N GLY B 1093 -58.49 9.31 56.35
CA GLY B 1093 -59.59 8.42 56.63
C GLY B 1093 -60.93 9.09 56.39
N VAL B 1094 -61.94 8.53 57.03
CA VAL B 1094 -63.33 8.93 56.89
C VAL B 1094 -63.99 9.13 58.27
N PHE B 1095 -64.87 10.13 58.36
CA PHE B 1095 -65.63 10.35 59.59
C PHE B 1095 -66.91 9.61 59.48
N VAL B 1096 -67.06 8.65 60.38
CA VAL B 1096 -68.21 7.80 60.37
C VAL B 1096 -68.85 7.65 61.72
N SER B 1097 -70.04 7.09 61.73
CA SER B 1097 -70.68 6.85 63.00
C SER B 1097 -71.57 5.62 63.11
N ASN B 1098 -71.76 5.23 64.38
CA ASN B 1098 -72.69 4.22 64.87
C ASN B 1098 -73.88 5.00 65.48
N GLY B 1099 -74.82 4.32 66.17
CA GLY B 1099 -76.03 4.95 66.74
C GLY B 1099 -75.81 6.09 67.77
N THR B 1100 -74.62 6.17 68.40
CA THR B 1100 -74.36 7.24 69.39
C THR B 1100 -73.11 8.10 69.13
N HIS B 1101 -72.13 7.59 68.40
CA HIS B 1101 -70.88 8.34 68.24
C HIS B 1101 -70.30 8.44 66.85
N TRP B 1102 -69.63 9.57 66.66
CA TRP B 1102 -68.80 9.82 65.50
C TRP B 1102 -67.38 9.53 65.89
N PHE B 1103 -66.66 8.96 64.96
CA PHE B 1103 -65.27 8.60 65.09
C PHE B 1103 -64.57 8.60 63.72
N VAL B 1104 -63.26 8.60 63.73
CA VAL B 1104 -62.52 8.58 62.49
C VAL B 1104 -61.74 7.30 62.32
N THR B 1105 -61.78 6.79 61.12
CA THR B 1105 -61.07 5.57 60.77
C THR B 1105 -60.39 5.66 59.43
N GLN B 1106 -59.29 4.94 59.29
CA GLN B 1106 -58.64 4.87 58.00
C GLN B 1106 -59.65 4.12 57.15
N ARG B 1107 -59.66 4.40 55.86
CA ARG B 1107 -60.64 3.80 54.96
C ARG B 1107 -60.50 2.31 54.68
N ASN B 1108 -59.27 1.79 54.64
CA ASN B 1108 -59.11 0.39 54.25
C ASN B 1108 -59.13 -0.67 55.35
N PHE B 1109 -59.29 -0.27 56.61
CA PHE B 1109 -59.33 -1.23 57.71
C PHE B 1109 -59.84 -0.55 58.97
N TYR B 1110 -61.02 -0.95 59.42
CA TYR B 1110 -61.67 -0.27 60.51
C TYR B 1110 -60.91 -0.28 61.82
N GLU B 1111 -60.71 0.92 62.31
CA GLU B 1111 -60.05 1.20 63.56
C GLU B 1111 -60.61 2.53 64.05
N PRO B 1112 -61.70 2.54 64.79
CA PRO B 1112 -62.39 3.74 65.17
C PRO B 1112 -61.54 4.50 66.16
N GLN B 1113 -61.43 5.81 65.98
CA GLN B 1113 -60.71 6.66 66.92
C GLN B 1113 -61.50 7.93 67.19
N ILE B 1114 -61.32 8.51 68.36
CA ILE B 1114 -61.98 9.77 68.65
C ILE B 1114 -61.51 10.88 67.69
N ILE B 1115 -62.46 11.68 67.23
CA ILE B 1115 -62.11 12.79 66.37
C ILE B 1115 -61.63 13.89 67.28
N THR B 1116 -60.42 14.33 67.02
CA THR B 1116 -59.78 15.33 67.83
C THR B 1116 -59.35 16.39 66.91
N THR B 1117 -58.89 17.48 67.49
CA THR B 1117 -58.42 18.60 66.72
C THR B 1117 -57.15 18.29 65.95
N ASP B 1118 -56.45 17.22 66.32
CA ASP B 1118 -55.23 16.85 65.63
C ASP B 1118 -55.51 15.80 64.57
N ASN B 1119 -56.75 15.38 64.45
CA ASN B 1119 -57.15 14.38 63.49
C ASN B 1119 -57.94 15.02 62.38
N THR B 1120 -57.91 16.35 62.34
CA THR B 1120 -58.74 17.04 61.38
C THR B 1120 -58.20 18.38 60.88
N PHE B 1121 -58.59 18.73 59.66
CA PHE B 1121 -58.27 20.01 59.06
C PHE B 1121 -59.40 20.94 59.38
N VAL B 1122 -59.14 22.20 59.70
CA VAL B 1122 -60.28 23.05 60.01
C VAL B 1122 -60.34 24.25 59.11
N SER B 1123 -61.49 24.45 58.48
CA SER B 1123 -61.69 25.57 57.58
C SER B 1123 -63.16 25.90 57.32
N GLY B 1124 -63.38 27.05 56.69
CA GLY B 1124 -64.70 27.47 56.23
C GLY B 1124 -65.69 27.52 57.38
N ASN B 1125 -66.87 26.97 57.13
CA ASN B 1125 -67.90 26.90 58.13
C ASN B 1125 -68.94 25.80 57.80
N CYS B 1126 -69.90 25.61 58.70
CA CYS B 1126 -70.96 24.61 58.64
C CYS B 1126 -72.01 24.93 57.56
N ASP B 1127 -71.96 26.14 57.00
CA ASP B 1127 -72.90 26.51 55.95
C ASP B 1127 -72.28 26.32 54.57
N VAL B 1128 -71.03 25.84 54.53
CA VAL B 1128 -70.32 25.59 53.28
C VAL B 1128 -70.36 24.13 52.94
N VAL B 1129 -70.10 23.29 53.94
CA VAL B 1129 -70.04 21.87 53.64
C VAL B 1129 -71.40 21.19 53.64
N ILE B 1130 -71.72 20.58 52.52
CA ILE B 1130 -72.99 19.90 52.39
C ILE B 1130 -72.86 18.55 53.06
N GLY B 1131 -73.76 18.26 53.99
CA GLY B 1131 -73.69 16.99 54.68
C GLY B 1131 -72.94 17.04 55.99
N ILE B 1132 -72.51 18.21 56.44
CA ILE B 1132 -71.79 18.34 57.71
C ILE B 1132 -72.70 17.98 58.89
N VAL B 1133 -72.15 17.30 59.89
CA VAL B 1133 -72.95 16.89 61.06
C VAL B 1133 -72.42 17.47 62.36
N ASN B 1134 -73.27 17.53 63.44
CA ASN B 1134 -72.93 18.07 64.77
C ASN B 1134 -72.29 17.01 65.70
N ASN B 1135 -71.01 17.23 66.09
CA ASN B 1135 -70.23 16.33 66.97
C ASN B 1135 -69.10 17.11 67.61
N THR B 1136 -69.04 17.13 68.92
CA THR B 1136 -67.96 17.89 69.55
C THR B 1136 -66.61 17.26 69.22
N VAL B 1137 -65.67 18.08 68.78
CA VAL B 1137 -64.31 17.65 68.46
C VAL B 1137 -63.44 17.78 69.71
N TYR B 1138 -62.70 16.74 70.04
CA TYR B 1138 -61.90 16.78 71.25
C TYR B 1138 -60.54 17.47 71.17
N ASP B 1139 -60.30 18.38 72.11
CA ASP B 1139 -59.04 19.09 72.21
C ASP B 1139 -58.09 18.40 73.21
N PRO B 1140 -56.99 17.78 72.77
CA PRO B 1140 -56.08 17.00 73.60
C PRO B 1140 -55.33 17.82 74.63
N LEU B 1141 -55.30 19.14 74.47
CA LEU B 1141 -54.60 19.97 75.43
C LEU B 1141 -55.57 20.64 76.37
N GLN B 1142 -56.84 20.27 76.28
CA GLN B 1142 -57.88 20.90 77.09
C GLN B 1142 -57.57 21.04 78.59
N PRO B 1143 -56.98 20.06 79.30
CA PRO B 1143 -56.66 20.17 80.71
C PRO B 1143 -55.62 21.24 81.05
N GLU B 1144 -54.84 21.66 80.03
CA GLU B 1144 -53.76 22.65 80.09
C GLU B 1144 -52.69 22.33 81.15
N LEU B 1145 -52.72 21.10 81.64
CA LEU B 1145 -51.85 20.63 82.72
C LEU B 1145 -51.83 21.62 83.92
N ASP B 1146 -53.00 22.25 84.26
CA ASP B 1146 -53.16 23.27 85.32
C ASP B 1146 -54.63 23.70 85.37
N GLN C 14 11.25 -43.35 -35.91
CA GLN C 14 12.48 -43.64 -35.21
C GLN C 14 12.50 -42.92 -33.85
N CYS C 15 12.86 -43.65 -32.78
CA CYS C 15 13.01 -43.13 -31.42
C CYS C 15 14.01 -43.97 -30.66
N VAL C 16 14.46 -43.45 -29.53
CA VAL C 16 15.39 -44.15 -28.65
C VAL C 16 15.00 -44.03 -27.17
N ASN C 17 15.18 -45.13 -26.41
CA ASN C 17 15.03 -45.15 -24.95
C ASN C 17 16.31 -44.57 -24.33
N LEU C 18 16.19 -43.61 -23.39
CA LEU C 18 17.35 -43.04 -22.68
C LEU C 18 17.63 -43.98 -21.51
N THR C 19 18.87 -44.43 -21.42
CA THR C 19 19.26 -45.48 -20.47
C THR C 19 20.14 -45.07 -19.32
N THR C 20 20.39 -43.80 -19.17
CA THR C 20 21.28 -43.31 -18.13
C THR C 20 20.58 -42.63 -16.97
N ARG C 21 19.27 -42.74 -16.91
CA ARG C 21 18.54 -42.11 -15.83
C ARG C 21 18.70 -42.78 -14.48
N THR C 22 18.95 -41.94 -13.50
CA THR C 22 19.06 -42.31 -12.10
C THR C 22 17.65 -42.46 -11.56
N GLN C 23 17.43 -43.48 -10.76
CA GLN C 23 16.11 -43.74 -10.26
C GLN C 23 15.88 -43.01 -8.96
N LEU C 24 14.98 -42.06 -9.02
CA LEU C 24 14.70 -41.14 -7.92
C LEU C 24 13.19 -41.12 -7.64
N PRO C 25 12.75 -40.88 -6.40
CA PRO C 25 11.36 -40.77 -5.98
C PRO C 25 10.70 -39.46 -6.46
N PRO C 26 9.36 -39.39 -6.52
CA PRO C 26 8.56 -38.21 -6.80
C PRO C 26 8.57 -37.26 -5.62
N ALA C 27 8.37 -35.97 -5.88
CA ALA C 27 8.24 -34.99 -4.82
C ALA C 27 6.82 -34.49 -4.81
N TYR C 28 6.38 -33.88 -3.72
CA TYR C 28 5.03 -33.33 -3.67
C TYR C 28 5.05 -31.93 -3.13
N THR C 29 4.14 -31.07 -3.59
CA THR C 29 4.07 -29.72 -3.06
C THR C 29 2.66 -29.17 -2.82
N ASN C 30 2.65 -27.97 -2.26
CA ASN C 30 1.46 -27.18 -1.88
C ASN C 30 0.99 -26.25 -3.00
N SER C 31 -0.23 -26.47 -3.51
CA SER C 31 -0.77 -25.66 -4.62
C SER C 31 -1.17 -24.24 -4.24
N PHE C 32 -1.31 -23.99 -2.95
CA PHE C 32 -1.76 -22.72 -2.43
C PHE C 32 -3.03 -22.25 -3.13
N THR C 33 -2.94 -21.13 -3.84
CA THR C 33 -4.10 -20.52 -4.47
C THR C 33 -4.03 -20.46 -5.99
N ARG C 34 -3.20 -21.30 -6.58
CA ARG C 34 -3.01 -21.36 -8.03
C ARG C 34 -4.14 -22.11 -8.74
N GLY C 35 -4.23 -21.98 -10.08
CA GLY C 35 -5.23 -22.73 -10.85
C GLY C 35 -6.57 -22.03 -11.10
N VAL C 36 -6.64 -20.78 -10.73
CA VAL C 36 -7.82 -19.94 -10.93
C VAL C 36 -7.79 -19.30 -12.30
N TYR C 37 -8.94 -19.20 -12.92
CA TYR C 37 -9.04 -18.61 -14.23
C TYR C 37 -10.32 -17.83 -14.40
N TYR C 38 -10.34 -16.96 -15.40
CA TYR C 38 -11.53 -16.18 -15.65
C TYR C 38 -12.64 -17.09 -16.15
N PRO C 39 -13.78 -17.18 -15.44
CA PRO C 39 -14.85 -18.11 -15.76
C PRO C 39 -15.56 -17.87 -17.07
N ASP C 40 -15.51 -16.65 -17.60
CA ASP C 40 -16.17 -16.43 -18.88
C ASP C 40 -15.61 -15.20 -19.56
N LYS C 41 -16.07 -14.93 -20.76
CA LYS C 41 -15.65 -13.75 -21.50
C LYS C 41 -16.55 -12.56 -21.23
N VAL C 42 -16.66 -12.21 -19.96
CA VAL C 42 -17.54 -11.14 -19.50
C VAL C 42 -16.82 -10.11 -18.68
N PHE C 43 -17.06 -8.84 -18.98
CA PHE C 43 -16.40 -7.82 -18.16
C PHE C 43 -17.20 -7.55 -16.90
N ARG C 44 -16.56 -7.72 -15.78
CA ARG C 44 -17.17 -7.48 -14.48
C ARG C 44 -16.21 -6.62 -13.75
N SER C 45 -16.69 -5.80 -12.83
CA SER C 45 -15.76 -5.03 -12.01
C SER C 45 -16.38 -4.62 -10.70
N SER C 46 -15.51 -4.33 -9.74
CA SER C 46 -15.90 -3.83 -8.43
C SER C 46 -16.98 -4.72 -7.82
N VAL C 47 -16.77 -6.01 -7.89
CA VAL C 47 -17.80 -6.93 -7.43
C VAL C 47 -17.27 -8.26 -6.98
N LEU C 48 -17.96 -8.88 -6.04
CA LEU C 48 -17.59 -10.23 -5.71
C LEU C 48 -18.63 -11.09 -6.41
N HIS C 49 -18.18 -12.15 -7.04
CA HIS C 49 -19.06 -13.02 -7.81
C HIS C 49 -18.94 -14.48 -7.44
N SER C 50 -20.07 -15.16 -7.35
CA SER C 50 -20.05 -16.59 -7.05
C SER C 50 -20.23 -17.45 -8.28
N THR C 51 -19.28 -18.36 -8.52
CA THR C 51 -19.35 -19.24 -9.68
C THR C 51 -19.10 -20.72 -9.32
N GLN C 52 -19.28 -21.59 -10.32
CA GLN C 52 -19.04 -23.03 -10.18
C GLN C 52 -18.40 -23.61 -11.42
N ASP C 53 -17.32 -24.34 -11.22
CA ASP C 53 -16.56 -24.95 -12.33
C ASP C 53 -15.55 -25.97 -11.78
N LEU C 54 -14.78 -26.59 -12.66
CA LEU C 54 -13.70 -27.48 -12.23
C LEU C 54 -12.44 -26.67 -12.06
N PHE C 55 -11.95 -26.62 -10.84
CA PHE C 55 -10.81 -25.80 -10.47
C PHE C 55 -9.80 -26.58 -9.71
N LEU C 56 -8.57 -26.11 -9.70
CA LEU C 56 -7.62 -26.75 -8.82
C LEU C 56 -8.10 -26.36 -7.43
N PRO C 57 -8.32 -27.28 -6.50
CA PRO C 57 -8.73 -26.97 -5.15
C PRO C 57 -7.64 -26.19 -4.50
N PHE C 58 -7.98 -25.34 -3.54
CA PHE C 58 -6.93 -24.65 -2.81
C PHE C 58 -6.21 -25.57 -1.87
N PHE C 59 -4.91 -25.35 -1.75
CA PHE C 59 -4.01 -26.11 -0.89
C PHE C 59 -4.03 -27.59 -1.22
N SER C 60 -4.15 -27.91 -2.49
CA SER C 60 -4.18 -29.26 -2.97
C SER C 60 -2.77 -29.86 -3.03
N ASN C 61 -2.73 -31.21 -3.17
CA ASN C 61 -1.52 -32.04 -3.31
C ASN C 61 -1.11 -32.12 -4.79
N VAL C 62 -0.01 -31.43 -5.15
CA VAL C 62 0.54 -31.31 -6.49
C VAL C 62 1.76 -32.18 -6.63
N THR C 63 1.80 -32.98 -7.67
CA THR C 63 2.96 -33.82 -7.82
C THR C 63 4.05 -32.99 -8.45
N TRP C 64 5.21 -33.06 -7.86
CA TRP C 64 6.35 -32.31 -8.31
C TRP C 64 7.35 -33.17 -9.06
N PHE C 65 7.40 -32.90 -10.33
CA PHE C 65 8.25 -33.61 -11.25
C PHE C 65 9.52 -32.84 -11.30
N HIS C 66 10.25 -32.93 -10.21
CA HIS C 66 11.48 -32.21 -10.17
C HIS C 66 12.22 -32.85 -11.29
N ALA C 67 12.78 -32.07 -12.19
CA ALA C 67 13.44 -32.69 -13.30
C ALA C 67 14.80 -32.13 -13.59
N ILE C 68 15.46 -31.51 -12.63
CA ILE C 68 16.79 -31.01 -12.95
C ILE C 68 17.74 -31.74 -12.08
N HIS C 69 18.23 -32.86 -12.55
CA HIS C 69 19.03 -33.71 -11.70
C HIS C 69 20.38 -33.98 -12.34
N VAL C 70 20.74 -33.13 -13.25
CA VAL C 70 21.97 -33.27 -14.00
C VAL C 70 23.26 -33.28 -13.17
N SER C 71 23.21 -32.71 -11.97
CA SER C 71 24.31 -32.54 -11.06
C SER C 71 24.90 -33.76 -10.34
N GLY C 72 26.13 -33.52 -9.83
CA GLY C 72 26.86 -34.44 -8.96
C GLY C 72 27.83 -35.40 -9.62
N THR C 73 28.83 -35.85 -8.84
CA THR C 73 29.81 -36.84 -9.30
C THR C 73 29.09 -38.14 -9.48
N ASN C 74 28.26 -38.44 -8.49
CA ASN C 74 27.39 -39.60 -8.51
C ASN C 74 26.15 -39.01 -9.12
N GLY C 75 26.15 -38.89 -10.44
CA GLY C 75 25.14 -38.09 -11.08
C GLY C 75 23.74 -38.63 -10.91
N THR C 76 22.83 -37.69 -10.81
CA THR C 76 21.43 -37.99 -10.65
C THR C 76 20.59 -37.70 -11.89
N LYS C 77 21.25 -37.57 -13.05
CA LYS C 77 20.55 -37.20 -14.28
C LYS C 77 19.27 -37.98 -14.41
N ARG C 78 18.19 -37.24 -14.61
CA ARG C 78 16.86 -37.73 -14.78
C ARG C 78 16.15 -36.83 -15.77
N PHE C 79 15.46 -37.42 -16.69
CA PHE C 79 14.70 -36.72 -17.69
C PHE C 79 13.32 -37.25 -17.52
N ASP C 80 12.54 -36.58 -16.69
CA ASP C 80 11.28 -37.13 -16.27
C ASP C 80 10.11 -36.75 -17.19
N ASN C 81 9.62 -37.73 -17.95
CA ASN C 81 8.53 -37.55 -18.90
C ASN C 81 7.49 -38.69 -18.84
N PRO C 82 6.94 -39.03 -17.67
CA PRO C 82 6.01 -40.09 -17.40
C PRO C 82 4.64 -39.79 -17.93
N VAL C 83 3.85 -40.84 -18.07
CA VAL C 83 2.47 -40.69 -18.42
C VAL C 83 1.65 -40.56 -17.15
N LEU C 84 0.85 -39.53 -17.10
CA LEU C 84 0.04 -39.20 -15.97
C LEU C 84 -1.43 -39.27 -16.36
N PRO C 85 -2.36 -39.53 -15.45
CA PRO C 85 -3.78 -39.54 -15.71
C PRO C 85 -4.26 -38.14 -15.99
N PHE C 86 -5.35 -38.02 -16.72
CA PHE C 86 -5.96 -36.72 -16.99
C PHE C 86 -7.06 -36.39 -16.01
N ASN C 87 -7.74 -37.44 -15.56
CA ASN C 87 -8.88 -37.34 -14.67
C ASN C 87 -9.95 -36.40 -15.21
N ASP C 88 -10.32 -35.37 -14.43
CA ASP C 88 -11.38 -34.47 -14.84
C ASP C 88 -10.86 -33.20 -15.47
N GLY C 89 -9.57 -33.14 -15.66
CA GLY C 89 -8.94 -31.96 -16.18
C GLY C 89 -7.64 -31.80 -15.44
N VAL C 90 -6.72 -31.13 -16.10
CA VAL C 90 -5.39 -31.01 -15.55
C VAL C 90 -4.85 -29.64 -15.31
N TYR C 91 -4.31 -29.49 -14.12
CA TYR C 91 -3.62 -28.28 -13.79
C TYR C 91 -2.18 -28.52 -14.10
N PHE C 92 -1.60 -27.66 -14.88
CA PHE C 92 -0.21 -27.86 -15.22
C PHE C 92 0.54 -26.59 -15.00
N ALA C 93 1.71 -26.70 -14.44
CA ALA C 93 2.48 -25.52 -14.29
C ALA C 93 3.93 -25.86 -14.39
N SER C 94 4.71 -24.92 -14.85
CA SER C 94 6.12 -25.15 -14.88
C SER C 94 6.95 -23.93 -14.63
N THR C 95 8.17 -24.20 -14.20
CA THR C 95 9.14 -23.17 -14.00
C THR C 95 10.35 -23.54 -14.82
N GLU C 96 10.83 -22.60 -15.61
CA GLU C 96 12.02 -22.87 -16.40
C GLU C 96 12.88 -21.65 -16.64
N LYS C 97 14.13 -21.90 -16.94
CA LYS C 97 14.99 -20.81 -17.34
C LYS C 97 15.36 -20.85 -18.83
N SER C 98 15.28 -22.02 -19.48
CA SER C 98 15.73 -22.11 -20.87
C SER C 98 14.81 -22.83 -21.87
N ASN C 99 13.49 -22.61 -21.83
CA ASN C 99 12.60 -23.20 -22.86
C ASN C 99 12.73 -24.70 -23.13
N ILE C 100 12.64 -25.49 -22.08
CA ILE C 100 12.78 -26.94 -22.13
C ILE C 100 11.44 -27.65 -22.20
N ILE C 101 10.47 -27.13 -21.48
CA ILE C 101 9.18 -27.79 -21.44
C ILE C 101 8.41 -27.30 -22.63
N ARG C 102 8.23 -28.18 -23.60
CA ARG C 102 7.71 -27.76 -24.88
C ARG C 102 6.40 -28.33 -25.35
N GLY C 103 5.88 -29.33 -24.70
CA GLY C 103 4.64 -29.84 -25.24
C GLY C 103 3.98 -30.92 -24.45
N TRP C 104 2.87 -31.38 -24.99
CA TRP C 104 2.10 -32.40 -24.35
C TRP C 104 1.45 -33.37 -25.32
N ILE C 105 1.21 -34.57 -24.86
CA ILE C 105 0.42 -35.49 -25.64
C ILE C 105 -0.83 -35.80 -24.84
N PHE C 106 -2.00 -35.61 -25.42
CA PHE C 106 -3.24 -35.91 -24.74
C PHE C 106 -4.03 -37.02 -25.45
N GLY C 107 -4.44 -38.06 -24.73
CA GLY C 107 -5.21 -39.11 -25.39
C GLY C 107 -5.65 -40.28 -24.51
N THR C 108 -6.14 -41.32 -25.18
CA THR C 108 -6.71 -42.55 -24.63
C THR C 108 -5.69 -43.52 -24.04
N THR C 109 -4.87 -44.08 -24.93
CA THR C 109 -3.81 -45.01 -24.65
C THR C 109 -2.48 -44.42 -25.08
N LEU C 110 -2.53 -43.27 -25.72
CA LEU C 110 -1.37 -42.61 -26.29
C LEU C 110 -0.69 -43.58 -27.22
N ASP C 111 -1.47 -44.22 -28.08
CA ASP C 111 -0.92 -45.20 -28.99
C ASP C 111 -1.59 -45.10 -30.35
N SER C 112 -1.15 -45.93 -31.28
CA SER C 112 -1.59 -45.91 -32.67
C SER C 112 -2.99 -46.40 -32.93
N LYS C 113 -3.58 -47.04 -31.93
CA LYS C 113 -4.91 -47.57 -32.09
C LYS C 113 -5.99 -46.49 -32.26
N THR C 114 -5.81 -45.32 -31.65
CA THR C 114 -6.86 -44.30 -31.76
C THR C 114 -6.26 -42.93 -32.03
N GLN C 115 -7.10 -41.96 -32.36
CA GLN C 115 -6.59 -40.61 -32.54
C GLN C 115 -6.27 -39.98 -31.21
N SER C 116 -5.23 -39.15 -31.19
CA SER C 116 -4.84 -38.40 -30.02
C SER C 116 -4.26 -37.06 -30.41
N LEU C 117 -4.15 -36.18 -29.43
CA LEU C 117 -3.69 -34.81 -29.61
C LEU C 117 -2.26 -34.51 -29.23
N LEU C 118 -1.49 -34.04 -30.21
CA LEU C 118 -0.11 -33.68 -29.98
C LEU C 118 0.12 -32.19 -30.11
N ILE C 119 0.56 -31.56 -29.03
CA ILE C 119 0.85 -30.13 -29.03
C ILE C 119 2.31 -29.87 -28.78
N VAL C 120 3.02 -29.33 -29.77
CA VAL C 120 4.43 -29.08 -29.57
C VAL C 120 4.93 -27.70 -29.98
N ASN C 121 5.64 -27.07 -29.06
CA ASN C 121 6.31 -25.81 -29.34
C ASN C 121 7.74 -26.17 -29.72
N ASN C 122 8.05 -26.22 -31.04
CA ASN C 122 9.34 -26.64 -31.58
C ASN C 122 10.08 -25.38 -32.01
N ALA C 123 11.41 -25.45 -32.35
CA ALA C 123 12.06 -24.22 -32.83
C ALA C 123 11.37 -23.70 -34.08
N THR C 124 11.08 -22.41 -34.00
CA THR C 124 10.42 -21.55 -34.97
C THR C 124 8.92 -21.72 -35.15
N ASN C 125 8.26 -22.71 -34.54
CA ASN C 125 6.82 -22.73 -34.78
C ASN C 125 6.03 -23.50 -33.69
N VAL C 126 4.72 -23.52 -33.81
CA VAL C 126 3.86 -24.29 -32.94
C VAL C 126 2.93 -25.11 -33.77
N VAL C 127 2.94 -26.39 -33.49
CA VAL C 127 2.10 -27.27 -34.27
C VAL C 127 1.18 -28.09 -33.42
N ILE C 128 -0.07 -28.12 -33.84
CA ILE C 128 -1.07 -28.92 -33.17
C ILE C 128 -1.72 -29.88 -34.15
N LYS C 129 -1.64 -31.17 -33.86
CA LYS C 129 -2.29 -32.15 -34.73
C LYS C 129 -3.02 -33.22 -33.97
N VAL C 130 -4.09 -33.73 -34.56
CA VAL C 130 -4.77 -34.87 -33.98
C VAL C 130 -4.68 -36.05 -34.96
N CYS C 131 -3.95 -37.13 -34.59
CA CYS C 131 -3.63 -38.24 -35.49
C CYS C 131 -3.56 -39.54 -34.75
N GLU C 132 -3.51 -40.61 -35.50
CA GLU C 132 -3.28 -41.92 -34.96
C GLU C 132 -1.78 -42.03 -34.94
N PHE C 133 -1.18 -41.52 -33.87
CA PHE C 133 0.26 -41.45 -33.78
C PHE C 133 0.82 -42.69 -33.16
N GLN C 134 1.94 -43.15 -33.67
CA GLN C 134 2.62 -44.22 -33.02
C GLN C 134 3.69 -43.57 -32.22
N PHE C 135 3.37 -43.39 -30.96
CA PHE C 135 4.23 -42.67 -30.05
C PHE C 135 5.33 -43.55 -29.53
N CYS C 136 6.46 -42.89 -29.19
CA CYS C 136 7.61 -43.44 -28.51
C CYS C 136 7.28 -43.59 -27.03
N ASN C 137 7.77 -44.66 -26.43
CA ASN C 137 7.61 -44.89 -25.00
C ASN C 137 8.34 -43.84 -24.17
N ASP C 138 9.37 -43.27 -24.76
CA ASP C 138 10.22 -42.28 -24.12
C ASP C 138 10.50 -41.16 -25.11
N PRO C 139 9.49 -40.34 -25.44
CA PRO C 139 9.57 -39.32 -26.45
C PRO C 139 10.40 -38.16 -25.98
N PHE C 140 11.10 -37.51 -26.91
CA PHE C 140 11.81 -36.28 -26.59
C PHE C 140 12.13 -35.41 -27.78
N LEU C 141 12.48 -34.18 -27.46
CA LEU C 141 12.95 -33.18 -28.41
C LEU C 141 14.40 -32.87 -28.06
N GLY C 142 15.18 -32.24 -28.93
CA GLY C 142 16.51 -31.87 -28.43
C GLY C 142 17.40 -30.97 -29.30
N VAL C 143 18.35 -30.36 -28.58
CA VAL C 143 19.32 -29.42 -29.10
C VAL C 143 20.72 -29.96 -28.89
N TYR C 144 21.50 -29.98 -29.96
CA TYR C 144 22.84 -30.54 -29.93
C TYR C 144 24.00 -29.67 -30.34
N TYR C 145 23.84 -28.93 -31.41
CA TYR C 145 25.04 -28.31 -31.94
C TYR C 145 25.72 -27.31 -31.04
N HIS C 146 27.06 -27.46 -30.96
CA HIS C 146 27.98 -26.56 -30.27
C HIS C 146 29.39 -26.65 -30.94
N LYS C 147 30.33 -25.83 -30.46
CA LYS C 147 31.77 -25.71 -30.79
C LYS C 147 32.23 -24.88 -32.01
N ASN C 148 31.74 -25.15 -33.21
CA ASN C 148 32.28 -24.38 -34.36
C ASN C 148 31.92 -22.87 -34.36
N ASN C 149 30.77 -22.54 -33.79
CA ASN C 149 30.18 -21.24 -33.51
C ASN C 149 29.40 -21.49 -32.22
N LYS C 150 29.12 -20.44 -31.43
CA LYS C 150 28.45 -20.58 -30.12
C LYS C 150 26.94 -20.61 -30.16
N SER C 151 26.36 -20.47 -31.34
CA SER C 151 24.92 -20.52 -31.45
C SER C 151 24.52 -21.95 -31.14
N TRP C 152 23.40 -22.14 -30.50
CA TRP C 152 22.93 -23.49 -30.26
C TRP C 152 22.03 -23.87 -31.39
N MET C 153 22.08 -25.12 -31.83
CA MET C 153 21.12 -25.46 -32.87
C MET C 153 20.34 -26.75 -32.59
N GLU C 154 19.04 -26.63 -32.85
CA GLU C 154 18.01 -27.66 -32.67
C GLU C 154 17.84 -28.54 -33.86
N SER C 155 17.86 -29.84 -33.62
CA SER C 155 17.73 -30.77 -34.72
C SER C 155 16.99 -32.07 -34.39
N GLU C 156 16.71 -32.35 -33.12
CA GLU C 156 16.10 -33.63 -32.80
C GLU C 156 14.62 -33.53 -32.51
N PHE C 157 13.89 -34.47 -33.08
CA PHE C 157 12.47 -34.63 -32.85
C PHE C 157 12.16 -36.12 -32.86
N ARG C 158 12.00 -36.70 -31.68
CA ARG C 158 11.74 -38.12 -31.57
C ARG C 158 10.55 -38.33 -30.65
N VAL C 159 9.37 -38.02 -31.16
CA VAL C 159 8.17 -38.10 -30.34
C VAL C 159 7.36 -39.30 -30.75
N TYR C 160 7.24 -39.49 -32.05
CA TYR C 160 6.48 -40.57 -32.62
C TYR C 160 7.23 -41.09 -33.82
N SER C 161 7.01 -42.35 -34.16
CA SER C 161 7.65 -42.92 -35.33
C SER C 161 6.78 -42.78 -36.54
N SER C 162 5.48 -42.70 -36.32
CA SER C 162 4.57 -42.58 -37.45
C SER C 162 3.26 -41.95 -37.07
N ALA C 163 2.49 -41.55 -38.06
CA ALA C 163 1.16 -41.06 -37.79
C ALA C 163 0.30 -41.18 -39.03
N ASN C 164 -0.99 -41.35 -38.83
CA ASN C 164 -1.91 -41.33 -39.95
C ASN C 164 -3.27 -40.77 -39.51
N ASN C 165 -4.24 -40.66 -40.45
CA ASN C 165 -5.63 -40.18 -40.22
C ASN C 165 -5.65 -38.83 -39.46
N CYS C 166 -4.80 -37.89 -39.88
CA CYS C 166 -4.66 -36.58 -39.26
C CYS C 166 -5.78 -35.62 -39.60
N THR C 167 -6.26 -34.99 -38.54
CA THR C 167 -7.28 -33.98 -38.58
C THR C 167 -6.87 -32.79 -37.73
N PHE C 168 -7.66 -31.73 -37.79
CA PHE C 168 -7.41 -30.53 -37.02
C PHE C 168 -5.96 -30.09 -37.16
N GLU C 169 -5.47 -29.98 -38.38
CA GLU C 169 -4.08 -29.60 -38.50
C GLU C 169 -3.86 -28.11 -38.45
N TYR C 170 -3.18 -27.69 -37.40
CA TYR C 170 -2.89 -26.29 -37.16
C TYR C 170 -1.43 -25.99 -37.10
N VAL C 171 -1.03 -25.02 -37.87
CA VAL C 171 0.35 -24.59 -37.85
C VAL C 171 0.37 -23.09 -37.64
N SER C 172 1.15 -22.64 -36.67
CA SER C 172 1.25 -21.22 -36.36
C SER C 172 2.27 -20.54 -37.28
N GLN C 173 2.61 -19.32 -36.94
CA GLN C 173 3.50 -18.57 -37.81
C GLN C 173 4.93 -18.72 -37.37
N PRO C 174 5.91 -18.58 -38.27
CA PRO C 174 7.33 -18.61 -37.98
C PRO C 174 7.77 -17.57 -36.97
N PHE C 175 8.70 -17.97 -36.12
CA PHE C 175 9.32 -17.14 -35.10
C PHE C 175 10.70 -17.67 -34.75
N LEU C 176 11.41 -16.99 -33.86
CA LEU C 176 12.71 -17.47 -33.43
C LEU C 176 12.61 -17.92 -31.99
N MET C 177 13.39 -18.92 -31.61
CA MET C 177 13.35 -19.42 -30.24
C MET C 177 14.72 -19.34 -29.58
N ASP C 178 14.73 -18.98 -28.29
CA ASP C 178 15.95 -18.92 -27.49
C ASP C 178 16.33 -20.30 -26.95
N LEU C 179 17.41 -20.86 -27.47
CA LEU C 179 17.82 -22.20 -27.10
C LEU C 179 18.93 -22.30 -26.05
N GLU C 180 19.63 -21.20 -25.77
CA GLU C 180 20.80 -21.29 -24.90
C GLU C 180 20.46 -21.59 -23.44
N GLY C 181 21.23 -22.50 -22.86
CA GLY C 181 21.07 -22.89 -21.46
C GLY C 181 21.58 -21.78 -20.57
N LYS C 182 20.98 -21.64 -19.41
CA LYS C 182 21.36 -20.59 -18.49
C LYS C 182 21.57 -21.07 -17.07
N GLN C 183 22.35 -20.29 -16.34
CA GLN C 183 22.60 -20.46 -14.93
C GLN C 183 21.69 -19.49 -14.20
N GLY C 184 21.73 -19.47 -12.87
CA GLY C 184 20.90 -18.52 -12.12
C GLY C 184 19.55 -19.11 -11.78
N ASN C 185 18.59 -18.24 -11.46
CA ASN C 185 17.29 -18.66 -10.99
C ASN C 185 16.34 -18.96 -12.13
N PHE C 186 15.14 -19.37 -11.79
CA PHE C 186 14.12 -19.64 -12.78
C PHE C 186 13.59 -18.31 -13.20
N LYS C 187 13.24 -18.14 -14.47
CA LYS C 187 12.75 -16.85 -14.93
C LYS C 187 11.32 -16.83 -15.44
N ASN C 188 10.84 -17.97 -15.92
CA ASN C 188 9.54 -18.02 -16.56
C ASN C 188 8.55 -18.97 -15.93
N LEU C 189 7.46 -18.42 -15.41
CA LEU C 189 6.41 -19.23 -14.83
C LEU C 189 5.33 -19.37 -15.86
N ARG C 190 5.06 -20.59 -16.27
CA ARG C 190 4.07 -20.81 -17.29
C ARG C 190 2.94 -21.63 -16.70
N GLU C 191 1.80 -20.99 -16.47
CA GLU C 191 0.71 -21.69 -15.80
C GLU C 191 -0.42 -21.96 -16.77
N PHE C 192 -0.91 -23.21 -16.77
CA PHE C 192 -1.98 -23.64 -17.64
C PHE C 192 -3.08 -24.47 -17.00
N VAL C 193 -4.27 -24.36 -17.57
CA VAL C 193 -5.37 -25.27 -17.23
C VAL C 193 -5.89 -25.94 -18.50
N PHE C 194 -5.91 -27.27 -18.48
CA PHE C 194 -6.37 -28.08 -19.61
C PHE C 194 -7.66 -28.85 -19.30
N LYS C 195 -8.73 -28.59 -20.06
CA LYS C 195 -10.01 -29.26 -19.81
C LYS C 195 -10.57 -29.90 -21.07
N ASN C 196 -11.26 -31.03 -20.93
CA ASN C 196 -11.81 -31.69 -22.12
C ASN C 196 -13.31 -31.86 -22.00
N ILE C 197 -14.06 -30.88 -22.50
CA ILE C 197 -15.51 -30.90 -22.30
C ILE C 197 -16.34 -30.74 -23.57
N ASP C 198 -17.22 -31.70 -23.79
CA ASP C 198 -18.19 -31.66 -24.88
C ASP C 198 -17.64 -31.33 -26.26
N GLY C 199 -16.53 -31.93 -26.62
CA GLY C 199 -15.94 -31.69 -27.92
C GLY C 199 -14.82 -30.66 -27.91
N TYR C 200 -14.64 -29.94 -26.82
CA TYR C 200 -13.58 -28.97 -26.80
C TYR C 200 -12.45 -29.19 -25.83
N PHE C 201 -11.26 -28.93 -26.30
CA PHE C 201 -10.12 -28.98 -25.45
C PHE C 201 -9.78 -27.54 -25.16
N LYS C 202 -10.10 -27.15 -23.95
CA LYS C 202 -9.99 -25.77 -23.55
C LYS C 202 -8.69 -25.56 -22.84
N ILE C 203 -7.96 -24.53 -23.26
CA ILE C 203 -6.69 -24.28 -22.63
C ILE C 203 -6.66 -22.85 -22.14
N TYR C 204 -6.37 -22.66 -20.86
CA TYR C 204 -6.25 -21.32 -20.28
C TYR C 204 -4.81 -21.08 -19.95
N SER C 205 -4.33 -19.84 -19.99
CA SER C 205 -2.94 -19.61 -19.59
C SER C 205 -2.56 -18.22 -19.12
N LYS C 206 -1.40 -18.16 -18.45
CA LYS C 206 -0.76 -16.92 -18.03
C LYS C 206 0.76 -17.08 -17.98
N HIS C 207 1.49 -16.08 -18.44
CA HIS C 207 2.95 -16.08 -18.38
C HIS C 207 3.44 -14.99 -17.43
N THR C 208 4.06 -15.41 -16.32
CA THR C 208 4.50 -14.48 -15.28
C THR C 208 6.01 -14.56 -15.02
N PRO C 209 6.74 -13.43 -14.95
CA PRO C 209 8.13 -13.37 -14.55
C PRO C 209 8.33 -13.85 -13.12
N ILE C 210 9.36 -14.65 -12.91
CA ILE C 210 9.76 -15.17 -11.61
C ILE C 210 11.25 -15.06 -11.39
N ASN C 211 11.69 -15.19 -10.14
CA ASN C 211 13.11 -15.24 -9.83
C ASN C 211 13.33 -16.22 -8.69
N LEU C 212 12.67 -17.37 -8.76
CA LEU C 212 12.73 -18.37 -7.70
C LEU C 212 13.81 -19.40 -7.89
N VAL C 213 14.15 -20.07 -6.81
CA VAL C 213 15.15 -21.11 -6.89
C VAL C 213 14.63 -22.55 -6.85
N ARG C 214 13.67 -22.87 -5.97
CA ARG C 214 13.32 -24.28 -5.79
C ARG C 214 11.94 -24.81 -6.17
N ASP C 215 10.87 -24.04 -5.98
CA ASP C 215 9.55 -24.65 -6.14
C ASP C 215 8.48 -23.66 -6.64
N LEU C 216 7.25 -24.14 -6.83
CA LEU C 216 6.20 -23.24 -7.29
C LEU C 216 6.10 -22.07 -6.33
N PRO C 217 6.05 -20.86 -6.85
CA PRO C 217 5.94 -19.67 -6.05
C PRO C 217 4.56 -19.59 -5.46
N GLN C 218 4.47 -19.01 -4.28
CA GLN C 218 3.20 -18.72 -3.68
C GLN C 218 2.69 -17.42 -4.26
N GLY C 219 1.42 -17.35 -4.58
CA GLY C 219 0.87 -16.13 -5.13
C GLY C 219 -0.43 -16.42 -5.85
N PHE C 220 -1.05 -15.39 -6.40
CA PHE C 220 -2.32 -15.56 -7.06
C PHE C 220 -2.44 -14.76 -8.33
N SER C 221 -3.03 -15.35 -9.34
CA SER C 221 -3.37 -14.68 -10.57
C SER C 221 -4.44 -15.52 -11.21
N ALA C 222 -5.17 -14.99 -12.18
CA ALA C 222 -6.12 -15.81 -12.90
C ALA C 222 -5.67 -15.95 -14.35
N LEU C 223 -5.91 -17.11 -14.93
CA LEU C 223 -5.54 -17.38 -16.31
C LEU C 223 -6.58 -16.90 -17.31
N GLU C 224 -6.12 -16.52 -18.49
CA GLU C 224 -7.04 -16.03 -19.50
C GLU C 224 -7.45 -17.14 -20.46
N PRO C 225 -8.62 -17.03 -21.12
CA PRO C 225 -9.18 -18.01 -22.03
C PRO C 225 -8.27 -18.54 -23.12
N LEU C 226 -7.36 -17.75 -23.65
CA LEU C 226 -6.49 -18.28 -24.69
C LEU C 226 -7.30 -18.98 -25.82
N VAL C 227 -7.41 -20.32 -25.81
CA VAL C 227 -8.07 -21.01 -26.93
C VAL C 227 -9.07 -22.13 -26.58
N ASP C 228 -9.99 -22.34 -27.53
CA ASP C 228 -10.94 -23.46 -27.50
C ASP C 228 -10.74 -24.37 -28.71
N LEU C 229 -10.20 -25.56 -28.53
CA LEU C 229 -9.93 -26.39 -29.69
C LEU C 229 -11.07 -27.39 -29.92
N PRO C 230 -11.75 -27.38 -31.07
CA PRO C 230 -12.88 -28.23 -31.41
C PRO C 230 -12.46 -29.63 -31.80
N ILE C 231 -11.90 -30.33 -30.83
CA ILE C 231 -11.38 -31.66 -31.06
C ILE C 231 -12.17 -32.71 -30.29
N GLY C 232 -12.91 -33.53 -31.01
CA GLY C 232 -13.78 -34.55 -30.44
C GLY C 232 -13.09 -35.83 -30.01
N ILE C 233 -12.13 -35.75 -29.09
CA ILE C 233 -11.44 -36.99 -28.70
C ILE C 233 -11.56 -37.22 -27.19
N ASN C 234 -11.32 -38.48 -26.78
CA ASN C 234 -11.34 -38.97 -25.41
C ASN C 234 -9.93 -38.92 -24.78
N ILE C 235 -9.70 -37.98 -23.84
CA ILE C 235 -8.42 -37.78 -23.18
C ILE C 235 -8.51 -38.36 -21.80
N THR C 236 -7.72 -39.38 -21.54
CA THR C 236 -7.78 -40.10 -20.30
C THR C 236 -6.49 -39.96 -19.53
N ARG C 237 -5.42 -39.71 -20.27
CA ARG C 237 -4.06 -39.59 -19.75
C ARG C 237 -3.27 -38.65 -20.64
N PHE C 238 -2.14 -38.17 -20.14
CA PHE C 238 -1.31 -37.31 -20.96
C PHE C 238 0.16 -37.47 -20.61
N GLN C 239 1.01 -36.98 -21.50
CA GLN C 239 2.45 -37.05 -21.28
C GLN C 239 3.13 -35.72 -21.54
N THR C 240 4.10 -35.35 -20.71
CA THR C 240 4.83 -34.08 -20.86
C THR C 240 6.05 -34.26 -21.76
N LEU C 241 6.21 -33.36 -22.71
CA LEU C 241 7.34 -33.38 -23.64
C LEU C 241 8.41 -32.36 -23.31
N LEU C 242 9.59 -32.90 -23.03
CA LEU C 242 10.75 -32.11 -22.67
C LEU C 242 11.83 -32.19 -23.72
N ALA C 243 12.63 -31.14 -23.85
CA ALA C 243 13.80 -31.20 -24.69
C ALA C 243 15.06 -31.61 -23.91
N LEU C 244 15.99 -32.29 -24.58
CA LEU C 244 17.31 -32.63 -24.06
C LEU C 244 18.38 -31.67 -24.45
N HIS C 245 19.41 -31.62 -23.62
CA HIS C 245 20.59 -30.88 -23.98
C HIS C 245 21.68 -31.85 -24.34
N ARG C 246 22.19 -31.72 -25.54
CA ARG C 246 23.24 -32.60 -26.00
C ARG C 246 24.36 -31.72 -26.46
N SER C 247 25.58 -32.21 -26.37
CA SER C 247 26.72 -31.43 -26.79
C SER C 247 27.94 -32.29 -26.90
N TYR C 248 29.00 -31.71 -27.39
CA TYR C 248 30.33 -32.31 -27.49
C TYR C 248 30.89 -32.69 -26.12
N LEU C 249 30.37 -32.05 -25.09
CA LEU C 249 30.84 -32.17 -23.73
C LEU C 249 30.30 -33.43 -23.08
N THR C 250 29.26 -34.02 -23.64
CA THR C 250 28.62 -35.20 -23.08
C THR C 250 28.51 -36.29 -24.15
N PRO C 251 29.58 -37.04 -24.41
CA PRO C 251 29.65 -38.05 -25.45
C PRO C 251 28.83 -39.25 -25.07
N GLY C 252 28.43 -40.01 -26.07
CA GLY C 252 27.71 -41.26 -25.89
C GLY C 252 26.83 -41.46 -27.11
N ASP C 253 26.15 -42.58 -27.20
CA ASP C 253 25.29 -42.81 -28.34
C ASP C 253 23.96 -42.16 -28.02
N SER C 254 22.95 -42.36 -28.84
CA SER C 254 21.70 -41.65 -28.65
C SER C 254 20.95 -41.97 -27.34
N SER C 255 21.31 -43.05 -26.65
CA SER C 255 20.66 -43.41 -25.40
C SER C 255 21.39 -42.86 -24.18
N SER C 256 22.62 -42.38 -24.37
CA SER C 256 23.42 -41.98 -23.22
C SER C 256 24.12 -40.62 -23.31
N GLY C 257 24.36 -40.14 -24.51
CA GLY C 257 25.11 -38.91 -24.71
C GLY C 257 24.26 -37.66 -24.54
N TRP C 258 23.72 -37.47 -23.33
CA TRP C 258 22.83 -36.34 -23.07
C TRP C 258 22.81 -35.90 -21.62
N THR C 259 22.36 -34.66 -21.39
CA THR C 259 22.14 -34.15 -20.07
C THR C 259 20.74 -33.59 -19.93
N ALA C 260 20.29 -33.49 -18.69
CA ALA C 260 19.02 -32.87 -18.39
C ALA C 260 19.22 -31.38 -18.50
N GLY C 261 18.18 -30.65 -18.85
CA GLY C 261 18.33 -29.22 -18.90
C GLY C 261 17.75 -28.58 -17.64
N ALA C 262 17.80 -27.27 -17.59
CA ALA C 262 17.34 -26.51 -16.44
C ALA C 262 15.84 -26.17 -16.40
N ALA C 263 15.00 -27.19 -16.24
CA ALA C 263 13.55 -26.98 -16.09
C ALA C 263 12.88 -28.07 -15.27
N ALA C 264 11.73 -27.74 -14.65
CA ALA C 264 10.94 -28.69 -13.86
C ALA C 264 9.45 -28.36 -13.92
N TYR C 265 8.59 -29.34 -13.60
CA TYR C 265 7.15 -29.08 -13.69
C TYR C 265 6.28 -29.75 -12.65
N TYR C 266 5.05 -29.26 -12.57
CA TYR C 266 4.08 -29.66 -11.59
C TYR C 266 2.74 -30.08 -12.18
N VAL C 267 2.11 -31.09 -11.58
CA VAL C 267 0.77 -31.49 -12.03
C VAL C 267 -0.22 -31.65 -10.90
N GLY C 268 -1.38 -31.02 -11.05
CA GLY C 268 -2.45 -31.12 -10.09
C GLY C 268 -3.73 -31.52 -10.81
N TYR C 269 -4.81 -31.68 -10.09
CA TYR C 269 -6.06 -32.05 -10.77
C TYR C 269 -7.20 -31.18 -10.40
N LEU C 270 -8.11 -31.01 -11.34
CA LEU C 270 -9.25 -30.17 -11.11
C LEU C 270 -10.39 -30.95 -10.49
N GLN C 271 -11.18 -30.29 -9.67
CA GLN C 271 -12.36 -30.87 -9.07
C GLN C 271 -13.48 -29.85 -9.10
N PRO C 272 -14.75 -30.23 -9.14
CA PRO C 272 -15.83 -29.29 -9.07
C PRO C 272 -15.81 -28.58 -7.74
N ARG C 273 -15.89 -27.28 -7.82
CA ARG C 273 -15.89 -26.40 -6.68
C ARG C 273 -16.67 -25.14 -6.95
N THR C 274 -17.05 -24.49 -5.87
CA THR C 274 -17.64 -23.19 -6.02
C THR C 274 -16.67 -22.23 -5.40
N PHE C 275 -16.61 -21.06 -6.00
CA PHE C 275 -15.74 -19.98 -5.59
C PHE C 275 -16.35 -18.62 -5.52
N LEU C 276 -15.84 -17.86 -4.58
CA LEU C 276 -16.15 -16.45 -4.52
C LEU C 276 -14.97 -15.75 -5.17
N LEU C 277 -15.19 -15.07 -6.27
CA LEU C 277 -14.09 -14.42 -6.95
C LEU C 277 -14.17 -12.93 -6.83
N LYS C 278 -13.04 -12.30 -6.51
CA LYS C 278 -12.99 -10.86 -6.35
C LYS C 278 -12.44 -10.12 -7.52
N TYR C 279 -13.30 -9.31 -8.15
CA TYR C 279 -12.96 -8.49 -9.30
C TYR C 279 -12.72 -7.07 -8.81
N ASN C 280 -11.57 -6.52 -9.14
CA ASN C 280 -11.26 -5.17 -8.69
C ASN C 280 -11.91 -4.16 -9.61
N GLU C 281 -11.59 -2.91 -9.42
CA GLU C 281 -12.20 -1.83 -10.19
C GLU C 281 -11.96 -1.86 -11.73
N ASN C 282 -10.89 -2.56 -12.20
CA ASN C 282 -10.55 -2.72 -13.62
C ASN C 282 -10.96 -4.10 -14.15
N GLY C 283 -11.72 -4.91 -13.37
CA GLY C 283 -12.19 -6.23 -13.72
C GLY C 283 -11.15 -7.32 -13.65
N THR C 284 -10.12 -7.10 -12.85
CA THR C 284 -9.08 -8.10 -12.72
C THR C 284 -9.39 -8.94 -11.52
N ILE C 285 -9.26 -10.25 -11.65
CA ILE C 285 -9.51 -11.05 -10.47
C ILE C 285 -8.27 -10.94 -9.64
N THR C 286 -8.43 -10.49 -8.42
CA THR C 286 -7.30 -10.29 -7.55
C THR C 286 -7.31 -11.27 -6.41
N ASP C 287 -8.46 -11.85 -6.11
CA ASP C 287 -8.48 -12.83 -5.03
C ASP C 287 -9.56 -13.88 -5.24
N ALA C 288 -9.63 -14.87 -4.33
CA ALA C 288 -10.65 -15.91 -4.41
C ALA C 288 -10.84 -16.69 -3.10
N VAL C 289 -12.05 -17.22 -2.91
CA VAL C 289 -12.32 -18.13 -1.78
C VAL C 289 -12.78 -19.48 -2.28
N ASP C 290 -12.10 -20.53 -1.85
CA ASP C 290 -12.50 -21.90 -2.17
C ASP C 290 -13.51 -22.30 -1.12
N CYS C 291 -14.79 -22.34 -1.49
CA CYS C 291 -15.94 -22.49 -0.60
C CYS C 291 -15.97 -23.85 0.08
N ALA C 292 -15.19 -24.80 -0.45
CA ALA C 292 -15.15 -26.14 0.10
C ALA C 292 -13.87 -26.43 0.85
N LEU C 293 -13.02 -25.43 1.01
CA LEU C 293 -11.73 -25.64 1.64
C LEU C 293 -11.82 -25.97 3.12
N ASP C 294 -12.74 -25.31 3.80
CA ASP C 294 -12.90 -25.43 5.24
C ASP C 294 -14.14 -24.61 5.68
N PRO C 295 -14.67 -24.81 6.90
CA PRO C 295 -15.76 -24.06 7.50
C PRO C 295 -15.61 -22.54 7.51
N LEU C 296 -14.40 -22.01 7.61
CA LEU C 296 -14.29 -20.56 7.60
C LEU C 296 -14.55 -20.04 6.18
N SER C 297 -14.03 -20.75 5.19
CA SER C 297 -14.21 -20.36 3.81
C SER C 297 -15.69 -20.47 3.45
N GLU C 298 -16.36 -21.50 3.98
CA GLU C 298 -17.77 -21.62 3.71
C GLU C 298 -18.49 -20.38 4.20
N THR C 299 -18.12 -19.89 5.39
CA THR C 299 -18.71 -18.69 5.92
C THR C 299 -18.42 -17.51 5.00
N LYS C 300 -17.19 -17.38 4.55
CA LYS C 300 -16.85 -16.26 3.65
C LYS C 300 -17.68 -16.24 2.34
N CYS C 301 -17.91 -17.42 1.71
CA CYS C 301 -18.71 -17.52 0.47
C CYS C 301 -20.16 -17.19 0.77
N THR C 302 -20.67 -17.66 1.89
CA THR C 302 -22.04 -17.43 2.28
C THR C 302 -22.32 -15.95 2.42
N LEU C 303 -21.39 -15.26 3.03
CA LEU C 303 -21.52 -13.85 3.32
C LEU C 303 -21.03 -12.95 2.21
N LYS C 304 -20.53 -13.52 1.12
CA LYS C 304 -19.99 -12.72 0.02
C LYS C 304 -18.95 -11.76 0.54
N SER C 305 -18.00 -12.25 1.32
CA SER C 305 -16.99 -11.40 1.88
C SER C 305 -15.66 -12.08 2.08
N PHE C 306 -14.59 -11.30 2.02
CA PHE C 306 -13.27 -11.84 2.30
C PHE C 306 -12.87 -11.58 3.75
N THR C 307 -13.78 -10.93 4.47
CA THR C 307 -13.63 -10.61 5.88
C THR C 307 -14.85 -11.03 6.67
N VAL C 308 -14.60 -11.70 7.79
CA VAL C 308 -15.66 -12.14 8.67
C VAL C 308 -15.45 -11.53 10.05
N GLU C 309 -16.51 -10.93 10.57
CA GLU C 309 -16.46 -10.28 11.85
C GLU C 309 -16.49 -11.30 12.97
N LYS C 310 -16.01 -10.92 14.13
CA LYS C 310 -16.03 -11.85 15.24
C LYS C 310 -17.46 -12.28 15.56
N GLY C 311 -17.64 -13.57 15.82
CA GLY C 311 -18.97 -14.09 16.15
C GLY C 311 -19.13 -15.56 15.78
N ILE C 312 -20.37 -16.00 15.75
CA ILE C 312 -20.66 -17.38 15.43
C ILE C 312 -21.38 -17.46 14.11
N TYR C 313 -20.89 -18.31 13.24
CA TYR C 313 -21.53 -18.48 11.95
C TYR C 313 -21.93 -19.92 11.78
N GLN C 314 -23.06 -20.17 11.15
CA GLN C 314 -23.46 -21.56 10.95
C GLN C 314 -23.06 -22.02 9.58
N THR C 315 -22.85 -23.32 9.45
CA THR C 315 -22.50 -23.96 8.19
C THR C 315 -23.48 -25.05 7.91
N SER C 316 -23.36 -25.69 6.76
CA SER C 316 -24.25 -26.79 6.43
C SER C 316 -23.94 -27.97 7.33
N ASN C 317 -24.87 -28.92 7.37
CA ASN C 317 -24.71 -30.10 8.20
C ASN C 317 -23.55 -30.92 7.72
N PHE C 318 -22.97 -31.71 8.60
CA PHE C 318 -21.84 -32.52 8.22
C PHE C 318 -22.25 -33.46 7.09
N ARG C 319 -21.41 -33.53 6.06
CA ARG C 319 -21.72 -34.36 4.91
C ARG C 319 -20.74 -35.48 4.72
N VAL C 320 -21.26 -36.57 4.19
CA VAL C 320 -20.52 -37.77 3.90
C VAL C 320 -20.68 -38.16 2.44
N GLN C 321 -19.56 -38.45 1.78
CA GLN C 321 -19.65 -38.81 0.39
C GLN C 321 -19.74 -40.32 0.20
N PRO C 322 -20.46 -40.79 -0.85
CA PRO C 322 -20.49 -42.16 -1.30
C PRO C 322 -19.11 -42.62 -1.71
N THR C 323 -18.79 -43.88 -1.42
CA THR C 323 -17.48 -44.41 -1.78
C THR C 323 -17.47 -45.43 -2.91
N GLU C 324 -18.63 -46.03 -3.17
CA GLU C 324 -18.78 -47.07 -4.18
C GLU C 324 -20.23 -47.11 -4.63
N SER C 325 -20.50 -47.75 -5.77
CA SER C 325 -21.87 -47.88 -6.26
C SER C 325 -22.36 -49.32 -6.28
N ILE C 326 -23.57 -49.52 -5.80
CA ILE C 326 -24.23 -50.82 -5.77
C ILE C 326 -25.37 -50.95 -6.75
N VAL C 327 -25.25 -51.90 -7.64
CA VAL C 327 -26.27 -52.11 -8.65
C VAL C 327 -26.94 -53.46 -8.51
N ARG C 328 -28.26 -53.47 -8.28
CA ARG C 328 -28.91 -54.74 -8.07
C ARG C 328 -30.13 -54.93 -8.93
N PHE C 329 -30.14 -56.07 -9.58
CA PHE C 329 -31.20 -56.49 -10.46
C PHE C 329 -31.54 -57.92 -10.13
N PRO C 330 -32.73 -58.41 -10.46
CA PRO C 330 -33.13 -59.78 -10.29
C PRO C 330 -32.33 -60.61 -11.29
N ASN C 331 -32.20 -61.93 -11.03
CA ASN C 331 -31.46 -62.84 -11.90
C ASN C 331 -32.30 -63.23 -13.12
N ILE C 332 -32.01 -62.59 -14.27
CA ILE C 332 -32.69 -62.80 -15.54
C ILE C 332 -31.62 -63.19 -16.53
N THR C 333 -31.83 -64.31 -17.20
CA THR C 333 -30.85 -64.81 -18.16
C THR C 333 -31.31 -64.78 -19.60
N ASN C 334 -32.58 -64.50 -19.82
CA ASN C 334 -33.14 -64.56 -21.15
C ASN C 334 -33.13 -63.20 -21.85
N LEU C 335 -33.12 -63.25 -23.16
CA LEU C 335 -33.28 -62.05 -23.97
C LEU C 335 -34.75 -61.96 -24.31
N CYS C 336 -35.34 -60.74 -24.32
CA CYS C 336 -36.74 -60.52 -24.69
C CYS C 336 -36.99 -60.91 -26.15
N PRO C 337 -38.21 -61.30 -26.51
CA PRO C 337 -38.60 -61.76 -27.82
C PRO C 337 -38.73 -60.64 -28.84
N PHE C 338 -37.59 -60.01 -29.11
CA PHE C 338 -37.51 -58.92 -30.05
C PHE C 338 -37.74 -59.51 -31.42
N GLY C 339 -37.28 -60.73 -31.62
CA GLY C 339 -37.47 -61.36 -32.90
C GLY C 339 -38.96 -61.52 -33.17
N GLU C 340 -39.72 -62.06 -32.26
CA GLU C 340 -41.11 -62.22 -32.62
C GLU C 340 -41.81 -60.88 -32.79
N VAL C 341 -41.49 -59.90 -31.97
CA VAL C 341 -42.18 -58.64 -32.09
C VAL C 341 -41.87 -57.92 -33.39
N PHE C 342 -40.61 -57.87 -33.77
CA PHE C 342 -40.22 -57.12 -34.96
C PHE C 342 -40.08 -57.93 -36.28
N ASN C 343 -39.92 -59.27 -36.21
CA ASN C 343 -39.83 -60.21 -37.33
C ASN C 343 -41.08 -61.11 -37.39
N ALA C 344 -42.24 -60.66 -36.81
CA ALA C 344 -43.50 -61.41 -36.74
C ALA C 344 -43.99 -61.83 -38.10
N THR C 345 -44.51 -63.03 -38.18
CA THR C 345 -45.06 -63.48 -39.43
C THR C 345 -46.25 -62.59 -39.74
N ARG C 346 -47.05 -62.33 -38.71
CA ARG C 346 -48.23 -61.50 -38.85
C ARG C 346 -48.48 -60.58 -37.68
N PHE C 347 -49.02 -59.44 -38.03
CA PHE C 347 -49.58 -58.45 -37.14
C PHE C 347 -51.07 -58.48 -37.32
N ALA C 348 -51.80 -58.17 -36.28
CA ALA C 348 -53.23 -58.06 -36.38
C ALA C 348 -53.62 -56.79 -37.06
N SER C 349 -54.81 -56.76 -37.57
CA SER C 349 -55.31 -55.54 -38.10
C SER C 349 -55.62 -54.64 -36.92
N VAL C 350 -55.72 -53.33 -37.16
CA VAL C 350 -56.02 -52.41 -36.07
C VAL C 350 -57.39 -52.69 -35.52
N TYR C 351 -58.27 -53.17 -36.38
CA TYR C 351 -59.59 -53.59 -36.00
C TYR C 351 -59.60 -54.53 -34.80
N ALA C 352 -58.68 -55.48 -34.79
CA ALA C 352 -58.64 -56.47 -33.76
C ALA C 352 -57.21 -56.66 -33.34
N TRP C 353 -56.63 -55.61 -32.79
CA TRP C 353 -55.22 -55.57 -32.47
C TRP C 353 -54.83 -56.63 -31.45
N ASN C 354 -53.58 -57.13 -31.53
CA ASN C 354 -53.10 -58.18 -30.62
C ASN C 354 -52.48 -57.64 -29.37
N ARG C 355 -52.46 -58.46 -28.33
CA ARG C 355 -51.79 -58.07 -27.11
C ARG C 355 -50.99 -59.22 -26.51
N LYS C 356 -49.77 -58.91 -26.05
CA LYS C 356 -48.87 -59.88 -25.43
C LYS C 356 -48.34 -59.42 -24.09
N ARG C 357 -48.12 -60.37 -23.18
CA ARG C 357 -47.48 -60.09 -21.91
C ARG C 357 -46.03 -60.51 -21.99
N ILE C 358 -45.14 -59.68 -21.46
CA ILE C 358 -43.71 -59.91 -21.48
C ILE C 358 -43.12 -60.04 -20.08
N SER C 359 -42.34 -61.10 -19.85
CA SER C 359 -41.73 -61.29 -18.54
C SER C 359 -40.44 -62.10 -18.57
N ASN C 360 -39.67 -61.99 -17.50
CA ASN C 360 -38.46 -62.76 -17.25
C ASN C 360 -37.43 -62.70 -18.37
N CYS C 361 -37.13 -61.47 -18.84
CA CYS C 361 -36.19 -61.23 -19.93
C CYS C 361 -35.48 -59.87 -19.86
N VAL C 362 -34.43 -59.77 -20.66
CA VAL C 362 -33.66 -58.57 -20.80
C VAL C 362 -33.94 -57.79 -22.07
N ALA C 363 -34.20 -56.51 -21.88
CA ALA C 363 -34.54 -55.61 -22.95
C ALA C 363 -33.29 -55.06 -23.62
N ASP C 364 -32.53 -55.92 -24.23
CA ASP C 364 -31.34 -55.38 -24.84
C ASP C 364 -31.69 -54.92 -26.23
N TYR C 365 -31.94 -53.64 -26.33
CA TYR C 365 -32.40 -53.00 -27.53
C TYR C 365 -31.36 -53.02 -28.61
N SER C 366 -30.11 -53.29 -28.23
CA SER C 366 -28.98 -53.29 -29.14
C SER C 366 -29.18 -54.30 -30.25
N VAL C 367 -30.00 -55.32 -30.00
CA VAL C 367 -30.20 -56.35 -31.01
C VAL C 367 -30.85 -55.78 -32.26
N LEU C 368 -31.67 -54.75 -32.11
CA LEU C 368 -32.39 -54.20 -33.22
C LEU C 368 -31.52 -53.27 -34.01
N TYR C 369 -30.35 -52.97 -33.49
CA TYR C 369 -29.50 -52.02 -34.14
C TYR C 369 -28.89 -52.63 -35.38
N ASN C 370 -28.80 -53.96 -35.44
CA ASN C 370 -28.16 -54.50 -36.61
C ASN C 370 -29.06 -54.57 -37.83
N SER C 371 -30.32 -54.96 -37.66
CA SER C 371 -31.16 -55.14 -38.84
C SER C 371 -32.44 -54.32 -38.93
N ALA C 372 -32.88 -53.68 -37.86
CA ALA C 372 -34.16 -53.00 -37.92
C ALA C 372 -33.99 -51.53 -38.25
N SER C 373 -35.04 -50.92 -38.77
CA SER C 373 -35.01 -49.50 -39.03
C SER C 373 -36.37 -48.93 -38.72
N PHE C 374 -36.42 -47.95 -37.83
CA PHE C 374 -37.69 -47.41 -37.42
C PHE C 374 -37.83 -45.95 -37.69
N SER C 375 -38.78 -45.61 -38.56
CA SER C 375 -39.02 -44.22 -38.91
C SER C 375 -39.75 -43.49 -37.82
N THR C 376 -40.52 -44.24 -37.04
CA THR C 376 -41.31 -43.65 -36.00
C THR C 376 -40.91 -44.11 -34.64
N PHE C 377 -40.65 -43.14 -33.78
CA PHE C 377 -40.31 -43.48 -32.43
C PHE C 377 -40.46 -42.32 -31.50
N LYS C 378 -41.26 -42.51 -30.47
CA LYS C 378 -41.44 -41.48 -29.46
C LYS C 378 -41.82 -42.11 -28.13
N CYS C 379 -41.17 -41.71 -27.01
CA CYS C 379 -41.47 -42.18 -25.66
C CYS C 379 -42.20 -41.10 -24.88
N TYR C 380 -43.11 -41.53 -24.02
CA TYR C 380 -43.92 -40.62 -23.25
C TYR C 380 -43.63 -40.62 -21.76
N GLY C 381 -43.50 -41.79 -21.17
CA GLY C 381 -43.33 -41.82 -19.71
C GLY C 381 -41.90 -41.82 -19.22
N VAL C 382 -40.95 -41.80 -20.14
CA VAL C 382 -39.55 -41.87 -19.76
C VAL C 382 -38.66 -41.29 -20.83
N SER C 383 -37.54 -40.70 -20.44
CA SER C 383 -36.60 -40.27 -21.45
C SER C 383 -35.92 -41.54 -21.96
N PRO C 384 -35.81 -41.76 -23.26
CA PRO C 384 -35.27 -42.98 -23.84
C PRO C 384 -33.82 -43.23 -23.47
N THR C 385 -33.09 -42.20 -23.08
CA THR C 385 -31.68 -42.34 -22.74
C THR C 385 -31.48 -43.06 -21.43
N LYS C 386 -32.55 -43.18 -20.66
CA LYS C 386 -32.53 -43.86 -19.39
C LYS C 386 -32.93 -45.31 -19.48
N LEU C 387 -33.36 -45.77 -20.64
CA LEU C 387 -33.91 -47.11 -20.67
C LEU C 387 -32.95 -48.18 -20.26
N ASN C 388 -31.69 -48.03 -20.56
CA ASN C 388 -30.76 -49.10 -20.27
C ASN C 388 -30.41 -49.24 -18.79
N ASP C 389 -30.81 -48.28 -17.96
CA ASP C 389 -30.53 -48.33 -16.52
C ASP C 389 -31.78 -48.70 -15.71
N LEU C 390 -32.88 -48.93 -16.41
CA LEU C 390 -34.17 -49.18 -15.77
C LEU C 390 -34.67 -50.61 -15.87
N CYS C 391 -35.58 -50.97 -14.92
CA CYS C 391 -36.37 -52.19 -14.96
C CYS C 391 -37.81 -51.77 -15.17
N PHE C 392 -38.57 -52.63 -15.80
CA PHE C 392 -39.91 -52.29 -16.19
C PHE C 392 -40.87 -53.28 -15.64
N THR C 393 -42.05 -52.84 -15.24
CA THR C 393 -42.96 -53.85 -14.77
C THR C 393 -44.31 -53.76 -15.42
N ASN C 394 -45.10 -54.80 -15.21
CA ASN C 394 -46.43 -54.86 -15.78
C ASN C 394 -46.30 -54.57 -17.27
N VAL C 395 -45.35 -55.24 -17.90
CA VAL C 395 -45.04 -54.99 -19.28
C VAL C 395 -45.87 -55.78 -20.26
N TYR C 396 -46.52 -55.03 -21.15
CA TYR C 396 -47.36 -55.55 -22.20
C TYR C 396 -47.08 -54.86 -23.50
N ALA C 397 -47.41 -55.49 -24.60
CA ALA C 397 -47.27 -54.78 -25.85
C ALA C 397 -48.43 -55.05 -26.76
N ASP C 398 -48.83 -54.00 -27.47
CA ASP C 398 -49.91 -54.10 -28.43
C ASP C 398 -49.30 -54.14 -29.82
N SER C 399 -49.90 -54.93 -30.71
CA SER C 399 -49.38 -55.08 -32.07
C SER C 399 -50.41 -55.07 -33.19
N PHE C 400 -50.25 -54.11 -34.11
CA PHE C 400 -51.17 -53.98 -35.24
C PHE C 400 -50.68 -53.23 -36.48
N VAL C 401 -51.42 -53.38 -37.58
CA VAL C 401 -51.14 -52.65 -38.83
C VAL C 401 -52.19 -51.59 -39.18
N ILE C 402 -51.66 -50.42 -39.49
CA ILE C 402 -52.39 -49.21 -39.92
C ILE C 402 -51.82 -48.62 -41.20
N ARG C 403 -52.52 -47.67 -41.77
CA ARG C 403 -52.02 -46.94 -42.94
C ARG C 403 -51.00 -45.88 -42.51
N GLY C 404 -50.01 -45.58 -43.35
CA GLY C 404 -49.01 -44.57 -43.01
C GLY C 404 -49.53 -43.19 -42.57
N ASP C 405 -50.61 -42.71 -43.15
CA ASP C 405 -51.13 -41.40 -42.74
C ASP C 405 -51.89 -41.47 -41.42
N GLU C 406 -52.01 -42.65 -40.85
CA GLU C 406 -52.69 -42.85 -39.58
C GLU C 406 -51.68 -42.96 -38.44
N VAL C 407 -50.39 -42.91 -38.72
CA VAL C 407 -49.40 -43.10 -37.66
C VAL C 407 -49.53 -42.04 -36.59
N ARG C 408 -49.79 -40.83 -37.02
CA ARG C 408 -49.95 -39.69 -36.14
C ARG C 408 -51.14 -39.80 -35.21
N GLN C 409 -52.08 -40.70 -35.46
CA GLN C 409 -53.24 -40.81 -34.60
C GLN C 409 -53.02 -41.70 -33.40
N ILE C 410 -51.88 -42.36 -33.32
CA ILE C 410 -51.64 -43.27 -32.21
C ILE C 410 -51.45 -42.53 -30.89
N ALA C 411 -50.78 -41.40 -30.93
CA ALA C 411 -50.48 -40.65 -29.72
C ALA C 411 -51.74 -40.32 -28.92
N PRO C 412 -51.65 -40.25 -27.60
CA PRO C 412 -52.76 -39.93 -26.74
C PRO C 412 -53.12 -38.52 -27.08
N GLY C 413 -54.40 -38.19 -26.97
CA GLY C 413 -54.86 -36.84 -27.23
C GLY C 413 -55.26 -36.64 -28.68
N GLN C 414 -55.06 -37.63 -29.53
CA GLN C 414 -55.43 -37.47 -30.93
C GLN C 414 -56.82 -37.94 -31.22
N THR C 415 -57.37 -37.46 -32.34
CA THR C 415 -58.69 -37.83 -32.85
C THR C 415 -58.57 -38.39 -34.25
N GLY C 416 -59.63 -39.01 -34.76
CA GLY C 416 -59.59 -39.56 -36.12
C GLY C 416 -60.20 -40.93 -36.11
N LYS C 417 -60.43 -41.54 -37.25
CA LYS C 417 -61.09 -42.84 -37.16
C LYS C 417 -60.33 -43.89 -36.37
N ILE C 418 -59.01 -43.82 -36.32
CA ILE C 418 -58.34 -44.84 -35.55
C ILE C 418 -58.39 -44.45 -34.11
N ALA C 419 -58.04 -43.20 -33.84
CA ALA C 419 -58.03 -42.74 -32.48
C ALA C 419 -59.39 -42.89 -31.80
N ASP C 420 -60.46 -42.71 -32.55
CA ASP C 420 -61.79 -42.80 -31.98
C ASP C 420 -62.44 -44.18 -32.04
N TYR C 421 -62.20 -44.98 -33.10
CA TYR C 421 -62.91 -46.25 -33.20
C TYR C 421 -62.08 -47.53 -33.16
N ASN C 422 -60.75 -47.44 -33.28
CA ASN C 422 -59.98 -48.67 -33.34
C ASN C 422 -58.95 -48.87 -32.24
N TYR C 423 -58.26 -47.81 -31.87
CA TYR C 423 -57.21 -47.96 -30.89
C TYR C 423 -56.89 -46.67 -30.19
N LYS C 424 -56.96 -46.68 -28.88
CA LYS C 424 -56.70 -45.47 -28.14
C LYS C 424 -55.79 -45.66 -26.94
N LEU C 425 -54.95 -44.67 -26.68
CA LEU C 425 -54.09 -44.62 -25.52
C LEU C 425 -54.69 -43.66 -24.52
N PRO C 426 -54.45 -43.84 -23.22
CA PRO C 426 -54.90 -42.99 -22.14
C PRO C 426 -54.19 -41.66 -22.14
N ASP C 427 -54.83 -40.68 -21.52
CA ASP C 427 -54.31 -39.33 -21.41
C ASP C 427 -52.97 -39.28 -20.71
N ASP C 428 -52.79 -40.17 -19.75
CA ASP C 428 -51.59 -40.27 -18.97
C ASP C 428 -50.72 -41.47 -19.34
N PHE C 429 -50.77 -41.91 -20.59
CA PHE C 429 -49.95 -43.02 -21.05
C PHE C 429 -48.51 -42.87 -20.65
N THR C 430 -47.96 -43.95 -20.07
CA THR C 430 -46.60 -43.97 -19.55
C THR C 430 -45.61 -44.80 -20.34
N GLY C 431 -46.01 -45.26 -21.49
CA GLY C 431 -45.15 -46.14 -22.27
C GLY C 431 -44.37 -45.42 -23.37
N CYS C 432 -44.11 -46.16 -24.49
CA CYS C 432 -43.35 -45.71 -25.65
C CYS C 432 -43.88 -46.38 -26.94
N VAL C 433 -43.95 -45.61 -28.02
CA VAL C 433 -44.47 -46.11 -29.29
C VAL C 433 -43.45 -46.14 -30.43
N ILE C 434 -43.37 -47.29 -31.08
CA ILE C 434 -42.44 -47.48 -32.19
C ILE C 434 -43.17 -48.00 -33.44
N ALA C 435 -42.78 -47.53 -34.62
CA ALA C 435 -43.43 -48.05 -35.84
C ALA C 435 -42.51 -48.02 -37.06
N TRP C 436 -42.83 -48.87 -38.04
CA TRP C 436 -42.03 -48.93 -39.25
C TRP C 436 -42.78 -49.29 -40.54
N ASN C 437 -42.15 -48.93 -41.65
CA ASN C 437 -42.78 -49.07 -42.96
C ASN C 437 -42.62 -50.42 -43.62
N SER C 438 -43.48 -51.36 -43.24
CA SER C 438 -43.47 -52.74 -43.72
C SER C 438 -44.10 -52.87 -45.12
N ASN C 439 -43.56 -52.14 -46.08
CA ASN C 439 -44.17 -52.06 -47.41
C ASN C 439 -43.82 -53.21 -48.31
N ASN C 440 -43.01 -54.12 -47.80
CA ASN C 440 -42.65 -55.30 -48.53
C ASN C 440 -43.11 -56.53 -47.77
N LEU C 441 -43.90 -56.33 -46.72
CA LEU C 441 -44.35 -57.48 -45.94
C LEU C 441 -45.85 -57.58 -45.91
N ASP C 442 -46.49 -56.43 -45.68
CA ASP C 442 -47.92 -56.38 -45.49
C ASP C 442 -48.65 -55.92 -46.72
N SER C 443 -47.94 -55.85 -47.83
CA SER C 443 -48.48 -55.40 -49.09
C SER C 443 -48.74 -56.54 -50.06
N LYS C 444 -49.67 -56.31 -50.97
CA LYS C 444 -50.02 -57.27 -52.01
C LYS C 444 -50.27 -56.53 -53.30
N VAL C 445 -49.97 -57.15 -54.43
CA VAL C 445 -50.13 -56.43 -55.69
C VAL C 445 -51.55 -55.95 -55.93
N GLY C 446 -52.53 -56.78 -55.64
CA GLY C 446 -53.92 -56.40 -55.85
C GLY C 446 -54.58 -55.80 -54.61
N GLY C 447 -53.82 -55.62 -53.54
CA GLY C 447 -54.27 -55.13 -52.25
C GLY C 447 -54.35 -56.27 -51.24
N ASN C 448 -54.04 -55.96 -50.00
CA ASN C 448 -54.04 -56.93 -48.92
C ASN C 448 -55.30 -56.79 -48.15
N TYR C 449 -56.23 -57.66 -48.38
CA TYR C 449 -57.53 -57.44 -47.80
C TYR C 449 -57.70 -58.17 -46.51
N ASN C 450 -56.59 -58.63 -45.97
CA ASN C 450 -56.65 -59.28 -44.69
C ASN C 450 -56.60 -58.21 -43.61
N TYR C 451 -56.36 -56.95 -43.99
CA TYR C 451 -56.33 -55.93 -42.97
C TYR C 451 -57.61 -55.09 -42.96
N LEU C 452 -58.15 -54.91 -41.76
CA LEU C 452 -59.36 -54.17 -41.46
C LEU C 452 -59.25 -53.10 -40.42
N TYR C 453 -60.15 -52.13 -40.55
CA TYR C 453 -60.36 -51.09 -39.57
C TYR C 453 -61.85 -50.87 -39.42
N ARG C 454 -62.24 -50.38 -38.27
CA ARG C 454 -63.60 -50.01 -38.02
C ARG C 454 -63.86 -48.60 -38.46
N LEU C 455 -64.92 -48.42 -39.24
CA LEU C 455 -65.31 -47.10 -39.66
C LEU C 455 -66.50 -46.62 -38.87
N PHE C 456 -67.42 -47.53 -38.58
CA PHE C 456 -68.59 -47.07 -37.88
C PHE C 456 -68.71 -47.59 -36.48
N ARG C 457 -69.11 -46.67 -35.62
CA ARG C 457 -69.37 -46.97 -34.24
C ARG C 457 -70.36 -45.91 -33.77
N LYS C 458 -71.08 -46.19 -32.68
CA LYS C 458 -72.02 -45.23 -32.13
C LYS C 458 -71.44 -44.35 -31.01
N SER C 459 -70.24 -44.68 -30.59
CA SER C 459 -69.55 -44.00 -29.51
C SER C 459 -68.05 -44.19 -29.67
N ASN C 460 -67.26 -43.45 -28.92
CA ASN C 460 -65.82 -43.60 -29.04
C ASN C 460 -65.29 -44.63 -28.06
N LEU C 461 -64.13 -45.18 -28.37
CA LEU C 461 -63.46 -46.15 -27.49
C LEU C 461 -62.76 -45.53 -26.32
N LYS C 462 -62.62 -46.31 -25.26
CA LYS C 462 -61.83 -45.91 -24.13
C LYS C 462 -60.44 -46.54 -24.36
N PRO C 463 -59.41 -46.12 -23.65
CA PRO C 463 -58.08 -46.64 -23.82
C PRO C 463 -58.04 -48.15 -23.66
N PHE C 464 -57.25 -48.74 -24.55
CA PHE C 464 -56.99 -50.16 -24.64
C PHE C 464 -58.20 -51.07 -24.86
N GLU C 465 -59.28 -50.53 -25.38
CA GLU C 465 -60.42 -51.38 -25.71
C GLU C 465 -60.36 -51.98 -27.10
N ARG C 466 -61.04 -53.12 -27.23
CA ARG C 466 -61.27 -53.80 -28.48
C ARG C 466 -62.75 -54.05 -28.64
N ASP C 467 -63.22 -54.01 -29.88
CA ASP C 467 -64.59 -54.34 -30.18
C ASP C 467 -64.62 -54.94 -31.56
N ILE C 468 -64.95 -56.21 -31.63
CA ILE C 468 -64.92 -56.91 -32.88
C ILE C 468 -66.32 -57.37 -33.30
N SER C 469 -67.32 -56.76 -32.70
CA SER C 469 -68.67 -57.05 -33.08
C SER C 469 -68.90 -56.56 -34.48
N THR C 470 -69.68 -57.29 -35.24
CA THR C 470 -70.00 -56.90 -36.61
C THR C 470 -71.44 -56.50 -36.72
N GLU C 471 -72.07 -56.22 -35.59
CA GLU C 471 -73.45 -55.79 -35.63
C GLU C 471 -73.50 -54.63 -36.59
N ILE C 472 -74.44 -54.69 -37.50
CA ILE C 472 -74.48 -53.71 -38.56
C ILE C 472 -74.78 -52.34 -37.99
N TYR C 473 -74.09 -51.33 -38.49
CA TYR C 473 -74.27 -50.00 -38.00
C TYR C 473 -75.53 -49.38 -38.52
N GLN C 474 -76.31 -48.83 -37.61
CA GLN C 474 -77.55 -48.18 -37.98
C GLN C 474 -77.35 -46.67 -37.97
N ALA C 475 -77.66 -46.05 -39.09
CA ALA C 475 -77.48 -44.63 -39.25
C ALA C 475 -78.81 -43.91 -39.35
N GLY C 476 -78.84 -42.63 -38.98
CA GLY C 476 -80.00 -41.80 -39.30
C GLY C 476 -81.29 -42.19 -38.62
N SER C 477 -81.20 -42.80 -37.45
CA SER C 477 -82.38 -43.26 -36.74
C SER C 477 -83.31 -44.05 -37.64
N THR C 478 -82.74 -44.87 -38.52
CA THR C 478 -83.48 -45.67 -39.46
C THR C 478 -83.32 -47.14 -39.10
N PRO C 479 -84.32 -47.76 -38.46
CA PRO C 479 -84.24 -49.10 -37.91
C PRO C 479 -83.77 -50.09 -38.96
N CYS C 480 -82.81 -50.98 -38.61
CA CYS C 480 -82.27 -51.97 -39.52
C CYS C 480 -82.01 -53.31 -38.81
N ASN C 481 -82.59 -54.36 -39.37
CA ASN C 481 -82.48 -55.72 -38.84
C ASN C 481 -81.31 -56.51 -39.40
N GLY C 482 -80.14 -55.92 -39.33
CA GLY C 482 -78.93 -56.61 -39.80
C GLY C 482 -78.73 -56.62 -41.32
N VAL C 483 -79.37 -55.73 -42.07
CA VAL C 483 -79.25 -55.78 -43.53
C VAL C 483 -78.64 -54.55 -44.19
N GLU C 484 -77.55 -54.74 -44.92
CA GLU C 484 -76.91 -53.62 -45.59
C GLU C 484 -77.90 -52.91 -46.49
N GLY C 485 -77.89 -51.58 -46.45
CA GLY C 485 -78.84 -50.83 -47.24
C GLY C 485 -78.87 -49.36 -46.85
N PHE C 486 -79.97 -48.69 -47.13
CA PHE C 486 -80.02 -47.29 -46.81
C PHE C 486 -79.86 -47.12 -45.32
N ASN C 487 -78.92 -46.26 -44.97
CA ASN C 487 -78.61 -46.01 -43.58
C ASN C 487 -78.35 -47.27 -42.73
N CYS C 488 -77.67 -48.29 -43.30
CA CYS C 488 -77.35 -49.52 -42.58
C CYS C 488 -76.04 -50.02 -43.20
N TYR C 489 -74.97 -49.99 -42.41
CA TYR C 489 -73.66 -50.27 -42.96
C TYR C 489 -72.88 -51.36 -42.30
N PHE C 490 -72.17 -52.13 -43.11
CA PHE C 490 -71.29 -53.08 -42.49
C PHE C 490 -70.25 -52.15 -41.87
N PRO C 491 -69.95 -52.26 -40.58
CA PRO C 491 -69.11 -51.34 -39.86
C PRO C 491 -67.63 -51.33 -40.20
N LEU C 492 -67.17 -52.38 -40.88
CA LEU C 492 -65.75 -52.49 -41.14
C LEU C 492 -65.40 -52.30 -42.60
N GLN C 493 -64.20 -51.81 -42.81
CA GLN C 493 -63.66 -51.63 -44.15
C GLN C 493 -62.22 -52.14 -44.24
N SER C 494 -61.83 -52.57 -45.42
CA SER C 494 -60.49 -53.05 -45.65
C SER C 494 -59.51 -52.00 -46.15
N TYR C 495 -58.25 -52.35 -46.04
CA TYR C 495 -57.15 -51.54 -46.55
C TYR C 495 -56.65 -52.06 -47.88
N GLY C 496 -56.05 -51.17 -48.64
CA GLY C 496 -55.43 -51.51 -49.92
C GLY C 496 -54.01 -52.00 -49.69
N PHE C 497 -53.09 -51.09 -49.41
CA PHE C 497 -51.70 -51.45 -49.22
C PHE C 497 -51.05 -52.14 -50.42
N GLN C 498 -51.32 -51.62 -51.60
CA GLN C 498 -50.66 -52.12 -52.78
C GLN C 498 -49.21 -51.59 -52.76
N PRO C 499 -48.24 -52.30 -53.32
CA PRO C 499 -46.83 -51.93 -53.42
C PRO C 499 -46.58 -50.75 -54.34
N THR C 500 -47.61 -50.39 -55.10
CA THR C 500 -47.53 -49.33 -56.06
C THR C 500 -48.07 -48.02 -55.52
N ASN C 501 -48.53 -48.01 -54.28
CA ASN C 501 -49.09 -46.80 -53.71
C ASN C 501 -48.02 -45.92 -53.08
N GLY C 502 -48.32 -44.63 -52.93
CA GLY C 502 -47.37 -43.73 -52.28
C GLY C 502 -47.35 -43.96 -50.79
N VAL C 503 -46.46 -43.27 -50.09
CA VAL C 503 -46.18 -43.53 -48.69
C VAL C 503 -47.35 -43.44 -47.75
N GLY C 504 -48.22 -42.48 -47.93
CA GLY C 504 -49.34 -42.33 -47.02
C GLY C 504 -50.28 -43.53 -47.03
N TYR C 505 -50.19 -44.35 -48.08
CA TYR C 505 -51.03 -45.53 -48.24
C TYR C 505 -50.29 -46.83 -48.00
N GLN C 506 -49.05 -46.75 -47.56
CA GLN C 506 -48.30 -47.96 -47.31
C GLN C 506 -48.66 -48.40 -45.90
N PRO C 507 -48.63 -49.70 -45.60
CA PRO C 507 -48.88 -50.24 -44.29
C PRO C 507 -47.76 -49.96 -43.35
N TYR C 508 -48.09 -49.76 -42.11
CA TYR C 508 -47.14 -49.63 -41.04
C TYR C 508 -47.41 -50.54 -39.88
N ARG C 509 -46.33 -51.08 -39.36
CA ARG C 509 -46.40 -51.93 -38.19
C ARG C 509 -46.17 -51.09 -36.99
N VAL C 510 -47.11 -51.17 -36.08
CA VAL C 510 -47.08 -50.38 -34.87
C VAL C 510 -47.01 -51.25 -33.65
N VAL C 511 -46.04 -50.94 -32.81
CA VAL C 511 -45.90 -51.63 -31.56
C VAL C 511 -45.96 -50.63 -30.43
N VAL C 512 -46.85 -50.88 -29.50
CA VAL C 512 -46.96 -49.99 -28.37
C VAL C 512 -46.50 -50.72 -27.17
N LEU C 513 -45.48 -50.19 -26.53
CA LEU C 513 -44.96 -50.83 -25.35
C LEU C 513 -45.48 -50.11 -24.14
N SER C 514 -46.26 -50.81 -23.34
CA SER C 514 -46.90 -50.23 -22.18
C SER C 514 -46.38 -50.87 -20.92
N PHE C 515 -45.93 -50.03 -20.02
CA PHE C 515 -45.31 -50.45 -18.78
C PHE C 515 -45.40 -49.40 -17.71
N GLU C 516 -45.10 -49.82 -16.50
CA GLU C 516 -45.01 -48.95 -15.34
C GLU C 516 -43.59 -48.92 -14.83
N LEU C 517 -43.20 -47.81 -14.21
CA LEU C 517 -41.85 -47.72 -13.68
C LEU C 517 -41.77 -47.48 -12.19
N LEU C 518 -40.93 -48.29 -11.56
CA LEU C 518 -40.49 -48.25 -10.17
C LEU C 518 -41.53 -48.37 -9.05
N HIS C 519 -42.69 -48.95 -9.30
CA HIS C 519 -43.70 -49.09 -8.23
C HIS C 519 -44.18 -50.50 -7.97
N ALA C 520 -43.44 -51.49 -8.42
CA ALA C 520 -43.81 -52.87 -8.23
C ALA C 520 -42.58 -53.69 -8.56
N PRO C 521 -42.49 -54.97 -8.18
CA PRO C 521 -41.45 -55.86 -8.58
C PRO C 521 -41.46 -55.91 -10.09
N ALA C 522 -40.30 -56.02 -10.71
CA ALA C 522 -40.20 -56.07 -12.16
C ALA C 522 -39.69 -57.42 -12.60
N THR C 523 -40.20 -57.89 -13.73
CA THR C 523 -39.78 -59.13 -14.33
C THR C 523 -39.05 -58.93 -15.65
N VAL C 524 -38.98 -57.70 -16.09
CA VAL C 524 -38.32 -57.34 -17.33
C VAL C 524 -37.35 -56.25 -16.98
N CYS C 525 -36.08 -56.31 -17.46
CA CYS C 525 -35.13 -55.23 -17.13
C CYS C 525 -34.12 -55.04 -18.24
N GLY C 526 -33.41 -53.92 -18.19
CA GLY C 526 -32.40 -53.61 -19.19
C GLY C 526 -31.15 -54.46 -18.99
N PRO C 527 -30.10 -54.22 -19.78
CA PRO C 527 -28.85 -54.95 -19.83
C PRO C 527 -27.78 -54.54 -18.83
N LYS C 528 -28.08 -53.66 -17.89
CA LYS C 528 -27.06 -53.19 -16.99
C LYS C 528 -26.59 -54.33 -16.07
N LYS C 529 -25.28 -54.43 -15.87
CA LYS C 529 -24.70 -55.46 -15.01
C LYS C 529 -24.76 -55.10 -13.53
N SER C 530 -25.14 -56.08 -12.72
CA SER C 530 -25.19 -55.95 -11.28
C SER C 530 -23.84 -56.08 -10.61
N THR C 531 -23.79 -55.70 -9.35
CA THR C 531 -22.62 -55.76 -8.49
C THR C 531 -22.97 -56.47 -7.21
N ASN C 532 -21.97 -56.59 -6.33
CA ASN C 532 -22.17 -57.15 -5.02
C ASN C 532 -22.76 -56.06 -4.15
N LEU C 533 -23.42 -56.43 -3.07
CA LEU C 533 -24.00 -55.43 -2.19
C LEU C 533 -23.15 -55.25 -0.95
N VAL C 534 -22.92 -54.00 -0.59
CA VAL C 534 -22.16 -53.62 0.57
C VAL C 534 -23.00 -52.88 1.58
N LYS C 535 -22.98 -53.36 2.81
CA LYS C 535 -23.77 -52.76 3.88
C LYS C 535 -22.95 -51.89 4.80
N ASN C 536 -23.67 -51.00 5.51
CA ASN C 536 -23.16 -50.10 6.54
C ASN C 536 -22.10 -49.11 6.11
N LYS C 537 -22.18 -48.66 4.86
CA LYS C 537 -21.28 -47.65 4.31
C LYS C 537 -22.12 -46.69 3.48
N CYS C 538 -21.62 -45.45 3.23
CA CYS C 538 -22.31 -44.51 2.34
C CYS C 538 -22.03 -44.92 0.90
N VAL C 539 -23.10 -45.24 0.21
CA VAL C 539 -23.03 -45.74 -1.14
C VAL C 539 -23.98 -45.08 -2.10
N ASN C 540 -23.68 -45.24 -3.37
CA ASN C 540 -24.59 -44.87 -4.43
C ASN C 540 -25.34 -46.14 -4.72
N PHE C 541 -26.53 -46.06 -5.25
CA PHE C 541 -27.22 -47.27 -5.63
C PHE C 541 -28.23 -47.15 -6.74
N ASN C 542 -28.55 -48.33 -7.28
CA ASN C 542 -29.57 -48.56 -8.28
C ASN C 542 -30.33 -49.87 -7.97
N PHE C 543 -31.55 -49.77 -7.45
CA PHE C 543 -32.34 -50.96 -7.15
C PHE C 543 -33.46 -51.07 -8.16
N ASN C 544 -33.29 -51.95 -9.12
CA ASN C 544 -34.25 -52.13 -10.20
C ASN C 544 -34.62 -50.86 -10.93
N GLY C 545 -33.67 -49.97 -11.16
CA GLY C 545 -33.93 -48.72 -11.82
C GLY C 545 -34.14 -47.55 -10.84
N LEU C 546 -34.31 -47.83 -9.55
CA LEU C 546 -34.49 -46.73 -8.63
C LEU C 546 -33.17 -46.33 -8.01
N THR C 547 -32.76 -45.12 -8.28
CA THR C 547 -31.47 -44.68 -7.83
C THR C 547 -31.53 -43.72 -6.68
N GLY C 548 -30.39 -43.54 -6.05
CA GLY C 548 -30.22 -42.59 -4.95
C GLY C 548 -28.95 -42.91 -4.18
N THR C 549 -28.78 -42.24 -3.05
CA THR C 549 -27.61 -42.49 -2.21
C THR C 549 -28.06 -42.69 -0.79
N GLY C 550 -27.20 -43.25 0.01
CA GLY C 550 -27.51 -43.45 1.42
C GLY C 550 -26.77 -44.65 2.00
N VAL C 551 -27.16 -45.06 3.18
CA VAL C 551 -26.52 -46.17 3.85
C VAL C 551 -27.51 -47.31 3.94
N LEU C 552 -27.10 -48.49 3.50
CA LEU C 552 -27.97 -49.65 3.49
C LEU C 552 -27.78 -50.46 4.77
N THR C 553 -28.86 -50.70 5.49
CA THR C 553 -28.77 -51.48 6.72
C THR C 553 -29.85 -52.55 6.75
N GLU C 554 -29.69 -53.56 7.60
CA GLU C 554 -30.74 -54.58 7.73
C GLU C 554 -31.97 -53.96 8.36
N SER C 555 -33.15 -54.30 7.82
CA SER C 555 -34.39 -53.75 8.33
C SER C 555 -35.31 -54.74 8.98
N ASN C 556 -36.10 -54.24 9.93
CA ASN C 556 -37.10 -55.04 10.62
C ASN C 556 -38.48 -54.89 9.99
N LYS C 557 -38.56 -54.15 8.90
CA LYS C 557 -39.81 -53.95 8.18
C LYS C 557 -40.07 -55.23 7.44
N LYS C 558 -41.34 -55.60 7.30
CA LYS C 558 -41.64 -56.81 6.56
C LYS C 558 -42.57 -56.47 5.43
N PHE C 559 -42.07 -56.58 4.23
CA PHE C 559 -42.85 -56.26 3.05
C PHE C 559 -43.76 -57.40 2.73
N LEU C 560 -44.92 -57.08 2.19
CA LEU C 560 -45.86 -58.08 1.76
C LEU C 560 -45.26 -58.67 0.50
N PRO C 561 -45.64 -59.88 0.08
CA PRO C 561 -45.10 -60.59 -1.07
C PRO C 561 -45.07 -59.79 -2.37
N PHE C 562 -45.96 -58.82 -2.49
CA PHE C 562 -46.05 -58.02 -3.69
C PHE C 562 -45.48 -56.62 -3.59
N GLN C 563 -44.87 -56.28 -2.46
CA GLN C 563 -44.32 -54.95 -2.25
C GLN C 563 -42.82 -54.91 -2.49
N GLN C 564 -42.39 -54.11 -3.45
CA GLN C 564 -40.97 -54.04 -3.77
C GLN C 564 -40.24 -52.92 -3.04
N PHE C 565 -40.95 -51.84 -2.81
CA PHE C 565 -40.37 -50.65 -2.20
C PHE C 565 -41.28 -50.19 -1.10
N GLY C 566 -40.73 -49.58 -0.08
CA GLY C 566 -41.56 -48.94 0.91
C GLY C 566 -41.43 -47.44 0.77
N ARG C 567 -42.20 -46.72 1.55
CA ARG C 567 -42.19 -45.26 1.59
C ARG C 567 -42.33 -44.74 3.00
N ASP C 568 -41.61 -43.66 3.29
CA ASP C 568 -41.70 -42.99 4.57
C ASP C 568 -42.86 -42.00 4.60
N ILE C 569 -42.93 -41.22 5.67
CA ILE C 569 -44.00 -40.26 5.90
C ILE C 569 -44.02 -39.09 4.93
N ALA C 570 -42.95 -38.90 4.16
CA ALA C 570 -42.84 -37.83 3.20
C ALA C 570 -42.77 -38.40 1.79
N ASP C 571 -43.27 -39.62 1.64
CA ASP C 571 -43.33 -40.39 0.41
C ASP C 571 -41.98 -40.61 -0.26
N THR C 572 -40.95 -40.84 0.52
CA THR C 572 -39.64 -41.10 -0.03
C THR C 572 -39.28 -42.54 0.22
N THR C 573 -38.77 -43.23 -0.79
CA THR C 573 -38.42 -44.61 -0.54
C THR C 573 -37.38 -44.65 0.54
N ASP C 574 -37.63 -45.45 1.58
CA ASP C 574 -36.70 -45.54 2.69
C ASP C 574 -36.35 -46.96 3.01
N ALA C 575 -36.82 -47.87 2.19
CA ALA C 575 -36.55 -49.27 2.35
C ALA C 575 -36.84 -49.96 1.06
N VAL C 576 -36.03 -50.98 0.78
CA VAL C 576 -36.23 -51.80 -0.40
C VAL C 576 -36.14 -53.27 -0.12
N ARG C 577 -36.74 -54.05 -1.00
CA ARG C 577 -36.52 -55.48 -0.93
C ARG C 577 -35.46 -55.80 -1.98
N ASP C 578 -34.36 -56.40 -1.57
CA ASP C 578 -33.32 -56.70 -2.54
C ASP C 578 -33.84 -57.68 -3.58
N PRO C 579 -33.63 -57.44 -4.90
CA PRO C 579 -34.07 -58.28 -5.98
C PRO C 579 -33.44 -59.66 -6.14
N GLN C 580 -32.29 -59.96 -5.52
CA GLN C 580 -31.77 -61.30 -5.74
C GLN C 580 -32.06 -62.14 -4.52
N THR C 581 -31.85 -61.56 -3.35
CA THR C 581 -32.14 -62.25 -2.10
C THR C 581 -33.16 -61.37 -1.47
N LEU C 582 -34.28 -61.89 -1.05
CA LEU C 582 -35.31 -60.97 -0.60
C LEU C 582 -35.18 -60.47 0.82
N GLU C 583 -34.13 -59.71 1.06
CA GLU C 583 -33.85 -59.12 2.35
C GLU C 583 -34.47 -57.75 2.36
N ILE C 584 -34.89 -57.27 3.51
CA ILE C 584 -35.39 -55.91 3.53
C ILE C 584 -34.31 -55.06 4.11
N LEU C 585 -33.96 -54.01 3.39
CA LEU C 585 -32.94 -53.10 3.83
C LEU C 585 -33.49 -51.71 3.99
N ASP C 586 -33.04 -51.01 5.00
CA ASP C 586 -33.42 -49.62 5.19
C ASP C 586 -32.42 -48.79 4.47
N ILE C 587 -32.82 -47.61 4.01
CA ILE C 587 -31.88 -46.71 3.40
C ILE C 587 -31.87 -45.42 4.19
N THR C 588 -30.73 -45.01 4.72
CA THR C 588 -30.75 -43.78 5.47
C THR C 588 -29.87 -42.76 4.76
N PRO C 589 -30.03 -41.46 4.99
CA PRO C 589 -29.19 -40.40 4.47
C PRO C 589 -27.77 -40.57 5.00
N CYS C 590 -26.77 -40.07 4.25
CA CYS C 590 -25.36 -40.08 4.62
C CYS C 590 -25.07 -38.82 5.43
N SER C 591 -25.73 -37.72 5.05
CA SER C 591 -25.51 -36.43 5.73
C SER C 591 -26.43 -36.33 6.94
N PHE C 592 -25.97 -35.62 7.97
CA PHE C 592 -26.74 -35.46 9.20
C PHE C 592 -25.98 -34.58 10.18
N GLY C 593 -26.68 -34.06 11.18
CA GLY C 593 -26.03 -33.34 12.25
C GLY C 593 -26.18 -31.84 12.14
N GLY C 594 -25.07 -31.13 12.28
CA GLY C 594 -25.04 -29.68 12.26
C GLY C 594 -23.69 -29.22 12.75
N VAL C 595 -23.20 -28.16 12.12
CA VAL C 595 -21.89 -27.62 12.42
C VAL C 595 -21.94 -26.11 12.49
N SER C 596 -21.16 -25.55 13.40
CA SER C 596 -21.03 -24.10 13.45
C SER C 596 -19.59 -23.71 13.73
N VAL C 597 -19.24 -22.51 13.31
CA VAL C 597 -17.88 -22.03 13.43
C VAL C 597 -17.75 -20.81 14.33
N ILE C 598 -16.79 -20.93 15.24
CA ILE C 598 -16.44 -19.93 16.22
C ILE C 598 -15.31 -19.10 15.66
N THR C 599 -15.59 -17.84 15.33
CA THR C 599 -14.62 -17.03 14.60
C THR C 599 -14.18 -15.72 15.27
N PRO C 600 -12.87 -15.52 15.54
CA PRO C 600 -12.27 -14.28 15.98
C PRO C 600 -12.36 -13.42 14.76
N GLY C 601 -12.31 -12.12 14.85
CA GLY C 601 -12.39 -11.42 13.58
C GLY C 601 -11.21 -11.88 12.72
N THR C 602 -11.46 -11.98 11.41
CA THR C 602 -10.44 -12.45 10.46
C THR C 602 -9.38 -11.42 10.21
N ASN C 603 -9.64 -10.23 10.69
CA ASN C 603 -8.71 -9.13 10.59
C ASN C 603 -7.77 -9.12 11.80
N THR C 604 -7.92 -10.12 12.67
CA THR C 604 -7.13 -10.32 13.87
C THR C 604 -6.40 -11.66 13.80
N SER C 605 -7.14 -12.72 13.49
CA SER C 605 -6.59 -14.07 13.46
C SER C 605 -7.32 -14.98 12.49
N ASN C 606 -6.61 -15.94 11.92
CA ASN C 606 -7.23 -16.90 11.02
C ASN C 606 -7.53 -18.23 11.69
N GLN C 607 -7.44 -18.24 13.01
CA GLN C 607 -7.73 -19.44 13.76
C GLN C 607 -9.21 -19.51 14.04
N VAL C 608 -9.81 -20.66 13.82
CA VAL C 608 -11.20 -20.83 14.17
C VAL C 608 -11.37 -22.09 14.96
N ALA C 609 -12.48 -22.20 15.68
CA ALA C 609 -12.81 -23.43 16.37
C ALA C 609 -14.10 -23.95 15.78
N VAL C 610 -14.24 -25.27 15.71
CA VAL C 610 -15.47 -25.79 15.12
C VAL C 610 -16.25 -26.66 16.07
N LEU C 611 -17.53 -26.35 16.18
CA LEU C 611 -18.44 -27.07 17.03
C LEU C 611 -19.31 -28.04 16.24
N TYR C 612 -19.26 -29.30 16.65
CA TYR C 612 -20.04 -30.33 16.01
C TYR C 612 -21.20 -30.67 16.91
N GLN C 613 -22.38 -30.24 16.50
CA GLN C 613 -23.55 -30.29 17.37
C GLN C 613 -23.96 -31.69 17.77
N ASP C 614 -23.80 -32.62 16.85
CA ASP C 614 -24.22 -33.98 17.04
C ASP C 614 -23.09 -34.98 17.18
N VAL C 615 -21.94 -34.52 17.58
CA VAL C 615 -20.83 -35.45 17.78
C VAL C 615 -20.51 -35.52 19.28
N ASN C 616 -20.44 -36.77 19.81
CA ASN C 616 -20.13 -37.10 21.21
C ASN C 616 -18.61 -37.07 21.54
N CYS C 617 -17.72 -37.39 20.56
CA CYS C 617 -16.25 -37.44 20.67
C CYS C 617 -15.75 -38.32 21.85
N THR C 618 -16.40 -39.47 22.06
CA THR C 618 -16.03 -40.41 23.11
C THR C 618 -16.96 -41.62 23.07
N THR C 632 -14.31 -42.38 11.92
CA THR C 632 -14.75 -42.61 13.29
C THR C 632 -15.82 -41.55 13.67
N TRP C 633 -15.37 -40.35 14.05
CA TRP C 633 -16.18 -39.19 14.44
C TRP C 633 -16.63 -38.46 13.19
N ARG C 634 -17.84 -37.92 13.19
CA ARG C 634 -18.31 -37.14 12.05
C ARG C 634 -17.82 -35.70 12.14
N VAL C 635 -16.52 -35.54 12.00
CA VAL C 635 -15.87 -34.25 12.09
C VAL C 635 -15.02 -34.05 10.86
N TYR C 636 -14.62 -32.82 10.58
CA TYR C 636 -13.78 -32.61 9.42
C TYR C 636 -12.32 -32.88 9.74
N SER C 637 -11.96 -32.61 10.98
CA SER C 637 -10.60 -32.79 11.46
C SER C 637 -10.59 -32.86 12.98
N THR C 638 -9.73 -33.69 13.55
CA THR C 638 -9.61 -33.74 15.01
C THR C 638 -8.29 -33.10 15.41
N GLY C 639 -8.38 -32.12 16.31
CA GLY C 639 -7.23 -31.39 16.77
C GLY C 639 -6.74 -31.87 18.13
N SER C 640 -5.89 -31.04 18.74
CA SER C 640 -5.27 -31.31 20.04
C SER C 640 -6.15 -30.94 21.22
N ASN C 641 -7.23 -30.23 20.95
CA ASN C 641 -8.13 -29.74 21.97
C ASN C 641 -9.54 -30.19 21.71
N VAL C 642 -9.94 -31.28 22.34
CA VAL C 642 -11.27 -31.77 22.11
C VAL C 642 -12.06 -31.68 23.40
N PHE C 643 -13.07 -30.83 23.39
CA PHE C 643 -13.91 -30.58 24.54
C PHE C 643 -15.36 -30.95 24.33
N GLN C 644 -15.84 -31.89 25.11
CA GLN C 644 -17.22 -32.31 24.92
C GLN C 644 -18.15 -31.65 25.90
N THR C 645 -19.11 -30.91 25.38
CA THR C 645 -20.09 -30.23 26.19
C THR C 645 -21.51 -30.43 25.72
N ARG C 646 -22.44 -29.84 26.44
CA ARG C 646 -23.86 -29.93 26.16
C ARG C 646 -24.21 -29.30 24.83
N ALA C 647 -23.42 -28.34 24.40
CA ALA C 647 -23.66 -27.68 23.14
C ALA C 647 -23.08 -28.48 21.96
N GLY C 648 -22.37 -29.59 22.21
CA GLY C 648 -21.75 -30.37 21.14
C GLY C 648 -20.24 -30.52 21.39
N CYS C 649 -19.52 -31.19 20.44
CA CYS C 649 -18.08 -31.44 20.54
C CYS C 649 -17.34 -30.25 19.93
N LEU C 650 -16.57 -29.60 20.76
CA LEU C 650 -15.84 -28.45 20.33
C LEU C 650 -14.40 -28.77 20.09
N ILE C 651 -13.96 -28.60 18.86
CA ILE C 651 -12.61 -28.94 18.55
C ILE C 651 -11.77 -27.75 18.08
N GLY C 652 -10.63 -27.58 18.73
CA GLY C 652 -9.66 -26.53 18.42
C GLY C 652 -9.59 -25.42 19.45
N ALA C 653 -10.61 -25.30 20.29
CA ALA C 653 -10.58 -24.28 21.35
C ALA C 653 -10.00 -24.92 22.59
N GLU C 654 -9.18 -24.19 23.31
CA GLU C 654 -8.65 -24.74 24.54
C GLU C 654 -9.76 -24.58 25.54
N HIS C 655 -9.90 -25.49 26.47
CA HIS C 655 -10.93 -25.25 27.47
C HIS C 655 -10.30 -24.99 28.82
N VAL C 656 -10.85 -24.04 29.54
CA VAL C 656 -10.35 -23.76 30.88
C VAL C 656 -11.46 -23.90 31.88
N ASN C 657 -11.09 -24.08 33.14
CA ASN C 657 -12.08 -24.26 34.19
C ASN C 657 -12.42 -22.97 34.91
N ASN C 658 -11.96 -21.88 34.35
CA ASN C 658 -12.23 -20.57 34.90
C ASN C 658 -13.57 -20.13 34.35
N SER C 659 -14.03 -18.97 34.74
CA SER C 659 -15.30 -18.49 34.22
C SER C 659 -15.18 -17.02 33.96
N TYR C 660 -15.92 -16.56 32.97
CA TYR C 660 -15.79 -15.16 32.58
C TYR C 660 -17.03 -14.59 31.94
N GLU C 661 -16.94 -13.33 31.61
CA GLU C 661 -17.99 -12.60 30.92
C GLU C 661 -18.12 -13.24 29.53
N CYS C 662 -19.35 -13.36 29.01
CA CYS C 662 -19.62 -14.00 27.72
C CYS C 662 -19.31 -13.08 26.54
N ASP C 663 -18.73 -13.73 25.54
CA ASP C 663 -18.43 -13.22 24.23
C ASP C 663 -18.49 -14.45 23.36
N ILE C 664 -18.61 -14.25 22.06
CA ILE C 664 -18.62 -15.36 21.13
C ILE C 664 -19.39 -16.52 21.78
N PRO C 665 -20.69 -16.37 22.07
CA PRO C 665 -21.48 -17.33 22.80
C PRO C 665 -21.56 -18.63 22.07
N ILE C 666 -21.41 -19.74 22.78
CA ILE C 666 -21.49 -21.04 22.13
C ILE C 666 -22.81 -21.71 22.40
N GLY C 667 -23.24 -21.73 23.64
CA GLY C 667 -24.50 -22.35 24.01
C GLY C 667 -24.39 -23.24 25.21
N ALA C 668 -25.52 -23.47 25.87
CA ALA C 668 -25.63 -24.35 27.02
C ALA C 668 -24.63 -24.04 28.13
N GLY C 669 -24.47 -22.77 28.49
CA GLY C 669 -23.58 -22.39 29.56
C GLY C 669 -22.16 -22.07 29.11
N ILE C 670 -21.84 -22.31 27.85
CA ILE C 670 -20.51 -22.10 27.31
C ILE C 670 -20.37 -20.90 26.36
N CYS C 671 -19.30 -20.10 26.58
CA CYS C 671 -18.90 -18.94 25.79
C CYS C 671 -17.42 -19.06 25.47
N ALA C 672 -16.92 -18.15 24.65
CA ALA C 672 -15.52 -18.19 24.28
C ALA C 672 -14.98 -16.83 23.96
N SER C 673 -13.67 -16.75 23.96
CA SER C 673 -13.02 -15.52 23.57
C SER C 673 -11.65 -15.81 23.01
N TYR C 674 -11.10 -14.84 22.30
CA TYR C 674 -9.75 -15.00 21.79
C TYR C 674 -8.86 -14.24 22.75
N GLN C 675 -7.96 -14.96 23.40
CA GLN C 675 -7.13 -14.40 24.46
C GLN C 675 -5.65 -14.63 24.19
N THR C 676 -4.77 -13.75 24.73
CA THR C 676 -3.32 -13.87 24.65
C THR C 676 -2.86 -14.81 25.80
N SER C 689 1.18 -17.25 21.25
CA SER C 689 0.75 -16.59 22.48
C SER C 689 -0.78 -16.41 22.62
N GLN C 690 -1.55 -16.54 21.51
CA GLN C 690 -3.00 -16.37 21.46
C GLN C 690 -3.73 -17.60 20.95
N SER C 691 -4.93 -17.79 21.48
CA SER C 691 -5.80 -18.86 21.05
C SER C 691 -7.25 -18.65 21.43
N ILE C 692 -8.12 -19.42 20.82
CA ILE C 692 -9.51 -19.42 21.20
C ILE C 692 -9.70 -20.26 22.44
N ILE C 693 -10.32 -19.68 23.44
CA ILE C 693 -10.58 -20.35 24.69
C ILE C 693 -12.04 -20.44 25.02
N ALA C 694 -12.47 -21.64 25.33
CA ALA C 694 -13.82 -21.92 25.76
C ALA C 694 -13.86 -21.91 27.29
N TYR C 695 -14.94 -21.42 27.84
CA TYR C 695 -15.14 -21.35 29.27
C TYR C 695 -16.61 -21.29 29.64
N THR C 696 -16.93 -21.58 30.90
CA THR C 696 -18.31 -21.41 31.29
C THR C 696 -18.56 -19.96 31.62
N MET C 697 -19.81 -19.58 31.60
CA MET C 697 -20.14 -18.21 31.95
C MET C 697 -20.16 -17.90 33.41
N SER C 698 -19.72 -16.71 33.71
CA SER C 698 -19.88 -16.16 35.02
C SER C 698 -21.28 -15.57 35.03
N LEU C 699 -21.81 -15.31 36.21
CA LEU C 699 -23.08 -14.62 36.30
C LEU C 699 -22.81 -13.39 37.08
N GLY C 700 -22.27 -12.36 36.44
CA GLY C 700 -21.91 -11.21 37.21
C GLY C 700 -20.89 -11.63 38.26
N ALA C 701 -21.21 -11.37 39.51
CA ALA C 701 -20.34 -11.70 40.62
C ALA C 701 -21.15 -12.16 41.81
N GLU C 702 -20.55 -13.00 42.65
CA GLU C 702 -21.24 -13.48 43.84
C GLU C 702 -21.33 -12.44 44.92
N ASN C 703 -22.43 -12.49 45.66
CA ASN C 703 -22.68 -11.61 46.76
C ASN C 703 -23.60 -12.33 47.77
N SER C 704 -23.94 -11.68 48.85
CA SER C 704 -24.79 -12.29 49.84
C SER C 704 -25.50 -11.26 50.67
N VAL C 705 -26.46 -11.70 51.44
CA VAL C 705 -27.16 -10.81 52.32
C VAL C 705 -27.01 -11.39 53.71
N ALA C 706 -26.85 -10.55 54.74
CA ALA C 706 -26.68 -11.10 56.08
C ALA C 706 -27.99 -11.45 56.76
N TYR C 707 -28.99 -10.66 56.46
CA TYR C 707 -30.29 -10.72 57.10
C TYR C 707 -30.20 -10.69 58.59
N SER C 708 -29.55 -9.70 59.13
CA SER C 708 -29.62 -9.65 60.56
C SER C 708 -31.09 -9.28 60.79
N ASN C 709 -31.83 -10.11 61.56
CA ASN C 709 -33.29 -9.95 61.74
C ASN C 709 -33.68 -8.71 62.57
N ASN C 710 -32.71 -8.11 63.31
CA ASN C 710 -32.89 -6.95 64.17
C ASN C 710 -32.07 -5.75 63.71
N SER C 711 -31.65 -5.71 62.46
CA SER C 711 -30.83 -4.58 62.04
C SER C 711 -31.10 -4.16 60.62
N ILE C 712 -31.07 -2.85 60.41
CA ILE C 712 -31.35 -2.25 59.13
C ILE C 712 -30.20 -1.43 58.59
N ALA C 713 -29.95 -1.54 57.30
CA ALA C 713 -28.92 -0.70 56.70
C ALA C 713 -29.59 0.56 56.19
N ILE C 714 -28.98 1.70 56.49
CA ILE C 714 -29.48 3.02 56.11
C ILE C 714 -28.37 3.81 55.39
N PRO C 715 -28.59 4.39 54.19
CA PRO C 715 -27.63 5.17 53.43
C PRO C 715 -27.20 6.34 54.27
N THR C 716 -25.94 6.76 54.19
CA THR C 716 -25.53 7.95 54.96
C THR C 716 -25.05 9.12 54.04
N ASN C 717 -24.98 8.86 52.71
CA ASN C 717 -24.59 9.75 51.62
C ASN C 717 -25.42 9.29 50.41
N PHE C 718 -25.29 10.00 49.29
CA PHE C 718 -25.94 9.70 48.02
C PHE C 718 -25.16 10.32 46.90
N THR C 719 -25.39 9.81 45.71
CA THR C 719 -24.88 10.43 44.52
C THR C 719 -25.99 10.62 43.52
N ILE C 720 -26.09 11.80 42.97
CA ILE C 720 -27.01 12.01 41.90
C ILE C 720 -26.21 11.93 40.66
N SER C 721 -26.63 11.01 39.83
CA SER C 721 -25.90 10.70 38.63
C SER C 721 -26.82 10.62 37.46
N VAL C 722 -26.26 10.66 36.28
CA VAL C 722 -27.11 10.66 35.14
C VAL C 722 -26.73 9.49 34.24
N THR C 723 -27.75 8.76 33.82
CA THR C 723 -27.57 7.63 32.93
C THR C 723 -28.29 7.87 31.64
N THR C 724 -28.14 6.98 30.69
CA THR C 724 -28.82 7.21 29.43
C THR C 724 -29.61 6.04 28.91
N GLU C 725 -30.63 6.37 28.12
CA GLU C 725 -31.43 5.37 27.41
C GLU C 725 -31.65 5.78 25.96
N ILE C 726 -31.56 4.81 25.05
CA ILE C 726 -31.76 5.07 23.65
C ILE C 726 -32.95 4.30 23.13
N LEU C 727 -33.88 5.02 22.53
CA LEU C 727 -35.09 4.44 22.02
C LEU C 727 -35.38 4.88 20.59
N PRO C 728 -35.05 4.07 19.57
CA PRO C 728 -35.28 4.37 18.18
C PRO C 728 -36.75 4.68 17.99
N VAL C 729 -37.04 5.62 17.12
CA VAL C 729 -38.41 6.07 16.86
C VAL C 729 -38.88 5.77 15.44
N SER C 730 -38.00 5.90 14.45
CA SER C 730 -38.47 5.75 13.09
C SER C 730 -37.50 5.04 12.15
N MET C 731 -38.08 4.49 11.10
CA MET C 731 -37.44 3.81 9.99
C MET C 731 -37.36 4.68 8.77
N THR C 732 -36.49 4.29 7.87
CA THR C 732 -36.44 4.93 6.58
C THR C 732 -37.74 4.61 5.87
N LYS C 733 -38.38 5.64 5.33
CA LYS C 733 -39.62 5.44 4.60
C LYS C 733 -39.26 5.12 3.19
N THR C 734 -39.92 4.14 2.60
CA THR C 734 -39.60 3.80 1.23
C THR C 734 -40.85 3.72 0.40
N SER C 735 -40.63 3.65 -0.90
CA SER C 735 -41.70 3.48 -1.87
C SER C 735 -41.16 2.75 -3.07
N VAL C 736 -41.96 1.87 -3.66
CA VAL C 736 -41.45 1.12 -4.78
C VAL C 736 -42.22 1.22 -6.07
N ASP C 737 -41.51 1.56 -7.12
CA ASP C 737 -42.16 1.56 -8.40
C ASP C 737 -42.06 0.11 -8.85
N CYS C 738 -43.16 -0.60 -8.60
CA CYS C 738 -43.33 -2.03 -8.80
C CYS C 738 -43.33 -2.39 -10.28
N THR C 739 -43.42 -1.39 -11.15
CA THR C 739 -43.29 -1.70 -12.56
C THR C 739 -41.83 -1.67 -12.86
N MET C 740 -41.13 -0.64 -12.39
CA MET C 740 -39.70 -0.53 -12.69
C MET C 740 -38.86 -1.66 -12.17
N TYR C 741 -39.21 -2.19 -11.01
CA TYR C 741 -38.47 -3.30 -10.42
C TYR C 741 -38.54 -4.57 -11.25
N ILE C 742 -39.61 -4.70 -12.00
CA ILE C 742 -39.83 -5.92 -12.74
C ILE C 742 -39.52 -5.78 -14.24
N CYS C 743 -40.05 -4.72 -14.86
CA CYS C 743 -40.02 -4.44 -16.28
C CYS C 743 -39.40 -3.06 -16.54
N GLY C 744 -38.31 -2.75 -15.86
CA GLY C 744 -37.74 -1.45 -16.09
C GLY C 744 -37.34 -1.34 -17.54
N ASP C 745 -37.81 -0.29 -18.20
CA ASP C 745 -37.56 -0.04 -19.60
C ASP C 745 -37.84 -1.23 -20.53
N SER C 746 -38.91 -1.99 -20.28
CA SER C 746 -39.21 -3.10 -21.18
C SER C 746 -40.68 -3.19 -21.54
N THR C 747 -40.99 -2.92 -22.81
CA THR C 747 -42.35 -2.85 -23.29
C THR C 747 -43.12 -4.15 -23.23
N GLU C 748 -42.50 -5.22 -23.67
CA GLU C 748 -43.21 -6.48 -23.73
C GLU C 748 -43.58 -6.98 -22.34
N CYS C 749 -42.62 -6.86 -21.39
CA CYS C 749 -42.73 -7.23 -19.99
C CYS C 749 -43.82 -6.36 -19.38
N SER C 750 -43.78 -5.06 -19.67
CA SER C 750 -44.73 -4.13 -19.09
C SER C 750 -46.13 -4.51 -19.44
N ASN C 751 -46.38 -4.87 -20.68
CA ASN C 751 -47.75 -5.24 -21.02
C ASN C 751 -48.15 -6.52 -20.31
N LEU C 752 -47.24 -7.49 -20.24
CA LEU C 752 -47.60 -8.76 -19.61
C LEU C 752 -47.89 -8.59 -18.13
N LEU C 753 -47.16 -7.69 -17.50
CA LEU C 753 -47.26 -7.40 -16.08
C LEU C 753 -48.57 -6.74 -15.70
N LEU C 754 -49.33 -6.25 -16.67
CA LEU C 754 -50.58 -5.59 -16.36
C LEU C 754 -51.56 -6.55 -15.75
N GLN C 755 -51.40 -7.84 -16.04
CA GLN C 755 -52.33 -8.81 -15.52
C GLN C 755 -52.25 -8.94 -14.00
N TYR C 756 -51.05 -8.81 -13.41
CA TYR C 756 -50.91 -8.94 -11.96
C TYR C 756 -51.09 -7.54 -11.39
N GLY C 757 -52.27 -7.01 -11.57
CA GLY C 757 -52.58 -5.62 -11.34
C GLY C 757 -52.76 -5.16 -9.91
N SER C 758 -53.84 -5.59 -9.28
CA SER C 758 -54.21 -5.12 -7.96
C SER C 758 -53.19 -5.48 -6.91
N PHE C 759 -52.38 -6.44 -7.24
CA PHE C 759 -51.32 -6.92 -6.38
C PHE C 759 -50.14 -5.93 -6.26
N CYS C 760 -49.82 -5.21 -7.38
CA CYS C 760 -48.70 -4.27 -7.54
C CYS C 760 -49.12 -3.09 -6.65
N THR C 761 -50.42 -2.76 -6.78
CA THR C 761 -51.02 -1.68 -6.01
C THR C 761 -51.06 -2.02 -4.52
N GLN C 762 -51.40 -3.26 -4.20
CA GLN C 762 -51.48 -3.68 -2.82
C GLN C 762 -50.15 -3.54 -2.11
N LEU C 763 -49.04 -3.85 -2.80
CA LEU C 763 -47.73 -3.70 -2.17
C LEU C 763 -47.50 -2.23 -1.87
N ASN C 764 -47.91 -1.36 -2.79
CA ASN C 764 -47.71 0.05 -2.57
C ASN C 764 -48.49 0.54 -1.38
N ARG C 765 -49.71 0.01 -1.20
CA ARG C 765 -50.49 0.47 -0.08
C ARG C 765 -49.83 0.09 1.23
N ALA C 766 -49.29 -1.11 1.29
CA ALA C 766 -48.64 -1.53 2.52
C ALA C 766 -47.44 -0.66 2.87
N LEU C 767 -46.65 -0.30 1.86
CA LEU C 767 -45.50 0.53 2.16
C LEU C 767 -45.92 1.92 2.55
N THR C 768 -46.99 2.41 1.95
CA THR C 768 -47.46 3.73 2.27
C THR C 768 -47.87 3.76 3.72
N GLY C 769 -48.59 2.73 4.16
CA GLY C 769 -49.02 2.70 5.55
C GLY C 769 -47.82 2.76 6.49
N ILE C 770 -46.73 2.10 6.13
CA ILE C 770 -45.57 2.17 6.99
C ILE C 770 -45.05 3.57 7.04
N ALA C 771 -44.95 4.21 5.87
CA ALA C 771 -44.42 5.55 5.78
C ALA C 771 -45.24 6.54 6.62
N VAL C 772 -46.54 6.37 6.63
CA VAL C 772 -47.39 7.25 7.41
C VAL C 772 -47.09 7.08 8.88
N GLU C 773 -46.95 5.83 9.31
CA GLU C 773 -46.68 5.58 10.70
C GLU C 773 -45.32 6.15 11.08
N GLN C 774 -44.34 6.14 10.20
CA GLN C 774 -43.06 6.64 10.63
C GLN C 774 -43.14 8.12 10.99
N ASP C 775 -43.97 8.89 10.29
CA ASP C 775 -44.06 10.28 10.68
C ASP C 775 -44.93 10.41 11.90
N LYS C 776 -45.97 9.58 12.03
CA LYS C 776 -46.78 9.71 13.22
C LYS C 776 -45.97 9.38 14.46
N ASN C 777 -45.07 8.41 14.38
CA ASN C 777 -44.28 8.00 15.52
C ASN C 777 -43.42 9.15 15.96
N THR C 778 -42.85 9.85 14.98
CA THR C 778 -41.99 10.96 15.28
C THR C 778 -42.79 12.04 15.98
N GLN C 779 -43.99 12.29 15.47
CA GLN C 779 -44.81 13.32 16.07
C GLN C 779 -45.22 12.97 17.49
N GLU C 780 -45.56 11.71 17.75
CA GLU C 780 -45.99 11.32 19.09
C GLU C 780 -44.89 11.44 20.12
N VAL C 781 -43.66 11.18 19.71
CA VAL C 781 -42.56 11.27 20.63
C VAL C 781 -42.15 12.71 20.89
N PHE C 782 -42.04 13.53 19.84
CA PHE C 782 -41.52 14.86 20.08
C PHE C 782 -42.53 16.01 20.14
N ALA C 783 -43.59 15.96 19.35
CA ALA C 783 -44.53 17.07 19.27
C ALA C 783 -45.62 16.88 20.29
N GLN C 784 -45.23 16.91 21.56
CA GLN C 784 -46.19 16.63 22.61
C GLN C 784 -46.84 17.89 23.15
N VAL C 785 -46.11 18.98 23.09
CA VAL C 785 -46.55 20.24 23.60
C VAL C 785 -46.47 21.25 22.47
N LYS C 786 -47.57 21.98 22.24
CA LYS C 786 -47.65 22.95 21.15
C LYS C 786 -47.17 24.33 21.55
N GLN C 787 -46.79 24.47 22.79
CA GLN C 787 -46.28 25.73 23.28
C GLN C 787 -44.79 25.62 23.19
N ILE C 788 -44.22 26.38 22.27
CA ILE C 788 -42.81 26.27 22.03
C ILE C 788 -42.12 27.33 22.80
N TYR C 789 -41.52 26.92 23.89
CA TYR C 789 -40.92 27.85 24.79
C TYR C 789 -39.50 28.14 24.43
N LYS C 790 -39.13 29.39 24.59
CA LYS C 790 -37.76 29.79 24.38
C LYS C 790 -36.97 29.53 25.63
N THR C 791 -35.69 29.24 25.48
CA THR C 791 -34.81 29.05 26.61
C THR C 791 -34.79 30.39 27.34
N PRO C 792 -35.02 30.45 28.65
CA PRO C 792 -34.99 31.68 29.42
C PRO C 792 -33.60 32.32 29.31
N PRO C 793 -33.50 33.65 29.37
CA PRO C 793 -32.28 34.45 29.39
C PRO C 793 -31.52 34.26 30.69
N ILE C 794 -32.22 33.75 31.71
CA ILE C 794 -31.70 33.50 33.03
C ILE C 794 -31.16 32.09 33.08
N LYS C 795 -29.90 31.94 33.43
CA LYS C 795 -29.29 30.61 33.47
C LYS C 795 -29.10 30.17 34.90
N ASP C 796 -29.64 30.94 35.82
CA ASP C 796 -29.46 30.69 37.24
C ASP C 796 -30.43 29.65 37.77
N PHE C 797 -30.25 28.44 37.30
CA PHE C 797 -31.05 27.32 37.73
C PHE C 797 -30.36 26.70 38.92
N GLY C 798 -30.38 27.44 40.01
CA GLY C 798 -29.66 27.07 41.21
C GLY C 798 -28.17 27.06 40.89
N GLY C 799 -27.48 25.98 41.23
CA GLY C 799 -26.04 25.88 40.96
C GLY C 799 -25.77 24.99 39.76
N PHE C 800 -26.80 24.67 39.03
CA PHE C 800 -26.73 23.72 37.94
C PHE C 800 -26.36 24.43 36.63
N ASN C 801 -25.66 23.71 35.72
CA ASN C 801 -25.17 24.21 34.44
C ASN C 801 -26.20 24.03 33.28
N PHE C 802 -26.40 22.78 32.78
CA PHE C 802 -27.30 22.37 31.66
C PHE C 802 -26.95 22.94 30.26
N SER C 803 -25.81 23.57 30.11
CA SER C 803 -25.51 24.18 28.82
C SER C 803 -25.23 23.21 27.71
N GLN C 804 -24.89 21.97 28.03
CA GLN C 804 -24.56 21.01 26.99
C GLN C 804 -25.82 20.24 26.56
N ILE C 805 -26.91 20.53 27.26
CA ILE C 805 -28.22 19.92 27.03
C ILE C 805 -29.03 20.87 26.17
N LEU C 806 -28.99 22.15 26.52
CA LEU C 806 -29.72 23.20 25.83
C LEU C 806 -29.13 23.49 24.45
N PRO C 807 -29.93 23.95 23.47
CA PRO C 807 -29.49 24.34 22.15
C PRO C 807 -28.41 25.38 22.22
N ASP C 808 -27.41 25.26 21.37
CA ASP C 808 -26.34 26.25 21.31
C ASP C 808 -26.70 27.33 20.27
N PRO C 809 -27.05 28.56 20.66
CA PRO C 809 -27.52 29.62 19.79
C PRO C 809 -26.47 30.13 18.84
N SER C 810 -25.19 29.81 19.10
CA SER C 810 -24.12 30.30 18.24
C SER C 810 -23.90 29.41 17.03
N LYS C 811 -24.55 28.24 17.01
CA LYS C 811 -24.38 27.31 15.91
C LYS C 811 -25.39 27.61 14.82
N PRO C 812 -25.13 27.24 13.55
CA PRO C 812 -26.10 27.30 12.48
C PRO C 812 -27.24 26.31 12.71
N SER C 813 -26.98 25.31 13.53
CA SER C 813 -27.92 24.29 13.91
C SER C 813 -28.68 24.76 15.13
N LYS C 814 -29.76 24.07 15.46
CA LYS C 814 -30.51 24.41 16.65
C LYS C 814 -30.32 23.34 17.71
N ARG C 815 -29.31 22.54 17.48
CA ARG C 815 -28.92 21.43 18.33
C ARG C 815 -28.07 21.88 19.51
N SER C 816 -28.14 21.07 20.56
CA SER C 816 -27.31 21.19 21.75
C SER C 816 -25.97 20.59 21.43
N PHE C 817 -25.02 20.72 22.34
CA PHE C 817 -23.70 20.15 22.13
C PHE C 817 -23.77 18.63 22.08
N ILE C 818 -24.55 18.05 22.98
CA ILE C 818 -24.74 16.62 23.00
C ILE C 818 -25.44 16.17 21.72
N GLU C 819 -26.44 16.91 21.29
CA GLU C 819 -27.13 16.53 20.06
C GLU C 819 -26.17 16.57 18.87
N ASP C 820 -25.27 17.55 18.76
CA ASP C 820 -24.37 17.45 17.63
C ASP C 820 -23.56 16.17 17.66
N LEU C 821 -23.14 15.75 18.84
CA LEU C 821 -22.41 14.50 18.86
C LEU C 821 -23.29 13.31 18.44
N LEU C 822 -24.55 13.29 18.86
CA LEU C 822 -25.40 12.15 18.51
C LEU C 822 -25.59 12.07 17.00
N PHE C 823 -25.76 13.22 16.38
CA PHE C 823 -25.97 13.32 14.96
C PHE C 823 -24.72 13.06 14.15
N ASN C 824 -23.58 13.48 14.65
CA ASN C 824 -22.35 13.27 13.93
C ASN C 824 -21.91 11.82 13.98
N LYS C 825 -22.26 11.11 15.06
CA LYS C 825 -21.85 9.72 15.18
C LYS C 825 -22.69 8.71 14.38
N VAL C 826 -24.00 8.92 14.23
CA VAL C 826 -24.78 7.94 13.47
C VAL C 826 -24.57 8.22 11.99
N THR C 827 -24.24 7.18 11.23
CA THR C 827 -23.98 7.37 9.82
C THR C 827 -25.15 7.01 8.95
N LEU C 828 -25.57 7.99 8.17
CA LEU C 828 -26.66 7.84 7.24
C LEU C 828 -26.00 7.79 5.89
N ALA C 829 -26.60 7.14 4.89
CA ALA C 829 -25.92 7.17 3.59
C ALA C 829 -25.76 8.61 3.12
N ASP C 830 -26.79 9.42 3.36
CA ASP C 830 -26.77 10.84 3.09
C ASP C 830 -27.93 11.45 3.85
N ALA C 831 -28.07 12.77 3.82
CA ALA C 831 -29.23 13.43 4.40
C ALA C 831 -29.45 14.83 3.86
N GLY C 832 -30.71 15.20 3.61
CA GLY C 832 -31.05 16.57 3.20
C GLY C 832 -30.56 16.90 1.80
N PHE C 833 -30.41 15.89 0.95
CA PHE C 833 -29.87 16.07 -0.38
C PHE C 833 -30.53 15.23 -1.45
N ILE C 834 -30.75 15.84 -2.61
CA ILE C 834 -31.33 15.14 -3.73
C ILE C 834 -30.39 14.93 -4.89
N LYS C 835 -30.25 13.66 -5.26
CA LYS C 835 -29.44 13.24 -6.37
C LYS C 835 -30.19 13.57 -7.65
N GLN C 836 -29.51 14.14 -8.61
CA GLN C 836 -30.14 14.52 -9.86
C GLN C 836 -29.94 13.42 -10.88
N TYR C 837 -30.78 13.32 -11.89
CA TYR C 837 -30.59 12.28 -12.91
C TYR C 837 -29.21 12.29 -13.53
N GLY C 838 -28.75 13.47 -13.90
CA GLY C 838 -27.48 13.63 -14.56
C GLY C 838 -26.30 13.19 -13.68
N ASP C 839 -26.51 13.10 -12.38
CA ASP C 839 -25.44 12.68 -11.48
C ASP C 839 -25.01 11.22 -11.70
N CYS C 840 -25.89 10.37 -12.28
CA CYS C 840 -25.68 8.96 -12.57
C CYS C 840 -25.20 8.76 -13.99
N LEU C 841 -25.03 9.82 -14.76
CA LEU C 841 -24.60 9.58 -16.12
C LEU C 841 -23.10 9.48 -16.17
N GLY C 842 -22.65 8.31 -15.75
CA GLY C 842 -21.25 7.95 -15.60
C GLY C 842 -21.14 6.54 -15.05
N ASP C 843 -19.90 6.11 -14.82
CA ASP C 843 -19.57 4.78 -14.35
C ASP C 843 -20.05 4.58 -12.94
N ILE C 844 -20.08 5.70 -12.23
CA ILE C 844 -20.49 5.83 -10.85
C ILE C 844 -21.85 5.24 -10.56
N ALA C 845 -22.73 5.19 -11.54
CA ALA C 845 -24.05 4.65 -11.30
C ALA C 845 -23.98 3.22 -10.80
N ALA C 846 -22.95 2.48 -11.22
CA ALA C 846 -22.81 1.08 -10.84
C ALA C 846 -22.14 0.91 -9.48
N ARG C 847 -21.61 1.99 -8.91
CA ARG C 847 -20.92 1.91 -7.63
C ARG C 847 -21.76 2.52 -6.53
N ASP C 848 -22.58 3.46 -6.91
CA ASP C 848 -23.42 4.19 -6.01
C ASP C 848 -24.70 3.44 -5.74
N LEU C 849 -24.84 2.91 -4.53
CA LEU C 849 -25.99 2.12 -4.17
C LEU C 849 -27.25 2.95 -4.18
N ILE C 850 -27.17 4.23 -3.87
CA ILE C 850 -28.41 4.99 -3.88
C ILE C 850 -28.93 5.05 -5.33
N CYS C 851 -28.03 5.34 -6.30
CA CYS C 851 -28.32 5.42 -7.73
C CYS C 851 -28.84 4.06 -8.24
N ALA C 852 -28.14 2.99 -7.88
CA ALA C 852 -28.54 1.66 -8.32
C ALA C 852 -29.91 1.31 -7.80
N GLN C 853 -30.23 1.71 -6.58
CA GLN C 853 -31.55 1.41 -6.08
C GLN C 853 -32.60 2.20 -6.84
N LYS C 854 -32.33 3.47 -7.14
CA LYS C 854 -33.31 4.28 -7.86
C LYS C 854 -33.59 3.74 -9.26
N PHE C 855 -32.58 3.24 -9.93
CA PHE C 855 -32.79 2.73 -11.26
C PHE C 855 -33.59 1.46 -11.33
N ASN C 856 -33.83 0.84 -10.20
CA ASN C 856 -34.59 -0.37 -10.14
C ASN C 856 -35.93 -0.12 -9.48
N GLY C 857 -36.31 1.15 -9.39
CA GLY C 857 -37.60 1.53 -8.85
C GLY C 857 -37.63 1.67 -7.33
N LEU C 858 -36.50 1.68 -6.66
CA LEU C 858 -36.58 1.77 -5.23
C LEU C 858 -36.29 3.18 -4.79
N THR C 859 -37.23 3.82 -4.12
CA THR C 859 -36.94 5.17 -3.66
C THR C 859 -37.08 5.29 -2.18
N VAL C 860 -36.68 6.44 -1.69
CA VAL C 860 -36.73 6.82 -0.31
C VAL C 860 -37.47 8.12 -0.16
N LEU C 861 -38.40 8.13 0.75
CA LEU C 861 -39.19 9.33 0.93
C LEU C 861 -38.58 10.14 2.06
N PRO C 862 -38.57 11.47 1.99
CA PRO C 862 -38.06 12.35 3.02
C PRO C 862 -39.02 12.30 4.18
N PRO C 863 -38.58 12.58 5.40
CA PRO C 863 -39.34 12.71 6.63
C PRO C 863 -40.14 13.96 6.54
N LEU C 864 -41.26 14.03 7.22
CA LEU C 864 -42.00 15.28 7.26
C LEU C 864 -41.33 16.28 8.18
N LEU C 865 -40.84 15.80 9.31
CA LEU C 865 -40.20 16.71 10.24
C LEU C 865 -38.71 16.63 10.04
N THR C 866 -38.06 17.78 10.03
CA THR C 866 -36.64 17.91 9.83
C THR C 866 -35.90 17.96 11.14
N ASP C 867 -34.57 17.87 11.09
CA ASP C 867 -33.80 17.92 12.31
C ASP C 867 -33.99 19.23 13.03
N GLU C 868 -34.16 20.31 12.27
CA GLU C 868 -34.34 21.60 12.89
C GLU C 868 -35.66 21.64 13.63
N MET C 869 -36.71 21.06 13.05
CA MET C 869 -37.99 21.09 13.73
C MET C 869 -37.94 20.25 14.98
N ILE C 870 -37.21 19.14 14.92
CA ILE C 870 -37.12 18.30 16.10
C ILE C 870 -36.34 19.06 17.13
N ALA C 871 -35.26 19.71 16.73
CA ALA C 871 -34.50 20.48 17.68
C ALA C 871 -35.38 21.53 18.32
N GLN C 872 -36.30 22.14 17.57
CA GLN C 872 -37.18 23.11 18.21
C GLN C 872 -38.09 22.41 19.20
N TYR C 873 -38.55 21.20 18.90
CA TYR C 873 -39.39 20.51 19.86
C TYR C 873 -38.59 20.15 21.11
N THR C 874 -37.35 19.69 20.98
CA THR C 874 -36.63 19.33 22.19
C THR C 874 -36.29 20.59 22.93
N SER C 875 -36.06 21.68 22.21
CA SER C 875 -35.75 22.94 22.85
C SER C 875 -36.89 23.38 23.71
N ALA C 876 -38.10 23.29 23.16
CA ALA C 876 -39.28 23.68 23.90
C ALA C 876 -39.50 22.84 25.12
N LEU C 877 -39.26 21.55 25.00
CA LEU C 877 -39.48 20.68 26.12
C LEU C 877 -38.48 21.00 27.19
N LEU C 878 -37.24 21.32 26.81
CA LEU C 878 -36.24 21.65 27.79
C LEU C 878 -36.54 22.97 28.47
N ALA C 879 -37.01 23.96 27.71
CA ALA C 879 -37.34 25.24 28.34
C ALA C 879 -38.50 25.03 29.32
N GLY C 880 -39.43 24.18 28.92
CA GLY C 880 -40.58 23.86 29.71
C GLY C 880 -40.20 23.22 31.02
N THR C 881 -39.35 22.19 30.96
CA THR C 881 -38.99 21.50 32.17
C THR C 881 -37.94 22.18 32.98
N ILE C 882 -37.16 23.08 32.38
CA ILE C 882 -36.17 23.74 33.18
C ILE C 882 -36.86 24.80 34.03
N THR C 883 -37.91 25.45 33.49
CA THR C 883 -38.58 26.50 34.25
C THR C 883 -39.81 26.10 35.06
N SER C 884 -40.70 25.32 34.48
CA SER C 884 -41.93 24.95 35.18
C SER C 884 -41.89 23.51 35.66
N GLY C 885 -41.05 22.72 35.02
CA GLY C 885 -40.92 21.33 35.42
C GLY C 885 -42.23 20.60 35.20
N TRP C 886 -42.73 20.01 36.25
CA TRP C 886 -43.96 19.25 36.14
C TRP C 886 -45.12 20.04 35.63
N THR C 887 -45.15 21.33 35.93
CA THR C 887 -46.33 22.08 35.59
C THR C 887 -46.27 22.66 34.22
N PHE C 888 -45.24 22.37 33.44
CA PHE C 888 -45.29 22.94 32.12
C PHE C 888 -46.42 22.21 31.37
N GLY C 889 -46.78 20.98 31.82
CA GLY C 889 -47.87 20.25 31.19
C GLY C 889 -49.09 20.21 32.13
N ALA C 890 -50.18 19.56 31.68
CA ALA C 890 -51.42 19.42 32.46
C ALA C 890 -51.94 20.77 32.99
N GLY C 891 -51.85 21.81 32.17
CA GLY C 891 -52.31 23.14 32.56
C GLY C 891 -51.36 24.21 32.07
N ALA C 892 -51.54 25.44 32.57
CA ALA C 892 -50.68 26.54 32.14
C ALA C 892 -49.32 26.37 32.78
N ALA C 893 -48.27 26.72 32.07
CA ALA C 893 -46.96 26.65 32.69
C ALA C 893 -46.91 27.67 33.82
N LEU C 894 -46.30 27.27 34.92
CA LEU C 894 -46.12 28.12 36.10
C LEU C 894 -44.65 28.21 36.38
N GLN C 895 -44.06 29.39 36.49
CA GLN C 895 -42.64 29.32 36.78
C GLN C 895 -42.44 28.95 38.22
N ILE C 896 -41.43 28.13 38.49
CA ILE C 896 -41.04 27.71 39.82
C ILE C 896 -39.50 27.84 39.96
N PRO C 897 -38.95 28.40 41.04
CA PRO C 897 -37.50 28.47 41.26
C PRO C 897 -36.93 27.07 41.09
N PHE C 898 -35.76 26.96 40.49
CA PHE C 898 -35.22 25.64 40.20
C PHE C 898 -34.97 24.82 41.45
N ALA C 899 -34.44 25.46 42.48
CA ALA C 899 -34.17 24.70 43.69
C ALA C 899 -35.47 24.14 44.24
N MET C 900 -36.56 24.89 44.11
CA MET C 900 -37.81 24.40 44.62
C MET C 900 -38.28 23.25 43.77
N GLN C 901 -38.07 23.35 42.46
CA GLN C 901 -38.53 22.27 41.61
C GLN C 901 -37.88 20.99 42.04
N MET C 902 -36.58 21.05 42.32
CA MET C 902 -35.95 19.83 42.75
C MET C 902 -36.40 19.45 44.13
N ALA C 903 -36.66 20.40 45.01
CA ALA C 903 -37.10 20.01 46.33
C ALA C 903 -38.38 19.21 46.22
N TYR C 904 -39.25 19.60 45.30
CA TYR C 904 -40.49 18.88 45.14
C TYR C 904 -40.26 17.52 44.53
N ARG C 905 -39.29 17.41 43.61
CA ARG C 905 -38.96 16.13 43.00
C ARG C 905 -38.38 15.18 44.08
N PHE C 906 -37.62 15.73 45.02
CA PHE C 906 -37.06 14.93 46.10
C PHE C 906 -38.16 14.47 47.01
N ASN C 907 -39.13 15.35 47.30
CA ASN C 907 -40.23 14.99 48.17
C ASN C 907 -41.01 13.85 47.53
N GLY C 908 -41.06 13.88 46.19
CA GLY C 908 -41.70 12.86 45.37
C GLY C 908 -41.06 11.51 45.57
N ILE C 909 -39.72 11.48 45.51
CA ILE C 909 -38.95 10.26 45.77
C ILE C 909 -39.18 9.80 47.20
N GLY C 910 -39.22 10.77 48.11
CA GLY C 910 -39.38 10.51 49.52
C GLY C 910 -38.17 10.95 50.31
N VAL C 911 -37.32 11.75 49.69
CA VAL C 911 -36.14 12.28 50.35
C VAL C 911 -36.56 13.64 50.87
N THR C 912 -36.33 13.92 52.14
CA THR C 912 -36.74 15.23 52.62
C THR C 912 -36.05 16.36 51.87
N GLN C 913 -36.78 17.47 51.72
CA GLN C 913 -36.36 18.68 51.03
C GLN C 913 -35.13 19.29 51.69
N ASN C 914 -34.93 18.93 52.95
CA ASN C 914 -33.85 19.45 53.71
C ASN C 914 -32.54 19.04 53.07
N VAL C 915 -32.52 17.88 52.41
CA VAL C 915 -31.28 17.40 51.84
C VAL C 915 -30.86 18.31 50.74
N LEU C 916 -31.79 18.73 49.89
CA LEU C 916 -31.41 19.58 48.79
C LEU C 916 -30.89 20.90 49.27
N TYR C 917 -31.52 21.48 50.26
CA TYR C 917 -31.01 22.78 50.60
C TYR C 917 -29.67 22.66 51.31
N GLU C 918 -29.54 21.67 52.19
CA GLU C 918 -28.30 21.50 52.93
C GLU C 918 -27.15 21.12 52.02
N ASN C 919 -27.45 20.34 50.99
CA ASN C 919 -26.46 19.86 50.05
C ASN C 919 -26.67 20.44 48.67
N GLN C 920 -27.25 21.63 48.54
CA GLN C 920 -27.52 22.14 47.20
C GLN C 920 -26.29 22.23 46.32
N LYS C 921 -25.16 22.62 46.88
CA LYS C 921 -23.96 22.75 46.07
C LYS C 921 -23.42 21.39 45.67
N LEU C 922 -23.58 20.40 46.56
CA LEU C 922 -23.09 19.06 46.28
C LEU C 922 -23.85 18.47 45.14
N ILE C 923 -25.15 18.65 45.19
CA ILE C 923 -26.01 18.08 44.19
C ILE C 923 -25.72 18.71 42.86
N ALA C 924 -25.59 20.03 42.84
CA ALA C 924 -25.28 20.68 41.60
C ALA C 924 -23.94 20.25 41.04
N ASN C 925 -22.95 20.06 41.90
CA ASN C 925 -21.66 19.66 41.40
C ASN C 925 -21.68 18.24 40.87
N GLN C 926 -22.43 17.35 41.54
CA GLN C 926 -22.51 15.98 41.07
C GLN C 926 -23.19 15.92 39.72
N PHE C 927 -24.24 16.71 39.55
CA PHE C 927 -24.96 16.75 38.30
C PHE C 927 -24.11 17.29 37.18
N ASN C 928 -23.46 18.42 37.42
CA ASN C 928 -22.70 19.05 36.37
C ASN C 928 -21.59 18.10 35.91
N SER C 929 -21.01 17.38 36.86
CA SER C 929 -19.98 16.42 36.53
C SER C 929 -20.55 15.30 35.70
N ALA C 930 -21.71 14.76 36.11
CA ALA C 930 -22.34 13.64 35.40
C ALA C 930 -22.66 13.99 33.97
N ILE C 931 -23.10 15.21 33.71
CA ILE C 931 -23.42 15.55 32.34
C ILE C 931 -22.15 15.60 31.53
N GLY C 932 -21.09 16.19 32.07
CA GLY C 932 -19.85 16.20 31.32
C GLY C 932 -19.40 14.76 31.05
N LYS C 933 -19.56 13.86 32.01
CA LYS C 933 -19.15 12.48 31.80
C LYS C 933 -19.91 11.84 30.67
N ILE C 934 -21.21 12.11 30.56
CA ILE C 934 -21.97 11.55 29.46
C ILE C 934 -21.48 12.09 28.16
N GLN C 935 -21.26 13.38 28.11
CA GLN C 935 -20.79 13.99 26.89
C GLN C 935 -19.43 13.42 26.48
N ASP C 936 -18.54 13.20 27.45
CA ASP C 936 -17.23 12.67 27.16
C ASP C 936 -17.34 11.23 26.70
N SER C 937 -18.26 10.49 27.33
CA SER C 937 -18.49 9.10 27.01
C SER C 937 -18.98 9.00 25.58
N LEU C 938 -19.89 9.91 25.20
CA LEU C 938 -20.43 9.95 23.86
C LEU C 938 -19.37 10.32 22.84
N SER C 939 -18.49 11.26 23.19
CA SER C 939 -17.44 11.63 22.26
C SER C 939 -16.51 10.44 22.00
N SER C 940 -16.25 9.66 23.04
CA SER C 940 -15.38 8.49 22.96
C SER C 940 -15.99 7.24 22.29
N THR C 941 -17.13 6.76 22.79
CA THR C 941 -17.72 5.54 22.28
C THR C 941 -19.11 5.70 21.68
N ALA C 942 -19.23 5.37 20.39
CA ALA C 942 -20.48 5.49 19.66
C ALA C 942 -21.30 4.20 19.68
N SER C 943 -20.81 3.16 20.34
CA SER C 943 -21.49 1.86 20.32
C SER C 943 -22.88 1.91 20.93
N ALA C 944 -23.12 2.85 21.84
CA ALA C 944 -24.42 2.99 22.46
C ALA C 944 -25.49 3.31 21.43
N LEU C 945 -25.08 3.92 20.32
CA LEU C 945 -25.97 4.38 19.28
C LEU C 945 -26.23 3.29 18.29
N GLY C 946 -25.66 2.10 18.51
CA GLY C 946 -25.78 0.98 17.62
C GLY C 946 -27.23 0.65 17.30
N LYS C 947 -28.14 0.86 18.22
CA LYS C 947 -29.53 0.59 17.92
C LYS C 947 -30.06 1.46 16.78
N LEU C 948 -29.60 2.72 16.73
CA LEU C 948 -30.09 3.65 15.73
C LEU C 948 -29.38 3.35 14.43
N GLN C 949 -28.11 2.97 14.56
CA GLN C 949 -27.30 2.67 13.40
C GLN C 949 -27.86 1.45 12.73
N ASP C 950 -28.34 0.50 13.52
CA ASP C 950 -28.90 -0.72 13.01
C ASP C 950 -30.20 -0.44 12.27
N VAL C 951 -31.05 0.44 12.78
CA VAL C 951 -32.27 0.68 12.02
C VAL C 951 -31.92 1.15 10.63
N VAL C 952 -30.94 2.03 10.54
CA VAL C 952 -30.53 2.53 9.26
C VAL C 952 -29.93 1.42 8.39
N ASN C 953 -29.06 0.61 8.98
CA ASN C 953 -28.39 -0.41 8.22
C ASN C 953 -29.36 -1.47 7.72
N GLN C 954 -30.37 -1.79 8.51
CA GLN C 954 -31.30 -2.82 8.13
C GLN C 954 -32.13 -2.42 6.95
N ASN C 955 -32.51 -1.15 6.87
CA ASN C 955 -33.28 -0.75 5.71
C ASN C 955 -32.39 -0.73 4.49
N ALA C 956 -31.14 -0.32 4.67
CA ALA C 956 -30.24 -0.28 3.53
C ALA C 956 -29.99 -1.67 2.99
N GLN C 957 -29.85 -2.63 3.88
CA GLN C 957 -29.60 -3.99 3.48
C GLN C 957 -30.76 -4.57 2.74
N ALA C 958 -31.97 -4.27 3.21
CA ALA C 958 -33.14 -4.81 2.55
C ALA C 958 -33.23 -4.31 1.11
N LEU C 959 -32.88 -3.05 0.90
CA LEU C 959 -32.94 -2.51 -0.44
C LEU C 959 -31.82 -3.06 -1.29
N ASN C 960 -30.65 -3.28 -0.69
CA ASN C 960 -29.54 -3.80 -1.45
C ASN C 960 -29.84 -5.22 -1.86
N THR C 961 -30.56 -5.94 -1.00
CA THR C 961 -30.95 -7.30 -1.27
C THR C 961 -31.88 -7.32 -2.46
N LEU C 962 -32.85 -6.40 -2.50
CA LEU C 962 -33.73 -6.38 -3.64
C LEU C 962 -32.96 -6.18 -4.92
N VAL C 963 -31.92 -5.36 -4.88
CA VAL C 963 -31.17 -5.19 -6.09
C VAL C 963 -30.41 -6.48 -6.43
N LYS C 964 -29.77 -7.09 -5.45
CA LYS C 964 -29.01 -8.30 -5.78
C LYS C 964 -29.85 -9.43 -6.31
N GLN C 965 -31.08 -9.55 -5.82
CA GLN C 965 -32.00 -10.60 -6.19
C GLN C 965 -32.45 -10.53 -7.63
N LEU C 966 -32.20 -9.41 -8.28
CA LEU C 966 -32.61 -9.23 -9.65
C LEU C 966 -31.87 -10.21 -10.55
N SER C 967 -30.69 -10.66 -10.10
CA SER C 967 -29.87 -11.55 -10.88
C SER C 967 -30.40 -12.97 -11.00
N SER C 968 -31.32 -13.37 -10.14
CA SER C 968 -31.81 -14.74 -10.14
C SER C 968 -32.63 -15.12 -11.37
N ASN C 969 -32.41 -16.33 -11.86
CA ASN C 969 -33.13 -16.84 -13.01
C ASN C 969 -34.51 -17.37 -12.70
N PHE C 970 -34.72 -17.95 -11.55
CA PHE C 970 -36.04 -18.50 -11.23
C PHE C 970 -36.61 -19.50 -12.22
N GLY C 971 -35.77 -20.31 -12.86
CA GLY C 971 -36.26 -21.29 -13.82
C GLY C 971 -36.15 -20.78 -15.25
N ALA C 972 -35.83 -19.51 -15.39
CA ALA C 972 -35.64 -18.90 -16.67
C ALA C 972 -34.28 -19.26 -17.20
N ILE C 973 -34.12 -19.10 -18.49
CA ILE C 973 -32.87 -19.27 -19.18
C ILE C 973 -31.87 -18.22 -18.71
N SER C 974 -32.36 -17.01 -18.55
CA SER C 974 -31.59 -15.86 -18.11
C SER C 974 -32.43 -14.90 -17.33
N SER C 975 -31.80 -14.22 -16.38
CA SER C 975 -32.43 -13.22 -15.54
C SER C 975 -32.57 -11.87 -16.21
N VAL C 976 -31.98 -11.76 -17.38
CA VAL C 976 -32.02 -10.53 -18.13
C VAL C 976 -33.12 -10.55 -19.19
N LEU C 977 -34.04 -9.59 -19.09
CA LEU C 977 -35.14 -9.54 -20.02
C LEU C 977 -34.68 -9.33 -21.42
N ASN C 978 -33.61 -8.59 -21.59
CA ASN C 978 -33.14 -8.35 -22.93
C ASN C 978 -32.58 -9.61 -23.57
N ASP C 979 -32.08 -10.58 -22.81
CA ASP C 979 -31.54 -11.77 -23.45
C ASP C 979 -32.70 -12.59 -23.94
N ILE C 980 -33.76 -12.58 -23.14
CA ILE C 980 -34.94 -13.32 -23.45
C ILE C 980 -35.60 -12.76 -24.68
N LEU C 981 -35.75 -11.45 -24.70
CA LEU C 981 -36.39 -10.78 -25.79
C LEU C 981 -35.58 -10.85 -27.06
N SER C 982 -34.27 -10.82 -26.95
CA SER C 982 -33.47 -10.93 -28.15
C SER C 982 -33.54 -12.30 -28.79
N ARG C 983 -33.44 -13.37 -28.00
CA ARG C 983 -33.42 -14.69 -28.57
C ARG C 983 -34.77 -15.36 -28.83
N LEU C 984 -35.81 -14.97 -28.12
CA LEU C 984 -37.09 -15.63 -28.29
C LEU C 984 -38.18 -14.82 -28.95
N ASP C 985 -39.07 -15.52 -29.63
CA ASP C 985 -40.22 -14.89 -30.23
C ASP C 985 -41.21 -14.66 -29.10
N PRO C 986 -42.32 -13.94 -29.29
CA PRO C 986 -43.29 -13.68 -28.27
C PRO C 986 -43.76 -14.91 -27.47
N PRO C 987 -44.36 -15.97 -28.05
CA PRO C 987 -44.91 -17.04 -27.24
C PRO C 987 -43.85 -17.77 -26.41
N GLU C 988 -42.60 -17.78 -26.84
CA GLU C 988 -41.60 -18.43 -25.99
C GLU C 988 -41.10 -17.45 -24.95
N ALA C 989 -40.95 -16.18 -25.34
CA ALA C 989 -40.45 -15.16 -24.45
C ALA C 989 -41.39 -15.03 -23.29
N GLU C 990 -42.67 -15.20 -23.55
CA GLU C 990 -43.66 -15.08 -22.51
C GLU C 990 -43.45 -16.07 -21.40
N VAL C 991 -42.97 -17.26 -21.69
CA VAL C 991 -42.80 -18.21 -20.62
C VAL C 991 -41.68 -17.76 -19.74
N GLN C 992 -40.61 -17.35 -20.38
CA GLN C 992 -39.44 -16.93 -19.65
C GLN C 992 -39.73 -15.67 -18.84
N ILE C 993 -40.54 -14.80 -19.39
CA ILE C 993 -40.89 -13.57 -18.74
C ILE C 993 -41.76 -13.89 -17.55
N ASP C 994 -42.75 -14.77 -17.69
CA ASP C 994 -43.58 -15.08 -16.54
C ASP C 994 -42.75 -15.67 -15.41
N ARG C 995 -41.73 -16.46 -15.73
CA ARG C 995 -40.94 -17.00 -14.65
C ARG C 995 -40.21 -15.88 -13.93
N LEU C 996 -39.70 -14.90 -14.67
CA LEU C 996 -39.02 -13.83 -13.98
C LEU C 996 -39.98 -12.91 -13.28
N ILE C 997 -41.17 -12.71 -13.81
CA ILE C 997 -42.08 -11.83 -13.13
C ILE C 997 -42.45 -12.46 -11.81
N THR C 998 -42.74 -13.75 -11.80
CA THR C 998 -43.12 -14.34 -10.53
C THR C 998 -42.01 -14.20 -9.54
N GLY C 999 -40.78 -14.45 -9.94
CA GLY C 999 -39.67 -14.35 -9.03
C GLY C 999 -39.48 -12.94 -8.49
N ARG C 1000 -39.62 -11.94 -9.35
CA ARG C 1000 -39.43 -10.58 -8.91
C ARG C 1000 -40.53 -10.21 -7.94
N LEU C 1001 -41.73 -10.70 -8.19
CA LEU C 1001 -42.83 -10.43 -7.31
C LEU C 1001 -42.61 -11.06 -5.97
N GLN C 1002 -42.04 -12.25 -5.94
CA GLN C 1002 -41.78 -12.86 -4.66
C GLN C 1002 -40.79 -12.03 -3.88
N SER C 1003 -39.79 -11.48 -4.57
CA SER C 1003 -38.82 -10.66 -3.87
C SER C 1003 -39.48 -9.43 -3.27
N LEU C 1004 -40.36 -8.80 -4.02
CA LEU C 1004 -41.01 -7.62 -3.49
C LEU C 1004 -41.98 -7.94 -2.39
N GLN C 1005 -42.70 -9.05 -2.50
CA GLN C 1005 -43.66 -9.38 -1.48
C GLN C 1005 -42.93 -9.66 -0.19
N THR C 1006 -41.77 -10.31 -0.31
CA THR C 1006 -40.99 -10.63 0.85
C THR C 1006 -40.50 -9.37 1.50
N TYR C 1007 -40.01 -8.44 0.68
CA TYR C 1007 -39.53 -7.18 1.18
C TYR C 1007 -40.58 -6.44 1.95
N VAL C 1008 -41.76 -6.33 1.38
CA VAL C 1008 -42.80 -5.59 2.05
C VAL C 1008 -43.15 -6.24 3.35
N THR C 1009 -43.25 -7.57 3.36
CA THR C 1009 -43.60 -8.24 4.58
C THR C 1009 -42.58 -7.96 5.66
N GLN C 1010 -41.29 -7.99 5.31
CA GLN C 1010 -40.29 -7.73 6.31
C GLN C 1010 -40.35 -6.31 6.79
N GLN C 1011 -40.66 -5.37 5.90
CA GLN C 1011 -40.73 -4.00 6.32
C GLN C 1011 -41.91 -3.83 7.28
N LEU C 1012 -43.02 -4.53 7.05
CA LEU C 1012 -44.18 -4.43 7.93
C LEU C 1012 -43.89 -4.99 9.30
N ILE C 1013 -43.14 -6.08 9.36
CA ILE C 1013 -42.81 -6.66 10.64
C ILE C 1013 -41.91 -5.70 11.39
N ARG C 1014 -40.92 -5.15 10.70
CA ARG C 1014 -40.02 -4.21 11.32
C ARG C 1014 -40.76 -2.96 11.75
N ALA C 1015 -41.74 -2.55 10.96
CA ALA C 1015 -42.51 -1.38 11.30
C ALA C 1015 -43.26 -1.59 12.58
N ALA C 1016 -43.78 -2.79 12.80
CA ALA C 1016 -44.46 -3.02 14.05
C ALA C 1016 -43.51 -2.87 15.22
N GLU C 1017 -42.28 -3.33 15.04
CA GLU C 1017 -41.32 -3.24 16.12
C GLU C 1017 -40.88 -1.81 16.38
N ILE C 1018 -40.74 -1.01 15.32
CA ILE C 1018 -40.31 0.36 15.56
C ILE C 1018 -41.44 1.11 16.21
N ARG C 1019 -42.70 0.79 15.85
CA ARG C 1019 -43.81 1.46 16.49
C ARG C 1019 -43.83 1.15 17.96
N ALA C 1020 -43.56 -0.09 18.35
CA ALA C 1020 -43.56 -0.40 19.75
C ALA C 1020 -42.50 0.40 20.50
N SER C 1021 -41.32 0.55 19.88
CA SER C 1021 -40.26 1.32 20.51
C SER C 1021 -40.68 2.76 20.64
N ALA C 1022 -41.26 3.30 19.58
CA ALA C 1022 -41.70 4.68 19.55
C ALA C 1022 -42.77 4.93 20.59
N ASN C 1023 -43.66 3.96 20.79
CA ASN C 1023 -44.72 4.15 21.74
C ASN C 1023 -44.14 4.23 23.12
N LEU C 1024 -43.13 3.42 23.38
CA LEU C 1024 -42.51 3.49 24.68
C LEU C 1024 -41.76 4.79 24.81
N ALA C 1025 -41.09 5.22 23.74
CA ALA C 1025 -40.34 6.46 23.77
C ALA C 1025 -41.24 7.63 24.04
N ALA C 1026 -42.42 7.62 23.45
CA ALA C 1026 -43.37 8.69 23.65
C ALA C 1026 -43.87 8.63 25.07
N THR C 1027 -44.06 7.43 25.59
CA THR C 1027 -44.53 7.27 26.94
C THR C 1027 -43.52 7.81 27.90
N LYS C 1028 -42.25 7.47 27.70
CA LYS C 1028 -41.17 7.94 28.55
C LYS C 1028 -40.97 9.42 28.42
N MET C 1029 -41.16 9.99 27.24
CA MET C 1029 -41.03 11.42 27.19
C MET C 1029 -42.05 11.98 28.17
N SER C 1030 -43.27 11.47 28.12
CA SER C 1030 -44.25 12.01 29.04
C SER C 1030 -44.00 11.68 30.50
N GLU C 1031 -43.60 10.45 30.80
CA GLU C 1031 -43.45 10.05 32.20
C GLU C 1031 -42.12 10.40 32.88
N CYS C 1032 -41.01 10.59 32.10
CA CYS C 1032 -39.67 10.88 32.59
C CYS C 1032 -39.36 12.37 32.47
N VAL C 1033 -39.85 13.03 31.40
CA VAL C 1033 -39.50 14.44 31.12
C VAL C 1033 -40.63 15.38 31.57
N LEU C 1034 -41.85 15.07 31.18
CA LEU C 1034 -42.99 15.95 31.46
C LEU C 1034 -43.60 15.73 32.85
N GLY C 1035 -43.09 14.74 33.55
CA GLY C 1035 -43.55 14.37 34.88
C GLY C 1035 -42.51 13.50 35.54
N GLN C 1036 -42.83 12.97 36.73
CA GLN C 1036 -41.88 12.12 37.45
C GLN C 1036 -42.36 10.70 37.58
N SER C 1037 -41.68 9.81 36.90
CA SER C 1037 -42.02 8.41 36.94
C SER C 1037 -41.71 7.90 38.30
N LYS C 1038 -42.57 7.04 38.83
CA LYS C 1038 -42.34 6.41 40.11
C LYS C 1038 -42.02 4.94 39.95
N ARG C 1039 -41.83 4.51 38.70
CA ARG C 1039 -41.56 3.10 38.42
C ARG C 1039 -40.08 2.79 38.57
N VAL C 1040 -39.78 1.65 39.19
CA VAL C 1040 -38.40 1.32 39.54
C VAL C 1040 -37.51 1.06 38.37
N ASP C 1041 -38.07 0.55 37.28
CA ASP C 1041 -37.23 0.26 36.15
C ASP C 1041 -37.47 1.19 34.98
N PHE C 1042 -37.98 2.37 35.26
CA PHE C 1042 -38.18 3.35 34.21
C PHE C 1042 -37.23 4.48 34.44
N CYS C 1043 -36.84 5.15 33.34
CA CYS C 1043 -36.01 6.36 33.33
C CYS C 1043 -34.61 6.09 33.95
N GLY C 1044 -33.97 5.00 33.56
CA GLY C 1044 -32.66 4.70 34.12
C GLY C 1044 -32.77 3.85 35.38
N LYS C 1045 -31.74 3.94 36.25
CA LYS C 1045 -31.66 3.14 37.46
C LYS C 1045 -31.45 4.10 38.62
N GLY C 1046 -32.09 3.81 39.74
CA GLY C 1046 -32.02 4.67 40.93
C GLY C 1046 -33.36 5.33 41.02
N TYR C 1047 -33.55 6.24 41.94
CA TYR C 1047 -34.89 6.80 42.03
C TYR C 1047 -34.98 7.95 41.05
N HIS C 1048 -35.98 7.92 40.18
CA HIS C 1048 -36.03 8.99 39.19
C HIS C 1048 -36.27 10.35 39.76
N LEU C 1049 -35.43 11.31 39.37
CA LEU C 1049 -35.56 12.65 39.86
C LEU C 1049 -36.06 13.56 38.72
N MET C 1050 -35.37 13.53 37.57
CA MET C 1050 -35.71 14.38 36.40
C MET C 1050 -35.02 13.88 35.13
N SER C 1051 -35.42 14.36 33.97
CA SER C 1051 -34.72 13.99 32.75
C SER C 1051 -34.81 15.04 31.68
N PHE C 1052 -33.90 14.90 30.72
CA PHE C 1052 -33.84 15.81 29.61
C PHE C 1052 -33.69 15.00 28.31
N PRO C 1053 -34.56 15.15 27.32
CA PRO C 1053 -34.47 14.47 26.05
C PRO C 1053 -33.43 15.14 25.21
N GLN C 1054 -32.85 14.40 24.30
CA GLN C 1054 -31.99 14.88 23.22
C GLN C 1054 -32.41 14.13 21.95
N SER C 1055 -32.42 14.79 20.81
CA SER C 1055 -32.75 14.06 19.58
C SER C 1055 -31.55 13.35 18.98
N ALA C 1056 -31.83 12.39 18.10
CA ALA C 1056 -30.81 11.68 17.36
C ALA C 1056 -31.43 11.25 16.03
N PRO C 1057 -30.67 10.95 14.98
CA PRO C 1057 -31.25 10.47 13.77
C PRO C 1057 -32.06 9.25 14.09
N HIS C 1058 -33.27 9.21 13.57
CA HIS C 1058 -34.18 8.10 13.75
C HIS C 1058 -34.54 7.73 15.18
N GLY C 1059 -34.41 8.66 16.14
CA GLY C 1059 -34.78 8.31 17.51
C GLY C 1059 -34.55 9.37 18.56
N VAL C 1060 -34.78 8.97 19.80
CA VAL C 1060 -34.62 9.85 20.94
C VAL C 1060 -33.67 9.25 21.95
N VAL C 1061 -32.83 10.08 22.50
CA VAL C 1061 -31.88 9.68 23.52
C VAL C 1061 -32.20 10.45 24.78
N PHE C 1062 -32.35 9.76 25.87
CA PHE C 1062 -32.68 10.46 27.09
C PHE C 1062 -31.57 10.48 28.10
N LEU C 1063 -31.46 11.61 28.78
CA LEU C 1063 -30.54 11.79 29.89
C LEU C 1063 -31.38 11.69 31.15
N HIS C 1064 -31.17 10.64 31.91
CA HIS C 1064 -32.00 10.38 33.10
C HIS C 1064 -31.25 10.61 34.39
N VAL C 1065 -31.76 11.54 35.17
CA VAL C 1065 -31.11 11.93 36.39
C VAL C 1065 -31.76 11.20 37.53
N THR C 1066 -30.98 10.41 38.24
CA THR C 1066 -31.54 9.62 39.32
C THR C 1066 -30.78 9.78 40.62
N TYR C 1067 -31.44 9.41 41.70
CA TYR C 1067 -30.86 9.44 43.02
C TYR C 1067 -30.39 8.06 43.41
N VAL C 1068 -29.11 7.94 43.68
CA VAL C 1068 -28.57 6.68 44.07
C VAL C 1068 -28.03 6.75 45.50
N PRO C 1069 -28.58 6.00 46.44
CA PRO C 1069 -28.17 5.97 47.82
C PRO C 1069 -26.72 5.56 47.91
N ALA C 1070 -26.00 6.04 48.91
CA ALA C 1070 -24.60 5.68 49.08
C ALA C 1070 -24.17 5.56 50.55
N GLN C 1071 -23.10 4.79 50.75
CA GLN C 1071 -22.47 4.68 52.06
C GLN C 1071 -23.41 4.22 53.17
N GLU C 1072 -24.12 3.13 52.98
CA GLU C 1072 -24.99 2.66 54.03
C GLU C 1072 -24.24 2.09 55.21
N LYS C 1073 -24.86 2.19 56.39
CA LYS C 1073 -24.33 1.63 57.63
C LYS C 1073 -25.48 0.91 58.32
N ASN C 1074 -25.24 -0.18 59.11
CA ASN C 1074 -26.31 -0.90 59.82
C ASN C 1074 -26.42 -0.51 61.30
N PHE C 1075 -27.66 -0.24 61.71
CA PHE C 1075 -28.11 0.18 63.02
C PHE C 1075 -29.21 -0.75 63.50
N THR C 1076 -29.35 -0.89 64.80
CA THR C 1076 -30.35 -1.79 65.39
C THR C 1076 -31.72 -1.23 65.18
N THR C 1077 -32.68 -2.04 64.82
CA THR C 1077 -34.00 -1.47 64.67
C THR C 1077 -35.12 -2.20 65.36
N ALA C 1078 -36.25 -1.51 65.47
CA ALA C 1078 -37.45 -2.06 66.07
C ALA C 1078 -38.67 -1.42 65.43
N PRO C 1079 -39.79 -2.14 65.34
CA PRO C 1079 -41.07 -1.65 64.87
C PRO C 1079 -41.73 -0.67 65.79
N ALA C 1080 -41.31 -0.67 67.04
CA ALA C 1080 -41.95 0.18 67.99
C ALA C 1080 -41.09 0.44 69.18
N ILE C 1081 -41.47 1.48 69.86
CA ILE C 1081 -40.90 1.88 71.13
C ILE C 1081 -41.95 1.86 72.22
N CYS C 1082 -41.61 1.27 73.37
CA CYS C 1082 -42.43 1.15 74.55
C CYS C 1082 -42.13 2.33 75.47
N HIS C 1083 -43.17 3.12 75.72
CA HIS C 1083 -42.96 4.33 76.52
C HIS C 1083 -43.50 4.17 77.93
N ASP C 1084 -44.81 4.26 78.05
CA ASP C 1084 -45.51 4.11 79.30
C ASP C 1084 -46.39 2.88 79.29
N GLY C 1085 -46.06 1.96 78.39
CA GLY C 1085 -46.81 0.73 78.18
C GLY C 1085 -47.51 0.80 76.83
N LYS C 1086 -47.63 2.02 76.29
CA LYS C 1086 -48.21 2.20 74.96
C LYS C 1086 -47.12 1.97 73.95
N ALA C 1087 -47.50 1.53 72.77
CA ALA C 1087 -46.52 1.34 71.72
C ALA C 1087 -46.55 2.50 70.75
N HIS C 1088 -45.36 3.01 70.48
CA HIS C 1088 -45.14 4.07 69.53
C HIS C 1088 -44.57 3.46 68.28
N PHE C 1089 -44.95 3.97 67.13
CA PHE C 1089 -44.44 3.47 65.87
C PHE C 1089 -43.88 4.68 65.15
N PRO C 1090 -42.86 4.58 64.31
CA PRO C 1090 -42.33 5.73 63.63
C PRO C 1090 -43.38 6.30 62.73
N ARG C 1091 -43.52 7.63 62.73
CA ARG C 1091 -44.45 8.30 61.85
C ARG C 1091 -44.00 8.17 60.41
N GLU C 1092 -42.70 8.25 60.24
CA GLU C 1092 -42.04 8.14 58.97
C GLU C 1092 -40.71 7.47 59.23
N GLY C 1093 -40.15 6.81 58.24
CA GLY C 1093 -38.83 6.26 58.46
C GLY C 1093 -38.85 5.07 59.40
N VAL C 1094 -37.75 4.93 60.13
CA VAL C 1094 -37.51 3.81 61.03
C VAL C 1094 -37.02 4.20 62.43
N PHE C 1095 -37.46 3.46 63.46
CA PHE C 1095 -36.90 3.62 64.79
C PHE C 1095 -35.69 2.75 64.82
N VAL C 1096 -34.58 3.40 64.94
CA VAL C 1096 -33.31 2.76 64.84
C VAL C 1096 -32.33 3.23 65.92
N SER C 1097 -31.33 2.43 66.27
CA SER C 1097 -30.38 2.87 67.25
C SER C 1097 -28.93 2.46 66.99
N ASN C 1098 -28.04 3.27 67.60
CA ASN C 1098 -26.61 3.05 67.70
C ASN C 1098 -26.37 2.40 69.08
N GLY C 1099 -25.10 2.22 69.50
CA GLY C 1099 -24.77 1.56 70.78
C GLY C 1099 -25.34 2.20 72.07
N THR C 1100 -25.77 3.47 72.02
CA THR C 1100 -26.32 4.12 73.22
C THR C 1100 -27.73 4.74 73.09
N HIS C 1101 -28.14 5.15 71.88
CA HIS C 1101 -29.43 5.84 71.73
C HIS C 1101 -30.30 5.46 70.54
N TRP C 1102 -31.61 5.60 70.75
CA TRP C 1102 -32.63 5.45 69.71
C TRP C 1102 -32.89 6.80 69.10
N PHE C 1103 -33.12 6.80 67.81
CA PHE C 1103 -33.42 7.94 67.00
C PHE C 1103 -34.30 7.53 65.84
N VAL C 1104 -34.93 8.50 65.20
CA VAL C 1104 -35.73 8.14 64.05
C VAL C 1104 -35.21 8.81 62.81
N THR C 1105 -35.13 8.05 61.74
CA THR C 1105 -34.66 8.58 60.48
C THR C 1105 -35.38 8.05 59.28
N GLN C 1106 -35.36 8.85 58.22
CA GLN C 1106 -35.89 8.44 56.96
C GLN C 1106 -34.97 7.33 56.49
N ARG C 1107 -35.49 6.45 55.65
CA ARG C 1107 -34.77 5.27 55.15
C ARG C 1107 -33.85 5.46 53.96
N ASN C 1108 -33.82 6.65 53.37
CA ASN C 1108 -33.02 6.85 52.18
C ASN C 1108 -31.83 7.81 52.32
N PHE C 1109 -31.59 8.29 53.54
CA PHE C 1109 -30.48 9.17 53.88
C PHE C 1109 -30.49 9.47 55.37
N TYR C 1110 -29.48 8.98 56.07
CA TYR C 1110 -29.41 9.08 57.50
C TYR C 1110 -29.37 10.50 58.05
N GLU C 1111 -30.45 10.85 58.76
CA GLU C 1111 -30.65 12.13 59.40
C GLU C 1111 -31.36 11.90 60.73
N PRO C 1112 -30.67 11.40 61.76
CA PRO C 1112 -31.26 10.94 62.99
C PRO C 1112 -31.95 12.06 63.74
N GLN C 1113 -33.17 11.80 64.18
CA GLN C 1113 -33.95 12.76 64.93
C GLN C 1113 -34.32 12.26 66.31
N ILE C 1114 -34.58 13.20 67.21
CA ILE C 1114 -35.13 12.84 68.50
C ILE C 1114 -36.52 12.23 68.33
N ILE C 1115 -36.77 11.15 69.05
CA ILE C 1115 -38.07 10.54 69.01
C ILE C 1115 -38.92 11.19 70.06
N THR C 1116 -39.99 11.80 69.60
CA THR C 1116 -40.91 12.53 70.41
C THR C 1116 -42.26 11.95 70.12
N THR C 1117 -43.24 12.33 70.88
CA THR C 1117 -44.61 11.85 70.74
C THR C 1117 -45.27 12.39 69.47
N ASP C 1118 -44.64 13.36 68.83
CA ASP C 1118 -45.13 13.98 67.61
C ASP C 1118 -44.62 13.25 66.38
N ASN C 1119 -43.54 12.48 66.54
CA ASN C 1119 -42.87 11.83 65.42
C ASN C 1119 -43.28 10.40 65.34
N THR C 1120 -44.32 10.05 66.10
CA THR C 1120 -44.82 8.70 66.19
C THR C 1120 -46.32 8.56 66.04
N PHE C 1121 -46.72 7.31 65.82
CA PHE C 1121 -48.12 6.95 65.81
C PHE C 1121 -48.30 6.18 67.09
N VAL C 1122 -49.43 6.28 67.76
CA VAL C 1122 -49.55 5.48 68.97
C VAL C 1122 -50.78 4.60 68.96
N SER C 1123 -50.57 3.33 69.24
CA SER C 1123 -51.67 2.37 69.28
C SER C 1123 -51.27 1.10 69.99
N GLY C 1124 -52.25 0.27 70.31
CA GLY C 1124 -51.99 -1.04 70.87
C GLY C 1124 -51.22 -0.92 72.16
N ASN C 1125 -50.32 -1.87 72.40
CA ASN C 1125 -49.51 -1.84 73.60
C ASN C 1125 -48.22 -2.66 73.41
N CYS C 1126 -47.35 -2.60 74.43
CA CYS C 1126 -46.04 -3.24 74.47
C CYS C 1126 -46.11 -4.76 74.60
N ASP C 1127 -47.27 -5.29 74.95
CA ASP C 1127 -47.37 -6.74 75.11
C ASP C 1127 -47.82 -7.39 73.82
N VAL C 1128 -48.06 -6.57 72.80
CA VAL C 1128 -48.49 -7.06 71.52
C VAL C 1128 -47.41 -6.95 70.47
N VAL C 1129 -46.71 -5.83 70.42
CA VAL C 1129 -45.78 -5.68 69.32
C VAL C 1129 -44.52 -6.54 69.46
N ILE C 1130 -44.29 -7.33 68.44
CA ILE C 1130 -43.15 -8.21 68.41
C ILE C 1130 -41.94 -7.39 68.02
N GLY C 1131 -40.90 -7.45 68.82
CA GLY C 1131 -39.69 -6.69 68.52
C GLY C 1131 -39.65 -5.31 69.17
N ILE C 1132 -40.66 -4.96 69.96
CA ILE C 1132 -40.70 -3.64 70.62
C ILE C 1132 -39.57 -3.48 71.64
N VAL C 1133 -39.00 -2.26 71.70
CA VAL C 1133 -37.90 -1.98 72.63
C VAL C 1133 -38.29 -0.86 73.62
N ASN C 1134 -37.57 -0.77 74.77
CA ASN C 1134 -37.78 0.24 75.83
C ASN C 1134 -36.94 1.50 75.57
N ASN C 1135 -37.61 2.65 75.33
CA ASN C 1135 -36.97 3.95 75.04
C ASN C 1135 -37.94 5.09 75.36
N THR C 1136 -37.54 5.99 76.25
CA THR C 1136 -38.44 7.07 76.61
C THR C 1136 -38.69 7.97 75.41
N VAL C 1137 -39.96 8.28 75.16
CA VAL C 1137 -40.37 9.15 74.07
C VAL C 1137 -40.55 10.57 74.61
N TYR C 1138 -39.90 11.53 73.98
CA TYR C 1138 -39.92 12.91 74.42
C TYR C 1138 -41.22 13.72 74.20
N ASP C 1139 -41.60 14.50 75.21
CA ASP C 1139 -42.76 15.39 75.12
C ASP C 1139 -42.48 16.70 75.87
N PRO C 1140 -42.28 17.83 75.17
CA PRO C 1140 -41.90 19.13 75.71
C PRO C 1140 -43.04 19.95 76.32
N LEU C 1141 -44.28 19.45 76.30
CA LEU C 1141 -45.38 20.32 76.69
C LEU C 1141 -45.29 20.91 78.08
N GLN C 1142 -44.97 20.13 79.12
CA GLN C 1142 -44.98 20.77 80.41
C GLN C 1142 -43.89 21.85 80.55
N PRO C 1143 -42.61 21.62 80.19
CA PRO C 1143 -41.58 22.64 80.19
C PRO C 1143 -42.01 23.88 79.43
N GLU C 1144 -42.74 23.72 78.32
CA GLU C 1144 -43.19 24.88 77.57
C GLU C 1144 -44.24 25.67 78.35
N LEU C 1145 -45.15 24.96 79.02
CA LEU C 1145 -46.19 25.62 79.83
C LEU C 1145 -45.65 26.33 81.10
N ASP C 1146 -44.62 25.73 81.76
CA ASP C 1146 -43.97 26.25 82.97
C ASP C 1146 -42.61 25.56 83.11
N GLN D 14 70.41 -21.06 -55.98
CA GLN D 14 71.46 -21.27 -54.99
C GLN D 14 70.95 -21.88 -53.66
N CYS D 15 69.64 -21.74 -53.36
CA CYS D 15 68.96 -22.19 -52.15
C CYS D 15 69.01 -23.71 -51.98
N VAL D 16 69.29 -24.13 -50.75
CA VAL D 16 69.39 -25.53 -50.41
C VAL D 16 68.35 -25.99 -49.37
N ASN D 17 67.54 -27.02 -49.72
CA ASN D 17 66.54 -27.65 -48.85
C ASN D 17 67.17 -28.90 -48.21
N LEU D 18 67.56 -28.80 -46.93
CA LEU D 18 68.29 -29.83 -46.16
C LEU D 18 67.48 -31.11 -45.91
N THR D 19 68.14 -32.26 -46.07
CA THR D 19 67.49 -33.57 -45.89
C THR D 19 68.12 -34.45 -44.81
N THR D 20 69.07 -33.93 -44.04
CA THR D 20 69.79 -34.73 -43.04
C THR D 20 69.17 -34.69 -41.66
N ARG D 21 68.10 -33.92 -41.50
CA ARG D 21 67.45 -33.74 -40.21
C ARG D 21 66.56 -34.88 -39.74
N THR D 22 66.76 -35.27 -38.48
CA THR D 22 65.92 -36.25 -37.80
C THR D 22 64.76 -35.50 -37.16
N GLN D 23 63.56 -36.03 -37.28
CA GLN D 23 62.41 -35.35 -36.71
C GLN D 23 62.12 -35.79 -35.27
N LEU D 24 62.39 -34.87 -34.35
CA LEU D 24 62.27 -35.10 -32.92
C LEU D 24 61.43 -33.96 -32.32
N PRO D 25 60.71 -34.16 -31.20
CA PRO D 25 59.92 -33.14 -30.49
C PRO D 25 60.79 -32.10 -29.76
N PRO D 26 60.27 -30.89 -29.50
CA PRO D 26 60.87 -29.81 -28.72
C PRO D 26 60.85 -30.15 -27.24
N ALA D 27 61.72 -29.52 -26.45
CA ALA D 27 61.66 -29.72 -25.01
C ALA D 27 61.33 -28.43 -24.33
N TYR D 28 60.81 -28.50 -23.13
CA TYR D 28 60.50 -27.28 -22.43
C TYR D 28 61.22 -27.24 -21.10
N THR D 29 61.62 -26.05 -20.70
CA THR D 29 62.33 -25.92 -19.45
C THR D 29 62.03 -24.67 -18.62
N ASN D 30 62.72 -24.61 -17.48
CA ASN D 30 62.70 -23.59 -16.45
C ASN D 30 63.66 -22.44 -16.75
N SER D 31 63.14 -21.24 -16.97
CA SER D 31 63.94 -20.06 -17.32
C SER D 31 64.62 -19.40 -16.12
N PHE D 32 64.28 -19.86 -14.95
CA PHE D 32 64.76 -19.37 -13.68
C PHE D 32 64.60 -17.88 -13.53
N THR D 33 65.72 -17.18 -13.35
CA THR D 33 65.71 -15.75 -13.11
C THR D 33 66.45 -15.01 -14.21
N ARG D 34 66.52 -15.60 -15.38
CA ARG D 34 67.18 -15.00 -16.53
C ARG D 34 66.26 -13.98 -17.19
N GLY D 35 66.78 -13.12 -18.07
CA GLY D 35 65.88 -12.17 -18.75
C GLY D 35 65.70 -10.77 -18.11
N VAL D 36 66.68 -10.34 -17.32
CA VAL D 36 66.70 -9.01 -16.70
C VAL D 36 67.58 -8.08 -17.54
N TYR D 37 67.10 -6.87 -17.81
CA TYR D 37 67.84 -5.94 -18.67
C TYR D 37 68.12 -4.70 -17.89
N TYR D 38 69.20 -3.99 -18.14
CA TYR D 38 69.32 -2.72 -17.42
C TYR D 38 68.22 -1.80 -17.98
N PRO D 39 67.26 -1.32 -17.17
CA PRO D 39 66.15 -0.50 -17.61
C PRO D 39 66.55 0.71 -18.42
N ASP D 40 67.65 1.34 -18.03
CA ASP D 40 68.10 2.51 -18.73
C ASP D 40 69.57 2.76 -18.43
N LYS D 41 70.12 3.79 -19.06
CA LYS D 41 71.51 4.17 -18.87
C LYS D 41 71.70 5.12 -17.69
N VAL D 42 71.35 4.64 -16.50
CA VAL D 42 71.42 5.42 -15.27
C VAL D 42 72.26 4.76 -14.20
N PHE D 43 73.19 5.50 -13.61
CA PHE D 43 73.98 4.88 -12.56
C PHE D 43 73.27 4.92 -11.23
N ARG D 44 73.18 3.77 -10.59
CA ARG D 44 72.55 3.66 -9.28
C ARG D 44 73.48 2.91 -8.37
N SER D 45 73.41 3.15 -7.06
CA SER D 45 74.27 2.41 -6.14
C SER D 45 73.63 2.02 -4.84
N SER D 46 73.64 0.72 -4.56
CA SER D 46 73.06 0.16 -3.35
C SER D 46 71.62 0.56 -3.05
N VAL D 47 70.78 0.49 -4.05
CA VAL D 47 69.37 0.79 -3.91
C VAL D 47 68.52 -0.31 -4.48
N LEU D 48 67.29 -0.34 -4.04
CA LEU D 48 66.33 -1.25 -4.62
C LEU D 48 65.37 -0.39 -5.41
N HIS D 49 65.37 -0.58 -6.72
CA HIS D 49 64.61 0.26 -7.61
C HIS D 49 63.44 -0.41 -8.29
N SER D 50 62.26 0.19 -8.20
CA SER D 50 61.12 -0.41 -8.87
C SER D 50 61.06 0.05 -10.31
N THR D 51 60.58 -0.84 -11.18
CA THR D 51 60.44 -0.48 -12.57
C THR D 51 59.42 -1.34 -13.32
N GLN D 52 58.87 -0.79 -14.39
CA GLN D 52 57.95 -1.53 -15.26
C GLN D 52 58.55 -1.64 -16.65
N ASP D 53 58.57 -2.86 -17.17
CA ASP D 53 59.15 -3.16 -18.49
C ASP D 53 58.63 -4.48 -19.02
N LEU D 54 59.08 -4.84 -20.19
CA LEU D 54 58.81 -6.14 -20.76
C LEU D 54 59.99 -7.01 -20.37
N PHE D 55 59.69 -7.99 -19.56
CA PHE D 55 60.69 -8.89 -18.96
C PHE D 55 60.39 -10.31 -19.25
N LEU D 56 61.40 -11.17 -19.19
CA LEU D 56 61.04 -12.56 -19.25
C LEU D 56 60.47 -12.81 -17.86
N PRO D 57 59.27 -13.37 -17.68
CA PRO D 57 58.72 -13.65 -16.37
C PRO D 57 59.63 -14.62 -15.67
N PHE D 58 59.71 -14.55 -14.36
CA PHE D 58 60.54 -15.53 -13.66
C PHE D 58 59.90 -16.88 -13.63
N PHE D 59 60.76 -17.89 -13.76
CA PHE D 59 60.41 -19.29 -13.77
C PHE D 59 59.40 -19.56 -14.85
N SER D 60 59.57 -18.87 -15.97
CA SER D 60 58.69 -19.04 -17.07
C SER D 60 59.04 -20.33 -17.79
N ASN D 61 58.08 -20.79 -18.60
CA ASN D 61 58.13 -21.95 -19.47
C ASN D 61 58.70 -21.52 -20.83
N VAL D 62 59.94 -21.96 -21.14
CA VAL D 62 60.66 -21.59 -22.37
C VAL D 62 60.99 -22.83 -23.17
N THR D 63 61.22 -22.67 -24.46
CA THR D 63 61.44 -23.83 -25.30
C THR D 63 62.88 -24.04 -25.69
N TRP D 64 63.33 -25.27 -25.55
CA TRP D 64 64.66 -25.71 -25.93
C TRP D 64 64.69 -26.29 -27.33
N PHE D 65 65.65 -25.80 -28.09
CA PHE D 65 65.93 -26.15 -29.46
C PHE D 65 67.39 -26.50 -29.56
N HIS D 66 67.81 -27.32 -30.54
CA HIS D 66 69.24 -27.60 -30.59
C HIS D 66 69.83 -28.05 -31.92
N ALA D 67 71.17 -28.03 -31.95
CA ALA D 67 71.99 -28.51 -33.04
C ALA D 67 72.86 -29.63 -32.50
N ILE D 68 72.72 -30.81 -33.09
CA ILE D 68 73.54 -31.92 -32.63
C ILE D 68 73.75 -32.98 -33.68
N HIS D 69 74.93 -33.55 -33.68
CA HIS D 69 75.14 -34.70 -34.54
C HIS D 69 75.23 -35.92 -33.66
N VAL D 70 74.21 -36.75 -33.73
CA VAL D 70 74.17 -37.94 -32.93
C VAL D 70 74.50 -39.08 -33.85
N SER D 71 75.66 -39.65 -33.64
CA SER D 71 76.18 -40.72 -34.47
C SER D 71 75.57 -42.07 -34.13
N GLY D 72 75.80 -43.03 -35.01
CA GLY D 72 75.32 -44.39 -34.84
C GLY D 72 74.52 -44.76 -36.06
N THR D 73 74.21 -46.04 -36.23
CA THR D 73 73.44 -46.42 -37.39
C THR D 73 72.06 -45.83 -37.19
N ASN D 74 71.61 -45.89 -35.95
CA ASN D 74 70.36 -45.28 -35.57
C ASN D 74 70.71 -43.88 -35.13
N GLY D 75 71.14 -43.08 -36.09
CA GLY D 75 71.57 -41.72 -35.81
C GLY D 75 70.34 -40.86 -35.60
N THR D 76 70.50 -39.80 -34.83
CA THR D 76 69.39 -38.87 -34.56
C THR D 76 69.80 -37.41 -34.71
N LYS D 77 70.73 -37.15 -35.61
CA LYS D 77 71.22 -35.80 -35.82
C LYS D 77 70.07 -34.84 -36.11
N ARG D 78 70.08 -33.69 -35.44
CA ARG D 78 69.04 -32.68 -35.53
C ARG D 78 69.56 -31.26 -35.64
N PHE D 79 68.84 -30.45 -36.40
CA PHE D 79 69.24 -29.07 -36.56
C PHE D 79 68.01 -28.15 -36.60
N ASP D 80 67.71 -27.50 -35.48
CA ASP D 80 66.51 -26.69 -35.38
C ASP D 80 66.56 -25.24 -35.85
N ASN D 81 65.79 -24.94 -36.93
CA ASN D 81 65.66 -23.57 -37.43
C ASN D 81 64.18 -23.24 -37.68
N PRO D 82 63.29 -23.31 -36.68
CA PRO D 82 61.89 -23.01 -36.82
C PRO D 82 61.65 -21.53 -36.93
N VAL D 83 60.54 -21.14 -37.53
CA VAL D 83 60.16 -19.75 -37.49
C VAL D 83 59.27 -19.60 -36.28
N LEU D 84 59.63 -18.69 -35.41
CA LEU D 84 58.92 -18.51 -34.19
C LEU D 84 58.25 -17.14 -34.15
N PRO D 85 57.16 -16.96 -33.41
CA PRO D 85 56.53 -15.68 -33.17
C PRO D 85 57.50 -14.76 -32.47
N PHE D 86 57.36 -13.46 -32.70
CA PHE D 86 58.15 -12.46 -32.01
C PHE D 86 57.40 -11.96 -30.78
N ASN D 87 56.08 -11.94 -30.90
CA ASN D 87 55.18 -11.45 -29.88
C ASN D 87 55.52 -10.06 -29.39
N ASP D 88 55.79 -9.91 -28.09
CA ASP D 88 56.07 -8.61 -27.49
C ASP D 88 57.55 -8.40 -27.29
N GLY D 89 58.33 -9.26 -27.90
CA GLY D 89 59.77 -9.19 -27.74
C GLY D 89 60.23 -10.58 -27.42
N VAL D 90 61.47 -10.83 -27.78
CA VAL D 90 62.02 -12.16 -27.64
C VAL D 90 63.19 -12.31 -26.74
N TYR D 91 63.03 -13.26 -25.84
CA TYR D 91 64.12 -13.61 -24.99
C TYR D 91 64.86 -14.69 -25.70
N PHE D 92 66.13 -14.50 -25.94
CA PHE D 92 66.88 -15.50 -26.63
C PHE D 92 68.12 -15.82 -25.87
N ALA D 93 68.44 -17.07 -25.78
CA ALA D 93 69.68 -17.38 -25.15
C ALA D 93 70.29 -18.58 -25.77
N SER D 94 71.59 -18.62 -25.78
CA SER D 94 72.22 -19.80 -26.31
C SER D 94 73.48 -20.22 -25.59
N THR D 95 73.72 -21.50 -25.67
CA THR D 95 74.90 -22.13 -25.14
C THR D 95 75.57 -22.88 -26.25
N GLU D 96 76.86 -22.69 -26.41
CA GLU D 96 77.53 -23.40 -27.47
C GLU D 96 78.98 -23.67 -27.19
N LYS D 97 79.54 -24.66 -27.90
CA LYS D 97 80.98 -24.87 -27.79
C LYS D 97 81.74 -24.39 -29.03
N SER D 98 81.05 -24.28 -30.18
CA SER D 98 81.74 -24.00 -31.45
C SER D 98 81.23 -22.82 -32.28
N ASN D 99 80.74 -21.74 -31.70
CA ASN D 99 80.32 -20.60 -32.54
C ASN D 99 79.37 -20.97 -33.69
N ILE D 100 78.31 -21.67 -33.36
CA ILE D 100 77.31 -22.16 -34.30
C ILE D 100 76.17 -21.20 -34.49
N ILE D 101 75.76 -20.56 -33.42
CA ILE D 101 74.61 -19.67 -33.50
C ILE D 101 75.12 -18.31 -33.93
N ARG D 102 74.76 -17.90 -35.16
CA ARG D 102 75.36 -16.70 -35.74
C ARG D 102 74.44 -15.58 -36.20
N GLY D 103 73.16 -15.63 -35.90
CA GLY D 103 72.35 -14.52 -36.40
C GLY D 103 70.87 -14.79 -36.32
N TRP D 104 70.11 -13.75 -36.61
CA TRP D 104 68.68 -13.83 -36.57
C TRP D 104 68.04 -13.05 -37.70
N ILE D 105 66.88 -13.49 -38.13
CA ILE D 105 66.10 -12.73 -39.09
C ILE D 105 64.75 -12.33 -38.55
N PHE D 106 64.50 -11.03 -38.51
CA PHE D 106 63.25 -10.52 -37.97
C PHE D 106 62.37 -9.83 -39.01
N GLY D 107 61.07 -10.11 -38.99
CA GLY D 107 60.15 -9.43 -39.90
C GLY D 107 58.73 -9.98 -39.84
N THR D 108 57.89 -9.59 -40.81
CA THR D 108 56.51 -10.08 -40.83
C THR D 108 56.27 -11.07 -41.94
N THR D 109 57.06 -10.97 -42.99
CA THR D 109 56.87 -11.84 -44.14
C THR D 109 58.05 -12.76 -44.28
N LEU D 110 59.22 -12.26 -43.91
CA LEU D 110 60.45 -13.01 -44.03
C LEU D 110 60.64 -13.48 -45.47
N ASP D 111 60.28 -12.62 -46.42
CA ASP D 111 60.40 -12.86 -47.86
C ASP D 111 60.55 -11.52 -48.57
N SER D 112 60.70 -11.53 -49.88
CA SER D 112 60.94 -10.36 -50.71
C SER D 112 59.78 -9.39 -50.82
N LYS D 113 58.61 -9.79 -50.38
CA LYS D 113 57.47 -8.89 -50.46
C LYS D 113 57.63 -7.67 -49.56
N THR D 114 58.29 -7.81 -48.40
CA THR D 114 58.41 -6.68 -47.48
C THR D 114 59.83 -6.57 -46.97
N GLN D 115 60.15 -5.46 -46.33
CA GLN D 115 61.48 -5.36 -45.75
C GLN D 115 61.54 -6.16 -44.48
N SER D 116 62.72 -6.66 -44.19
CA SER D 116 62.99 -7.38 -42.95
C SER D 116 64.41 -7.10 -42.50
N LEU D 117 64.66 -7.35 -41.22
CA LEU D 117 65.95 -7.11 -40.60
C LEU D 117 66.81 -8.34 -40.40
N LEU D 118 67.88 -8.39 -41.17
CA LEU D 118 68.76 -9.53 -41.14
C LEU D 118 70.06 -9.21 -40.43
N ILE D 119 70.30 -9.90 -39.31
CA ILE D 119 71.51 -9.67 -38.54
C ILE D 119 72.39 -10.89 -38.54
N VAL D 120 73.51 -10.83 -39.26
CA VAL D 120 74.37 -12.01 -39.34
C VAL D 120 75.83 -11.76 -39.03
N ASN D 121 76.35 -12.58 -38.15
CA ASN D 121 77.73 -12.55 -37.74
C ASN D 121 78.53 -13.55 -38.59
N ASN D 122 79.22 -13.09 -39.68
CA ASN D 122 79.97 -13.98 -40.56
C ASN D 122 81.41 -14.05 -40.03
N ALA D 123 82.29 -14.88 -40.64
CA ALA D 123 83.66 -15.08 -40.15
C ALA D 123 84.53 -13.84 -40.02
N THR D 124 84.31 -12.83 -40.86
CA THR D 124 85.14 -11.64 -40.77
C THR D 124 84.42 -10.34 -40.47
N ASN D 125 83.14 -10.25 -40.75
CA ASN D 125 82.39 -9.01 -40.56
C ASN D 125 80.97 -9.29 -40.09
N VAL D 126 80.44 -8.41 -39.24
CA VAL D 126 79.05 -8.54 -38.84
C VAL D 126 78.26 -7.60 -39.71
N VAL D 127 77.26 -8.12 -40.38
CA VAL D 127 76.50 -7.30 -41.30
C VAL D 127 75.04 -7.24 -40.95
N ILE D 128 74.53 -6.02 -40.88
CA ILE D 128 73.13 -5.80 -40.60
C ILE D 128 72.48 -5.05 -41.74
N LYS D 129 71.42 -5.63 -42.30
CA LYS D 129 70.72 -4.93 -43.36
C LYS D 129 69.22 -5.01 -43.22
N VAL D 130 68.55 -3.95 -43.62
CA VAL D 130 67.10 -3.96 -43.65
C VAL D 130 66.71 -3.92 -45.10
N CYS D 131 66.14 -5.01 -45.66
CA CYS D 131 65.94 -5.08 -47.11
C CYS D 131 64.83 -6.08 -47.44
N GLU D 132 64.47 -6.15 -48.73
CA GLU D 132 63.43 -7.07 -49.18
C GLU D 132 64.06 -8.30 -49.78
N PHE D 133 64.17 -9.37 -48.98
CA PHE D 133 64.98 -10.54 -49.35
C PHE D 133 64.29 -11.83 -49.77
N GLN D 134 64.89 -12.48 -50.77
CA GLN D 134 64.49 -13.80 -51.23
C GLN D 134 65.18 -14.92 -50.43
N PHE D 135 64.66 -15.13 -49.25
CA PHE D 135 65.18 -16.11 -48.29
C PHE D 135 64.68 -17.55 -48.52
N CYS D 136 65.53 -18.57 -48.16
CA CYS D 136 65.13 -19.99 -48.10
C CYS D 136 64.20 -20.20 -46.89
N ASN D 137 63.39 -21.25 -46.96
CA ASN D 137 62.52 -21.60 -45.84
C ASN D 137 63.33 -22.10 -44.65
N ASP D 138 64.47 -22.71 -44.93
CA ASP D 138 65.33 -23.26 -43.90
C ASP D 138 66.77 -22.86 -44.17
N PRO D 139 67.14 -21.59 -43.93
CA PRO D 139 68.43 -21.04 -44.20
C PRO D 139 69.44 -21.54 -43.20
N PHE D 140 70.68 -21.58 -43.61
CA PHE D 140 71.80 -21.95 -42.77
C PHE D 140 73.10 -21.36 -43.26
N LEU D 141 74.07 -21.33 -42.39
CA LEU D 141 75.43 -20.95 -42.72
C LEU D 141 76.27 -22.19 -42.59
N GLY D 142 77.54 -22.14 -42.93
CA GLY D 142 78.35 -23.30 -42.66
C GLY D 142 79.85 -23.13 -42.88
N VAL D 143 80.57 -24.08 -42.33
CA VAL D 143 82.02 -24.21 -42.28
C VAL D 143 82.46 -25.59 -42.69
N TYR D 144 83.60 -25.70 -43.33
CA TYR D 144 84.07 -27.01 -43.66
C TYR D 144 85.49 -27.23 -43.22
N TYR D 145 85.79 -28.49 -42.99
CA TYR D 145 87.11 -28.93 -42.59
C TYR D 145 87.96 -29.35 -43.75
N HIS D 146 89.18 -28.84 -43.77
CA HIS D 146 90.13 -29.19 -44.78
C HIS D 146 90.77 -30.53 -44.59
N LYS D 147 91.13 -31.19 -45.69
CA LYS D 147 91.82 -32.47 -45.62
C LYS D 147 93.33 -32.34 -45.65
N ASN D 148 93.82 -31.31 -46.32
CA ASN D 148 95.27 -31.13 -46.55
C ASN D 148 96.06 -30.32 -45.49
N ASN D 149 95.38 -29.88 -44.43
CA ASN D 149 95.84 -29.11 -43.28
C ASN D 149 94.79 -29.36 -42.19
N LYS D 150 94.85 -28.62 -41.06
CA LYS D 150 93.93 -28.78 -39.93
C LYS D 150 93.01 -27.60 -39.77
N SER D 151 92.94 -26.71 -40.78
CA SER D 151 92.09 -25.55 -40.64
C SER D 151 90.66 -25.77 -41.06
N TRP D 152 89.81 -24.88 -40.57
CA TRP D 152 88.39 -24.83 -40.89
C TRP D 152 88.13 -23.52 -41.59
N MET D 153 87.25 -23.52 -42.59
CA MET D 153 86.92 -22.30 -43.30
C MET D 153 85.43 -22.11 -43.52
N GLU D 154 84.99 -20.85 -43.55
CA GLU D 154 83.59 -20.60 -43.81
C GLU D 154 83.35 -20.86 -45.28
N SER D 155 82.22 -21.46 -45.60
CA SER D 155 81.90 -21.73 -46.99
C SER D 155 80.96 -20.72 -47.61
N GLU D 156 79.67 -20.95 -47.48
CA GLU D 156 78.67 -20.13 -48.13
C GLU D 156 77.40 -19.85 -47.35
N PHE D 157 76.76 -18.77 -47.77
CA PHE D 157 75.49 -18.28 -47.25
C PHE D 157 74.47 -18.16 -48.38
N ARG D 158 74.41 -19.17 -49.26
CA ARG D 158 73.53 -19.17 -50.44
C ARG D 158 72.06 -19.08 -50.14
N VAL D 159 71.74 -19.35 -48.91
CA VAL D 159 70.40 -19.34 -48.42
C VAL D 159 69.74 -17.96 -48.40
N TYR D 160 70.56 -16.92 -48.45
CA TYR D 160 70.04 -15.58 -48.50
C TYR D 160 70.31 -15.05 -49.89
N SER D 161 69.28 -14.98 -50.71
CA SER D 161 69.46 -14.61 -52.09
C SER D 161 69.22 -13.13 -52.30
N SER D 162 68.93 -12.77 -53.53
CA SER D 162 68.79 -11.39 -53.95
C SER D 162 67.78 -10.62 -53.14
N ALA D 163 68.11 -9.36 -52.91
CA ALA D 163 67.28 -8.48 -52.15
C ALA D 163 67.38 -7.08 -52.72
N ASN D 164 66.36 -6.28 -52.52
CA ASN D 164 66.46 -4.91 -53.01
C ASN D 164 65.75 -3.93 -52.06
N ASN D 165 65.80 -2.61 -52.39
CA ASN D 165 65.22 -1.52 -51.58
C ASN D 165 65.75 -1.56 -50.13
N CYS D 166 67.08 -1.78 -50.01
CA CYS D 166 67.83 -1.91 -48.77
C CYS D 166 68.11 -0.55 -48.14
N THR D 167 68.03 -0.53 -46.83
CA THR D 167 68.40 0.61 -46.03
C THR D 167 69.18 0.18 -44.82
N PHE D 168 69.67 1.18 -44.09
CA PHE D 168 70.39 0.94 -42.87
C PHE D 168 71.45 -0.12 -43.06
N GLU D 169 72.26 0.00 -44.09
CA GLU D 169 73.23 -1.04 -44.30
C GLU D 169 74.47 -0.78 -43.45
N TYR D 170 74.67 -1.63 -42.46
CA TYR D 170 75.77 -1.51 -41.53
C TYR D 170 76.74 -2.67 -41.57
N VAL D 171 78.02 -2.34 -41.65
CA VAL D 171 79.05 -3.37 -41.64
C VAL D 171 80.07 -3.07 -40.55
N SER D 172 80.32 -4.05 -39.68
CA SER D 172 81.29 -3.88 -38.61
C SER D 172 82.69 -4.04 -39.17
N GLN D 173 83.68 -3.71 -38.36
CA GLN D 173 85.05 -3.81 -38.83
C GLN D 173 85.54 -5.24 -38.85
N PRO D 174 86.50 -5.58 -39.73
CA PRO D 174 87.09 -6.90 -39.87
C PRO D 174 87.68 -7.47 -38.59
N PHE D 175 87.46 -8.77 -38.40
CA PHE D 175 87.93 -9.56 -37.28
C PHE D 175 88.11 -10.99 -37.77
N LEU D 176 88.75 -11.84 -36.98
CA LEU D 176 88.81 -13.23 -37.41
C LEU D 176 87.93 -14.05 -36.49
N MET D 177 87.26 -15.05 -37.05
CA MET D 177 86.41 -15.92 -36.25
C MET D 177 87.06 -17.28 -36.04
N ASP D 178 86.81 -17.83 -34.86
CA ASP D 178 87.24 -19.19 -34.55
C ASP D 178 86.23 -20.16 -35.11
N LEU D 179 86.58 -20.79 -36.23
CA LEU D 179 85.68 -21.67 -36.93
C LEU D 179 85.95 -23.14 -36.64
N GLU D 180 86.86 -23.41 -35.70
CA GLU D 180 87.23 -24.79 -35.40
C GLU D 180 86.17 -25.50 -34.58
N GLY D 181 85.84 -26.72 -34.98
CA GLY D 181 84.87 -27.48 -34.21
C GLY D 181 85.51 -27.93 -32.90
N LYS D 182 84.72 -27.99 -31.84
CA LYS D 182 85.22 -28.41 -30.53
C LYS D 182 84.40 -29.51 -29.87
N GLN D 183 85.04 -30.14 -28.89
CA GLN D 183 84.48 -31.15 -28.02
C GLN D 183 84.36 -30.61 -26.61
N GLY D 184 83.82 -31.39 -25.68
CA GLY D 184 83.70 -30.93 -24.30
C GLY D 184 82.35 -30.31 -24.02
N ASN D 185 82.28 -29.49 -22.98
CA ASN D 185 81.00 -28.93 -22.55
C ASN D 185 80.73 -27.69 -23.37
N PHE D 186 79.58 -27.06 -23.15
CA PHE D 186 79.36 -25.81 -23.83
C PHE D 186 80.21 -24.83 -23.08
N LYS D 187 80.80 -23.86 -23.78
CA LYS D 187 81.67 -22.90 -23.11
C LYS D 187 81.17 -21.47 -23.07
N ASN D 188 80.26 -21.12 -23.97
CA ASN D 188 79.84 -19.75 -24.07
C ASN D 188 78.36 -19.53 -23.97
N LEU D 189 77.94 -18.77 -22.96
CA LEU D 189 76.55 -18.41 -22.78
C LEU D 189 76.32 -17.01 -23.30
N ARG D 190 75.50 -16.90 -24.31
CA ARG D 190 75.23 -15.64 -24.94
C ARG D 190 73.76 -15.32 -24.77
N GLU D 191 73.47 -14.41 -23.86
CA GLU D 191 72.08 -14.09 -23.54
C GLU D 191 71.70 -12.78 -24.22
N PHE D 192 70.59 -12.80 -24.97
CA PHE D 192 70.10 -11.64 -25.72
C PHE D 192 68.64 -11.32 -25.57
N VAL D 193 68.29 -10.06 -25.76
CA VAL D 193 66.87 -9.74 -25.87
C VAL D 193 66.63 -8.86 -27.08
N PHE D 194 65.58 -9.17 -27.80
CA PHE D 194 65.19 -8.39 -28.97
C PHE D 194 63.83 -7.72 -28.78
N LYS D 195 63.79 -6.38 -28.86
CA LYS D 195 62.51 -5.66 -28.66
C LYS D 195 62.23 -4.70 -29.80
N ASN D 196 60.96 -4.51 -30.16
CA ASN D 196 60.63 -3.55 -31.22
C ASN D 196 59.67 -2.50 -30.72
N ILE D 197 60.20 -1.33 -30.40
CA ILE D 197 59.41 -0.25 -29.85
C ILE D 197 59.53 1.05 -30.61
N ASP D 198 58.41 1.57 -31.11
CA ASP D 198 58.34 2.85 -31.80
C ASP D 198 59.35 3.05 -32.92
N GLY D 199 59.58 2.02 -33.73
CA GLY D 199 60.52 2.15 -34.82
C GLY D 199 61.95 1.82 -34.43
N TYR D 200 62.18 1.36 -33.21
CA TYR D 200 63.52 1.03 -32.82
C TYR D 200 63.67 -0.41 -32.44
N PHE D 201 64.77 -1.00 -32.87
CA PHE D 201 65.00 -2.39 -32.53
C PHE D 201 66.10 -2.42 -31.50
N LYS D 202 65.68 -2.67 -30.29
CA LYS D 202 66.56 -2.59 -29.15
C LYS D 202 67.16 -3.94 -28.91
N ILE D 203 68.47 -3.99 -28.76
CA ILE D 203 69.09 -5.28 -28.49
C ILE D 203 69.96 -5.17 -27.26
N TYR D 204 69.79 -6.06 -26.32
CA TYR D 204 70.66 -6.07 -25.14
C TYR D 204 71.43 -7.39 -25.13
N SER D 205 72.60 -7.42 -24.48
CA SER D 205 73.38 -8.67 -24.37
C SER D 205 74.26 -8.85 -23.13
N LYS D 206 74.43 -10.11 -22.77
CA LYS D 206 75.36 -10.54 -21.71
C LYS D 206 76.15 -11.78 -22.13
N HIS D 207 77.47 -11.74 -21.93
CA HIS D 207 78.31 -12.90 -22.25
C HIS D 207 78.95 -13.47 -20.99
N THR D 208 78.59 -14.71 -20.69
CA THR D 208 79.02 -15.44 -19.51
C THR D 208 79.70 -16.77 -19.86
N PRO D 209 80.85 -17.13 -19.26
CA PRO D 209 81.48 -18.42 -19.46
C PRO D 209 80.66 -19.52 -18.80
N ILE D 210 80.60 -20.66 -19.46
CA ILE D 210 79.89 -21.84 -18.97
C ILE D 210 80.69 -23.14 -19.08
N ASN D 211 80.17 -24.16 -18.41
CA ASN D 211 80.71 -25.52 -18.44
C ASN D 211 79.60 -26.57 -18.37
N LEU D 212 78.45 -26.25 -18.93
CA LEU D 212 77.30 -27.13 -18.85
C LEU D 212 77.15 -28.09 -20.00
N VAL D 213 76.40 -29.16 -19.76
CA VAL D 213 76.15 -30.13 -20.80
C VAL D 213 74.71 -30.31 -21.26
N ARG D 214 73.73 -29.73 -20.56
CA ARG D 214 72.37 -29.97 -21.00
C ARG D 214 71.37 -28.82 -20.99
N ASP D 215 71.36 -27.95 -19.98
CA ASP D 215 70.26 -27.01 -19.91
C ASP D 215 70.67 -25.65 -19.38
N LEU D 216 69.72 -24.72 -19.29
CA LEU D 216 70.04 -23.39 -18.83
C LEU D 216 70.64 -23.43 -17.44
N PRO D 217 71.74 -22.72 -17.21
CA PRO D 217 72.33 -22.61 -15.92
C PRO D 217 71.44 -21.71 -15.11
N GLN D 218 71.39 -21.93 -13.81
CA GLN D 218 70.67 -21.04 -12.94
C GLN D 218 71.62 -19.97 -12.43
N GLY D 219 71.15 -18.73 -12.39
CA GLY D 219 71.98 -17.64 -11.89
C GLY D 219 71.35 -16.31 -12.22
N PHE D 220 71.96 -15.23 -11.74
CA PHE D 220 71.39 -13.92 -12.00
C PHE D 220 72.32 -13.11 -12.85
N SER D 221 71.77 -12.40 -13.81
CA SER D 221 72.53 -11.52 -14.66
C SER D 221 71.64 -10.44 -15.21
N ALA D 222 72.23 -9.41 -15.79
CA ALA D 222 71.46 -8.40 -16.48
C ALA D 222 72.19 -8.09 -17.76
N LEU D 223 71.44 -7.78 -18.79
CA LEU D 223 72.04 -7.56 -20.09
C LEU D 223 72.34 -6.12 -20.36
N GLU D 224 73.46 -5.88 -21.04
CA GLU D 224 73.95 -4.57 -21.35
C GLU D 224 73.20 -3.94 -22.50
N PRO D 225 72.98 -2.62 -22.48
CA PRO D 225 72.29 -1.87 -23.51
C PRO D 225 72.77 -2.08 -24.93
N LEU D 226 74.06 -2.35 -25.15
CA LEU D 226 74.51 -2.53 -26.52
C LEU D 226 74.04 -1.47 -27.51
N VAL D 227 73.01 -1.82 -28.29
CA VAL D 227 72.62 -1.02 -29.42
C VAL D 227 71.13 -0.75 -29.49
N ASP D 228 70.77 0.26 -30.23
CA ASP D 228 69.39 0.57 -30.44
C ASP D 228 69.29 0.99 -31.91
N LEU D 229 68.77 0.12 -32.74
CA LEU D 229 68.82 0.37 -34.16
C LEU D 229 67.59 1.16 -34.64
N PRO D 230 67.78 2.29 -35.35
CA PRO D 230 66.76 3.17 -35.87
C PRO D 230 66.10 2.62 -37.11
N ILE D 231 65.42 1.51 -36.95
CA ILE D 231 64.82 0.82 -38.06
C ILE D 231 63.30 0.78 -38.01
N GLY D 232 62.69 1.52 -38.91
CA GLY D 232 61.24 1.67 -38.95
C GLY D 232 60.46 0.52 -39.59
N ILE D 233 60.62 -0.70 -39.10
CA ILE D 233 59.88 -1.81 -39.71
C ILE D 233 59.09 -2.55 -38.64
N ASN D 234 58.05 -3.26 -39.08
CA ASN D 234 57.16 -4.14 -38.32
C ASN D 234 57.78 -5.55 -38.22
N ILE D 235 57.84 -6.13 -37.00
CA ILE D 235 58.36 -7.49 -36.73
C ILE D 235 57.35 -8.32 -36.00
N THR D 236 56.97 -9.47 -36.57
CA THR D 236 56.01 -10.33 -35.90
C THR D 236 56.51 -11.76 -35.74
N ARG D 237 57.51 -12.16 -36.53
CA ARG D 237 58.09 -13.49 -36.56
C ARG D 237 59.60 -13.41 -36.72
N PHE D 238 60.31 -14.45 -36.28
CA PHE D 238 61.73 -14.45 -36.51
C PHE D 238 62.28 -15.86 -36.64
N GLN D 239 63.47 -15.98 -37.18
CA GLN D 239 64.11 -17.29 -37.28
C GLN D 239 65.56 -17.21 -36.82
N THR D 240 65.99 -18.23 -36.08
CA THR D 240 67.36 -18.33 -35.57
C THR D 240 68.23 -18.96 -36.65
N LEU D 241 69.38 -18.35 -36.92
CA LEU D 241 70.30 -18.85 -37.92
C LEU D 241 71.50 -19.61 -37.37
N LEU D 242 71.58 -20.88 -37.72
CA LEU D 242 72.63 -21.76 -37.27
C LEU D 242 73.59 -22.15 -38.39
N ALA D 243 74.84 -22.38 -38.04
CA ALA D 243 75.81 -22.91 -38.96
C ALA D 243 75.88 -24.45 -38.94
N LEU D 244 76.18 -25.03 -40.10
CA LEU D 244 76.41 -26.46 -40.38
C LEU D 244 77.84 -26.82 -40.76
N HIS D 245 78.17 -28.09 -40.66
CA HIS D 245 79.49 -28.54 -41.09
C HIS D 245 79.56 -29.56 -42.23
N ARG D 246 80.64 -29.42 -43.00
CA ARG D 246 81.04 -30.39 -44.03
C ARG D 246 82.50 -30.75 -43.85
N SER D 247 82.84 -31.92 -44.32
CA SER D 247 84.20 -32.39 -44.34
C SER D 247 84.24 -33.50 -45.37
N TYR D 248 85.42 -34.01 -45.61
CA TYR D 248 85.60 -35.12 -46.55
C TYR D 248 85.01 -36.41 -46.00
N LEU D 249 84.65 -36.40 -44.72
CA LEU D 249 84.07 -37.53 -44.03
C LEU D 249 82.54 -37.47 -44.05
N THR D 250 81.96 -36.45 -44.69
CA THR D 250 80.51 -36.29 -44.74
C THR D 250 80.08 -36.17 -46.21
N PRO D 251 80.03 -37.28 -46.97
CA PRO D 251 79.77 -37.34 -48.39
C PRO D 251 78.33 -37.02 -48.68
N GLY D 252 78.06 -36.57 -49.89
CA GLY D 252 76.71 -36.28 -50.33
C GLY D 252 76.67 -34.94 -51.06
N ASP D 253 75.48 -34.56 -51.51
CA ASP D 253 75.29 -33.31 -52.19
C ASP D 253 75.10 -32.30 -51.09
N SER D 254 74.75 -31.06 -51.39
CA SER D 254 74.67 -30.16 -50.26
C SER D 254 73.54 -30.52 -49.30
N SER D 255 72.36 -30.81 -49.83
CA SER D 255 71.21 -31.03 -48.96
C SER D 255 71.37 -32.22 -48.04
N SER D 256 71.93 -33.29 -48.57
CA SER D 256 72.12 -34.53 -47.83
C SER D 256 73.49 -34.66 -47.18
N GLY D 257 74.36 -33.67 -47.35
CA GLY D 257 75.72 -33.82 -46.86
C GLY D 257 76.09 -33.05 -45.59
N TRP D 258 75.20 -32.21 -45.08
CA TRP D 258 75.54 -31.41 -43.92
C TRP D 258 75.22 -32.06 -42.60
N THR D 259 76.12 -31.89 -41.65
CA THR D 259 75.84 -32.36 -40.32
C THR D 259 75.85 -31.17 -39.37
N ALA D 260 75.20 -31.35 -38.24
CA ALA D 260 75.14 -30.33 -37.22
C ALA D 260 76.38 -30.35 -36.34
N GLY D 261 76.70 -29.21 -35.74
CA GLY D 261 77.73 -29.11 -34.73
C GLY D 261 76.99 -29.19 -33.41
N ALA D 262 77.66 -28.87 -32.31
CA ALA D 262 76.99 -28.93 -31.00
C ALA D 262 76.73 -27.56 -30.36
N ALA D 263 75.44 -27.23 -30.25
CA ALA D 263 74.94 -25.98 -29.68
C ALA D 263 73.48 -26.12 -29.26
N ALA D 264 73.00 -25.25 -28.41
CA ALA D 264 71.60 -25.24 -28.05
C ALA D 264 71.10 -23.84 -27.76
N TYR D 265 69.80 -23.64 -27.91
CA TYR D 265 69.25 -22.34 -27.62
C TYR D 265 67.85 -22.40 -27.08
N TYR D 266 67.46 -21.30 -26.50
CA TYR D 266 66.18 -21.17 -25.90
C TYR D 266 65.43 -19.98 -26.40
N VAL D 267 64.13 -20.13 -26.50
CA VAL D 267 63.30 -19.00 -26.81
C VAL D 267 62.16 -18.84 -25.83
N GLY D 268 62.06 -17.63 -25.30
CA GLY D 268 61.00 -17.29 -24.38
C GLY D 268 60.39 -15.98 -24.84
N TYR D 269 59.39 -15.50 -24.11
CA TYR D 269 58.77 -14.24 -24.51
C TYR D 269 58.65 -13.29 -23.39
N LEU D 270 58.70 -12.02 -23.72
CA LEU D 270 58.59 -11.01 -22.71
C LEU D 270 57.16 -10.69 -22.44
N GLN D 271 56.87 -10.30 -21.22
CA GLN D 271 55.55 -9.85 -20.86
C GLN D 271 55.68 -8.60 -20.01
N PRO D 272 54.71 -7.69 -20.00
CA PRO D 272 54.70 -6.58 -19.11
C PRO D 272 54.70 -7.08 -17.69
N ARG D 273 55.62 -6.55 -16.91
CA ARG D 273 55.79 -6.90 -15.52
C ARG D 273 56.36 -5.77 -14.73
N THR D 274 56.14 -5.85 -13.43
CA THR D 274 56.82 -4.92 -12.56
C THR D 274 57.76 -5.74 -11.74
N PHE D 275 58.93 -5.16 -11.55
CA PHE D 275 60.02 -5.71 -10.78
C PHE D 275 60.72 -4.79 -9.85
N LEU D 276 61.28 -5.39 -8.81
CA LEU D 276 62.21 -4.64 -8.01
C LEU D 276 63.58 -5.13 -8.36
N LEU D 277 64.41 -4.24 -8.86
CA LEU D 277 65.75 -4.63 -9.27
C LEU D 277 66.74 -4.15 -8.24
N LYS D 278 67.50 -5.09 -7.69
CA LYS D 278 68.44 -4.77 -6.65
C LYS D 278 69.80 -4.49 -7.23
N TYR D 279 70.29 -3.29 -6.96
CA TYR D 279 71.60 -2.87 -7.41
C TYR D 279 72.61 -2.99 -6.30
N ASN D 280 73.82 -3.35 -6.65
CA ASN D 280 74.89 -3.40 -5.68
C ASN D 280 75.63 -2.07 -5.65
N GLU D 281 76.69 -2.03 -4.86
CA GLU D 281 77.49 -0.82 -4.71
C GLU D 281 78.10 -0.26 -6.01
N ASN D 282 78.46 -1.15 -6.97
CA ASN D 282 79.08 -0.82 -8.24
C ASN D 282 78.06 -0.60 -9.38
N GLY D 283 76.73 -0.60 -9.09
CA GLY D 283 75.66 -0.37 -10.06
C GLY D 283 75.25 -1.58 -10.89
N THR D 284 75.64 -2.77 -10.48
CA THR D 284 75.28 -3.98 -11.20
C THR D 284 74.01 -4.51 -10.60
N ILE D 285 73.11 -5.01 -11.43
CA ILE D 285 71.92 -5.56 -10.85
C ILE D 285 72.31 -6.94 -10.42
N THR D 286 72.09 -7.26 -9.16
CA THR D 286 72.49 -8.56 -8.67
C THR D 286 71.33 -9.45 -8.32
N ASP D 287 70.14 -8.88 -8.16
CA ASP D 287 68.99 -9.72 -7.86
C ASP D 287 67.72 -9.04 -8.33
N ALA D 288 66.58 -9.72 -8.20
CA ALA D 288 65.32 -9.11 -8.59
C ALA D 288 64.08 -9.82 -8.02
N VAL D 289 62.99 -9.08 -7.87
CA VAL D 289 61.73 -9.69 -7.49
C VAL D 289 60.69 -9.51 -8.58
N ASP D 290 60.13 -10.63 -9.05
CA ASP D 290 59.06 -10.62 -10.06
C ASP D 290 57.75 -10.54 -9.31
N CYS D 291 57.08 -9.37 -9.31
CA CYS D 291 55.90 -9.06 -8.50
C CYS D 291 54.69 -9.89 -8.93
N ALA D 292 54.76 -10.51 -10.11
CA ALA D 292 53.66 -11.29 -10.63
C ALA D 292 53.88 -12.79 -10.51
N LEU D 293 54.99 -13.20 -9.91
CA LEU D 293 55.29 -14.62 -9.82
C LEU D 293 54.35 -15.40 -8.91
N ASP D 294 54.00 -14.80 -7.79
CA ASP D 294 53.18 -15.41 -6.76
C ASP D 294 52.88 -14.38 -5.67
N PRO D 295 51.92 -14.64 -4.77
CA PRO D 295 51.58 -13.83 -3.60
C PRO D 295 52.77 -13.51 -2.68
N LEU D 296 53.75 -14.40 -2.57
CA LEU D 296 54.86 -14.05 -1.70
C LEU D 296 55.70 -12.95 -2.33
N SER D 297 55.91 -13.03 -3.64
CA SER D 297 56.69 -12.03 -4.33
C SER D 297 55.93 -10.72 -4.28
N GLU D 298 54.61 -10.77 -4.39
CA GLU D 298 53.85 -9.53 -4.30
C GLU D 298 54.13 -8.87 -2.95
N THR D 299 54.17 -9.68 -1.88
CA THR D 299 54.47 -9.15 -0.56
C THR D 299 55.86 -8.55 -0.55
N LYS D 300 56.84 -9.26 -1.13
CA LYS D 300 58.20 -8.73 -1.19
C LYS D 300 58.29 -7.38 -1.92
N CYS D 301 57.52 -7.20 -3.04
CA CYS D 301 57.48 -5.96 -3.81
C CYS D 301 56.89 -4.84 -2.97
N THR D 302 55.83 -5.14 -2.26
CA THR D 302 55.15 -4.16 -1.44
C THR D 302 56.06 -3.62 -0.37
N LEU D 303 56.79 -4.52 0.26
CA LEU D 303 57.66 -4.19 1.37
C LEU D 303 59.06 -3.77 0.96
N LYS D 304 59.36 -3.76 -0.34
CA LYS D 304 60.67 -3.40 -0.82
C LYS D 304 61.76 -4.22 -0.14
N SER D 305 61.56 -5.54 -0.09
CA SER D 305 62.51 -6.40 0.57
C SER D 305 62.60 -7.78 -0.03
N PHE D 306 63.77 -8.38 0.06
CA PHE D 306 63.90 -9.76 -0.40
C PHE D 306 63.64 -10.73 0.73
N THR D 307 63.45 -10.19 1.92
CA THR D 307 63.17 -10.94 3.13
C THR D 307 61.88 -10.48 3.78
N VAL D 308 61.05 -11.44 4.10
CA VAL D 308 59.78 -11.19 4.76
C VAL D 308 59.76 -11.94 6.07
N GLU D 309 59.42 -11.23 7.12
CA GLU D 309 59.38 -11.81 8.44
C GLU D 309 58.14 -12.63 8.62
N LYS D 310 58.16 -13.55 9.55
CA LYS D 310 56.98 -14.34 9.75
C LYS D 310 55.81 -13.42 10.08
N GLY D 311 54.66 -13.68 9.44
CA GLY D 311 53.49 -12.85 9.67
C GLY D 311 52.41 -13.03 8.62
N ILE D 312 51.41 -12.18 8.67
CA ILE D 312 50.30 -12.22 7.74
C ILE D 312 50.35 -10.99 6.89
N TYR D 313 50.30 -11.17 5.59
CA TYR D 313 50.34 -10.03 4.72
C TYR D 313 49.12 -9.97 3.82
N GLN D 314 48.67 -8.76 3.50
CA GLN D 314 47.53 -8.63 2.58
C GLN D 314 48.09 -8.46 1.19
N THR D 315 47.36 -8.96 0.20
CA THR D 315 47.75 -8.83 -1.19
C THR D 315 46.59 -8.25 -1.98
N SER D 316 46.81 -8.00 -3.26
CA SER D 316 45.78 -7.48 -4.14
C SER D 316 44.62 -8.45 -4.24
N ASN D 317 43.45 -7.92 -4.58
CA ASN D 317 42.29 -8.78 -4.71
C ASN D 317 42.52 -9.79 -5.78
N PHE D 318 41.84 -10.91 -5.68
CA PHE D 318 42.00 -11.90 -6.70
C PHE D 318 41.47 -11.31 -7.99
N ARG D 319 42.21 -11.46 -9.06
CA ARG D 319 41.79 -10.93 -10.35
C ARG D 319 41.98 -11.95 -11.43
N VAL D 320 41.21 -11.80 -12.48
CA VAL D 320 41.34 -12.63 -13.65
C VAL D 320 41.44 -11.70 -14.81
N GLN D 321 41.95 -12.17 -15.92
CA GLN D 321 42.03 -11.33 -17.08
C GLN D 321 40.93 -11.68 -18.06
N PRO D 322 40.52 -10.74 -18.91
CA PRO D 322 39.58 -10.96 -19.98
C PRO D 322 40.25 -11.81 -21.02
N THR D 323 39.47 -12.61 -21.73
CA THR D 323 40.06 -13.49 -22.74
C THR D 323 39.73 -13.17 -24.20
N GLU D 324 38.72 -12.38 -24.44
CA GLU D 324 38.26 -12.04 -25.78
C GLU D 324 37.59 -10.69 -25.77
N SER D 325 37.44 -10.07 -26.93
CA SER D 325 36.77 -8.78 -27.00
C SER D 325 35.45 -8.84 -27.75
N ILE D 326 34.45 -8.18 -27.21
CA ILE D 326 33.13 -8.07 -27.81
C ILE D 326 32.85 -6.71 -28.36
N VAL D 327 32.57 -6.66 -29.65
CA VAL D 327 32.31 -5.39 -30.30
C VAL D 327 30.90 -5.31 -30.86
N ARG D 328 30.11 -4.36 -30.38
CA ARG D 328 28.75 -4.31 -30.85
C ARG D 328 28.33 -2.92 -31.30
N PHE D 329 27.79 -2.89 -32.49
CA PHE D 329 27.29 -1.68 -33.12
C PHE D 329 25.92 -1.90 -33.69
N PRO D 330 25.11 -0.86 -33.86
CA PRO D 330 23.78 -0.93 -34.41
C PRO D 330 23.86 -1.36 -35.87
N ASN D 331 22.73 -1.88 -36.38
CA ASN D 331 22.61 -2.39 -37.74
C ASN D 331 22.50 -1.25 -38.77
N ILE D 332 23.66 -0.61 -39.03
CA ILE D 332 23.82 0.47 -39.99
C ILE D 332 24.51 -0.04 -41.21
N THR D 333 23.85 0.08 -42.34
CA THR D 333 24.33 -0.42 -43.60
C THR D 333 24.80 0.64 -44.58
N ASN D 334 24.44 1.88 -44.31
CA ASN D 334 24.68 2.95 -45.25
C ASN D 334 25.93 3.74 -44.95
N LEU D 335 26.49 4.39 -45.97
CA LEU D 335 27.61 5.30 -45.78
C LEU D 335 27.01 6.70 -45.64
N CYS D 336 27.62 7.57 -44.79
CA CYS D 336 27.17 8.94 -44.59
C CYS D 336 27.34 9.78 -45.85
N PRO D 337 26.51 10.82 -46.03
CA PRO D 337 26.49 11.67 -47.19
C PRO D 337 27.63 12.64 -47.24
N PHE D 338 28.82 12.10 -47.36
CA PHE D 338 30.03 12.90 -47.40
C PHE D 338 30.03 13.69 -48.68
N GLY D 339 29.51 13.11 -49.75
CA GLY D 339 29.46 13.82 -51.02
C GLY D 339 28.55 15.03 -50.88
N GLU D 340 27.36 14.85 -50.36
CA GLU D 340 26.48 16.00 -50.25
C GLU D 340 27.07 17.12 -49.40
N VAL D 341 27.72 16.74 -48.31
CA VAL D 341 28.28 17.73 -47.41
C VAL D 341 29.50 18.45 -47.98
N PHE D 342 30.42 17.72 -48.60
CA PHE D 342 31.66 18.35 -49.08
C PHE D 342 31.73 18.71 -50.60
N ASN D 343 30.85 18.12 -51.44
CA ASN D 343 30.75 18.33 -52.89
C ASN D 343 29.46 19.11 -53.26
N ALA D 344 28.88 19.89 -52.33
CA ALA D 344 27.66 20.65 -52.53
C ALA D 344 27.80 21.66 -53.65
N THR D 345 26.74 21.80 -54.44
CA THR D 345 26.72 22.77 -55.50
C THR D 345 26.83 24.14 -54.89
N ARG D 346 26.09 24.33 -53.81
CA ARG D 346 26.09 25.59 -53.10
C ARG D 346 26.12 25.42 -51.60
N PHE D 347 26.79 26.37 -50.99
CA PHE D 347 26.83 26.58 -49.57
C PHE D 347 26.04 27.80 -49.26
N ALA D 348 25.47 27.83 -48.09
CA ALA D 348 24.76 29.00 -47.65
C ALA D 348 25.72 30.08 -47.33
N SER D 349 25.24 31.29 -47.38
CA SER D 349 26.05 32.37 -46.94
C SER D 349 26.14 32.26 -45.43
N VAL D 350 27.16 32.85 -44.83
CA VAL D 350 27.28 32.80 -43.38
C VAL D 350 26.13 33.54 -42.74
N TYR D 351 25.62 34.54 -43.44
CA TYR D 351 24.48 35.27 -43.01
C TYR D 351 23.32 34.38 -42.59
N ALA D 352 23.05 33.35 -43.37
CA ALA D 352 21.92 32.49 -43.14
C ALA D 352 22.33 31.07 -43.39
N TRP D 353 23.09 30.52 -42.48
CA TRP D 353 23.73 29.22 -42.63
C TRP D 353 22.74 28.05 -42.57
N ASN D 354 23.09 26.92 -43.23
CA ASN D 354 22.23 25.72 -43.23
C ASN D 354 22.60 24.73 -42.16
N ARG D 355 21.63 23.91 -41.76
CA ARG D 355 21.88 22.85 -40.78
C ARG D 355 21.30 21.50 -41.21
N LYS D 356 22.16 20.58 -41.66
CA LYS D 356 21.72 19.27 -42.14
C LYS D 356 21.73 18.18 -41.07
N ARG D 357 20.65 17.43 -40.95
CA ARG D 357 20.64 16.35 -39.96
C ARG D 357 21.20 15.08 -40.58
N ILE D 358 22.04 14.38 -39.82
CA ILE D 358 22.67 13.16 -40.29
C ILE D 358 22.21 11.93 -39.51
N SER D 359 21.79 10.88 -40.20
CA SER D 359 21.37 9.66 -39.50
C SER D 359 21.49 8.39 -40.33
N ASN D 360 21.47 7.26 -39.62
CA ASN D 360 21.43 5.92 -40.20
C ASN D 360 22.53 5.66 -41.20
N CYS D 361 23.79 5.99 -40.82
CA CYS D 361 24.95 5.87 -41.68
C CYS D 361 26.28 5.67 -40.94
N VAL D 362 27.28 5.26 -41.72
CA VAL D 362 28.63 5.07 -41.25
C VAL D 362 29.53 6.26 -41.50
N ALA D 363 30.16 6.72 -40.43
CA ALA D 363 31.03 7.88 -40.46
C ALA D 363 32.42 7.49 -40.88
N ASP D 364 32.54 6.97 -42.07
CA ASP D 364 33.85 6.56 -42.48
C ASP D 364 34.54 7.73 -43.11
N TYR D 365 35.30 8.43 -42.31
CA TYR D 365 35.95 9.67 -42.70
C TYR D 365 37.01 9.45 -43.76
N SER D 366 37.49 8.23 -43.91
CA SER D 366 38.59 7.96 -44.83
C SER D 366 38.14 8.07 -46.27
N VAL D 367 36.84 8.13 -46.51
CA VAL D 367 36.37 8.19 -47.89
C VAL D 367 36.76 9.50 -48.52
N LEU D 368 37.10 10.48 -47.69
CA LEU D 368 37.50 11.78 -48.17
C LEU D 368 38.99 11.82 -48.50
N TYR D 369 39.73 10.76 -48.15
CA TYR D 369 41.16 10.82 -48.34
C TYR D 369 41.59 10.84 -49.79
N ASN D 370 40.79 10.30 -50.70
CA ASN D 370 41.24 10.27 -52.08
C ASN D 370 41.23 11.63 -52.77
N SER D 371 40.27 12.49 -52.48
CA SER D 371 40.27 13.75 -53.21
C SER D 371 39.94 15.02 -52.45
N ALA D 372 39.60 14.95 -51.18
CA ALA D 372 39.29 16.17 -50.47
C ALA D 372 40.57 16.65 -49.81
N SER D 373 40.71 17.93 -49.59
CA SER D 373 41.89 18.39 -48.89
C SER D 373 41.50 19.53 -47.99
N PHE D 374 41.81 19.39 -46.72
CA PHE D 374 41.40 20.41 -45.78
C PHE D 374 42.57 21.04 -45.10
N SER D 375 42.72 22.34 -45.29
CA SER D 375 43.82 23.08 -44.69
C SER D 375 43.55 23.35 -43.24
N THR D 376 42.27 23.42 -42.88
CA THR D 376 41.90 23.73 -41.53
C THR D 376 41.17 22.61 -40.88
N PHE D 377 41.65 22.25 -39.70
CA PHE D 377 41.01 21.18 -38.99
C PHE D 377 41.29 21.23 -37.51
N LYS D 378 40.22 21.19 -36.74
CA LYS D 378 40.36 21.11 -35.29
C LYS D 378 39.16 20.46 -34.65
N CYS D 379 39.38 19.45 -33.78
CA CYS D 379 38.34 18.79 -33.01
C CYS D 379 38.41 19.29 -31.58
N TYR D 380 37.26 19.41 -30.94
CA TYR D 380 37.21 19.94 -29.59
C TYR D 380 36.76 18.93 -28.56
N GLY D 381 35.72 18.15 -28.87
CA GLY D 381 35.19 17.24 -27.85
C GLY D 381 35.75 15.83 -27.85
N VAL D 382 36.63 15.52 -28.77
CA VAL D 382 37.17 14.18 -28.88
C VAL D 382 38.53 14.19 -29.52
N SER D 383 39.40 13.27 -29.12
CA SER D 383 40.65 13.17 -29.82
C SER D 383 40.31 12.52 -31.15
N PRO D 384 40.77 13.04 -32.29
CA PRO D 384 40.42 12.56 -33.61
C PRO D 384 40.85 11.13 -33.88
N THR D 385 41.82 10.64 -33.12
CA THR D 385 42.31 9.29 -33.32
C THR D 385 41.32 8.24 -32.86
N LYS D 386 40.31 8.67 -32.10
CA LYS D 386 39.27 7.82 -31.59
C LYS D 386 38.05 7.75 -32.46
N LEU D 387 38.00 8.50 -33.54
CA LEU D 387 36.74 8.55 -34.29
C LEU D 387 36.28 7.21 -34.80
N ASN D 388 37.19 6.34 -35.19
CA ASN D 388 36.73 5.10 -35.77
C ASN D 388 36.20 4.07 -34.79
N ASP D 389 36.37 4.31 -33.48
CA ASP D 389 35.89 3.37 -32.46
C ASP D 389 34.61 3.85 -31.80
N LEU D 390 34.11 4.99 -32.25
CA LEU D 390 32.96 5.63 -31.62
C LEU D 390 31.71 5.67 -32.47
N CYS D 391 30.55 5.79 -31.79
CA CYS D 391 29.25 6.09 -32.38
C CYS D 391 28.91 7.52 -32.03
N PHE D 392 28.17 8.16 -32.91
CA PHE D 392 27.86 9.56 -32.75
C PHE D 392 26.38 9.78 -32.68
N THR D 393 25.93 10.70 -31.87
CA THR D 393 24.50 10.89 -31.87
C THR D 393 24.07 12.32 -31.89
N ASN D 394 22.82 12.53 -32.25
CA ASN D 394 22.24 13.86 -32.36
C ASN D 394 23.16 14.68 -33.27
N VAL D 395 23.52 14.09 -34.41
CA VAL D 395 24.48 14.67 -35.32
C VAL D 395 23.92 15.62 -36.37
N TYR D 396 24.49 16.83 -36.41
CA TYR D 396 24.15 17.87 -37.38
C TYR D 396 25.37 18.49 -38.03
N ALA D 397 25.25 18.83 -39.31
CA ALA D 397 26.35 19.51 -40.00
C ALA D 397 25.97 20.92 -40.43
N ASP D 398 26.63 21.91 -39.85
CA ASP D 398 26.33 23.28 -40.24
C ASP D 398 27.15 23.59 -41.47
N SER D 399 26.57 24.32 -42.42
CA SER D 399 27.26 24.64 -43.66
C SER D 399 27.16 26.07 -44.18
N PHE D 400 28.34 26.68 -44.37
CA PHE D 400 28.41 28.06 -44.88
C PHE D 400 29.76 28.51 -45.48
N VAL D 401 29.72 29.64 -46.20
CA VAL D 401 30.94 30.30 -46.72
C VAL D 401 31.29 31.64 -46.09
N ILE D 402 32.55 31.75 -45.72
CA ILE D 402 33.19 32.92 -45.11
C ILE D 402 34.47 33.31 -45.83
N ARG D 403 35.02 34.47 -45.48
CA ARG D 403 36.29 34.90 -46.04
C ARG D 403 37.45 34.17 -45.34
N GLY D 404 38.55 33.90 -46.03
CA GLY D 404 39.69 33.22 -45.40
C GLY D 404 40.24 33.82 -44.11
N ASP D 405 40.30 35.13 -43.98
CA ASP D 405 40.80 35.69 -42.73
C ASP D 405 39.84 35.52 -41.57
N GLU D 406 38.61 35.10 -41.86
CA GLU D 406 37.57 34.92 -40.88
C GLU D 406 37.51 33.48 -40.39
N VAL D 407 38.35 32.60 -40.94
CA VAL D 407 38.28 31.19 -40.56
C VAL D 407 38.58 31.03 -39.08
N ARG D 408 39.52 31.80 -38.59
CA ARG D 408 39.91 31.75 -37.21
C ARG D 408 38.80 32.16 -36.25
N GLN D 409 37.75 32.82 -36.73
CA GLN D 409 36.69 33.27 -35.84
C GLN D 409 35.65 32.22 -35.56
N ILE D 410 35.75 31.07 -36.21
CA ILE D 410 34.76 30.03 -36.01
C ILE D 410 34.89 29.40 -34.64
N ALA D 411 36.11 29.23 -34.16
CA ALA D 411 36.37 28.58 -32.90
C ALA D 411 35.60 29.25 -31.76
N PRO D 412 35.19 28.48 -30.75
CA PRO D 412 34.47 28.99 -29.62
C PRO D 412 35.40 29.92 -28.89
N GLY D 413 34.85 30.98 -28.33
CA GLY D 413 35.62 31.93 -27.56
C GLY D 413 36.19 33.07 -28.43
N GLN D 414 35.92 33.04 -29.73
CA GLN D 414 36.43 34.08 -30.60
C GLN D 414 35.45 35.22 -30.75
N THR D 415 35.96 36.38 -31.16
CA THR D 415 35.18 37.57 -31.41
C THR D 415 35.42 38.08 -32.83
N GLY D 416 34.62 39.03 -33.29
CA GLY D 416 34.80 39.59 -34.62
C GLY D 416 33.46 39.63 -35.32
N LYS D 417 33.36 40.24 -36.49
CA LYS D 417 32.02 40.30 -37.06
C LYS D 417 31.38 38.94 -37.35
N ILE D 418 32.14 37.89 -37.60
CA ILE D 418 31.44 36.66 -37.86
C ILE D 418 31.10 36.04 -36.53
N ALA D 419 32.07 36.00 -35.65
CA ALA D 419 31.81 35.40 -34.35
C ALA D 419 30.68 36.10 -33.59
N ASP D 420 30.54 37.40 -33.75
CA ASP D 420 29.52 38.12 -33.03
C ASP D 420 28.19 38.27 -33.76
N TYR D 421 28.19 38.37 -35.10
CA TYR D 421 26.92 38.60 -35.77
C TYR D 421 26.43 37.55 -36.74
N ASN D 422 27.26 36.59 -37.13
CA ASN D 422 26.82 35.63 -38.15
C ASN D 422 26.76 34.18 -37.71
N TYR D 423 27.74 33.73 -36.95
CA TYR D 423 27.76 32.33 -36.55
C TYR D 423 28.57 32.10 -35.32
N LYS D 424 27.98 31.46 -34.33
CA LYS D 424 28.72 31.24 -33.11
C LYS D 424 28.57 29.85 -32.52
N LEU D 425 29.68 29.34 -32.00
CA LEU D 425 29.70 28.08 -31.29
C LEU D 425 29.67 28.35 -29.80
N PRO D 426 29.11 27.44 -29.00
CA PRO D 426 29.05 27.51 -27.56
C PRO D 426 30.39 27.29 -26.93
N ASP D 427 30.52 27.77 -25.70
CA ASP D 427 31.72 27.65 -24.88
C ASP D 427 32.15 26.22 -24.66
N ASP D 428 31.18 25.35 -24.54
CA ASP D 428 31.38 23.94 -24.31
C ASP D 428 31.13 23.08 -25.54
N PHE D 429 31.34 23.63 -26.74
CA PHE D 429 31.15 22.87 -27.98
C PHE D 429 31.89 21.55 -27.92
N THR D 430 31.19 20.49 -28.29
CA THR D 430 31.70 19.12 -28.25
C THR D 430 32.00 18.49 -29.59
N GLY D 431 31.93 19.26 -30.63
CA GLY D 431 32.11 18.72 -31.97
C GLY D 431 33.52 18.90 -32.54
N CYS D 432 33.58 19.07 -33.89
CA CYS D 432 34.80 19.22 -34.70
C CYS D 432 34.54 20.11 -35.93
N VAL D 433 35.53 20.95 -36.27
CA VAL D 433 35.41 21.87 -37.41
C VAL D 433 36.39 21.61 -38.56
N ILE D 434 35.82 21.57 -39.76
CA ILE D 434 36.52 21.35 -41.01
C ILE D 434 36.41 22.53 -41.99
N ALA D 435 37.53 23.00 -42.57
CA ALA D 435 37.38 24.07 -43.56
C ALA D 435 38.43 24.00 -44.68
N TRP D 436 38.06 24.51 -45.87
CA TRP D 436 38.98 24.50 -47.01
C TRP D 436 38.83 25.64 -48.02
N ASN D 437 39.89 25.82 -48.80
CA ASN D 437 39.97 26.95 -49.72
C ASN D 437 39.36 26.73 -51.10
N SER D 438 38.06 26.92 -51.21
CA SER D 438 37.27 26.72 -52.43
C SER D 438 37.42 27.89 -53.41
N ASN D 439 38.64 28.17 -53.82
CA ASN D 439 38.92 29.38 -54.60
C ASN D 439 38.63 29.26 -56.07
N ASN D 440 38.17 28.10 -56.50
CA ASN D 440 37.80 27.92 -57.87
C ASN D 440 36.34 27.51 -57.96
N LEU D 441 35.63 27.61 -56.84
CA LEU D 441 34.23 27.22 -56.86
C LEU D 441 33.34 28.38 -56.51
N ASP D 442 33.76 29.10 -55.48
CA ASP D 442 32.96 30.17 -54.94
C ASP D 442 33.44 31.53 -55.39
N SER D 443 34.32 31.55 -56.36
CA SER D 443 34.88 32.78 -56.85
C SER D 443 34.37 33.11 -58.23
N LYS D 444 34.32 34.39 -58.54
CA LYS D 444 33.86 34.85 -59.85
C LYS D 444 34.72 36.00 -60.32
N VAL D 445 34.91 36.14 -61.62
CA VAL D 445 35.80 37.19 -62.09
C VAL D 445 35.42 38.59 -61.67
N GLY D 446 34.14 38.91 -61.75
CA GLY D 446 33.68 40.24 -61.38
C GLY D 446 33.28 40.34 -59.91
N GLY D 447 33.47 39.25 -59.17
CA GLY D 447 33.08 39.10 -57.78
C GLY D 447 31.83 38.25 -57.68
N ASN D 448 31.75 37.50 -56.60
CA ASN D 448 30.64 36.61 -56.36
C ASN D 448 29.79 37.26 -55.33
N TYR D 449 28.66 37.78 -55.72
CA TYR D 449 27.89 38.56 -54.78
C TYR D 449 26.75 37.78 -54.19
N ASN D 450 26.82 36.46 -54.33
CA ASN D 450 25.81 35.61 -53.75
C ASN D 450 26.18 35.26 -52.31
N TYR D 451 27.35 35.70 -51.87
CA TYR D 451 27.76 35.43 -50.51
C TYR D 451 27.67 36.69 -49.67
N LEU D 452 26.86 36.58 -48.64
CA LEU D 452 26.53 37.69 -47.76
C LEU D 452 26.85 37.42 -46.30
N TYR D 453 27.09 38.52 -45.59
CA TYR D 453 27.30 38.49 -44.15
C TYR D 453 26.65 39.69 -43.49
N ARG D 454 26.34 39.53 -42.22
CA ARG D 454 25.82 40.60 -41.43
C ARG D 454 26.93 41.43 -40.85
N LEU D 455 26.81 42.74 -41.01
CA LEU D 455 27.74 43.65 -40.41
C LEU D 455 27.12 44.30 -39.19
N PHE D 456 25.82 44.54 -39.24
CA PHE D 456 25.25 45.21 -38.10
C PHE D 456 24.17 44.46 -37.39
N ARG D 457 24.22 44.61 -36.08
CA ARG D 457 23.23 44.08 -35.18
C ARG D 457 23.30 44.96 -33.95
N LYS D 458 22.26 44.97 -33.13
CA LYS D 458 22.27 45.77 -31.91
C LYS D 458 22.80 45.00 -30.69
N SER D 459 23.02 43.72 -30.89
CA SER D 459 23.44 42.80 -29.85
C SER D 459 24.15 41.62 -30.47
N ASN D 460 24.79 40.80 -29.67
CA ASN D 460 25.49 39.64 -30.20
C ASN D 460 24.58 38.43 -30.26
N LEU D 461 24.96 37.48 -31.12
CA LEU D 461 24.23 36.21 -31.25
C LEU D 461 24.53 35.24 -30.13
N LYS D 462 23.59 34.33 -29.90
CA LYS D 462 23.82 33.26 -28.96
C LYS D 462 24.24 32.06 -29.83
N PRO D 463 24.82 31.01 -29.27
CA PRO D 463 25.26 29.86 -30.01
C PRO D 463 24.16 29.26 -30.85
N PHE D 464 24.53 28.92 -32.06
CA PHE D 464 23.68 28.33 -33.06
C PHE D 464 22.45 29.11 -33.48
N GLU D 465 22.47 30.42 -33.28
CA GLU D 465 21.37 31.22 -33.78
C GLU D 465 21.54 31.66 -35.22
N ARG D 466 20.40 31.91 -35.84
CA ARG D 466 20.32 32.47 -37.17
C ARG D 466 19.41 33.66 -37.09
N ASP D 467 19.64 34.64 -37.93
CA ASP D 467 18.74 35.77 -38.00
C ASP D 467 18.78 36.30 -39.39
N ILE D 468 17.67 36.22 -40.08
CA ILE D 468 17.64 36.63 -41.46
C ILE D 468 16.98 37.97 -41.65
N SER D 469 16.69 38.65 -40.56
CA SER D 469 16.07 39.95 -40.61
C SER D 469 16.90 40.97 -41.35
N THR D 470 16.20 41.77 -42.15
CA THR D 470 16.79 42.83 -42.93
C THR D 470 16.36 44.18 -42.42
N GLU D 471 15.82 44.20 -41.20
CA GLU D 471 15.38 45.44 -40.61
C GLU D 471 16.56 46.38 -40.65
N ILE D 472 16.35 47.58 -41.12
CA ILE D 472 17.48 48.45 -41.32
C ILE D 472 18.09 48.82 -39.98
N TYR D 473 19.41 48.83 -39.92
CA TYR D 473 20.08 49.13 -38.70
C TYR D 473 20.11 50.61 -38.43
N GLN D 474 19.68 50.97 -37.24
CA GLN D 474 19.67 52.36 -36.85
C GLN D 474 20.84 52.65 -35.96
N ALA D 475 21.51 53.76 -36.22
CA ALA D 475 22.68 54.15 -35.46
C ALA D 475 22.58 55.59 -34.95
N GLY D 476 23.31 55.89 -33.88
CA GLY D 476 23.46 57.30 -33.49
C GLY D 476 22.20 57.97 -32.98
N SER D 477 21.28 57.21 -32.43
CA SER D 477 20.02 57.76 -31.94
C SER D 477 19.36 58.66 -32.97
N THR D 478 19.42 58.25 -34.24
CA THR D 478 18.87 58.99 -35.34
C THR D 478 17.75 58.16 -35.96
N PRO D 479 16.47 58.43 -35.63
CA PRO D 479 15.34 57.62 -36.02
C PRO D 479 15.36 57.42 -37.51
N CYS D 480 15.11 56.17 -37.98
CA CYS D 480 15.11 55.83 -39.40
C CYS D 480 13.97 54.89 -39.74
N ASN D 481 13.18 55.31 -40.71
CA ASN D 481 12.01 54.57 -41.18
C ASN D 481 12.32 53.62 -42.33
N GLY D 482 13.34 52.81 -42.13
CA GLY D 482 13.71 51.83 -43.15
C GLY D 482 14.49 52.39 -44.34
N VAL D 483 15.09 53.56 -44.24
CA VAL D 483 15.76 54.13 -45.38
C VAL D 483 17.25 54.36 -45.20
N GLU D 484 18.04 53.77 -46.07
CA GLU D 484 19.48 53.90 -45.96
C GLU D 484 19.85 55.37 -46.06
N GLY D 485 20.80 55.77 -45.23
CA GLY D 485 21.19 57.17 -45.21
C GLY D 485 22.09 57.48 -44.03
N PHE D 486 22.14 58.74 -43.64
CA PHE D 486 23.00 59.07 -42.52
C PHE D 486 22.55 58.28 -41.31
N ASN D 487 23.50 57.61 -40.70
CA ASN D 487 23.25 56.77 -39.53
C ASN D 487 22.12 55.74 -39.71
N CYS D 488 21.98 55.13 -40.91
CA CYS D 488 20.96 54.11 -41.16
C CYS D 488 21.55 53.20 -42.24
N TYR D 489 21.72 51.92 -41.90
CA TYR D 489 22.44 51.03 -42.79
C TYR D 489 21.73 49.75 -43.11
N PHE D 490 21.87 49.28 -44.33
CA PHE D 490 21.32 47.98 -44.58
C PHE D 490 22.27 47.10 -43.79
N PRO D 491 21.81 46.16 -42.98
CA PRO D 491 22.62 45.33 -42.12
C PRO D 491 23.54 44.35 -42.81
N LEU D 492 23.30 44.08 -44.08
CA LEU D 492 24.08 43.12 -44.82
C LEU D 492 25.02 43.73 -45.82
N GLN D 493 26.13 43.05 -46.02
CA GLN D 493 27.12 43.39 -47.01
C GLN D 493 27.56 42.14 -47.76
N SER D 494 28.02 42.32 -48.99
CA SER D 494 28.51 41.21 -49.78
C SER D 494 30.02 41.05 -49.74
N TYR D 495 30.46 39.87 -50.13
CA TYR D 495 31.86 39.55 -50.28
C TYR D 495 32.27 39.69 -51.72
N GLY D 496 33.55 39.90 -51.96
CA GLY D 496 34.10 39.97 -53.30
C GLY D 496 34.42 38.57 -53.81
N PHE D 497 35.47 37.98 -53.28
CA PHE D 497 35.87 36.65 -53.72
C PHE D 497 36.18 36.56 -55.20
N GLN D 498 36.93 37.51 -55.70
CA GLN D 498 37.41 37.43 -57.05
C GLN D 498 38.55 36.42 -57.04
N PRO D 499 38.82 35.70 -58.12
CA PRO D 499 39.89 34.74 -58.28
C PRO D 499 41.27 35.37 -58.28
N THR D 500 41.30 36.70 -58.34
CA THR D 500 42.50 37.47 -58.39
C THR D 500 42.88 38.07 -57.04
N ASN D 501 42.11 37.78 -56.00
CA ASN D 501 42.41 38.34 -54.70
C ASN D 501 43.44 37.51 -53.96
N GLY D 502 44.11 38.11 -52.99
CA GLY D 502 45.09 37.38 -52.19
C GLY D 502 44.38 36.43 -51.26
N VAL D 503 45.14 35.62 -50.55
CA VAL D 503 44.60 34.52 -49.76
C VAL D 503 43.59 34.89 -48.70
N GLY D 504 43.82 35.96 -47.98
CA GLY D 504 42.91 36.33 -46.91
C GLY D 504 41.52 36.69 -47.43
N TYR D 505 41.42 36.95 -48.73
CA TYR D 505 40.18 37.34 -49.36
C TYR D 505 39.58 36.25 -50.22
N GLN D 506 40.13 35.06 -50.18
CA GLN D 506 39.58 33.96 -50.95
C GLN D 506 38.44 33.39 -50.12
N PRO D 507 37.40 32.81 -50.72
CA PRO D 507 36.31 32.16 -50.04
C PRO D 507 36.72 30.86 -49.42
N TYR D 508 36.15 30.56 -48.26
CA TYR D 508 36.32 29.29 -47.60
C TYR D 508 35.04 28.62 -47.21
N ARG D 509 35.01 27.31 -47.39
CA ARG D 509 33.89 26.51 -47.03
C ARG D 509 34.10 25.93 -45.66
N VAL D 510 33.11 26.11 -44.82
CA VAL D 510 33.17 25.63 -43.46
C VAL D 510 32.06 24.65 -43.15
N VAL D 511 32.48 23.53 -42.61
CA VAL D 511 31.58 22.50 -42.16
C VAL D 511 31.77 22.27 -40.68
N VAL D 512 30.70 22.38 -39.93
CA VAL D 512 30.82 22.15 -38.51
C VAL D 512 30.05 20.95 -38.11
N LEU D 513 30.73 20.00 -37.51
CA LEU D 513 30.07 18.80 -37.11
C LEU D 513 29.79 18.85 -35.65
N SER D 514 28.52 18.93 -35.32
CA SER D 514 28.07 19.02 -33.95
C SER D 514 27.41 17.73 -33.57
N PHE D 515 27.91 17.11 -32.53
CA PHE D 515 27.44 15.83 -32.07
C PHE D 515 27.74 15.56 -30.62
N GLU D 516 27.08 14.54 -30.09
CA GLU D 516 27.26 14.07 -28.73
C GLU D 516 27.80 12.64 -28.73
N LEU D 517 28.53 12.29 -27.67
CA LEU D 517 29.06 10.93 -27.54
C LEU D 517 28.65 10.26 -26.23
N LEU D 518 28.42 8.95 -26.30
CA LEU D 518 28.19 8.01 -25.17
C LEU D 518 26.98 8.20 -24.26
N HIS D 519 26.04 9.09 -24.58
CA HIS D 519 24.90 9.27 -23.67
C HIS D 519 23.52 9.13 -24.27
N ALA D 520 23.41 8.51 -25.42
CA ALA D 520 22.12 8.33 -26.04
C ALA D 520 22.28 7.29 -27.12
N PRO D 521 21.21 6.69 -27.62
CA PRO D 521 21.23 5.81 -28.76
C PRO D 521 21.80 6.58 -29.91
N ALA D 522 22.55 5.92 -30.77
CA ALA D 522 23.14 6.58 -31.94
C ALA D 522 22.61 6.00 -33.22
N THR D 523 22.48 6.87 -34.20
CA THR D 523 22.07 6.48 -35.54
C THR D 523 23.20 6.64 -36.54
N VAL D 524 24.32 7.14 -36.08
CA VAL D 524 25.49 7.35 -36.91
C VAL D 524 26.63 6.68 -36.19
N CYS D 525 27.48 5.86 -36.86
CA CYS D 525 28.60 5.23 -36.16
C CYS D 525 29.78 4.98 -37.06
N GLY D 526 30.94 4.77 -36.48
CA GLY D 526 32.15 4.52 -37.26
C GLY D 526 32.11 3.17 -37.96
N PRO D 527 33.18 2.85 -38.72
CA PRO D 527 33.34 1.68 -39.56
C PRO D 527 33.85 0.42 -38.88
N LYS D 528 33.94 0.40 -37.57
CA LYS D 528 34.46 -0.77 -36.91
C LYS D 528 33.44 -1.90 -37.05
N LYS D 529 33.90 -3.11 -37.31
CA LYS D 529 32.99 -4.25 -37.45
C LYS D 529 32.65 -4.87 -36.11
N SER D 530 31.44 -5.41 -36.01
CA SER D 530 30.98 -6.10 -34.82
C SER D 530 31.37 -7.56 -34.79
N THR D 531 31.18 -8.14 -33.61
CA THR D 531 31.41 -9.53 -33.30
C THR D 531 30.16 -10.07 -32.62
N ASN D 532 30.19 -11.36 -32.31
CA ASN D 532 29.12 -11.99 -31.57
C ASN D 532 29.32 -11.65 -30.11
N LEU D 533 28.27 -11.76 -29.32
CA LEU D 533 28.38 -11.44 -27.90
C LEU D 533 28.45 -12.71 -27.06
N VAL D 534 29.36 -12.71 -26.10
CA VAL D 534 29.55 -13.82 -25.19
C VAL D 534 29.16 -13.48 -23.78
N LYS D 535 28.28 -14.30 -23.22
CA LYS D 535 27.76 -14.08 -21.88
C LYS D 535 28.46 -14.94 -20.82
N ASN D 536 28.44 -14.42 -19.58
CA ASN D 536 28.99 -15.05 -18.37
C ASN D 536 30.48 -15.38 -18.42
N LYS D 537 31.25 -14.51 -19.06
CA LYS D 537 32.70 -14.61 -19.17
C LYS D 537 33.31 -13.27 -18.88
N CYS D 538 34.62 -13.22 -18.49
CA CYS D 538 35.37 -11.98 -18.33
C CYS D 538 35.88 -11.58 -19.71
N VAL D 539 35.35 -10.47 -20.19
CA VAL D 539 35.61 -9.99 -21.52
C VAL D 539 35.95 -8.52 -21.60
N ASN D 540 36.52 -8.14 -22.74
CA ASN D 540 36.73 -6.75 -23.06
C ASN D 540 35.53 -6.38 -23.90
N PHE D 541 35.18 -5.12 -23.96
CA PHE D 541 34.08 -4.73 -24.82
C PHE D 541 34.07 -3.30 -25.32
N ASN D 542 33.28 -3.12 -26.36
CA ASN D 542 32.93 -1.84 -26.96
C ASN D 542 31.47 -1.81 -27.37
N PHE D 543 30.64 -1.11 -26.58
CA PHE D 543 29.21 -1.01 -26.92
C PHE D 543 28.92 0.40 -27.37
N ASN D 544 28.77 0.56 -28.66
CA ASN D 544 28.56 1.86 -29.28
C ASN D 544 29.58 2.92 -28.90
N GLY D 545 30.83 2.54 -28.77
CA GLY D 545 31.87 3.46 -28.39
C GLY D 545 32.15 3.42 -26.90
N LEU D 546 31.30 2.80 -26.10
CA LEU D 546 31.62 2.78 -24.69
C LEU D 546 32.36 1.53 -24.36
N THR D 547 33.60 1.71 -23.96
CA THR D 547 34.45 0.59 -23.71
C THR D 547 34.60 0.29 -22.25
N GLY D 548 35.12 -0.89 -21.99
CA GLY D 548 35.41 -1.33 -20.64
C GLY D 548 35.60 -2.82 -20.63
N THR D 549 35.74 -3.40 -19.45
CA THR D 549 35.89 -4.82 -19.32
C THR D 549 34.95 -5.27 -18.23
N GLY D 550 34.70 -6.55 -18.15
CA GLY D 550 33.83 -7.08 -17.10
C GLY D 550 33.10 -8.32 -17.54
N VAL D 551 32.13 -8.72 -16.76
CA VAL D 551 31.34 -9.89 -17.02
C VAL D 551 29.94 -9.46 -17.37
N LEU D 552 29.45 -9.91 -18.51
CA LEU D 552 28.13 -9.53 -18.97
C LEU D 552 27.11 -10.57 -18.57
N THR D 553 26.08 -10.16 -17.84
CA THR D 553 25.04 -11.11 -17.42
C THR D 553 23.69 -10.57 -17.85
N GLU D 554 22.70 -11.43 -17.99
CA GLU D 554 21.40 -10.90 -18.38
C GLU D 554 20.77 -10.16 -17.23
N SER D 555 20.08 -9.07 -17.55
CA SER D 555 19.47 -8.23 -16.55
C SER D 555 17.96 -8.24 -16.57
N ASN D 556 17.40 -7.62 -15.55
CA ASN D 556 15.97 -7.45 -15.39
C ASN D 556 15.60 -5.97 -15.29
N LYS D 557 16.56 -5.11 -15.62
CA LYS D 557 16.32 -3.67 -15.60
C LYS D 557 15.51 -3.33 -16.84
N LYS D 558 14.62 -2.37 -16.71
CA LYS D 558 13.83 -2.00 -17.87
C LYS D 558 14.12 -0.59 -18.30
N PHE D 559 14.89 -0.48 -19.37
CA PHE D 559 15.29 0.81 -19.88
C PHE D 559 14.15 1.39 -20.67
N LEU D 560 14.02 2.70 -20.64
CA LEU D 560 13.01 3.38 -21.42
C LEU D 560 13.49 3.34 -22.86
N PRO D 561 12.63 3.50 -23.86
CA PRO D 561 12.95 3.45 -25.27
C PRO D 561 14.09 4.37 -25.70
N PHE D 562 14.34 5.43 -24.95
CA PHE D 562 15.37 6.38 -25.29
C PHE D 562 16.65 6.27 -24.45
N GLN D 563 16.72 5.29 -23.57
CA GLN D 563 17.88 5.14 -22.70
C GLN D 563 18.79 4.04 -23.20
N GLN D 564 20.00 4.41 -23.60
CA GLN D 564 20.91 3.42 -24.15
C GLN D 564 21.81 2.79 -23.10
N PHE D 565 22.14 3.58 -22.09
CA PHE D 565 23.07 3.17 -21.05
C PHE D 565 22.50 3.53 -19.69
N GLY D 566 22.86 2.79 -18.66
CA GLY D 566 22.47 3.21 -17.32
C GLY D 566 23.68 3.58 -16.50
N ARG D 567 23.44 3.90 -15.25
CA ARG D 567 24.47 4.27 -14.27
C ARG D 567 24.14 3.73 -12.89
N ASP D 568 25.17 3.35 -12.13
CA ASP D 568 24.98 2.91 -10.75
C ASP D 568 24.98 4.11 -9.81
N ILE D 569 24.98 3.83 -8.50
CA ILE D 569 24.87 4.84 -7.45
C ILE D 569 26.03 5.81 -7.37
N ALA D 570 27.14 5.49 -8.02
CA ALA D 570 28.30 6.35 -8.01
C ALA D 570 28.67 6.72 -9.45
N ASP D 571 27.66 6.80 -10.30
CA ASP D 571 27.73 7.19 -11.70
C ASP D 571 28.65 6.39 -12.59
N THR D 572 28.72 5.10 -12.38
CA THR D 572 29.52 4.25 -13.22
C THR D 572 28.59 3.37 -14.04
N THR D 573 28.83 3.24 -15.34
CA THR D 573 27.91 2.44 -16.14
C THR D 573 27.89 1.04 -15.60
N ASP D 574 26.70 0.51 -15.34
CA ASP D 574 26.60 -0.84 -14.82
C ASP D 574 25.63 -1.68 -15.61
N ALA D 575 25.14 -1.14 -16.70
CA ALA D 575 24.24 -1.85 -17.58
C ALA D 575 24.17 -1.15 -18.90
N VAL D 576 24.00 -1.93 -19.96
CA VAL D 576 23.82 -1.39 -21.29
C VAL D 576 22.70 -2.06 -22.04
N ARG D 577 22.16 -1.36 -23.03
CA ARG D 577 21.21 -1.96 -23.93
C ARG D 577 21.95 -2.35 -25.20
N ASP D 578 21.92 -3.62 -25.55
CA ASP D 578 22.65 -4.04 -26.74
C ASP D 578 22.08 -3.37 -27.99
N PRO D 579 22.92 -2.82 -28.88
CA PRO D 579 22.54 -2.16 -30.11
C PRO D 579 21.93 -3.01 -31.22
N GLN D 580 22.07 -4.35 -31.21
CA GLN D 580 21.48 -5.08 -32.32
C GLN D 580 20.17 -5.71 -31.89
N THR D 581 20.15 -6.20 -30.66
CA THR D 581 18.95 -6.79 -30.08
C THR D 581 18.79 -6.03 -28.80
N LEU D 582 17.61 -5.59 -28.46
CA LEU D 582 17.57 -4.72 -27.28
C LEU D 582 17.44 -5.45 -25.96
N GLU D 583 18.47 -6.19 -25.65
CA GLU D 583 18.55 -6.94 -24.42
C GLU D 583 19.27 -6.07 -23.42
N ILE D 584 18.95 -6.24 -22.16
CA ILE D 584 19.67 -5.47 -21.18
C ILE D 584 20.65 -6.37 -20.48
N LEU D 585 21.89 -5.93 -20.46
CA LEU D 585 22.94 -6.69 -19.80
C LEU D 585 23.54 -5.89 -18.68
N ASP D 586 23.75 -6.55 -17.55
CA ASP D 586 24.39 -5.92 -16.40
C ASP D 586 25.87 -6.14 -16.54
N ILE D 587 26.68 -5.17 -16.13
CA ILE D 587 28.10 -5.36 -16.23
C ILE D 587 28.72 -5.44 -14.84
N THR D 588 29.34 -6.56 -14.55
CA THR D 588 29.94 -6.75 -13.24
C THR D 588 31.46 -6.82 -13.40
N PRO D 589 32.27 -6.15 -12.57
CA PRO D 589 33.73 -6.20 -12.65
C PRO D 589 34.24 -7.64 -12.52
N CYS D 590 35.43 -7.91 -13.12
CA CYS D 590 36.07 -9.24 -13.12
C CYS D 590 36.80 -9.50 -11.81
N SER D 591 37.33 -8.43 -11.23
CA SER D 591 38.09 -8.49 -9.99
C SER D 591 37.16 -8.51 -8.81
N PHE D 592 37.55 -9.20 -7.74
CA PHE D 592 36.68 -9.27 -6.55
C PHE D 592 37.33 -10.06 -5.44
N GLY D 593 36.79 -9.93 -4.25
CA GLY D 593 37.24 -10.77 -3.15
C GLY D 593 38.47 -10.18 -2.52
N GLY D 594 39.39 -11.03 -2.14
CA GLY D 594 40.58 -10.58 -1.45
C GLY D 594 41.44 -11.77 -1.12
N VAL D 595 42.71 -11.51 -0.90
CA VAL D 595 43.66 -12.56 -0.63
C VAL D 595 44.64 -12.13 0.45
N SER D 596 45.03 -13.06 1.30
CA SER D 596 46.08 -12.78 2.26
C SER D 596 47.00 -13.99 2.37
N VAL D 597 48.23 -13.71 2.74
CA VAL D 597 49.24 -14.76 2.77
C VAL D 597 49.87 -14.97 4.13
N ILE D 598 49.92 -16.23 4.49
CA ILE D 598 50.47 -16.73 5.72
C ILE D 598 51.91 -17.11 5.49
N THR D 599 52.82 -16.35 6.08
CA THR D 599 54.22 -16.51 5.76
C THR D 599 55.12 -16.82 6.97
N PRO D 600 55.93 -17.90 6.95
CA PRO D 600 56.91 -18.25 7.94
C PRO D 600 58.04 -17.34 7.62
N GLY D 601 59.05 -17.18 8.44
CA GLY D 601 60.09 -16.30 7.95
C GLY D 601 60.68 -16.89 6.66
N THR D 602 61.04 -16.01 5.72
CA THR D 602 61.60 -16.42 4.42
C THR D 602 63.03 -16.85 4.54
N ASN D 603 63.59 -16.63 5.72
CA ASN D 603 64.94 -17.03 6.02
C ASN D 603 64.95 -18.45 6.59
N THR D 604 63.77 -19.06 6.64
CA THR D 604 63.56 -20.40 7.11
C THR D 604 62.98 -21.26 6.00
N SER D 605 61.92 -20.77 5.37
CA SER D 605 61.23 -21.50 4.33
C SER D 605 60.58 -20.60 3.31
N ASN D 606 60.47 -21.06 2.08
CA ASN D 606 59.83 -20.28 1.05
C ASN D 606 58.40 -20.74 0.80
N GLN D 607 57.88 -21.54 1.70
CA GLN D 607 56.54 -22.04 1.56
C GLN D 607 55.59 -21.11 2.25
N VAL D 608 54.45 -20.86 1.62
CA VAL D 608 53.42 -20.03 2.24
C VAL D 608 52.08 -20.68 2.11
N ALA D 609 51.13 -20.26 2.93
CA ALA D 609 49.76 -20.73 2.78
C ALA D 609 48.90 -19.54 2.36
N VAL D 610 47.89 -19.76 1.52
CA VAL D 610 47.09 -18.62 1.07
C VAL D 610 45.61 -18.71 1.40
N LEU D 611 45.11 -17.63 2.00
CA LEU D 611 43.72 -17.53 2.38
C LEU D 611 42.92 -16.74 1.38
N TYR D 612 41.81 -17.30 0.94
CA TYR D 612 40.95 -16.61 0.00
C TYR D 612 39.72 -16.09 0.73
N GLN D 613 39.48 -14.79 0.63
CA GLN D 613 38.40 -14.16 1.37
C GLN D 613 36.99 -14.41 0.87
N ASP D 614 36.82 -14.70 -0.42
CA ASP D 614 35.51 -14.91 -1.02
C ASP D 614 35.32 -16.30 -1.59
N VAL D 615 36.11 -17.26 -1.14
CA VAL D 615 35.98 -18.61 -1.66
C VAL D 615 35.76 -19.57 -0.48
N ASN D 616 34.74 -20.43 -0.60
CA ASN D 616 34.38 -21.39 0.47
C ASN D 616 35.20 -22.68 0.35
N CYS D 617 35.42 -23.16 -0.88
CA CYS D 617 36.11 -24.41 -1.22
C CYS D 617 35.42 -25.69 -0.66
N THR D 618 34.10 -25.82 -0.76
CA THR D 618 33.45 -27.01 -0.17
C THR D 618 32.96 -28.14 -1.09
N GLU D 619 33.28 -28.08 -2.37
CA GLU D 619 32.92 -29.15 -3.33
C GLU D 619 31.45 -29.55 -3.33
N VAL D 620 30.58 -28.57 -3.33
CA VAL D 620 29.16 -28.80 -3.35
C VAL D 620 28.78 -29.26 -4.76
N PRO D 621 28.02 -30.35 -4.94
CA PRO D 621 27.59 -30.83 -6.24
C PRO D 621 26.86 -29.75 -7.02
N VAL D 622 27.21 -29.62 -8.29
CA VAL D 622 26.60 -28.65 -9.17
C VAL D 622 26.16 -29.27 -10.47
N ALA D 623 25.30 -28.53 -11.18
CA ALA D 623 24.77 -28.89 -12.48
C ALA D 623 25.79 -28.81 -13.58
N ILE D 624 25.57 -29.57 -14.62
CA ILE D 624 26.45 -29.58 -15.76
C ILE D 624 25.85 -28.73 -16.84
N HIS D 625 26.53 -27.65 -17.17
CA HIS D 625 26.04 -26.83 -18.24
C HIS D 625 26.32 -27.60 -19.50
N ALA D 626 25.42 -27.59 -20.47
CA ALA D 626 25.69 -28.34 -21.69
C ALA D 626 26.92 -27.86 -22.45
N ASP D 627 27.18 -26.56 -22.46
CA ASP D 627 28.29 -26.05 -23.23
C ASP D 627 29.52 -25.84 -22.39
N GLN D 628 29.31 -25.34 -21.18
CA GLN D 628 30.43 -25.04 -20.34
C GLN D 628 30.78 -26.09 -19.34
N LEU D 629 32.07 -26.20 -19.06
CA LEU D 629 32.55 -27.11 -18.06
C LEU D 629 32.49 -26.43 -16.71
N THR D 630 32.21 -27.20 -15.67
CA THR D 630 32.13 -26.65 -14.34
C THR D 630 33.38 -25.84 -14.03
N PRO D 631 33.25 -24.56 -13.62
CA PRO D 631 34.32 -23.64 -13.30
C PRO D 631 35.02 -23.98 -12.00
N THR D 632 36.25 -23.53 -11.89
CA THR D 632 37.08 -23.70 -10.71
C THR D 632 36.89 -22.59 -9.72
N TRP D 633 37.47 -22.80 -8.56
CA TRP D 633 37.48 -21.83 -7.49
C TRP D 633 38.35 -20.67 -7.91
N ARG D 634 38.00 -19.46 -7.47
CA ARG D 634 38.81 -18.29 -7.81
C ARG D 634 40.03 -18.21 -6.91
N VAL D 635 40.94 -19.13 -7.13
CA VAL D 635 42.14 -19.24 -6.35
C VAL D 635 43.28 -19.27 -7.30
N TYR D 636 44.50 -19.03 -6.84
CA TYR D 636 45.60 -19.07 -7.77
C TYR D 636 45.97 -20.50 -8.11
N SER D 637 45.81 -21.37 -7.14
CA SER D 637 46.13 -22.77 -7.30
C SER D 637 45.43 -23.58 -6.23
N THR D 638 44.99 -24.78 -6.56
CA THR D 638 44.44 -25.64 -5.54
C THR D 638 45.49 -26.69 -5.24
N GLY D 639 45.88 -26.76 -3.98
CA GLY D 639 46.93 -27.67 -3.54
C GLY D 639 46.42 -28.93 -2.90
N SER D 640 47.32 -29.60 -2.20
CA SER D 640 47.06 -30.87 -1.51
C SER D 640 46.34 -30.75 -0.19
N ASN D 641 46.28 -29.53 0.33
CA ASN D 641 45.66 -29.30 1.62
C ASN D 641 44.67 -28.18 1.56
N VAL D 642 43.40 -28.51 1.62
CA VAL D 642 42.41 -27.47 1.55
C VAL D 642 41.56 -27.54 2.81
N PHE D 643 41.56 -26.43 3.54
CA PHE D 643 40.82 -26.30 4.78
C PHE D 643 39.85 -25.17 4.77
N GLN D 644 38.61 -25.43 5.15
CA GLN D 644 37.60 -24.41 5.09
C GLN D 644 37.22 -23.84 6.44
N THR D 645 37.28 -22.53 6.58
CA THR D 645 36.85 -21.87 7.79
C THR D 645 36.00 -20.64 7.55
N ARG D 646 35.55 -20.03 8.63
CA ARG D 646 34.72 -18.83 8.60
C ARG D 646 35.47 -17.62 8.06
N ALA D 647 36.78 -17.69 8.10
CA ALA D 647 37.63 -16.63 7.60
C ALA D 647 37.88 -16.79 6.09
N GLY D 648 37.38 -17.88 5.50
CA GLY D 648 37.59 -18.19 4.09
C GLY D 648 38.33 -19.49 4.01
N CYS D 649 38.44 -20.09 2.81
CA CYS D 649 39.21 -21.33 2.67
C CYS D 649 40.69 -21.01 2.53
N LEU D 650 41.43 -21.89 3.11
CA LEU D 650 42.85 -21.85 3.16
C LEU D 650 43.49 -22.97 2.41
N ILE D 651 44.36 -22.60 1.49
CA ILE D 651 45.02 -23.60 0.69
C ILE D 651 46.53 -23.65 0.89
N GLY D 652 47.01 -24.85 1.18
CA GLY D 652 48.43 -25.13 1.38
C GLY D 652 48.83 -25.45 2.83
N ALA D 653 48.01 -25.10 3.80
CA ALA D 653 48.33 -25.42 5.19
C ALA D 653 47.68 -26.74 5.52
N GLU D 654 48.36 -27.56 6.27
CA GLU D 654 47.80 -28.82 6.69
C GLU D 654 46.82 -28.52 7.77
N HIS D 655 45.75 -29.25 7.86
CA HIS D 655 44.85 -29.00 8.97
C HIS D 655 44.92 -30.09 9.99
N VAL D 656 44.93 -29.70 11.26
CA VAL D 656 44.88 -30.69 12.32
C VAL D 656 43.72 -30.43 13.24
N ASN D 657 43.36 -31.45 14.00
CA ASN D 657 42.27 -31.35 14.95
C ASN D 657 42.73 -30.98 16.34
N ASN D 658 43.97 -30.59 16.45
CA ASN D 658 44.54 -30.20 17.71
C ASN D 658 44.30 -28.72 17.94
N SER D 659 44.73 -28.23 19.08
CA SER D 659 44.58 -26.81 19.36
C SER D 659 45.81 -26.35 20.08
N TYR D 660 46.15 -25.09 19.87
CA TYR D 660 47.38 -24.58 20.46
C TYR D 660 47.36 -23.09 20.69
N GLU D 661 48.45 -22.60 21.25
CA GLU D 661 48.66 -21.19 21.46
C GLU D 661 48.74 -20.58 20.08
N CYS D 662 48.16 -19.38 19.88
CA CYS D 662 48.14 -18.70 18.59
C CYS D 662 49.48 -18.08 18.21
N ASP D 663 49.76 -18.20 16.93
CA ASP D 663 50.86 -17.61 16.23
C ASP D 663 50.35 -17.41 14.84
N ILE D 664 50.94 -16.47 14.13
CA ILE D 664 50.55 -16.22 12.75
C ILE D 664 49.02 -16.36 12.65
N PRO D 665 48.24 -15.49 13.29
CA PRO D 665 46.80 -15.57 13.36
C PRO D 665 46.17 -15.45 12.00
N ILE D 666 45.19 -16.29 11.73
CA ILE D 666 44.51 -16.26 10.45
C ILE D 666 43.18 -15.52 10.55
N GLY D 667 42.41 -15.84 11.57
CA GLY D 667 41.12 -15.21 11.79
C GLY D 667 40.02 -16.21 12.10
N ALA D 668 38.95 -15.73 12.73
CA ALA D 668 37.77 -16.49 13.08
C ALA D 668 38.07 -17.78 13.84
N GLY D 669 38.95 -17.71 14.84
CA GLY D 669 39.25 -18.88 15.63
C GLY D 669 40.45 -19.70 15.14
N ILE D 670 40.99 -19.35 13.97
CA ILE D 670 42.09 -20.08 13.36
C ILE D 670 43.46 -19.37 13.37
N CYS D 671 44.53 -20.12 13.72
CA CYS D 671 45.94 -19.70 13.75
C CYS D 671 46.80 -20.78 13.08
N ALA D 672 48.09 -20.50 12.88
CA ALA D 672 48.96 -21.49 12.25
C ALA D 672 50.41 -21.36 12.68
N SER D 673 51.17 -22.42 12.51
CA SER D 673 52.59 -22.38 12.82
C SER D 673 53.40 -23.27 11.92
N TYR D 674 54.71 -23.03 11.90
CA TYR D 674 55.59 -23.84 11.07
C TYR D 674 56.18 -24.95 11.92
N GLN D 675 56.00 -26.18 11.46
CA GLN D 675 56.43 -27.37 12.17
C GLN D 675 57.07 -28.36 11.21
N THR D 676 57.95 -29.27 11.71
CA THR D 676 58.55 -30.34 10.90
C THR D 676 57.45 -31.33 10.43
N GLN D 690 59.10 -30.36 5.99
CA GLN D 690 58.50 -29.47 6.97
C GLN D 690 57.25 -28.84 6.31
N SER D 691 56.31 -28.31 7.13
CA SER D 691 55.03 -27.74 6.67
C SER D 691 54.38 -26.69 7.57
N ILE D 692 53.36 -26.05 7.02
CA ILE D 692 52.59 -25.05 7.75
C ILE D 692 51.31 -25.71 8.22
N ILE D 693 51.06 -25.63 9.53
CA ILE D 693 49.88 -26.25 10.10
C ILE D 693 48.88 -25.28 10.67
N ALA D 694 47.65 -25.42 10.21
CA ALA D 694 46.52 -24.66 10.69
C ALA D 694 45.87 -25.42 11.83
N TYR D 695 45.43 -24.68 12.82
CA TYR D 695 44.78 -25.24 14.00
C TYR D 695 43.84 -24.26 14.64
N THR D 696 42.93 -24.76 15.48
CA THR D 696 42.08 -23.81 16.16
C THR D 696 42.82 -23.31 17.37
N MET D 697 42.41 -22.19 17.88
CA MET D 697 43.04 -21.69 19.07
C MET D 697 42.60 -22.34 20.33
N SER D 698 43.54 -22.52 21.22
CA SER D 698 43.22 -22.92 22.57
C SER D 698 42.91 -21.64 23.31
N LEU D 699 42.28 -21.75 24.45
CA LEU D 699 42.05 -20.58 25.28
C LEU D 699 42.73 -20.87 26.57
N GLY D 700 44.03 -20.69 26.64
CA GLY D 700 44.70 -21.10 27.86
C GLY D 700 44.49 -22.60 28.05
N ALA D 701 43.99 -22.97 29.23
CA ALA D 701 43.72 -24.35 29.57
C ALA D 701 42.50 -24.44 30.46
N GLU D 702 41.81 -25.57 30.42
CA GLU D 702 40.62 -25.75 31.24
C GLU D 702 40.97 -26.03 32.68
N ASN D 703 40.10 -25.58 33.56
CA ASN D 703 40.25 -25.80 34.98
C ASN D 703 38.87 -25.90 35.64
N SER D 704 38.85 -26.13 36.94
CA SER D 704 37.61 -26.25 37.67
C SER D 704 37.80 -25.99 39.14
N VAL D 705 36.69 -25.85 39.83
CA VAL D 705 36.69 -25.67 41.26
C VAL D 705 35.70 -26.63 41.88
N ALA D 706 35.87 -26.94 43.16
CA ALA D 706 34.92 -27.82 43.85
C ALA D 706 33.68 -27.11 44.37
N TYR D 707 33.85 -25.87 44.81
CA TYR D 707 32.81 -25.08 45.45
C TYR D 707 31.95 -25.87 46.46
N SER D 708 32.55 -26.62 47.34
CA SER D 708 31.68 -27.17 48.37
C SER D 708 31.23 -25.95 49.17
N ASN D 709 29.96 -25.93 49.62
CA ASN D 709 29.35 -24.82 50.36
C ASN D 709 29.93 -24.60 51.77
N ASN D 710 30.59 -25.63 52.34
CA ASN D 710 31.20 -25.64 53.66
C ASN D 710 32.71 -25.82 53.59
N SER D 711 33.35 -25.41 52.50
CA SER D 711 34.80 -25.60 52.44
C SER D 711 35.52 -24.39 51.90
N ILE D 712 36.61 -24.03 52.57
CA ILE D 712 37.41 -22.89 52.13
C ILE D 712 38.87 -23.26 51.93
N ALA D 713 39.45 -22.82 50.81
CA ALA D 713 40.88 -23.07 50.62
C ALA D 713 41.65 -21.86 51.17
N ILE D 714 42.70 -22.14 51.93
CA ILE D 714 43.53 -21.10 52.50
C ILE D 714 45.02 -21.37 52.22
N PRO D 715 45.78 -20.45 51.61
CA PRO D 715 47.21 -20.52 51.30
C PRO D 715 47.97 -20.79 52.58
N THR D 716 49.01 -21.62 52.53
CA THR D 716 49.81 -21.90 53.74
C THR D 716 51.31 -21.44 53.66
N ASN D 717 51.71 -20.93 52.48
CA ASN D 717 53.01 -20.45 52.08
C ASN D 717 52.72 -19.28 51.13
N PHE D 718 53.74 -18.59 50.62
CA PHE D 718 53.63 -17.47 49.69
C PHE D 718 54.90 -17.32 48.90
N THR D 719 54.80 -16.64 47.79
CA THR D 719 55.96 -16.25 47.04
C THR D 719 55.94 -14.79 46.68
N ILE D 720 57.05 -14.14 46.91
CA ILE D 720 57.24 -12.78 46.48
C ILE D 720 58.04 -12.82 45.22
N SER D 721 57.51 -12.19 44.20
CA SER D 721 58.08 -12.22 42.88
C SER D 721 58.06 -10.86 42.26
N VAL D 722 58.84 -10.70 41.21
CA VAL D 722 58.89 -9.40 40.59
C VAL D 722 58.67 -9.56 39.10
N THR D 723 57.80 -8.74 38.56
CA THR D 723 57.50 -8.76 37.14
C THR D 723 57.78 -7.37 36.63
N THR D 724 57.80 -7.19 35.33
CA THR D 724 58.08 -5.85 34.86
C THR D 724 57.06 -5.32 33.90
N GLU D 725 57.02 -4.01 33.79
CA GLU D 725 56.15 -3.33 32.83
C GLU D 725 56.90 -2.25 32.09
N ILE D 726 56.64 -2.16 30.80
CA ILE D 726 57.29 -1.19 29.95
C ILE D 726 56.27 -0.19 29.44
N LEU D 727 56.55 1.08 29.69
CA LEU D 727 55.68 2.16 29.30
C LEU D 727 56.40 3.29 28.60
N PRO D 728 56.42 3.32 27.26
CA PRO D 728 57.09 4.33 26.47
C PRO D 728 56.59 5.68 26.89
N VAL D 729 57.46 6.66 26.92
CA VAL D 729 57.11 8.00 27.33
C VAL D 729 57.22 9.04 26.22
N SER D 730 58.21 8.92 25.34
CA SER D 730 58.37 9.99 24.35
C SER D 730 58.80 9.56 22.95
N MET D 731 58.41 10.39 22.01
CA MET D 731 58.74 10.33 20.60
C MET D 731 59.94 11.15 20.26
N THR D 732 60.57 10.81 19.16
CA THR D 732 61.64 11.64 18.64
C THR D 732 61.04 12.97 18.24
N LYS D 733 61.68 14.05 18.66
CA LYS D 733 61.23 15.38 18.31
C LYS D 733 61.83 15.73 16.97
N THR D 734 61.04 16.30 16.08
CA THR D 734 61.56 16.66 14.77
C THR D 734 61.23 18.07 14.38
N SER D 735 61.85 18.52 13.30
CA SER D 735 61.61 19.83 12.71
C SER D 735 61.82 19.81 11.22
N VAL D 736 60.98 20.52 10.48
CA VAL D 736 61.15 20.52 9.04
C VAL D 736 61.35 21.86 8.36
N ASP D 737 62.43 21.95 7.61
CA ASP D 737 62.67 23.13 6.83
C ASP D 737 61.90 22.88 5.55
N CYS D 738 60.66 23.43 5.51
CA CYS D 738 59.65 23.27 4.47
C CYS D 738 60.24 23.67 3.12
N THR D 739 60.93 24.80 3.08
CA THR D 739 61.52 25.23 1.84
C THR D 739 62.57 24.23 1.38
N MET D 740 63.43 23.75 2.28
CA MET D 740 64.40 22.78 1.77
C MET D 740 63.77 21.50 1.24
N TYR D 741 62.72 21.02 1.89
CA TYR D 741 62.04 19.80 1.46
C TYR D 741 61.44 19.96 0.07
N ILE D 742 60.81 21.09 -0.14
CA ILE D 742 60.10 21.33 -1.38
C ILE D 742 61.00 21.89 -2.52
N CYS D 743 61.79 22.94 -2.22
CA CYS D 743 62.60 23.74 -3.14
C CYS D 743 64.06 23.78 -2.66
N GLY D 744 64.61 22.65 -2.29
CA GLY D 744 65.98 22.71 -1.80
C GLY D 744 66.90 23.22 -2.89
N ASP D 745 67.64 24.27 -2.55
CA ASP D 745 68.58 24.95 -3.43
C ASP D 745 68.02 25.28 -4.83
N SER D 746 66.76 25.72 -4.91
CA SER D 746 66.20 26.10 -6.21
C SER D 746 65.44 27.42 -6.14
N THR D 747 65.98 28.44 -6.81
CA THR D 747 65.47 29.79 -6.76
C THR D 747 64.08 29.98 -7.32
N GLU D 748 63.83 29.41 -8.47
CA GLU D 748 62.53 29.62 -9.11
C GLU D 748 61.39 29.01 -8.30
N CYS D 749 61.62 27.80 -7.75
CA CYS D 749 60.69 27.04 -6.92
C CYS D 749 60.46 27.85 -5.64
N SER D 750 61.55 28.33 -5.04
CA SER D 750 61.44 29.07 -3.82
C SER D 750 60.56 30.28 -4.00
N ASN D 751 60.72 30.99 -5.11
CA ASN D 751 59.87 32.15 -5.28
C ASN D 751 58.41 31.75 -5.46
N LEU D 752 58.15 30.68 -6.19
CA LEU D 752 56.75 30.28 -6.40
C LEU D 752 56.11 29.83 -5.09
N LEU D 753 56.89 29.20 -4.24
CA LEU D 753 56.47 28.70 -2.94
C LEU D 753 56.04 29.80 -2.01
N LEU D 754 56.41 31.04 -2.28
CA LEU D 754 56.04 32.12 -1.40
C LEU D 754 54.54 32.25 -1.36
N GLN D 755 53.88 31.94 -2.48
CA GLN D 755 52.44 32.12 -2.55
C GLN D 755 51.68 31.20 -1.60
N TYR D 756 52.23 30.03 -1.32
CA TYR D 756 51.59 29.04 -0.49
C TYR D 756 52.30 28.95 0.86
N GLY D 757 53.16 29.92 1.15
CA GLY D 757 54.03 29.89 2.33
C GLY D 757 53.34 29.80 3.69
N SER D 758 52.11 30.32 3.82
CA SER D 758 51.43 30.29 5.10
C SER D 758 51.17 28.85 5.57
N PHE D 759 51.18 27.92 4.63
CA PHE D 759 50.96 26.54 4.94
C PHE D 759 52.18 25.88 5.60
N CYS D 760 53.43 26.33 5.26
CA CYS D 760 54.68 25.84 5.82
C CYS D 760 54.70 26.25 7.27
N THR D 761 54.22 27.48 7.50
CA THR D 761 54.21 27.99 8.84
C THR D 761 53.28 27.14 9.69
N GLN D 762 52.10 26.81 9.17
CA GLN D 762 51.20 26.01 9.98
C GLN D 762 51.75 24.61 10.26
N LEU D 763 52.46 24.01 9.30
CA LEU D 763 53.04 22.70 9.55
C LEU D 763 54.10 22.78 10.62
N ASN D 764 54.88 23.86 10.61
CA ASN D 764 55.92 24.00 11.61
C ASN D 764 55.31 24.15 12.97
N ARG D 765 54.17 24.83 13.05
CA ARG D 765 53.56 25.02 14.34
C ARG D 765 53.12 23.70 14.92
N ALA D 766 52.54 22.84 14.08
CA ALA D 766 52.09 21.57 14.59
C ALA D 766 53.24 20.72 15.08
N LEU D 767 54.34 20.73 14.34
CA LEU D 767 55.46 19.91 14.76
C LEU D 767 56.08 20.44 16.02
N THR D 768 56.14 21.75 16.15
CA THR D 768 56.73 22.32 17.34
C THR D 768 55.89 21.91 18.53
N GLY D 769 54.57 21.99 18.42
CA GLY D 769 53.75 21.64 19.55
C GLY D 769 54.03 20.21 20.00
N ILE D 770 54.19 19.29 19.05
CA ILE D 770 54.48 17.94 19.46
C ILE D 770 55.80 17.88 20.16
N ALA D 771 56.80 18.52 19.58
CA ALA D 771 58.13 18.47 20.13
C ALA D 771 58.19 18.99 21.56
N VAL D 772 57.45 20.04 21.85
CA VAL D 772 57.45 20.57 23.19
C VAL D 772 56.82 19.60 24.15
N GLU D 773 55.72 19.01 23.73
CA GLU D 773 55.02 18.06 24.55
C GLU D 773 55.88 16.86 24.89
N GLN D 774 56.79 16.48 24.01
CA GLN D 774 57.60 15.32 24.34
C GLN D 774 58.48 15.58 25.56
N ASP D 775 58.87 16.83 25.81
CA ASP D 775 59.68 17.05 26.99
C ASP D 775 58.76 17.13 28.17
N LYS D 776 57.56 17.66 27.96
CA LYS D 776 56.62 17.71 29.06
C LYS D 776 56.28 16.32 29.52
N ASN D 777 56.16 15.38 28.59
CA ASN D 777 55.80 14.02 28.93
C ASN D 777 56.89 13.41 29.80
N THR D 778 58.14 13.67 29.43
CA THR D 778 59.24 13.13 30.18
C THR D 778 59.26 13.72 31.57
N GLN D 779 59.03 15.01 31.67
CA GLN D 779 59.04 15.66 32.96
C GLN D 779 57.93 15.12 33.83
N GLU D 780 56.76 14.88 33.29
CA GLU D 780 55.70 14.38 34.14
C GLU D 780 56.00 13.00 34.67
N VAL D 781 56.60 12.15 33.85
CA VAL D 781 56.87 10.82 34.34
C VAL D 781 57.99 10.80 35.38
N PHE D 782 59.09 11.50 35.14
CA PHE D 782 60.20 11.37 36.07
C PHE D 782 60.40 12.49 37.08
N ALA D 783 60.06 13.73 36.76
CA ALA D 783 60.39 14.84 37.64
C ALA D 783 59.30 15.08 38.69
N GLN D 784 59.03 14.05 39.48
CA GLN D 784 58.04 14.11 40.56
C GLN D 784 58.70 14.40 41.89
N VAL D 785 60.01 14.47 41.86
CA VAL D 785 60.80 14.71 43.03
C VAL D 785 61.68 15.91 42.77
N LYS D 786 61.59 16.91 43.66
CA LYS D 786 62.40 18.11 43.51
C LYS D 786 63.58 18.08 44.47
N GLN D 787 63.63 17.02 45.25
CA GLN D 787 64.67 16.79 46.22
C GLN D 787 65.45 15.60 45.73
N ILE D 788 66.63 15.81 45.23
CA ILE D 788 67.32 14.70 44.64
C ILE D 788 68.12 14.05 45.70
N TYR D 789 67.63 12.90 46.10
CA TYR D 789 68.19 12.20 47.21
C TYR D 789 69.34 11.35 46.74
N LYS D 790 70.42 11.39 47.48
CA LYS D 790 71.58 10.58 47.16
C LYS D 790 71.38 9.15 47.55
N THR D 791 72.04 8.27 46.81
CA THR D 791 72.01 6.87 47.10
C THR D 791 72.54 6.75 48.53
N PRO D 792 71.82 6.10 49.44
CA PRO D 792 72.21 5.97 50.82
C PRO D 792 73.57 5.28 50.94
N PRO D 793 74.42 5.69 51.92
CA PRO D 793 75.70 5.10 52.26
C PRO D 793 75.52 3.78 53.01
N ILE D 794 74.32 3.56 53.49
CA ILE D 794 73.97 2.40 54.28
C ILE D 794 73.16 1.47 53.40
N LYS D 795 73.65 0.26 53.26
CA LYS D 795 72.98 -0.70 52.40
C LYS D 795 72.23 -1.73 53.21
N ASP D 796 72.13 -1.49 54.51
CA ASP D 796 71.53 -2.44 55.42
C ASP D 796 70.02 -2.38 55.43
N PHE D 797 69.45 -2.74 54.30
CA PHE D 797 68.02 -2.76 54.11
C PHE D 797 67.51 -4.12 54.52
N GLY D 798 67.65 -4.41 55.81
CA GLY D 798 67.31 -5.72 56.31
C GLY D 798 68.24 -6.73 55.63
N GLY D 799 67.66 -7.78 55.05
CA GLY D 799 68.44 -8.81 54.36
C GLY D 799 68.40 -8.64 52.84
N PHE D 800 67.89 -7.51 52.39
CA PHE D 800 67.68 -7.28 50.98
C PHE D 800 68.93 -6.67 50.33
N ASN D 801 69.14 -6.98 49.04
CA ASN D 801 70.30 -6.58 48.23
C ASN D 801 70.11 -5.21 47.51
N PHE D 802 69.30 -5.15 46.42
CA PHE D 802 69.00 -3.95 45.57
C PHE D 802 70.19 -3.32 44.84
N SER D 803 71.34 -3.96 44.83
CA SER D 803 72.50 -3.34 44.19
C SER D 803 72.41 -3.24 42.67
N GLN D 804 71.52 -3.99 42.07
CA GLN D 804 71.36 -3.99 40.62
C GLN D 804 70.27 -3.00 40.21
N ILE D 805 69.61 -2.43 41.22
CA ILE D 805 68.53 -1.48 41.09
C ILE D 805 69.06 -0.07 41.29
N LEU D 806 69.92 0.08 42.30
CA LEU D 806 70.53 1.34 42.66
C LEU D 806 71.62 1.74 41.65
N PRO D 807 71.93 3.03 41.47
CA PRO D 807 72.96 3.54 40.58
C PRO D 807 74.29 2.92 40.88
N ASP D 808 75.07 2.61 39.84
CA ASP D 808 76.40 2.05 40.02
C ASP D 808 77.42 3.14 40.39
N PRO D 809 77.99 3.19 41.62
CA PRO D 809 78.91 4.22 42.08
C PRO D 809 80.20 4.30 41.27
N SER D 810 80.53 3.22 40.55
CA SER D 810 81.77 3.18 39.79
C SER D 810 81.58 3.60 38.34
N LYS D 811 80.34 3.83 37.93
CA LYS D 811 80.06 4.14 36.55
C LYS D 811 79.93 5.66 36.42
N PRO D 812 80.52 6.32 35.40
CA PRO D 812 80.33 7.74 35.10
C PRO D 812 78.85 8.10 34.99
N SER D 813 78.10 7.17 34.41
CA SER D 813 76.67 7.24 34.23
C SER D 813 75.99 6.99 35.56
N LYS D 814 74.82 7.54 35.74
CA LYS D 814 74.13 7.37 37.01
C LYS D 814 73.18 6.18 36.96
N ARG D 815 73.26 5.42 35.88
CA ARG D 815 72.45 4.24 35.72
C ARG D 815 72.87 3.09 36.63
N SER D 816 71.87 2.31 37.04
CA SER D 816 72.00 1.08 37.78
C SER D 816 72.43 0.01 36.81
N PHE D 817 72.80 -1.16 37.28
CA PHE D 817 73.17 -2.22 36.35
C PHE D 817 72.02 -2.56 35.41
N ILE D 818 70.82 -2.73 35.96
CA ILE D 818 69.67 -3.04 35.13
C ILE D 818 69.41 -1.92 34.13
N GLU D 819 69.50 -0.67 34.57
CA GLU D 819 69.28 0.42 33.64
C GLU D 819 70.33 0.41 32.55
N ASP D 820 71.56 0.09 32.90
CA ASP D 820 72.57 0.11 31.88
C ASP D 820 72.23 -0.97 30.85
N LEU D 821 71.69 -2.11 31.30
CA LEU D 821 71.28 -3.11 30.33
C LEU D 821 70.13 -2.60 29.47
N LEU D 822 69.17 -1.88 30.05
CA LEU D 822 68.03 -1.41 29.27
C LEU D 822 68.49 -0.48 28.15
N PHE D 823 69.46 0.36 28.46
CA PHE D 823 70.02 1.29 27.50
C PHE D 823 70.82 0.58 26.44
N ASN D 824 71.52 -0.47 26.82
CA ASN D 824 72.26 -1.23 25.86
C ASN D 824 71.36 -2.07 24.95
N LYS D 825 70.19 -2.47 25.44
CA LYS D 825 69.32 -3.30 24.61
C LYS D 825 68.47 -2.51 23.60
N VAL D 826 68.05 -1.30 23.95
CA VAL D 826 67.24 -0.55 22.98
C VAL D 826 68.19 0.09 21.99
N THR D 827 67.95 -0.08 20.70
CA THR D 827 68.86 0.46 19.72
C THR D 827 68.37 1.74 19.11
N LEU D 828 69.21 2.76 19.14
CA LEU D 828 68.83 4.01 18.55
C LEU D 828 69.51 4.11 17.21
N ALA D 829 68.88 4.78 16.26
CA ALA D 829 69.45 4.91 14.92
C ALA D 829 70.80 5.63 14.91
N ASP D 830 70.96 6.63 15.77
CA ASP D 830 72.19 7.40 15.84
C ASP D 830 72.29 8.08 17.20
N ALA D 831 73.38 8.80 17.44
CA ALA D 831 73.52 9.53 18.71
C ALA D 831 74.41 10.76 18.60
N GLY D 832 74.14 11.74 19.46
CA GLY D 832 74.93 12.97 19.61
C GLY D 832 74.34 14.19 18.90
N PHE D 833 73.46 13.95 17.93
CA PHE D 833 72.76 15.01 17.19
C PHE D 833 73.62 16.01 16.41
N ILE D 834 74.92 15.75 16.23
CA ILE D 834 75.74 16.68 15.47
C ILE D 834 76.46 16.01 14.31
N LYS D 835 76.27 16.53 13.11
CA LYS D 835 76.99 16.04 11.95
C LYS D 835 77.49 17.25 11.24
N GLN D 836 78.75 17.31 10.89
CA GLN D 836 79.15 18.53 10.24
C GLN D 836 78.98 18.38 8.75
N TYR D 837 78.82 19.47 8.04
CA TYR D 837 78.65 19.39 6.60
C TYR D 837 79.73 18.57 5.93
N GLY D 838 80.98 18.83 6.29
CA GLY D 838 82.11 18.14 5.70
C GLY D 838 82.03 16.63 5.90
N ASP D 839 81.40 16.17 6.96
CA ASP D 839 81.30 14.74 7.27
C ASP D 839 80.52 13.93 6.22
N CYS D 840 79.57 14.57 5.48
CA CYS D 840 78.73 13.94 4.48
C CYS D 840 79.13 14.47 3.09
N LEU D 841 80.25 15.14 2.99
CA LEU D 841 80.56 15.76 1.72
C LEU D 841 81.23 14.82 0.74
N GLY D 842 80.40 13.97 0.16
CA GLY D 842 80.81 12.94 -0.78
C GLY D 842 79.71 11.91 -1.02
N ASP D 843 80.09 10.78 -1.62
CA ASP D 843 79.17 9.70 -1.99
C ASP D 843 78.46 9.14 -0.78
N ILE D 844 79.14 9.24 0.35
CA ILE D 844 78.71 8.81 1.66
C ILE D 844 77.34 9.35 2.07
N ALA D 845 76.96 10.51 1.54
CA ALA D 845 75.70 11.12 1.89
C ALA D 845 74.54 10.20 1.51
N ALA D 846 74.74 9.35 0.50
CA ALA D 846 73.70 8.45 0.04
C ALA D 846 73.62 7.18 0.87
N ARG D 847 74.63 6.94 1.72
CA ARG D 847 74.65 5.73 2.52
C ARG D 847 74.14 6.03 3.92
N ASP D 848 74.35 7.24 4.37
CA ASP D 848 73.91 7.68 5.68
C ASP D 848 72.50 8.22 5.56
N LEU D 849 71.50 7.41 5.93
CA LEU D 849 70.13 7.82 5.72
C LEU D 849 69.75 9.03 6.53
N ILE D 850 70.27 9.12 7.73
CA ILE D 850 69.92 10.29 8.54
C ILE D 850 70.46 11.57 7.89
N CYS D 851 71.71 11.55 7.37
CA CYS D 851 72.30 12.71 6.71
C CYS D 851 71.45 13.00 5.44
N ALA D 852 71.03 11.96 4.74
CA ALA D 852 70.20 12.17 3.58
C ALA D 852 68.92 12.90 3.98
N GLN D 853 68.37 12.58 5.16
CA GLN D 853 67.19 13.27 5.62
C GLN D 853 67.51 14.74 5.89
N LYS D 854 68.68 15.01 6.48
CA LYS D 854 69.08 16.38 6.80
C LYS D 854 69.21 17.24 5.55
N PHE D 855 69.70 16.65 4.48
CA PHE D 855 69.88 17.36 3.23
C PHE D 855 68.58 17.72 2.55
N ASN D 856 67.47 17.16 3.00
CA ASN D 856 66.18 17.43 2.44
C ASN D 856 65.35 18.23 3.43
N GLY D 857 66.01 18.83 4.42
CA GLY D 857 65.34 19.68 5.38
C GLY D 857 64.70 18.95 6.55
N LEU D 858 64.99 17.68 6.74
CA LEU D 858 64.35 16.98 7.82
C LEU D 858 65.32 16.81 8.94
N THR D 859 65.03 17.35 10.11
CA THR D 859 65.99 17.17 11.18
C THR D 859 65.38 16.57 12.41
N VAL D 860 66.26 16.27 13.33
CA VAL D 860 65.96 15.68 14.61
C VAL D 860 66.47 16.57 15.71
N LEU D 861 65.61 16.84 16.67
CA LEU D 861 65.97 17.72 17.76
C LEU D 861 66.37 16.91 19.00
N PRO D 862 67.30 17.40 19.82
CA PRO D 862 67.69 16.77 21.06
C PRO D 862 66.59 16.95 22.10
N PRO D 863 66.49 16.04 23.08
CA PRO D 863 65.62 16.09 24.24
C PRO D 863 66.16 17.14 25.14
N LEU D 864 65.33 17.75 25.97
CA LEU D 864 65.83 18.69 26.94
C LEU D 864 66.52 18.01 28.09
N LEU D 865 65.96 16.90 28.56
CA LEU D 865 66.59 16.22 29.66
C LEU D 865 67.50 15.17 29.08
N THR D 866 68.64 14.97 29.70
CA THR D 866 69.59 13.98 29.25
C THR D 866 69.40 12.67 29.96
N ASP D 867 70.09 11.64 29.48
CA ASP D 867 70.00 10.34 30.10
C ASP D 867 70.51 10.40 31.52
N GLU D 868 71.53 11.22 31.74
CA GLU D 868 72.09 11.34 33.06
C GLU D 868 71.09 11.99 33.99
N MET D 869 70.39 13.01 33.51
CA MET D 869 69.42 13.68 34.36
C MET D 869 68.29 12.74 34.72
N ILE D 870 67.89 11.89 33.78
CA ILE D 870 66.82 10.98 34.10
C ILE D 870 67.31 10.01 35.13
N ALA D 871 68.53 9.52 34.97
CA ALA D 871 69.08 8.60 35.95
C ALA D 871 69.13 9.27 37.31
N GLN D 872 69.40 10.58 37.36
CA GLN D 872 69.41 11.27 38.63
C GLN D 872 68.01 11.29 39.25
N TYR D 873 66.97 11.41 38.43
CA TYR D 873 65.63 11.41 38.98
C TYR D 873 65.27 10.01 39.46
N THR D 874 65.67 8.97 38.72
CA THR D 874 65.33 7.64 39.18
C THR D 874 66.12 7.34 40.43
N SER D 875 67.33 7.88 40.52
CA SER D 875 68.15 7.66 41.70
C SER D 875 67.48 8.25 42.90
N ALA D 876 66.95 9.46 42.76
CA ALA D 876 66.26 10.12 43.86
C ALA D 876 65.05 9.33 44.28
N LEU D 877 64.34 8.78 43.31
CA LEU D 877 63.16 8.01 43.63
C LEU D 877 63.54 6.76 44.37
N LEU D 878 64.62 6.11 43.96
CA LEU D 878 65.02 4.91 44.63
C LEU D 878 65.54 5.20 46.02
N ALA D 879 66.31 6.27 46.17
CA ALA D 879 66.84 6.60 47.48
C ALA D 879 65.70 6.93 48.42
N GLY D 880 64.71 7.64 47.89
CA GLY D 880 63.55 8.06 48.65
C GLY D 880 62.74 6.88 49.13
N THR D 881 62.39 5.99 48.21
CA THR D 881 61.54 4.89 48.58
C THR D 881 62.28 3.79 49.27
N ILE D 882 63.59 3.70 49.11
CA ILE D 882 64.27 2.65 49.81
C ILE D 882 64.46 3.05 51.27
N THR D 883 64.71 4.35 51.56
CA THR D 883 64.94 4.75 52.95
C THR D 883 63.77 5.36 53.73
N SER D 884 62.78 5.97 53.05
CA SER D 884 61.64 6.58 53.74
C SER D 884 60.33 5.89 53.33
N GLY D 885 60.37 5.24 52.17
CA GLY D 885 59.21 4.56 51.66
C GLY D 885 58.09 5.56 51.37
N TRP D 886 56.93 5.32 51.95
CA TRP D 886 55.78 6.20 51.72
C TRP D 886 56.05 7.61 52.12
N THR D 887 56.85 7.78 53.15
CA THR D 887 57.02 9.07 53.70
C THR D 887 58.16 9.80 53.10
N PHE D 888 58.73 9.28 52.01
CA PHE D 888 59.75 10.08 51.39
C PHE D 888 59.05 11.26 50.71
N GLY D 889 57.77 11.08 50.33
CA GLY D 889 57.06 12.11 49.63
C GLY D 889 55.93 12.69 50.45
N ALA D 890 55.08 13.50 49.80
CA ALA D 890 53.95 14.18 50.45
C ALA D 890 54.42 14.99 51.65
N GLY D 891 55.58 15.64 51.53
CA GLY D 891 56.15 16.41 52.62
C GLY D 891 57.65 16.13 52.68
N ALA D 892 58.27 16.37 53.84
CA ALA D 892 59.70 16.13 54.02
C ALA D 892 59.91 14.64 54.01
N ALA D 893 61.11 14.18 53.63
CA ALA D 893 61.32 12.74 53.67
C ALA D 893 61.63 12.27 55.08
N LEU D 894 60.79 11.39 55.57
CA LEU D 894 60.91 10.84 56.92
C LEU D 894 61.44 9.42 56.89
N GLN D 895 62.61 9.20 57.50
CA GLN D 895 63.24 7.88 57.48
C GLN D 895 62.46 6.81 58.24
N ILE D 896 62.62 5.56 57.79
CA ILE D 896 62.05 4.36 58.42
C ILE D 896 62.85 3.09 58.03
N PRO D 897 63.12 2.12 58.93
CA PRO D 897 63.81 0.88 58.60
C PRO D 897 63.07 0.16 57.50
N PHE D 898 63.82 -0.48 56.62
CA PHE D 898 63.23 -1.14 55.49
C PHE D 898 62.25 -2.23 55.85
N ALA D 899 62.59 -3.02 56.85
CA ALA D 899 61.70 -4.09 57.23
C ALA D 899 60.37 -3.54 57.67
N MET D 900 60.40 -2.38 58.32
CA MET D 900 59.16 -1.79 58.77
C MET D 900 58.39 -1.28 57.57
N GLN D 901 59.10 -0.75 56.60
CA GLN D 901 58.38 -0.23 55.45
C GLN D 901 57.59 -1.36 54.83
N MET D 902 58.21 -2.52 54.70
CA MET D 902 57.47 -3.61 54.14
C MET D 902 56.40 -4.10 55.07
N ALA D 903 56.63 -4.06 56.38
CA ALA D 903 55.60 -4.52 57.29
C ALA D 903 54.33 -3.72 57.09
N TYR D 904 54.47 -2.42 56.84
CA TYR D 904 53.30 -1.60 56.64
C TYR D 904 52.66 -1.90 55.31
N ARG D 905 53.48 -2.21 54.29
CA ARG D 905 52.94 -2.56 52.99
C ARG D 905 52.14 -3.86 53.10
N PHE D 906 52.63 -4.81 53.91
CA PHE D 906 51.96 -6.08 54.09
C PHE D 906 50.65 -5.89 54.79
N ASN D 907 50.63 -4.99 55.79
CA ASN D 907 49.38 -4.74 56.48
C ASN D 907 48.37 -4.19 55.48
N GLY D 908 48.87 -3.38 54.53
CA GLY D 908 48.08 -2.80 53.45
C GLY D 908 47.48 -3.85 52.52
N ILE D 909 48.24 -4.91 52.23
CA ILE D 909 47.76 -6.03 51.42
C ILE D 909 46.69 -6.79 52.17
N GLY D 910 46.93 -6.95 53.46
CA GLY D 910 46.04 -7.70 54.33
C GLY D 910 46.73 -8.92 54.88
N VAL D 911 48.04 -8.80 55.06
CA VAL D 911 48.89 -9.83 55.58
C VAL D 911 49.45 -9.36 56.90
N THR D 912 49.25 -10.10 57.97
CA THR D 912 49.80 -9.62 59.24
C THR D 912 51.29 -9.42 59.14
N GLN D 913 51.77 -8.39 59.83
CA GLN D 913 53.17 -8.01 59.86
C GLN D 913 54.05 -9.11 60.41
N ASN D 914 53.44 -10.02 61.14
CA ASN D 914 54.17 -11.10 61.73
C ASN D 914 54.72 -12.01 60.66
N VAL D 915 54.10 -12.05 59.48
CA VAL D 915 54.58 -12.96 58.45
C VAL D 915 55.96 -12.52 58.03
N LEU D 916 56.14 -11.21 57.85
CA LEU D 916 57.42 -10.69 57.45
C LEU D 916 58.47 -10.92 58.49
N TYR D 917 58.13 -10.72 59.73
CA TYR D 917 59.21 -10.88 60.66
C TYR D 917 59.60 -12.36 60.74
N GLU D 918 58.62 -13.25 60.74
CA GLU D 918 58.87 -14.68 60.85
C GLU D 918 59.65 -15.22 59.68
N ASN D 919 59.34 -14.71 58.50
CA ASN D 919 59.94 -15.14 57.27
C ASN D 919 60.85 -14.06 56.70
N GLN D 920 61.39 -13.18 57.54
CA GLN D 920 62.19 -12.10 56.96
C GLN D 920 63.35 -12.57 56.11
N LYS D 921 64.01 -13.66 56.50
CA LYS D 921 65.14 -14.15 55.72
C LYS D 921 64.64 -14.72 54.40
N LEU D 922 63.49 -15.40 54.44
CA LEU D 922 62.92 -16.00 53.26
C LEU D 922 62.51 -14.97 52.26
N ILE D 923 61.87 -13.93 52.75
CA ILE D 923 61.37 -12.89 51.91
C ILE D 923 62.50 -12.18 51.24
N ALA D 924 63.55 -11.85 51.99
CA ALA D 924 64.66 -11.20 51.38
C ALA D 924 65.27 -12.09 50.33
N ASN D 925 65.35 -13.41 50.57
CA ASN D 925 65.92 -14.24 49.56
C ASN D 925 65.03 -14.35 48.35
N GLN D 926 63.70 -14.38 48.54
CA GLN D 926 62.83 -14.50 47.38
C GLN D 926 62.95 -13.26 46.51
N PHE D 927 63.06 -12.11 47.15
CA PHE D 927 63.23 -10.87 46.42
C PHE D 927 64.54 -10.85 45.69
N ASN D 928 65.62 -11.17 46.39
CA ASN D 928 66.93 -11.08 45.80
C ASN D 928 67.03 -12.03 44.61
N SER D 929 66.39 -13.20 44.71
CA SER D 929 66.38 -14.13 43.61
C SER D 929 65.54 -13.61 42.47
N ALA D 930 64.38 -13.00 42.77
CA ALA D 930 63.53 -12.48 41.72
C ALA D 930 64.26 -11.43 40.90
N ILE D 931 65.04 -10.60 41.56
CA ILE D 931 65.75 -9.57 40.85
C ILE D 931 66.81 -10.20 39.98
N GLY D 932 67.54 -11.18 40.50
CA GLY D 932 68.54 -11.83 39.66
C GLY D 932 67.88 -12.45 38.42
N LYS D 933 66.68 -13.01 38.58
CA LYS D 933 65.99 -13.60 37.45
C LYS D 933 65.65 -12.55 36.41
N ILE D 934 65.24 -11.36 36.85
CA ILE D 934 64.96 -10.29 35.92
C ILE D 934 66.22 -9.88 35.20
N GLN D 935 67.32 -9.76 35.94
CA GLN D 935 68.57 -9.39 35.34
C GLN D 935 68.96 -10.36 34.25
N ASP D 936 68.78 -11.66 34.50
CA ASP D 936 69.14 -12.66 33.51
C ASP D 936 68.17 -12.64 32.35
N SER D 937 66.89 -12.42 32.64
CA SER D 937 65.88 -12.38 31.61
C SER D 937 66.16 -11.24 30.66
N LEU D 938 66.50 -10.08 31.22
CA LEU D 938 66.83 -8.89 30.46
C LEU D 938 68.10 -9.07 29.66
N SER D 939 69.10 -9.71 30.25
CA SER D 939 70.34 -9.95 29.53
C SER D 939 70.09 -10.83 28.30
N SER D 940 69.28 -11.87 28.46
CA SER D 940 68.98 -12.81 27.38
C SER D 940 68.02 -12.33 26.28
N THR D 941 66.83 -11.85 26.65
CA THR D 941 65.84 -11.46 25.64
C THR D 941 65.45 -10.00 25.68
N ALA D 942 65.71 -9.30 24.58
CA ALA D 942 65.40 -7.88 24.47
C ALA D 942 64.03 -7.60 23.86
N SER D 943 63.28 -8.64 23.48
CA SER D 943 62.01 -8.45 22.79
C SER D 943 60.98 -7.73 23.63
N ALA D 944 61.10 -7.80 24.95
CA ALA D 944 60.19 -7.11 25.84
C ALA D 944 60.24 -5.60 25.63
N LEU D 945 61.39 -5.11 25.19
CA LEU D 945 61.66 -3.71 25.03
C LEU D 945 61.23 -3.24 23.67
N GLY D 946 60.65 -4.15 22.89
CA GLY D 946 60.20 -3.86 21.55
C GLY D 946 59.27 -2.67 21.54
N LYS D 947 58.48 -2.46 22.58
CA LYS D 947 57.60 -1.31 22.56
C LYS D 947 58.39 0.00 22.43
N LEU D 948 59.56 0.07 23.04
CA LEU D 948 60.34 1.29 22.99
C LEU D 948 61.02 1.35 21.64
N GLN D 949 61.41 0.18 21.17
CA GLN D 949 62.10 0.08 19.91
C GLN D 949 61.18 0.50 18.78
N ASP D 950 59.90 0.18 18.91
CA ASP D 950 58.87 0.49 17.95
C ASP D 950 58.63 1.97 17.89
N VAL D 951 58.65 2.66 19.03
CA VAL D 951 58.45 4.09 18.94
C VAL D 951 59.58 4.70 18.13
N VAL D 952 60.79 4.24 18.40
CA VAL D 952 61.93 4.76 17.68
C VAL D 952 61.88 4.41 16.20
N ASN D 953 61.55 3.17 15.89
CA ASN D 953 61.54 2.73 14.51
C ASN D 953 60.48 3.45 13.71
N GLN D 954 59.33 3.71 14.32
CA GLN D 954 58.27 4.38 13.59
C GLN D 954 58.61 5.79 13.24
N ASN D 955 59.32 6.50 14.12
CA ASN D 955 59.69 7.85 13.76
C ASN D 955 60.75 7.82 12.67
N ALA D 956 61.64 6.83 12.74
CA ALA D 956 62.67 6.72 11.72
C ALA D 956 62.06 6.44 10.35
N GLN D 957 61.03 5.60 10.33
CA GLN D 957 60.38 5.26 9.10
C GLN D 957 59.67 6.45 8.52
N ALA D 958 59.05 7.24 9.37
CA ALA D 958 58.33 8.37 8.87
C ALA D 958 59.23 9.35 8.14
N LEU D 959 60.45 9.57 8.64
CA LEU D 959 61.30 10.48 7.90
C LEU D 959 61.88 9.81 6.67
N ASN D 960 62.12 8.51 6.70
CA ASN D 960 62.62 7.85 5.51
C ASN D 960 61.55 7.87 4.44
N THR D 961 60.30 7.81 4.87
CA THR D 961 59.18 7.86 3.97
C THR D 961 59.16 9.22 3.30
N LEU D 962 59.35 10.29 4.07
CA LEU D 962 59.36 11.60 3.43
C LEU D 962 60.44 11.73 2.40
N VAL D 963 61.61 11.14 2.66
CA VAL D 963 62.65 11.25 1.63
C VAL D 963 62.25 10.45 0.40
N LYS D 964 61.79 9.24 0.57
CA LYS D 964 61.45 8.42 -0.57
C LYS D 964 60.36 9.04 -1.44
N GLN D 965 59.40 9.70 -0.81
CA GLN D 965 58.28 10.29 -1.52
C GLN D 965 58.67 11.47 -2.38
N LEU D 966 59.88 11.97 -2.23
CA LEU D 966 60.36 13.09 -3.01
C LEU D 966 60.44 12.70 -4.47
N SER D 967 60.63 11.40 -4.74
CA SER D 967 60.80 10.95 -6.11
C SER D 967 59.51 10.94 -6.90
N SER D 968 58.36 11.06 -6.23
CA SER D 968 57.09 11.00 -6.94
C SER D 968 56.87 12.22 -7.84
N ASN D 969 56.26 11.98 -8.99
CA ASN D 969 55.98 13.06 -9.94
C ASN D 969 54.71 13.81 -9.63
N PHE D 970 53.72 13.16 -9.05
CA PHE D 970 52.46 13.82 -8.75
C PHE D 970 51.82 14.49 -9.98
N GLY D 971 51.94 13.91 -11.16
CA GLY D 971 51.36 14.48 -12.37
C GLY D 971 52.38 15.27 -13.18
N ALA D 972 53.54 15.51 -12.60
CA ALA D 972 54.61 16.22 -13.26
C ALA D 972 55.30 15.32 -14.27
N ILE D 973 55.99 15.95 -15.20
CA ILE D 973 56.81 15.24 -16.16
C ILE D 973 57.95 14.53 -15.46
N SER D 974 58.54 15.22 -14.50
CA SER D 974 59.65 14.72 -13.72
C SER D 974 59.59 15.26 -12.32
N SER D 975 60.03 14.46 -11.38
CA SER D 975 60.07 14.81 -9.96
C SER D 975 61.27 15.65 -9.59
N VAL D 976 62.19 15.82 -10.52
CA VAL D 976 63.36 16.59 -10.25
C VAL D 976 63.20 18.03 -10.76
N LEU D 977 63.35 18.98 -9.85
CA LEU D 977 63.19 20.38 -10.19
C LEU D 977 64.20 20.82 -11.22
N ASN D 978 65.37 20.25 -11.16
CA ASN D 978 66.40 20.61 -12.10
C ASN D 978 66.06 20.17 -13.52
N ASP D 979 65.30 19.08 -13.69
CA ASP D 979 64.98 18.66 -15.03
C ASP D 979 63.96 19.61 -15.60
N ILE D 980 63.07 20.04 -14.72
CA ILE D 980 62.01 20.92 -15.11
C ILE D 980 62.57 22.26 -15.54
N LEU D 981 63.46 22.79 -14.73
CA LEU D 981 64.04 24.07 -15.01
C LEU D 981 64.96 24.04 -16.20
N SER D 982 65.68 22.94 -16.41
CA SER D 982 66.51 22.91 -17.58
C SER D 982 65.73 22.90 -18.87
N ARG D 983 64.66 22.10 -18.93
CA ARG D 983 63.92 21.98 -20.18
C ARG D 983 62.81 22.99 -20.44
N LEU D 984 62.22 23.55 -19.40
CA LEU D 984 61.11 24.44 -19.64
C LEU D 984 61.40 25.90 -19.35
N ASP D 985 60.73 26.75 -20.09
CA ASP D 985 60.84 28.17 -19.85
C ASP D 985 60.01 28.45 -18.61
N PRO D 986 60.06 29.63 -18.00
CA PRO D 986 59.29 29.94 -16.83
C PRO D 986 57.80 29.56 -16.90
N PRO D 987 56.96 30.05 -17.84
CA PRO D 987 55.55 29.75 -17.76
C PRO D 987 55.23 28.27 -17.88
N GLU D 988 56.09 27.47 -18.53
CA GLU D 988 55.79 26.06 -18.55
C GLU D 988 56.32 25.38 -17.30
N ALA D 989 57.48 25.85 -16.82
CA ALA D 989 58.12 25.29 -15.64
C ALA D 989 57.20 25.47 -14.46
N GLU D 990 56.49 26.57 -14.44
CA GLU D 990 55.60 26.88 -13.35
C GLU D 990 54.53 25.84 -13.19
N VAL D 991 54.08 25.24 -14.29
CA VAL D 991 53.05 24.26 -14.15
C VAL D 991 53.60 23.04 -13.49
N GLN D 992 54.76 22.62 -13.96
CA GLN D 992 55.32 21.40 -13.44
C GLN D 992 55.74 21.58 -11.99
N ILE D 993 56.20 22.78 -11.67
CA ILE D 993 56.63 23.06 -10.33
C ILE D 993 55.44 23.09 -9.42
N ASP D 994 54.34 23.73 -9.84
CA ASP D 994 53.20 23.79 -8.97
C ASP D 994 52.67 22.38 -8.70
N ARG D 995 52.75 21.48 -9.69
CA ARG D 995 52.28 20.14 -9.41
C ARG D 995 53.16 19.51 -8.35
N LEU D 996 54.47 19.72 -8.43
CA LEU D 996 55.32 19.12 -7.43
C LEU D 996 55.14 19.78 -6.09
N ILE D 997 54.89 21.07 -6.04
CA ILE D 997 54.73 21.70 -4.75
C ILE D 997 53.50 21.13 -4.09
N THR D 998 52.41 20.99 -4.82
CA THR D 998 51.24 20.45 -4.20
C THR D 998 51.53 19.08 -3.64
N GLY D 999 52.20 18.26 -4.42
CA GLY D 999 52.52 16.92 -3.98
C GLY D 999 53.41 16.86 -2.75
N ARG D 1000 54.40 17.74 -2.69
CA ARG D 1000 55.30 17.76 -1.58
C ARG D 1000 54.54 18.18 -0.34
N LEU D 1001 53.59 19.09 -0.49
CA LEU D 1001 52.82 19.49 0.65
C LEU D 1001 51.90 18.39 1.09
N GLN D 1002 51.38 17.60 0.16
CA GLN D 1002 50.53 16.51 0.60
C GLN D 1002 51.34 15.58 1.48
N SER D 1003 52.61 15.33 1.10
CA SER D 1003 53.45 14.47 1.91
C SER D 1003 53.74 15.05 3.27
N LEU D 1004 54.01 16.34 3.33
CA LEU D 1004 54.30 16.93 4.62
C LEU D 1004 53.08 16.97 5.51
N GLN D 1005 51.92 17.22 4.93
CA GLN D 1005 50.71 17.28 5.70
C GLN D 1005 50.36 15.92 6.22
N THR D 1006 50.58 14.89 5.41
CA THR D 1006 50.30 13.55 5.86
C THR D 1006 51.21 13.21 7.00
N TYR D 1007 52.49 13.57 6.87
CA TYR D 1007 53.47 13.32 7.90
C TYR D 1007 53.08 13.97 9.19
N VAL D 1008 52.69 15.23 9.15
CA VAL D 1008 52.33 15.90 10.36
C VAL D 1008 51.12 15.25 10.98
N THR D 1009 50.13 14.90 10.17
CA THR D 1009 48.93 14.30 10.71
C THR D 1009 49.27 12.99 11.40
N GLN D 1010 50.14 12.18 10.79
CA GLN D 1010 50.49 10.93 11.41
C GLN D 1010 51.26 11.16 12.69
N GLN D 1011 52.12 12.18 12.71
CA GLN D 1011 52.85 12.44 13.93
C GLN D 1011 51.92 12.90 15.02
N LEU D 1012 50.88 13.67 14.68
CA LEU D 1012 49.93 14.13 15.68
C LEU D 1012 49.13 12.98 16.25
N ILE D 1013 48.73 12.03 15.41
CA ILE D 1013 47.98 10.92 15.93
C ILE D 1013 48.87 10.08 16.83
N ARG D 1014 50.10 9.83 16.40
CA ARG D 1014 51.01 9.06 17.22
C ARG D 1014 51.29 9.78 18.51
N ALA D 1015 51.36 11.11 18.43
CA ALA D 1015 51.62 11.92 19.60
C ALA D 1015 50.50 11.74 20.59
N ALA D 1016 49.27 11.61 20.12
CA ALA D 1016 48.19 11.44 21.07
C ALA D 1016 48.38 10.16 21.85
N GLU D 1017 48.84 9.13 21.17
CA GLU D 1017 49.03 7.87 21.84
C GLU D 1017 50.21 7.91 22.78
N ILE D 1018 51.28 8.60 22.41
CA ILE D 1018 52.43 8.62 23.31
C ILE D 1018 52.04 9.45 24.52
N ARG D 1019 51.24 10.50 24.34
CA ARG D 1019 50.81 11.30 25.47
C ARG D 1019 50.03 10.43 26.43
N ALA D 1020 49.14 9.60 25.91
CA ALA D 1020 48.36 8.75 26.77
C ALA D 1020 49.23 7.77 27.55
N SER D 1021 50.24 7.22 26.88
CA SER D 1021 51.11 6.28 27.53
C SER D 1021 51.91 6.97 28.61
N ALA D 1022 52.41 8.17 28.31
CA ALA D 1022 53.19 8.91 29.28
C ALA D 1022 52.34 9.26 30.48
N ASN D 1023 51.07 9.57 30.28
CA ASN D 1023 50.23 9.92 31.39
C ASN D 1023 50.00 8.73 32.27
N LEU D 1024 49.86 7.56 31.66
CA LEU D 1024 49.68 6.37 32.45
C LEU D 1024 50.94 6.06 33.22
N ALA D 1025 52.09 6.24 32.57
CA ALA D 1025 53.35 5.97 33.21
C ALA D 1025 53.58 6.88 34.38
N ALA D 1026 53.22 8.15 34.24
CA ALA D 1026 53.37 9.08 35.34
C ALA D 1026 52.46 8.68 36.46
N THR D 1027 51.27 8.22 36.11
CA THR D 1027 50.33 7.81 37.12
C THR D 1027 50.88 6.63 37.87
N LYS D 1028 51.41 5.64 37.17
CA LYS D 1028 51.97 4.47 37.83
C LYS D 1028 53.18 4.84 38.64
N MET D 1029 53.99 5.77 38.17
CA MET D 1029 55.14 6.14 38.95
C MET D 1029 54.65 6.59 40.31
N SER D 1030 53.69 7.49 40.32
CA SER D 1030 53.28 7.96 41.61
C SER D 1030 52.50 6.91 42.42
N GLU D 1031 51.64 6.15 41.77
CA GLU D 1031 50.82 5.21 42.51
C GLU D 1031 51.50 3.90 42.97
N CYS D 1032 52.56 3.43 42.25
CA CYS D 1032 53.29 2.20 42.52
C CYS D 1032 54.59 2.46 43.27
N VAL D 1033 55.24 3.62 43.03
CA VAL D 1033 56.54 3.90 43.64
C VAL D 1033 56.41 4.84 44.83
N LEU D 1034 55.69 5.96 44.66
CA LEU D 1034 55.57 6.97 45.72
C LEU D 1034 54.55 6.62 46.79
N GLY D 1035 53.77 5.59 46.53
CA GLY D 1035 52.73 5.12 47.42
C GLY D 1035 52.43 3.68 47.11
N GLN D 1036 51.43 3.11 47.78
CA GLN D 1036 51.07 1.72 47.52
C GLN D 1036 49.70 1.64 46.89
N SER D 1037 49.66 1.29 45.62
CA SER D 1037 48.41 1.21 44.89
C SER D 1037 47.58 0.09 45.43
N LYS D 1038 46.29 0.31 45.54
CA LYS D 1038 45.38 -0.72 45.99
C LYS D 1038 44.49 -1.22 44.87
N ARG D 1039 44.76 -0.79 43.65
CA ARG D 1039 43.95 -1.23 42.53
C ARG D 1039 44.39 -2.65 42.21
N VAL D 1040 43.43 -3.55 41.99
CA VAL D 1040 43.77 -4.97 41.92
C VAL D 1040 44.65 -5.34 40.76
N ASP D 1041 44.55 -4.65 39.65
CA ASP D 1041 45.36 -5.00 38.50
C ASP D 1041 46.45 -4.00 38.20
N PHE D 1042 46.84 -3.23 39.18
CA PHE D 1042 47.88 -2.27 38.94
C PHE D 1042 49.16 -2.70 39.59
N CYS D 1043 50.29 -2.26 38.99
CA CYS D 1043 51.66 -2.53 39.41
C CYS D 1043 51.96 -4.03 39.21
N GLY D 1044 51.48 -4.57 38.10
CA GLY D 1044 51.72 -5.97 37.77
C GLY D 1044 50.65 -6.89 38.35
N LYS D 1045 50.99 -8.16 38.53
CA LYS D 1045 50.04 -9.17 38.97
C LYS D 1045 50.38 -9.61 40.39
N GLY D 1046 49.36 -9.85 41.19
CA GLY D 1046 49.57 -10.25 42.58
C GLY D 1046 49.24 -9.02 43.38
N TYR D 1047 49.47 -9.05 44.69
CA TYR D 1047 49.10 -7.89 45.48
C TYR D 1047 50.29 -6.95 45.53
N HIS D 1048 50.09 -5.69 45.20
CA HIS D 1048 51.23 -4.79 45.16
C HIS D 1048 51.92 -4.60 46.49
N LEU D 1049 53.23 -4.80 46.51
CA LEU D 1049 53.99 -4.64 47.72
C LEU D 1049 54.91 -3.41 47.63
N MET D 1050 55.63 -3.28 46.52
CA MET D 1050 56.56 -2.17 46.30
C MET D 1050 57.06 -2.12 44.86
N SER D 1051 57.65 -1.02 44.42
CA SER D 1051 58.21 -1.02 43.08
C SER D 1051 59.37 -0.07 42.97
N PHE D 1052 60.17 -0.31 41.94
CA PHE D 1052 61.32 0.50 41.67
C PHE D 1052 61.35 0.84 40.18
N PRO D 1053 61.38 2.11 39.79
CA PRO D 1053 61.44 2.53 38.42
C PRO D 1053 62.86 2.34 37.94
N GLN D 1054 63.02 2.11 36.64
CA GLN D 1054 64.30 2.11 35.95
C GLN D 1054 64.07 2.86 34.64
N SER D 1055 65.01 3.69 34.22
CA SER D 1055 64.82 4.38 32.94
C SER D 1055 65.25 3.54 31.73
N ALA D 1056 64.78 3.96 30.57
CA ALA D 1056 65.15 3.35 29.31
C ALA D 1056 65.09 4.44 28.24
N PRO D 1057 65.76 4.33 27.10
CA PRO D 1057 65.62 5.32 26.07
C PRO D 1057 64.16 5.45 25.73
N HIS D 1058 63.68 6.68 25.66
CA HIS D 1058 62.31 6.98 25.31
C HIS D 1058 61.23 6.41 26.21
N GLY D 1059 61.56 6.00 27.45
CA GLY D 1059 60.52 5.48 28.31
C GLY D 1059 60.95 5.02 29.68
N VAL D 1060 59.99 4.44 30.39
CA VAL D 1060 60.24 3.95 31.73
C VAL D 1060 59.89 2.49 31.82
N VAL D 1061 60.72 1.77 32.54
CA VAL D 1061 60.50 0.37 32.78
C VAL D 1061 60.38 0.18 34.28
N PHE D 1062 59.34 -0.47 34.71
CA PHE D 1062 59.20 -0.65 36.14
C PHE D 1062 59.42 -2.06 36.59
N LEU D 1063 60.01 -2.17 37.77
CA LEU D 1063 60.15 -3.43 38.44
C LEU D 1063 59.07 -3.45 39.51
N HIS D 1064 58.07 -4.30 39.36
CA HIS D 1064 56.96 -4.32 40.30
C HIS D 1064 57.00 -5.55 41.15
N VAL D 1065 57.10 -5.34 42.45
CA VAL D 1065 57.25 -6.41 43.40
C VAL D 1065 55.89 -6.68 44.02
N THR D 1066 55.43 -7.91 43.87
CA THR D 1066 54.12 -8.27 44.36
C THR D 1066 54.16 -9.51 45.22
N TYR D 1067 53.10 -9.67 45.99
CA TYR D 1067 52.91 -10.80 46.86
C TYR D 1067 51.84 -11.73 46.34
N VAL D 1068 52.18 -12.99 46.17
CA VAL D 1068 51.22 -13.98 45.75
C VAL D 1068 51.17 -15.14 46.75
N PRO D 1069 50.03 -15.41 47.39
CA PRO D 1069 49.81 -16.50 48.32
C PRO D 1069 50.06 -17.83 47.62
N ALA D 1070 50.47 -18.85 48.38
CA ALA D 1070 50.79 -20.16 47.80
C ALA D 1070 50.48 -21.36 48.69
N GLN D 1071 50.39 -22.53 48.06
CA GLN D 1071 50.21 -23.80 48.75
C GLN D 1071 48.96 -23.86 49.60
N GLU D 1072 47.83 -23.62 49.01
CA GLU D 1072 46.61 -23.70 49.75
C GLU D 1072 46.22 -25.11 50.11
N LYS D 1073 45.51 -25.21 51.22
CA LYS D 1073 44.90 -26.43 51.75
C LYS D 1073 43.47 -26.07 52.07
N ASN D 1074 42.49 -27.00 51.99
CA ASN D 1074 41.10 -26.69 52.38
C ASN D 1074 40.75 -27.30 53.73
N PHE D 1075 39.93 -26.51 54.45
CA PHE D 1075 39.41 -26.73 55.78
C PHE D 1075 37.89 -26.52 55.76
N THR D 1076 37.20 -27.09 56.72
CA THR D 1076 35.75 -26.95 56.81
C THR D 1076 35.42 -25.58 57.35
N THR D 1077 34.41 -24.94 56.83
CA THR D 1077 34.11 -23.63 57.38
C THR D 1077 32.66 -23.38 57.72
N ALA D 1078 32.45 -22.32 58.50
CA ALA D 1078 31.11 -21.91 58.88
C ALA D 1078 31.09 -20.40 59.03
N PRO D 1079 29.98 -19.73 58.72
CA PRO D 1079 29.78 -18.30 58.86
C PRO D 1079 29.81 -17.78 60.29
N ALA D 1080 29.56 -18.67 61.25
CA ALA D 1080 29.56 -18.29 62.64
C ALA D 1080 29.66 -19.52 63.51
N ILE D 1081 30.01 -19.26 64.74
CA ILE D 1081 30.02 -20.25 65.79
C ILE D 1081 28.91 -19.99 66.81
N CYS D 1082 28.17 -21.05 67.16
CA CYS D 1082 27.10 -21.06 68.14
C CYS D 1082 27.70 -21.40 69.50
N HIS D 1083 27.59 -20.45 70.41
CA HIS D 1083 28.22 -20.63 71.72
C HIS D 1083 27.19 -20.93 72.80
N ASP D 1084 26.50 -19.90 73.26
CA ASP D 1084 25.47 -20.03 74.28
C ASP D 1084 24.09 -19.69 73.73
N GLY D 1085 23.98 -19.78 72.42
CA GLY D 1085 22.77 -19.45 71.69
C GLY D 1085 23.01 -18.19 70.85
N LYS D 1086 24.08 -17.46 71.17
CA LYS D 1086 24.44 -16.28 70.39
C LYS D 1086 25.37 -16.71 69.27
N ALA D 1087 25.42 -15.93 68.19
CA ALA D 1087 26.30 -16.25 67.08
C ALA D 1087 27.56 -15.38 67.08
N HIS D 1088 28.69 -16.06 67.01
CA HIS D 1088 30.01 -15.45 67.02
C HIS D 1088 30.58 -15.43 65.61
N PHE D 1089 30.97 -14.27 65.14
CA PHE D 1089 31.49 -14.11 63.80
C PHE D 1089 32.93 -13.70 63.87
N PRO D 1090 33.80 -14.07 62.94
CA PRO D 1090 35.18 -13.70 63.02
C PRO D 1090 35.32 -12.22 63.11
N ARG D 1091 36.22 -11.75 63.99
CA ARG D 1091 36.46 -10.33 64.06
C ARG D 1091 37.15 -9.95 62.77
N GLU D 1092 38.00 -10.86 62.32
CA GLU D 1092 38.74 -10.80 61.08
C GLU D 1092 38.97 -12.24 60.67
N GLY D 1093 39.16 -12.47 59.38
CA GLY D 1093 39.44 -13.81 58.92
C GLY D 1093 38.20 -14.69 58.86
N VAL D 1094 38.43 -15.98 58.93
CA VAL D 1094 37.40 -17.00 58.81
C VAL D 1094 37.42 -18.02 59.94
N PHE D 1095 36.23 -18.49 60.35
CA PHE D 1095 36.11 -19.57 61.32
C PHE D 1095 36.07 -20.84 60.52
N VAL D 1096 37.14 -21.55 60.65
CA VAL D 1096 37.45 -22.70 59.87
C VAL D 1096 37.96 -23.87 60.74
N SER D 1097 37.86 -25.11 60.25
CA SER D 1097 38.35 -26.24 61.02
C SER D 1097 38.97 -27.40 60.22
N ASN D 1098 39.84 -28.16 60.94
CA ASN D 1098 40.42 -29.43 60.53
C ASN D 1098 39.47 -30.53 61.03
N GLY D 1099 39.85 -31.82 60.93
CA GLY D 1099 38.97 -32.94 61.35
C GLY D 1099 38.49 -32.93 62.83
N THR D 1100 39.19 -32.22 63.73
CA THR D 1100 38.79 -32.15 65.15
C THR D 1100 38.61 -30.75 65.77
N HIS D 1101 39.25 -29.71 65.22
CA HIS D 1101 39.19 -28.39 65.86
C HIS D 1101 38.92 -27.19 64.99
N TRP D 1102 38.21 -26.24 65.60
CA TRP D 1102 37.92 -24.94 65.04
C TRP D 1102 38.98 -23.95 65.46
N PHE D 1103 39.31 -23.07 64.55
CA PHE D 1103 40.27 -22.01 64.73
C PHE D 1103 39.95 -20.83 63.83
N VAL D 1104 40.57 -19.71 64.10
CA VAL D 1104 40.38 -18.55 63.26
C VAL D 1104 41.66 -18.16 62.61
N THR D 1105 41.57 -17.84 61.33
CA THR D 1105 42.75 -17.41 60.58
C THR D 1105 42.47 -16.34 59.55
N GLN D 1106 43.50 -15.56 59.26
CA GLN D 1106 43.44 -14.58 58.19
C GLN D 1106 43.43 -15.40 56.93
N ARG D 1107 42.86 -14.88 55.85
CA ARG D 1107 42.79 -15.66 54.62
C ARG D 1107 43.99 -15.63 53.67
N ASN D 1108 44.92 -14.69 53.82
CA ASN D 1108 46.02 -14.64 52.85
C ASN D 1108 47.18 -15.58 53.14
N PHE D 1109 47.25 -16.09 54.35
CA PHE D 1109 48.32 -16.96 54.79
C PHE D 1109 47.89 -17.65 56.06
N TYR D 1110 47.79 -18.95 56.01
CA TYR D 1110 47.26 -19.72 57.12
C TYR D 1110 48.06 -19.56 58.41
N GLU D 1111 47.34 -19.19 59.44
CA GLU D 1111 47.85 -19.00 60.78
C GLU D 1111 46.72 -19.29 61.75
N PRO D 1112 46.51 -20.52 62.14
CA PRO D 1112 45.38 -20.90 62.96
C PRO D 1112 45.55 -20.33 64.36
N GLN D 1113 44.48 -19.76 64.90
CA GLN D 1113 44.47 -19.23 66.25
C GLN D 1113 43.23 -19.64 67.03
N ILE D 1114 43.36 -19.68 68.34
CA ILE D 1114 42.23 -19.97 69.20
C ILE D 1114 41.13 -18.94 69.07
N ILE D 1115 39.89 -19.43 69.06
CA ILE D 1115 38.74 -18.57 69.01
C ILE D 1115 38.30 -18.27 70.43
N THR D 1116 38.36 -17.00 70.74
CA THR D 1116 38.06 -16.47 72.03
C THR D 1116 37.09 -15.36 71.78
N THR D 1117 36.56 -14.79 72.83
CA THR D 1117 35.61 -13.69 72.74
C THR D 1117 36.28 -12.38 72.27
N ASP D 1118 37.61 -12.40 72.15
CA ASP D 1118 38.41 -11.26 71.71
C ASP D 1118 38.46 -11.22 70.20
N ASN D 1119 38.34 -12.38 69.59
CA ASN D 1119 38.54 -12.56 68.17
C ASN D 1119 37.23 -12.65 67.44
N THR D 1120 36.15 -12.27 68.09
CA THR D 1120 34.86 -12.41 67.47
C THR D 1120 33.82 -11.34 67.81
N PHE D 1121 32.93 -11.12 66.87
CA PHE D 1121 31.80 -10.23 67.04
C PHE D 1121 30.61 -11.03 67.46
N VAL D 1122 29.77 -10.49 68.31
CA VAL D 1122 28.60 -11.25 68.67
C VAL D 1122 27.36 -10.54 68.21
N SER D 1123 26.54 -11.24 67.47
CA SER D 1123 25.34 -10.68 66.89
C SER D 1123 24.34 -11.77 66.54
N GLY D 1124 23.12 -11.36 66.21
CA GLY D 1124 22.11 -12.30 65.77
C GLY D 1124 21.93 -13.38 66.81
N ASN D 1125 21.82 -14.61 66.35
CA ASN D 1125 21.70 -15.77 67.20
C ASN D 1125 21.91 -17.02 66.32
N CYS D 1126 21.87 -18.21 66.95
CA CYS D 1126 22.07 -19.51 66.31
C CYS D 1126 20.91 -19.90 65.38
N ASP D 1127 19.78 -19.21 65.48
CA ASP D 1127 18.64 -19.52 64.62
C ASP D 1127 18.58 -18.58 63.43
N VAL D 1128 19.56 -17.68 63.33
CA VAL D 1128 19.63 -16.72 62.26
C VAL D 1128 20.71 -17.12 61.28
N VAL D 1129 21.87 -17.52 61.80
CA VAL D 1129 22.92 -17.87 60.86
C VAL D 1129 22.74 -19.26 60.31
N ILE D 1130 22.63 -19.32 59.00
CA ILE D 1130 22.43 -20.59 58.35
C ILE D 1130 23.79 -21.24 58.23
N GLY D 1131 23.93 -22.44 58.78
CA GLY D 1131 25.22 -23.08 58.74
C GLY D 1131 26.07 -22.83 59.98
N ILE D 1132 25.48 -22.25 61.02
CA ILE D 1132 26.24 -21.99 62.23
C ILE D 1132 26.59 -23.33 62.86
N VAL D 1133 27.79 -23.44 63.48
CA VAL D 1133 28.18 -24.71 64.10
C VAL D 1133 28.39 -24.55 65.60
N ASN D 1134 28.24 -25.66 66.40
CA ASN D 1134 28.42 -25.67 67.87
C ASN D 1134 29.91 -25.85 68.23
N ASN D 1135 30.52 -24.79 68.83
CA ASN D 1135 31.94 -24.75 69.21
C ASN D 1135 32.16 -23.75 70.34
N THR D 1136 32.70 -24.19 71.46
CA THR D 1136 32.88 -23.30 72.59
C THR D 1136 33.89 -22.20 72.29
N VAL D 1137 33.51 -20.97 72.63
CA VAL D 1137 34.36 -19.79 72.48
C VAL D 1137 35.03 -19.47 73.82
N TYR D 1138 36.35 -19.35 73.82
CA TYR D 1138 37.08 -19.10 75.06
C TYR D 1138 36.94 -17.74 75.72
N ASP D 1139 36.74 -17.78 77.05
CA ASP D 1139 36.63 -16.62 77.94
C ASP D 1139 37.97 -16.17 78.58
N PRO D 1140 38.55 -15.02 78.17
CA PRO D 1140 39.83 -14.47 78.62
C PRO D 1140 39.93 -14.14 80.09
N LEU D 1141 38.82 -14.04 80.81
CA LEU D 1141 38.92 -13.72 82.23
C LEU D 1141 39.01 -14.94 83.11
N GLN D 1142 38.97 -16.13 82.55
CA GLN D 1142 39.01 -17.29 83.42
C GLN D 1142 40.26 -17.33 84.33
N PRO D 1143 41.47 -16.89 83.91
CA PRO D 1143 42.66 -16.84 84.73
C PRO D 1143 42.52 -15.91 85.95
N GLU D 1144 41.55 -14.99 85.93
CA GLU D 1144 41.34 -14.08 87.06
C GLU D 1144 40.15 -14.56 87.89
N LEU D 1145 39.18 -15.17 87.22
CA LEU D 1145 37.94 -15.65 87.84
C LEU D 1145 38.08 -16.99 88.60
N ASP D 1146 38.96 -17.91 88.11
CA ASP D 1146 39.20 -19.25 88.67
C ASP D 1146 39.92 -19.13 90.03
N GLN E 14 80.77 71.43 -27.06
CA GLN E 14 81.64 72.28 -26.27
C GLN E 14 81.51 71.91 -24.78
N CYS E 15 82.63 71.52 -24.14
CA CYS E 15 82.69 71.20 -22.72
C CYS E 15 84.12 71.40 -22.25
N VAL E 16 84.32 71.30 -20.94
CA VAL E 16 85.65 71.41 -20.35
C VAL E 16 85.90 70.38 -19.26
N ASN E 17 87.15 69.88 -19.19
CA ASN E 17 87.67 69.04 -18.12
C ASN E 17 88.03 69.97 -16.95
N LEU E 18 87.31 69.86 -15.80
CA LEU E 18 87.50 70.75 -14.65
C LEU E 18 88.74 70.25 -13.91
N THR E 19 89.66 71.17 -13.58
CA THR E 19 90.96 70.80 -13.01
C THR E 19 91.31 71.19 -11.57
N THR E 20 90.40 71.80 -10.83
CA THR E 20 90.75 72.28 -9.51
C THR E 20 90.23 71.45 -8.36
N ARG E 21 89.74 70.25 -8.66
CA ARG E 21 89.26 69.39 -7.60
C ARG E 21 90.44 68.82 -6.81
N THR E 22 90.32 68.84 -5.50
CA THR E 22 91.30 68.23 -4.62
C THR E 22 90.97 66.76 -4.64
N GLN E 23 91.97 65.91 -4.61
CA GLN E 23 91.68 64.50 -4.66
C GLN E 23 91.57 63.87 -3.28
N LEU E 24 90.36 63.49 -2.94
CA LEU E 24 90.02 62.91 -1.64
C LEU E 24 89.30 61.57 -1.87
N PRO E 25 89.39 60.61 -0.93
CA PRO E 25 88.71 59.33 -0.96
C PRO E 25 87.20 59.48 -0.72
N PRO E 26 86.38 58.50 -1.14
CA PRO E 26 84.94 58.41 -0.93
C PRO E 26 84.61 58.10 0.52
N ALA E 27 83.43 58.50 0.94
CA ALA E 27 82.96 58.18 2.27
C ALA E 27 81.95 57.06 2.15
N TYR E 28 81.75 56.30 3.21
CA TYR E 28 80.75 55.26 3.15
C TYR E 28 79.81 55.38 4.33
N THR E 29 78.54 55.08 4.12
CA THR E 29 77.62 55.14 5.23
C THR E 29 76.59 54.01 5.28
N ASN E 30 75.81 54.07 6.35
CA ASN E 30 74.74 53.16 6.74
C ASN E 30 73.38 53.59 6.19
N SER E 31 72.77 52.75 5.34
CA SER E 31 71.46 53.05 4.72
C SER E 31 70.27 52.95 5.68
N PHE E 32 70.49 52.33 6.82
CA PHE E 32 69.47 52.06 7.80
C PHE E 32 68.26 51.40 7.16
N THR E 33 67.09 52.00 7.29
CA THR E 33 65.91 51.36 6.75
C THR E 33 65.19 52.10 5.64
N ARG E 34 65.75 53.19 5.13
CA ARG E 34 64.98 53.95 4.12
C ARG E 34 65.17 53.40 2.71
N GLY E 35 64.61 52.23 2.49
CA GLY E 35 64.75 51.48 1.24
C GLY E 35 63.45 50.90 0.68
N VAL E 36 62.32 51.46 1.11
CA VAL E 36 60.97 51.01 0.77
C VAL E 36 60.16 51.98 -0.10
N TYR E 37 59.18 51.42 -0.79
CA TYR E 37 58.25 52.17 -1.59
C TYR E 37 56.97 51.39 -1.69
N TYR E 38 55.89 52.05 -2.10
CA TYR E 38 54.62 51.35 -2.24
C TYR E 38 54.68 50.39 -3.42
N PRO E 39 54.60 49.05 -3.21
CA PRO E 39 54.72 48.02 -4.22
C PRO E 39 53.84 48.19 -5.44
N ASP E 40 52.64 48.71 -5.23
CA ASP E 40 51.70 48.88 -6.30
C ASP E 40 50.69 49.97 -6.01
N LYS E 41 49.79 50.22 -6.95
CA LYS E 41 48.79 51.25 -6.76
C LYS E 41 47.52 50.70 -6.12
N VAL E 42 47.68 50.19 -4.91
CA VAL E 42 46.61 49.53 -4.15
C VAL E 42 46.42 50.08 -2.76
N PHE E 43 45.17 50.36 -2.40
CA PHE E 43 44.94 50.85 -1.06
C PHE E 43 44.78 49.71 -0.08
N ARG E 44 45.60 49.74 0.95
CA ARG E 44 45.55 48.73 1.98
C ARG E 44 45.58 49.47 3.26
N SER E 45 45.03 48.91 4.32
CA SER E 45 45.15 49.55 5.62
C SER E 45 45.06 48.53 6.72
N SER E 46 45.60 48.88 7.88
CA SER E 46 45.54 48.06 9.08
C SER E 46 45.96 46.63 8.79
N VAL E 47 47.08 46.48 8.08
CA VAL E 47 47.49 45.16 7.67
C VAL E 47 48.97 44.98 7.51
N LEU E 48 49.45 43.78 7.79
CA LEU E 48 50.83 43.49 7.47
C LEU E 48 50.83 42.71 6.18
N HIS E 49 51.45 43.27 5.19
CA HIS E 49 51.48 42.73 3.85
C HIS E 49 52.81 42.05 3.57
N SER E 50 52.77 40.91 2.91
CA SER E 50 54.01 40.23 2.55
C SER E 50 54.32 40.35 1.09
N THR E 51 55.51 40.84 0.78
CA THR E 51 55.92 41.02 -0.60
C THR E 51 57.33 40.54 -0.92
N GLN E 52 57.66 40.58 -2.21
CA GLN E 52 58.97 40.28 -2.75
C GLN E 52 59.26 41.26 -3.87
N ASP E 53 60.38 41.94 -3.78
CA ASP E 53 60.76 42.95 -4.77
C ASP E 53 62.24 43.31 -4.63
N LEU E 54 62.71 44.23 -5.45
CA LEU E 54 64.07 44.74 -5.32
C LEU E 54 64.05 45.94 -4.38
N PHE E 55 64.74 45.81 -3.26
CA PHE E 55 64.76 46.82 -2.22
C PHE E 55 66.15 47.19 -1.86
N LEU E 56 66.33 48.36 -1.27
CA LEU E 56 67.66 48.64 -0.79
C LEU E 56 67.73 47.78 0.47
N PRO E 57 68.69 46.87 0.64
CA PRO E 57 68.74 46.03 1.81
C PRO E 57 68.86 46.88 3.03
N PHE E 58 68.31 46.43 4.14
CA PHE E 58 68.48 47.23 5.34
C PHE E 58 69.91 47.20 5.78
N PHE E 59 70.37 48.34 6.26
CA PHE E 59 71.70 48.58 6.77
C PHE E 59 72.78 48.26 5.75
N SER E 60 72.50 48.58 4.49
CA SER E 60 73.41 48.36 3.41
C SER E 60 74.51 49.43 3.40
N ASN E 61 75.58 49.14 2.62
CA ASN E 61 76.75 49.98 2.37
C ASN E 61 76.47 50.97 1.23
N VAL E 62 76.39 52.28 1.56
CA VAL E 62 76.04 53.38 0.66
C VAL E 62 77.25 54.25 0.37
N THR E 63 77.54 54.49 -0.91
CA THR E 63 78.71 55.32 -1.19
C THR E 63 78.29 56.77 -1.16
N TRP E 64 79.05 57.55 -0.43
CA TRP E 64 78.81 58.96 -0.21
C TRP E 64 79.78 59.87 -1.00
N PHE E 65 79.16 60.64 -1.89
CA PHE E 65 79.80 61.53 -2.85
C PHE E 65 79.61 62.98 -2.46
N HIS E 66 80.56 63.84 -2.84
CA HIS E 66 80.42 65.25 -2.46
C HIS E 66 80.60 66.31 -3.52
N ALA E 67 79.90 67.41 -3.28
CA ALA E 67 80.10 68.67 -3.95
C ALA E 67 80.39 69.62 -2.81
N ILE E 68 81.58 70.17 -2.75
CA ILE E 68 81.90 71.01 -1.62
C ILE E 68 83.02 71.97 -1.90
N HIS E 69 82.98 73.13 -1.29
CA HIS E 69 84.13 74.01 -1.39
C HIS E 69 84.62 74.51 -0.06
N VAL E 70 85.83 74.09 0.24
CA VAL E 70 86.54 74.54 1.40
C VAL E 70 87.74 75.22 0.80
N SER E 71 87.84 76.52 1.07
CA SER E 71 88.87 77.37 0.51
C SER E 71 90.22 77.20 1.16
N GLY E 72 91.24 77.76 0.49
CA GLY E 72 92.60 77.75 0.99
C GLY E 72 93.49 76.98 0.04
N THR E 73 94.81 77.11 0.22
CA THR E 73 95.74 76.37 -0.64
C THR E 73 95.46 74.91 -0.39
N ASN E 74 95.33 74.56 0.88
CA ASN E 74 95.01 73.22 1.31
C ASN E 74 93.49 73.08 1.37
N GLY E 75 92.87 73.33 0.22
CA GLY E 75 91.43 73.28 0.11
C GLY E 75 90.99 71.86 -0.20
N THR E 76 89.69 71.66 -0.20
CA THR E 76 89.12 70.34 -0.48
C THR E 76 88.03 70.39 -1.53
N LYS E 77 88.16 71.29 -2.49
CA LYS E 77 87.10 71.43 -3.47
C LYS E 77 86.81 70.10 -4.14
N ARG E 78 85.53 69.71 -4.16
CA ARG E 78 85.08 68.49 -4.81
C ARG E 78 83.86 68.78 -5.62
N PHE E 79 83.68 68.02 -6.66
CA PHE E 79 82.52 68.15 -7.50
C PHE E 79 82.39 66.80 -8.15
N ASP E 80 81.94 65.83 -7.37
CA ASP E 80 82.00 64.45 -7.80
C ASP E 80 80.86 64.05 -8.72
N ASN E 81 81.19 63.76 -9.97
CA ASN E 81 80.23 63.35 -10.98
C ASN E 81 80.71 62.13 -11.79
N PRO E 82 81.17 61.03 -11.15
CA PRO E 82 81.69 59.82 -11.74
C PRO E 82 80.62 58.95 -12.33
N VAL E 83 81.05 58.04 -13.19
CA VAL E 83 80.15 57.01 -13.69
C VAL E 83 80.14 55.88 -12.70
N LEU E 84 78.96 55.50 -12.29
CA LEU E 84 78.72 54.45 -11.34
C LEU E 84 77.98 53.31 -12.02
N PRO E 85 78.09 52.07 -11.56
CA PRO E 85 77.34 50.96 -12.07
C PRO E 85 75.90 51.12 -11.68
N PHE E 86 75.00 50.52 -12.42
CA PHE E 86 73.57 50.51 -12.10
C PHE E 86 73.19 49.21 -11.40
N ASN E 87 73.92 48.15 -11.72
CA ASN E 87 73.66 46.82 -11.23
C ASN E 87 72.23 46.39 -11.49
N ASP E 88 71.48 46.04 -10.44
CA ASP E 88 70.11 45.57 -10.61
C ASP E 88 69.09 46.64 -10.35
N GLY E 89 69.55 47.85 -10.13
CA GLY E 89 68.68 48.95 -9.80
C GLY E 89 69.38 49.83 -8.81
N VAL E 90 69.00 51.08 -8.80
CA VAL E 90 69.67 52.06 -7.98
C VAL E 90 68.87 52.86 -6.98
N TYR E 91 69.39 52.88 -5.78
CA TYR E 91 68.81 53.72 -4.77
C TYR E 91 69.59 55.00 -4.80
N PHE E 92 68.91 56.11 -4.96
CA PHE E 92 69.63 57.36 -5.01
C PHE E 92 69.03 58.34 -4.05
N ALA E 93 69.87 59.04 -3.34
CA ALA E 93 69.33 60.05 -2.48
C ALA E 93 70.29 61.18 -2.37
N SER E 94 69.75 62.35 -2.08
CA SER E 94 70.62 63.47 -1.85
C SER E 94 70.12 64.41 -0.79
N THR E 95 71.07 65.14 -0.25
CA THR E 95 70.83 66.18 0.71
C THR E 95 71.19 67.45 -0.01
N GLU E 96 70.26 68.40 0.03
CA GLU E 96 70.42 69.61 -0.74
C GLU E 96 69.82 70.85 -0.09
N LYS E 97 70.30 72.01 -0.50
CA LYS E 97 69.73 73.26 -0.07
C LYS E 97 69.92 74.30 -1.16
N SER E 98 70.87 73.99 -2.06
CA SER E 98 71.26 74.93 -3.14
C SER E 98 70.98 74.39 -4.54
N ASN E 99 70.18 73.35 -4.65
CA ASN E 99 69.84 72.78 -5.95
C ASN E 99 71.05 72.50 -6.88
N ILE E 100 72.05 71.80 -6.37
CA ILE E 100 73.26 71.44 -7.07
C ILE E 100 73.10 70.12 -7.77
N ILE E 101 72.40 69.18 -7.13
CA ILE E 101 72.24 67.86 -7.73
C ILE E 101 71.11 68.00 -8.76
N ARG E 102 71.42 67.82 -10.05
CA ARG E 102 70.43 68.06 -11.09
C ARG E 102 70.36 67.09 -12.26
N GLY E 103 69.83 65.90 -12.06
CA GLY E 103 69.68 64.99 -13.18
C GLY E 103 70.72 63.88 -13.26
N TRP E 104 70.43 62.95 -14.16
CA TRP E 104 71.23 61.76 -14.34
C TRP E 104 71.30 61.31 -15.79
N ILE E 105 72.34 60.57 -16.12
CA ILE E 105 72.40 59.93 -17.42
C ILE E 105 72.35 58.42 -17.19
N PHE E 106 71.45 57.70 -17.86
CA PHE E 106 71.38 56.25 -17.70
C PHE E 106 71.58 55.51 -19.03
N GLY E 107 72.37 54.44 -19.01
CA GLY E 107 72.57 53.64 -20.23
C GLY E 107 73.69 52.62 -20.07
N THR E 108 74.18 52.07 -21.20
CA THR E 108 75.26 51.08 -21.10
C THR E 108 76.60 51.64 -21.47
N THR E 109 76.59 52.68 -22.27
CA THR E 109 77.85 53.23 -22.73
C THR E 109 78.01 54.66 -22.29
N LEU E 110 76.88 55.36 -22.13
CA LEU E 110 76.84 56.78 -21.80
C LEU E 110 77.71 57.52 -22.81
N ASP E 111 77.59 57.13 -24.08
CA ASP E 111 78.35 57.72 -25.16
C ASP E 111 77.52 57.66 -26.45
N SER E 112 78.08 58.18 -27.52
CA SER E 112 77.46 58.35 -28.84
C SER E 112 77.20 57.08 -29.62
N LYS E 113 77.73 55.98 -29.15
CA LYS E 113 77.55 54.74 -29.84
C LYS E 113 76.22 54.04 -29.56
N THR E 114 75.54 54.38 -28.45
CA THR E 114 74.29 53.69 -28.16
C THR E 114 73.23 54.67 -27.70
N GLN E 115 71.96 54.27 -27.73
CA GLN E 115 70.96 55.19 -27.18
C GLN E 115 71.03 55.16 -25.68
N SER E 116 70.80 56.30 -25.08
CA SER E 116 70.78 56.39 -23.64
C SER E 116 69.80 57.45 -23.20
N LEU E 117 69.46 57.40 -21.93
CA LEU E 117 68.51 58.29 -21.32
C LEU E 117 69.06 59.44 -20.53
N LEU E 118 68.72 60.63 -20.96
CA LEU E 118 69.16 61.82 -20.28
C LEU E 118 68.02 62.54 -19.58
N ILE E 119 68.11 62.62 -18.26
CA ILE E 119 67.09 63.30 -17.49
C ILE E 119 67.67 64.51 -16.80
N VAL E 120 67.24 65.70 -17.19
CA VAL E 120 67.83 66.87 -16.55
C VAL E 120 66.81 67.80 -15.94
N ASN E 121 67.02 68.11 -14.66
CA ASN E 121 66.19 69.08 -13.98
C ASN E 121 66.92 70.41 -14.20
N ASN E 122 66.49 71.20 -15.20
CA ASN E 122 67.14 72.43 -15.64
C ASN E 122 66.31 73.62 -15.18
N ALA E 123 66.90 74.85 -15.11
CA ALA E 123 66.12 76.01 -14.71
C ALA E 123 64.92 76.20 -15.64
N THR E 124 63.78 76.32 -14.99
CA THR E 124 62.43 76.48 -15.49
C THR E 124 61.78 75.25 -16.11
N ASN E 125 62.48 74.13 -16.29
CA ASN E 125 61.77 73.01 -16.90
C ASN E 125 62.42 71.63 -16.58
N VAL E 126 61.82 70.57 -17.09
CA VAL E 126 62.39 69.24 -16.96
C VAL E 126 62.43 68.64 -18.33
N VAL E 127 63.61 68.19 -18.73
CA VAL E 127 63.73 67.62 -20.04
C VAL E 127 64.22 66.20 -20.03
N ILE E 128 63.47 65.34 -20.69
CA ILE E 128 63.85 63.95 -20.82
C ILE E 128 63.96 63.56 -22.28
N LYS E 129 65.12 63.05 -22.66
CA LYS E 129 65.29 62.58 -24.03
C LYS E 129 66.10 61.31 -24.09
N VAL E 130 65.78 60.45 -25.05
CA VAL E 130 66.58 59.25 -25.24
C VAL E 130 67.25 59.31 -26.62
N CYS E 131 68.59 59.44 -26.68
CA CYS E 131 69.31 59.71 -27.92
C CYS E 131 70.68 59.06 -27.92
N GLU E 132 71.30 59.04 -29.08
CA GLU E 132 72.67 58.56 -29.17
C GLU E 132 73.51 59.80 -28.93
N PHE E 133 73.54 60.21 -27.68
CA PHE E 133 74.15 61.47 -27.26
C PHE E 133 75.64 61.37 -27.19
N GLN E 134 76.31 62.40 -27.66
CA GLN E 134 77.74 62.48 -27.50
C GLN E 134 78.00 63.31 -26.30
N PHE E 135 78.15 62.60 -25.21
CA PHE E 135 78.28 63.17 -23.90
C PHE E 135 79.67 63.67 -23.61
N CYS E 136 79.75 64.68 -22.71
CA CYS E 136 80.96 65.20 -22.11
C CYS E 136 81.38 64.19 -21.02
N ASN E 137 82.67 63.92 -20.93
CA ASN E 137 83.17 63.00 -19.92
C ASN E 137 83.19 63.63 -18.51
N ASP E 138 83.03 64.94 -18.45
CA ASP E 138 83.01 65.69 -17.21
C ASP E 138 81.94 66.77 -17.37
N PRO E 139 80.66 66.38 -17.46
CA PRO E 139 79.54 67.24 -17.78
C PRO E 139 79.23 68.14 -16.62
N PHE E 140 78.67 69.30 -16.91
CA PHE E 140 78.21 70.18 -15.85
C PHE E 140 77.20 71.21 -16.29
N LEU E 141 76.50 71.70 -15.29
CA LEU E 141 75.54 72.77 -15.39
C LEU E 141 76.09 73.93 -14.55
N GLY E 142 75.52 75.14 -14.62
CA GLY E 142 75.98 76.20 -13.70
C GLY E 142 75.24 77.53 -13.80
N VAL E 143 75.39 78.34 -12.75
CA VAL E 143 74.62 79.58 -12.58
C VAL E 143 75.33 80.95 -12.65
N TYR E 144 76.44 81.01 -13.35
CA TYR E 144 77.11 82.26 -13.65
C TYR E 144 77.39 83.14 -12.41
N TYR E 145 77.19 84.45 -12.58
CA TYR E 145 77.61 85.49 -11.66
C TYR E 145 76.78 85.95 -10.52
N HIS E 146 75.45 86.03 -10.67
CA HIS E 146 74.61 86.57 -9.57
C HIS E 146 75.28 87.80 -8.95
N LYS E 147 75.67 88.75 -9.79
CA LYS E 147 76.44 89.90 -9.33
C LYS E 147 75.67 91.20 -9.46
N ASN E 148 75.62 91.92 -8.36
CA ASN E 148 74.85 93.20 -8.20
C ASN E 148 73.31 93.02 -8.28
N ASN E 149 72.85 91.76 -8.27
CA ASN E 149 71.49 91.25 -8.29
C ASN E 149 71.57 89.79 -7.83
N LYS E 150 70.43 89.06 -7.88
CA LYS E 150 70.35 87.64 -7.55
C LYS E 150 69.75 86.86 -8.69
N SER E 151 70.22 87.10 -9.92
CA SER E 151 69.68 86.35 -11.06
C SER E 151 70.12 84.90 -11.13
N TRP E 152 71.33 84.59 -10.65
CA TRP E 152 71.90 83.25 -10.71
C TRP E 152 71.53 82.59 -12.03
N MET E 153 71.79 83.24 -13.16
CA MET E 153 71.27 82.70 -14.40
C MET E 153 71.94 81.41 -14.75
N GLU E 154 71.18 80.44 -15.25
CA GLU E 154 71.82 79.20 -15.63
C GLU E 154 72.40 79.29 -17.02
N SER E 155 73.60 79.84 -17.08
CA SER E 155 74.30 80.04 -18.34
C SER E 155 75.05 78.80 -18.79
N GLU E 156 75.40 77.93 -17.84
CA GLU E 156 76.14 76.73 -18.16
C GLU E 156 75.18 75.57 -18.19
N PHE E 157 75.09 74.96 -19.34
CA PHE E 157 74.21 73.84 -19.54
C PHE E 157 74.80 72.93 -20.59
N ARG E 158 75.91 72.28 -20.28
CA ARG E 158 76.56 71.48 -21.29
C ARG E 158 76.82 70.08 -20.78
N VAL E 159 75.92 69.20 -21.15
CA VAL E 159 75.96 67.82 -20.73
C VAL E 159 76.55 67.00 -21.85
N TYR E 160 76.14 67.33 -23.06
CA TYR E 160 76.55 66.63 -24.23
C TYR E 160 76.84 67.65 -25.31
N SER E 161 77.70 67.25 -26.25
CA SER E 161 78.09 68.08 -27.37
C SER E 161 77.08 68.04 -28.49
N SER E 162 76.55 66.85 -28.74
CA SER E 162 75.60 66.69 -29.83
C SER E 162 74.71 65.48 -29.64
N ALA E 163 73.63 65.40 -30.40
CA ALA E 163 72.78 64.21 -30.32
C ALA E 163 72.03 64.00 -31.61
N ASN E 164 71.66 62.75 -31.86
CA ASN E 164 70.84 62.36 -32.98
C ASN E 164 70.05 61.11 -32.56
N ASN E 165 69.18 60.58 -33.48
CA ASN E 165 68.38 59.37 -33.30
C ASN E 165 67.57 59.40 -31.98
N CYS E 166 66.93 60.56 -31.70
CA CYS E 166 66.16 60.82 -30.50
C CYS E 166 64.75 60.29 -30.54
N THR E 167 64.38 59.67 -29.43
CA THR E 167 63.05 59.18 -29.20
C THR E 167 62.59 59.54 -27.80
N PHE E 168 61.33 59.22 -27.51
CA PHE E 168 60.73 59.44 -26.22
C PHE E 168 61.02 60.84 -25.73
N GLU E 169 60.85 61.84 -26.57
CA GLU E 169 61.17 63.14 -26.08
C GLU E 169 60.02 63.68 -25.26
N TYR E 170 60.35 64.22 -24.11
CA TYR E 170 59.37 64.84 -23.23
C TYR E 170 59.87 66.10 -22.58
N VAL E 171 59.04 67.11 -22.57
CA VAL E 171 59.35 68.34 -21.89
C VAL E 171 58.17 68.71 -21.01
N SER E 172 58.45 69.09 -19.79
CA SER E 172 57.39 69.46 -18.87
C SER E 172 56.99 70.93 -19.06
N GLN E 173 56.24 71.45 -18.10
CA GLN E 173 55.73 72.80 -18.22
C GLN E 173 56.69 73.76 -17.56
N PRO E 174 56.73 75.04 -17.99
CA PRO E 174 57.53 76.08 -17.39
C PRO E 174 57.22 76.31 -15.92
N PHE E 175 58.27 76.58 -15.17
CA PHE E 175 58.25 76.86 -13.74
C PHE E 175 59.43 77.72 -13.37
N LEU E 176 59.52 78.14 -12.12
CA LEU E 176 60.68 78.91 -11.72
C LEU E 176 61.53 78.03 -10.85
N MET E 177 62.85 78.14 -10.98
CA MET E 177 63.72 77.34 -10.13
C MET E 177 64.42 78.20 -9.11
N ASP E 178 64.51 77.71 -7.90
CA ASP E 178 65.22 78.50 -6.91
C ASP E 178 66.71 78.27 -7.06
N LEU E 179 67.33 79.20 -7.75
CA LEU E 179 68.75 79.10 -8.07
C LEU E 179 69.65 79.82 -7.06
N GLU E 180 69.07 80.40 -6.02
CA GLU E 180 69.91 81.12 -5.07
C GLU E 180 70.71 80.15 -4.20
N GLY E 181 71.99 80.43 -4.00
CA GLY E 181 72.82 79.58 -3.14
C GLY E 181 72.47 79.81 -1.68
N LYS E 182 72.62 78.78 -0.85
CA LYS E 182 72.31 78.90 0.57
C LYS E 182 73.36 78.35 1.52
N GLN E 183 73.25 78.79 2.77
CA GLN E 183 74.08 78.38 3.89
C GLN E 183 73.22 77.61 4.88
N GLY E 184 73.81 77.12 5.98
CA GLY E 184 73.02 76.39 6.98
C GLY E 184 73.02 74.89 6.74
N ASN E 185 72.03 74.21 7.31
CA ASN E 185 71.98 72.75 7.26
C ASN E 185 71.34 72.38 5.95
N PHE E 186 71.21 71.10 5.65
CA PHE E 186 70.55 70.75 4.42
C PHE E 186 69.09 70.91 4.68
N LYS E 187 68.34 71.29 3.65
CA LYS E 187 66.92 71.54 3.80
C LYS E 187 66.05 70.54 3.10
N ASN E 188 66.60 69.88 2.10
CA ASN E 188 65.82 69.00 1.27
C ASN E 188 66.38 67.61 1.11
N LEU E 189 65.57 66.63 1.44
CA LEU E 189 65.94 65.26 1.20
C LEU E 189 65.20 64.76 0.00
N ARG E 190 65.94 64.35 -1.01
CA ARG E 190 65.28 63.88 -2.20
C ARG E 190 65.63 62.42 -2.38
N GLU E 191 64.61 61.57 -2.43
CA GLU E 191 64.84 60.14 -2.56
C GLU E 191 64.21 59.60 -3.81
N PHE E 192 64.99 58.80 -4.52
CA PHE E 192 64.54 58.18 -5.75
C PHE E 192 64.94 56.72 -5.85
N VAL E 193 64.12 55.93 -6.50
CA VAL E 193 64.58 54.59 -6.81
C VAL E 193 64.41 54.37 -8.28
N PHE E 194 65.45 53.85 -8.90
CA PHE E 194 65.44 53.60 -10.33
C PHE E 194 65.52 52.12 -10.69
N LYS E 195 64.51 51.63 -11.41
CA LYS E 195 64.50 50.22 -11.81
C LYS E 195 64.31 50.12 -13.31
N ASN E 196 64.90 49.12 -13.96
CA ASN E 196 64.74 49.01 -15.41
C ASN E 196 64.24 47.65 -15.82
N ILE E 197 62.92 47.53 -15.98
CA ILE E 197 62.30 46.25 -16.24
C ILE E 197 61.51 46.19 -17.53
N ASP E 198 61.93 45.34 -18.45
CA ASP E 198 61.21 45.11 -19.69
C ASP E 198 60.82 46.37 -20.46
N GLY E 199 61.74 47.30 -20.57
CA GLY E 199 61.47 48.53 -21.30
C GLY E 199 60.86 49.64 -20.46
N TYR E 200 60.63 49.39 -19.18
CA TYR E 200 60.07 50.42 -18.35
C TYR E 200 61.04 50.88 -17.30
N PHE E 201 61.31 52.18 -17.30
CA PHE E 201 62.21 52.73 -16.32
C PHE E 201 61.27 53.27 -15.25
N LYS E 202 61.17 52.52 -14.19
CA LYS E 202 60.21 52.79 -13.16
C LYS E 202 60.86 53.63 -12.12
N ILE E 203 60.28 54.79 -11.84
CA ILE E 203 60.93 55.65 -10.89
C ILE E 203 59.98 56.01 -9.77
N TYR E 204 60.39 55.76 -8.54
CA TYR E 204 59.56 56.17 -7.40
C TYR E 204 60.28 57.27 -6.68
N SER E 205 59.54 58.15 -6.02
CA SER E 205 60.23 59.19 -5.26
C SER E 205 59.45 59.84 -4.14
N LYS E 206 60.19 60.58 -3.34
CA LYS E 206 59.62 61.42 -2.31
C LYS E 206 60.50 62.63 -2.08
N HIS E 207 59.88 63.74 -1.72
CA HIS E 207 60.61 64.93 -1.35
C HIS E 207 60.21 65.28 0.09
N THR E 208 61.18 65.14 1.00
CA THR E 208 60.96 65.35 2.41
C THR E 208 61.85 66.47 2.92
N PRO E 209 61.35 67.48 3.64
CA PRO E 209 62.19 68.52 4.20
C PRO E 209 63.03 67.95 5.34
N ILE E 210 64.25 68.42 5.45
CA ILE E 210 65.21 68.03 6.50
C ILE E 210 65.91 69.23 7.10
N ASN E 211 66.58 69.05 8.24
CA ASN E 211 67.42 70.11 8.80
C ASN E 211 68.71 69.52 9.38
N LEU E 212 69.30 68.56 8.66
CA LEU E 212 70.48 67.83 9.13
C LEU E 212 71.76 68.26 8.40
N VAL E 213 72.92 68.15 9.06
CA VAL E 213 74.15 68.59 8.40
C VAL E 213 75.12 67.50 7.91
N ARG E 214 75.59 66.62 8.79
CA ARG E 214 76.68 65.73 8.40
C ARG E 214 76.38 64.53 7.51
N ASP E 215 75.28 63.83 7.72
CA ASP E 215 75.05 62.58 6.99
C ASP E 215 73.56 62.32 6.79
N LEU E 216 73.22 61.22 6.14
CA LEU E 216 71.82 60.89 5.94
C LEU E 216 71.06 60.70 7.25
N PRO E 217 69.77 61.09 7.31
CA PRO E 217 68.82 60.92 8.40
C PRO E 217 68.32 59.49 8.52
N GLN E 218 67.78 59.18 9.69
CA GLN E 218 67.20 57.88 9.98
C GLN E 218 65.71 58.02 10.18
N GLY E 219 64.98 56.94 9.93
CA GLY E 219 63.53 56.93 10.12
C GLY E 219 62.90 56.04 9.08
N PHE E 220 61.58 56.07 8.97
CA PHE E 220 60.93 55.22 7.98
C PHE E 220 60.46 56.08 6.83
N SER E 221 60.67 55.61 5.62
CA SER E 221 60.21 56.34 4.46
C SER E 221 59.81 55.39 3.35
N ALA E 222 58.75 55.74 2.63
CA ALA E 222 58.32 54.97 1.48
C ALA E 222 58.02 55.94 0.35
N LEU E 223 58.49 55.58 -0.84
CA LEU E 223 58.34 56.43 -2.03
C LEU E 223 57.05 56.19 -2.83
N GLU E 224 56.57 57.22 -3.52
CA GLU E 224 55.37 57.10 -4.32
C GLU E 224 55.68 56.75 -5.76
N PRO E 225 54.75 56.11 -6.49
CA PRO E 225 54.90 55.69 -7.87
C PRO E 225 55.42 56.74 -8.83
N LEU E 226 55.10 58.00 -8.64
CA LEU E 226 55.65 59.01 -9.54
C LEU E 226 55.44 58.67 -11.02
N VAL E 227 56.45 58.11 -11.70
CA VAL E 227 56.37 57.88 -13.14
C VAL E 227 56.84 56.50 -13.59
N ASP E 228 56.43 56.15 -14.78
CA ASP E 228 56.87 54.92 -15.40
C ASP E 228 57.16 55.25 -16.85
N LEU E 229 58.45 55.31 -17.20
CA LEU E 229 58.83 55.76 -18.52
C LEU E 229 59.12 54.55 -19.43
N PRO E 230 58.32 54.29 -20.45
CA PRO E 230 58.39 53.14 -21.32
C PRO E 230 59.49 53.26 -22.35
N ILE E 231 60.70 53.23 -21.88
CA ILE E 231 61.87 53.40 -22.69
C ILE E 231 62.62 52.09 -22.87
N GLY E 232 62.71 51.63 -24.10
CA GLY E 232 63.31 50.34 -24.45
C GLY E 232 64.84 50.34 -24.48
N ILE E 233 65.49 50.72 -23.37
CA ILE E 233 66.95 50.73 -23.37
C ILE E 233 67.53 49.89 -22.22
N ASN E 234 68.80 49.50 -22.41
CA ASN E 234 69.65 48.75 -21.50
C ASN E 234 70.44 49.72 -20.61
N ILE E 235 70.23 49.67 -19.28
CA ILE E 235 70.90 50.55 -18.31
C ILE E 235 71.78 49.72 -17.43
N THR E 236 73.09 49.92 -17.54
CA THR E 236 74.02 49.15 -16.75
C THR E 236 74.92 50.03 -15.92
N ARG E 237 74.95 51.31 -16.28
CA ARG E 237 75.74 52.35 -15.65
C ARG E 237 75.00 53.68 -15.69
N PHE E 238 75.36 54.58 -14.80
CA PHE E 238 74.74 55.89 -14.83
C PHE E 238 75.68 56.96 -14.31
N GLN E 239 75.36 58.22 -14.58
CA GLN E 239 76.16 59.31 -14.09
C GLN E 239 75.32 60.42 -13.49
N THR E 240 75.76 60.97 -12.36
CA THR E 240 75.04 62.05 -11.68
C THR E 240 75.49 63.41 -12.21
N LEU E 241 74.54 64.29 -12.50
CA LEU E 241 74.87 65.62 -13.01
C LEU E 241 74.81 66.67 -11.90
N LEU E 242 75.80 67.57 -11.90
CA LEU E 242 75.91 68.63 -10.90
C LEU E 242 76.00 70.04 -11.50
N ALA E 243 75.50 71.05 -10.77
CA ALA E 243 75.66 72.46 -11.16
C ALA E 243 76.78 73.20 -10.39
N LEU E 244 77.48 74.07 -11.10
CA LEU E 244 78.56 74.97 -10.65
C LEU E 244 78.13 76.39 -10.39
N HIS E 245 78.87 77.09 -9.54
CA HIS E 245 78.69 78.52 -9.41
C HIS E 245 79.92 79.12 -10.11
N ARG E 246 79.74 80.10 -10.99
CA ARG E 246 80.89 80.65 -11.70
C ARG E 246 80.86 82.14 -11.75
N SER E 247 81.16 82.78 -10.63
CA SER E 247 81.04 84.21 -10.60
C SER E 247 82.35 84.94 -10.79
N TYR E 248 82.28 86.25 -10.68
CA TYR E 248 83.39 87.18 -10.84
C TYR E 248 84.40 86.96 -9.74
N LEU E 249 83.88 86.40 -8.67
CA LEU E 249 84.56 86.12 -7.44
C LEU E 249 85.47 84.90 -7.55
N THR E 250 85.34 84.13 -8.63
CA THR E 250 86.16 82.97 -8.86
C THR E 250 86.84 83.08 -10.23
N PRO E 251 88.04 83.68 -10.31
CA PRO E 251 88.76 83.92 -11.54
C PRO E 251 89.32 82.63 -12.08
N GLY E 252 89.57 82.61 -13.38
CA GLY E 252 90.21 81.47 -14.03
C GLY E 252 89.50 81.20 -15.35
N ASP E 253 90.08 80.32 -16.17
CA ASP E 253 89.46 80.01 -17.44
C ASP E 253 88.41 78.97 -17.13
N SER E 254 87.78 78.37 -18.11
CA SER E 254 86.68 77.48 -17.77
C SER E 254 87.08 76.26 -16.91
N SER E 255 88.35 75.85 -16.89
CA SER E 255 88.75 74.69 -16.12
C SER E 255 88.97 75.00 -14.63
N SER E 256 89.15 76.27 -14.29
CA SER E 256 89.44 76.64 -12.90
C SER E 256 88.52 77.70 -12.34
N GLY E 257 87.85 78.43 -13.22
CA GLY E 257 86.99 79.56 -12.88
C GLY E 257 85.61 79.11 -12.43
N TRP E 258 85.58 78.28 -11.39
CA TRP E 258 84.35 77.74 -10.83
C TRP E 258 84.50 77.34 -9.38
N THR E 259 83.39 77.34 -8.69
CA THR E 259 83.30 76.88 -7.33
C THR E 259 82.15 75.91 -7.11
N ALA E 260 82.43 74.85 -6.34
CA ALA E 260 81.40 73.92 -5.94
C ALA E 260 80.64 74.49 -4.75
N GLY E 261 79.33 74.27 -4.69
CA GLY E 261 78.59 74.69 -3.51
C GLY E 261 78.54 73.48 -2.61
N ALA E 262 77.70 73.47 -1.59
CA ALA E 262 77.66 72.31 -0.70
C ALA E 262 76.45 71.45 -0.95
N ALA E 263 76.70 70.18 -1.27
CA ALA E 263 75.68 69.17 -1.53
C ALA E 263 76.26 67.79 -1.35
N ALA E 264 75.41 66.81 -1.18
CA ALA E 264 75.96 65.46 -1.16
C ALA E 264 74.97 64.47 -1.70
N TYR E 265 75.49 63.38 -2.23
CA TYR E 265 74.58 62.37 -2.69
C TYR E 265 75.09 61.01 -2.32
N TYR E 266 74.13 60.11 -2.25
CA TYR E 266 74.36 58.78 -1.82
C TYR E 266 73.87 57.76 -2.80
N VAL E 267 74.68 56.74 -3.07
CA VAL E 267 74.26 55.71 -4.00
C VAL E 267 74.34 54.31 -3.42
N GLY E 268 73.22 53.62 -3.50
CA GLY E 268 73.12 52.25 -3.05
C GLY E 268 72.57 51.39 -4.18
N TYR E 269 72.46 50.10 -3.95
CA TYR E 269 71.94 49.23 -4.99
C TYR E 269 70.86 48.35 -4.46
N LEU E 270 69.93 48.01 -5.33
CA LEU E 270 68.82 47.18 -4.92
C LEU E 270 69.14 45.72 -5.06
N GLN E 271 68.54 44.92 -4.20
CA GLN E 271 68.69 43.47 -4.26
C GLN E 271 67.33 42.82 -4.04
N PRO E 272 67.05 41.64 -4.59
CA PRO E 272 65.83 40.94 -4.33
C PRO E 272 65.75 40.52 -2.88
N ARG E 273 64.63 40.83 -2.28
CA ARG E 273 64.35 40.55 -0.90
C ARG E 273 62.89 40.33 -0.64
N THR E 274 62.61 39.67 0.46
CA THR E 274 61.24 39.57 0.88
C THR E 274 61.10 40.44 2.09
N PHE E 275 59.94 41.06 2.17
CA PHE E 275 59.56 41.98 3.22
C PHE E 275 58.21 41.86 3.85
N LEU E 276 58.20 42.26 5.11
CA LEU E 276 56.96 42.41 5.84
C LEU E 276 56.69 43.92 5.88
N LEU E 277 55.60 44.37 5.29
CA LEU E 277 55.33 45.81 5.25
C LEU E 277 54.13 46.17 6.09
N LYS E 278 54.29 47.15 6.95
CA LYS E 278 53.22 47.55 7.84
C LYS E 278 52.45 48.78 7.40
N TYR E 279 51.15 48.58 7.12
CA TYR E 279 50.24 49.65 6.72
C TYR E 279 49.41 50.07 7.92
N ASN E 280 49.36 51.37 8.19
CA ASN E 280 48.60 51.85 9.33
C ASN E 280 47.15 52.00 8.97
N GLU E 281 46.37 52.54 9.88
CA GLU E 281 44.92 52.67 9.70
C GLU E 281 44.46 53.56 8.54
N ASN E 282 45.34 54.47 8.04
CA ASN E 282 45.08 55.39 6.93
C ASN E 282 45.76 54.91 5.63
N GLY E 283 46.36 53.69 5.62
CA GLY E 283 47.03 53.06 4.50
C GLY E 283 48.44 53.56 4.21
N THR E 284 49.10 54.14 5.20
CA THR E 284 50.43 54.62 5.00
C THR E 284 51.39 53.54 5.44
N ILE E 285 52.43 53.29 4.66
CA ILE E 285 53.35 52.29 5.14
C ILE E 285 54.16 53.02 6.19
N THR E 286 54.18 52.49 7.39
CA THR E 286 54.90 53.12 8.48
C THR E 286 56.10 52.34 8.94
N ASP E 287 56.16 51.06 8.58
CA ASP E 287 57.33 50.29 9.01
C ASP E 287 57.60 49.14 8.04
N ALA E 288 58.68 48.40 8.28
CA ALA E 288 59.02 47.25 7.45
C ALA E 288 60.06 46.32 8.08
N VAL E 289 60.04 45.05 7.69
CA VAL E 289 61.10 44.11 8.06
C VAL E 289 61.75 43.50 6.84
N ASP E 290 63.08 43.63 6.78
CA ASP E 290 63.89 43.00 5.73
C ASP E 290 64.19 41.60 6.23
N CYS E 291 63.57 40.57 5.62
CA CYS E 291 63.59 39.19 6.07
C CYS E 291 64.99 38.57 5.95
N ALA E 292 65.88 39.24 5.21
CA ALA E 292 67.24 38.73 5.03
C ALA E 292 68.27 39.41 5.92
N LEU E 293 67.84 40.33 6.79
CA LEU E 293 68.80 41.06 7.60
C LEU E 293 69.53 40.22 8.63
N ASP E 294 68.82 39.32 9.28
CA ASP E 294 69.34 38.49 10.35
C ASP E 294 68.25 37.48 10.79
N PRO E 295 68.60 36.44 11.57
CA PRO E 295 67.68 35.48 12.17
C PRO E 295 66.54 36.10 12.99
N LEU E 296 66.74 37.25 13.62
CA LEU E 296 65.61 37.80 14.36
C LEU E 296 64.56 38.31 13.39
N SER E 297 65.00 38.94 12.29
CA SER E 297 64.08 39.45 11.29
C SER E 297 63.39 38.28 10.63
N GLU E 298 64.11 37.17 10.41
CA GLU E 298 63.48 36.01 9.83
C GLU E 298 62.32 35.57 10.70
N THR E 299 62.55 35.58 12.02
CA THR E 299 61.51 35.20 12.96
C THR E 299 60.35 36.18 12.83
N LYS E 300 60.63 37.48 12.78
CA LYS E 300 59.56 38.47 12.64
C LYS E 300 58.70 38.29 11.38
N CYS E 301 59.32 37.96 10.21
CA CYS E 301 58.61 37.72 8.96
C CYS E 301 57.76 36.46 9.09
N THR E 302 58.30 35.42 9.71
CA THR E 302 57.60 34.16 9.86
C THR E 302 56.34 34.34 10.68
N LEU E 303 56.46 35.11 11.75
CA LEU E 303 55.38 35.34 12.69
C LEU E 303 54.46 36.48 12.30
N LYS E 304 54.75 37.18 11.20
CA LYS E 304 53.96 38.33 10.81
C LYS E 304 53.82 39.29 11.97
N SER E 305 54.94 39.63 12.59
CA SER E 305 54.93 40.52 13.74
C SER E 305 56.14 41.40 13.85
N PHE E 306 55.98 42.55 14.46
CA PHE E 306 57.13 43.43 14.69
C PHE E 306 57.68 43.25 16.09
N THR E 307 57.08 42.33 16.81
CA THR E 307 57.47 41.93 18.16
C THR E 307 57.60 40.42 18.28
N VAL E 308 58.68 39.98 18.92
CA VAL E 308 58.88 38.57 19.14
C VAL E 308 58.94 38.32 20.63
N GLU E 309 58.13 37.40 21.10
CA GLU E 309 58.06 37.11 22.52
C GLU E 309 59.24 36.29 22.99
N LYS E 310 59.52 36.38 24.27
CA LYS E 310 60.61 35.61 24.81
C LYS E 310 60.42 34.13 24.50
N GLY E 311 61.46 33.47 24.01
CA GLY E 311 61.36 32.05 23.69
C GLY E 311 62.34 31.56 22.63
N ILE E 312 62.10 30.33 22.16
CA ILE E 312 62.96 29.73 21.15
C ILE E 312 62.22 29.64 19.85
N TYR E 313 62.85 30.11 18.81
CA TYR E 313 62.23 30.03 17.52
C TYR E 313 63.10 29.22 16.57
N GLN E 314 62.46 28.48 15.68
CA GLN E 314 63.23 27.72 14.71
C GLN E 314 63.37 28.54 13.47
N THR E 315 64.49 28.38 12.78
CA THR E 315 64.73 29.11 11.55
C THR E 315 65.13 28.14 10.47
N SER E 316 65.35 28.64 9.26
CA SER E 316 65.78 27.77 8.17
C SER E 316 67.19 27.25 8.40
N ASN E 317 67.55 26.22 7.65
CA ASN E 317 68.87 25.65 7.76
C ASN E 317 69.88 26.64 7.28
N PHE E 318 71.09 26.53 7.78
CA PHE E 318 72.12 27.42 7.34
C PHE E 318 72.36 27.29 5.85
N ARG E 319 72.45 28.42 5.16
CA ARG E 319 72.67 28.37 3.73
C ARG E 319 73.83 29.22 3.31
N VAL E 320 74.44 28.82 2.21
CA VAL E 320 75.51 29.58 1.59
C VAL E 320 75.10 29.76 0.16
N GLN E 321 75.70 30.70 -0.53
CA GLN E 321 75.36 30.89 -1.91
C GLN E 321 76.47 30.41 -2.82
N PRO E 322 76.15 30.01 -4.07
CA PRO E 322 77.10 29.70 -5.10
C PRO E 322 77.77 30.98 -5.53
N THR E 323 79.04 30.90 -5.90
CA THR E 323 79.75 32.11 -6.30
C THR E 323 80.15 32.24 -7.77
N GLU E 324 80.15 31.16 -8.49
CA GLU E 324 80.60 31.13 -9.87
C GLU E 324 79.88 30.03 -10.62
N SER E 325 79.87 30.10 -11.94
CA SER E 325 79.21 29.06 -12.74
C SER E 325 80.18 28.21 -13.55
N ILE E 326 79.99 26.91 -13.46
CA ILE E 326 80.76 25.93 -14.18
C ILE E 326 80.00 25.34 -15.33
N VAL E 327 80.52 25.53 -16.51
CA VAL E 327 79.83 25.04 -17.68
C VAL E 327 80.66 23.99 -18.39
N ARG E 328 80.14 22.79 -18.51
CA ARG E 328 80.93 21.74 -19.11
C ARG E 328 80.19 21.01 -20.20
N PHE E 329 80.85 20.95 -21.33
CA PHE E 329 80.37 20.28 -22.51
C PHE E 329 81.44 19.39 -23.06
N PRO E 330 81.10 18.37 -23.86
CA PRO E 330 82.04 17.52 -24.51
C PRO E 330 82.78 18.41 -25.47
N ASN E 331 84.03 18.04 -25.79
CA ASN E 331 84.91 18.80 -26.67
C ASN E 331 84.56 18.50 -28.15
N ILE E 332 83.75 19.40 -28.74
CA ILE E 332 83.24 19.34 -30.11
C ILE E 332 83.60 20.64 -30.77
N THR E 333 84.27 20.56 -31.92
CA THR E 333 84.66 21.76 -32.65
C THR E 333 83.98 21.88 -34.01
N ASN E 334 83.15 20.92 -34.34
CA ASN E 334 82.48 20.88 -35.63
C ASN E 334 81.13 21.55 -35.60
N LEU E 335 80.70 22.06 -36.74
CA LEU E 335 79.35 22.60 -36.87
C LEU E 335 78.47 21.52 -37.48
N CYS E 336 77.21 21.39 -37.00
CA CYS E 336 76.23 20.42 -37.54
C CYS E 336 75.89 20.72 -38.99
N PRO E 337 75.54 19.69 -39.77
CA PRO E 337 75.24 19.77 -41.19
C PRO E 337 73.90 20.39 -41.48
N PHE E 338 73.78 21.65 -41.14
CA PHE E 338 72.54 22.37 -41.35
C PHE E 338 72.33 22.52 -42.84
N GLY E 339 73.43 22.68 -43.57
CA GLY E 339 73.33 22.79 -45.01
C GLY E 339 72.78 21.49 -45.58
N GLU E 340 73.34 20.36 -45.20
CA GLU E 340 72.82 19.12 -45.78
C GLU E 340 71.34 18.92 -45.48
N VAL E 341 70.93 19.23 -44.26
CA VAL E 341 69.55 19.04 -43.87
C VAL E 341 68.56 20.00 -44.52
N PHE E 342 68.91 21.28 -44.58
CA PHE E 342 67.99 22.28 -45.12
C PHE E 342 68.19 22.73 -46.59
N ASN E 343 69.40 22.53 -47.18
CA ASN E 343 69.80 22.91 -48.54
C ASN E 343 69.94 21.69 -49.48
N ALA E 344 69.37 20.51 -49.13
CA ALA E 344 69.45 19.28 -49.95
C ALA E 344 68.80 19.47 -51.31
N THR E 345 69.44 18.88 -52.32
CA THR E 345 68.93 18.95 -53.69
C THR E 345 67.60 18.25 -53.77
N ARG E 346 67.52 17.11 -53.12
CA ARG E 346 66.30 16.33 -53.11
C ARG E 346 65.94 15.84 -51.73
N PHE E 347 64.66 15.83 -51.52
CA PHE E 347 64.01 15.34 -50.33
C PHE E 347 63.24 14.10 -50.71
N ALA E 348 63.10 13.20 -49.78
CA ALA E 348 62.31 12.00 -50.01
C ALA E 348 60.86 12.33 -50.04
N SER E 349 60.11 11.50 -50.71
CA SER E 349 58.70 11.61 -50.66
C SER E 349 58.29 11.13 -49.29
N VAL E 350 57.11 11.51 -48.83
CA VAL E 350 56.70 11.02 -47.52
C VAL E 350 56.47 9.53 -47.56
N TYR E 351 56.09 9.02 -48.73
CA TYR E 351 55.91 7.59 -48.95
C TYR E 351 57.10 6.79 -48.42
N ALA E 352 58.30 7.29 -48.65
CA ALA E 352 59.51 6.60 -48.25
C ALA E 352 60.48 7.61 -47.69
N TRP E 353 60.10 8.20 -46.57
CA TRP E 353 60.80 9.31 -45.94
C TRP E 353 62.23 8.96 -45.52
N ASN E 354 63.14 9.94 -45.52
CA ASN E 354 64.54 9.69 -45.15
C ASN E 354 64.82 9.87 -43.68
N ARG E 355 65.87 9.22 -43.21
CA ARG E 355 66.31 9.40 -41.84
C ARG E 355 67.83 9.48 -41.71
N LYS E 356 68.30 10.55 -41.07
CA LYS E 356 69.74 10.78 -40.91
C LYS E 356 70.23 10.86 -39.47
N ARG E 357 71.30 10.11 -39.19
CA ARG E 357 71.93 10.18 -37.87
C ARG E 357 72.83 11.40 -37.78
N ILE E 358 72.72 12.13 -36.69
CA ILE E 358 73.54 13.33 -36.47
C ILE E 358 74.42 13.16 -35.23
N SER E 359 75.72 13.45 -35.37
CA SER E 359 76.64 13.30 -34.25
C SER E 359 77.89 14.17 -34.34
N ASN E 360 78.55 14.36 -33.20
CA ASN E 360 79.84 15.01 -33.05
C ASN E 360 79.89 16.41 -33.64
N CYS E 361 78.88 17.23 -33.32
CA CYS E 361 78.74 18.59 -33.85
C CYS E 361 78.00 19.55 -32.91
N VAL E 362 78.15 20.83 -33.24
CA VAL E 362 77.48 21.90 -32.54
C VAL E 362 76.26 22.39 -33.27
N ALA E 363 75.16 22.39 -32.56
CA ALA E 363 73.87 22.75 -33.11
C ALA E 363 73.66 24.25 -33.08
N ASP E 364 74.49 24.96 -33.79
CA ASP E 364 74.35 26.40 -33.78
C ASP E 364 73.39 26.82 -34.85
N TYR E 365 72.14 26.89 -34.48
CA TYR E 365 71.08 27.15 -35.42
C TYR E 365 70.97 28.59 -35.84
N SER E 366 71.84 29.45 -35.30
CA SER E 366 71.79 30.85 -35.71
C SER E 366 72.31 30.94 -37.13
N VAL E 367 72.95 29.87 -37.60
CA VAL E 367 73.49 29.79 -38.95
C VAL E 367 72.39 29.92 -39.98
N LEU E 368 71.18 29.56 -39.60
CA LEU E 368 70.06 29.59 -40.49
C LEU E 368 69.45 30.97 -40.60
N TYR E 369 69.84 31.90 -39.72
CA TYR E 369 69.20 33.21 -39.68
C TYR E 369 69.50 34.05 -40.90
N ASN E 370 70.59 33.78 -41.58
CA ASN E 370 70.97 34.56 -42.75
C ASN E 370 70.45 33.95 -44.04
N SER E 371 69.56 32.98 -43.95
CA SER E 371 69.05 32.39 -45.16
C SER E 371 67.67 31.78 -45.03
N ALA E 372 67.58 30.76 -44.20
CA ALA E 372 66.39 29.96 -44.06
C ALA E 372 65.34 30.63 -43.23
N SER E 373 64.11 30.31 -43.52
CA SER E 373 63.02 30.75 -42.69
C SER E 373 62.04 29.65 -42.76
N PHE E 374 61.19 29.57 -41.77
CA PHE E 374 60.24 28.50 -41.78
C PHE E 374 58.86 29.06 -41.63
N SER E 375 57.89 28.40 -42.24
CA SER E 375 56.52 28.90 -42.18
C SER E 375 55.89 28.46 -40.88
N THR E 376 56.36 27.35 -40.37
CA THR E 376 55.87 26.83 -39.11
C THR E 376 56.99 26.24 -38.29
N PHE E 377 56.82 26.35 -37.00
CA PHE E 377 57.78 25.84 -36.04
C PHE E 377 57.15 25.49 -34.72
N LYS E 378 57.41 24.29 -34.24
CA LYS E 378 56.94 23.92 -32.92
C LYS E 378 57.83 22.89 -32.27
N CYS E 379 58.24 23.14 -30.99
CA CYS E 379 58.98 22.16 -30.18
C CYS E 379 58.01 21.54 -29.20
N TYR E 380 58.18 20.25 -28.97
CA TYR E 380 57.27 19.52 -28.11
C TYR E 380 57.90 19.10 -26.79
N GLY E 381 59.13 18.61 -26.83
CA GLY E 381 59.72 18.09 -25.60
C GLY E 381 60.51 19.10 -24.79
N VAL E 382 60.64 20.30 -25.30
CA VAL E 382 61.44 21.31 -24.66
C VAL E 382 61.02 22.69 -25.10
N SER E 383 61.14 23.68 -24.24
CA SER E 383 60.87 25.02 -24.69
C SER E 383 62.01 25.41 -25.64
N PRO E 384 61.74 26.04 -26.79
CA PRO E 384 62.75 26.39 -27.77
C PRO E 384 63.79 27.38 -27.26
N THR E 385 63.45 28.13 -26.23
CA THR E 385 64.37 29.12 -25.72
C THR E 385 65.51 28.50 -24.96
N LYS E 386 65.39 27.22 -24.64
CA LYS E 386 66.40 26.49 -23.93
C LYS E 386 67.37 25.77 -24.83
N LEU E 387 67.15 25.79 -26.14
CA LEU E 387 67.97 24.95 -26.98
C LEU E 387 69.45 25.27 -26.92
N ASN E 388 69.81 26.52 -26.76
CA ASN E 388 71.23 26.84 -26.74
C ASN E 388 71.98 26.42 -25.47
N ASP E 389 71.26 26.03 -24.42
CA ASP E 389 71.90 25.62 -23.18
C ASP E 389 71.93 24.11 -23.01
N LEU E 390 71.43 23.38 -24.02
CA LEU E 390 71.28 21.94 -23.94
C LEU E 390 72.17 21.13 -24.87
N CYS E 391 72.40 19.86 -24.49
CA CYS E 391 73.00 18.83 -25.33
C CYS E 391 71.91 17.85 -25.71
N PHE E 392 72.08 17.24 -26.86
CA PHE E 392 71.07 16.38 -27.40
C PHE E 392 71.64 15.03 -27.69
N THR E 393 70.89 13.98 -27.46
CA THR E 393 71.47 12.69 -27.80
C THR E 393 70.56 11.79 -28.55
N ASN E 394 71.16 10.77 -29.15
CA ASN E 394 70.42 9.81 -29.97
C ASN E 394 69.63 10.65 -30.98
N VAL E 395 70.33 11.57 -31.64
CA VAL E 395 69.71 12.53 -32.51
C VAL E 395 69.59 12.11 -33.95
N TYR E 396 68.37 12.17 -34.47
CA TYR E 396 68.07 11.85 -35.86
C TYR E 396 67.20 12.91 -36.50
N ALA E 397 67.36 13.12 -37.80
CA ALA E 397 66.45 14.02 -38.50
C ALA E 397 65.69 13.28 -39.59
N ASP E 398 64.36 13.31 -39.52
CA ASP E 398 63.55 12.68 -40.54
C ASP E 398 63.26 13.75 -41.57
N SER E 399 63.20 13.37 -42.84
CA SER E 399 62.94 14.37 -43.87
C SER E 399 62.10 13.93 -45.07
N PHE E 400 61.11 14.77 -45.39
CA PHE E 400 60.20 14.50 -46.50
C PHE E 400 59.41 15.67 -47.09
N VAL E 401 58.82 15.43 -48.28
CA VAL E 401 57.92 16.39 -48.93
C VAL E 401 56.45 15.96 -49.00
N ILE E 402 55.60 16.87 -48.56
CA ILE E 402 54.14 16.75 -48.49
C ILE E 402 53.42 17.93 -49.10
N ARG E 403 52.09 17.82 -49.20
CA ARG E 403 51.27 18.94 -49.67
C ARG E 403 51.09 19.95 -48.53
N GLY E 404 51.04 21.25 -48.82
CA GLY E 404 50.86 22.24 -47.75
C GLY E 404 49.68 22.05 -46.81
N ASP E 405 48.54 21.59 -47.28
CA ASP E 405 47.43 21.39 -46.35
C ASP E 405 47.71 20.31 -45.33
N GLU E 406 48.66 19.44 -45.63
CA GLU E 406 49.00 18.28 -44.80
C GLU E 406 50.03 18.61 -43.75
N VAL E 407 50.52 19.83 -43.71
CA VAL E 407 51.54 20.17 -42.73
C VAL E 407 51.01 19.97 -41.34
N ARG E 408 49.75 20.30 -41.14
CA ARG E 408 49.11 20.19 -39.86
C ARG E 408 48.99 18.74 -39.38
N GLN E 409 49.16 17.76 -40.27
CA GLN E 409 49.01 16.37 -39.88
C GLN E 409 50.26 15.77 -39.31
N ILE E 410 51.35 16.52 -39.32
CA ILE E 410 52.59 15.99 -38.83
C ILE E 410 52.60 15.86 -37.32
N ALA E 411 52.00 16.81 -36.63
CA ALA E 411 52.00 16.80 -35.18
C ALA E 411 51.43 15.49 -34.65
N PRO E 412 51.93 14.98 -33.53
CA PRO E 412 51.45 13.75 -32.96
C PRO E 412 50.03 14.00 -32.55
N GLY E 413 49.19 12.99 -32.65
CA GLY E 413 47.80 13.09 -32.22
C GLY E 413 46.88 13.44 -33.39
N GLN E 414 47.46 13.73 -34.54
CA GLN E 414 46.67 14.06 -35.70
C GLN E 414 46.32 12.83 -36.50
N THR E 415 45.28 12.95 -37.31
CA THR E 415 44.81 11.90 -38.21
C THR E 415 44.77 12.43 -39.62
N GLY E 416 44.57 11.54 -40.59
CA GLY E 416 44.50 11.96 -41.98
C GLY E 416 45.33 11.02 -42.81
N LYS E 417 45.28 11.12 -44.12
CA LYS E 417 46.04 10.12 -44.85
C LYS E 417 47.54 10.16 -44.58
N ILE E 418 48.12 11.30 -44.21
CA ILE E 418 49.54 11.26 -43.99
C ILE E 418 49.77 10.73 -42.60
N ALA E 419 49.05 11.29 -41.65
CA ALA E 419 49.22 10.86 -40.27
C ALA E 419 48.96 9.37 -40.09
N ASP E 420 48.03 8.81 -40.84
CA ASP E 420 47.72 7.40 -40.67
C ASP E 420 48.51 6.44 -41.57
N TYR E 421 48.83 6.82 -42.82
CA TYR E 421 49.47 5.88 -43.73
C TYR E 421 50.90 6.18 -44.16
N ASN E 422 51.41 7.39 -43.91
CA ASN E 422 52.73 7.72 -44.43
C ASN E 422 53.78 8.03 -43.39
N TYR E 423 53.42 8.82 -42.38
CA TYR E 423 54.39 9.20 -41.39
C TYR E 423 53.74 9.65 -40.10
N LYS E 424 54.14 9.05 -38.99
CA LYS E 424 53.53 9.40 -37.73
C LYS E 424 54.51 9.60 -36.59
N LEU E 425 54.19 10.57 -35.74
CA LEU E 425 54.95 10.82 -34.54
C LEU E 425 54.22 10.21 -33.37
N PRO E 426 54.95 9.77 -32.32
CA PRO E 426 54.43 9.17 -31.11
C PRO E 426 53.75 10.15 -30.18
N ASP E 427 52.88 9.60 -29.36
CA ASP E 427 52.13 10.36 -28.38
C ASP E 427 53.01 11.14 -27.44
N ASP E 428 54.16 10.57 -27.10
CA ASP E 428 55.13 11.17 -26.21
C ASP E 428 56.36 11.72 -26.92
N PHE E 429 56.21 12.14 -28.18
CA PHE E 429 57.31 12.72 -28.94
C PHE E 429 58.00 13.81 -28.17
N THR E 430 59.34 13.73 -28.11
CA THR E 430 60.15 14.69 -27.37
C THR E 430 60.97 15.63 -28.22
N GLY E 431 60.73 15.62 -29.51
CA GLY E 431 61.53 16.41 -30.43
C GLY E 431 60.92 17.78 -30.77
N CYS E 432 61.22 18.26 -32.01
CA CYS E 432 60.81 19.57 -32.55
C CYS E 432 60.62 19.49 -34.09
N VAL E 433 59.57 20.13 -34.59
CA VAL E 433 59.23 20.09 -36.02
C VAL E 433 59.27 21.43 -36.75
N ILE E 434 59.96 21.40 -37.89
CA ILE E 434 60.17 22.54 -38.77
C ILE E 434 59.65 22.36 -40.21
N ALA E 435 58.93 23.33 -40.76
CA ALA E 435 58.52 23.16 -42.17
C ALA E 435 58.44 24.48 -42.95
N TRP E 436 58.65 24.37 -44.28
CA TRP E 436 58.61 25.55 -45.13
C TRP E 436 58.15 25.32 -46.58
N ASN E 437 57.74 26.41 -47.21
CA ASN E 437 57.16 26.32 -48.54
C ASN E 437 58.14 26.41 -49.71
N SER E 438 58.62 25.26 -50.16
CA SER E 438 59.59 25.13 -51.26
C SER E 438 58.90 25.24 -52.63
N ASN E 439 58.23 26.36 -52.88
CA ASN E 439 57.40 26.50 -54.08
C ASN E 439 58.15 26.87 -55.33
N ASN E 440 59.44 27.04 -55.20
CA ASN E 440 60.27 27.33 -56.34
C ASN E 440 61.30 26.25 -56.55
N LEU E 441 61.17 25.15 -55.80
CA LEU E 441 62.14 24.08 -55.91
C LEU E 441 61.48 22.77 -56.25
N ASP E 442 60.43 22.45 -55.50
CA ASP E 442 59.74 21.19 -55.65
C ASP E 442 58.53 21.35 -56.54
N SER E 443 58.36 22.55 -57.07
CA SER E 443 57.26 22.81 -57.94
C SER E 443 57.79 22.81 -59.37
N LYS E 444 57.02 22.22 -60.27
CA LYS E 444 57.41 22.15 -61.68
C LYS E 444 56.25 22.50 -62.55
N VAL E 445 56.51 23.08 -63.70
CA VAL E 445 55.39 23.54 -64.53
C VAL E 445 54.43 22.44 -64.92
N GLY E 446 54.94 21.29 -65.31
CA GLY E 446 54.05 20.20 -65.71
C GLY E 446 53.66 19.32 -64.55
N GLY E 447 54.13 19.67 -63.35
CA GLY E 447 53.96 18.94 -62.11
C GLY E 447 55.24 18.14 -61.83
N ASN E 448 55.46 17.82 -60.56
CA ASN E 448 56.63 17.07 -60.14
C ASN E 448 56.18 15.71 -59.67
N TYR E 449 56.37 14.72 -60.51
CA TYR E 449 55.77 13.45 -60.20
C TYR E 449 56.70 12.52 -59.53
N ASN E 450 57.78 13.08 -58.99
CA ASN E 450 58.69 12.28 -58.26
C ASN E 450 58.25 12.25 -56.80
N TYR E 451 57.19 12.97 -56.46
CA TYR E 451 56.75 12.91 -55.08
C TYR E 451 55.49 12.05 -54.93
N LEU E 452 55.57 11.13 -53.97
CA LEU E 452 54.53 10.17 -53.64
C LEU E 452 54.03 10.15 -52.21
N TYR E 453 52.79 9.67 -52.09
CA TYR E 453 52.16 9.38 -50.82
C TYR E 453 51.33 8.11 -50.92
N ARG E 454 51.16 7.46 -49.77
CA ARG E 454 50.32 6.29 -49.65
C ARG E 454 48.91 6.68 -49.34
N LEU E 455 47.99 6.17 -50.13
CA LEU E 455 46.58 6.40 -49.96
C LEU E 455 45.87 5.17 -49.43
N PHE E 456 46.31 4.00 -49.85
CA PHE E 456 45.58 2.83 -49.43
C PHE E 456 46.40 1.95 -48.54
N ARG E 457 45.80 1.57 -47.45
CA ARG E 457 46.42 0.70 -46.50
C ARG E 457 45.31 0.01 -45.74
N LYS E 458 45.59 -1.13 -45.11
CA LYS E 458 44.57 -1.85 -44.34
C LYS E 458 44.57 -1.55 -42.84
N SER E 459 45.62 -0.90 -42.37
CA SER E 459 45.78 -0.61 -40.95
C SER E 459 46.66 0.61 -40.79
N ASN E 460 46.73 1.18 -39.60
CA ASN E 460 47.54 2.37 -39.40
C ASN E 460 48.99 2.09 -39.06
N LEU E 461 49.85 3.06 -39.32
CA LEU E 461 51.26 2.98 -38.98
C LEU E 461 51.52 3.23 -37.51
N LYS E 462 52.63 2.72 -37.02
CA LYS E 462 53.04 3.00 -35.67
C LYS E 462 54.09 4.11 -35.80
N PRO E 463 54.48 4.80 -34.73
CA PRO E 463 55.44 5.87 -34.76
C PRO E 463 56.72 5.45 -35.42
N PHE E 464 57.21 6.35 -36.25
CA PHE E 464 58.44 6.20 -37.00
C PHE E 464 58.53 5.02 -37.92
N GLU E 465 57.40 4.44 -38.31
CA GLU E 465 57.44 3.37 -39.28
C GLU E 465 57.43 3.87 -40.69
N ARG E 466 58.02 3.08 -41.56
CA ARG E 466 58.01 3.35 -42.96
C ARG E 466 57.47 2.10 -43.63
N ASP E 467 56.69 2.26 -44.67
CA ASP E 467 56.20 1.11 -45.41
C ASP E 467 56.29 1.42 -46.89
N ILE E 468 57.14 0.68 -47.58
CA ILE E 468 57.39 0.93 -48.98
C ILE E 468 56.92 -0.21 -49.84
N SER E 469 56.04 -1.03 -49.30
CA SER E 469 55.47 -2.09 -50.09
C SER E 469 54.65 -1.50 -51.20
N THR E 470 54.75 -2.09 -52.37
CA THR E 470 54.01 -1.65 -53.53
C THR E 470 52.95 -2.67 -53.89
N GLU E 471 52.72 -3.62 -53.00
CA GLU E 471 51.75 -4.66 -53.25
C GLU E 471 50.44 -3.97 -53.54
N ILE E 472 49.78 -4.39 -54.61
CA ILE E 472 48.58 -3.70 -54.99
C ILE E 472 47.51 -3.92 -53.94
N TYR E 473 46.80 -2.84 -53.60
CA TYR E 473 45.78 -2.87 -52.58
C TYR E 473 44.48 -3.48 -53.05
N GLN E 474 43.98 -4.41 -52.28
CA GLN E 474 42.73 -5.05 -52.55
C GLN E 474 41.62 -4.38 -51.78
N ALA E 475 40.59 -3.96 -52.48
CA ALA E 475 39.48 -3.26 -51.87
C ALA E 475 38.20 -4.06 -51.95
N GLY E 476 37.28 -3.81 -51.03
CA GLY E 476 35.92 -4.31 -51.19
C GLY E 476 35.79 -5.81 -51.12
N SER E 477 36.69 -6.48 -50.41
CA SER E 477 36.69 -7.93 -50.30
C SER E 477 36.58 -8.57 -51.68
N THR E 478 37.25 -7.98 -52.67
CA THR E 478 37.25 -8.45 -54.03
C THR E 478 38.63 -8.96 -54.38
N PRO E 479 38.87 -10.28 -54.41
CA PRO E 479 40.18 -10.86 -54.57
C PRO E 479 40.86 -10.25 -55.79
N CYS E 480 42.15 -9.86 -55.62
CA CYS E 480 42.96 -9.25 -56.68
C CYS E 480 44.31 -9.96 -56.80
N ASN E 481 44.54 -10.55 -57.94
CA ASN E 481 45.76 -11.31 -58.21
C ASN E 481 46.85 -10.44 -58.80
N GLY E 482 47.11 -9.31 -58.14
CA GLY E 482 48.14 -8.38 -58.58
C GLY E 482 47.75 -7.52 -59.79
N VAL E 483 46.46 -7.38 -60.09
CA VAL E 483 46.05 -6.63 -61.27
C VAL E 483 45.13 -5.47 -60.96
N GLU E 484 45.52 -4.28 -61.36
CA GLU E 484 44.71 -3.10 -61.09
C GLU E 484 43.39 -3.15 -61.82
N GLY E 485 42.37 -2.51 -61.25
CA GLY E 485 41.07 -2.53 -61.87
C GLY E 485 39.96 -2.33 -60.85
N PHE E 486 38.82 -2.95 -61.10
CA PHE E 486 37.72 -2.78 -60.16
C PHE E 486 38.15 -3.24 -58.80
N ASN E 487 37.99 -2.36 -57.84
CA ASN E 487 38.38 -2.62 -56.47
C ASN E 487 39.82 -3.12 -56.29
N CYS E 488 40.80 -2.59 -57.05
CA CYS E 488 42.21 -2.98 -56.89
C CYS E 488 43.04 -1.77 -57.34
N TYR E 489 43.79 -1.24 -56.37
CA TYR E 489 44.48 0.03 -56.53
C TYR E 489 45.95 0.02 -56.23
N PHE E 490 46.72 0.84 -56.89
CA PHE E 490 48.08 0.93 -56.44
C PHE E 490 47.98 1.67 -55.14
N PRO E 491 48.75 1.32 -54.10
CA PRO E 491 48.70 1.90 -52.79
C PRO E 491 49.15 3.34 -52.75
N LEU E 492 49.91 3.73 -53.75
CA LEU E 492 50.47 5.05 -53.83
C LEU E 492 49.96 5.87 -54.98
N GLN E 493 49.99 7.17 -54.78
CA GLN E 493 49.63 8.17 -55.77
C GLN E 493 50.64 9.31 -55.77
N SER E 494 50.76 9.98 -56.92
CA SER E 494 51.65 11.12 -57.01
C SER E 494 51.00 12.44 -56.67
N TYR E 495 51.84 13.41 -56.37
CA TYR E 495 51.42 14.78 -56.13
C TYR E 495 51.61 15.60 -57.39
N GLY E 496 50.86 16.68 -57.52
CA GLY E 496 51.01 17.61 -58.64
C GLY E 496 52.12 18.62 -58.38
N PHE E 497 51.86 19.57 -57.51
CA PHE E 497 52.83 20.61 -57.20
C PHE E 497 53.26 21.48 -58.38
N GLN E 498 52.29 22.00 -59.10
CA GLN E 498 52.60 22.96 -60.12
C GLN E 498 52.81 24.30 -59.38
N PRO E 499 53.65 25.20 -59.89
CA PRO E 499 53.94 26.52 -59.34
C PRO E 499 52.76 27.47 -59.39
N THR E 500 51.73 27.08 -60.13
CA THR E 500 50.54 27.87 -60.33
C THR E 500 49.39 27.45 -59.44
N ASN E 501 49.63 26.48 -58.56
CA ASN E 501 48.56 26.03 -57.69
C ASN E 501 48.47 26.94 -56.48
N GLY E 502 47.32 26.95 -55.82
CA GLY E 502 47.15 27.78 -54.63
C GLY E 502 47.92 27.16 -53.48
N VAL E 503 47.95 27.85 -52.35
CA VAL E 503 48.82 27.47 -51.25
C VAL E 503 48.65 26.07 -50.73
N GLY E 504 47.43 25.61 -50.60
CA GLY E 504 47.21 24.29 -50.04
C GLY E 504 47.81 23.18 -50.89
N TYR E 505 48.10 23.47 -52.15
CA TYR E 505 48.64 22.50 -53.08
C TYR E 505 50.10 22.73 -53.39
N GLN E 506 50.75 23.65 -52.70
CA GLN E 506 52.15 23.89 -52.96
C GLN E 506 52.88 22.84 -52.13
N PRO E 507 54.06 22.37 -52.56
CA PRO E 507 54.88 21.43 -51.82
C PRO E 507 55.50 22.06 -50.62
N TYR E 508 55.62 21.27 -49.57
CA TYR E 508 56.32 21.67 -48.37
C TYR E 508 57.36 20.68 -47.91
N ARG E 509 58.47 21.24 -47.44
CA ARG E 509 59.55 20.45 -46.91
C ARG E 509 59.43 20.39 -45.40
N VAL E 510 59.51 19.19 -44.87
CA VAL E 510 59.38 18.98 -43.46
C VAL E 510 60.60 18.30 -42.87
N VAL E 511 61.10 18.89 -41.81
CA VAL E 511 62.22 18.36 -41.06
C VAL E 511 61.80 18.07 -39.64
N VAL E 512 61.97 16.84 -39.22
CA VAL E 512 61.61 16.47 -37.87
C VAL E 512 62.83 16.10 -37.10
N LEU E 513 63.11 16.84 -36.06
CA LEU E 513 64.29 16.54 -35.32
C LEU E 513 63.90 15.79 -34.07
N SER E 514 64.38 14.56 -33.95
CA SER E 514 64.05 13.69 -32.85
C SER E 514 65.27 13.42 -32.00
N PHE E 515 65.13 13.69 -30.70
CA PHE E 515 66.21 13.56 -29.74
C PHE E 515 65.74 13.34 -28.33
N GLU E 516 66.69 12.92 -27.49
CA GLU E 516 66.47 12.74 -26.06
C GLU E 516 67.32 13.73 -25.27
N LEU E 517 66.83 14.11 -24.08
CA LEU E 517 67.58 15.03 -23.23
C LEU E 517 67.86 14.47 -21.82
N LEU E 518 69.03 14.84 -21.30
CA LEU E 518 69.52 14.63 -19.92
C LEU E 518 69.68 13.20 -19.39
N HIS E 519 69.59 12.17 -20.22
CA HIS E 519 69.74 10.82 -19.67
C HIS E 519 70.77 9.91 -20.33
N ALA E 520 71.67 10.46 -21.10
CA ALA E 520 72.66 9.63 -21.75
C ALA E 520 73.76 10.55 -22.22
N PRO E 521 74.95 10.04 -22.55
CA PRO E 521 76.03 10.80 -23.14
C PRO E 521 75.52 11.38 -24.43
N ALA E 522 75.97 12.59 -24.77
CA ALA E 522 75.55 13.24 -26.00
C ALA E 522 76.70 13.49 -26.94
N THR E 523 76.42 13.41 -28.23
CA THR E 523 77.39 13.68 -29.27
C THR E 523 77.06 14.96 -30.03
N VAL E 524 75.91 15.54 -29.74
CA VAL E 524 75.46 16.74 -30.40
C VAL E 524 75.15 17.73 -29.30
N CYS E 525 75.63 19.00 -29.37
CA CYS E 525 75.32 19.95 -28.30
C CYS E 525 75.26 21.37 -28.81
N GLY E 526 74.65 22.25 -28.03
CA GLY E 526 74.50 23.63 -28.42
C GLY E 526 75.83 24.39 -28.36
N PRO E 527 75.80 25.68 -28.71
CA PRO E 527 76.92 26.60 -28.83
C PRO E 527 77.39 27.26 -27.54
N LYS E 528 76.87 26.88 -26.40
CA LYS E 528 77.30 27.55 -25.20
C LYS E 528 78.76 27.20 -24.95
N LYS E 529 79.56 28.19 -24.55
CA LYS E 529 80.96 27.94 -24.28
C LYS E 529 81.17 27.38 -22.89
N SER E 530 82.17 26.52 -22.77
CA SER E 530 82.57 25.91 -21.53
C SER E 530 83.54 26.76 -20.72
N THR E 531 83.70 26.36 -19.47
CA THR E 531 84.59 26.95 -18.49
C THR E 531 85.44 25.89 -17.86
N ASN E 532 86.31 26.32 -16.97
CA ASN E 532 87.12 25.40 -16.19
C ASN E 532 86.26 24.90 -15.05
N LEU E 533 86.62 23.77 -14.48
CA LEU E 533 85.81 23.24 -13.40
C LEU E 533 86.46 23.53 -12.05
N VAL E 534 85.65 23.96 -11.11
CA VAL E 534 86.09 24.27 -9.77
C VAL E 534 85.53 23.31 -8.75
N LYS E 535 86.40 22.71 -7.96
CA LYS E 535 86.02 21.73 -6.96
C LYS E 535 86.05 22.27 -5.53
N ASN E 536 85.27 21.62 -4.67
CA ASN E 536 85.14 21.88 -3.24
C ASN E 536 84.65 23.29 -2.88
N LYS E 537 83.79 23.84 -3.72
CA LYS E 537 83.18 25.14 -3.53
C LYS E 537 81.72 25.01 -3.90
N CYS E 538 80.84 25.91 -3.37
CA CYS E 538 79.44 25.98 -3.79
C CYS E 538 79.38 26.75 -5.10
N VAL E 539 78.91 26.05 -6.12
CA VAL E 539 78.88 26.55 -7.46
C VAL E 539 77.57 26.33 -8.18
N ASN E 540 77.38 27.08 -9.25
CA ASN E 540 76.27 26.84 -10.15
C ASN E 540 76.86 25.97 -11.23
N PHE E 541 76.05 25.21 -11.91
CA PHE E 541 76.58 24.43 -12.99
C PHE E 541 75.62 24.03 -14.08
N ASN E 542 76.22 23.62 -15.19
CA ASN E 542 75.57 23.05 -16.35
C ASN E 542 76.39 21.89 -16.92
N PHE E 543 75.97 20.65 -16.68
CA PHE E 543 76.69 19.49 -17.21
C PHE E 543 75.89 18.88 -18.34
N ASN E 544 76.30 19.17 -19.56
CA ASN E 544 75.60 18.72 -20.75
C ASN E 544 74.12 19.07 -20.77
N GLY E 545 73.77 20.23 -20.29
CA GLY E 545 72.40 20.66 -20.23
C GLY E 545 71.78 20.40 -18.85
N LEU E 546 72.43 19.64 -17.99
CA LEU E 546 71.83 19.42 -16.70
C LEU E 546 72.29 20.45 -15.72
N THR E 547 71.38 21.28 -15.31
CA THR E 547 71.74 22.37 -14.47
C THR E 547 71.35 22.17 -13.04
N GLY E 548 71.93 23.00 -12.20
CA GLY E 548 71.65 23.00 -10.78
C GLY E 548 72.79 23.64 -10.02
N THR E 549 72.76 23.53 -8.71
CA THR E 549 73.81 24.09 -7.88
C THR E 549 74.22 23.02 -6.90
N GLY E 550 75.37 23.22 -6.28
CA GLY E 550 75.86 22.28 -5.26
C GLY E 550 77.37 22.31 -5.17
N VAL E 551 77.92 21.33 -4.46
CA VAL E 551 79.36 21.25 -4.29
C VAL E 551 79.86 20.02 -4.99
N LEU E 552 80.88 20.20 -5.83
CA LEU E 552 81.44 19.11 -6.61
C LEU E 552 82.69 18.52 -5.97
N THR E 553 82.70 17.20 -5.78
CA THR E 553 83.88 16.53 -5.21
C THR E 553 84.20 15.26 -5.98
N GLU E 554 85.42 14.75 -5.87
CA GLU E 554 85.73 13.47 -6.52
C GLU E 554 84.92 12.34 -5.94
N SER E 555 84.45 11.45 -6.82
CA SER E 555 83.64 10.33 -6.39
C SER E 555 84.28 8.97 -6.59
N ASN E 556 83.87 8.03 -5.74
CA ASN E 556 84.33 6.65 -5.82
C ASN E 556 83.34 5.77 -6.57
N LYS E 557 82.30 6.39 -7.12
CA LYS E 557 81.30 5.68 -7.89
C LYS E 557 81.91 5.30 -9.22
N LYS E 558 81.56 4.12 -9.71
CA LYS E 558 82.10 3.71 -11.00
C LYS E 558 81.00 3.54 -12.01
N PHE E 559 80.84 4.54 -12.85
CA PHE E 559 79.78 4.54 -13.84
C PHE E 559 80.16 3.59 -14.93
N LEU E 560 79.16 3.00 -15.53
CA LEU E 560 79.38 2.10 -16.62
C LEU E 560 79.70 2.95 -17.84
N PRO E 561 80.29 2.40 -18.91
CA PRO E 561 80.68 3.13 -20.12
C PRO E 561 79.60 3.96 -20.78
N PHE E 562 78.36 3.58 -20.60
CA PHE E 562 77.23 4.26 -21.20
C PHE E 562 76.44 5.16 -20.27
N GLN E 563 76.88 5.32 -19.04
CA GLN E 563 76.13 6.11 -18.07
C GLN E 563 76.73 7.48 -17.87
N GLN E 564 75.99 8.51 -18.20
CA GLN E 564 76.52 9.86 -18.07
C GLN E 564 76.17 10.46 -16.72
N PHE E 565 75.02 10.06 -16.18
CA PHE E 565 74.52 10.64 -14.95
C PHE E 565 74.07 9.52 -14.01
N GLY E 566 74.14 9.75 -12.71
CA GLY E 566 73.55 8.80 -11.79
C GLY E 566 72.36 9.41 -11.10
N ARG E 567 71.76 8.64 -10.18
CA ARG E 567 70.61 9.05 -9.39
C ARG E 567 70.69 8.53 -7.95
N ASP E 568 70.26 9.34 -6.99
CA ASP E 568 70.21 8.95 -5.59
C ASP E 568 68.91 8.23 -5.23
N ILE E 569 68.73 8.03 -3.93
CA ILE E 569 67.60 7.31 -3.33
C ILE E 569 66.23 7.92 -3.65
N ALA E 570 66.19 9.19 -4.00
CA ALA E 570 64.97 9.89 -4.31
C ALA E 570 64.98 10.36 -5.75
N ASP E 571 65.73 9.63 -6.58
CA ASP E 571 65.88 9.85 -8.01
C ASP E 571 66.34 11.23 -8.41
N THR E 572 67.26 11.80 -7.67
CA THR E 572 67.82 13.09 -7.97
C THR E 572 69.26 12.91 -8.36
N THR E 573 69.73 13.58 -9.41
CA THR E 573 71.11 13.40 -9.80
C THR E 573 72.02 13.78 -8.66
N ASP E 574 72.93 12.87 -8.29
CA ASP E 574 73.86 13.15 -7.21
C ASP E 574 75.29 12.89 -7.61
N ALA E 575 75.49 12.61 -8.87
CA ALA E 575 76.80 12.38 -9.41
C ALA E 575 76.73 12.47 -10.90
N VAL E 576 77.79 12.99 -11.50
CA VAL E 576 77.88 13.06 -12.94
C VAL E 576 79.22 12.62 -13.46
N ARG E 577 79.26 12.23 -14.73
CA ARG E 577 80.53 12.00 -15.37
C ARG E 577 80.88 13.26 -16.14
N ASP E 578 82.03 13.84 -15.85
CA ASP E 578 82.39 15.06 -16.55
C ASP E 578 82.59 14.75 -18.03
N PRO E 579 82.03 15.55 -18.94
CA PRO E 579 82.13 15.38 -20.37
C PRO E 579 83.50 15.56 -21.02
N GLN E 580 84.48 16.21 -20.36
CA GLN E 580 85.75 16.34 -21.06
C GLN E 580 86.78 15.38 -20.52
N THR E 581 86.80 15.23 -19.21
CA THR E 581 87.72 14.30 -18.57
C THR E 581 86.78 13.38 -17.88
N LEU E 582 86.88 12.08 -18.08
CA LEU E 582 85.83 11.25 -17.53
C LEU E 582 85.98 10.88 -16.07
N GLU E 583 85.86 11.87 -15.23
CA GLU E 583 85.93 11.73 -13.79
C GLU E 583 84.53 11.65 -13.28
N ILE E 584 84.32 10.96 -12.18
CA ILE E 584 83.00 10.97 -11.62
C ILE E 584 83.05 11.90 -10.45
N LEU E 585 82.12 12.83 -10.44
CA LEU E 585 82.05 13.77 -9.36
C LEU E 585 80.73 13.61 -8.63
N ASP E 586 80.78 13.72 -7.32
CA ASP E 586 79.57 13.69 -6.51
C ASP E 586 79.07 15.10 -6.43
N ILE E 587 77.77 15.26 -6.28
CA ILE E 587 77.25 16.59 -6.12
C ILE E 587 76.47 16.64 -4.83
N THR E 588 76.80 17.53 -3.94
CA THR E 588 76.01 17.59 -2.73
C THR E 588 75.33 18.93 -2.66
N PRO E 589 74.24 19.09 -1.92
CA PRO E 589 73.58 20.35 -1.67
C PRO E 589 74.54 21.27 -0.97
N CYS E 590 74.34 22.60 -1.12
CA CYS E 590 75.15 23.63 -0.46
C CYS E 590 74.56 23.91 0.91
N SER E 591 73.23 23.83 0.98
CA SER E 591 72.54 24.10 2.24
C SER E 591 72.59 22.86 3.12
N PHE E 592 72.64 23.06 4.43
CA PHE E 592 72.69 21.93 5.38
C PHE E 592 72.68 22.41 6.81
N GLY E 593 72.33 21.51 7.71
CA GLY E 593 72.40 21.80 9.13
C GLY E 593 71.05 22.13 9.70
N GLY E 594 71.00 23.20 10.47
CA GLY E 594 69.79 23.62 11.17
C GLY E 594 70.17 24.68 12.17
N VAL E 595 69.28 25.64 12.34
CA VAL E 595 69.53 26.77 13.21
C VAL E 595 68.30 27.11 14.05
N SER E 596 68.54 27.54 15.28
CA SER E 596 67.45 28.04 16.11
C SER E 596 67.93 29.26 16.88
N VAL E 597 66.98 30.10 17.26
CA VAL E 597 67.32 31.36 17.89
C VAL E 597 66.70 31.59 19.26
N ILE E 598 67.56 32.05 20.17
CA ILE E 598 67.18 32.43 21.51
C ILE E 598 66.84 33.87 21.57
N THR E 599 65.59 34.15 21.90
CA THR E 599 65.12 35.50 21.92
C THR E 599 64.61 35.96 23.29
N PRO E 600 65.20 37.00 23.90
CA PRO E 600 64.72 37.62 25.11
C PRO E 600 63.55 38.38 24.55
N GLY E 601 62.55 38.78 25.29
CA GLY E 601 61.52 39.50 24.56
C GLY E 601 62.11 40.76 23.90
N THR E 602 61.64 41.05 22.67
CA THR E 602 62.14 42.19 21.87
C THR E 602 61.70 43.51 22.41
N ASN E 603 60.79 43.48 23.35
CA ASN E 603 60.30 44.67 24.00
C ASN E 603 61.19 45.02 25.18
N THR E 604 62.23 44.22 25.39
CA THR E 604 63.21 44.37 26.45
C THR E 604 64.60 44.52 25.85
N SER E 605 64.95 43.59 24.98
CA SER E 605 66.28 43.56 24.39
C SER E 605 66.31 42.93 23.01
N ASN E 606 67.16 43.44 22.15
CA ASN E 606 67.29 42.86 20.82
C ASN E 606 68.56 42.04 20.69
N GLN E 607 69.15 41.69 21.82
CA GLN E 607 70.29 40.82 21.78
C GLN E 607 69.75 39.42 21.57
N VAL E 608 70.31 38.67 20.66
CA VAL E 608 69.85 37.30 20.51
C VAL E 608 71.03 36.38 20.50
N ALA E 609 70.80 35.11 20.77
CA ALA E 609 71.87 34.14 20.67
C ALA E 609 71.45 33.11 19.65
N VAL E 610 72.39 32.61 18.87
CA VAL E 610 72.01 31.66 17.83
C VAL E 610 72.70 30.33 17.98
N LEU E 611 71.90 29.28 17.95
CA LEU E 611 72.39 27.93 18.07
C LEU E 611 72.51 27.24 16.74
N TYR E 612 73.70 26.75 16.47
CA TYR E 612 73.99 26.06 15.24
C TYR E 612 74.10 24.56 15.53
N GLN E 613 73.09 23.84 15.07
CA GLN E 613 72.92 22.44 15.43
C GLN E 613 74.05 21.55 14.96
N ASP E 614 74.56 21.87 13.80
CA ASP E 614 75.56 21.08 13.12
C ASP E 614 76.94 21.72 13.07
N VAL E 615 77.23 22.56 14.04
CA VAL E 615 78.55 23.15 14.09
C VAL E 615 79.23 22.73 15.42
N ASN E 616 80.50 22.21 15.33
CA ASN E 616 81.34 21.77 16.45
C ASN E 616 82.13 22.92 17.13
N CYS E 617 82.51 23.99 16.36
CA CYS E 617 83.28 25.16 16.82
C CYS E 617 84.60 24.79 17.53
N THR E 618 85.28 23.79 16.99
CA THR E 618 86.57 23.31 17.49
C THR E 618 87.00 22.10 16.67
N THR E 632 85.06 29.78 7.67
CA THR E 632 85.49 28.68 8.53
C THR E 632 84.27 27.80 8.89
N TRP E 633 83.50 28.24 9.91
CA TRP E 633 82.33 27.59 10.48
C TRP E 633 81.09 27.94 9.70
N ARG E 634 80.15 27.02 9.61
CA ARG E 634 78.89 27.31 8.94
C ARG E 634 77.91 28.03 9.85
N VAL E 635 78.26 29.27 10.12
CA VAL E 635 77.50 30.12 11.00
C VAL E 635 77.24 31.42 10.27
N TYR E 636 76.28 32.21 10.73
CA TYR E 636 76.03 33.48 10.04
C TYR E 636 77.07 34.51 10.45
N SER E 637 77.54 34.41 11.68
CA SER E 637 78.54 35.30 12.22
C SER E 637 79.20 34.62 13.39
N THR E 638 80.39 35.07 13.75
CA THR E 638 81.03 34.58 14.96
C THR E 638 81.25 35.74 15.88
N GLY E 639 80.76 35.60 17.11
CA GLY E 639 80.89 36.64 18.11
C GLY E 639 82.00 36.29 19.07
N SER E 640 82.05 37.01 20.18
CA SER E 640 83.09 36.76 21.17
C SER E 640 82.76 35.61 22.10
N ASN E 641 81.48 35.31 22.26
CA ASN E 641 81.06 34.23 23.14
C ASN E 641 80.73 32.97 22.40
N VAL E 642 81.66 32.03 22.37
CA VAL E 642 81.40 30.81 21.64
C VAL E 642 81.46 29.65 22.60
N PHE E 643 80.34 28.94 22.71
CA PHE E 643 80.24 27.82 23.63
C PHE E 643 79.74 26.55 22.96
N GLN E 644 80.43 25.44 23.16
CA GLN E 644 80.00 24.21 22.51
C GLN E 644 79.36 23.20 23.45
N THR E 645 78.18 22.75 23.08
CA THR E 645 77.44 21.74 23.83
C THR E 645 76.87 20.64 22.97
N ARG E 646 76.21 19.69 23.61
CA ARG E 646 75.59 18.56 22.92
C ARG E 646 74.47 19.00 22.00
N ALA E 647 73.86 20.11 22.31
CA ALA E 647 72.77 20.63 21.49
C ALA E 647 73.28 21.41 20.28
N GLY E 648 74.60 21.60 20.15
CA GLY E 648 75.14 22.40 19.04
C GLY E 648 76.02 23.54 19.56
N CYS E 649 76.55 24.37 18.63
CA CYS E 649 77.43 25.51 18.95
C CYS E 649 76.58 26.73 19.19
N LEU E 650 76.70 27.27 20.38
CA LEU E 650 75.92 28.42 20.74
C LEU E 650 76.76 29.67 20.68
N ILE E 651 76.37 30.61 19.84
CA ILE E 651 77.14 31.82 19.71
C ILE E 651 76.38 33.08 20.11
N GLY E 652 77.00 33.84 21.00
CA GLY E 652 76.47 35.11 21.51
C GLY E 652 76.03 35.09 22.97
N ALA E 653 75.77 33.92 23.53
CA ALA E 653 75.41 33.83 24.95
C ALA E 653 76.67 33.62 25.74
N GLU E 654 76.74 34.21 26.91
CA GLU E 654 77.88 33.99 27.79
C GLU E 654 77.61 32.70 28.50
N HIS E 655 78.62 31.93 28.83
CA HIS E 655 78.33 30.72 29.57
C HIS E 655 78.89 30.78 30.97
N VAL E 656 78.11 30.27 31.91
CA VAL E 656 78.58 30.22 33.29
C VAL E 656 78.57 28.79 33.78
N ASN E 657 79.31 28.54 34.84
CA ASN E 657 79.41 27.22 35.42
C ASN E 657 78.36 26.95 36.48
N ASN E 658 77.42 27.85 36.60
CA ASN E 658 76.36 27.72 37.54
C ASN E 658 75.22 26.94 36.94
N SER E 659 74.20 26.73 37.77
CA SER E 659 73.02 26.04 37.32
C SER E 659 71.83 26.72 37.93
N TYR E 660 70.71 26.63 37.23
CA TYR E 660 69.50 27.32 37.66
C TYR E 660 68.28 26.64 37.10
N GLU E 661 67.13 27.18 37.45
CA GLU E 661 65.87 26.74 36.92
C GLU E 661 65.86 27.08 35.42
N CYS E 662 65.25 26.21 34.59
CA CYS E 662 65.22 26.34 33.14
C CYS E 662 64.16 27.32 32.63
N ASP E 663 64.57 28.04 31.61
CA ASP E 663 63.77 28.86 30.73
C ASP E 663 64.57 28.80 29.45
N ILE E 664 64.07 29.40 28.37
CA ILE E 664 64.80 29.37 27.12
C ILE E 664 65.51 28.03 27.02
N PRO E 665 64.81 26.91 26.94
CA PRO E 665 65.45 25.63 26.92
C PRO E 665 66.28 25.54 25.68
N ILE E 666 67.50 25.06 25.81
CA ILE E 666 68.35 24.93 24.66
C ILE E 666 68.30 23.50 24.19
N GLY E 667 68.46 22.59 25.14
CA GLY E 667 68.42 21.17 24.84
C GLY E 667 69.61 20.45 25.42
N ALA E 668 69.50 19.15 25.56
CA ALA E 668 70.57 18.31 26.04
C ALA E 668 71.21 18.77 27.34
N GLY E 669 70.40 19.12 28.34
CA GLY E 669 70.92 19.48 29.65
C GLY E 669 71.20 20.96 29.91
N ILE E 670 71.13 21.76 28.87
CA ILE E 670 71.42 23.20 28.98
C ILE E 670 70.20 24.11 28.65
N CYS E 671 70.11 25.25 29.41
CA CYS E 671 69.06 26.29 29.34
C CYS E 671 69.69 27.69 29.42
N ALA E 672 68.84 28.73 29.34
CA ALA E 672 69.35 30.10 29.40
C ALA E 672 68.33 31.10 29.93
N SER E 673 68.84 32.28 30.29
CA SER E 673 68.00 33.39 30.73
C SER E 673 68.67 34.71 30.39
N TYR E 674 67.90 35.80 30.43
CA TYR E 674 68.48 37.11 30.17
C TYR E 674 68.58 37.87 31.47
N GLN E 675 69.81 38.17 31.88
CA GLN E 675 70.06 38.76 33.19
C GLN E 675 71.05 39.90 33.19
N THR E 676 70.91 40.78 34.17
CA THR E 676 71.90 41.81 34.38
C THR E 676 73.14 41.08 34.89
N GLN E 677 74.35 41.39 34.31
CA GLN E 677 75.65 40.78 34.65
C GLN E 677 75.58 39.25 34.50
N SER E 689 75.22 46.16 29.93
CA SER E 689 75.20 45.68 31.32
C SER E 689 74.45 44.33 31.53
N GLN E 690 73.59 43.93 30.57
CA GLN E 690 72.76 42.71 30.58
C GLN E 690 73.13 41.82 29.42
N SER E 691 72.93 40.53 29.59
CA SER E 691 73.19 39.58 28.52
C SER E 691 72.47 38.25 28.63
N ILE E 692 72.48 37.53 27.52
CA ILE E 692 71.93 36.18 27.54
C ILE E 692 72.96 35.25 28.15
N ILE E 693 72.53 34.53 29.17
CA ILE E 693 73.39 33.62 29.88
C ILE E 693 72.98 32.19 29.68
N ALA E 694 73.93 31.39 29.29
CA ALA E 694 73.74 29.96 29.14
C ALA E 694 74.23 29.30 30.42
N TYR E 695 73.50 28.32 30.89
CA TYR E 695 73.81 27.60 32.12
C TYR E 695 73.24 26.22 32.12
N THR E 696 73.70 25.34 33.00
CA THR E 696 73.09 24.02 32.98
C THR E 696 71.90 23.98 33.88
N MET E 697 71.07 22.98 33.70
CA MET E 697 69.92 22.88 34.55
C MET E 697 70.19 22.29 35.89
N SER E 698 69.52 22.85 36.88
CA SER E 698 69.51 22.25 38.18
C SER E 698 68.38 21.24 38.17
N LEU E 699 68.38 20.33 39.11
CA LEU E 699 67.29 19.39 39.27
C LEU E 699 66.79 19.61 40.66
N GLY E 700 66.00 20.63 40.87
CA GLY E 700 65.59 20.93 42.23
C GLY E 700 66.84 21.23 43.06
N ALA E 701 66.96 20.50 44.17
CA ALA E 701 68.08 20.66 45.10
C ALA E 701 68.52 19.30 45.65
N GLU E 702 69.77 19.21 46.06
CA GLU E 702 70.34 18.00 46.65
C GLU E 702 69.79 17.71 48.04
N ASN E 703 69.53 16.43 48.31
CA ASN E 703 69.04 16.01 49.61
C ASN E 703 69.52 14.58 49.94
N SER E 704 69.16 14.08 51.11
CA SER E 704 69.53 12.74 51.54
C SER E 704 68.63 12.27 52.69
N VAL E 705 68.67 10.98 52.98
CA VAL E 705 67.95 10.41 54.10
C VAL E 705 68.94 9.65 54.97
N ALA E 706 68.91 9.88 56.29
CA ALA E 706 69.87 9.26 57.22
C ALA E 706 69.85 7.73 57.20
N TYR E 707 68.68 7.17 57.05
CA TYR E 707 68.42 5.75 57.04
C TYR E 707 69.11 4.96 58.14
N SER E 708 68.87 5.35 59.37
CA SER E 708 69.35 4.49 60.41
C SER E 708 68.35 3.35 60.48
N ASN E 709 68.84 2.09 60.60
CA ASN E 709 67.99 0.90 60.70
C ASN E 709 67.27 0.80 62.07
N ASN E 710 67.66 1.66 63.05
CA ASN E 710 67.13 1.78 64.39
C ASN E 710 66.31 3.07 64.57
N SER E 711 65.95 3.78 63.49
CA SER E 711 65.22 5.02 63.74
C SER E 711 64.16 5.37 62.73
N ILE E 712 63.09 5.96 63.24
CA ILE E 712 61.97 6.40 62.43
C ILE E 712 61.65 7.86 62.68
N ALA E 713 61.37 8.61 61.62
CA ALA E 713 60.96 9.97 61.81
C ALA E 713 59.44 9.99 61.88
N ILE E 714 58.91 10.68 62.88
CA ILE E 714 57.48 10.76 63.11
C ILE E 714 57.04 12.23 63.21
N PRO E 715 56.03 12.69 62.44
CA PRO E 715 55.51 14.05 62.44
C PRO E 715 54.98 14.36 63.81
N THR E 716 55.10 15.60 64.27
CA THR E 716 54.52 16.00 65.57
C THR E 716 53.44 17.12 65.43
N ASN E 717 53.32 17.72 64.24
CA ASN E 717 52.43 18.79 63.81
C ASN E 717 52.07 18.47 62.35
N PHE E 718 51.20 19.28 61.73
CA PHE E 718 50.79 19.16 60.33
C PHE E 718 50.27 20.49 59.85
N THR E 719 50.23 20.64 58.54
CA THR E 719 49.60 21.77 57.93
C THR E 719 48.58 21.33 56.92
N ILE E 720 47.39 21.87 57.02
CA ILE E 720 46.39 21.64 56.01
C ILE E 720 46.46 22.81 55.09
N SER E 721 46.60 22.51 53.83
CA SER E 721 46.76 23.53 52.81
C SER E 721 45.84 23.25 51.67
N VAL E 722 45.62 24.26 50.84
CA VAL E 722 44.75 24.05 49.72
C VAL E 722 45.49 24.49 48.48
N THR E 723 45.50 23.63 47.49
CA THR E 723 46.15 23.92 46.23
C THR E 723 45.13 23.83 45.16
N THR E 724 45.45 24.29 43.96
CA THR E 724 44.44 24.21 42.93
C THR E 724 44.91 23.54 41.67
N GLU E 725 43.95 23.03 40.92
CA GLU E 725 44.21 22.42 39.62
C GLU E 725 43.24 22.92 38.57
N ILE E 726 43.78 23.23 37.40
CA ILE E 726 42.99 23.77 36.30
C ILE E 726 42.90 22.81 35.13
N LEU E 727 41.67 22.40 34.80
CA LEU E 727 41.46 21.44 33.74
C LEU E 727 40.44 21.91 32.71
N PRO E 728 40.79 22.01 31.43
CA PRO E 728 39.89 22.31 30.34
C PRO E 728 38.82 21.26 30.23
N VAL E 729 37.62 21.66 29.86
CA VAL E 729 36.52 20.74 29.65
C VAL E 729 35.98 20.79 28.23
N SER E 730 35.90 21.98 27.64
CA SER E 730 35.28 22.08 26.33
C SER E 730 35.94 23.09 25.39
N MET E 731 35.73 22.84 24.12
CA MET E 731 36.15 23.66 22.99
C MET E 731 35.06 24.57 22.53
N THR E 732 35.42 25.63 21.86
CA THR E 732 34.43 26.44 21.21
C THR E 732 33.83 25.59 20.12
N LYS E 733 32.51 25.53 20.06
CA LYS E 733 31.86 24.76 19.03
C LYS E 733 31.78 25.62 17.81
N THR E 734 32.09 25.07 16.65
CA THR E 734 32.05 25.86 15.43
C THR E 734 31.28 25.16 14.33
N SER E 735 31.03 25.90 13.27
CA SER E 735 30.38 25.37 12.08
C SER E 735 30.79 26.13 10.85
N VAL E 736 30.86 25.46 9.72
CA VAL E 736 31.27 26.16 8.53
C VAL E 736 30.31 26.13 7.35
N ASP E 737 30.00 27.31 6.84
CA ASP E 737 29.22 27.36 5.64
C ASP E 737 30.26 27.20 4.56
N CYS E 738 30.45 25.93 4.16
CA CYS E 738 31.48 25.47 3.23
C CYS E 738 31.22 25.97 1.82
N THR E 739 30.02 26.51 1.57
CA THR E 739 29.80 27.09 0.26
C THR E 739 30.28 28.51 0.35
N MET E 740 29.91 29.21 1.42
CA MET E 740 30.29 30.62 1.54
C MET E 740 31.81 30.79 1.58
N TYR E 741 32.51 29.86 2.23
CA TYR E 741 33.96 29.90 2.35
C TYR E 741 34.66 29.81 1.02
N ILE E 742 34.03 29.19 0.07
CA ILE E 742 34.66 28.97 -1.18
C ILE E 742 34.17 29.92 -2.28
N CYS E 743 32.83 30.06 -2.38
CA CYS E 743 32.11 30.79 -3.40
C CYS E 743 31.16 31.80 -2.74
N GLY E 744 31.67 32.55 -1.78
CA GLY E 744 30.79 33.50 -1.12
C GLY E 744 30.26 34.48 -2.14
N ASP E 745 28.94 34.56 -2.22
CA ASP E 745 28.23 35.42 -3.16
C ASP E 745 28.74 35.28 -4.61
N SER E 746 29.05 34.07 -5.05
CA SER E 746 29.49 33.89 -6.44
C SER E 746 28.82 32.71 -7.12
N THR E 747 27.93 33.00 -8.05
CA THR E 747 27.12 31.99 -8.70
C THR E 747 27.87 31.02 -9.57
N GLU E 748 28.80 31.50 -10.37
CA GLU E 748 29.47 30.58 -11.29
C GLU E 748 30.30 29.54 -10.53
N CYS E 749 31.01 29.99 -9.47
CA CYS E 749 31.82 29.22 -8.57
C CYS E 749 30.91 28.21 -7.86
N SER E 750 29.77 28.69 -7.38
CA SER E 750 28.86 27.85 -6.65
C SER E 750 28.41 26.70 -7.49
N ASN E 751 28.10 26.93 -8.75
CA ASN E 751 27.67 25.80 -9.55
C ASN E 751 28.79 24.79 -9.73
N LEU E 752 30.01 25.26 -9.94
CA LEU E 752 31.12 24.33 -10.14
C LEU E 752 31.38 23.51 -8.89
N LEU E 753 31.18 24.14 -7.74
CA LEU E 753 31.38 23.56 -6.42
C LEU E 753 30.41 22.44 -6.10
N LEU E 754 29.33 22.31 -6.87
CA LEU E 754 28.37 21.29 -6.57
C LEU E 754 28.87 19.91 -6.94
N GLN E 755 29.93 19.82 -7.74
CA GLN E 755 30.31 18.48 -8.16
C GLN E 755 30.84 17.66 -6.98
N TYR E 756 31.77 18.19 -6.19
CA TYR E 756 32.24 17.43 -5.03
C TYR E 756 31.40 17.86 -3.84
N GLY E 757 30.11 17.59 -3.94
CA GLY E 757 29.14 18.06 -2.96
C GLY E 757 29.08 17.24 -1.68
N SER E 758 29.38 15.95 -1.78
CA SER E 758 29.25 15.10 -0.62
C SER E 758 30.33 15.43 0.37
N PHE E 759 31.45 15.87 -0.14
CA PHE E 759 32.58 16.24 0.68
C PHE E 759 32.30 17.41 1.61
N CYS E 760 31.69 18.49 1.06
CA CYS E 760 31.33 19.74 1.72
C CYS E 760 30.42 19.34 2.90
N THR E 761 29.49 18.41 2.62
CA THR E 761 28.60 17.89 3.64
C THR E 761 29.36 17.12 4.73
N GLN E 762 30.31 16.27 4.33
CA GLN E 762 31.07 15.48 5.31
C GLN E 762 31.90 16.34 6.23
N LEU E 763 32.40 17.48 5.73
CA LEU E 763 33.19 18.34 6.59
C LEU E 763 32.32 18.84 7.73
N ASN E 764 31.09 19.22 7.40
CA ASN E 764 30.19 19.68 8.45
C ASN E 764 29.77 18.57 9.38
N ARG E 765 29.65 17.35 8.87
CA ARG E 765 29.25 16.29 9.75
C ARG E 765 30.31 16.05 10.80
N ALA E 766 31.57 16.11 10.39
CA ALA E 766 32.64 15.92 11.34
C ALA E 766 32.65 17.01 12.39
N LEU E 767 32.38 18.25 11.98
CA LEU E 767 32.38 19.33 12.94
C LEU E 767 31.22 19.20 13.89
N THR E 768 30.09 18.71 13.38
CA THR E 768 28.92 18.53 14.22
C THR E 768 29.25 17.52 15.28
N GLY E 769 29.90 16.43 14.91
CA GLY E 769 30.20 15.43 15.92
C GLY E 769 31.03 16.04 17.03
N ILE E 770 31.96 16.94 16.69
CA ILE E 770 32.73 17.55 17.73
C ILE E 770 31.83 18.39 18.60
N ALA E 771 30.99 19.19 17.98
CA ALA E 771 30.12 20.10 18.69
C ALA E 771 29.21 19.39 19.68
N VAL E 772 28.71 18.23 19.31
CA VAL E 772 27.84 17.50 20.21
C VAL E 772 28.60 17.02 21.42
N GLU E 773 29.79 16.50 21.18
CA GLU E 773 30.62 15.98 22.25
C GLU E 773 30.97 17.10 23.23
N GLN E 774 31.11 18.33 22.77
CA GLN E 774 31.49 19.38 23.68
C GLN E 774 30.42 19.63 24.76
N ASP E 775 29.14 19.40 24.46
CA ASP E 775 28.17 19.64 25.51
C ASP E 775 28.16 18.44 26.42
N LYS E 776 28.38 17.26 25.86
CA LYS E 776 28.41 16.08 26.71
C LYS E 776 29.56 16.17 27.68
N ASN E 777 30.69 16.72 27.26
CA ASN E 777 31.85 16.82 28.14
C ASN E 777 31.51 17.69 29.33
N THR E 778 30.80 18.78 29.07
CA THR E 778 30.41 19.67 30.15
C THR E 778 29.48 18.96 31.10
N GLN E 779 28.54 18.20 30.56
CA GLN E 779 27.61 17.52 31.43
C GLN E 779 28.30 16.47 32.29
N GLU E 780 29.26 15.73 31.73
CA GLU E 780 29.91 14.70 32.52
C GLU E 780 30.74 15.27 33.64
N VAL E 781 31.35 16.43 33.42
CA VAL E 781 32.14 17.04 34.45
C VAL E 781 31.30 17.69 35.54
N PHE E 782 30.26 18.44 35.19
CA PHE E 782 29.53 19.14 36.23
C PHE E 782 28.17 18.58 36.66
N ALA E 783 27.41 17.98 35.76
CA ALA E 783 26.07 17.53 36.09
C ALA E 783 26.11 16.11 36.62
N GLN E 784 26.76 15.94 37.77
CA GLN E 784 26.92 14.59 38.32
C GLN E 784 25.82 14.21 39.29
N VAL E 785 25.06 15.19 39.69
CA VAL E 785 23.99 15.04 40.64
C VAL E 785 22.73 15.63 40.03
N LYS E 786 21.65 14.85 40.02
CA LYS E 786 20.40 15.30 39.42
C LYS E 786 19.60 16.24 40.31
N GLN E 787 19.77 16.09 41.61
CA GLN E 787 19.06 16.95 42.53
C GLN E 787 19.93 18.17 42.75
N ILE E 788 19.33 19.34 42.62
CA ILE E 788 20.08 20.56 42.77
C ILE E 788 19.84 21.12 44.13
N TYR E 789 20.85 20.99 44.95
CA TYR E 789 20.73 21.35 46.33
C TYR E 789 21.06 22.79 46.57
N LYS E 790 20.20 23.42 47.33
CA LYS E 790 20.40 24.80 47.70
C LYS E 790 21.35 24.86 48.88
N THR E 791 22.18 25.89 48.91
CA THR E 791 23.11 26.15 49.99
C THR E 791 22.26 26.42 51.21
N PRO E 792 22.50 25.78 52.36
CA PRO E 792 21.69 26.00 53.54
C PRO E 792 21.99 27.40 54.07
N PRO E 793 21.02 28.06 54.73
CA PRO E 793 21.17 29.31 55.44
C PRO E 793 22.18 29.29 56.59
N ILE E 794 22.42 28.11 57.16
CA ILE E 794 23.32 27.93 58.29
C ILE E 794 24.76 27.89 57.82
N LYS E 795 25.59 28.74 58.41
CA LYS E 795 26.99 28.79 58.02
C LYS E 795 27.91 28.23 59.09
N ASP E 796 27.34 27.62 60.12
CA ASP E 796 28.10 27.13 61.27
C ASP E 796 28.77 25.80 61.01
N PHE E 797 29.70 25.81 60.08
CA PHE E 797 30.45 24.62 59.70
C PHE E 797 31.67 24.53 60.60
N GLY E 798 31.41 24.33 61.88
CA GLY E 798 32.45 24.35 62.87
C GLY E 798 33.05 25.74 62.85
N GLY E 799 34.38 25.82 62.79
CA GLY E 799 35.08 27.10 62.75
C GLY E 799 35.45 27.53 61.33
N PHE E 800 34.94 26.81 60.34
CA PHE E 800 35.31 27.05 58.95
C PHE E 800 34.46 28.17 58.32
N ASN E 801 35.06 28.92 57.37
CA ASN E 801 34.48 30.09 56.68
C ASN E 801 33.75 29.72 55.35
N PHE E 802 34.50 29.42 54.24
CA PHE E 802 34.02 29.07 52.87
C PHE E 802 33.26 30.19 52.12
N SER E 803 33.37 31.42 52.58
CA SER E 803 32.65 32.54 51.95
C SER E 803 32.98 32.75 50.48
N GLN E 804 34.24 32.60 50.13
CA GLN E 804 34.70 32.82 48.77
C GLN E 804 34.35 31.68 47.82
N ILE E 805 34.01 30.53 48.39
CA ILE E 805 33.72 29.31 47.68
C ILE E 805 32.25 29.20 47.35
N LEU E 806 31.43 29.55 48.32
CA LEU E 806 30.00 29.45 48.15
C LEU E 806 29.47 30.55 47.22
N PRO E 807 28.36 30.30 46.49
CA PRO E 807 27.72 31.24 45.58
C PRO E 807 27.38 32.55 46.23
N ASP E 808 27.57 33.65 45.51
CA ASP E 808 27.22 34.96 46.00
C ASP E 808 25.81 35.36 45.52
N PRO E 809 24.78 35.35 46.38
CA PRO E 809 23.38 35.56 46.03
C PRO E 809 23.06 36.98 45.61
N SER E 810 23.98 37.91 45.84
CA SER E 810 23.71 39.31 45.51
C SER E 810 24.00 39.61 44.04
N LYS E 811 24.64 38.67 43.35
CA LYS E 811 25.04 38.89 41.98
C LYS E 811 23.96 38.37 41.05
N PRO E 812 23.87 38.84 39.78
CA PRO E 812 22.97 38.33 38.76
C PRO E 812 23.30 36.89 38.37
N SER E 813 24.54 36.48 38.62
CA SER E 813 25.00 35.15 38.34
C SER E 813 24.94 34.42 39.67
N LYS E 814 25.17 33.13 39.65
CA LYS E 814 25.17 32.37 40.89
C LYS E 814 26.60 31.98 41.23
N ARG E 815 27.55 32.66 40.64
CA ARG E 815 28.95 32.38 40.87
C ARG E 815 29.41 32.81 42.25
N SER E 816 30.34 32.06 42.78
CA SER E 816 31.03 32.38 44.02
C SER E 816 32.01 33.46 43.70
N PHE E 817 32.63 34.06 44.70
CA PHE E 817 33.62 35.09 44.45
C PHE E 817 34.75 34.56 43.57
N ILE E 818 35.28 33.39 43.94
CA ILE E 818 36.38 32.82 43.17
C ILE E 818 35.90 32.52 41.76
N GLU E 819 34.70 31.97 41.62
CA GLU E 819 34.23 31.67 40.28
C GLU E 819 34.13 32.92 39.44
N ASP E 820 33.69 34.03 40.03
CA ASP E 820 33.60 35.20 39.21
C ASP E 820 34.99 35.64 38.80
N LEU E 821 35.98 35.49 39.69
CA LEU E 821 37.32 35.87 39.29
C LEU E 821 37.79 35.01 38.13
N LEU E 822 37.48 33.71 38.14
CA LEU E 822 37.94 32.84 37.07
C LEU E 822 37.36 33.31 35.73
N PHE E 823 36.10 33.74 35.76
CA PHE E 823 35.42 34.26 34.58
C PHE E 823 35.93 35.63 34.16
N ASN E 824 36.38 36.42 35.12
CA ASN E 824 36.89 37.74 34.79
C ASN E 824 38.29 37.66 34.20
N LYS E 825 39.05 36.64 34.58
CA LYS E 825 40.42 36.52 34.09
C LYS E 825 40.53 35.88 32.71
N VAL E 826 39.67 34.93 32.38
CA VAL E 826 39.79 34.31 31.07
C VAL E 826 39.08 35.20 30.05
N THR E 827 39.78 35.51 28.97
CA THR E 827 39.23 36.40 27.95
C THR E 827 38.75 35.64 26.74
N LEU E 828 37.51 35.88 26.37
CA LEU E 828 36.96 35.17 25.23
C LEU E 828 37.02 36.04 24.00
N ALA E 829 37.14 35.41 22.84
CA ALA E 829 37.24 36.14 21.57
C ALA E 829 36.05 37.05 21.28
N ASP E 830 34.86 36.62 21.66
CA ASP E 830 33.66 37.42 21.44
C ASP E 830 32.63 36.98 22.47
N ALA E 831 31.47 37.61 22.48
CA ALA E 831 30.43 37.21 23.42
C ALA E 831 29.02 37.55 22.95
N GLY E 832 28.06 36.77 23.41
CA GLY E 832 26.64 37.02 23.19
C GLY E 832 26.04 36.26 22.01
N PHE E 833 26.91 35.77 21.11
CA PHE E 833 26.58 34.98 19.92
C PHE E 833 25.65 35.64 18.90
N ILE E 834 25.35 36.92 19.04
CA ILE E 834 24.47 37.59 18.09
C ILE E 834 25.13 38.85 17.58
N LYS E 835 25.25 38.97 16.26
CA LYS E 835 25.85 40.15 15.66
C LYS E 835 24.96 40.56 14.50
N GLN E 836 24.52 41.80 14.41
CA GLN E 836 23.58 42.07 13.33
C GLN E 836 24.33 42.40 12.07
N TYR E 837 23.72 42.13 10.94
CA TYR E 837 24.35 42.46 9.66
C TYR E 837 24.74 43.92 9.61
N GLY E 838 23.81 44.78 10.00
CA GLY E 838 24.03 46.22 9.98
C GLY E 838 25.24 46.64 10.81
N ASP E 839 25.57 45.89 11.85
CA ASP E 839 26.68 46.24 12.71
C ASP E 839 28.03 46.29 11.98
N CYS E 840 28.21 45.47 10.90
CA CYS E 840 29.45 45.36 10.14
C CYS E 840 29.27 45.97 8.76
N LEU E 841 28.22 46.75 8.56
CA LEU E 841 27.97 47.23 7.23
C LEU E 841 28.74 48.49 6.88
N GLY E 842 30.01 48.27 6.58
CA GLY E 842 30.98 49.32 6.28
C GLY E 842 32.42 48.84 6.42
N ASP E 843 33.36 49.79 6.52
CA ASP E 843 34.79 49.53 6.60
C ASP E 843 35.14 48.71 7.81
N ILE E 844 34.31 48.90 8.82
CA ILE E 844 34.35 48.24 10.11
C ILE E 844 34.41 46.73 10.04
N ALA E 845 33.94 46.13 8.96
CA ALA E 845 33.95 44.69 8.82
C ALA E 845 35.36 44.14 8.90
N ALA E 846 36.36 44.93 8.50
CA ALA E 846 37.74 44.47 8.55
C ALA E 846 38.35 44.62 9.94
N ARG E 847 37.71 45.38 10.81
CA ARG E 847 38.26 45.62 12.15
C ARG E 847 37.77 44.55 13.10
N ASP E 848 36.54 44.12 12.89
CA ASP E 848 35.95 43.09 13.72
C ASP E 848 36.32 41.77 13.08
N LEU E 849 37.37 41.14 13.61
CA LEU E 849 37.91 39.96 12.98
C LEU E 849 36.93 38.82 13.03
N ILE E 850 36.16 38.75 14.09
CA ILE E 850 35.19 37.68 14.18
C ILE E 850 34.12 37.84 13.10
N CYS E 851 33.65 39.09 12.83
CA CYS E 851 32.67 39.38 11.79
C CYS E 851 33.30 39.02 10.42
N ALA E 852 34.58 39.35 10.24
CA ALA E 852 35.23 39.00 8.99
C ALA E 852 35.19 37.49 8.79
N GLN E 853 35.36 36.73 9.88
CA GLN E 853 35.26 35.28 9.77
C GLN E 853 33.82 34.88 9.41
N LYS E 854 32.83 35.54 10.00
CA LYS E 854 31.44 35.22 9.71
C LYS E 854 31.10 35.45 8.25
N PHE E 855 31.68 36.48 7.66
CA PHE E 855 31.43 36.79 6.26
C PHE E 855 32.04 35.79 5.30
N ASN E 856 32.89 34.90 5.80
CA ASN E 856 33.51 33.88 5.00
C ASN E 856 32.95 32.53 5.38
N GLY E 857 31.82 32.53 6.09
CA GLY E 857 31.15 31.31 6.46
C GLY E 857 31.66 30.65 7.73
N LEU E 858 32.46 31.32 8.52
CA LEU E 858 32.96 30.65 9.69
C LEU E 858 32.19 31.12 10.89
N THR E 859 31.48 30.24 11.59
CA THR E 859 30.73 30.72 12.72
C THR E 859 31.04 30.01 14.02
N VAL E 860 30.45 30.54 15.07
CA VAL E 860 30.56 30.09 16.45
C VAL E 860 29.19 29.76 17.00
N LEU E 861 29.06 28.57 17.54
CA LEU E 861 27.79 28.14 18.06
C LEU E 861 27.74 28.33 19.56
N PRO E 862 26.57 28.63 20.14
CA PRO E 862 26.40 28.75 21.57
C PRO E 862 26.46 27.38 22.21
N PRO E 863 26.88 27.31 23.49
CA PRO E 863 26.88 26.15 24.35
C PRO E 863 25.46 25.89 24.68
N LEU E 864 25.10 24.66 24.99
CA LEU E 864 23.75 24.41 25.42
C LEU E 864 23.56 24.88 26.85
N LEU E 865 24.54 24.62 27.69
CA LEU E 865 24.42 25.03 29.07
C LEU E 865 25.00 26.41 29.22
N THR E 866 24.40 27.22 30.05
CA THR E 866 24.86 28.57 30.31
C THR E 866 25.71 28.63 31.54
N ASP E 867 26.35 29.77 31.75
CA ASP E 867 27.20 29.96 32.91
C ASP E 867 26.41 29.85 34.20
N GLU E 868 25.18 30.31 34.17
CA GLU E 868 24.33 30.26 35.33
C GLU E 868 23.98 28.83 35.64
N MET E 869 23.68 28.04 34.60
CA MET E 869 23.33 26.64 34.85
C MET E 869 24.52 25.89 35.42
N ILE E 870 25.72 26.23 34.96
CA ILE E 870 26.88 25.56 35.48
C ILE E 870 27.09 25.96 36.92
N ALA E 871 26.92 27.23 37.24
CA ALA E 871 27.06 27.66 38.62
C ALA E 871 26.04 26.93 39.48
N GLN E 872 24.84 26.68 38.96
CA GLN E 872 23.85 25.95 39.73
C GLN E 872 24.30 24.52 39.98
N TYR E 873 24.96 23.90 39.00
CA TYR E 873 25.43 22.54 39.24
C TYR E 873 26.57 22.57 40.26
N THR E 874 27.48 23.56 40.19
CA THR E 874 28.56 23.56 41.16
C THR E 874 28.01 23.90 42.52
N SER E 875 26.97 24.72 42.57
CA SER E 875 26.33 25.12 43.80
C SER E 875 25.75 23.91 44.48
N ALA E 876 25.07 23.05 43.72
CA ALA E 876 24.51 21.85 44.29
C ALA E 876 25.57 20.99 44.87
N LEU E 877 26.69 20.87 44.17
CA LEU E 877 27.74 20.03 44.68
C LEU E 877 28.30 20.63 45.95
N LEU E 878 28.44 21.94 46.01
CA LEU E 878 28.98 22.56 47.20
C LEU E 878 28.03 22.41 48.37
N ALA E 879 26.72 22.59 48.16
CA ALA E 879 25.76 22.46 49.24
C ALA E 879 25.81 21.04 49.76
N GLY E 880 25.95 20.13 48.84
CA GLY E 880 26.01 18.73 49.09
C GLY E 880 27.20 18.30 49.90
N THR E 881 28.37 18.70 49.49
CA THR E 881 29.54 18.26 50.18
C THR E 881 29.83 19.10 51.39
N ILE E 882 29.28 20.30 51.47
CA ILE E 882 29.52 21.05 52.67
C ILE E 882 28.63 20.49 53.78
N THR E 883 27.40 20.05 53.44
CA THR E 883 26.47 19.53 54.44
C THR E 883 26.42 18.02 54.62
N SER E 884 26.35 17.25 53.54
CA SER E 884 26.28 15.82 53.69
C SER E 884 27.70 15.29 53.69
N GLY E 885 28.57 15.97 52.97
CA GLY E 885 29.95 15.54 52.97
C GLY E 885 30.14 14.17 52.37
N TRP E 886 30.67 13.28 53.20
CA TRP E 886 30.96 11.92 52.81
C TRP E 886 29.77 11.30 52.09
N THR E 887 30.07 10.77 50.91
CA THR E 887 29.13 10.16 49.98
C THR E 887 27.80 10.86 49.93
N PHE E 888 27.86 12.18 49.73
CA PHE E 888 26.73 12.99 49.37
C PHE E 888 26.02 12.49 48.12
N GLY E 889 26.79 12.21 47.08
CA GLY E 889 26.23 11.72 45.83
C GLY E 889 26.33 10.19 45.80
N ALA E 890 26.01 9.58 44.65
CA ALA E 890 26.04 8.11 44.49
C ALA E 890 25.23 7.43 45.58
N GLY E 891 24.06 7.99 45.86
CA GLY E 891 23.17 7.49 46.89
C GLY E 891 22.42 8.67 47.47
N ALA E 892 21.72 8.44 48.59
CA ALA E 892 20.95 9.50 49.21
C ALA E 892 21.89 10.52 49.87
N ALA E 893 21.50 11.78 49.85
CA ALA E 893 22.29 12.84 50.48
C ALA E 893 21.92 12.98 51.95
N LEU E 894 22.74 12.45 52.83
CA LEU E 894 22.45 12.45 54.26
C LEU E 894 23.30 13.46 55.00
N GLN E 895 22.66 14.34 55.77
CA GLN E 895 23.42 15.36 56.47
C GLN E 895 24.34 14.82 57.57
N ILE E 896 25.53 15.43 57.70
CA ILE E 896 26.52 15.13 58.75
C ILE E 896 27.06 16.46 59.35
N PRO E 897 27.18 16.63 60.67
CA PRO E 897 27.76 17.82 61.29
C PRO E 897 29.12 18.07 60.68
N PHE E 898 29.51 19.31 60.47
CA PHE E 898 30.79 19.49 59.78
C PHE E 898 31.94 18.85 60.52
N ALA E 899 31.96 18.97 61.85
CA ALA E 899 33.04 18.38 62.63
C ALA E 899 33.07 16.87 62.46
N MET E 900 31.91 16.27 62.24
CA MET E 900 31.83 14.83 62.11
C MET E 900 32.27 14.46 60.71
N GLN E 901 32.05 15.35 59.75
CA GLN E 901 32.48 15.07 58.39
C GLN E 901 33.99 15.03 58.41
N MET E 902 34.57 15.97 59.15
CA MET E 902 36.02 16.04 59.23
C MET E 902 36.55 14.84 59.98
N ALA E 903 35.82 14.37 61.00
CA ALA E 903 36.26 13.20 61.75
C ALA E 903 36.38 12.01 60.84
N TYR E 904 35.46 11.89 59.89
CA TYR E 904 35.54 10.77 59.00
C TYR E 904 36.68 10.92 58.04
N ARG E 905 36.96 12.15 57.61
CA ARG E 905 38.06 12.42 56.71
C ARG E 905 39.38 12.11 57.42
N PHE E 906 39.42 12.36 58.74
CA PHE E 906 40.57 12.03 59.57
C PHE E 906 40.76 10.51 59.69
N ASN E 907 39.68 9.78 59.88
CA ASN E 907 39.87 8.34 59.95
C ASN E 907 40.30 7.81 58.58
N GLY E 908 39.84 8.46 57.52
CA GLY E 908 40.17 8.13 56.14
C GLY E 908 41.67 8.25 55.89
N ILE E 909 42.24 9.41 56.23
CA ILE E 909 43.67 9.66 56.09
C ILE E 909 44.50 8.74 56.95
N GLY E 910 43.99 8.35 58.11
CA GLY E 910 44.77 7.47 58.96
C GLY E 910 45.32 8.20 60.17
N VAL E 911 44.71 9.31 60.50
CA VAL E 911 45.08 10.09 61.66
C VAL E 911 43.83 10.07 62.49
N THR E 912 43.93 9.61 63.71
CA THR E 912 42.71 9.52 64.50
C THR E 912 41.98 10.84 64.62
N GLN E 913 40.65 10.73 64.69
CA GLN E 913 39.70 11.83 64.85
C GLN E 913 39.96 12.60 66.14
N ASN E 914 40.68 12.00 67.05
CA ASN E 914 41.00 12.63 68.30
C ASN E 914 41.90 13.84 68.06
N VAL E 915 42.74 13.79 67.01
CA VAL E 915 43.64 14.89 66.71
C VAL E 915 42.81 16.05 66.25
N LEU E 916 41.82 15.73 65.41
CA LEU E 916 40.92 16.74 64.90
C LEU E 916 40.25 17.48 65.99
N TYR E 917 39.72 16.76 66.95
CA TYR E 917 38.96 17.48 67.94
C TYR E 917 39.86 18.35 68.81
N GLU E 918 41.05 17.86 69.17
CA GLU E 918 41.89 18.70 70.02
C GLU E 918 42.35 19.93 69.27
N ASN E 919 42.52 19.79 67.97
CA ASN E 919 42.96 20.85 67.11
C ASN E 919 41.83 21.36 66.22
N GLN E 920 40.56 21.20 66.63
CA GLN E 920 39.47 21.61 65.75
C GLN E 920 39.57 23.08 65.33
N LYS E 921 39.99 23.95 66.25
CA LYS E 921 40.11 25.36 65.90
C LYS E 921 41.28 25.60 64.96
N LEU E 922 42.40 24.93 65.21
CA LEU E 922 43.58 25.08 64.37
C LEU E 922 43.31 24.65 62.96
N ILE E 923 42.62 23.56 62.82
CA ILE E 923 42.31 23.00 61.54
C ILE E 923 41.44 23.94 60.74
N ALA E 924 40.40 24.46 61.37
CA ALA E 924 39.57 25.40 60.67
C ALA E 924 40.35 26.64 60.29
N ASN E 925 41.26 27.08 61.17
CA ASN E 925 42.02 28.29 60.90
C ASN E 925 42.96 28.10 59.74
N GLN E 926 43.61 26.93 59.65
CA GLN E 926 44.53 26.73 58.55
C GLN E 926 43.77 26.73 57.24
N PHE E 927 42.57 26.12 57.23
CA PHE E 927 41.78 26.11 56.03
C PHE E 927 41.40 27.52 55.64
N ASN E 928 40.90 28.29 56.60
CA ASN E 928 40.43 29.61 56.30
C ASN E 928 41.56 30.48 55.76
N SER E 929 42.77 30.29 56.29
CA SER E 929 43.91 31.05 55.80
C SER E 929 44.24 30.61 54.39
N ALA E 930 44.16 29.30 54.12
CA ALA E 930 44.47 28.78 52.80
C ALA E 930 43.53 29.35 51.76
N ILE E 931 42.26 29.49 52.11
CA ILE E 931 41.33 30.01 51.12
C ILE E 931 41.64 31.45 50.85
N GLY E 932 41.95 32.23 51.89
CA GLY E 932 42.30 33.61 51.66
C GLY E 932 43.54 33.69 50.75
N LYS E 933 44.49 32.76 50.92
CA LYS E 933 45.67 32.78 50.06
C LYS E 933 45.29 32.55 48.62
N ILE E 934 44.35 31.64 48.39
CA ILE E 934 43.88 31.36 47.03
C ILE E 934 43.20 32.57 46.45
N GLN E 935 42.37 33.24 47.23
CA GLN E 935 41.69 34.40 46.72
C GLN E 935 42.69 35.42 46.21
N ASP E 936 43.75 35.68 46.98
CA ASP E 936 44.75 36.64 46.56
C ASP E 936 45.60 36.12 45.42
N SER E 937 45.89 34.83 45.44
CA SER E 937 46.71 34.23 44.41
C SER E 937 46.03 34.35 43.05
N LEU E 938 44.72 34.07 43.00
CA LEU E 938 43.97 34.16 41.76
C LEU E 938 43.80 35.58 41.29
N SER E 939 43.49 36.51 42.19
CA SER E 939 43.32 37.88 41.78
C SER E 939 44.64 38.41 41.18
N SER E 940 45.76 38.09 41.82
CA SER E 940 47.08 38.50 41.37
C SER E 940 47.56 37.83 40.09
N THR E 941 47.42 36.49 39.99
CA THR E 941 47.95 35.77 38.84
C THR E 941 46.89 35.22 37.89
N ALA E 942 46.76 35.86 36.73
CA ALA E 942 45.78 35.46 35.73
C ALA E 942 46.30 34.33 34.85
N SER E 943 47.64 34.28 34.72
CA SER E 943 48.34 33.34 33.83
C SER E 943 48.14 31.89 34.23
N ALA E 944 47.71 31.68 35.46
CA ALA E 944 47.44 30.37 36.00
C ALA E 944 46.39 29.66 35.16
N LEU E 945 45.50 30.44 34.56
CA LEU E 945 44.38 29.97 33.79
C LEU E 945 44.72 29.85 32.33
N GLY E 946 46.00 29.99 32.00
CA GLY E 946 46.47 29.93 30.63
C GLY E 946 45.98 28.69 29.93
N LYS E 947 45.83 27.57 30.63
CA LYS E 947 45.35 26.38 29.95
C LYS E 947 44.00 26.59 29.27
N LEU E 948 43.12 27.37 29.91
CA LEU E 948 41.79 27.59 29.36
C LEU E 948 41.89 28.65 28.30
N GLN E 949 42.80 29.59 28.53
CA GLN E 949 42.98 30.69 27.60
C GLN E 949 43.51 30.14 26.29
N ASP E 950 44.36 29.12 26.38
CA ASP E 950 44.96 28.49 25.24
C ASP E 950 43.90 27.77 24.45
N VAL E 951 42.96 27.12 25.11
CA VAL E 951 41.93 26.46 24.31
C VAL E 951 41.19 27.49 23.49
N VAL E 952 40.88 28.61 24.10
CA VAL E 952 40.19 29.64 23.38
C VAL E 952 41.02 30.22 22.25
N ASN E 953 42.29 30.50 22.52
CA ASN E 953 43.13 31.11 21.54
C ASN E 953 43.38 30.21 20.36
N GLN E 954 43.53 28.93 20.62
CA GLN E 954 43.84 27.97 19.59
C GLN E 954 42.70 27.83 18.60
N ASN E 955 41.47 27.84 19.09
CA ASN E 955 40.37 27.71 18.16
C ASN E 955 40.20 29.00 17.37
N ALA E 956 40.45 30.15 18.02
CA ALA E 956 40.33 31.41 17.33
C ALA E 956 41.35 31.50 16.21
N GLN E 957 42.57 31.01 16.48
CA GLN E 957 43.61 31.02 15.49
C GLN E 957 43.30 30.14 14.33
N ALA E 958 42.69 28.98 14.60
CA ALA E 958 42.36 28.10 13.51
C ALA E 958 41.42 28.78 12.53
N LEU E 959 40.47 29.57 13.06
CA LEU E 959 39.57 30.25 12.14
C LEU E 959 40.25 31.44 11.48
N ASN E 960 41.17 32.09 12.19
CA ASN E 960 41.86 33.21 11.59
C ASN E 960 42.72 32.71 10.45
N THR E 961 43.25 31.50 10.62
CA THR E 961 44.08 30.88 9.62
C THR E 961 43.25 30.63 8.39
N LEU E 962 42.04 30.12 8.56
CA LEU E 962 41.23 29.89 7.38
C LEU E 962 40.94 31.17 6.63
N VAL E 963 40.75 32.27 7.34
CA VAL E 963 40.51 33.50 6.61
C VAL E 963 41.76 33.94 5.87
N LYS E 964 42.91 33.90 6.52
CA LYS E 964 44.13 34.35 5.87
C LYS E 964 44.45 33.54 4.64
N GLN E 965 44.17 32.25 4.67
CA GLN E 965 44.48 31.34 3.59
C GLN E 965 43.65 31.60 2.35
N LEU E 966 42.60 32.41 2.48
CA LEU E 966 41.76 32.70 1.36
C LEU E 966 42.54 33.44 0.30
N SER E 967 43.58 34.18 0.71
CA SER E 967 44.34 34.97 -0.24
C SER E 967 45.26 34.14 -1.12
N SER E 968 45.51 32.87 -0.79
CA SER E 968 46.39 32.07 -1.61
C SER E 968 45.76 31.77 -2.93
N ASN E 969 46.57 31.78 -3.98
CA ASN E 969 46.06 31.47 -5.30
C ASN E 969 46.03 29.99 -5.57
N PHE E 970 46.71 29.21 -4.77
CA PHE E 970 46.73 27.78 -4.99
C PHE E 970 47.09 27.38 -6.43
N GLY E 971 48.03 28.11 -7.04
CA GLY E 971 48.46 27.85 -8.41
C GLY E 971 47.72 28.69 -9.46
N ALA E 972 46.68 29.36 -9.05
CA ALA E 972 45.84 30.19 -9.89
C ALA E 972 46.49 31.52 -10.25
N ILE E 973 45.96 32.15 -11.28
CA ILE E 973 46.41 33.47 -11.70
C ILE E 973 46.18 34.47 -10.59
N SER E 974 45.01 34.37 -9.96
CA SER E 974 44.60 35.24 -8.88
C SER E 974 43.75 34.49 -7.90
N SER E 975 43.87 34.88 -6.64
CA SER E 975 43.07 34.29 -5.58
C SER E 975 41.66 34.84 -5.49
N VAL E 976 41.40 35.88 -6.25
CA VAL E 976 40.11 36.51 -6.23
C VAL E 976 39.21 35.97 -7.35
N LEU E 977 38.05 35.45 -6.95
CA LEU E 977 37.12 34.85 -7.90
C LEU E 977 36.65 35.86 -8.90
N ASN E 978 36.50 37.08 -8.45
CA ASN E 978 36.02 38.12 -9.31
C ASN E 978 37.01 38.48 -10.40
N ASP E 979 38.30 38.32 -10.18
CA ASP E 979 39.24 38.70 -11.23
C ASP E 979 39.18 37.66 -12.30
N ILE E 980 39.01 36.43 -11.85
CA ILE E 980 38.95 35.31 -12.76
C ILE E 980 37.73 35.41 -13.64
N LEU E 981 36.60 35.68 -13.02
CA LEU E 981 35.35 35.78 -13.72
C LEU E 981 35.29 36.97 -14.64
N SER E 982 35.87 38.09 -14.24
CA SER E 982 35.86 39.24 -15.11
C SER E 982 36.71 39.09 -16.34
N ARG E 983 37.93 38.59 -16.19
CA ARG E 983 38.83 38.52 -17.33
C ARG E 983 38.73 37.29 -18.21
N LEU E 984 38.22 36.19 -17.69
CA LEU E 984 38.21 34.98 -18.49
C LEU E 984 36.84 34.53 -18.92
N ASP E 985 36.79 33.87 -20.06
CA ASP E 985 35.54 33.31 -20.50
C ASP E 985 35.30 32.07 -19.64
N PRO E 986 34.12 31.46 -19.65
CA PRO E 986 33.83 30.29 -18.87
C PRO E 986 34.86 29.16 -18.95
N PRO E 987 35.17 28.54 -20.10
CA PRO E 987 36.03 27.39 -20.09
C PRO E 987 37.44 27.69 -19.59
N GLU E 988 37.92 28.92 -19.72
CA GLU E 988 39.22 29.20 -19.17
C GLU E 988 39.08 29.43 -17.66
N ALA E 989 38.01 30.14 -17.28
CA ALA E 989 37.75 30.47 -15.90
C ALA E 989 37.60 29.22 -15.10
N GLU E 990 37.04 28.18 -15.69
CA GLU E 990 36.84 26.94 -15.00
C GLU E 990 38.14 26.37 -14.51
N VAL E 991 39.23 26.54 -15.25
CA VAL E 991 40.48 25.98 -14.79
C VAL E 991 40.92 26.71 -13.55
N GLN E 992 40.82 28.02 -13.61
CA GLN E 992 41.26 28.83 -12.50
C GLN E 992 40.39 28.62 -11.27
N ILE E 993 39.10 28.42 -11.48
CA ILE E 993 38.20 28.21 -10.37
C ILE E 993 38.50 26.85 -9.77
N ASP E 994 38.72 25.81 -10.59
CA ASP E 994 39.03 24.52 -10.00
C ASP E 994 40.24 24.56 -9.12
N ARG E 995 41.26 25.34 -9.51
CA ARG E 995 42.42 25.40 -8.65
C ARG E 995 42.05 26.00 -7.31
N LEU E 996 41.24 27.05 -7.31
CA LEU E 996 40.89 27.65 -6.04
C LEU E 996 39.96 26.79 -5.23
N ILE E 997 39.03 26.09 -5.86
CA ILE E 997 38.14 25.28 -5.08
C ILE E 997 38.89 24.16 -4.43
N THR E 998 39.78 23.52 -5.17
CA THR E 998 40.51 22.42 -4.58
C THR E 998 41.29 22.92 -3.41
N GLY E 999 41.92 24.08 -3.59
CA GLY E 999 42.70 24.70 -2.57
C GLY E 999 41.91 24.98 -1.31
N ARG E 1000 40.77 25.62 -1.47
CA ARG E 1000 39.96 25.96 -0.33
C ARG E 1000 39.46 24.71 0.38
N LEU E 1001 39.12 23.67 -0.37
CA LEU E 1001 38.64 22.47 0.27
C LEU E 1001 39.74 21.81 1.06
N GLN E 1002 40.98 21.85 0.54
CA GLN E 1002 42.09 21.27 1.25
C GLN E 1002 42.30 22.02 2.56
N SER E 1003 42.12 23.33 2.52
CA SER E 1003 42.28 24.13 3.71
C SER E 1003 41.22 23.77 4.74
N LEU E 1004 39.98 23.57 4.27
CA LEU E 1004 38.93 23.19 5.19
C LEU E 1004 39.15 21.80 5.73
N GLN E 1005 39.67 20.90 4.91
CA GLN E 1005 39.91 19.56 5.38
C GLN E 1005 40.96 19.58 6.45
N THR E 1006 41.96 20.42 6.27
CA THR E 1006 43.01 20.52 7.26
C THR E 1006 42.41 20.99 8.55
N TYR E 1007 41.55 22.01 8.46
CA TYR E 1007 40.90 22.56 9.63
C TYR E 1007 40.10 21.53 10.37
N VAL E 1008 39.29 20.77 9.65
CA VAL E 1008 38.45 19.81 10.31
C VAL E 1008 39.31 18.76 10.99
N THR E 1009 40.35 18.30 10.32
CA THR E 1009 41.19 17.29 10.88
C THR E 1009 41.82 17.77 12.16
N GLN E 1010 42.32 19.00 12.18
CA GLN E 1010 42.93 19.50 13.38
C GLN E 1010 41.92 19.64 14.49
N GLN E 1011 40.69 20.03 14.15
CA GLN E 1011 39.71 20.17 15.20
C GLN E 1011 39.39 18.80 15.78
N LEU E 1012 39.35 17.76 14.96
CA LEU E 1012 39.07 16.42 15.46
C LEU E 1012 40.16 15.93 16.38
N ILE E 1013 41.41 16.25 16.07
CA ILE E 1013 42.51 15.84 16.91
C ILE E 1013 42.40 16.56 18.25
N ARG E 1014 42.14 17.86 18.20
CA ARG E 1014 42.00 18.62 19.42
C ARG E 1014 40.81 18.15 20.22
N ALA E 1015 39.75 17.74 19.54
CA ALA E 1015 38.57 17.26 20.20
C ALA E 1015 38.89 16.00 20.98
N ALA E 1016 39.75 15.16 20.45
CA ALA E 1016 40.08 13.97 21.20
C ALA E 1016 40.79 14.36 22.49
N GLU E 1017 41.63 15.37 22.42
CA GLU E 1017 42.36 15.79 23.60
C GLU E 1017 41.47 16.45 24.62
N ILE E 1018 40.49 17.23 24.16
CA ILE E 1018 39.64 17.90 25.12
C ILE E 1018 38.77 16.86 25.79
N ARG E 1019 38.34 15.82 25.06
CA ARG E 1019 37.55 14.79 25.71
C ARG E 1019 38.35 14.11 26.77
N ALA E 1020 39.63 13.82 26.50
CA ALA E 1020 40.43 13.18 27.50
C ALA E 1020 40.56 14.04 28.74
N SER E 1021 40.72 15.35 28.55
CA SER E 1021 40.83 16.24 29.67
C SER E 1021 39.54 16.26 30.45
N ALA E 1022 38.41 16.33 29.74
CA ALA E 1022 37.11 16.36 30.38
C ALA E 1022 36.86 15.09 31.15
N ASN E 1023 37.31 13.96 30.63
CA ASN E 1023 37.08 12.71 31.31
C ASN E 1023 37.88 12.66 32.58
N LEU E 1024 39.09 13.21 32.56
CA LEU E 1024 39.90 13.24 33.74
C LEU E 1024 39.27 14.16 34.77
N ALA E 1025 38.79 15.32 34.30
CA ALA E 1025 38.16 16.27 35.19
C ALA E 1025 36.92 15.68 35.81
N ALA E 1026 36.16 14.93 35.03
CA ALA E 1026 34.96 14.30 35.53
C ALA E 1026 35.33 13.27 36.57
N THR E 1027 36.42 12.54 36.34
CA THR E 1027 36.85 11.55 37.28
C THR E 1027 37.22 12.22 38.57
N LYS E 1028 37.97 13.31 38.51
CA LYS E 1028 38.35 14.02 39.71
C LYS E 1028 37.15 14.61 40.41
N MET E 1029 36.17 15.11 39.67
CA MET E 1029 35.02 15.64 40.35
C MET E 1029 34.42 14.51 41.19
N SER E 1030 34.25 13.35 40.58
CA SER E 1030 33.66 12.29 41.31
C SER E 1030 34.51 11.76 42.46
N GLU E 1031 35.80 11.63 42.25
CA GLU E 1031 36.62 11.02 43.30
C GLU E 1031 37.24 11.95 44.35
N CYS E 1032 37.32 13.28 44.06
CA CYS E 1032 37.88 14.31 44.94
C CYS E 1032 36.77 15.08 45.65
N VAL E 1033 35.63 15.31 44.96
CA VAL E 1033 34.53 16.10 45.51
C VAL E 1033 33.45 15.20 46.08
N LEU E 1034 33.02 14.20 45.31
CA LEU E 1034 31.93 13.30 45.75
C LEU E 1034 32.42 12.09 46.54
N GLY E 1035 33.69 12.06 46.84
CA GLY E 1035 34.28 10.99 47.60
C GLY E 1035 35.65 11.44 48.07
N GLN E 1036 36.34 10.57 48.79
CA GLN E 1036 37.67 10.92 49.26
C GLN E 1036 38.64 10.01 48.57
N SER E 1037 39.37 10.56 47.64
CA SER E 1037 40.30 9.76 46.89
C SER E 1037 41.40 9.32 47.80
N LYS E 1038 41.83 8.09 47.63
CA LYS E 1038 42.94 7.53 48.37
C LYS E 1038 44.12 7.31 47.46
N ARG E 1039 43.99 7.77 46.21
CA ARG E 1039 45.06 7.62 45.26
C ARG E 1039 46.11 8.63 45.67
N VAL E 1040 47.37 8.22 45.71
CA VAL E 1040 48.37 9.10 46.32
C VAL E 1040 48.62 10.38 45.56
N ASP E 1041 48.48 10.36 44.24
CA ASP E 1041 48.78 11.55 43.46
C ASP E 1041 47.56 12.23 42.87
N PHE E 1042 46.41 11.93 43.42
CA PHE E 1042 45.21 12.56 42.94
C PHE E 1042 44.78 13.62 43.91
N CYS E 1043 44.10 14.64 43.37
CA CYS E 1043 43.54 15.78 44.10
C CYS E 1043 44.69 16.62 44.70
N GLY E 1044 45.76 16.79 43.91
CA GLY E 1044 46.90 17.59 44.32
C GLY E 1044 47.93 16.80 45.11
N LYS E 1045 48.73 17.50 45.92
CA LYS E 1045 49.82 16.89 46.66
C LYS E 1045 49.52 16.89 48.15
N GLY E 1046 50.00 15.86 48.84
CA GLY E 1046 49.75 15.70 50.28
C GLY E 1046 48.61 14.72 50.35
N TYR E 1047 48.08 14.46 51.52
CA TYR E 1047 47.04 13.46 51.61
C TYR E 1047 45.70 14.11 51.36
N HIS E 1048 44.87 13.52 50.53
CA HIS E 1048 43.59 14.17 50.27
C HIS E 1048 42.60 14.13 51.40
N LEU E 1049 41.98 15.29 51.70
CA LEU E 1049 40.93 15.35 52.68
C LEU E 1049 39.59 15.64 52.04
N MET E 1050 39.53 16.71 51.23
CA MET E 1050 38.27 17.16 50.60
C MET E 1050 38.53 18.14 49.47
N SER E 1051 37.52 18.41 48.65
CA SER E 1051 37.70 19.42 47.61
C SER E 1051 36.41 20.10 47.25
N PHE E 1052 36.56 21.25 46.59
CA PHE E 1052 35.44 22.04 46.16
C PHE E 1052 35.66 22.48 44.71
N PRO E 1053 34.76 22.19 43.77
CA PRO E 1053 34.87 22.60 42.39
C PRO E 1053 34.47 24.04 42.28
N GLN E 1054 35.00 24.72 41.29
CA GLN E 1054 34.58 26.05 40.87
C GLN E 1054 34.55 26.04 39.32
N SER E 1055 33.56 26.68 38.71
CA SER E 1055 33.54 26.72 37.24
C SER E 1055 34.42 27.82 36.65
N ALA E 1056 34.75 27.67 35.37
CA ALA E 1056 35.53 28.65 34.63
C ALA E 1056 35.10 28.56 33.17
N PRO E 1057 35.31 29.58 32.33
CA PRO E 1057 34.97 29.48 30.93
C PRO E 1057 35.71 28.31 30.36
N HIS E 1058 35.01 27.46 29.63
CA HIS E 1058 35.58 26.29 28.98
C HIS E 1058 36.25 25.28 29.90
N GLY E 1059 35.95 25.29 31.20
CA GLY E 1059 36.60 24.33 32.07
C GLY E 1059 36.23 24.40 33.54
N VAL E 1060 36.96 23.61 34.32
CA VAL E 1060 36.73 23.50 35.76
C VAL E 1060 38.02 23.72 36.51
N VAL E 1061 37.92 24.39 37.63
CA VAL E 1061 39.06 24.59 38.48
C VAL E 1061 38.74 24.00 39.83
N PHE E 1062 39.62 23.19 40.34
CA PHE E 1062 39.34 22.58 41.62
C PHE E 1062 40.20 23.10 42.73
N LEU E 1063 39.58 23.22 43.89
CA LEU E 1063 40.28 23.58 45.10
C LEU E 1063 40.46 22.29 45.90
N HIS E 1064 41.69 21.84 46.07
CA HIS E 1064 41.94 20.57 46.73
C HIS E 1064 42.57 20.76 48.08
N VAL E 1065 41.91 20.26 49.11
CA VAL E 1065 42.35 20.42 50.48
C VAL E 1065 43.09 19.17 50.88
N THR E 1066 44.35 19.34 51.23
CA THR E 1066 45.18 18.21 51.59
C THR E 1066 45.92 18.42 52.89
N TYR E 1067 46.37 17.31 53.45
CA TYR E 1067 47.11 17.28 54.70
C TYR E 1067 48.58 16.96 54.49
N VAL E 1068 49.45 17.83 54.99
CA VAL E 1068 50.87 17.56 54.90
C VAL E 1068 51.46 17.47 56.31
N PRO E 1069 52.04 16.34 56.72
CA PRO E 1069 52.66 16.13 58.02
C PRO E 1069 53.78 17.15 58.22
N ALA E 1070 54.04 17.54 59.46
CA ALA E 1070 55.08 18.52 59.73
C ALA E 1070 55.81 18.32 61.06
N GLN E 1071 57.00 18.90 61.13
CA GLN E 1071 57.82 18.89 62.35
C GLN E 1071 58.11 17.50 62.86
N GLU E 1072 58.67 16.68 62.01
CA GLU E 1072 59.04 15.35 62.38
C GLU E 1072 60.27 15.32 63.27
N LYS E 1073 60.38 14.28 64.10
CA LYS E 1073 61.56 14.04 64.94
C LYS E 1073 61.96 12.58 64.81
N ASN E 1074 63.27 12.21 65.00
CA ASN E 1074 63.71 10.81 64.96
C ASN E 1074 63.65 10.15 66.35
N PHE E 1075 62.86 9.07 66.45
CA PHE E 1075 62.64 8.26 67.64
C PHE E 1075 63.25 6.90 67.34
N THR E 1076 63.77 6.24 68.36
CA THR E 1076 64.38 4.92 68.15
C THR E 1076 63.27 3.97 67.90
N THR E 1077 63.44 2.98 67.03
CA THR E 1077 62.33 2.07 66.82
C THR E 1077 62.67 0.60 66.82
N ALA E 1078 61.63 -0.22 67.02
CA ALA E 1078 61.76 -1.68 66.98
C ALA E 1078 60.45 -2.29 66.51
N PRO E 1079 60.46 -3.42 65.78
CA PRO E 1079 59.29 -4.14 65.29
C PRO E 1079 58.48 -4.82 66.38
N ALA E 1080 59.09 -5.03 67.55
CA ALA E 1080 58.40 -5.70 68.62
C ALA E 1080 59.04 -5.43 69.97
N ILE E 1081 58.26 -5.69 70.99
CA ILE E 1081 58.72 -5.65 72.37
C ILE E 1081 58.79 -7.07 72.93
N CYS E 1082 59.89 -7.38 73.62
CA CYS E 1082 60.15 -8.64 74.28
C CYS E 1082 59.66 -8.51 75.72
N HIS E 1083 58.68 -9.33 76.06
CA HIS E 1083 58.09 -9.20 77.39
C HIS E 1083 58.49 -10.35 78.30
N ASP E 1084 57.85 -11.50 78.14
CA ASP E 1084 58.14 -12.68 78.91
C ASP E 1084 58.76 -13.75 78.03
N GLY E 1085 59.31 -13.31 76.91
CA GLY E 1085 59.90 -14.17 75.91
C GLY E 1085 59.04 -14.16 74.65
N LYS E 1086 57.78 -13.70 74.79
CA LYS E 1086 56.90 -13.59 73.64
C LYS E 1086 57.15 -12.25 72.99
N ALA E 1087 56.85 -12.14 71.69
CA ALA E 1087 57.02 -10.88 71.00
C ALA E 1087 55.70 -10.14 70.85
N HIS E 1088 55.71 -8.88 71.22
CA HIS E 1088 54.56 -8.00 71.16
C HIS E 1088 54.72 -7.03 69.99
N PHE E 1089 53.77 -7.01 69.05
CA PHE E 1089 53.90 -6.18 67.85
C PHE E 1089 52.86 -5.07 67.89
N PRO E 1090 53.08 -3.86 67.37
CA PRO E 1090 52.10 -2.80 67.46
C PRO E 1090 50.80 -3.25 66.89
N ARG E 1091 49.71 -2.97 67.60
CA ARG E 1091 48.41 -3.31 67.07
C ARG E 1091 48.16 -2.41 65.88
N GLU E 1092 48.62 -1.17 66.04
CA GLU E 1092 48.59 -0.10 65.07
C GLU E 1092 49.75 0.80 65.42
N GLY E 1093 50.25 1.54 64.45
CA GLY E 1093 51.33 2.48 64.72
C GLY E 1093 52.68 1.79 64.79
N VAL E 1094 53.60 2.47 65.44
CA VAL E 1094 54.98 2.07 65.57
C VAL E 1094 55.45 2.13 67.04
N PHE E 1095 56.29 1.17 67.42
CA PHE E 1095 56.88 1.18 68.76
C PHE E 1095 58.18 1.91 68.69
N VAL E 1096 58.22 3.01 69.42
CA VAL E 1096 59.37 3.86 69.42
C VAL E 1096 59.82 4.26 70.79
N SER E 1097 61.01 4.82 70.87
CA SER E 1097 61.47 5.29 72.15
C SER E 1097 62.36 6.54 72.16
N ASN E 1098 62.38 7.15 73.35
CA ASN E 1098 63.25 8.23 73.77
C ASN E 1098 64.33 7.59 74.66
N GLY E 1099 65.18 8.39 75.34
CA GLY E 1099 66.29 7.88 76.18
C GLY E 1099 65.92 6.94 77.35
N THR E 1100 64.66 6.97 77.82
CA THR E 1100 64.26 6.10 78.94
C THR E 1100 63.04 5.18 78.67
N HIS E 1101 62.17 5.53 77.74
CA HIS E 1101 60.95 4.75 77.54
C HIS E 1101 60.55 4.40 76.13
N TRP E 1102 59.91 3.25 76.06
CA TRP E 1102 59.23 2.79 74.86
C TRP E 1102 57.78 3.13 75.00
N PHE E 1103 57.20 3.51 73.89
CA PHE E 1103 55.81 3.87 73.77
C PHE E 1103 55.30 3.63 72.34
N VAL E 1104 54.00 3.61 72.17
CA VAL E 1104 53.43 3.40 70.85
C VAL E 1104 52.71 4.62 70.36
N THR E 1105 52.91 4.91 69.10
CA THR E 1105 52.27 6.04 68.45
C THR E 1105 51.77 5.71 67.07
N GLN E 1106 50.70 6.37 66.66
CA GLN E 1106 50.24 6.21 65.30
C GLN E 1106 51.36 6.81 64.48
N ARG E 1107 51.55 6.30 63.27
CA ARG E 1107 52.65 6.75 62.42
C ARG E 1107 52.56 8.16 61.86
N ASN E 1108 51.36 8.66 61.56
CA ASN E 1108 51.26 9.96 60.91
C ASN E 1108 51.15 11.20 61.80
N PHE E 1109 51.14 11.03 63.12
CA PHE E 1109 51.04 12.16 64.03
C PHE E 1109 51.36 11.73 65.45
N TYR E 1110 52.47 12.21 65.97
CA TYR E 1110 52.97 11.75 67.24
C TYR E 1110 52.03 11.97 68.42
N GLU E 1111 51.76 10.88 69.08
CA GLU E 1111 50.94 10.82 70.26
C GLU E 1111 51.41 9.61 71.04
N PRO E 1112 52.40 9.74 71.91
CA PRO E 1112 53.00 8.64 72.60
C PRO E 1112 52.02 8.05 73.58
N GLN E 1113 51.91 6.73 73.62
CA GLN E 1113 51.07 6.05 74.59
C GLN E 1113 51.80 4.86 75.19
N ILE E 1114 51.46 4.50 76.41
CA ILE E 1114 52.05 3.31 77.00
C ILE E 1114 51.70 2.05 76.20
N ILE E 1115 52.69 1.19 76.02
CA ILE E 1115 52.46 -0.06 75.33
C ILE E 1115 51.84 -0.98 76.35
N THR E 1116 50.67 -1.48 76.01
CA THR E 1116 49.92 -2.33 76.89
C THR E 1116 49.60 -3.54 76.13
N THR E 1117 49.05 -4.51 76.82
CA THR E 1117 48.68 -5.76 76.20
C THR E 1117 47.53 -5.61 75.22
N ASP E 1118 46.80 -4.50 75.31
CA ASP E 1118 45.69 -4.27 74.41
C ASP E 1118 46.12 -3.42 73.22
N ASN E 1119 47.37 -3.01 73.20
CA ASN E 1119 47.90 -2.19 72.14
C ASN E 1119 48.83 -3.01 71.28
N THR E 1120 48.79 -4.33 71.47
CA THR E 1120 49.73 -5.17 70.77
C THR E 1120 49.25 -6.58 70.45
N PHE E 1121 49.80 -7.14 69.37
CA PHE E 1121 49.54 -8.51 68.97
C PHE E 1121 50.62 -9.35 69.60
N VAL E 1122 50.29 -10.54 70.10
CA VAL E 1122 51.37 -11.30 70.70
C VAL E 1122 51.54 -12.65 70.05
N SER E 1123 52.77 -12.94 69.63
CA SER E 1123 53.07 -14.20 68.98
C SER E 1123 54.55 -14.55 68.98
N GLY E 1124 54.84 -15.80 68.60
CA GLY E 1124 56.20 -16.26 68.40
C GLY E 1124 57.03 -16.11 69.66
N ASN E 1125 58.24 -15.59 69.48
CA ASN E 1125 59.13 -15.33 70.58
C ASN E 1125 60.21 -14.30 70.20
N CYS E 1126 61.05 -13.94 71.18
CA CYS E 1126 62.12 -12.96 71.08
C CYS E 1126 63.30 -13.45 70.23
N ASP E 1127 63.31 -14.74 69.90
CA ASP E 1127 64.39 -15.28 69.06
C ASP E 1127 63.96 -15.34 67.60
N VAL E 1128 62.74 -14.90 67.30
CA VAL E 1128 62.20 -14.88 65.95
C VAL E 1128 62.30 -13.50 65.36
N VAL E 1129 61.91 -12.50 66.15
CA VAL E 1129 61.90 -11.15 65.59
C VAL E 1129 63.27 -10.47 65.66
N ILE E 1130 63.75 -10.07 64.50
CA ILE E 1130 65.02 -9.40 64.43
C ILE E 1130 64.83 -7.96 64.82
N GLY E 1131 65.59 -7.50 65.80
CA GLY E 1131 65.45 -6.13 66.24
C GLY E 1131 64.53 -5.95 67.43
N ILE E 1132 64.03 -7.03 68.01
CA ILE E 1132 63.15 -6.94 69.17
C ILE E 1132 63.89 -6.37 70.38
N VAL E 1133 63.22 -5.53 71.16
CA VAL E 1133 63.86 -4.90 72.34
C VAL E 1133 63.15 -5.25 73.64
N ASN E 1134 63.84 -5.11 74.81
CA ASN E 1134 63.33 -5.41 76.16
C ASN E 1134 62.58 -4.21 76.80
N ASN E 1135 61.26 -4.37 77.05
CA ASN E 1135 60.37 -3.34 77.64
C ASN E 1135 59.16 -4.01 78.25
N THR E 1136 58.91 -3.79 79.52
CA THR E 1136 57.76 -4.44 80.12
C THR E 1136 56.48 -3.90 79.51
N VAL E 1137 55.59 -4.79 79.10
CA VAL E 1137 54.29 -4.45 78.53
C VAL E 1137 53.27 -4.36 79.65
N TYR E 1138 52.50 -3.29 79.69
CA TYR E 1138 51.54 -3.12 80.77
C TYR E 1138 50.20 -3.84 80.63
N ASP E 1139 49.82 -4.56 81.68
CA ASP E 1139 48.55 -5.26 81.73
C ASP E 1139 47.49 -4.42 82.45
N PRO E 1140 46.46 -3.89 81.77
CA PRO E 1140 45.46 -3.00 82.32
C PRO E 1140 44.56 -3.63 83.37
N LEU E 1141 44.55 -4.95 83.44
CA LEU E 1141 43.71 -5.61 84.42
C LEU E 1141 44.53 -6.09 85.59
N GLN E 1142 45.81 -5.72 85.61
CA GLN E 1142 46.72 -6.19 86.65
C GLN E 1142 46.21 -6.06 88.10
N PRO E 1143 45.54 -4.98 88.54
CA PRO E 1143 45.04 -4.84 89.89
C PRO E 1143 43.94 -5.85 90.27
N GLU E 1144 43.30 -6.46 89.24
CA GLU E 1144 42.21 -7.43 89.34
C GLU E 1144 41.03 -6.94 90.17
N LEU E 1145 40.99 -5.64 90.43
CA LEU E 1145 40.00 -5.00 91.28
C LEU E 1145 39.80 -5.76 92.62
N ASP E 1146 40.90 -6.31 93.22
CA ASP E 1146 40.91 -7.12 94.46
C ASP E 1146 42.35 -7.52 94.79
N GLN F 14 -5.79 36.15 -44.22
CA GLN F 14 -7.10 36.55 -43.75
C GLN F 14 -7.31 36.08 -42.30
N CYS F 15 -7.80 36.99 -41.43
CA CYS F 15 -8.14 36.71 -40.04
C CYS F 15 -9.23 37.66 -39.57
N VAL F 16 -9.83 37.35 -38.44
CA VAL F 16 -10.86 38.18 -37.84
C VAL F 16 -10.67 38.33 -36.32
N ASN F 17 -10.94 39.54 -35.79
CA ASN F 17 -10.99 39.83 -34.35
C ASN F 17 -12.35 39.35 -33.82
N LEU F 18 -12.36 38.57 -32.71
CA LEU F 18 -13.62 38.12 -32.08
C LEU F 18 -14.05 39.25 -31.15
N THR F 19 -15.28 39.71 -31.30
CA THR F 19 -15.78 40.89 -30.62
C THR F 19 -16.81 40.68 -29.54
N THR F 20 -17.09 39.45 -29.20
CA THR F 20 -18.12 39.14 -28.23
C THR F 20 -17.59 38.69 -26.87
N ARG F 21 -16.29 38.83 -26.67
CA ARG F 21 -15.73 38.40 -25.40
C ARG F 21 -16.07 39.30 -24.23
N THR F 22 -16.46 38.65 -23.15
CA THR F 22 -16.74 39.26 -21.86
C THR F 22 -15.42 39.52 -21.17
N GLN F 23 -15.30 40.67 -20.55
CA GLN F 23 -14.05 41.02 -19.93
C GLN F 23 -14.01 40.55 -18.50
N LEU F 24 -13.12 39.60 -18.27
CA LEU F 24 -13.00 38.92 -17.00
C LEU F 24 -11.54 38.95 -16.52
N PRO F 25 -11.27 38.94 -15.20
CA PRO F 25 -9.95 38.92 -14.59
C PRO F 25 -9.26 37.55 -14.74
N PRO F 26 -7.92 37.49 -14.60
CA PRO F 26 -7.10 36.29 -14.56
C PRO F 26 -7.28 35.56 -13.24
N ALA F 27 -7.06 34.26 -13.24
CA ALA F 27 -7.09 33.48 -12.01
C ALA F 27 -5.69 33.00 -11.72
N TYR F 28 -5.41 32.60 -10.49
CA TYR F 28 -4.09 32.09 -10.17
C TYR F 28 -4.20 30.80 -9.39
N THR F 29 -3.25 29.89 -9.57
CA THR F 29 -3.27 28.66 -8.80
C THR F 29 -1.91 28.17 -8.28
N ASN F 30 -1.98 27.09 -7.52
CA ASN F 30 -0.87 26.40 -6.86
C ASN F 30 -0.26 25.28 -7.71
N SER F 31 1.02 25.43 -8.09
CA SER F 31 1.69 24.44 -8.95
C SER F 31 2.02 23.12 -8.28
N PHE F 32 1.98 23.10 -6.96
CA PHE F 32 2.34 21.95 -6.17
C PHE F 32 3.69 21.38 -6.59
N THR F 33 3.69 20.15 -7.09
CA THR F 33 4.91 19.45 -7.45
C THR F 33 5.05 19.12 -8.93
N ARG F 34 4.32 19.83 -9.77
CA ARG F 34 4.32 19.63 -11.21
C ARG F 34 5.55 20.26 -11.89
N GLY F 35 5.82 19.90 -13.15
CA GLY F 35 6.91 20.50 -13.91
C GLY F 35 8.27 19.79 -13.84
N VAL F 36 8.28 18.62 -13.25
CA VAL F 36 9.46 17.78 -13.14
C VAL F 36 9.61 16.90 -14.37
N TYR F 37 10.83 16.71 -14.80
CA TYR F 37 11.10 15.89 -15.96
C TYR F 37 12.37 15.12 -15.81
N TYR F 38 12.52 14.08 -16.63
CA TYR F 38 13.72 13.28 -16.58
C TYR F 38 14.90 14.11 -17.08
N PRO F 39 15.94 14.34 -16.25
CA PRO F 39 17.05 15.21 -16.58
C PRO F 39 17.93 14.74 -17.72
N ASP F 40 17.94 13.45 -18.03
CA ASP F 40 18.76 13.01 -19.14
C ASP F 40 18.28 11.67 -19.67
N LYS F 41 18.90 11.20 -20.73
CA LYS F 41 18.56 9.90 -21.29
C LYS F 41 19.41 8.79 -20.70
N VAL F 42 19.34 8.67 -19.39
CA VAL F 42 20.14 7.72 -18.63
C VAL F 42 19.30 6.84 -17.74
N PHE F 43 19.56 5.54 -17.78
CA PHE F 43 18.79 4.67 -16.89
C PHE F 43 19.40 4.64 -15.51
N ARG F 44 18.62 5.00 -14.52
CA ARG F 44 19.06 5.01 -13.14
C ARG F 44 18.00 4.27 -12.40
N SER F 45 18.33 3.63 -11.29
CA SER F 45 17.30 3.01 -10.48
C SER F 45 17.73 2.85 -9.05
N SER F 46 16.73 2.72 -8.18
CA SER F 46 16.94 2.47 -6.75
C SER F 46 17.93 3.46 -6.17
N VAL F 47 17.75 4.72 -6.50
CA VAL F 47 18.72 5.72 -6.08
C VAL F 47 18.15 7.10 -5.95
N LEU F 48 18.71 7.89 -5.05
CA LEU F 48 18.33 9.28 -5.02
C LEU F 48 19.45 10.01 -5.71
N HIS F 49 19.10 10.93 -6.57
CA HIS F 49 20.09 11.66 -7.35
C HIS F 49 19.94 13.16 -7.28
N SER F 50 21.05 13.86 -7.15
CA SER F 50 21.01 15.32 -7.12
C SER F 50 21.37 15.95 -8.45
N THR F 51 20.47 16.79 -8.97
CA THR F 51 20.71 17.45 -10.25
C THR F 51 20.43 18.96 -10.19
N GLN F 52 20.75 19.64 -11.30
CA GLN F 52 20.52 21.08 -11.44
C GLN F 52 20.06 21.43 -12.84
N ASP F 53 18.95 22.18 -12.93
CA ASP F 53 18.36 22.56 -14.22
C ASP F 53 17.31 23.65 -14.00
N LEU F 54 16.67 24.10 -15.08
CA LEU F 54 15.55 25.04 -14.95
C LEU F 54 14.27 24.26 -14.81
N PHE F 55 13.62 24.41 -13.68
CA PHE F 55 12.43 23.66 -13.33
C PHE F 55 11.34 24.55 -12.86
N LEU F 56 10.11 24.08 -12.93
CA LEU F 56 9.06 24.85 -12.32
C LEU F 56 9.34 24.72 -10.83
N PRO F 57 9.45 25.79 -10.05
CA PRO F 57 9.67 25.73 -8.63
C PRO F 57 8.49 25.06 -8.00
N PHE F 58 8.69 24.40 -6.87
CA PHE F 58 7.54 23.84 -6.18
C PHE F 58 6.72 24.91 -5.52
N PHE F 59 5.41 24.69 -5.54
CA PHE F 59 4.41 25.58 -4.96
C PHE F 59 4.49 26.98 -5.54
N SER F 60 4.79 27.07 -6.82
CA SER F 60 4.89 28.31 -7.52
C SER F 60 3.51 28.88 -7.88
N ASN F 61 3.51 30.18 -8.26
CA ASN F 61 2.34 30.96 -8.71
C ASN F 61 2.13 30.77 -10.21
N VAL F 62 1.08 30.01 -10.59
CA VAL F 62 0.71 29.65 -11.95
C VAL F 62 -0.46 30.47 -12.41
N THR F 63 -0.36 31.07 -13.57
CA THR F 63 -1.47 31.86 -14.02
C THR F 63 -2.47 30.92 -14.64
N TRP F 64 -3.70 31.07 -14.23
CA TRP F 64 -4.78 30.25 -14.68
C TRP F 64 -5.66 30.94 -15.70
N PHE F 65 -5.55 30.45 -16.91
CA PHE F 65 -6.26 30.97 -18.04
C PHE F 65 -7.52 30.20 -18.13
N HIS F 66 -8.38 30.47 -17.17
CA HIS F 66 -9.61 29.75 -17.17
C HIS F 66 -10.19 30.18 -18.48
N ALA F 67 -10.64 29.24 -19.29
CA ALA F 67 -11.13 29.65 -20.58
C ALA F 67 -12.44 29.02 -20.94
N ILE F 68 -13.23 28.58 -19.98
CA ILE F 68 -14.51 28.01 -20.39
C ILE F 68 -15.57 28.87 -19.79
N HIS F 69 -15.97 29.89 -20.52
CA HIS F 69 -16.88 30.87 -19.95
C HIS F 69 -18.12 31.00 -20.80
N VAL F 70 -18.37 30.00 -21.59
CA VAL F 70 -19.48 29.99 -22.51
C VAL F 70 -20.87 30.13 -21.87
N SER F 71 -20.99 29.78 -20.60
CA SER F 71 -22.21 29.77 -19.82
C SER F 71 -22.87 31.08 -19.42
N GLY F 72 -24.16 30.92 -19.04
CA GLY F 72 -24.99 31.98 -18.46
C GLY F 72 -25.85 32.79 -19.41
N THR F 73 -26.94 33.37 -18.86
CA THR F 73 -27.84 34.24 -19.61
C THR F 73 -27.07 35.50 -19.93
N ASN F 74 -26.39 35.98 -18.90
CA ASN F 74 -25.51 37.13 -19.01
C ASN F 74 -24.21 36.46 -19.33
N GLY F 75 -24.03 36.10 -20.60
CA GLY F 75 -22.96 35.21 -20.95
C GLY F 75 -21.59 35.79 -20.68
N THR F 76 -20.71 34.90 -20.29
CA THR F 76 -19.34 35.23 -20.01
C THR F 76 -18.35 34.74 -21.05
N LYS F 77 -18.85 34.40 -22.24
CA LYS F 77 -18.00 33.82 -23.28
C LYS F 77 -16.69 34.58 -23.38
N ARG F 78 -15.61 33.83 -23.30
CA ARG F 78 -14.26 34.30 -23.37
C ARG F 78 -13.44 33.25 -24.08
N PHE F 79 -12.62 33.68 -24.99
CA PHE F 79 -11.74 32.82 -25.73
C PHE F 79 -10.39 33.38 -25.48
N ASP F 80 -9.74 32.88 -24.45
CA ASP F 80 -8.54 33.52 -23.97
C ASP F 80 -7.27 33.00 -24.64
N ASN F 81 -6.66 33.83 -25.49
CA ASN F 81 -5.45 33.50 -26.23
C ASN F 81 -4.42 34.64 -26.24
N PRO F 82 -4.03 35.19 -25.08
CA PRO F 82 -3.12 36.29 -24.89
C PRO F 82 -1.70 35.92 -25.16
N VAL F 83 -0.89 36.93 -25.38
CA VAL F 83 0.53 36.74 -25.51
C VAL F 83 1.16 36.85 -24.14
N LEU F 84 1.93 35.85 -23.80
CA LEU F 84 2.58 35.74 -22.53
C LEU F 84 4.09 35.76 -22.73
N PRO F 85 4.89 36.19 -21.75
CA PRO F 85 6.34 36.17 -21.83
C PRO F 85 6.84 34.75 -21.78
N PHE F 86 8.01 34.51 -22.33
CA PHE F 86 8.63 33.20 -22.28
C PHE F 86 9.59 33.06 -21.11
N ASN F 87 10.22 34.17 -20.77
CA ASN F 87 11.22 34.25 -19.73
C ASN F 87 12.35 33.24 -19.94
N ASP F 88 12.60 32.37 -18.95
CA ASP F 88 13.69 31.42 -19.05
C ASP F 88 13.24 30.06 -19.51
N GLY F 89 11.99 29.95 -19.85
CA GLY F 89 11.42 28.69 -20.24
C GLY F 89 10.03 28.64 -19.67
N VAL F 90 9.20 27.86 -20.31
CA VAL F 90 7.81 27.82 -19.94
C VAL F 90 7.22 26.51 -19.53
N TYR F 91 6.53 26.57 -18.41
CA TYR F 91 5.79 25.44 -17.97
C TYR F 91 4.40 25.59 -18.51
N PHE F 92 3.92 24.59 -19.20
CA PHE F 92 2.59 24.71 -19.75
C PHE F 92 1.81 23.50 -19.42
N ALA F 93 0.58 23.70 -19.04
CA ALA F 93 -0.23 22.54 -18.79
C ALA F 93 -1.64 22.85 -19.15
N SER F 94 -2.36 21.83 -19.53
CA SER F 94 -3.75 22.04 -19.79
C SER F 94 -4.63 20.88 -19.45
N THR F 95 -5.89 21.20 -19.24
CA THR F 95 -6.90 20.21 -18.99
C THR F 95 -7.99 20.41 -20.02
N GLU F 96 -8.37 19.34 -20.68
CA GLU F 96 -9.43 19.45 -21.66
C GLU F 96 -10.26 18.20 -21.79
N LYS F 97 -11.46 18.38 -22.30
CA LYS F 97 -12.27 17.22 -22.62
C LYS F 97 -12.43 16.99 -24.12
N SER F 98 -12.25 18.03 -24.95
CA SER F 98 -12.51 17.87 -26.39
C SER F 98 -11.45 18.40 -27.37
N ASN F 99 -10.16 18.21 -27.11
CA ASN F 99 -9.12 18.62 -28.09
C ASN F 99 -9.20 20.05 -28.64
N ILE F 100 -9.26 21.02 -27.75
CA ILE F 100 -9.36 22.43 -28.07
C ILE F 100 -8.02 23.13 -28.09
N ILE F 101 -7.15 22.76 -27.16
CA ILE F 101 -5.88 23.44 -27.07
C ILE F 101 -4.96 22.74 -28.04
N ARG F 102 -4.63 23.45 -29.12
CA ARG F 102 -3.95 22.81 -30.22
C ARG F 102 -2.59 23.30 -30.60
N GLY F 103 -2.15 24.41 -30.07
CA GLY F 103 -0.84 24.83 -30.52
C GLY F 103 -0.28 26.04 -29.86
N TRP F 104 0.90 26.41 -30.32
CA TRP F 104 1.59 27.54 -29.77
C TRP F 104 2.38 28.33 -30.80
N ILE F 105 2.56 29.60 -30.53
CA ILE F 105 3.46 30.37 -31.35
C ILE F 105 4.60 30.83 -30.46
N PHE F 106 5.83 30.55 -30.83
CA PHE F 106 6.98 30.99 -30.05
C PHE F 106 7.87 31.96 -30.83
N GLY F 107 8.19 33.12 -30.26
CA GLY F 107 9.05 34.05 -30.99
C GLY F 107 9.38 35.36 -30.28
N THR F 108 9.98 36.27 -31.06
CA THR F 108 10.47 37.58 -30.66
C THR F 108 9.40 38.63 -30.39
N THR F 109 8.72 39.02 -31.47
CA THR F 109 7.64 39.97 -31.51
C THR F 109 6.37 39.30 -32.00
N LEU F 110 6.49 38.05 -32.41
CA LEU F 110 5.41 37.28 -33.01
C LEU F 110 4.87 38.07 -34.17
N ASP F 111 5.77 38.55 -35.02
CA ASP F 111 5.36 39.34 -36.16
C ASP F 111 6.21 39.01 -37.38
N SER F 112 5.91 39.66 -38.49
CA SER F 112 6.53 39.40 -39.78
C SER F 112 7.96 39.86 -39.93
N LYS F 113 8.41 40.66 -38.99
CA LYS F 113 9.76 41.17 -39.06
C LYS F 113 10.84 40.10 -38.89
N THR F 114 10.57 39.05 -38.11
CA THR F 114 11.60 38.04 -37.90
C THR F 114 11.03 36.64 -38.00
N GLN F 115 11.90 35.64 -38.03
CA GLN F 115 11.40 34.27 -38.04
C GLN F 115 10.89 33.88 -36.68
N SER F 116 9.86 33.05 -36.65
CA SER F 116 9.30 32.53 -35.42
C SER F 116 8.76 31.13 -35.65
N LEU F 117 8.51 30.43 -34.56
CA LEU F 117 8.06 29.05 -34.54
C LEU F 117 6.59 28.80 -34.32
N LEU F 118 5.96 28.16 -35.29
CA LEU F 118 4.55 27.83 -35.19
C LEU F 118 4.32 26.33 -35.08
N ILE F 119 3.73 25.90 -33.97
CA ILE F 119 3.43 24.49 -33.76
C ILE F 119 1.95 24.26 -33.66
N VAL F 120 1.37 23.54 -34.63
CA VAL F 120 -0.06 23.31 -34.58
C VAL F 120 -0.52 21.88 -34.81
N ASN F 121 -1.35 21.41 -33.89
CA ASN F 121 -1.99 20.12 -34.03
C ASN F 121 -3.36 20.38 -34.66
N ASN F 122 -3.48 20.20 -35.99
CA ASN F 122 -4.69 20.50 -36.77
C ASN F 122 -5.38 19.17 -37.07
N ALA F 123 -6.64 19.16 -37.58
CA ALA F 123 -7.25 17.86 -37.92
C ALA F 123 -6.40 17.14 -38.96
N THR F 124 -6.14 15.89 -38.62
CA THR F 124 -5.36 14.88 -39.32
C THR F 124 -3.85 15.03 -39.32
N ASN F 125 -3.26 16.12 -38.81
CA ASN F 125 -1.81 16.11 -38.85
C ASN F 125 -1.16 17.07 -37.83
N VAL F 126 0.16 17.09 -37.77
CA VAL F 126 0.90 18.01 -36.94
C VAL F 126 1.94 18.68 -37.77
N VAL F 127 1.92 19.99 -37.73
CA VAL F 127 2.86 20.73 -38.53
C VAL F 127 3.67 21.70 -37.72
N ILE F 128 4.97 21.67 -37.96
CA ILE F 128 5.87 22.60 -37.32
C ILE F 128 6.66 23.36 -38.36
N LYS F 129 6.56 24.69 -38.32
CA LYS F 129 7.33 25.51 -39.26
C LYS F 129 7.96 26.70 -38.61
N VAL F 130 9.11 27.11 -39.13
CA VAL F 130 9.72 28.34 -38.67
C VAL F 130 9.78 29.33 -39.85
N CYS F 131 9.01 30.45 -39.78
CA CYS F 131 8.83 31.37 -40.90
C CYS F 131 8.68 32.79 -40.41
N GLU F 132 8.75 33.71 -41.35
CA GLU F 132 8.46 35.09 -41.08
C GLU F 132 6.98 35.18 -41.28
N PHE F 133 6.23 34.86 -40.23
CA PHE F 133 4.79 34.79 -40.32
C PHE F 133 4.17 36.11 -40.01
N GLN F 134 3.13 36.46 -40.74
CA GLN F 134 2.38 37.63 -40.39
C GLN F 134 1.21 37.12 -39.64
N PHE F 135 1.35 37.16 -38.34
CA PHE F 135 0.37 36.61 -37.44
C PHE F 135 -0.78 37.55 -37.23
N CYS F 136 -1.94 36.95 -36.93
CA CYS F 136 -3.18 37.59 -36.53
C CYS F 136 -3.05 38.01 -35.07
N ASN F 137 -3.60 39.17 -34.74
CA ASN F 137 -3.63 39.65 -33.36
C ASN F 137 -4.48 38.75 -32.47
N ASP F 138 -5.43 38.07 -33.07
CA ASP F 138 -6.38 37.21 -32.40
C ASP F 138 -6.53 35.92 -33.20
N PRO F 139 -5.49 35.06 -33.24
CA PRO F 139 -5.45 33.88 -34.05
C PRO F 139 -6.35 32.82 -33.50
N PHE F 140 -6.91 32.00 -34.38
CA PHE F 140 -7.68 30.84 -33.95
C PHE F 140 -7.86 29.78 -35.00
N LEU F 141 -8.26 28.61 -34.52
CA LEU F 141 -8.61 27.45 -35.32
C LEU F 141 -10.10 27.19 -35.12
N GLY F 142 -10.76 26.41 -35.97
CA GLY F 142 -12.15 26.11 -35.60
C GLY F 142 -12.93 25.06 -36.40
N VAL F 143 -13.97 24.58 -35.71
CA VAL F 143 -14.87 23.55 -36.19
C VAL F 143 -16.28 24.11 -36.27
N TYR F 144 -16.91 23.92 -37.42
CA TYR F 144 -18.24 24.46 -37.67
C TYR F 144 -19.34 23.53 -38.07
N TYR F 145 -19.06 22.61 -38.96
CA TYR F 145 -20.17 21.89 -39.53
C TYR F 145 -20.98 21.06 -38.57
N HIS F 146 -22.32 21.20 -38.70
CA HIS F 146 -23.34 20.42 -37.99
C HIS F 146 -24.63 20.38 -38.85
N LYS F 147 -25.64 19.65 -38.36
CA LYS F 147 -27.03 19.46 -38.86
C LYS F 147 -27.32 18.42 -39.95
N ASN F 148 -26.69 18.48 -41.11
CA ASN F 148 -27.05 17.50 -42.17
C ASN F 148 -26.73 16.02 -41.85
N ASN F 149 -25.66 15.81 -41.08
CA ASN F 149 -25.13 14.60 -40.50
C ASN F 149 -24.54 15.08 -39.18
N LYS F 150 -24.38 14.19 -38.19
CA LYS F 150 -23.89 14.57 -36.85
C LYS F 150 -22.38 14.61 -36.69
N SER F 151 -21.65 14.26 -37.73
CA SER F 151 -20.21 14.32 -37.65
C SER F 151 -19.84 15.78 -37.56
N TRP F 152 -18.81 16.09 -36.81
CA TRP F 152 -18.36 17.47 -36.75
C TRP F 152 -17.32 17.66 -37.80
N MET F 153 -17.29 18.80 -38.46
CA MET F 153 -16.19 18.97 -39.41
C MET F 153 -15.45 20.30 -39.25
N GLU F 154 -14.13 20.14 -39.31
CA GLU F 154 -13.11 21.20 -39.18
C GLU F 154 -12.78 21.87 -40.47
N SER F 155 -12.82 23.19 -40.47
CA SER F 155 -12.51 23.91 -41.69
C SER F 155 -11.82 25.25 -41.50
N GLU F 156 -11.71 25.75 -40.27
CA GLU F 156 -11.14 27.08 -40.11
C GLU F 156 -9.71 27.05 -39.61
N PHE F 157 -8.89 27.89 -40.23
CA PHE F 157 -7.52 28.11 -39.85
C PHE F 157 -7.19 29.57 -40.08
N ARG F 158 -7.18 30.35 -39.01
CA ARG F 158 -6.92 31.77 -39.12
C ARG F 158 -5.87 32.16 -38.11
N VAL F 159 -4.64 31.78 -38.38
CA VAL F 159 -3.55 32.01 -37.44
C VAL F 159 -2.68 33.13 -37.95
N TYR F 160 -2.38 33.09 -39.23
CA TYR F 160 -1.54 34.06 -39.87
C TYR F 160 -2.12 34.34 -41.24
N SER F 161 -1.84 35.53 -41.76
CA SER F 161 -2.31 35.88 -43.09
C SER F 161 -1.28 35.54 -44.13
N SER F 162 -0.03 35.51 -43.73
CA SER F 162 1.03 35.20 -44.68
C SER F 162 2.26 34.67 -44.02
N ALA F 163 3.16 34.10 -44.81
CA ALA F 163 4.43 33.69 -44.28
C ALA F 163 5.45 33.60 -45.39
N ASN F 164 6.70 33.82 -45.06
CA ASN F 164 7.77 33.61 -46.02
C ASN F 164 9.05 33.15 -45.31
N ASN F 165 10.14 32.88 -46.08
CA ASN F 165 11.47 32.47 -45.58
C ASN F 165 11.38 31.28 -44.60
N CYS F 166 10.58 30.27 -44.96
CA CYS F 166 10.34 29.09 -44.14
C CYS F 166 11.49 28.10 -44.15
N THR F 167 11.81 27.67 -42.94
CA THR F 167 12.82 26.68 -42.66
C THR F 167 12.28 25.66 -41.68
N PHE F 168 13.06 24.62 -41.44
CA PHE F 168 12.69 23.57 -40.51
C PHE F 168 11.27 23.09 -40.76
N GLU F 169 10.95 22.76 -42.00
CA GLU F 169 9.59 22.35 -42.24
C GLU F 169 9.34 20.89 -41.95
N TYR F 170 8.52 20.65 -40.94
CA TYR F 170 8.19 19.32 -40.50
C TYR F 170 6.72 19.01 -40.59
N VAL F 171 6.42 17.91 -41.22
CA VAL F 171 5.04 17.48 -41.31
C VAL F 171 4.98 16.04 -40.84
N SER F 172 4.07 15.75 -39.92
CA SER F 172 3.91 14.42 -39.38
C SER F 172 3.02 13.57 -40.29
N GLN F 173 2.62 12.42 -39.79
CA GLN F 173 1.85 11.52 -40.63
C GLN F 173 0.37 11.73 -40.41
N PRO F 174 -0.48 11.42 -41.40
CA PRO F 174 -1.92 11.49 -41.31
C PRO F 174 -2.51 10.63 -40.20
N PHE F 175 -3.54 11.17 -39.57
CA PHE F 175 -4.31 10.52 -38.51
C PHE F 175 -5.71 11.09 -38.45
N LEU F 176 -6.54 10.57 -37.56
CA LEU F 176 -7.88 11.11 -37.40
C LEU F 176 -7.97 11.81 -36.06
N MET F 177 -8.78 12.85 -35.98
CA MET F 177 -8.92 13.58 -34.72
C MET F 177 -10.38 13.60 -34.25
N ASP F 178 -10.56 13.48 -32.93
CA ASP F 178 -11.87 13.54 -32.30
C ASP F 178 -12.31 14.99 -32.07
N LEU F 179 -13.30 15.44 -32.82
CA LEU F 179 -13.74 16.83 -32.76
C LEU F 179 -14.98 17.09 -31.90
N GLU F 180 -15.72 16.06 -31.52
CA GLU F 180 -17.00 16.28 -30.85
C GLU F 180 -16.86 16.84 -29.44
N GLY F 181 -17.69 17.83 -29.13
CA GLY F 181 -17.72 18.46 -27.82
C GLY F 181 -18.34 17.52 -26.82
N LYS F 182 -17.92 17.60 -25.58
CA LYS F 182 -18.42 16.72 -24.55
C LYS F 182 -18.82 17.44 -23.29
N GLN F 183 -19.70 16.80 -22.53
CA GLN F 183 -20.13 17.21 -21.22
C GLN F 183 -19.34 16.40 -20.22
N GLY F 184 -19.57 16.61 -18.93
CA GLY F 184 -18.86 15.83 -17.91
C GLY F 184 -17.55 16.47 -17.51
N ASN F 185 -16.66 15.68 -16.91
CA ASN F 185 -15.43 16.19 -16.35
C ASN F 185 -14.33 16.31 -17.38
N PHE F 186 -13.18 16.79 -16.97
CA PHE F 186 -12.04 16.89 -17.84
C PHE F 186 -11.47 15.51 -17.94
N LYS F 187 -10.95 15.12 -19.11
CA LYS F 187 -10.43 13.78 -19.27
C LYS F 187 -8.94 13.69 -19.56
N ASN F 188 -8.38 14.73 -20.17
CA ASN F 188 -7.01 14.68 -20.62
C ASN F 188 -6.10 15.74 -20.04
N LEU F 189 -5.09 15.31 -19.29
CA LEU F 189 -4.12 16.22 -18.73
C LEU F 189 -2.91 16.18 -19.61
N ARG F 190 -2.57 17.31 -20.19
CA ARG F 190 -1.46 17.36 -21.10
C ARG F 190 -0.40 18.28 -20.52
N GLU F 191 0.69 17.71 -20.02
CA GLU F 191 1.68 18.53 -19.35
C GLU F 191 2.94 18.64 -20.19
N PHE F 192 3.44 19.86 -20.35
CA PHE F 192 4.63 20.15 -21.13
C PHE F 192 5.64 21.10 -20.50
N VAL F 193 6.89 20.91 -20.88
CA VAL F 193 7.94 21.87 -20.56
C VAL F 193 8.64 22.32 -21.84
N PHE F 194 8.68 23.63 -22.06
CA PHE F 194 9.29 24.23 -23.24
C PHE F 194 10.54 25.06 -22.91
N LYS F 195 11.69 24.68 -23.46
CA LYS F 195 12.94 25.40 -23.16
C LYS F 195 13.66 25.81 -24.42
N ASN F 196 14.35 26.96 -24.40
CA ASN F 196 15.07 27.40 -25.59
C ASN F 196 16.54 27.61 -25.31
N ILE F 197 17.34 26.57 -25.52
CA ILE F 197 18.74 26.62 -25.13
C ILE F 197 19.74 26.26 -26.23
N ASP F 198 20.65 27.18 -26.50
CA ASP F 198 21.76 26.96 -27.42
C ASP F 198 21.39 26.38 -28.79
N GLY F 199 20.35 26.90 -29.40
CA GLY F 199 19.94 26.42 -30.70
C GLY F 199 18.81 25.40 -30.65
N TYR F 200 18.48 24.88 -29.48
CA TYR F 200 17.40 23.92 -29.44
C TYR F 200 16.17 24.30 -28.68
N PHE F 201 15.04 23.93 -29.26
CA PHE F 201 13.80 24.13 -28.59
C PHE F 201 13.41 22.76 -28.10
N LYS F 202 13.56 22.59 -26.80
CA LYS F 202 13.38 21.30 -26.19
C LYS F 202 11.99 21.20 -25.63
N ILE F 203 11.31 20.11 -25.96
CA ILE F 203 9.97 19.96 -25.46
C ILE F 203 9.86 18.64 -24.74
N TYR F 204 9.39 18.67 -23.50
CA TYR F 204 9.18 17.46 -22.71
C TYR F 204 7.71 17.26 -22.54
N SER F 205 7.22 16.02 -22.42
CA SER F 205 5.79 15.86 -22.18
C SER F 205 5.33 14.57 -21.52
N LYS F 206 4.09 14.61 -21.02
CA LYS F 206 3.38 13.46 -20.48
C LYS F 206 1.87 13.61 -20.66
N HIS F 207 1.20 12.53 -21.03
CA HIS F 207 -0.25 12.52 -21.17
C HIS F 207 -0.88 11.62 -20.11
N THR F 208 -1.64 12.22 -19.19
CA THR F 208 -2.23 11.49 -18.07
C THR F 208 -3.76 11.59 -18.03
N PRO F 209 -4.50 10.48 -17.86
CA PRO F 209 -5.94 10.49 -17.65
C PRO F 209 -6.32 11.20 -16.37
N ILE F 210 -7.36 12.02 -16.44
CA ILE F 210 -7.92 12.75 -15.32
C ILE F 210 -9.43 12.66 -15.29
N ASN F 211 -10.03 13.00 -14.16
CA ASN F 211 -11.48 13.09 -14.05
C ASN F 211 -11.84 14.26 -13.15
N LEU F 212 -11.17 15.39 -13.33
CA LEU F 212 -11.35 16.56 -12.48
C LEU F 212 -12.38 17.52 -12.99
N VAL F 213 -12.86 18.37 -12.10
CA VAL F 213 -13.83 19.37 -12.50
C VAL F 213 -13.31 20.80 -12.65
N ARG F 214 -12.47 21.28 -11.72
CA ARG F 214 -12.13 22.70 -11.75
C ARG F 214 -10.71 23.17 -12.03
N ASP F 215 -9.68 22.47 -11.56
CA ASP F 215 -8.32 23.05 -11.64
C ASP F 215 -7.22 22.01 -11.82
N LEU F 216 -5.97 22.45 -11.91
CA LEU F 216 -4.88 21.51 -12.06
C LEU F 216 -4.92 20.52 -10.91
N PRO F 217 -4.82 19.23 -11.19
CA PRO F 217 -4.83 18.21 -10.19
C PRO F 217 -3.55 18.25 -9.41
N GLN F 218 -3.62 17.89 -8.15
CA GLN F 218 -2.45 17.73 -7.34
C GLN F 218 -1.89 16.35 -7.60
N GLY F 219 -0.58 16.23 -7.74
CA GLY F 219 0.03 14.95 -7.98
C GLY F 219 1.41 15.13 -8.56
N PHE F 220 2.09 14.03 -8.83
CA PHE F 220 3.44 14.08 -9.33
C PHE F 220 3.72 13.07 -10.41
N SER F 221 4.45 13.48 -11.42
CA SER F 221 4.94 12.61 -12.46
C SER F 221 6.09 13.34 -13.09
N ALA F 222 6.94 12.64 -13.83
CA ALA F 222 7.99 13.34 -14.56
C ALA F 222 7.74 13.22 -16.06
N LEU F 223 8.08 14.26 -16.80
CA LEU F 223 7.89 14.28 -18.24
C LEU F 223 9.06 13.64 -18.99
N GLU F 224 8.75 13.05 -20.14
CA GLU F 224 9.79 12.40 -20.90
C GLU F 224 10.34 13.32 -21.99
N PRO F 225 11.59 13.12 -22.46
CA PRO F 225 12.27 13.93 -23.44
C PRO F 225 11.53 14.24 -24.71
N LEU F 226 10.69 13.36 -25.21
CA LEU F 226 9.98 13.69 -26.44
C LEU F 226 10.93 14.18 -27.56
N VAL F 227 11.06 15.51 -27.77
CA VAL F 227 11.88 15.99 -28.89
C VAL F 227 12.83 17.17 -28.62
N ASP F 228 13.88 17.22 -29.46
CA ASP F 228 14.82 18.34 -29.50
C ASP F 228 14.80 19.01 -30.87
N LEU F 229 14.25 20.22 -30.97
CA LEU F 229 14.15 20.82 -32.29
C LEU F 229 15.32 21.77 -32.54
N PRO F 230 16.16 21.58 -33.56
CA PRO F 230 17.33 22.36 -33.89
C PRO F 230 16.98 23.67 -34.58
N ILE F 231 16.31 24.52 -33.84
CA ILE F 231 15.84 25.78 -34.36
C ILE F 231 16.54 26.96 -33.70
N GLY F 232 17.37 27.65 -34.45
CA GLY F 232 18.17 28.76 -33.95
C GLY F 232 17.44 30.10 -33.86
N ILE F 233 16.37 30.17 -33.07
CA ILE F 233 15.64 31.43 -33.00
C ILE F 233 15.56 31.94 -31.55
N ASN F 234 15.28 33.25 -31.41
CA ASN F 234 15.13 33.98 -30.16
C ASN F 234 13.64 34.02 -29.73
N ILE F 235 13.28 33.26 -28.68
CA ILE F 235 11.91 33.17 -28.17
C ILE F 235 11.83 33.98 -26.91
N THR F 236 11.02 35.03 -26.95
CA THR F 236 10.92 35.95 -25.86
C THR F 236 9.54 35.94 -25.26
N ARG F 237 8.57 35.54 -26.07
CA ARG F 237 7.16 35.50 -25.73
C ARG F 237 6.49 34.41 -26.54
N PHE F 238 5.29 34.01 -26.12
CA PHE F 238 4.57 33.02 -26.87
C PHE F 238 3.07 33.20 -26.76
N GLN F 239 2.34 32.56 -27.66
CA GLN F 239 0.89 32.66 -27.65
C GLN F 239 0.23 31.29 -27.76
N THR F 240 -0.85 31.07 -27.01
CA THR F 240 -1.56 29.78 -27.03
C THR F 240 -2.66 29.78 -28.10
N LEU F 241 -2.69 28.72 -28.90
CA LEU F 241 -3.68 28.57 -29.96
C LEU F 241 -4.80 27.61 -29.59
N LEU F 242 -6.01 28.17 -29.58
CA LEU F 242 -7.21 27.45 -29.24
C LEU F 242 -8.14 27.33 -30.43
N ALA F 243 -8.93 26.26 -30.48
CA ALA F 243 -9.98 26.16 -31.47
C ALA F 243 -11.33 26.68 -30.94
N LEU F 244 -12.14 27.22 -31.84
CA LEU F 244 -13.52 27.64 -31.58
C LEU F 244 -14.54 26.60 -31.93
N HIS F 245 -15.67 26.69 -31.25
CA HIS F 245 -16.80 25.88 -31.63
C HIS F 245 -17.82 26.76 -32.30
N ARG F 246 -18.17 26.42 -33.52
CA ARG F 246 -19.13 27.19 -34.26
C ARG F 246 -20.19 26.23 -34.70
N SER F 247 -21.41 26.70 -34.86
CA SER F 247 -22.49 25.84 -35.29
C SER F 247 -23.67 26.67 -35.72
N TYR F 248 -24.67 26.00 -36.23
CA TYR F 248 -25.96 26.55 -36.62
C TYR F 248 -26.70 27.16 -35.42
N LEU F 249 -26.33 26.72 -34.23
CA LEU F 249 -26.97 27.08 -32.99
C LEU F 249 -26.52 28.44 -32.51
N THR F 250 -25.40 28.93 -33.02
CA THR F 250 -24.83 30.20 -32.60
C THR F 250 -24.56 31.08 -33.82
N PRO F 251 -25.57 31.76 -34.35
CA PRO F 251 -25.49 32.56 -35.56
C PRO F 251 -24.72 33.83 -35.28
N GLY F 252 -24.17 34.40 -36.33
CA GLY F 252 -23.47 35.67 -36.29
C GLY F 252 -22.43 35.66 -37.40
N ASP F 253 -21.73 36.76 -37.59
CA ASP F 253 -20.72 36.79 -38.63
C ASP F 253 -19.46 36.23 -38.02
N SER F 254 -18.35 36.29 -38.72
CA SER F 254 -17.14 35.64 -38.24
C SER F 254 -16.57 36.20 -36.92
N SER F 255 -17.01 37.37 -36.49
CA SER F 255 -16.53 37.97 -35.25
C SER F 255 -17.42 37.63 -34.05
N SER F 256 -18.62 37.10 -34.32
CA SER F 256 -19.58 36.90 -33.24
C SER F 256 -20.27 35.55 -33.18
N GLY F 257 -20.35 34.85 -34.29
CA GLY F 257 -21.09 33.60 -34.37
C GLY F 257 -20.28 32.42 -33.87
N TRP F 258 -19.91 32.45 -32.59
CA TRP F 258 -19.08 31.39 -32.01
C TRP F 258 -19.26 31.21 -30.52
N THR F 259 -18.86 30.05 -30.02
CA THR F 259 -18.83 29.78 -28.60
C THR F 259 -17.46 29.27 -28.18
N ALA F 260 -17.18 29.40 -26.90
CA ALA F 260 -15.97 28.85 -26.32
C ALA F 260 -16.18 27.37 -26.19
N GLY F 261 -15.11 26.60 -26.26
CA GLY F 261 -15.26 25.18 -26.07
C GLY F 261 -14.87 24.78 -24.65
N ALA F 262 -14.94 23.50 -24.38
CA ALA F 262 -14.65 22.96 -23.06
C ALA F 262 -13.17 22.65 -22.77
N ALA F 263 -12.35 23.69 -22.67
CA ALA F 263 -10.93 23.54 -22.30
C ALA F 263 -10.36 24.76 -21.60
N ALA F 264 -9.32 24.55 -20.78
CA ALA F 264 -8.63 25.65 -20.08
C ALA F 264 -7.15 25.33 -19.88
N TYR F 265 -6.32 26.36 -19.62
CA TYR F 265 -4.89 26.10 -19.47
C TYR F 265 -4.16 26.96 -18.45
N TYR F 266 -2.96 26.50 -18.13
CA TYR F 266 -2.12 27.09 -17.11
C TYR F 266 -0.71 27.41 -17.58
N VAL F 267 -0.16 28.52 -17.09
CA VAL F 267 1.23 28.85 -17.42
C VAL F 267 2.06 29.22 -16.21
N GLY F 268 3.22 28.58 -16.09
CA GLY F 268 4.16 28.87 -15.03
C GLY F 268 5.53 29.14 -15.63
N TYR F 269 6.51 29.44 -14.81
CA TYR F 269 7.84 29.70 -15.38
C TYR F 269 8.91 28.92 -14.70
N LEU F 270 9.93 28.60 -15.47
CA LEU F 270 11.02 27.83 -14.94
C LEU F 270 12.08 28.72 -14.32
N GLN F 271 12.74 28.23 -13.30
CA GLN F 271 13.84 28.92 -12.65
C GLN F 271 14.94 27.92 -12.36
N PRO F 272 16.21 28.31 -12.28
CA PRO F 272 17.25 27.41 -11.91
C PRO F 272 17.06 26.95 -10.48
N ARG F 273 17.13 25.65 -10.32
CA ARG F 273 16.96 24.98 -9.06
C ARG F 273 17.75 23.71 -8.99
N THR F 274 17.98 23.26 -7.78
CA THR F 274 18.57 21.96 -7.61
C THR F 274 17.51 21.11 -6.96
N PHE F 275 17.52 19.86 -7.35
CA PHE F 275 16.59 18.86 -6.87
C PHE F 275 17.17 17.55 -6.48
N LEU F 276 16.51 16.96 -5.51
CA LEU F 276 16.80 15.59 -5.15
C LEU F 276 15.72 14.76 -5.82
N LEU F 277 16.07 13.90 -6.74
CA LEU F 277 15.07 13.13 -7.44
C LEU F 277 15.11 11.68 -7.04
N LYS F 278 13.95 11.11 -6.78
CA LYS F 278 13.85 9.72 -6.37
C LYS F 278 13.46 8.77 -7.46
N TYR F 279 14.39 7.88 -7.81
CA TYR F 279 14.19 6.86 -8.82
C TYR F 279 13.88 5.54 -8.13
N ASN F 280 12.77 4.93 -8.51
CA ASN F 280 12.39 3.69 -7.88
C ASN F 280 13.14 2.53 -8.51
N GLU F 281 12.78 1.33 -8.14
CA GLU F 281 13.48 0.14 -8.62
C GLU F 281 13.45 -0.10 -10.15
N ASN F 282 12.47 0.48 -10.89
CA ASN F 282 12.32 0.39 -12.34
C ASN F 282 12.82 1.66 -13.05
N GLY F 283 13.47 2.60 -12.33
CA GLY F 283 14.00 3.84 -12.84
C GLY F 283 12.97 4.92 -13.10
N THR F 284 11.84 4.83 -12.43
CA THR F 284 10.81 5.82 -12.62
C THR F 284 10.96 6.87 -11.55
N ILE F 285 10.87 8.13 -11.93
CA ILE F 285 10.97 9.13 -10.89
C ILE F 285 9.62 9.15 -10.23
N THR F 286 9.62 8.93 -8.93
CA THR F 286 8.37 8.88 -8.21
C THR F 286 8.24 10.05 -7.26
N ASP F 287 9.35 10.68 -6.92
CA ASP F 287 9.24 11.83 -6.04
C ASP F 287 10.34 12.84 -6.28
N ALA F 288 10.30 13.98 -5.56
CA ALA F 288 11.34 15.00 -5.69
C ALA F 288 11.36 16.00 -4.53
N VAL F 289 12.54 16.57 -4.27
CA VAL F 289 12.66 17.67 -3.30
C VAL F 289 13.21 18.92 -3.96
N ASP F 290 12.48 20.02 -3.81
CA ASP F 290 12.94 21.32 -4.32
C ASP F 290 13.81 21.90 -3.23
N CYS F 291 15.13 21.90 -3.43
CA CYS F 291 16.15 22.22 -2.43
C CYS F 291 16.10 23.68 -2.00
N ALA F 292 15.41 24.51 -2.79
CA ALA F 292 15.32 25.93 -2.50
C ALA F 292 13.95 26.33 -2.00
N LEU F 293 13.08 25.36 -1.78
CA LEU F 293 11.71 25.67 -1.37
C LEU F 293 11.61 26.25 0.02
N ASP F 294 12.42 25.74 0.93
CA ASP F 294 12.39 26.11 2.33
C ASP F 294 13.54 25.40 3.07
N PRO F 295 13.91 25.81 4.30
CA PRO F 295 14.90 25.20 5.16
C PRO F 295 14.73 23.70 5.43
N LEU F 296 13.51 23.18 5.45
CA LEU F 296 13.39 21.75 5.68
C LEU F 296 13.84 20.99 4.43
N SER F 297 13.45 21.50 3.26
CA SER F 297 13.83 20.88 2.02
C SER F 297 15.33 20.95 1.84
N GLU F 298 15.93 22.06 2.27
CA GLU F 298 17.37 22.15 2.18
C GLU F 298 18.00 21.02 2.96
N THR F 299 17.46 20.75 4.16
CA THR F 299 17.96 19.67 4.97
C THR F 299 17.79 18.34 4.25
N LYS F 300 16.63 18.11 3.66
CA LYS F 300 16.41 16.85 2.94
C LYS F 300 17.40 16.61 1.78
N CYS F 301 17.72 17.66 0.98
CA CYS F 301 18.68 17.55 -0.13
C CYS F 301 20.08 17.30 0.41
N THR F 302 20.44 17.97 1.49
CA THR F 302 21.75 17.82 2.10
C THR F 302 21.98 16.40 2.53
N LEU F 303 20.97 15.81 3.13
CA LEU F 303 21.05 14.48 3.68
C LEU F 303 20.69 13.39 2.68
N LYS F 304 20.35 13.75 1.45
CA LYS F 304 19.96 12.78 0.46
C LYS F 304 18.85 11.90 0.99
N SER F 305 17.81 12.51 1.53
CA SER F 305 16.72 11.75 2.10
C SER F 305 15.38 12.44 2.00
N PHE F 306 14.32 11.65 1.92
CA PHE F 306 12.99 12.22 1.93
C PHE F 306 12.39 12.22 3.33
N THR F 307 13.18 11.72 4.28
CA THR F 307 12.84 11.65 5.69
C THR F 307 13.95 12.22 6.55
N VAL F 308 13.56 13.07 7.48
CA VAL F 308 14.49 13.67 8.41
C VAL F 308 14.10 13.32 9.83
N GLU F 309 15.07 12.83 10.58
CA GLU F 309 14.84 12.41 11.94
C GLU F 309 14.73 13.62 12.86
N LYS F 310 14.10 13.44 13.99
CA LYS F 310 13.97 14.56 14.91
C LYS F 310 15.35 15.06 15.34
N GLY F 311 15.52 16.37 15.39
CA GLY F 311 16.79 16.96 15.79
C GLY F 311 17.01 18.33 15.19
N ILE F 312 18.26 18.79 15.26
CA ILE F 312 18.61 20.09 14.74
C ILE F 312 19.50 19.94 13.54
N TYR F 313 19.14 20.62 12.47
CA TYR F 313 19.94 20.57 11.27
C TYR F 313 20.38 21.96 10.90
N GLN F 314 21.59 22.10 10.40
CA GLN F 314 22.02 23.44 10.00
C GLN F 314 21.82 23.65 8.53
N THR F 315 21.65 24.90 8.15
CA THR F 315 21.48 25.30 6.76
C THR F 315 22.51 26.34 6.43
N SER F 316 22.55 26.77 5.17
CA SER F 316 23.49 27.80 4.78
C SER F 316 23.08 29.11 5.41
N ASN F 317 24.00 30.06 5.40
CA ASN F 317 23.75 31.37 5.98
C ASN F 317 22.67 32.09 5.21
N PHE F 318 21.99 33.00 5.85
CA PHE F 318 20.93 33.72 5.18
C PHE F 318 21.50 34.45 3.97
N ARG F 319 20.81 34.33 2.84
CA ARG F 319 21.27 34.95 1.61
C ARG F 319 20.34 36.01 1.10
N VAL F 320 20.94 36.99 0.46
CA VAL F 320 20.26 38.11 -0.14
C VAL F 320 20.62 38.23 -1.60
N GLN F 321 19.61 38.39 -2.45
CA GLN F 321 19.89 38.50 -3.86
C GLN F 321 20.02 39.95 -4.31
N PRO F 322 20.88 40.23 -5.31
CA PRO F 322 20.99 41.51 -5.99
C PRO F 322 19.68 41.87 -6.65
N THR F 323 19.34 43.16 -6.64
CA THR F 323 18.09 43.60 -7.26
C THR F 323 18.25 44.40 -8.55
N GLU F 324 19.44 44.96 -8.75
CA GLU F 324 19.74 45.80 -9.90
C GLU F 324 21.23 45.78 -10.15
N SER F 325 21.66 46.21 -11.34
CA SER F 325 23.09 46.27 -11.66
C SER F 325 23.59 47.69 -11.86
N ILE F 326 24.74 47.99 -11.27
CA ILE F 326 25.39 49.28 -11.38
C ILE F 326 26.66 49.24 -12.21
N VAL F 327 26.67 50.02 -13.26
CA VAL F 327 27.82 50.06 -14.14
C VAL F 327 28.49 51.43 -14.16
N ARG F 328 29.76 51.49 -13.76
CA ARG F 328 30.39 52.78 -13.69
C ARG F 328 31.72 52.83 -14.40
N PHE F 329 31.84 53.84 -15.23
CA PHE F 329 33.00 54.11 -16.02
C PHE F 329 33.31 55.58 -15.90
N PRO F 330 34.54 56.02 -16.15
CA PRO F 330 34.94 57.40 -16.18
C PRO F 330 34.28 58.03 -17.41
N ASN F 331 34.14 59.37 -17.41
CA ASN F 331 33.54 60.11 -18.52
C ASN F 331 34.54 60.29 -19.66
N ILE F 332 34.40 59.45 -20.71
CA ILE F 332 35.24 59.44 -21.90
C ILE F 332 34.32 59.64 -23.07
N THR F 333 34.63 60.62 -23.89
CA THR F 333 33.79 60.93 -25.05
C THR F 333 34.45 60.65 -26.39
N ASN F 334 35.73 60.34 -26.38
CA ASN F 334 36.46 60.17 -27.61
C ASN F 334 36.53 58.72 -28.05
N LEU F 335 36.70 58.53 -29.34
CA LEU F 335 36.95 57.21 -29.90
C LEU F 335 38.45 57.08 -30.02
N CYS F 336 39.03 55.89 -29.73
CA CYS F 336 40.46 55.62 -29.86
C CYS F 336 40.91 55.74 -31.32
N PRO F 337 42.17 56.08 -31.58
CA PRO F 337 42.74 56.31 -32.89
C PRO F 337 42.98 55.03 -33.66
N PHE F 338 41.89 54.34 -33.97
CA PHE F 338 41.93 53.10 -34.70
C PHE F 338 42.34 53.44 -36.11
N GLY F 339 41.93 54.60 -36.58
CA GLY F 339 42.30 55.00 -37.92
C GLY F 339 43.81 55.12 -38.01
N GLU F 340 44.45 55.84 -37.12
CA GLU F 340 45.88 55.94 -37.31
C GLU F 340 46.58 54.60 -37.14
N VAL F 341 46.14 53.77 -36.21
CA VAL F 341 46.82 52.52 -36.01
C VAL F 341 46.68 51.57 -37.19
N PHE F 342 45.48 51.45 -37.73
CA PHE F 342 45.25 50.49 -38.81
C PHE F 342 45.30 51.05 -40.25
N ASN F 343 45.14 52.38 -40.44
CA ASN F 343 45.22 53.11 -41.71
C ASN F 343 46.47 54.00 -41.77
N ALA F 344 47.54 53.68 -40.97
CA ALA F 344 48.79 54.44 -40.86
C ALA F 344 49.46 54.61 -42.19
N THR F 345 50.00 55.79 -42.41
CA THR F 345 50.73 56.01 -43.64
C THR F 345 51.93 55.10 -43.62
N ARG F 346 52.58 55.04 -42.47
CA ARG F 346 53.75 54.21 -42.29
C ARG F 346 53.84 53.51 -40.96
N PHE F 347 54.41 52.33 -41.02
CA PHE F 347 54.83 51.53 -39.91
C PHE F 347 56.33 51.55 -39.89
N ALA F 348 56.91 51.43 -38.72
CA ALA F 348 58.34 51.33 -38.60
C ALA F 348 58.80 49.96 -38.99
N SER F 349 60.05 49.85 -39.32
CA SER F 349 60.60 48.56 -39.55
C SER F 349 60.74 47.89 -38.20
N VAL F 350 60.86 46.56 -38.19
CA VAL F 350 60.99 45.85 -36.92
C VAL F 350 62.28 46.24 -36.26
N TYR F 351 63.27 46.57 -37.05
CA TYR F 351 64.53 47.07 -36.58
C TYR F 351 64.40 48.21 -35.59
N ALA F 352 63.49 49.13 -35.86
CA ALA F 352 63.32 50.29 -35.04
C ALA F 352 61.85 50.53 -34.86
N TRP F 353 61.20 49.59 -34.22
CA TRP F 353 59.76 49.59 -34.08
C TRP F 353 59.25 50.81 -33.33
N ASN F 354 58.02 51.28 -33.67
CA ASN F 354 57.44 52.46 -33.03
C ASN F 354 56.65 52.14 -31.80
N ARG F 355 56.49 53.14 -30.93
CA ARG F 355 55.66 52.96 -29.76
C ARG F 355 54.81 54.19 -29.49
N LYS F 356 53.53 53.95 -29.15
CA LYS F 356 52.57 55.00 -28.84
C LYS F 356 51.85 54.79 -27.52
N ARG F 357 51.53 55.88 -26.84
CA ARG F 357 50.72 55.82 -25.63
C ARG F 357 49.30 56.20 -25.98
N ILE F 358 48.33 55.46 -25.44
CA ILE F 358 46.92 55.67 -25.69
C ILE F 358 46.15 56.05 -24.43
N SER F 359 45.36 57.11 -24.49
CA SER F 359 44.58 57.53 -23.33
C SER F 359 43.32 58.31 -23.68
N ASN F 360 42.41 58.38 -22.72
CA ASN F 360 41.19 59.17 -22.77
C ASN F 360 40.31 58.90 -24.00
N CYS F 361 40.06 57.60 -24.28
CA CYS F 361 39.28 57.15 -25.42
C CYS F 361 38.55 55.82 -25.21
N VAL F 362 37.62 55.57 -26.12
CA VAL F 362 36.86 54.35 -26.14
C VAL F 362 37.29 53.36 -27.20
N ALA F 363 37.51 52.15 -26.75
CA ALA F 363 37.98 51.07 -27.59
C ALA F 363 36.83 50.39 -28.31
N ASP F 364 36.17 51.13 -29.17
CA ASP F 364 35.07 50.47 -29.83
C ASP F 364 35.60 49.78 -31.05
N TYR F 365 35.84 48.50 -30.89
CA TYR F 365 36.45 47.66 -31.89
C TYR F 365 35.56 47.48 -33.08
N SER F 366 34.28 47.80 -32.92
CA SER F 366 33.28 47.63 -33.96
C SER F 366 33.64 48.42 -35.19
N VAL F 367 34.43 49.47 -35.02
CA VAL F 367 34.77 50.31 -36.16
C VAL F 367 35.58 49.54 -37.20
N LEU F 368 36.36 48.57 -36.75
CA LEU F 368 37.22 47.84 -37.65
C LEU F 368 36.45 46.77 -38.37
N TYR F 369 35.22 46.55 -37.96
CA TYR F 369 34.45 45.50 -38.54
C TYR F 369 34.03 45.86 -39.94
N ASN F 370 33.97 47.16 -40.25
CA ASN F 370 33.48 47.48 -41.57
C ASN F 370 34.55 47.34 -42.65
N SER F 371 35.77 47.77 -42.39
CA SER F 371 36.77 47.75 -43.45
C SER F 371 38.04 46.94 -43.22
N ALA F 372 38.32 46.50 -42.01
CA ALA F 372 39.59 45.84 -41.77
C ALA F 372 39.45 44.34 -41.86
N SER F 373 40.55 43.66 -42.11
CA SER F 373 40.54 42.21 -42.12
C SER F 373 41.83 41.72 -41.53
N PHE F 374 41.75 40.91 -40.49
CA PHE F 374 42.95 40.47 -39.82
C PHE F 374 43.11 38.99 -39.81
N SER F 375 44.17 38.51 -40.46
CA SER F 375 44.43 37.09 -40.53
C SER F 375 45.00 36.57 -39.23
N THR F 376 45.67 37.46 -38.50
CA THR F 376 46.30 37.07 -37.28
C THR F 376 45.73 37.75 -36.09
N PHE F 377 45.35 36.95 -35.12
CA PHE F 377 44.83 37.52 -33.91
C PHE F 377 44.84 36.54 -32.77
N LYS F 378 45.49 36.92 -31.69
CA LYS F 378 45.53 36.09 -30.50
C LYS F 378 45.73 36.95 -29.26
N CYS F 379 44.93 36.75 -28.19
CA CYS F 379 45.05 37.45 -26.92
C CYS F 379 45.66 36.54 -25.87
N TYR F 380 46.44 37.13 -24.99
CA TYR F 380 47.14 36.38 -23.96
C TYR F 380 46.65 36.64 -22.55
N GLY F 381 46.46 37.90 -22.20
CA GLY F 381 46.09 38.18 -20.81
C GLY F 381 44.60 38.25 -20.52
N VAL F 382 43.79 38.05 -21.54
CA VAL F 382 42.35 38.18 -21.37
C VAL F 382 41.61 37.41 -22.43
N SER F 383 40.44 36.88 -22.10
CA SER F 383 39.64 36.27 -23.13
C SER F 383 39.05 37.41 -23.94
N PRO F 384 39.12 37.40 -25.27
CA PRO F 384 38.68 38.49 -26.12
C PRO F 384 37.19 38.79 -26.00
N THR F 385 36.40 37.83 -25.53
CA THR F 385 34.97 38.01 -25.41
C THR F 385 34.60 38.95 -24.30
N LYS F 386 35.55 39.22 -23.42
CA LYS F 386 35.37 40.11 -22.30
C LYS F 386 35.79 41.53 -22.60
N LEU F 387 36.38 41.78 -23.75
CA LEU F 387 36.95 43.10 -23.94
C LEU F 387 35.96 44.22 -23.86
N ASN F 388 34.74 44.00 -24.30
CA ASN F 388 33.80 45.09 -24.33
C ASN F 388 33.26 45.49 -22.96
N ASP F 389 33.53 44.70 -21.93
CA ASP F 389 33.06 45.00 -20.58
C ASP F 389 34.19 45.52 -19.68
N LEU F 390 35.38 45.64 -20.25
CA LEU F 390 36.57 46.01 -19.50
C LEU F 390 37.10 47.41 -19.78
N CYS F 391 37.88 47.94 -18.80
CA CYS F 391 38.68 49.15 -18.95
C CYS F 391 40.13 48.71 -18.89
N PHE F 392 40.98 49.45 -19.55
CA PHE F 392 42.35 49.07 -19.69
C PHE F 392 43.25 50.15 -19.20
N THR F 393 44.35 49.80 -18.58
CA THR F 393 45.21 50.89 -18.17
C THR F 393 46.63 50.71 -18.60
N ASN F 394 47.40 51.78 -18.48
CA ASN F 394 48.79 51.75 -18.87
C ASN F 394 48.86 51.19 -20.29
N VAL F 395 48.01 51.73 -21.15
CA VAL F 395 47.88 51.24 -22.49
C VAL F 395 48.85 51.85 -23.48
N TYR F 396 49.60 50.97 -24.12
CA TYR F 396 50.58 51.30 -25.12
C TYR F 396 50.47 50.38 -26.30
N ALA F 397 50.96 50.82 -27.45
CA ALA F 397 50.98 49.89 -28.56
C ALA F 397 52.25 50.01 -29.34
N ASP F 398 52.73 48.86 -29.79
CA ASP F 398 53.93 48.80 -30.60
C ASP F 398 53.52 48.58 -32.04
N SER F 399 54.23 49.20 -32.97
CA SER F 399 53.91 49.11 -34.39
C SER F 399 55.08 48.92 -35.35
N PHE F 400 55.03 47.81 -36.10
CA PHE F 400 56.10 47.49 -37.04
C PHE F 400 55.77 46.52 -38.19
N VAL F 401 56.65 46.48 -39.19
CA VAL F 401 56.53 45.54 -40.31
C VAL F 401 57.60 44.45 -40.33
N ILE F 402 57.11 43.23 -40.50
CA ILE F 402 57.88 41.98 -40.60
C ILE F 402 57.47 41.16 -41.81
N ARG F 403 58.23 40.13 -42.11
CA ARG F 403 57.89 39.21 -43.19
C ARG F 403 56.80 38.23 -42.72
N GLY F 404 55.94 37.77 -43.62
CA GLY F 404 54.88 36.82 -43.24
C GLY F 404 55.33 35.55 -42.50
N ASP F 405 56.47 34.99 -42.84
CA ASP F 405 56.91 33.79 -42.14
C ASP F 405 57.48 34.08 -40.76
N GLU F 406 57.54 35.36 -40.39
CA GLU F 406 58.05 35.78 -39.10
C GLU F 406 56.90 36.08 -38.14
N VAL F 407 55.65 35.97 -38.58
CA VAL F 407 54.54 36.33 -37.72
C VAL F 407 54.51 35.47 -36.46
N ARG F 408 54.81 34.21 -36.63
CA ARG F 408 54.84 33.25 -35.56
C ARG F 408 55.89 33.54 -34.50
N GLN F 409 56.87 34.39 -34.79
CA GLN F 409 57.91 34.67 -33.80
C GLN F 409 57.54 35.75 -32.82
N ILE F 410 56.41 36.40 -33.02
CA ILE F 410 56.02 37.49 -32.12
C ILE F 410 55.65 37.00 -30.74
N ALA F 411 54.98 35.87 -30.66
CA ALA F 411 54.51 35.34 -29.40
C ALA F 411 55.65 35.17 -28.39
N PRO F 412 55.38 35.33 -27.09
CA PRO F 412 56.36 35.19 -26.06
C PRO F 412 56.75 33.74 -26.08
N GLY F 413 57.99 33.46 -25.75
CA GLY F 413 58.47 32.09 -25.70
C GLY F 413 59.06 31.63 -27.02
N GLN F 414 58.99 32.45 -28.06
CA GLN F 414 59.53 32.06 -29.34
C GLN F 414 60.96 32.49 -29.53
N THR F 415 61.65 31.82 -30.46
CA THR F 415 63.04 32.10 -30.84
C THR F 415 63.10 32.41 -32.32
N GLY F 416 64.23 32.94 -32.79
CA GLY F 416 64.38 33.24 -34.21
C GLY F 416 65.00 34.60 -34.36
N LYS F 417 65.39 35.00 -35.55
CA LYS F 417 66.05 36.30 -35.61
C LYS F 417 65.20 37.46 -35.13
N ILE F 418 63.88 37.39 -35.24
CA ILE F 418 63.13 38.52 -34.76
C ILE F 418 62.98 38.39 -33.28
N ALA F 419 62.59 37.21 -32.85
CA ALA F 419 62.38 37.00 -31.43
C ALA F 419 63.64 37.28 -30.62
N ASP F 420 64.80 36.98 -31.18
CA ASP F 420 66.04 37.19 -30.46
C ASP F 420 66.71 38.55 -30.67
N TYR F 421 66.63 39.14 -31.88
CA TYR F 421 67.36 40.39 -32.10
C TYR F 421 66.55 41.64 -32.40
N ASN F 422 65.25 41.52 -32.68
CA ASN F 422 64.50 42.71 -33.07
C ASN F 422 63.34 43.08 -32.17
N TYR F 423 62.59 42.10 -31.72
CA TYR F 423 61.42 42.41 -30.92
C TYR F 423 61.00 41.26 -30.06
N LYS F 424 60.89 41.50 -28.77
CA LYS F 424 60.51 40.44 -27.87
C LYS F 424 59.46 40.83 -26.86
N LEU F 425 58.58 39.89 -26.54
CA LEU F 425 57.56 40.04 -25.52
C LEU F 425 58.02 39.28 -24.29
N PRO F 426 57.60 39.68 -23.09
CA PRO F 426 57.90 39.04 -21.82
C PRO F 426 57.18 37.73 -21.68
N ASP F 427 57.72 36.88 -20.82
CA ASP F 427 57.16 35.56 -20.54
C ASP F 427 55.74 35.62 -20.03
N ASP F 428 55.45 36.66 -19.28
CA ASP F 428 54.16 36.89 -18.69
C ASP F 428 53.36 37.99 -19.39
N PHE F 429 53.58 38.19 -20.68
CA PHE F 429 52.84 39.21 -21.43
C PHE F 429 51.36 39.11 -21.21
N THR F 430 50.75 40.26 -20.91
CA THR F 430 49.34 40.37 -20.59
C THR F 430 48.47 41.03 -21.63
N GLY F 431 49.03 41.28 -22.79
CA GLY F 431 48.29 42.00 -23.82
C GLY F 431 47.66 41.09 -24.88
N CYS F 432 47.56 41.61 -26.13
CA CYS F 432 46.96 40.95 -27.29
C CYS F 432 47.67 41.39 -28.59
N VAL F 433 47.87 40.44 -29.49
CA VAL F 433 48.56 40.71 -30.75
C VAL F 433 47.71 40.53 -32.01
N ILE F 434 47.73 41.55 -32.85
CA ILE F 434 46.96 41.54 -34.09
C ILE F 434 47.85 41.83 -35.30
N ALA F 435 47.62 41.15 -36.43
CA ALA F 435 48.44 41.45 -37.62
C ALA F 435 47.69 41.19 -38.93
N TRP F 436 48.15 41.87 -39.99
CA TRP F 436 47.51 41.69 -41.29
C TRP F 436 48.44 41.83 -42.51
N ASN F 437 47.96 41.27 -43.61
CA ASN F 437 48.76 41.18 -44.82
C ASN F 437 48.71 42.39 -45.73
N SER F 438 49.52 43.39 -45.41
CA SER F 438 49.59 44.67 -46.13
C SER F 438 50.41 44.56 -47.43
N ASN F 439 49.99 43.66 -48.31
CA ASN F 439 50.77 43.35 -49.51
C ASN F 439 50.56 44.32 -50.64
N ASN F 440 49.71 45.30 -50.41
CA ASN F 440 49.46 46.33 -51.38
C ASN F 440 49.83 47.67 -50.80
N LEU F 441 50.46 47.67 -49.63
CA LEU F 441 50.82 48.95 -49.02
C LEU F 441 52.30 49.07 -48.80
N ASP F 442 52.89 47.99 -48.28
CA ASP F 442 54.29 47.99 -47.90
C ASP F 442 55.17 47.33 -48.93
N SER F 443 54.61 47.06 -50.09
CA SER F 443 55.32 46.40 -51.17
C SER F 443 55.71 47.35 -52.27
N LYS F 444 56.75 46.97 -52.99
CA LYS F 444 57.25 47.74 -54.13
C LYS F 444 57.66 46.78 -55.23
N VAL F 445 57.52 47.19 -56.48
CA VAL F 445 57.85 46.26 -57.55
C VAL F 445 59.28 45.76 -57.51
N GLY F 446 60.22 46.64 -57.24
CA GLY F 446 61.63 46.25 -57.19
C GLY F 446 62.11 45.88 -55.79
N GLY F 447 61.20 45.88 -54.82
CA GLY F 447 61.47 45.64 -53.42
C GLY F 447 61.43 46.94 -52.62
N ASN F 448 60.96 46.85 -51.40
CA ASN F 448 60.82 47.99 -50.52
C ASN F 448 61.96 48.02 -49.57
N TYR F 449 62.93 48.84 -49.83
CA TYR F 449 64.13 48.74 -49.05
C TYR F 449 64.14 49.69 -47.90
N ASN F 450 62.96 50.23 -47.60
CA ASN F 450 62.86 51.09 -46.46
C ASN F 450 62.65 50.23 -45.22
N TYR F 451 62.46 48.92 -45.40
CA TYR F 451 62.27 48.10 -44.23
C TYR F 451 63.53 47.29 -43.90
N LEU F 452 63.90 47.33 -42.62
CA LEU F 452 65.05 46.67 -42.04
C LEU F 452 64.79 45.78 -40.86
N TYR F 453 65.68 44.84 -40.69
CA TYR F 453 65.75 43.99 -39.52
C TYR F 453 67.21 43.81 -39.13
N ARG F 454 67.43 43.54 -37.87
CA ARG F 454 68.74 43.23 -37.38
C ARG F 454 69.04 41.77 -37.52
N LEU F 455 70.19 41.47 -38.11
CA LEU F 455 70.62 40.10 -38.23
C LEU F 455 71.69 39.80 -37.22
N PHE F 456 72.57 40.74 -36.97
CA PHE F 456 73.63 40.43 -36.05
C PHE F 456 73.57 41.19 -34.76
N ARG F 457 73.84 40.45 -33.70
CA ARG F 457 73.91 40.98 -32.38
C ARG F 457 74.81 40.04 -31.60
N LYS F 458 75.38 40.51 -30.49
CA LYS F 458 76.23 39.68 -29.65
C LYS F 458 75.49 39.00 -28.49
N SER F 459 74.25 39.39 -28.29
CA SER F 459 73.41 38.91 -27.21
C SER F 459 71.95 39.04 -27.60
N ASN F 460 71.06 38.44 -26.85
CA ASN F 460 69.65 38.55 -27.18
C ASN F 460 69.00 39.73 -26.49
N LEU F 461 67.90 40.20 -27.04
CA LEU F 461 67.14 41.30 -26.45
C LEU F 461 66.28 40.89 -25.29
N LYS F 462 66.01 41.84 -24.42
CA LYS F 462 65.07 41.65 -23.35
C LYS F 462 63.73 42.20 -23.87
N PRO F 463 62.61 41.91 -23.25
CA PRO F 463 61.32 42.38 -23.68
C PRO F 463 61.27 43.88 -23.80
N PHE F 464 60.63 44.31 -24.87
CA PHE F 464 60.39 45.68 -25.26
C PHE F 464 61.63 46.55 -25.46
N GLU F 465 62.77 45.94 -25.73
CA GLU F 465 63.94 46.73 -26.05
C GLU F 465 64.09 47.08 -27.52
N ARG F 466 64.78 48.18 -27.76
CA ARG F 466 65.19 48.63 -29.07
C ARG F 466 66.69 48.86 -29.07
N ASP F 467 67.32 48.61 -30.20
CA ASP F 467 68.72 48.90 -30.37
C ASP F 467 68.94 49.24 -31.82
N ILE F 468 69.29 50.49 -32.07
CA ILE F 468 69.44 50.96 -33.41
C ILE F 468 70.88 51.35 -33.71
N SER F 469 71.79 50.87 -32.89
CA SER F 469 73.19 51.10 -33.13
C SER F 469 73.60 50.37 -34.38
N THR F 470 74.47 50.97 -35.15
CA THR F 470 74.97 50.34 -36.36
C THR F 470 76.41 49.94 -36.21
N GLU F 471 76.88 49.88 -34.98
CA GLU F 471 78.25 49.47 -34.74
C GLU F 471 78.41 48.16 -35.47
N ILE F 472 79.47 48.06 -36.25
CA ILE F 472 79.63 46.92 -37.10
C ILE F 472 79.84 45.67 -36.26
N TYR F 473 79.21 44.58 -36.66
CA TYR F 473 79.31 43.36 -35.92
C TYR F 473 80.62 42.67 -36.15
N GLN F 474 81.26 42.30 -35.06
CA GLN F 474 82.53 41.61 -35.14
C GLN F 474 82.32 40.13 -34.89
N ALA F 475 82.76 39.32 -35.83
CA ALA F 475 82.59 37.89 -35.75
C ALA F 475 83.92 37.18 -35.55
N GLY F 476 83.88 35.99 -34.95
CA GLY F 476 85.06 35.13 -34.96
C GLY F 476 86.25 35.65 -34.20
N SER F 477 86.01 36.46 -33.18
CA SER F 477 87.10 37.05 -32.40
C SER F 477 88.15 37.68 -33.30
N THR F 478 87.71 38.32 -34.38
CA THR F 478 88.58 38.95 -35.34
C THR F 478 88.39 40.46 -35.27
N PRO F 479 89.30 41.20 -34.62
CA PRO F 479 89.16 42.61 -34.33
C PRO F 479 88.85 43.39 -35.60
N CYS F 480 87.87 44.32 -35.54
CA CYS F 480 87.45 45.13 -36.68
C CYS F 480 87.12 46.57 -36.25
N ASN F 481 87.78 47.51 -36.91
CA ASN F 481 87.63 48.94 -36.65
C ASN F 481 86.55 49.60 -37.49
N GLY F 482 85.37 49.02 -37.48
CA GLY F 482 84.25 49.60 -38.22
C GLY F 482 84.25 49.34 -39.74
N VAL F 483 84.98 48.34 -40.22
CA VAL F 483 85.05 48.13 -41.67
C VAL F 483 84.52 46.80 -42.18
N GLU F 484 83.55 46.84 -43.06
CA GLU F 484 82.98 45.60 -43.60
C GLU F 484 84.08 44.76 -44.23
N GLY F 485 84.05 43.46 -43.95
CA GLY F 485 85.09 42.59 -44.46
C GLY F 485 85.05 41.22 -43.81
N PHE F 486 86.17 40.52 -43.83
CA PHE F 486 86.16 39.20 -43.26
C PHE F 486 85.80 39.29 -41.80
N ASN F 487 84.81 38.50 -41.42
CA ASN F 487 84.31 38.49 -40.07
C ASN F 487 83.95 39.88 -39.50
N CYS F 488 83.36 40.78 -40.33
CA CYS F 488 82.97 42.11 -39.89
C CYS F 488 81.76 42.48 -40.76
N TYR F 489 80.59 42.58 -40.12
CA TYR F 489 79.37 42.74 -40.89
C TYR F 489 78.52 43.92 -40.55
N PHE F 490 77.94 44.52 -41.57
CA PHE F 490 77.00 45.55 -41.25
C PHE F 490 75.87 44.74 -40.62
N PRO F 491 75.40 45.07 -39.41
CA PRO F 491 74.46 44.28 -38.66
C PRO F 491 73.04 44.20 -39.19
N LEU F 492 72.69 45.10 -40.10
CA LEU F 492 71.32 45.15 -40.58
C LEU F 492 71.16 44.70 -42.00
N GLN F 493 70.00 44.16 -42.29
CA GLN F 493 69.64 43.75 -43.63
C GLN F 493 68.24 44.21 -44.00
N SER F 494 68.01 44.42 -45.28
CA SER F 494 66.72 44.83 -45.77
C SER F 494 65.80 43.70 -46.20
N TYR F 495 64.54 44.05 -46.33
CA TYR F 495 63.52 43.15 -46.83
C TYR F 495 63.21 43.41 -48.29
N GLY F 496 62.70 42.40 -48.96
CA GLY F 496 62.26 42.51 -50.34
C GLY F 496 60.83 43.01 -50.40
N PHE F 497 59.87 42.15 -50.09
CA PHE F 497 58.47 42.53 -50.15
C PHE F 497 58.00 42.98 -51.53
N GLN F 498 58.42 42.26 -52.56
CA GLN F 498 57.93 42.53 -53.88
C GLN F 498 56.48 42.00 -53.96
N PRO F 499 55.60 42.59 -54.77
CA PRO F 499 54.22 42.19 -54.99
C PRO F 499 54.08 40.87 -55.71
N THR F 500 55.20 40.39 -56.25
CA THR F 500 55.24 39.17 -57.00
C THR F 500 55.68 37.99 -56.17
N ASN F 501 55.97 38.21 -54.90
CA ASN F 501 56.44 37.11 -54.06
C ASN F 501 55.28 36.36 -53.44
N GLY F 502 55.54 35.12 -53.02
CA GLY F 502 54.50 34.33 -52.35
C GLY F 502 54.27 34.83 -50.94
N VAL F 503 53.30 34.25 -50.25
CA VAL F 503 52.84 34.75 -48.97
C VAL F 503 53.86 34.85 -47.88
N GLY F 504 54.74 33.88 -47.78
CA GLY F 504 55.73 33.91 -46.71
C GLY F 504 56.67 35.10 -46.81
N TYR F 505 56.74 35.72 -47.99
CA TYR F 505 57.60 36.86 -48.24
C TYR F 505 56.86 38.17 -48.33
N GLN F 506 55.57 38.17 -48.05
CA GLN F 506 54.80 39.38 -48.13
C GLN F 506 54.98 40.08 -46.79
N PRO F 507 54.92 41.41 -46.73
CA PRO F 507 55.00 42.17 -45.51
C PRO F 507 53.76 42.05 -44.70
N TYR F 508 53.92 42.07 -43.41
CA TYR F 508 52.83 42.13 -42.47
C TYR F 508 52.95 43.24 -41.46
N ARG F 509 51.82 43.84 -41.20
CA ARG F 509 51.74 44.88 -40.20
C ARG F 509 51.34 44.27 -38.91
N VAL F 510 52.15 44.52 -37.91
CA VAL F 510 51.95 43.96 -36.60
C VAL F 510 51.72 45.03 -35.57
N VAL F 511 50.65 44.87 -34.83
CA VAL F 511 50.35 45.76 -33.75
C VAL F 511 50.25 44.97 -32.46
N VAL F 512 51.01 45.40 -31.48
CA VAL F 512 50.95 44.73 -30.21
C VAL F 512 50.34 45.65 -29.23
N LEU F 513 49.24 45.24 -28.65
CA LEU F 513 48.57 46.07 -27.69
C LEU F 513 48.92 45.57 -26.30
N SER F 514 49.59 46.42 -25.55
CA SER F 514 50.07 46.06 -24.22
C SER F 514 49.38 46.91 -23.18
N PHE F 515 48.81 46.23 -22.21
CA PHE F 515 48.04 46.86 -21.16
C PHE F 515 47.96 46.01 -19.92
N GLU F 516 47.51 46.64 -18.85
CA GLU F 516 47.25 46.00 -17.59
C GLU F 516 45.78 46.04 -17.27
N LEU F 517 45.29 45.05 -16.53
CA LEU F 517 43.89 45.04 -16.17
C LEU F 517 43.60 45.06 -14.68
N LEU F 518 42.69 45.96 -14.33
CA LEU F 518 42.07 46.17 -13.02
C LEU F 518 42.95 46.49 -11.81
N HIS F 519 44.15 47.03 -12.00
CA HIS F 519 45.00 47.37 -10.85
C HIS F 519 45.46 48.81 -10.79
N ALA F 520 44.80 49.70 -11.49
CA ALA F 520 45.15 51.10 -11.50
C ALA F 520 43.99 51.83 -12.14
N PRO F 521 43.87 53.15 -12.01
CA PRO F 521 42.90 53.95 -12.70
C PRO F 521 43.11 53.73 -14.17
N ALA F 522 42.04 53.70 -14.96
CA ALA F 522 42.14 53.51 -16.39
C ALA F 522 41.72 54.75 -17.13
N THR F 523 42.38 55.02 -18.24
CA THR F 523 42.06 56.13 -19.11
C THR F 523 41.51 55.69 -20.46
N VAL F 524 41.48 54.39 -20.67
CA VAL F 524 41.00 53.81 -21.91
C VAL F 524 39.98 52.79 -21.51
N CYS F 525 38.78 52.74 -22.16
CA CYS F 525 37.78 51.74 -21.77
C CYS F 525 36.93 51.34 -22.96
N GLY F 526 36.21 50.23 -22.80
CA GLY F 526 35.33 49.74 -23.86
C GLY F 526 34.08 50.60 -23.98
N PRO F 527 33.14 50.21 -24.85
CA PRO F 527 31.92 50.91 -25.20
C PRO F 527 30.71 50.67 -24.29
N LYS F 528 30.88 49.96 -23.18
CA LYS F 528 29.73 49.66 -22.36
C LYS F 528 29.17 50.93 -21.73
N LYS F 529 27.84 51.05 -21.73
CA LYS F 529 27.16 52.20 -21.15
C LYS F 529 27.02 52.12 -19.63
N SER F 530 27.29 53.23 -18.97
CA SER F 530 27.16 53.36 -17.53
C SER F 530 25.71 53.60 -17.09
N THR F 531 25.51 53.44 -15.79
CA THR F 531 24.22 53.64 -15.12
C THR F 531 24.41 54.57 -13.95
N ASN F 532 23.32 54.82 -13.26
CA ASN F 532 23.34 55.62 -12.05
C ASN F 532 23.80 54.70 -10.93
N LEU F 533 24.30 55.27 -9.85
CA LEU F 533 24.75 54.45 -8.74
C LEU F 533 23.74 54.48 -7.61
N VAL F 534 23.44 53.31 -7.07
CA VAL F 534 22.53 53.14 -5.97
C VAL F 534 23.21 52.59 -4.75
N LYS F 535 23.04 53.28 -3.64
CA LYS F 535 23.67 52.90 -2.38
C LYS F 535 22.72 52.19 -1.44
N ASN F 536 23.33 51.45 -0.49
CA ASN F 536 22.69 50.74 0.60
C ASN F 536 21.66 49.67 0.22
N LYS F 537 21.91 49.01 -0.91
CA LYS F 537 21.08 47.91 -1.39
C LYS F 537 22.01 46.84 -1.91
N CYS F 538 21.54 45.56 -2.01
CA CYS F 538 22.33 44.49 -2.61
C CYS F 538 22.25 44.63 -4.13
N VAL F 539 23.41 44.83 -4.71
CA VAL F 539 23.52 45.09 -6.13
C VAL F 539 24.59 44.28 -6.82
N ASN F 540 24.46 44.21 -8.13
CA ASN F 540 25.51 43.67 -8.97
C ASN F 540 26.30 44.88 -9.38
N PHE F 541 27.55 44.71 -9.72
CA PHE F 541 28.30 45.85 -10.21
C PHE F 541 29.45 45.55 -11.14
N ASN F 542 29.85 46.61 -11.83
CA ASN F 542 31.01 46.69 -12.71
C ASN F 542 31.73 48.03 -12.54
N PHE F 543 32.86 48.03 -11.85
CA PHE F 543 33.62 49.27 -11.66
C PHE F 543 34.86 49.22 -12.51
N ASN F 544 34.84 49.91 -13.63
CA ASN F 544 35.93 49.91 -14.58
C ASN F 544 36.39 48.53 -15.02
N GLY F 545 35.47 47.60 -15.21
CA GLY F 545 35.80 46.25 -15.60
C GLY F 545 35.86 45.28 -14.41
N LEU F 546 35.86 45.79 -13.18
CA LEU F 546 35.90 44.87 -12.06
C LEU F 546 34.51 44.57 -11.56
N THR F 547 34.12 43.33 -11.67
CA THR F 547 32.78 42.97 -11.33
C THR F 547 32.67 42.22 -10.03
N GLY F 548 31.45 42.14 -9.53
CA GLY F 548 31.12 41.40 -8.32
C GLY F 548 29.77 41.83 -7.80
N THR F 549 29.43 41.37 -6.59
CA THR F 549 28.17 41.76 -5.98
C THR F 549 28.43 42.20 -4.57
N GLY F 550 27.47 42.89 -4.00
CA GLY F 550 27.59 43.35 -2.63
C GLY F 550 26.79 44.61 -2.37
N VAL F 551 27.03 45.23 -1.24
CA VAL F 551 26.32 46.44 -0.87
C VAL F 551 27.30 47.58 -0.85
N LEU F 552 26.96 48.65 -1.55
CA LEU F 552 27.84 49.82 -1.64
C LEU F 552 27.49 50.83 -0.57
N THR F 553 28.47 51.22 0.24
CA THR F 553 28.22 52.20 1.29
C THR F 553 29.30 53.27 1.27
N GLU F 554 29.04 54.41 1.90
CA GLU F 554 30.07 55.45 1.99
C GLU F 554 31.21 54.97 2.88
N SER F 555 32.45 55.22 2.46
CA SER F 555 33.60 54.78 3.22
C SER F 555 34.44 55.89 3.80
N ASN F 556 35.09 55.57 4.92
CA ASN F 556 36.00 56.49 5.58
C ASN F 556 37.45 56.26 5.18
N LYS F 557 37.66 55.33 4.26
CA LYS F 557 38.99 55.03 3.76
C LYS F 557 39.37 56.15 2.84
N LYS F 558 40.65 56.51 2.82
CA LYS F 558 41.07 57.57 1.93
C LYS F 558 42.13 57.05 1.01
N PHE F 559 41.80 56.94 -0.25
CA PHE F 559 42.73 56.42 -1.24
C PHE F 559 43.69 57.50 -1.63
N LEU F 560 44.91 57.10 -1.95
CA LEU F 560 45.90 58.03 -2.41
C LEU F 560 45.48 58.37 -3.83
N PRO F 561 45.94 59.49 -4.40
CA PRO F 561 45.56 59.98 -5.72
C PRO F 561 45.70 58.98 -6.85
N PHE F 562 46.59 58.00 -6.68
CA PHE F 562 46.83 57.00 -7.69
C PHE F 562 46.23 55.63 -7.42
N GLN F 563 45.47 55.49 -6.34
CA GLN F 563 44.88 54.20 -5.97
C GLN F 563 43.42 54.11 -6.41
N GLN F 564 43.12 53.15 -7.26
CA GLN F 564 41.75 53.01 -7.75
C GLN F 564 40.92 52.03 -6.94
N PHE F 565 41.58 51.01 -6.43
CA PHE F 565 40.91 49.94 -5.70
C PHE F 565 41.66 49.70 -4.42
N GLY F 566 40.96 49.27 -3.39
CA GLY F 566 41.65 48.82 -2.20
C GLY F 566 41.52 47.33 -2.09
N ARG F 567 42.17 46.76 -1.09
CA ARG F 567 42.14 45.33 -0.81
C ARG F 567 42.08 45.07 0.68
N ASP F 568 41.31 44.05 1.06
CA ASP F 568 41.22 43.63 2.44
C ASP F 568 42.36 42.65 2.80
N ILE F 569 42.27 42.09 3.99
CA ILE F 569 43.29 41.20 4.53
C ILE F 569 43.43 39.87 3.80
N ALA F 570 42.46 39.54 2.94
CA ALA F 570 42.47 38.31 2.17
C ALA F 570 42.60 38.62 0.68
N ASP F 571 43.13 39.81 0.39
CA ASP F 571 43.37 40.34 -0.94
C ASP F 571 42.12 40.42 -1.81
N THR F 572 41.00 40.78 -1.23
CA THR F 572 39.78 40.91 -1.99
C THR F 572 39.40 42.38 -2.05
N THR F 573 39.04 42.87 -3.22
CA THR F 573 38.68 44.27 -3.27
C THR F 573 37.50 44.49 -2.36
N ASP F 574 37.62 45.46 -1.46
CA ASP F 574 36.55 45.73 -0.52
C ASP F 574 36.18 47.19 -0.50
N ALA F 575 36.77 47.94 -1.41
CA ALA F 575 36.49 49.35 -1.53
C ALA F 575 36.96 49.80 -2.87
N VAL F 576 36.23 50.74 -3.44
CA VAL F 576 36.58 51.34 -4.70
C VAL F 576 36.47 52.84 -4.70
N ARG F 577 37.19 53.46 -5.62
CA ARG F 577 36.98 54.87 -5.84
C ARG F 577 36.07 54.99 -7.06
N ASP F 578 34.93 55.64 -6.91
CA ASP F 578 34.04 55.75 -8.05
C ASP F 578 34.71 56.54 -9.17
N PRO F 579 34.67 56.06 -10.44
CA PRO F 579 35.27 56.70 -11.58
C PRO F 579 34.68 58.02 -12.07
N GLN F 580 33.46 58.41 -11.67
CA GLN F 580 32.99 59.69 -12.20
C GLN F 580 33.13 60.74 -11.12
N THR F 581 32.75 60.37 -9.90
CA THR F 581 32.88 61.27 -8.77
C THR F 581 33.79 60.53 -7.86
N LEU F 582 34.86 61.14 -7.39
CA LEU F 582 35.80 60.32 -6.65
C LEU F 582 35.48 60.08 -5.19
N GLU F 583 34.40 59.36 -4.97
CA GLU F 583 33.94 59.00 -3.64
C GLU F 583 34.53 57.67 -3.31
N ILE F 584 34.79 57.40 -2.04
CA ILE F 584 35.27 56.07 -1.72
C ILE F 584 34.11 55.32 -1.14
N LEU F 585 33.85 54.16 -1.71
CA LEU F 585 32.76 53.33 -1.26
C LEU F 585 33.27 52.00 -0.78
N ASP F 586 32.67 51.48 0.27
CA ASP F 586 33.02 50.15 0.76
C ASP F 586 32.11 49.20 0.07
N ILE F 587 32.56 47.96 -0.12
CA ILE F 587 31.68 46.95 -0.68
C ILE F 587 31.56 45.83 0.31
N THR F 588 30.36 45.50 0.75
CA THR F 588 30.26 44.42 1.71
C THR F 588 29.48 43.28 1.07
N PRO F 589 29.58 42.05 1.55
CA PRO F 589 28.80 40.90 1.12
C PRO F 589 27.33 41.15 1.42
N CYS F 590 26.44 40.51 0.64
CA CYS F 590 24.99 40.57 0.81
C CYS F 590 24.58 39.47 1.78
N SER F 591 25.27 38.32 1.69
CA SER F 591 24.94 37.18 2.56
C SER F 591 25.69 37.30 3.88
N PHE F 592 25.09 36.78 4.95
CA PHE F 592 25.68 36.85 6.28
C PHE F 592 24.79 36.15 7.29
N GLY F 593 25.34 35.83 8.44
CA GLY F 593 24.54 35.30 9.53
C GLY F 593 24.69 33.80 9.71
N GLY F 594 23.56 33.12 9.82
CA GLY F 594 23.52 31.69 10.06
C GLY F 594 22.12 31.30 10.43
N VAL F 595 21.70 30.15 9.94
CA VAL F 595 20.36 29.65 10.16
C VAL F 595 20.37 28.17 10.49
N SER F 596 19.48 27.77 11.38
CA SER F 596 19.32 26.35 11.67
C SER F 596 17.85 26.00 11.81
N VAL F 597 17.54 24.75 11.57
CA VAL F 597 16.17 24.28 11.59
C VAL F 597 15.91 23.24 12.66
N ILE F 598 14.84 23.50 13.40
CA ILE F 598 14.35 22.68 14.49
C ILE F 598 13.29 21.76 13.94
N THR F 599 13.60 20.46 13.87
CA THR F 599 12.73 19.53 13.18
C THR F 599 12.18 18.35 14.01
N PRO F 600 10.85 18.18 14.13
CA PRO F 600 10.18 17.03 14.69
C PRO F 600 10.42 15.97 13.67
N GLY F 601 10.35 14.72 13.99
CA GLY F 601 10.58 13.80 12.88
C GLY F 601 9.54 14.08 11.81
N THR F 602 9.96 13.95 10.54
CA THR F 602 9.09 14.24 9.40
C THR F 602 8.06 13.17 9.19
N ASN F 603 8.23 12.08 9.90
CA ASN F 603 7.32 10.97 9.88
C ASN F 603 6.22 11.16 10.94
N THR F 604 6.27 12.31 11.62
CA THR F 604 5.32 12.70 12.65
C THR F 604 4.63 14.00 12.24
N SER F 605 5.41 15.00 11.85
CA SER F 605 4.89 16.32 11.51
C SER F 605 5.75 17.05 10.51
N ASN F 606 5.14 17.88 9.68
CA ASN F 606 5.89 18.67 8.72
C ASN F 606 6.10 20.10 9.18
N GLN F 607 5.84 20.35 10.45
CA GLN F 607 6.04 21.66 11.01
C GLN F 607 7.47 21.80 11.46
N VAL F 608 8.11 22.90 11.13
CA VAL F 608 9.44 23.14 11.63
C VAL F 608 9.52 24.53 12.19
N ALA F 609 10.52 24.77 13.03
CA ALA F 609 10.77 26.11 13.53
C ALA F 609 12.13 26.54 13.03
N VAL F 610 12.30 27.82 12.75
CA VAL F 610 13.60 28.25 12.25
C VAL F 610 14.26 29.28 13.13
N LEU F 611 15.51 29.01 13.46
CA LEU F 611 16.31 29.88 14.28
C LEU F 611 17.28 30.71 13.46
N TYR F 612 17.19 32.02 13.62
CA TYR F 612 18.07 32.93 12.93
C TYR F 612 19.11 33.44 13.90
N GLN F 613 20.32 32.96 13.73
CA GLN F 613 21.36 33.18 14.73
C GLN F 613 21.74 34.62 14.93
N ASP F 614 21.71 35.37 13.84
CA ASP F 614 22.11 36.76 13.85
C ASP F 614 21.00 37.75 13.65
N VAL F 615 19.79 37.36 13.96
CA VAL F 615 18.68 38.29 13.85
C VAL F 615 18.16 38.62 15.25
N ASN F 616 18.03 39.94 15.55
CA ASN F 616 17.54 40.52 16.81
C ASN F 616 15.99 40.53 16.92
N CYS F 617 15.25 40.66 15.79
CA CYS F 617 13.78 40.72 15.70
C CYS F 617 13.13 41.78 16.63
N THR F 618 13.76 42.94 16.72
CA THR F 618 13.26 44.06 17.52
C THR F 618 14.21 45.26 17.39
N THR F 632 13.08 44.00 6.03
CA THR F 632 13.34 44.47 7.38
C THR F 632 14.34 43.50 8.08
N TRP F 633 13.82 42.38 8.61
CA TRP F 633 14.57 41.32 9.30
C TRP F 633 15.17 40.39 8.28
N ARG F 634 16.36 39.87 8.53
CA ARG F 634 16.97 38.91 7.63
C ARG F 634 16.46 37.50 7.90
N VAL F 635 15.18 37.31 7.62
CA VAL F 635 14.51 36.04 7.85
C VAL F 635 13.83 35.62 6.57
N TYR F 636 13.46 34.35 6.46
CA TYR F 636 12.78 33.93 5.25
C TYR F 636 11.30 34.24 5.32
N SER F 637 10.77 34.18 6.53
CA SER F 637 9.35 34.43 6.78
C SER F 637 9.15 34.77 8.25
N THR F 638 8.22 35.67 8.54
CA THR F 638 7.91 35.98 9.94
C THR F 638 6.54 35.40 10.27
N GLY F 639 6.49 34.61 11.32
CA GLY F 639 5.28 33.95 11.75
C GLY F 639 4.62 34.65 12.93
N SER F 640 3.69 33.94 13.56
CA SER F 640 2.91 34.43 14.69
C SER F 640 3.62 34.29 16.03
N ASN F 641 4.71 33.55 16.04
CA ASN F 641 5.46 33.26 17.24
C ASN F 641 6.89 33.67 17.09
N VAL F 642 7.22 34.86 17.57
CA VAL F 642 8.57 35.33 17.44
C VAL F 642 9.19 35.47 18.82
N PHE F 643 10.18 34.65 19.09
CA PHE F 643 10.85 34.61 20.38
C PHE F 643 12.32 34.96 20.29
N GLN F 644 12.70 36.03 20.96
CA GLN F 644 14.10 36.42 20.88
C GLN F 644 14.88 35.96 22.08
N THR F 645 15.89 35.15 21.83
CA THR F 645 16.75 34.64 22.87
C THR F 645 18.22 34.77 22.57
N ARG F 646 19.04 34.33 23.50
CA ARG F 646 20.48 34.38 23.41
C ARG F 646 21.00 33.53 22.26
N ALA F 647 20.27 32.50 21.91
CA ALA F 647 20.67 31.63 20.83
C ALA F 647 20.26 32.20 19.46
N GLY F 648 19.55 33.32 19.41
CA GLY F 648 19.07 33.90 18.15
C GLY F 648 17.55 34.08 18.16
N CYS F 649 16.97 34.55 17.02
CA CYS F 649 15.53 34.80 16.88
C CYS F 649 14.86 33.52 16.40
N LEU F 650 13.98 33.01 17.22
CA LEU F 650 13.30 31.79 16.90
C LEU F 650 11.91 32.05 16.42
N ILE F 651 11.64 31.66 15.19
CA ILE F 651 10.34 31.92 14.65
C ILE F 651 9.57 30.66 14.28
N GLY F 652 8.34 30.60 14.80
CA GLY F 652 7.41 29.49 14.55
C GLY F 652 7.19 28.58 15.75
N ALA F 653 8.08 28.62 16.72
CA ALA F 653 7.90 27.81 17.93
C ALA F 653 7.17 28.65 18.95
N GLU F 654 6.25 28.05 19.66
CA GLU F 654 5.57 28.80 20.70
C GLU F 654 6.53 28.83 21.85
N HIS F 655 6.55 29.90 22.62
CA HIS F 655 7.44 29.86 23.77
C HIS F 655 6.63 29.83 25.05
N VAL F 656 7.06 29.03 25.99
CA VAL F 656 6.38 28.99 27.28
C VAL F 656 7.35 29.31 28.38
N ASN F 657 6.82 29.71 29.53
CA ASN F 657 7.66 30.08 30.66
C ASN F 657 7.89 28.95 31.63
N ASN F 658 7.49 27.77 31.22
CA ASN F 658 7.67 26.59 32.02
C ASN F 658 9.07 26.07 31.74
N SER F 659 9.46 25.00 32.39
CA SER F 659 10.78 24.45 32.14
C SER F 659 10.67 22.96 32.13
N TYR F 660 11.54 22.33 31.35
CA TYR F 660 11.44 20.89 31.20
C TYR F 660 12.75 20.23 30.84
N GLU F 661 12.69 18.92 30.74
CA GLU F 661 13.81 18.10 30.33
C GLU F 661 14.14 18.49 28.88
N CYS F 662 15.43 18.53 28.51
CA CYS F 662 15.89 18.93 27.18
C CYS F 662 15.72 17.82 26.15
N ASP F 663 15.29 18.25 24.99
CA ASP F 663 15.16 17.53 23.75
C ASP F 663 15.35 18.59 22.70
N ILE F 664 15.64 18.16 21.48
CA ILE F 664 15.80 19.09 20.38
C ILE F 664 16.48 20.35 20.91
N PRO F 665 17.72 20.27 21.40
CA PRO F 665 18.42 21.36 22.04
C PRO F 665 18.61 22.51 21.12
N ILE F 666 18.38 23.72 21.58
CA ILE F 666 18.57 24.89 20.74
C ILE F 666 19.85 25.61 21.05
N GLY F 667 20.11 25.86 22.32
CA GLY F 667 21.31 26.55 22.74
C GLY F 667 21.06 27.64 23.74
N ALA F 668 22.09 28.00 24.49
CA ALA F 668 22.05 29.07 25.47
C ALA F 668 20.91 28.95 26.47
N GLY F 669 20.69 27.76 27.03
CA GLY F 669 19.66 27.57 28.02
C GLY F 669 18.30 27.15 27.45
N ILE F 670 18.16 27.16 26.13
CA ILE F 670 16.91 26.84 25.46
C ILE F 670 16.89 25.49 24.74
N CYS F 671 15.79 24.73 24.94
CA CYS F 671 15.48 23.44 24.32
C CYS F 671 14.06 23.49 23.80
N ALA F 672 13.66 22.44 23.09
CA ALA F 672 12.33 22.39 22.53
C ALA F 672 11.82 20.99 22.39
N SER F 673 10.52 20.90 22.23
CA SER F 673 9.91 19.61 21.98
C SER F 673 8.63 19.78 21.19
N TYR F 674 8.18 18.70 20.60
CA TYR F 674 6.91 18.74 19.89
C TYR F 674 5.89 18.16 20.84
N GLN F 675 4.92 18.97 21.23
CA GLN F 675 3.95 18.59 22.25
C GLN F 675 2.52 18.76 21.75
N THR F 676 1.56 17.98 22.31
CA THR F 676 0.14 18.06 22.02
C THR F 676 -0.46 19.18 22.91
N SER F 689 -3.82 20.73 17.49
CA SER F 689 -3.57 20.31 18.87
C SER F 689 -2.07 20.17 19.24
N GLN F 690 -1.16 20.11 18.24
CA GLN F 690 0.29 19.95 18.42
C GLN F 690 1.09 21.08 17.81
N SER F 691 2.21 21.37 18.45
CA SER F 691 3.14 22.37 17.95
C SER F 691 4.52 22.24 18.56
N ILE F 692 5.48 22.90 17.94
CA ILE F 692 6.80 22.99 18.50
C ILE F 692 6.84 24.03 19.58
N ILE F 693 7.31 23.65 20.75
CA ILE F 693 7.40 24.54 21.88
C ILE F 693 8.81 24.69 22.38
N ALA F 694 9.21 25.94 22.53
CA ALA F 694 10.49 26.30 23.09
C ALA F 694 10.32 26.57 24.58
N TYR F 695 11.32 26.19 25.35
CA TYR F 695 11.33 26.38 26.78
C TYR F 695 12.73 26.41 27.36
N THR F 696 12.88 26.92 28.57
CA THR F 696 14.19 26.85 29.17
C THR F 696 14.38 25.47 29.78
N MET F 697 15.61 25.11 30.00
CA MET F 697 15.88 23.83 30.62
C MET F 697 15.70 23.79 32.10
N SER F 698 15.20 22.66 32.55
CA SER F 698 15.18 22.36 33.95
C SER F 698 16.56 21.80 34.25
N LEU F 699 16.92 21.76 35.52
CA LEU F 699 18.16 21.11 35.90
C LEU F 699 17.78 20.03 36.84
N GLY F 700 17.32 18.91 36.33
CA GLY F 700 16.83 17.90 37.24
C GLY F 700 15.69 18.49 38.04
N ALA F 701 15.84 18.46 39.35
CA ALA F 701 14.83 18.97 40.26
C ALA F 701 15.48 19.63 41.45
N GLU F 702 14.78 20.60 42.04
CA GLU F 702 15.31 21.30 43.21
C GLU F 702 15.24 20.47 44.46
N ASN F 703 16.23 20.66 45.31
CA ASN F 703 16.32 20.00 46.58
C ASN F 703 17.10 20.89 47.55
N SER F 704 17.29 20.45 48.77
CA SER F 704 18.01 21.24 49.75
C SER F 704 18.58 20.38 50.83
N VAL F 705 19.44 20.96 51.63
CA VAL F 705 20.00 20.24 52.74
C VAL F 705 19.67 21.06 53.97
N ALA F 706 19.37 20.42 55.11
CA ALA F 706 19.02 21.20 56.29
C ALA F 706 20.23 21.68 57.07
N TYR F 707 21.26 20.86 57.05
CA TYR F 707 22.46 21.04 57.84
C TYR F 707 22.17 21.28 59.29
N SER F 708 21.44 20.39 59.90
CA SER F 708 21.31 20.59 61.31
C SER F 708 22.74 20.30 61.80
N ASN F 709 23.38 21.25 62.50
CA ASN F 709 24.79 21.15 62.91
C ASN F 709 25.05 20.08 63.99
N ASN F 710 23.99 19.61 64.68
CA ASN F 710 24.03 18.62 65.75
C ASN F 710 23.27 17.35 65.41
N SER F 711 23.02 17.08 64.14
CA SER F 711 22.25 15.88 63.82
C SER F 711 22.71 15.22 62.54
N ILE F 712 22.69 13.90 62.57
CA ILE F 712 23.13 13.08 61.47
C ILE F 712 22.06 12.17 60.93
N ALA F 713 21.98 12.04 59.62
CA ALA F 713 21.03 11.10 59.05
C ALA F 713 21.75 9.78 58.86
N ILE F 714 21.09 8.70 59.28
CA ILE F 714 21.62 7.34 59.20
C ILE F 714 20.61 6.42 58.49
N PRO F 715 20.99 5.64 57.45
CA PRO F 715 20.11 4.73 56.72
C PRO F 715 19.57 3.72 57.69
N THR F 716 18.33 3.28 57.52
CA THR F 716 17.80 2.23 58.43
C THR F 716 17.44 0.92 57.67
N ASN F 717 17.55 0.93 56.32
CA ASN F 717 17.30 -0.13 55.36
C ASN F 717 18.29 0.11 54.21
N PHE F 718 18.30 -0.79 53.23
CA PHE F 718 19.12 -0.72 52.03
C PHE F 718 18.50 -1.53 50.94
N THR F 719 18.88 -1.24 49.72
CA THR F 719 18.54 -2.07 48.60
C THR F 719 19.76 -2.42 47.81
N ILE F 720 19.91 -3.67 47.50
CA ILE F 720 20.98 -4.06 46.62
C ILE F 720 20.35 -4.21 45.28
N SER F 721 20.89 -3.45 44.36
CA SER F 721 20.33 -3.37 43.04
C SER F 721 21.41 -3.48 42.02
N VAL F 722 21.01 -3.74 40.79
CA VAL F 722 22.00 -3.93 39.79
C VAL F 722 21.77 -2.94 38.66
N THR F 723 22.83 -2.28 38.26
CA THR F 723 22.79 -1.33 37.17
C THR F 723 23.68 -1.79 36.05
N THR F 724 23.66 -1.08 34.94
CA THR F 724 24.51 -1.52 33.85
C THR F 724 25.37 -0.46 33.24
N GLU F 725 26.48 -0.91 32.66
CA GLU F 725 27.38 -0.04 31.90
C GLU F 725 27.80 -0.70 30.59
N ILE F 726 27.84 0.10 29.52
CA ILE F 726 28.23 -0.41 28.23
C ILE F 726 29.48 0.27 27.75
N LEU F 727 30.48 -0.53 27.42
CA LEU F 727 31.75 -0.04 26.98
C LEU F 727 32.23 -0.72 25.70
N PRO F 728 32.05 -0.11 24.52
CA PRO F 728 32.46 -0.65 23.24
C PRO F 728 33.94 -0.96 23.31
N VAL F 729 34.33 -2.05 22.67
CA VAL F 729 35.71 -2.51 22.68
C VAL F 729 36.37 -2.47 21.31
N SER F 730 35.63 -2.78 20.25
CA SER F 730 36.29 -2.87 18.95
C SER F 730 35.46 -2.36 17.79
N MET F 731 36.18 -1.99 16.75
CA MET F 731 35.71 -1.52 15.45
C MET F 731 35.78 -2.59 14.41
N THR F 732 35.04 -2.39 13.34
CA THR F 732 35.16 -3.24 12.19
C THR F 732 36.55 -3.04 11.62
N LYS F 733 37.24 -4.14 11.36
CA LYS F 733 38.57 -4.06 10.78
C LYS F 733 38.41 -3.99 9.30
N THR F 734 39.16 -3.13 8.64
CA THR F 734 39.03 -3.05 7.20
C THR F 734 40.38 -3.10 6.54
N SER F 735 40.35 -3.26 5.24
CA SER F 735 41.53 -3.25 4.40
C SER F 735 41.16 -2.75 3.03
N VAL F 736 42.04 -1.98 2.41
CA VAL F 736 41.70 -1.45 1.11
C VAL F 736 42.63 -1.77 -0.02
N ASP F 737 42.07 -2.30 -1.08
CA ASP F 737 42.88 -2.52 -2.24
C ASP F 737 42.86 -1.17 -2.95
N CYS F 738 43.93 -0.41 -2.68
CA CYS F 738 44.14 0.97 -3.10
C CYS F 738 44.35 1.06 -4.62
N THR F 739 44.54 -0.09 -5.28
CA THR F 739 44.61 -0.03 -6.72
C THR F 739 43.19 -0.13 -7.21
N MET F 740 42.43 -1.07 -6.66
CA MET F 740 41.05 -1.25 -7.12
C MET F 740 40.16 -0.05 -6.93
N TYR F 741 40.36 0.68 -5.84
CA TYR F 741 39.56 1.87 -5.57
C TYR F 741 39.76 2.95 -6.59
N ILE F 742 40.92 2.98 -7.20
CA ILE F 742 41.24 4.05 -8.11
C ILE F 742 41.14 3.64 -9.59
N CYS F 743 41.74 2.49 -9.94
CA CYS F 743 41.90 1.96 -11.28
C CYS F 743 41.30 0.56 -11.36
N GLY F 744 40.13 0.36 -10.79
CA GLY F 744 39.58 -0.97 -10.86
C GLY F 744 39.37 -1.34 -12.31
N ASP F 745 39.92 -2.48 -12.70
CA ASP F 745 39.86 -2.99 -14.06
C ASP F 745 40.27 -1.97 -15.14
N SER F 746 41.30 -1.16 -14.89
CA SER F 746 41.74 -0.23 -15.92
C SER F 746 43.25 -0.19 -16.09
N THR F 747 43.72 -0.68 -17.24
CA THR F 747 45.13 -0.82 -17.51
C THR F 747 45.90 0.48 -17.58
N GLU F 748 45.35 1.45 -18.28
CA GLU F 748 46.09 2.69 -18.47
C GLU F 748 46.27 3.42 -17.15
N CYS F 749 45.19 3.47 -16.33
CA CYS F 749 45.12 4.09 -15.02
C CYS F 749 46.11 3.35 -14.12
N SER F 750 46.09 2.02 -14.18
CA SER F 750 46.94 1.22 -13.32
C SER F 750 48.39 1.55 -13.54
N ASN F 751 48.80 1.69 -14.79
CA ASN F 751 50.20 2.00 -14.99
C ASN F 751 50.52 3.40 -14.48
N LEU F 752 49.63 4.36 -14.70
CA LEU F 752 49.91 5.72 -14.27
C LEU F 752 50.00 5.81 -12.75
N LEU F 753 49.18 5.04 -12.07
CA LEU F 753 49.08 5.00 -10.63
C LEU F 753 50.32 4.44 -9.97
N LEU F 754 51.20 3.79 -10.72
CA LEU F 754 52.38 3.21 -10.13
C LEU F 754 53.29 4.28 -9.58
N GLN F 755 53.18 5.49 -10.11
CA GLN F 755 54.05 6.55 -9.65
C GLN F 755 53.76 6.95 -8.20
N TYR F 756 52.49 6.91 -7.77
CA TYR F 756 52.16 7.29 -6.40
C TYR F 756 52.24 6.01 -5.56
N GLY F 757 53.44 5.47 -5.49
CA GLY F 757 53.69 4.15 -4.97
C GLY F 757 53.67 3.94 -3.48
N SER F 758 54.66 4.51 -2.80
CA SER F 758 54.85 4.28 -1.37
C SER F 758 53.70 4.81 -0.55
N PHE F 759 52.95 5.68 -1.15
CA PHE F 759 51.79 6.30 -0.55
C PHE F 759 50.59 5.33 -0.41
N CYS F 760 50.42 4.42 -1.42
CA CYS F 760 49.32 3.46 -1.56
C CYS F 760 49.60 2.45 -0.42
N THR F 761 50.90 2.12 -0.31
CA THR F 761 51.38 1.20 0.71
C THR F 761 51.22 1.81 2.10
N GLN F 762 51.53 3.09 2.24
CA GLN F 762 51.43 3.75 3.52
C GLN F 762 50.01 3.71 4.06
N LEU F 763 49.02 3.89 3.18
CA LEU F 763 47.63 3.83 3.65
C LEU F 763 47.34 2.44 4.18
N ASN F 764 47.86 1.43 3.49
CA ASN F 764 47.61 0.07 3.92
C ASN F 764 48.23 -0.19 5.28
N ARG F 765 49.42 0.37 5.52
CA ARG F 765 50.03 0.14 6.80
C ARG F 765 49.21 0.73 7.92
N ALA F 766 48.67 1.91 7.70
CA ALA F 766 47.87 2.54 8.73
C ALA F 766 46.63 1.73 9.06
N LEU F 767 45.98 1.19 8.04
CA LEU F 767 44.79 0.41 8.32
C LEU F 767 45.13 -0.88 9.00
N THR F 768 46.27 -1.45 8.65
CA THR F 768 46.67 -2.69 9.26
C THR F 768 46.89 -2.46 10.73
N GLY F 769 47.55 -1.36 11.08
CA GLY F 769 47.79 -1.08 12.48
C GLY F 769 46.48 -0.98 13.25
N ILE F 770 45.45 -0.41 12.64
CA ILE F 770 44.18 -0.34 13.33
C ILE F 770 43.65 -1.72 13.56
N ALA F 771 43.69 -2.56 12.52
CA ALA F 771 43.17 -3.90 12.60
C ALA F 771 43.85 -4.72 13.70
N VAL F 772 45.15 -4.53 13.86
CA VAL F 772 45.87 -5.24 14.89
C VAL F 772 45.38 -4.82 16.25
N GLU F 773 45.20 -3.52 16.43
CA GLU F 773 44.74 -3.03 17.70
C GLU F 773 43.34 -3.54 18.00
N GLN F 774 42.49 -3.69 17.00
CA GLN F 774 41.15 -4.12 17.34
C GLN F 774 41.17 -5.52 17.96
N ASP F 775 42.08 -6.39 17.52
CA ASP F 775 42.09 -7.69 18.16
C ASP F 775 42.79 -7.59 19.50
N LYS F 776 43.81 -6.74 19.61
CA LYS F 776 44.45 -6.65 20.91
C LYS F 776 43.49 -6.10 21.95
N ASN F 777 42.62 -5.18 21.58
CA ASN F 777 41.69 -4.59 22.51
C ASN F 777 40.76 -5.65 23.02
N THR F 778 40.33 -6.52 22.11
CA THR F 778 39.42 -7.57 22.49
C THR F 778 40.10 -8.49 23.47
N GLN F 779 41.36 -8.82 23.19
CA GLN F 779 42.08 -9.72 24.06
C GLN F 779 42.30 -9.11 25.44
N GLU F 780 42.61 -7.82 25.52
CA GLU F 780 42.86 -7.19 26.81
C GLU F 780 41.63 -7.14 27.68
N VAL F 781 40.47 -6.98 27.08
CA VAL F 781 39.25 -6.92 27.84
C VAL F 781 38.80 -8.29 28.29
N PHE F 782 38.82 -9.29 27.40
CA PHE F 782 38.26 -10.56 27.80
C PHE F 782 39.23 -11.67 28.20
N ALA F 783 40.40 -11.75 27.56
CA ALA F 783 41.32 -12.84 27.81
C ALA F 783 42.26 -12.46 28.92
N GLN F 784 41.71 -12.26 30.10
CA GLN F 784 42.53 -11.80 31.21
C GLN F 784 43.08 -12.93 32.05
N VAL F 785 42.35 -14.02 32.08
CA VAL F 785 42.70 -15.18 32.87
C VAL F 785 42.76 -16.37 31.93
N LYS F 786 43.87 -17.11 31.98
CA LYS F 786 44.09 -18.25 31.10
C LYS F 786 43.54 -19.55 31.68
N GLN F 787 43.00 -19.47 32.86
CA GLN F 787 42.42 -20.63 33.49
C GLN F 787 40.95 -20.55 33.18
N ILE F 788 40.50 -21.47 32.34
CA ILE F 788 39.14 -21.42 31.90
C ILE F 788 38.33 -22.34 32.75
N TYR F 789 37.59 -21.76 33.65
CA TYR F 789 36.87 -22.52 34.62
C TYR F 789 35.51 -22.88 34.12
N LYS F 790 35.10 -24.09 34.46
CA LYS F 790 33.77 -24.53 34.13
C LYS F 790 32.82 -24.06 35.20
N THR F 791 31.58 -23.82 34.83
CA THR F 791 30.56 -23.45 35.78
C THR F 791 30.42 -24.63 36.72
N PRO F 792 30.48 -24.46 38.05
CA PRO F 792 30.33 -25.53 39.01
C PRO F 792 28.96 -26.20 38.83
N PRO F 793 28.84 -27.50 39.12
CA PRO F 793 27.62 -28.30 39.10
C PRO F 793 26.69 -27.88 40.24
N ILE F 794 27.25 -27.20 41.24
CA ILE F 794 26.56 -26.72 42.41
C ILE F 794 26.03 -25.33 42.13
N LYS F 795 24.74 -25.13 42.28
CA LYS F 795 24.15 -23.83 42.00
C LYS F 795 23.78 -23.15 43.29
N ASP F 796 24.17 -23.73 44.40
CA ASP F 796 23.81 -23.24 45.72
C ASP F 796 24.71 -22.10 46.18
N PHE F 797 24.60 -21.01 45.48
CA PHE F 797 25.36 -19.82 45.81
C PHE F 797 24.53 -19.01 46.76
N GLY F 798 24.38 -19.54 47.96
CA GLY F 798 23.51 -18.97 48.97
C GLY F 798 22.08 -19.04 48.45
N GLY F 799 21.36 -17.92 48.50
CA GLY F 799 19.98 -17.89 48.02
C GLY F 799 19.88 -17.23 46.66
N PHE F 800 21.01 -17.03 46.03
CA PHE F 800 21.08 -16.29 44.80
C PHE F 800 20.89 -17.23 43.59
N ASN F 801 20.33 -16.69 42.49
CA ASN F 801 20.01 -17.41 41.26
C ASN F 801 21.19 -17.43 40.24
N PHE F 802 21.47 -16.28 39.55
CA PHE F 802 22.52 -16.06 38.50
C PHE F 802 22.36 -16.88 37.20
N SER F 803 21.23 -17.54 37.01
CA SER F 803 21.10 -18.38 35.82
C SER F 803 20.99 -17.62 34.52
N GLN F 804 20.62 -16.34 34.58
CA GLN F 804 20.45 -15.59 33.35
C GLN F 804 21.76 -14.89 32.96
N ILE F 805 22.75 -15.05 33.84
CA ILE F 805 24.08 -14.47 33.69
C ILE F 805 24.99 -15.55 33.12
N LEU F 806 24.89 -16.74 33.68
CA LEU F 806 25.69 -17.89 33.30
C LEU F 806 25.29 -18.43 31.92
N PRO F 807 26.21 -19.04 31.16
CA PRO F 807 25.94 -19.66 29.88
C PRO F 807 24.85 -20.69 29.99
N ASP F 808 23.97 -20.74 29.00
CA ASP F 808 22.92 -21.74 28.98
C ASP F 808 23.39 -22.98 28.20
N PRO F 809 23.68 -24.11 28.85
CA PRO F 809 24.25 -25.30 28.25
C PRO F 809 23.32 -25.99 27.27
N SER F 810 22.03 -25.64 27.29
CA SER F 810 21.08 -26.29 26.40
C SER F 810 21.04 -25.63 25.03
N LYS F 811 21.69 -24.48 24.89
CA LYS F 811 21.68 -23.76 23.64
C LYS F 811 22.83 -24.23 22.76
N PRO F 812 22.75 -24.09 21.43
CA PRO F 812 23.85 -24.34 20.52
C PRO F 812 24.96 -23.30 20.72
N SER F 813 24.61 -22.17 21.31
CA SER F 813 25.49 -21.10 21.63
C SER F 813 26.08 -21.33 23.00
N LYS F 814 27.11 -20.58 23.34
CA LYS F 814 27.69 -20.70 24.67
C LYS F 814 27.38 -19.46 25.48
N ARG F 815 26.42 -18.72 24.98
CA ARG F 815 25.93 -17.49 25.56
C ARG F 815 24.92 -17.73 26.68
N SER F 816 24.86 -16.76 27.56
CA SER F 816 23.88 -16.67 28.64
C SER F 816 22.59 -16.14 28.04
N PHE F 817 21.53 -16.12 28.82
CA PHE F 817 20.26 -15.62 28.34
C PHE F 817 20.35 -14.13 28.03
N ILE F 818 21.01 -13.39 28.91
CA ILE F 818 21.22 -11.97 28.70
C ILE F 818 22.09 -11.75 27.47
N GLU F 819 23.13 -12.54 27.31
CA GLU F 819 23.97 -12.38 26.14
C GLU F 819 23.19 -12.64 24.86
N ASP F 820 22.30 -13.64 24.81
CA ASP F 820 21.56 -13.75 23.56
C ASP F 820 20.77 -12.49 23.26
N LEU F 821 20.21 -11.87 24.27
CA LEU F 821 19.49 -10.65 23.97
C LEU F 821 20.43 -9.55 23.48
N LEU F 822 21.63 -9.44 24.05
CA LEU F 822 22.52 -8.36 23.62
C LEU F 822 22.92 -8.55 22.16
N PHE F 823 23.16 -9.79 21.78
CA PHE F 823 23.56 -10.14 20.44
C PHE F 823 22.43 -10.05 19.44
N ASN F 824 21.23 -10.38 19.85
CA ASN F 824 20.11 -10.32 18.94
C ASN F 824 19.69 -8.89 18.68
N LYS F 825 19.90 -7.99 19.65
CA LYS F 825 19.49 -6.60 19.46
C LYS F 825 20.45 -5.75 18.62
N VAL F 826 21.76 -5.96 18.69
CA VAL F 826 22.65 -5.13 17.88
C VAL F 826 22.63 -5.66 16.45
N THR F 827 22.41 -4.78 15.48
CA THR F 827 22.34 -5.22 14.11
C THR F 827 23.63 -5.01 13.35
N LEU F 828 24.14 -6.10 12.82
CA LEU F 828 25.35 -6.11 12.04
C LEU F 828 24.87 -6.30 10.63
N ALA F 829 25.61 -5.83 9.62
CA ALA F 829 25.12 -6.10 8.26
C ALA F 829 25.00 -7.61 8.03
N ASP F 830 25.98 -8.35 8.55
CA ASP F 830 25.97 -9.80 8.54
C ASP F 830 27.01 -10.25 9.55
N ALA F 831 27.14 -11.55 9.76
CA ALA F 831 28.21 -12.08 10.61
C ALA F 831 28.49 -13.56 10.36
N GLY F 832 29.76 -13.94 10.35
CA GLY F 832 30.13 -15.37 10.24
C GLY F 832 29.83 -15.94 8.86
N PHE F 833 29.81 -15.10 7.84
CA PHE F 833 29.45 -15.52 6.50
C PHE F 833 30.26 -14.88 5.39
N ILE F 834 30.63 -15.68 4.40
CA ILE F 834 31.36 -15.18 3.26
C ILE F 834 30.59 -15.19 1.97
N LYS F 835 30.52 -14.01 1.37
CA LYS F 835 29.86 -13.81 0.10
C LYS F 835 30.78 -14.35 -0.99
N GLN F 836 30.22 -15.09 -1.92
CA GLN F 836 31.01 -15.67 -2.98
C GLN F 836 30.97 -14.77 -4.20
N TYR F 837 31.94 -14.85 -5.08
CA TYR F 837 31.90 -14.00 -6.29
C TYR F 837 30.61 -14.14 -7.08
N GLY F 838 30.20 -15.38 -7.29
CA GLY F 838 29.02 -15.66 -8.08
C GLY F 838 27.74 -15.09 -7.46
N ASP F 839 27.78 -14.76 -6.18
CA ASP F 839 26.60 -14.22 -5.52
C ASP F 839 26.22 -12.81 -6.05
N CYS F 840 27.18 -12.07 -6.65
CA CYS F 840 27.03 -10.74 -7.20
C CYS F 840 26.75 -10.80 -8.70
N LEU F 841 26.67 -11.98 -9.28
CA LEU F 841 26.43 -11.99 -10.71
C LEU F 841 24.95 -11.92 -10.97
N GLY F 842 24.46 -10.70 -10.83
CA GLY F 842 23.06 -10.34 -10.93
C GLY F 842 22.89 -8.85 -10.67
N ASP F 843 21.64 -8.40 -10.69
CA ASP F 843 21.26 -7.01 -10.51
C ASP F 843 21.55 -6.56 -9.10
N ILE F 844 21.48 -7.54 -8.21
CA ILE F 844 21.69 -7.42 -6.79
C ILE F 844 23.00 -6.77 -6.43
N ALA F 845 24.01 -6.88 -7.27
CA ALA F 845 25.29 -6.29 -6.96
C ALA F 845 25.17 -4.79 -6.73
N ALA F 846 24.22 -4.15 -7.41
CA ALA F 846 24.04 -2.71 -7.30
C ALA F 846 23.20 -2.31 -6.10
N ARG F 847 22.59 -3.28 -5.42
CA ARG F 847 21.73 -2.98 -4.29
C ARG F 847 22.41 -3.37 -2.99
N ASP F 848 23.26 -4.36 -3.08
CA ASP F 848 23.97 -4.90 -1.96
C ASP F 848 25.21 -4.10 -1.67
N LEU F 849 25.18 -3.37 -0.56
CA LEU F 849 26.29 -2.51 -0.19
C LEU F 849 27.53 -3.31 0.11
N ILE F 850 27.39 -4.52 0.63
CA ILE F 850 28.62 -5.25 0.92
C ILE F 850 29.32 -5.57 -0.41
N CYS F 851 28.55 -6.03 -1.42
CA CYS F 851 29.03 -6.36 -2.76
C CYS F 851 29.64 -5.10 -3.43
N ALA F 852 28.90 -4.00 -3.37
CA ALA F 852 29.37 -2.76 -3.98
C ALA F 852 30.67 -2.31 -3.35
N GLN F 853 30.81 -2.48 -2.04
CA GLN F 853 32.06 -2.08 -1.43
C GLN F 853 33.20 -2.98 -1.90
N LYS F 854 32.96 -4.29 -2.00
CA LYS F 854 34.01 -5.20 -2.43
C LYS F 854 34.49 -4.92 -3.84
N PHE F 855 33.58 -4.55 -4.72
CA PHE F 855 33.97 -4.28 -6.08
C PHE F 855 34.79 -3.04 -6.27
N ASN F 856 34.88 -2.22 -5.24
CA ASN F 856 35.64 -1.01 -5.30
C ASN F 856 36.88 -1.13 -4.43
N GLY F 857 37.22 -2.36 -4.06
CA GLY F 857 38.43 -2.62 -3.29
C GLY F 857 38.25 -2.49 -1.79
N LEU F 858 37.04 -2.40 -1.28
CA LEU F 858 36.92 -2.23 0.14
C LEU F 858 36.57 -3.54 0.78
N THR F 859 37.39 -4.04 1.67
CA THR F 859 37.03 -5.29 2.32
C THR F 859 36.97 -5.14 3.81
N VAL F 860 36.49 -6.20 4.43
CA VAL F 860 36.35 -6.32 5.85
C VAL F 860 37.05 -7.56 6.33
N LEU F 861 37.85 -7.41 7.34
CA LEU F 861 38.59 -8.55 7.84
C LEU F 861 37.82 -9.15 9.00
N PRO F 862 37.81 -10.47 9.16
CA PRO F 862 37.16 -11.15 10.26
C PRO F 862 37.95 -10.89 11.51
N PRO F 863 37.34 -10.96 12.69
CA PRO F 863 37.93 -10.85 14.01
C PRO F 863 38.72 -12.09 14.25
N LEU F 864 39.75 -12.02 15.08
CA LEU F 864 40.46 -13.24 15.44
C LEU F 864 39.66 -14.06 16.43
N LEU F 865 39.02 -13.40 17.38
CA LEU F 865 38.25 -14.14 18.36
C LEU F 865 36.80 -14.11 17.95
N THR F 866 36.15 -15.26 18.06
CA THR F 866 34.76 -15.44 17.70
C THR F 866 33.86 -15.26 18.88
N ASP F 867 32.54 -15.20 18.63
CA ASP F 867 31.61 -15.04 19.73
C ASP F 867 31.69 -16.20 20.68
N GLU F 868 31.95 -17.39 20.17
CA GLU F 868 32.03 -18.56 21.02
C GLU F 868 33.24 -18.44 21.93
N MET F 869 34.37 -17.97 21.40
CA MET F 869 35.54 -17.86 22.24
C MET F 869 35.33 -16.81 23.30
N ILE F 870 34.63 -15.73 22.95
CA ILE F 870 34.40 -14.71 23.93
C ILE F 870 33.47 -15.27 24.97
N ALA F 871 32.45 -16.00 24.55
CA ALA F 871 31.56 -16.60 25.51
C ALA F 871 32.33 -17.51 26.44
N GLN F 872 33.34 -18.23 25.94
CA GLN F 872 34.11 -19.06 26.85
C GLN F 872 34.90 -18.19 27.82
N TYR F 873 35.39 -17.04 27.37
CA TYR F 873 36.11 -16.18 28.30
C TYR F 873 35.16 -15.61 29.35
N THR F 874 33.94 -15.20 28.97
CA THR F 874 33.07 -14.64 29.99
C THR F 874 32.63 -15.75 30.89
N SER F 875 32.48 -16.96 30.36
CA SER F 875 32.07 -18.08 31.15
C SER F 875 33.08 -18.35 32.22
N ALA F 876 34.36 -18.35 31.84
CA ALA F 876 35.43 -18.59 32.79
C ALA F 876 35.48 -17.55 33.85
N LEU F 877 35.28 -16.29 33.48
CA LEU F 877 35.35 -15.24 34.44
C LEU F 877 34.22 -15.39 35.42
N LEU F 878 33.04 -15.77 34.93
CA LEU F 878 31.90 -15.94 35.81
C LEU F 878 32.10 -17.11 36.74
N ALA F 879 32.65 -18.22 36.25
CA ALA F 879 32.88 -19.35 37.13
C ALA F 879 33.90 -18.97 38.20
N GLY F 880 34.89 -18.18 37.79
CA GLY F 880 35.92 -17.72 38.66
C GLY F 880 35.37 -16.86 39.77
N THR F 881 34.56 -15.87 39.42
CA THR F 881 34.04 -14.98 40.42
C THR F 881 32.88 -15.53 41.19
N ILE F 882 32.18 -16.51 40.66
CA ILE F 882 31.09 -17.04 41.43
C ILE F 882 31.65 -17.92 42.53
N THR F 883 32.74 -18.65 42.27
CA THR F 883 33.30 -19.54 43.28
C THR F 883 34.41 -18.98 44.16
N SER F 884 35.38 -18.31 43.59
CA SER F 884 36.51 -17.80 44.36
C SER F 884 36.42 -16.30 44.57
N GLY F 885 35.67 -15.65 43.70
CA GLY F 885 35.52 -14.21 43.82
C GLY F 885 36.85 -13.51 43.65
N TRP F 886 37.22 -12.74 44.64
CA TRP F 886 38.46 -12.00 44.57
C TRP F 886 39.67 -12.86 44.37
N THR F 887 39.65 -14.07 44.89
CA THR F 887 40.85 -14.85 44.85
C THR F 887 40.97 -15.67 43.61
N PHE F 888 40.05 -15.54 42.66
CA PHE F 888 40.26 -16.33 41.48
C PHE F 888 41.50 -15.73 40.77
N GLY F 889 41.81 -14.44 41.04
CA GLY F 889 42.99 -13.81 40.44
C GLY F 889 44.07 -13.59 41.51
N ALA F 890 45.22 -13.02 41.10
CA ALA F 890 46.34 -12.73 42.01
C ALA F 890 46.77 -13.96 42.83
N GLY F 891 46.79 -15.13 42.21
CA GLY F 891 47.17 -16.36 42.89
C GLY F 891 46.28 -17.51 42.47
N ALA F 892 46.38 -18.63 43.20
CA ALA F 892 45.56 -19.80 42.86
C ALA F 892 44.14 -19.54 43.28
N ALA F 893 43.19 -20.02 42.50
CA ALA F 893 41.81 -19.86 42.92
C ALA F 893 41.59 -20.66 44.19
N LEU F 894 40.84 -20.08 45.11
CA LEU F 894 40.50 -20.71 46.39
C LEU F 894 39.00 -20.77 46.48
N GLN F 895 38.39 -21.91 46.72
CA GLN F 895 36.95 -21.81 46.80
C GLN F 895 36.56 -21.19 48.11
N ILE F 896 35.53 -20.35 48.09
CA ILE F 896 34.97 -19.71 49.26
C ILE F 896 33.43 -19.83 49.22
N PRO F 897 32.72 -20.19 50.29
CA PRO F 897 31.26 -20.24 50.32
C PRO F 897 30.74 -18.90 49.83
N PHE F 898 29.66 -18.92 49.07
CA PHE F 898 29.18 -17.67 48.48
C PHE F 898 28.77 -16.65 49.52
N ALA F 899 28.10 -17.10 50.57
CA ALA F 899 27.68 -16.15 51.57
C ALA F 899 28.90 -15.48 52.19
N MET F 900 29.98 -16.23 52.34
CA MET F 900 31.16 -15.63 52.91
C MET F 900 31.75 -14.66 51.95
N GLN F 901 31.72 -14.98 50.66
CA GLN F 901 32.31 -14.07 49.70
C GLN F 901 31.62 -12.74 49.80
N MET F 902 30.29 -12.76 49.92
CA MET F 902 29.63 -11.50 50.03
C MET F 902 29.90 -10.87 51.37
N ALA F 903 30.01 -11.65 52.43
CA ALA F 903 30.28 -11.03 53.72
C ALA F 903 31.57 -10.24 53.63
N TYR F 904 32.56 -10.77 52.92
CA TYR F 904 33.82 -10.09 52.80
C TYR F 904 33.68 -8.85 51.94
N ARG F 905 32.85 -8.92 50.89
CA ARG F 905 32.62 -7.77 50.03
C ARG F 905 31.91 -6.65 50.83
N PHE F 906 31.03 -7.03 51.75
CA PHE F 906 30.33 -6.06 52.58
C PHE F 906 31.31 -5.44 53.53
N ASN F 907 32.22 -6.24 54.10
CA ASN F 907 33.19 -5.72 55.04
C ASN F 907 34.07 -4.70 54.31
N GLY F 908 34.30 -4.97 53.02
CA GLY F 908 35.06 -4.11 52.12
C GLY F 908 34.41 -2.74 51.99
N ILE F 909 33.09 -2.74 51.75
CA ILE F 909 32.31 -1.50 51.68
C ILE F 909 32.35 -0.79 53.03
N GLY F 910 32.25 -1.59 54.09
CA GLY F 910 32.23 -1.08 55.44
C GLY F 910 30.92 -1.39 56.12
N VAL F 911 30.15 -2.29 55.55
CA VAL F 911 28.89 -2.72 56.12
C VAL F 911 29.21 -3.95 56.93
N THR F 912 28.81 -4.00 58.19
CA THR F 912 29.13 -5.21 58.94
C THR F 912 28.55 -6.46 58.32
N GLN F 913 29.27 -7.57 58.47
CA GLN F 913 28.93 -8.89 57.96
C GLN F 913 27.62 -9.39 58.54
N ASN F 914 27.26 -8.81 59.68
CA ASN F 914 26.06 -9.20 60.37
C ASN F 914 24.87 -8.93 59.50
N VAL F 915 24.95 -7.90 58.65
CA VAL F 915 23.82 -7.55 57.83
C VAL F 915 23.53 -8.64 56.86
N LEU F 916 24.56 -9.19 56.24
CA LEU F 916 24.32 -10.24 55.27
C LEU F 916 23.72 -11.45 55.90
N TYR F 917 24.21 -11.84 57.05
CA TYR F 917 23.64 -13.06 57.54
C TYR F 917 22.22 -12.84 58.04
N GLU F 918 21.99 -11.71 58.70
CA GLU F 918 20.67 -11.43 59.22
C GLU F 918 19.65 -11.22 58.11
N ASN F 919 20.09 -10.64 57.01
CA ASN F 919 19.25 -10.34 55.88
C ASN F 919 19.63 -11.16 54.66
N GLN F 920 20.21 -12.35 54.83
CA GLN F 920 20.65 -13.08 53.65
C GLN F 920 19.55 -13.34 52.64
N LYS F 921 18.34 -13.63 53.11
CA LYS F 921 17.27 -13.93 52.17
C LYS F 921 16.80 -12.66 51.47
N LEU F 922 16.85 -11.53 52.18
CA LEU F 922 16.42 -10.27 51.61
C LEU F 922 17.34 -9.88 50.50
N ILE F 923 18.61 -10.03 50.75
CA ILE F 923 19.61 -9.64 49.79
C ILE F 923 19.49 -10.50 48.56
N ALA F 924 19.35 -11.80 48.76
CA ALA F 924 19.20 -12.67 47.62
C ALA F 924 17.96 -12.36 46.83
N ASN F 925 16.86 -12.03 47.50
CA ASN F 925 15.66 -11.74 46.77
C ASN F 925 15.76 -10.43 46.00
N GLN F 926 16.43 -9.43 46.59
CA GLN F 926 16.57 -8.16 45.90
C GLN F 926 17.44 -8.34 44.67
N PHE F 927 18.50 -9.14 44.78
CA PHE F 927 19.37 -9.38 43.67
C PHE F 927 18.67 -10.13 42.56
N ASN F 928 17.98 -11.21 42.91
CA ASN F 928 17.36 -12.02 41.89
C ASN F 928 16.34 -11.18 41.13
N SER F 929 15.64 -10.31 41.84
CA SER F 929 14.68 -9.43 41.22
C SER F 929 15.38 -8.47 40.28
N ALA F 930 16.48 -7.85 40.75
CA ALA F 930 17.21 -6.88 39.94
C ALA F 930 17.71 -7.47 38.65
N ILE F 931 18.17 -8.71 38.67
CA ILE F 931 18.66 -9.29 37.44
C ILE F 931 17.51 -9.49 36.49
N GLY F 932 16.38 -9.98 36.98
CA GLY F 932 15.26 -10.14 36.08
C GLY F 932 14.87 -8.79 35.50
N LYS F 933 14.91 -7.72 36.30
CA LYS F 933 14.54 -6.41 35.79
C LYS F 933 15.46 -5.97 34.68
N ILE F 934 16.75 -6.24 34.79
CA ILE F 934 17.66 -5.87 33.72
C ILE F 934 17.35 -6.64 32.48
N GLN F 935 17.12 -7.92 32.63
CA GLN F 935 16.81 -8.74 31.49
C GLN F 935 15.53 -8.27 30.81
N ASP F 936 14.52 -7.89 31.60
CA ASP F 936 13.26 -7.44 31.04
C ASP F 936 13.45 -6.10 30.36
N SER F 937 14.29 -5.26 30.96
CA SER F 937 14.57 -3.94 30.43
C SER F 937 15.25 -4.09 29.09
N LEU F 938 16.19 -5.04 29.00
CA LEU F 938 16.91 -5.31 27.78
C LEU F 938 15.99 -5.87 26.71
N SER F 939 15.06 -6.74 27.09
CA SER F 939 14.14 -7.29 26.11
C SER F 939 13.28 -6.17 25.52
N SER F 940 12.89 -5.22 26.37
CA SER F 940 12.05 -4.10 25.96
C SER F 940 12.75 -2.98 25.17
N THR F 941 13.83 -2.41 25.73
CA THR F 941 14.49 -1.28 25.09
C THR F 941 15.95 -1.53 24.71
N ALA F 942 16.24 -1.44 23.42
CA ALA F 942 17.58 -1.66 22.90
C ALA F 942 18.41 -0.39 22.80
N SER F 943 17.84 0.75 23.19
CA SER F 943 18.53 2.04 23.03
C SER F 943 19.82 2.11 23.83
N ALA F 944 19.93 1.35 24.91
CA ALA F 944 21.14 1.33 25.72
C ALA F 944 22.33 0.85 24.91
N LEU F 945 22.06 0.05 23.88
CA LEU F 945 23.08 -0.57 23.07
C LEU F 945 23.49 0.32 21.94
N GLY F 946 22.91 1.53 21.87
CA GLY F 946 23.16 2.47 20.82
C GLY F 946 24.64 2.75 20.64
N LYS F 947 25.42 2.72 21.71
CA LYS F 947 26.84 2.96 21.55
C LYS F 947 27.50 1.90 20.66
N LEU F 948 27.05 0.65 20.78
CA LEU F 948 27.65 -0.44 20.03
C LEU F 948 27.13 -0.38 18.62
N GLN F 949 25.86 0.00 18.51
CA GLN F 949 25.23 0.08 17.21
C GLN F 949 25.88 1.17 16.41
N ASP F 950 26.26 2.25 17.09
CA ASP F 950 26.90 3.37 16.45
C ASP F 950 28.27 2.98 15.95
N VAL F 951 29.04 2.21 16.72
CA VAL F 951 30.35 1.86 16.18
C VAL F 951 30.18 1.14 14.86
N VAL F 952 29.21 0.25 14.80
CA VAL F 952 28.97 -0.48 13.58
C VAL F 952 28.51 0.45 12.46
N ASN F 953 27.58 1.34 12.77
CA ASN F 953 27.03 2.21 11.76
C ASN F 953 28.06 3.17 11.22
N GLN F 954 28.96 3.64 12.06
CA GLN F 954 29.95 4.60 11.63
C GLN F 954 30.93 4.00 10.67
N ASN F 955 31.30 2.74 10.87
CA ASN F 955 32.21 2.15 9.91
C ASN F 955 31.49 1.91 8.61
N ALA F 956 30.23 1.52 8.69
CA ALA F 956 29.49 1.27 7.46
C ALA F 956 29.33 2.53 6.65
N GLN F 957 29.09 3.64 7.33
CA GLN F 957 28.91 4.90 6.66
C GLN F 957 30.17 5.36 6.00
N ALA F 958 31.30 5.16 6.67
CA ALA F 958 32.55 5.58 6.10
C ALA F 958 32.83 4.84 4.79
N LEU F 959 32.50 3.56 4.77
CA LEU F 959 32.73 2.79 3.56
C LEU F 959 31.73 3.16 2.48
N ASN F 960 30.50 3.47 2.88
CA ASN F 960 29.51 3.84 1.89
C ASN F 960 29.88 5.17 1.27
N THR F 961 30.48 6.04 2.08
CA THR F 961 30.93 7.34 1.63
C THR F 961 32.01 7.15 0.60
N LEU F 962 32.96 6.25 0.85
CA LEU F 962 33.99 6.04 -0.15
C LEU F 962 33.40 5.60 -1.46
N VAL F 963 32.35 4.79 -1.41
CA VAL F 963 31.77 4.40 -2.67
C VAL F 963 31.08 5.60 -3.32
N LYS F 964 30.31 6.37 -2.57
CA LYS F 964 29.62 7.49 -3.20
C LYS F 964 30.54 8.52 -3.80
N GLN F 965 31.69 8.74 -3.18
CA GLN F 965 32.67 9.72 -3.61
C GLN F 965 33.30 9.40 -4.94
N LEU F 966 33.15 8.18 -5.41
CA LEU F 966 33.72 7.76 -6.66
C LEU F 966 33.12 8.56 -7.81
N SER F 967 31.90 9.06 -7.61
CA SER F 967 31.20 9.80 -8.63
C SER F 967 31.75 11.18 -8.93
N SER F 968 32.56 11.73 -8.04
CA SER F 968 33.06 13.09 -8.22
C SER F 968 34.05 13.25 -9.37
N ASN F 969 33.91 14.36 -10.10
CA ASN F 969 34.78 14.66 -11.21
C ASN F 969 36.11 15.26 -10.82
N PHE F 970 36.17 16.03 -9.77
CA PHE F 970 37.44 16.65 -9.38
C PHE F 970 38.16 17.46 -10.45
N GLY F 971 37.42 18.14 -11.32
CA GLY F 971 38.05 18.93 -12.37
C GLY F 971 38.12 18.18 -13.69
N ALA F 972 37.81 16.90 -13.64
CA ALA F 972 37.78 16.07 -14.81
C ALA F 972 36.51 16.32 -15.57
N ILE F 973 36.52 15.92 -16.82
CA ILE F 973 35.38 15.95 -17.70
C ILE F 973 34.32 15.00 -17.18
N SER F 974 34.77 13.84 -16.74
CA SER F 974 33.93 12.78 -16.22
C SER F 974 34.64 11.98 -15.18
N SER F 975 33.88 11.47 -14.22
CA SER F 975 34.38 10.65 -13.13
C SER F 975 34.59 9.20 -13.52
N VAL F 976 34.17 8.87 -14.73
CA VAL F 976 34.30 7.53 -15.23
C VAL F 976 35.53 7.38 -16.12
N LEU F 977 36.40 6.47 -15.73
CA LEU F 977 37.63 6.26 -16.48
C LEU F 977 37.36 5.80 -17.87
N ASN F 978 36.31 5.03 -18.05
CA ASN F 978 36.02 4.55 -19.38
C ASN F 978 35.57 5.67 -20.30
N ASP F 979 34.98 6.75 -19.80
CA ASP F 979 34.55 7.80 -20.71
C ASP F 979 35.78 8.54 -21.17
N ILE F 980 36.72 8.68 -20.24
CA ILE F 980 37.94 9.38 -20.53
C ILE F 980 38.75 8.61 -21.54
N LEU F 981 38.89 7.32 -21.30
CA LEU F 981 39.66 6.47 -22.16
C LEU F 981 39.02 6.31 -23.52
N SER F 982 37.71 6.28 -23.58
CA SER F 982 37.09 6.16 -24.87
C SER F 982 37.26 7.40 -25.74
N ARG F 983 37.06 8.59 -25.16
CA ARG F 983 37.14 9.80 -25.96
C ARG F 983 38.52 10.42 -26.15
N LEU F 984 39.45 10.17 -25.25
CA LEU F 984 40.75 10.81 -25.36
C LEU F 984 41.91 9.91 -25.72
N ASP F 985 42.88 10.48 -26.39
CA ASP F 985 44.10 9.78 -26.70
C ASP F 985 44.93 9.76 -25.43
N PRO F 986 46.04 9.03 -25.34
CA PRO F 986 46.86 8.97 -24.16
C PRO F 986 47.23 10.33 -23.54
N PRO F 987 47.93 11.27 -24.21
CA PRO F 987 48.37 12.48 -23.53
C PRO F 987 47.22 13.33 -23.00
N GLU F 988 46.03 13.25 -23.59
CA GLU F 988 44.94 14.03 -23.01
C GLU F 988 44.29 13.24 -21.89
N ALA F 989 44.18 11.93 -22.06
CA ALA F 989 43.55 11.07 -21.08
C ALA F 989 44.32 11.16 -19.80
N GLU F 990 45.63 11.29 -19.91
CA GLU F 990 46.47 11.37 -18.74
C GLU F 990 46.13 12.54 -17.87
N VAL F 991 45.70 13.66 -18.43
CA VAL F 991 45.40 14.78 -17.57
C VAL F 991 44.17 14.48 -16.78
N GLN F 992 43.19 13.95 -17.48
CA GLN F 992 41.93 13.65 -16.85
C GLN F 992 42.08 12.56 -15.80
N ILE F 993 42.96 11.61 -16.08
CA ILE F 993 43.20 10.53 -15.18
C ILE F 993 43.91 11.06 -13.95
N ASP F 994 44.92 11.91 -14.11
CA ASP F 994 45.58 12.43 -12.93
C ASP F 994 44.63 13.20 -12.05
N ARG F 995 43.66 13.91 -12.64
CA ARG F 995 42.74 14.63 -11.79
C ARG F 995 41.91 13.65 -10.99
N LEU F 996 41.49 12.54 -11.60
CA LEU F 996 40.71 11.60 -10.83
C LEU F 996 41.55 10.83 -9.85
N ILE F 997 42.81 10.56 -10.18
CA ILE F 997 43.61 9.82 -9.24
C ILE F 997 43.80 10.67 -8.02
N THR F 998 44.10 11.95 -8.19
CA THR F 998 44.32 12.77 -7.01
C THR F 998 43.08 12.79 -6.16
N GLY F 999 41.92 12.95 -6.77
CA GLY F 999 40.70 13.00 -6.01
C GLY F 999 40.42 11.70 -5.26
N ARG F 1000 40.66 10.58 -5.91
CA ARG F 1000 40.40 9.31 -5.26
C ARG F 1000 41.35 9.12 -4.10
N LEU F 1001 42.58 9.58 -4.27
CA LEU F 1001 43.55 9.48 -3.22
C LEU F 1001 43.15 10.34 -2.05
N GLN F 1002 42.60 11.51 -2.31
CA GLN F 1002 42.18 12.33 -1.20
C GLN F 1002 41.09 11.64 -0.43
N SER F 1003 40.18 10.97 -1.13
CA SER F 1003 39.11 10.28 -0.44
C SER F 1003 39.67 9.17 0.45
N LEU F 1004 40.65 8.43 -0.05
CA LEU F 1004 41.20 7.38 0.77
C LEU F 1004 42.01 7.90 1.91
N GLN F 1005 42.75 8.97 1.71
CA GLN F 1005 43.57 9.50 2.77
C GLN F 1005 42.68 10.00 3.87
N THR F 1006 41.55 10.59 3.49
CA THR F 1006 40.62 11.11 4.46
C THR F 1006 40.04 9.98 5.25
N TYR F 1007 39.65 8.91 4.55
CA TYR F 1007 39.10 7.75 5.20
C TYR F 1007 40.02 7.18 6.22
N VAL F 1008 41.27 6.98 5.84
CA VAL F 1008 42.20 6.38 6.76
C VAL F 1008 42.38 7.26 7.96
N THR F 1009 42.49 8.56 7.75
CA THR F 1009 42.68 9.45 8.87
C THR F 1009 41.51 9.35 9.83
N GLN F 1010 40.29 9.31 9.32
CA GLN F 1010 39.16 9.21 10.21
C GLN F 1010 39.14 7.90 10.93
N GLN F 1011 39.56 6.82 10.27
CA GLN F 1011 39.56 5.55 10.93
C GLN F 1011 40.59 5.57 12.06
N LEU F 1012 41.73 6.23 11.86
CA LEU F 1012 42.76 6.30 12.89
C LEU F 1012 42.30 7.09 14.09
N ILE F 1013 41.56 8.17 13.85
CA ILE F 1013 41.07 8.96 14.96
C ILE F 1013 40.06 8.14 15.74
N ARG F 1014 39.17 7.46 15.02
CA ARG F 1014 38.18 6.64 15.67
C ARG F 1014 38.85 5.50 16.41
N ALA F 1015 39.92 4.95 15.85
CA ALA F 1015 40.62 3.87 16.49
C ALA F 1015 41.19 4.32 17.81
N ALA F 1016 41.69 5.55 17.87
CA ALA F 1016 42.20 6.00 19.14
C ALA F 1016 41.10 6.05 20.18
N GLU F 1017 39.91 6.46 19.76
CA GLU F 1017 38.81 6.55 20.71
C GLU F 1017 38.32 5.18 21.15
N ILE F 1018 38.31 4.20 20.24
CA ILE F 1018 37.84 2.89 20.66
C ILE F 1018 38.87 2.29 21.58
N ARG F 1019 40.17 2.55 21.34
CA ARG F 1019 41.17 2.02 22.23
C ARG F 1019 40.99 2.58 23.62
N ALA F 1020 40.70 3.87 23.73
CA ALA F 1020 40.51 4.42 25.05
C ALA F 1020 39.35 3.76 25.77
N SER F 1021 38.26 3.48 25.04
CA SER F 1021 37.12 2.83 25.64
C SER F 1021 37.49 1.44 26.09
N ALA F 1022 38.20 0.72 25.22
CA ALA F 1022 38.63 -0.63 25.50
C ALA F 1022 39.55 -0.68 26.70
N ASN F 1023 40.41 0.32 26.85
CA ASN F 1023 41.34 0.31 27.95
C ASN F 1023 40.57 0.47 29.23
N LEU F 1024 39.55 1.30 29.21
CA LEU F 1024 38.75 1.46 30.40
C LEU F 1024 37.98 0.19 30.66
N ALA F 1025 37.46 -0.42 29.60
CA ALA F 1025 36.70 -1.65 29.75
C ALA F 1025 37.53 -2.75 30.34
N ALA F 1026 38.79 -2.83 29.92
CA ALA F 1026 39.69 -3.83 30.43
C ALA F 1026 39.99 -3.52 31.87
N THR F 1027 40.13 -2.24 32.19
CA THR F 1027 40.41 -1.84 33.54
C THR F 1027 39.27 -2.21 34.45
N LYS F 1028 38.04 -1.92 34.01
CA LYS F 1028 36.85 -2.25 34.78
C LYS F 1028 36.66 -3.73 34.89
N MET F 1029 37.00 -4.50 33.86
CA MET F 1029 36.86 -5.92 34.05
C MET F 1029 37.72 -6.28 35.25
N SER F 1030 38.95 -5.78 35.28
CA SER F 1030 39.79 -6.13 36.39
C SER F 1030 39.35 -5.55 37.73
N GLU F 1031 38.93 -4.29 37.75
CA GLU F 1031 38.60 -3.65 39.02
C GLU F 1031 37.18 -3.90 39.57
N CYS F 1032 36.19 -4.23 38.69
CA CYS F 1032 34.79 -4.44 39.04
C CYS F 1032 34.48 -5.94 39.14
N VAL F 1033 35.10 -6.77 38.28
CA VAL F 1033 34.78 -8.21 38.22
C VAL F 1033 35.82 -9.05 38.97
N LEU F 1034 37.09 -8.79 38.70
CA LEU F 1034 38.17 -9.60 39.29
C LEU F 1034 38.59 -9.13 40.69
N GLY F 1035 38.00 -8.04 41.12
CA GLY F 1035 38.28 -7.43 42.41
C GLY F 1035 37.17 -6.46 42.77
N GLN F 1036 37.34 -5.73 43.87
CA GLN F 1036 36.31 -4.78 44.30
C GLN F 1036 36.79 -3.35 44.23
N SER F 1037 36.21 -2.60 43.32
CA SER F 1037 36.56 -1.21 43.16
C SER F 1037 36.07 -0.48 44.36
N LYS F 1038 36.87 0.47 44.83
CA LYS F 1038 36.47 1.31 45.93
C LYS F 1038 36.19 2.74 45.47
N ARG F 1039 36.19 2.93 44.16
CA ARG F 1039 35.97 4.27 43.60
C ARG F 1039 34.49 4.58 43.49
N VAL F 1040 34.13 5.81 43.85
CA VAL F 1040 32.72 6.18 43.95
C VAL F 1040 31.99 6.22 42.64
N ASP F 1041 32.69 6.53 41.56
CA ASP F 1041 32.02 6.61 40.29
C ASP F 1041 32.41 5.49 39.35
N PHE F 1042 32.86 4.38 39.91
CA PHE F 1042 33.18 3.24 39.09
C PHE F 1042 32.20 2.15 39.38
N CYS F 1043 31.95 1.29 38.37
CA CYS F 1043 31.12 0.09 38.46
C CYS F 1043 29.65 0.45 38.83
N GLY F 1044 29.08 1.45 38.17
CA GLY F 1044 27.71 1.82 38.49
C GLY F 1044 27.66 2.89 39.59
N LYS F 1045 26.52 2.94 40.31
CA LYS F 1045 26.29 3.94 41.34
C LYS F 1045 25.92 3.20 42.61
N GLY F 1046 26.40 3.68 43.74
CA GLY F 1046 26.15 3.06 45.03
C GLY F 1046 27.47 2.43 45.42
N TYR F 1047 27.53 1.70 46.51
CA TYR F 1047 28.83 1.18 46.87
C TYR F 1047 29.04 -0.11 46.14
N HIS F 1048 30.15 -0.23 45.42
CA HIS F 1048 30.32 -1.45 44.65
C HIS F 1048 30.46 -2.69 45.48
N LEU F 1049 29.67 -3.71 45.16
CA LEU F 1049 29.72 -4.95 45.89
C LEU F 1049 30.35 -6.04 45.01
N MET F 1050 29.83 -6.22 43.78
CA MET F 1050 30.31 -7.26 42.84
C MET F 1050 29.80 -7.00 41.43
N SER F 1051 30.35 -7.68 40.43
CA SER F 1051 29.82 -7.53 39.08
C SER F 1051 30.04 -8.76 38.24
N PHE F 1052 29.29 -8.81 37.16
CA PHE F 1052 29.36 -9.89 36.22
C PHE F 1052 29.39 -9.33 34.79
N PRO F 1053 30.38 -9.64 33.97
CA PRO F 1053 30.48 -9.21 32.60
C PRO F 1053 29.55 -10.03 31.76
N GLN F 1054 29.11 -9.46 30.66
CA GLN F 1054 28.39 -10.14 29.59
C GLN F 1054 28.98 -9.62 28.27
N SER F 1055 29.14 -10.47 27.27
CA SER F 1055 29.64 -9.97 25.99
C SER F 1055 28.55 -9.39 25.12
N ALA F 1056 28.95 -8.60 24.13
CA ALA F 1056 28.05 -8.04 23.15
C ALA F 1056 28.85 -7.85 21.85
N PRO F 1057 28.24 -7.75 20.68
CA PRO F 1057 28.98 -7.49 19.49
C PRO F 1057 29.76 -6.22 19.70
N HIS F 1058 31.03 -6.25 19.34
CA HIS F 1058 31.91 -5.11 19.44
C HIS F 1058 32.09 -4.50 20.82
N GLY F 1059 31.82 -5.24 21.90
CA GLY F 1059 32.00 -4.65 23.22
C GLY F 1059 31.62 -5.51 24.41
N VAL F 1060 31.69 -4.89 25.58
CA VAL F 1060 31.37 -5.56 26.82
C VAL F 1060 30.30 -4.80 27.58
N VAL F 1061 29.36 -5.53 28.14
CA VAL F 1061 28.31 -4.97 28.93
C VAL F 1061 28.44 -5.50 30.34
N PHE F 1062 28.46 -4.62 31.31
CA PHE F 1062 28.61 -5.09 32.66
C PHE F 1062 27.38 -4.94 33.50
N LEU F 1063 27.16 -5.94 34.35
CA LEU F 1063 26.10 -5.93 35.34
C LEU F 1063 26.76 -5.60 36.66
N HIS F 1064 26.46 -4.43 37.19
CA HIS F 1064 27.13 -3.96 38.41
C HIS F 1064 26.21 -3.96 39.61
N VAL F 1065 26.59 -4.73 40.61
CA VAL F 1065 25.78 -4.91 41.78
C VAL F 1065 26.29 -3.98 42.85
N THR F 1066 25.43 -3.08 43.29
CA THR F 1066 25.84 -2.11 44.28
C THR F 1066 24.91 -2.04 45.48
N TYR F 1067 25.43 -1.49 46.55
CA TYR F 1067 24.68 -1.28 47.77
C TYR F 1067 24.18 0.14 47.84
N VAL F 1068 22.87 0.28 47.91
CA VAL F 1068 22.30 1.59 47.99
C VAL F 1068 21.57 1.76 49.33
N PRO F 1069 22.00 2.68 50.19
CA PRO F 1069 21.40 2.95 51.47
C PRO F 1069 19.96 3.35 51.29
N ALA F 1070 19.11 3.05 52.25
CA ALA F 1070 17.70 3.42 52.16
C ALA F 1070 17.08 3.79 53.52
N GLN F 1071 16.00 4.57 53.43
CA GLN F 1071 15.20 4.91 54.61
C GLN F 1071 15.99 5.56 55.74
N GLU F 1072 16.73 6.61 55.45
CA GLU F 1072 17.46 7.27 56.51
C GLU F 1072 16.56 8.03 57.46
N LYS F 1073 17.02 8.15 58.71
CA LYS F 1073 16.33 8.92 59.75
C LYS F 1073 17.39 9.76 60.45
N ASN F 1074 17.05 10.97 60.99
CA ASN F 1074 18.03 11.82 61.70
C ASN F 1074 17.93 11.70 63.23
N PHE F 1075 19.11 11.51 63.84
CA PHE F 1075 19.37 11.34 65.25
C PHE F 1075 20.41 12.36 65.70
N THR F 1076 20.37 12.73 66.97
CA THR F 1076 21.29 13.72 67.51
C THR F 1076 22.67 13.16 67.60
N THR F 1077 23.68 13.90 67.23
CA THR F 1077 25.02 13.33 67.36
C THR F 1077 26.03 14.19 68.06
N ALA F 1078 27.12 13.54 68.44
CA ALA F 1078 28.24 14.20 69.08
C ALA F 1078 29.52 13.48 68.74
N PRO F 1079 30.66 14.18 68.68
CA PRO F 1079 31.99 13.63 68.47
C PRO F 1079 32.50 12.83 69.64
N ALA F 1080 31.91 13.05 70.79
CA ALA F 1080 32.41 12.40 71.96
C ALA F 1080 31.39 12.34 73.05
N ILE F 1081 31.67 11.44 73.95
CA ILE F 1081 30.93 11.27 75.18
C ILE F 1081 31.83 11.49 76.38
N CYS F 1082 31.33 12.27 77.36
CA CYS F 1082 31.99 12.61 78.59
C CYS F 1082 31.56 11.61 79.65
N HIS F 1083 32.54 10.89 80.18
CA HIS F 1083 32.21 9.84 81.15
C HIS F 1083 32.57 10.25 82.56
N ASP F 1084 33.84 10.19 82.88
CA ASP F 1084 34.37 10.57 84.17
C ASP F 1084 35.26 11.80 84.06
N GLY F 1085 35.07 12.54 82.97
CA GLY F 1085 35.85 13.72 82.64
C GLY F 1085 36.73 13.41 81.43
N LYS F 1086 36.90 12.12 81.14
CA LYS F 1086 37.65 11.72 79.96
C LYS F 1086 36.71 11.75 78.78
N ALA F 1087 37.26 11.99 77.60
CA ALA F 1087 36.43 11.97 76.42
C ALA F 1087 36.57 10.65 75.68
N HIS F 1088 35.43 10.09 75.34
CA HIS F 1088 35.32 8.87 74.58
C HIS F 1088 34.93 9.25 73.17
N PHE F 1089 35.46 8.55 72.19
CA PHE F 1089 35.12 8.81 70.81
C PHE F 1089 34.65 7.49 70.25
N PRO F 1090 33.76 7.42 69.27
CA PRO F 1090 33.31 6.16 68.75
C PRO F 1090 34.47 5.46 68.11
N ARG F 1091 34.58 4.15 68.36
CA ARG F 1091 35.62 3.34 67.75
C ARG F 1091 35.37 3.21 66.27
N GLU F 1092 34.10 3.08 65.94
CA GLU F 1092 33.62 2.96 64.59
C GLU F 1092 32.28 3.65 64.55
N GLY F 1093 31.86 4.12 63.39
CA GLY F 1093 30.53 4.68 63.33
C GLY F 1093 30.44 6.02 64.04
N VAL F 1094 29.26 6.28 64.58
CA VAL F 1094 28.91 7.53 65.22
C VAL F 1094 28.22 7.39 66.59
N PHE F 1095 28.53 8.31 67.52
CA PHE F 1095 27.80 8.38 68.77
C PHE F 1095 26.61 9.22 68.48
N VAL F 1096 25.48 8.60 68.56
CA VAL F 1096 24.24 9.19 68.18
C VAL F 1096 23.13 8.91 69.19
N SER F 1097 22.10 9.74 69.25
CA SER F 1097 21.02 9.47 70.16
C SER F 1097 19.61 9.81 69.64
N ASN F 1098 18.64 9.11 70.25
CA ASN F 1098 17.21 9.33 70.13
C ASN F 1098 16.80 10.22 71.32
N GLY F 1099 15.49 10.45 71.53
CA GLY F 1099 14.99 11.32 72.61
C GLY F 1099 15.38 10.92 74.06
N THR F 1100 15.80 9.67 74.30
CA THR F 1100 16.18 9.26 75.66
C THR F 1100 17.58 8.64 75.83
N HIS F 1101 18.15 8.02 74.78
CA HIS F 1101 19.43 7.34 74.92
C HIS F 1101 20.45 7.51 73.81
N TRP F 1102 21.73 7.42 74.22
CA TRP F 1102 22.88 7.40 73.32
C TRP F 1102 23.20 5.96 73.00
N PHE F 1103 23.61 5.74 71.77
CA PHE F 1103 24.00 4.48 71.23
C PHE F 1103 25.04 4.68 70.14
N VAL F 1104 25.73 3.63 69.77
CA VAL F 1104 26.68 3.79 68.69
C VAL F 1104 26.33 2.90 67.53
N THR F 1105 26.40 3.45 66.35
CA THR F 1105 26.10 2.70 65.15
C THR F 1105 26.98 3.02 63.98
N GLN F 1106 27.09 2.05 63.09
CA GLN F 1106 27.80 2.24 61.85
C GLN F 1106 26.96 3.23 61.07
N ARG F 1107 27.59 3.96 60.18
CA ARG F 1107 26.96 5.02 59.38
C ARG F 1107 26.21 4.61 58.13
N ASN F 1108 26.25 3.34 57.77
CA ASN F 1108 25.61 2.91 56.53
C ASN F 1108 24.41 1.98 56.67
N PHE F 1109 23.99 1.73 57.92
CA PHE F 1109 22.84 0.90 58.25
C PHE F 1109 22.65 0.87 59.76
N TYR F 1110 21.56 1.47 60.22
CA TYR F 1110 21.29 1.62 61.63
C TYR F 1110 21.16 0.32 62.41
N GLU F 1111 22.12 0.12 63.31
CA GLU F 1111 22.23 -1.02 64.18
C GLU F 1111 22.75 -0.56 65.54
N PRO F 1112 21.94 0.10 66.36
CA PRO F 1112 22.36 0.78 67.55
C PRO F 1112 22.93 -0.17 68.58
N GLN F 1113 24.09 0.18 69.12
CA GLN F 1113 24.75 -0.63 70.14
C GLN F 1113 24.93 0.11 71.44
N ILE F 1114 25.06 -0.65 72.51
CA ILE F 1114 25.44 -0.06 73.78
C ILE F 1114 26.84 0.52 73.70
N ILE F 1115 27.01 1.72 74.25
CA ILE F 1115 28.31 2.33 74.27
C ILE F 1115 29.00 1.89 75.52
N THR F 1116 30.11 1.22 75.33
CA THR F 1116 30.91 0.65 76.37
C THR F 1116 32.29 1.19 76.16
N THR F 1117 33.16 0.96 77.11
CA THR F 1117 34.54 1.43 77.07
C THR F 1117 35.36 0.68 76.01
N ASP F 1118 34.81 -0.40 75.48
CA ASP F 1118 35.45 -1.22 74.47
C ASP F 1118 35.11 -0.72 73.06
N ASN F 1119 34.04 0.05 72.94
CA ASN F 1119 33.53 0.48 71.65
C ASN F 1119 33.97 1.89 71.37
N THR F 1120 34.90 2.37 72.19
CA THR F 1120 35.39 3.72 72.10
C THR F 1120 36.90 3.85 72.13
N PHE F 1121 37.35 5.05 71.75
CA PHE F 1121 38.74 5.42 71.86
C PHE F 1121 38.75 6.40 73.00
N VAL F 1122 39.78 6.44 73.83
CA VAL F 1122 39.75 7.45 74.88
C VAL F 1122 40.98 8.32 74.88
N SER F 1123 40.75 9.62 74.89
CA SER F 1123 41.85 10.58 74.91
C SER F 1123 41.37 11.95 75.33
N GLY F 1124 42.30 12.84 75.63
CA GLY F 1124 41.99 14.23 75.90
C GLY F 1124 41.05 14.33 77.08
N ASN F 1125 40.14 15.30 77.02
CA ASN F 1125 39.17 15.47 78.09
C ASN F 1125 37.93 16.22 77.58
N CYS F 1126 36.93 16.34 78.47
CA CYS F 1126 35.63 16.96 78.22
C CYS F 1126 35.71 18.47 78.09
N ASP F 1127 36.81 19.08 78.49
CA ASP F 1127 36.91 20.53 78.40
C ASP F 1127 37.54 20.94 77.09
N VAL F 1128 37.90 19.96 76.28
CA VAL F 1128 38.50 20.23 75.00
C VAL F 1128 37.58 19.91 73.84
N VAL F 1129 36.87 18.79 73.91
CA VAL F 1129 36.10 18.44 72.73
C VAL F 1129 34.84 19.29 72.55
N ILE F 1130 34.76 19.89 71.38
CA ILE F 1130 33.65 20.74 71.05
C ILE F 1130 32.49 19.85 70.65
N GLY F 1131 31.35 20.03 71.28
CA GLY F 1131 30.18 19.22 70.96
C GLY F 1131 30.04 17.97 71.82
N ILE F 1132 30.94 17.78 72.80
CA ILE F 1132 30.87 16.61 73.67
C ILE F 1132 29.61 16.61 74.55
N VAL F 1133 29.02 15.42 74.74
CA VAL F 1133 27.80 15.29 75.56
C VAL F 1133 28.04 14.38 76.77
N ASN F 1134 27.17 14.48 77.81
CA ASN F 1134 27.22 13.68 79.05
C ASN F 1134 26.41 12.38 78.91
N ASN F 1135 27.11 11.21 78.97
CA ASN F 1135 26.49 9.87 78.83
C ASN F 1135 27.38 8.83 79.48
N THR F 1136 26.87 8.09 80.45
CA THR F 1136 27.69 7.10 81.11
C THR F 1136 28.09 6.00 80.13
N VAL F 1137 29.38 5.67 80.12
CA VAL F 1137 29.92 4.63 79.26
C VAL F 1137 30.01 3.33 80.07
N TYR F 1138 29.44 2.26 79.53
CA TYR F 1138 29.38 0.98 80.22
C TYR F 1138 30.69 0.16 80.32
N ASP F 1139 30.92 -0.42 81.50
CA ASP F 1139 32.07 -1.30 81.71
C ASP F 1139 31.68 -2.46 82.65
N PRO F 1140 31.56 -3.70 82.14
CA PRO F 1140 31.10 -4.89 82.85
C PRO F 1140 32.13 -5.57 83.73
N LEU F 1141 33.37 -5.07 83.79
CA LEU F 1141 34.40 -5.84 84.47
C LEU F 1141 34.11 -6.17 85.92
N GLN F 1142 33.67 -5.23 86.76
CA GLN F 1142 33.49 -5.63 88.13
C GLN F 1142 32.39 -6.68 88.31
N PRO F 1143 31.16 -6.53 87.75
CA PRO F 1143 30.13 -7.55 87.79
C PRO F 1143 30.65 -8.90 87.32
N GLU F 1144 31.52 -8.93 86.32
CA GLU F 1144 32.06 -10.20 85.85
C GLU F 1144 32.98 -10.83 86.89
N LEU F 1145 33.80 -10.00 87.54
CA LEU F 1145 34.71 -10.49 88.59
C LEU F 1145 34.00 -10.97 89.88
N ASP F 1146 32.90 -10.27 90.28
CA ASP F 1146 32.08 -10.58 91.46
C ASP F 1146 30.73 -9.90 91.29
#